data_7YBU
#
_entry.id   7YBU
#
loop_
_entity.id
_entity.type
_entity.pdbx_description
1 polymer 'Propionyl-CoA carboxylase alpha chain, mitochondrial'
2 polymer 'Propionyl-CoA carboxylase beta chain, mitochondrial'
3 non-polymer 5-(HEXAHYDRO-2-OXO-1H-THIENO[3,4-D]IMIDAZOL-6-YL)PENTANAL
#
loop_
_entity_poly.entity_id
_entity_poly.type
_entity_poly.pdbx_seq_one_letter_code
_entity_poly.pdbx_strand_id
1 'polypeptide(L)'
;MAGFWVGTAPLVAAGRRGRWPPQQLMLSAALRTLKHVLYYSRQCLMVSRNLGSVGYDPNEKTFDKILVANRGEIACRVIR
TCKKMGIKTVAIHSDVDASSVHVKMADEAVCVGPAPTSKSYLNMDAIMEAIKKTRAQAVHPGYGFLSENKEFARCLAAED
VVFIGPDTHAIQAMGDKIESKLLAKKAEVNTIPGFDGVVKDAEEAVRIAREIGYPVMIKASAGGGGKGMRIAWDDEETRD
GFRLSSQEAASSFGDDRLLIEKFIDNPRHIEIQVLGDKHGNALWLNERECSIQRRNQKVVEEAPSIFLDAETRRAMGEQA
VALARAVKYSSAGTVEFLVDSKKNFYFLEMNTRLQVEHPVTECITGLDLVQEMIRVAKGYPLRHKQADIRINGWAVECRV
YAEDPYKSFGLPSIGRLSQYQEPLHLPGVRVDSGIQPGSDISIYYDPMISKLITYGSDRTEALKRMADALDNYVIRGVTH
NIALLREVIINSRFVKGDISTKFLSDVYPDGFKGHMLTKSEKNQLLAIASSLFVAFQLRAQHFQENSRMPVIKPDIANWE
LSVKLHDKVHTVVASNNGSVFSVEVDGSKLNVTSTWNLASPLLSVSVDGTQRTVQCLSREAGGNMSIQFLGTVYKVNILT
RLAAELNKFMLEKVTEDTSSVLRSPMPGVVVAVSVKPGDAVAEGQEICVIEAMKMQNSMTAGKTGTVKSVHCQAGDTVGE
GDLLVELE
;
A,B,D,F,H,J
2 'polypeptide(L)'
;MAAALRVAAVGARLSVLASGLRAAVRSLCSQATSVNERIENKRRTALLGGGQRRIDAQHKRGKLTARERISLLLDPGSFV
ESDMFVEHRCADFGMAADKNKFPGDSVVTGRGRINGRLVYVFSQDFTVFGGSLSGAHAQKICKIMDQAITVGAPVIGLND
SGGARIQEGVESLAGYADIFLRNVTASGVIPQISLIMGPCAGGAVYSPALTDFTFMVKDTSYLFITGPDVVKSVTNEDVT
QEELGGAKTHTTMSGVAHRAFENDVDALCNLRDFFNYLPLSSQDPAPVRECHDPSDRLVPELDTIVPLESTKAYNMVDII
HSVVDEREFFEIMPNYAKNIIVGFARMNGRTVGIVGNQPKVASGCLDINSSVKGARFVRFCDAFNIPLITFVDVPGFLPG
TAQEYGGIIRHGAKLLYAFAEATVPKVTVITRKAYGGAYDVMSSKHLCGDTNYAWPTAEIAVMGAKGAVEIIFKGHENVE
AAQAEYIEKFANPFPAAVRGFVDDIIQPSSTRARICCDLDVLASKKVQRPWRKHANIPL
;
C,E,G,I,K,P
#
loop_
_chem_comp.id
_chem_comp.type
_chem_comp.name
_chem_comp.formula
BTI non-polymer 5-(HEXAHYDRO-2-OXO-1H-THIENO[3,4-D]IMIDAZOL-6-YL)PENTANAL 'C10 H16 N2 O2 S'
#
# COMPACT_ATOMS: atom_id res chain seq x y z
N ASN A 59 63.82 -44.23 26.22
CA ASN A 59 65.16 -44.80 25.93
C ASN A 59 65.21 -46.22 26.48
N GLU A 60 64.15 -46.66 27.15
CA GLU A 60 64.08 -48.06 27.64
C GLU A 60 63.25 -48.87 26.65
N LYS A 61 63.84 -49.92 26.09
CA LYS A 61 63.09 -50.79 25.14
C LYS A 61 61.95 -51.46 25.90
N THR A 62 60.79 -51.59 25.25
CA THR A 62 59.60 -52.18 25.91
C THR A 62 58.79 -52.90 24.84
N PHE A 63 57.74 -53.63 25.22
CA PHE A 63 56.90 -54.26 24.17
C PHE A 63 56.41 -53.15 23.24
N ASP A 64 56.51 -53.36 21.92
CA ASP A 64 56.07 -52.35 20.93
C ASP A 64 54.55 -52.12 21.01
N LYS A 65 53.77 -53.19 21.18
CA LYS A 65 52.29 -53.07 21.24
C LYS A 65 51.75 -53.98 22.34
N ILE A 66 50.72 -53.55 23.08
CA ILE A 66 50.12 -54.37 24.17
C ILE A 66 48.61 -54.46 23.98
N LEU A 67 48.01 -55.63 24.26
CA LEU A 67 46.54 -55.75 24.19
C LEU A 67 46.00 -55.71 25.63
N VAL A 68 45.09 -54.78 25.91
CA VAL A 68 44.49 -54.68 27.26
C VAL A 68 43.15 -55.41 27.23
N ALA A 69 43.06 -56.57 27.89
CA ALA A 69 41.82 -57.35 27.89
C ALA A 69 40.92 -56.93 29.06
N ASN A 70 40.41 -55.71 29.04
CA ASN A 70 39.48 -55.29 30.13
C ASN A 70 38.61 -54.13 29.64
N ARG A 71 37.53 -53.81 30.38
CA ARG A 71 36.63 -52.70 30.03
C ARG A 71 36.56 -51.77 31.23
N GLY A 72 36.09 -50.53 31.04
CA GLY A 72 35.90 -49.66 32.20
C GLY A 72 37.12 -48.81 32.54
N GLU A 73 37.20 -48.34 33.77
CA GLU A 73 38.29 -47.41 34.15
C GLU A 73 39.67 -48.06 34.00
N ILE A 74 39.79 -49.34 34.34
CA ILE A 74 41.15 -49.97 34.35
C ILE A 74 41.73 -49.93 32.94
N ALA A 75 40.90 -50.19 31.93
CA ALA A 75 41.43 -50.23 30.56
C ALA A 75 41.98 -48.86 30.20
N CYS A 76 41.25 -47.81 30.56
CA CYS A 76 41.70 -46.44 30.27
C CYS A 76 42.98 -46.17 31.05
N ARG A 77 43.04 -46.61 32.31
CA ARG A 77 44.21 -46.31 33.16
C ARG A 77 45.45 -46.93 32.54
N VAL A 78 45.34 -48.19 32.10
CA VAL A 78 46.52 -48.88 31.52
C VAL A 78 46.90 -48.17 30.23
N ILE A 79 45.92 -47.81 29.41
CA ILE A 79 46.24 -47.20 28.09
C ILE A 79 46.99 -45.90 28.32
N ARG A 80 46.62 -45.14 29.35
CA ARG A 80 47.28 -43.84 29.57
C ARG A 80 48.77 -44.09 29.80
N THR A 81 49.08 -45.09 30.62
CA THR A 81 50.49 -45.41 30.93
C THR A 81 51.21 -45.87 29.66
N CYS A 82 50.55 -46.70 28.85
CA CYS A 82 51.23 -47.24 27.65
C CYS A 82 51.61 -46.08 26.73
N LYS A 83 50.69 -45.13 26.54
CA LYS A 83 50.97 -43.96 25.68
C LYS A 83 52.12 -43.18 26.31
N LYS A 84 52.13 -43.09 27.64
CA LYS A 84 53.20 -42.35 28.35
C LYS A 84 54.52 -43.03 28.04
N MET A 85 54.54 -44.37 28.00
CA MET A 85 55.81 -45.11 27.79
C MET A 85 56.06 -45.32 26.30
N GLY A 86 55.12 -44.92 25.44
CA GLY A 86 55.31 -45.02 23.98
C GLY A 86 54.84 -46.36 23.42
N ILE A 87 54.41 -47.28 24.29
CA ILE A 87 53.87 -48.58 23.83
C ILE A 87 52.56 -48.34 23.07
N LYS A 88 52.40 -48.97 21.91
CA LYS A 88 51.12 -48.87 21.16
C LYS A 88 50.08 -49.72 21.89
N THR A 89 48.79 -49.44 21.71
CA THR A 89 47.80 -50.19 22.51
C THR A 89 46.70 -50.78 21.64
N VAL A 90 46.14 -51.91 22.07
CA VAL A 90 44.99 -52.53 21.37
C VAL A 90 43.95 -52.82 22.46
N ALA A 91 42.66 -52.70 22.15
CA ALA A 91 41.64 -52.90 23.20
C ALA A 91 40.57 -53.88 22.72
N ILE A 92 39.91 -54.53 23.67
CA ILE A 92 38.85 -55.52 23.32
C ILE A 92 37.52 -54.99 23.86
N HIS A 93 36.49 -55.03 23.03
CA HIS A 93 35.18 -54.49 23.45
C HIS A 93 34.07 -55.46 23.10
N SER A 94 33.02 -55.48 23.90
CA SER A 94 31.85 -56.30 23.52
C SER A 94 31.10 -55.51 22.45
N ASP A 95 29.89 -55.93 22.12
CA ASP A 95 29.13 -55.10 21.13
C ASP A 95 28.66 -53.78 21.74
N VAL A 96 28.15 -53.82 22.97
CA VAL A 96 27.57 -52.59 23.60
C VAL A 96 28.65 -51.54 23.92
N ASP A 97 29.91 -51.95 24.04
CA ASP A 97 30.97 -51.01 24.47
C ASP A 97 31.75 -50.47 23.27
N ALA A 98 31.14 -50.48 22.08
CA ALA A 98 31.88 -50.09 20.86
C ALA A 98 32.41 -48.66 20.92
N SER A 99 31.65 -47.74 21.51
CA SER A 99 32.06 -46.31 21.52
C SER A 99 32.62 -45.91 22.88
N SER A 100 32.93 -46.89 23.75
CA SER A 100 33.38 -46.58 25.12
C SER A 100 34.72 -45.87 25.10
N VAL A 101 35.06 -45.17 26.18
CA VAL A 101 36.28 -44.32 26.17
C VAL A 101 37.49 -45.22 25.88
N HIS A 102 37.53 -46.43 26.43
CA HIS A 102 38.75 -47.25 26.20
C HIS A 102 38.93 -47.53 24.71
N VAL A 103 37.85 -47.85 24.00
CA VAL A 103 37.94 -48.17 22.55
C VAL A 103 38.44 -46.93 21.82
N LYS A 104 37.89 -45.77 22.16
CA LYS A 104 38.33 -44.51 21.52
C LYS A 104 39.78 -44.23 21.89
N MET A 105 40.14 -44.49 23.15
CA MET A 105 41.53 -44.23 23.63
C MET A 105 42.51 -45.17 22.93
N ALA A 106 42.15 -46.43 22.71
CA ALA A 106 43.11 -47.41 22.15
C ALA A 106 43.54 -47.01 20.74
N ASP A 107 44.81 -47.28 20.38
CA ASP A 107 45.28 -47.04 18.98
C ASP A 107 44.50 -47.94 18.04
N GLU A 108 44.27 -49.20 18.42
CA GLU A 108 43.45 -50.12 17.58
C GLU A 108 42.45 -50.83 18.51
N ALA A 109 41.33 -51.29 17.96
CA ALA A 109 40.35 -52.04 18.78
C ALA A 109 39.80 -53.23 17.99
N VAL A 110 39.42 -54.31 18.69
CA VAL A 110 38.81 -55.50 18.02
C VAL A 110 37.57 -55.91 18.83
N CYS A 111 36.44 -56.16 18.17
CA CYS A 111 35.28 -56.74 18.87
C CYS A 111 35.60 -58.18 19.26
N VAL A 112 35.18 -58.60 20.45
CA VAL A 112 35.45 -59.99 20.91
C VAL A 112 34.14 -60.73 21.19
N GLY A 113 33.00 -60.13 20.86
CA GLY A 113 31.78 -60.94 21.02
C GLY A 113 30.54 -60.21 21.49
N PRO A 114 29.49 -60.95 21.90
CA PRO A 114 28.23 -60.35 22.34
C PRO A 114 28.33 -59.66 23.69
N ALA A 115 27.28 -58.91 24.06
CA ALA A 115 27.33 -58.10 25.30
C ALA A 115 27.53 -58.91 26.57
N PRO A 116 26.91 -60.07 26.83
CA PRO A 116 27.12 -60.75 28.11
C PRO A 116 28.62 -61.02 28.33
N THR A 117 29.10 -60.83 29.56
CA THR A 117 30.57 -60.95 29.86
C THR A 117 31.08 -62.35 29.57
N SER A 118 30.29 -63.37 29.87
CA SER A 118 30.72 -64.77 29.65
C SER A 118 31.03 -64.95 28.16
N LYS A 119 30.24 -64.33 27.30
CA LYS A 119 30.41 -64.51 25.83
C LYS A 119 31.41 -63.51 25.26
N SER A 120 31.98 -62.63 26.09
CA SER A 120 32.88 -61.59 25.56
C SER A 120 34.23 -61.55 26.29
N TYR A 121 34.26 -61.02 27.51
CA TYR A 121 35.53 -60.85 28.26
C TYR A 121 36.07 -62.22 28.66
N LEU A 122 35.16 -63.13 29.03
CA LEU A 122 35.58 -64.49 29.47
C LEU A 122 35.70 -65.44 28.26
N ASN A 123 35.43 -64.97 27.05
CA ASN A 123 35.64 -65.83 25.86
C ASN A 123 37.10 -65.69 25.44
N MET A 124 37.95 -66.61 25.90
CA MET A 124 39.40 -66.53 25.61
C MET A 124 39.65 -66.73 24.12
N ASP A 125 38.89 -67.59 23.47
CA ASP A 125 39.16 -67.93 22.06
C ASP A 125 39.10 -66.65 21.23
N ALA A 126 38.08 -65.84 21.47
CA ALA A 126 37.92 -64.62 20.66
C ALA A 126 39.11 -63.70 20.90
N ILE A 127 39.52 -63.58 22.17
CA ILE A 127 40.68 -62.72 22.51
C ILE A 127 41.93 -63.30 21.85
N MET A 128 42.08 -64.62 21.88
CA MET A 128 43.32 -65.24 21.33
C MET A 128 43.41 -64.91 19.84
N GLU A 129 42.30 -65.03 19.14
CA GLU A 129 42.31 -64.74 17.68
C GLU A 129 42.70 -63.28 17.51
N ALA A 130 42.19 -62.41 18.37
CA ALA A 130 42.49 -60.97 18.29
C ALA A 130 43.99 -60.74 18.49
N ILE A 131 44.59 -61.43 19.46
CA ILE A 131 46.04 -61.26 19.76
C ILE A 131 46.82 -61.68 18.52
N LYS A 132 46.42 -62.80 17.91
CA LYS A 132 47.12 -63.29 16.69
C LYS A 132 46.94 -62.27 15.59
N LYS A 133 45.72 -61.74 15.46
CA LYS A 133 45.42 -60.76 14.40
C LYS A 133 46.26 -59.50 14.62
N THR A 134 46.39 -59.06 15.87
CA THR A 134 47.09 -57.77 16.13
C THR A 134 48.59 -57.97 16.29
N ARG A 135 49.07 -59.23 16.30
CA ARG A 135 50.51 -59.48 16.56
C ARG A 135 50.84 -58.83 17.91
N ALA A 136 49.91 -58.91 18.86
CA ALA A 136 50.09 -58.32 20.21
C ALA A 136 51.30 -58.96 20.90
N GLN A 137 52.30 -58.15 21.25
CA GLN A 137 53.48 -58.66 22.00
C GLN A 137 53.11 -59.10 23.43
N ALA A 138 52.27 -58.34 24.14
CA ALA A 138 51.98 -58.65 25.57
C ALA A 138 50.52 -58.40 25.91
N VAL A 139 50.02 -59.02 26.98
CA VAL A 139 48.61 -58.82 27.42
C VAL A 139 48.57 -58.37 28.89
N HIS A 140 47.84 -57.30 29.19
CA HIS A 140 47.65 -56.86 30.60
C HIS A 140 46.21 -57.19 30.96
N PRO A 141 45.94 -58.03 31.99
CA PRO A 141 44.58 -58.45 32.28
C PRO A 141 43.82 -57.54 33.24
N GLY A 142 44.46 -56.48 33.74
CA GLY A 142 43.82 -55.60 34.72
C GLY A 142 43.40 -56.36 35.96
N TYR A 143 42.14 -56.23 36.38
CA TYR A 143 41.64 -56.94 37.56
C TYR A 143 40.26 -57.53 37.25
N GLY A 144 39.93 -58.66 37.86
CA GLY A 144 38.65 -59.34 37.54
C GLY A 144 38.81 -60.10 36.25
N PHE A 145 37.72 -60.71 35.75
CA PHE A 145 37.78 -61.37 34.42
C PHE A 145 38.91 -62.41 34.39
N LEU A 146 39.82 -62.31 33.41
CA LEU A 146 40.88 -63.33 33.23
C LEU A 146 42.24 -62.86 33.78
N SER A 147 42.29 -62.17 34.91
CA SER A 147 43.60 -61.82 35.52
C SER A 147 44.18 -63.07 36.18
N GLU A 148 43.32 -63.88 36.82
CA GLU A 148 43.80 -65.06 37.58
C GLU A 148 43.51 -66.37 36.84
N ASN A 149 43.12 -66.34 35.57
CA ASN A 149 42.75 -67.61 34.89
C ASN A 149 44.03 -68.27 34.35
N LYS A 150 44.32 -69.48 34.82
CA LYS A 150 45.59 -70.17 34.42
C LYS A 150 45.56 -70.48 32.92
N GLU A 151 44.39 -70.89 32.41
CA GLU A 151 44.31 -71.46 31.05
C GLU A 151 44.75 -70.38 30.06
N PHE A 152 44.33 -69.14 30.30
CA PHE A 152 44.66 -68.03 29.36
C PHE A 152 46.18 -67.86 29.30
N ALA A 153 46.85 -67.94 30.45
CA ALA A 153 48.31 -67.74 30.50
C ALA A 153 48.99 -68.85 29.67
N ARG A 154 48.47 -70.07 29.75
CA ARG A 154 49.04 -71.19 28.99
C ARG A 154 48.91 -70.90 27.49
N CYS A 155 47.75 -70.40 27.07
CA CYS A 155 47.52 -70.11 25.64
C CYS A 155 48.47 -69.00 25.22
N LEU A 156 48.66 -68.00 26.08
CA LEU A 156 49.59 -66.89 25.77
C LEU A 156 50.99 -67.47 25.64
N ALA A 157 51.36 -68.36 26.55
CA ALA A 157 52.71 -68.97 26.53
C ALA A 157 52.85 -69.77 25.24
N ALA A 158 51.79 -70.47 24.83
CA ALA A 158 51.86 -71.28 23.59
C ALA A 158 52.14 -70.34 22.41
N GLU A 159 51.53 -69.16 22.42
CA GLU A 159 51.70 -68.21 21.28
C GLU A 159 52.82 -67.23 21.59
N ASP A 160 53.59 -67.49 22.65
CA ASP A 160 54.75 -66.63 23.02
C ASP A 160 54.29 -65.19 23.24
N VAL A 161 53.17 -65.02 23.96
CA VAL A 161 52.68 -63.66 24.36
C VAL A 161 52.96 -63.49 25.85
N VAL A 162 53.70 -62.44 26.21
CA VAL A 162 54.02 -62.18 27.65
C VAL A 162 52.74 -61.86 28.40
N PHE A 163 52.57 -62.39 29.61
CA PHE A 163 51.39 -62.02 30.43
C PHE A 163 51.89 -61.09 31.52
N ILE A 164 51.28 -59.91 31.65
CA ILE A 164 51.81 -58.94 32.64
C ILE A 164 51.15 -59.25 33.97
N GLY A 165 51.87 -59.96 34.84
CA GLY A 165 51.30 -60.38 36.14
C GLY A 165 52.22 -61.43 36.75
N PRO A 166 51.80 -62.14 37.81
CA PRO A 166 52.62 -63.22 38.36
C PRO A 166 52.46 -64.57 37.65
N ASP A 167 53.25 -65.58 38.01
CA ASP A 167 53.19 -66.95 37.42
C ASP A 167 51.94 -67.69 37.89
N THR A 168 51.51 -68.70 37.14
CA THR A 168 50.27 -69.45 37.48
C THR A 168 50.42 -70.14 38.84
N HIS A 169 51.62 -70.67 39.12
CA HIS A 169 51.83 -71.39 40.39
C HIS A 169 51.61 -70.43 41.55
N ALA A 170 52.14 -69.21 41.44
CA ALA A 170 52.02 -68.23 42.54
C ALA A 170 50.54 -67.92 42.72
N ILE A 171 49.81 -67.74 41.62
CA ILE A 171 48.36 -67.44 41.70
C ILE A 171 47.64 -68.65 42.31
N GLN A 172 47.96 -69.86 41.85
CA GLN A 172 47.27 -71.09 42.33
C GLN A 172 47.59 -71.32 43.81
N ALA A 173 48.83 -71.07 44.23
CA ALA A 173 49.23 -71.37 45.62
C ALA A 173 48.36 -70.54 46.56
N MET A 174 48.21 -69.25 46.25
CA MET A 174 47.35 -68.37 47.06
C MET A 174 45.90 -68.77 46.85
N GLY A 175 45.58 -69.32 45.68
CA GLY A 175 44.20 -69.75 45.36
C GLY A 175 43.74 -70.82 46.33
N ASP A 176 44.63 -71.73 46.72
CA ASP A 176 44.27 -72.76 47.74
C ASP A 176 44.40 -72.16 49.13
N LYS A 177 43.29 -72.15 49.89
CA LYS A 177 43.26 -71.69 51.31
C LYS A 177 44.11 -72.60 52.20
N ILE A 178 44.03 -73.92 52.00
CA ILE A 178 44.76 -74.86 52.91
C ILE A 178 46.28 -74.68 52.75
N GLU A 179 46.77 -74.56 51.52
CA GLU A 179 48.24 -74.49 51.29
C GLU A 179 48.73 -73.09 51.69
N SER A 180 48.02 -72.06 51.23
CA SER A 180 48.37 -70.68 51.56
C SER A 180 48.73 -70.50 53.04
N LYS A 181 48.03 -71.15 53.97
CA LYS A 181 48.35 -71.11 55.41
C LYS A 181 49.66 -71.80 55.74
N LEU A 182 49.92 -72.96 55.14
CA LEU A 182 51.19 -73.67 55.33
C LEU A 182 52.37 -72.83 54.82
N LEU A 183 52.19 -72.16 53.68
CA LEU A 183 53.17 -71.23 53.13
C LEU A 183 53.37 -69.99 54.02
N ALA A 184 52.27 -69.42 54.53
CA ALA A 184 52.32 -68.31 55.48
C ALA A 184 53.08 -68.69 56.76
N LYS A 185 52.81 -69.86 57.35
CA LYS A 185 53.55 -70.38 58.51
C LYS A 185 55.02 -70.59 58.22
N LYS A 186 55.35 -71.20 57.07
CA LYS A 186 56.74 -71.40 56.64
C LYS A 186 57.48 -70.09 56.39
N ALA A 187 56.76 -69.06 55.96
CA ALA A 187 57.40 -67.74 55.76
C ALA A 187 57.43 -67.03 57.12
N GLU A 188 56.86 -67.69 58.15
CA GLU A 188 56.84 -67.12 59.53
C GLU A 188 56.01 -65.84 59.58
N VAL A 189 55.01 -65.71 58.69
CA VAL A 189 54.07 -64.55 58.76
C VAL A 189 53.07 -64.87 59.87
N ASN A 190 52.42 -63.84 60.44
CA ASN A 190 51.50 -64.09 61.59
C ASN A 190 50.56 -65.24 61.26
N THR A 191 50.51 -66.24 62.14
CA THR A 191 49.76 -67.49 61.85
C THR A 191 48.25 -67.28 61.73
N ILE A 192 47.61 -68.05 60.84
CA ILE A 192 46.13 -68.03 60.70
C ILE A 192 45.69 -69.50 60.72
N PRO A 193 45.82 -70.25 61.84
CA PRO A 193 45.52 -71.70 61.83
C PRO A 193 44.04 -72.08 61.74
N GLY A 194 43.74 -73.19 61.06
CA GLY A 194 42.35 -73.69 60.98
C GLY A 194 42.25 -75.06 61.63
N PHE A 195 41.25 -75.27 62.49
CA PHE A 195 41.16 -76.55 63.26
C PHE A 195 39.99 -77.41 62.74
N ASP A 196 40.29 -78.45 61.95
CA ASP A 196 39.24 -79.37 61.44
C ASP A 196 38.64 -80.20 62.56
N GLY A 197 39.44 -80.66 63.52
CA GLY A 197 38.98 -81.56 64.60
C GLY A 197 38.19 -80.87 65.69
N VAL A 198 37.64 -81.64 66.63
CA VAL A 198 36.83 -81.06 67.74
C VAL A 198 37.71 -80.78 68.97
N VAL A 199 37.33 -79.81 69.80
CA VAL A 199 38.09 -79.42 71.03
C VAL A 199 37.58 -80.34 72.15
N LYS A 200 38.46 -81.17 72.75
CA LYS A 200 38.00 -82.16 73.74
C LYS A 200 37.81 -81.58 75.14
N ASP A 201 38.74 -80.75 75.59
CA ASP A 201 38.78 -80.21 76.95
C ASP A 201 39.42 -78.82 77.01
N ALA A 202 39.34 -78.19 78.19
CA ALA A 202 39.82 -76.83 78.40
C ALA A 202 41.34 -76.67 78.25
N GLU A 203 42.14 -77.72 78.50
CA GLU A 203 43.60 -77.63 78.33
C GLU A 203 44.00 -77.80 76.87
N GLU A 204 43.31 -78.67 76.12
CA GLU A 204 43.42 -78.72 74.66
C GLU A 204 42.99 -77.40 74.02
N ALA A 205 41.95 -76.75 74.56
CA ALA A 205 41.52 -75.41 74.13
C ALA A 205 42.64 -74.37 74.26
N VAL A 206 43.32 -74.33 75.41
CA VAL A 206 44.47 -73.43 75.65
C VAL A 206 45.64 -73.74 74.72
N ARG A 207 45.97 -75.03 74.51
CA ARG A 207 47.03 -75.42 73.56
C ARG A 207 46.74 -74.89 72.16
N ILE A 208 45.52 -75.12 71.67
CA ILE A 208 45.07 -74.67 70.35
C ILE A 208 45.04 -73.14 70.27
N ALA A 209 44.55 -72.46 71.32
CA ALA A 209 44.49 -71.00 71.34
C ALA A 209 45.87 -70.36 71.25
N ARG A 210 46.89 -70.93 71.92
CA ARG A 210 48.29 -70.50 71.83
C ARG A 210 48.89 -70.74 70.44
N GLU A 211 48.51 -71.83 69.77
CA GLU A 211 48.95 -72.13 68.39
C GLU A 211 48.36 -71.16 67.36
N ILE A 212 47.07 -70.80 67.52
CA ILE A 212 46.38 -69.82 66.65
C ILE A 212 46.83 -68.38 66.92
N GLY A 213 47.07 -68.05 68.21
CA GLY A 213 47.37 -66.73 68.72
C GLY A 213 46.12 -65.95 69.13
N TYR A 214 46.18 -65.30 70.30
CA TYR A 214 45.10 -64.48 70.87
C TYR A 214 44.84 -63.16 70.10
N PRO A 215 43.61 -62.63 70.15
CA PRO A 215 42.40 -63.25 70.72
C PRO A 215 41.83 -64.38 69.84
N VAL A 216 41.16 -65.33 70.49
CA VAL A 216 40.46 -66.44 69.83
C VAL A 216 38.96 -66.40 70.11
N MET A 217 38.18 -67.00 69.22
CA MET A 217 36.74 -67.18 69.34
C MET A 217 36.43 -68.67 69.51
N ILE A 218 35.78 -68.99 70.62
CA ILE A 218 35.25 -70.33 70.93
C ILE A 218 33.81 -70.37 70.41
N LYS A 219 33.45 -71.37 69.60
CA LYS A 219 32.12 -71.48 68.97
C LYS A 219 31.55 -72.88 69.12
N ALA A 220 30.25 -72.97 69.41
CA ALA A 220 29.51 -74.22 69.31
C ALA A 220 29.42 -74.75 67.87
N SER A 221 29.63 -76.06 67.69
CA SER A 221 29.53 -76.74 66.39
C SER A 221 28.09 -76.75 65.86
N ALA A 222 27.11 -76.89 66.76
CA ALA A 222 25.70 -76.78 66.45
C ALA A 222 25.14 -75.41 66.88
N GLY A 223 24.00 -75.02 66.32
CA GLY A 223 23.29 -73.77 66.67
C GLY A 223 23.71 -72.53 65.88
N GLY A 224 22.98 -71.44 66.07
CA GLY A 224 23.15 -70.16 65.37
C GLY A 224 22.76 -68.95 66.24
N GLY A 225 22.97 -67.73 65.71
CA GLY A 225 22.62 -66.49 66.42
C GLY A 225 23.57 -66.06 67.54
N GLY A 226 24.71 -66.72 67.69
CA GLY A 226 25.76 -66.39 68.65
C GLY A 226 25.62 -66.97 70.06
N LYS A 227 24.62 -67.82 70.29
CA LYS A 227 24.57 -68.70 71.46
C LYS A 227 25.75 -69.68 71.43
N GLY A 228 26.41 -69.86 72.58
CA GLY A 228 27.62 -70.70 72.70
C GLY A 228 28.86 -70.13 71.98
N MET A 229 28.93 -68.81 71.78
CA MET A 229 30.13 -68.14 71.26
C MET A 229 30.77 -67.24 72.32
N ARG A 230 32.10 -67.33 72.51
CA ARG A 230 32.84 -66.47 73.45
C ARG A 230 34.20 -66.08 72.88
N ILE A 231 34.60 -64.83 73.13
CA ILE A 231 35.94 -64.33 72.83
C ILE A 231 36.82 -64.60 74.05
N ALA A 232 38.03 -65.09 73.83
CA ALA A 232 39.06 -65.25 74.85
C ALA A 232 40.34 -64.51 74.44
N TRP A 233 40.82 -63.66 75.33
CA TRP A 233 42.01 -62.82 75.16
C TRP A 233 43.27 -63.44 75.76
N ASP A 234 43.12 -64.41 76.66
CA ASP A 234 44.21 -65.12 77.31
C ASP A 234 43.85 -66.56 77.69
N ASP A 235 44.78 -67.26 78.35
CA ASP A 235 44.60 -68.66 78.73
C ASP A 235 43.48 -68.87 79.76
N GLU A 236 43.29 -67.94 80.72
CA GLU A 236 42.27 -68.07 81.76
C GLU A 236 40.87 -67.86 81.18
N GLU A 237 40.72 -66.82 80.36
CA GLU A 237 39.47 -66.60 79.61
C GLU A 237 39.17 -67.75 78.65
N THR A 238 40.20 -68.42 78.14
CA THR A 238 39.96 -69.60 77.28
C THR A 238 39.37 -70.73 78.14
N ARG A 239 39.97 -70.99 79.31
CA ARG A 239 39.51 -72.14 80.14
C ARG A 239 38.05 -71.92 80.57
N ASP A 240 37.70 -70.69 80.98
CA ASP A 240 36.30 -70.38 81.38
C ASP A 240 35.41 -70.35 80.14
N GLY A 241 35.85 -69.67 79.09
CA GLY A 241 35.11 -69.58 77.84
C GLY A 241 34.72 -70.95 77.30
N PHE A 242 35.64 -71.93 77.31
CA PHE A 242 35.39 -73.31 76.88
C PHE A 242 34.35 -73.99 77.78
N ARG A 243 34.56 -73.94 79.09
CA ARG A 243 33.66 -74.53 80.09
C ARG A 243 32.23 -73.98 79.96
N LEU A 244 32.09 -72.65 79.90
CA LEU A 244 30.79 -71.99 79.79
C LEU A 244 30.11 -72.27 78.44
N SER A 245 30.86 -72.20 77.34
CA SER A 245 30.29 -72.42 76.00
C SER A 245 29.84 -73.87 75.80
N SER A 246 30.57 -74.84 76.37
CA SER A 246 30.22 -76.26 76.30
C SER A 246 28.92 -76.54 77.08
N GLN A 247 28.77 -75.97 78.27
CA GLN A 247 27.54 -76.06 79.07
C GLN A 247 26.35 -75.40 78.37
N GLU A 248 26.56 -74.22 77.77
CA GLU A 248 25.53 -73.50 77.01
C GLU A 248 25.12 -74.27 75.75
N ALA A 249 26.07 -74.85 75.02
CA ALA A 249 25.81 -75.64 73.82
C ALA A 249 25.09 -76.96 74.13
N ALA A 250 25.52 -77.67 75.18
CA ALA A 250 24.87 -78.89 75.65
C ALA A 250 23.42 -78.63 76.09
N SER A 251 23.19 -77.57 76.86
CA SER A 251 21.85 -77.20 77.32
C SER A 251 20.94 -76.67 76.21
N SER A 252 21.49 -75.91 75.25
CA SER A 252 20.71 -75.28 74.18
C SER A 252 20.47 -76.17 72.96
N PHE A 253 21.42 -77.06 72.63
CA PHE A 253 21.44 -77.80 71.37
C PHE A 253 21.61 -79.31 71.54
N GLY A 254 21.89 -79.80 72.75
CA GLY A 254 22.20 -81.22 72.97
C GLY A 254 23.52 -81.67 72.32
N ASP A 255 24.38 -80.74 71.95
CA ASP A 255 25.67 -80.96 71.29
C ASP A 255 26.72 -80.09 72.00
N ASP A 256 27.69 -80.73 72.65
CA ASP A 256 28.73 -80.10 73.44
C ASP A 256 30.02 -79.84 72.64
N ARG A 257 30.05 -80.20 71.34
CA ARG A 257 31.22 -80.06 70.48
C ARG A 257 31.52 -78.58 70.21
N LEU A 258 32.74 -78.16 70.53
CA LEU A 258 33.24 -76.80 70.33
C LEU A 258 34.37 -76.73 69.30
N LEU A 259 34.47 -75.58 68.65
CA LEU A 259 35.49 -75.18 67.68
C LEU A 259 36.22 -73.93 68.20
N ILE A 260 37.52 -73.82 67.94
CA ILE A 260 38.26 -72.59 68.34
C ILE A 260 38.84 -71.92 67.09
N GLU A 261 38.55 -70.63 66.89
CA GLU A 261 39.07 -69.88 65.72
C GLU A 261 39.69 -68.59 66.27
N LYS A 262 40.59 -67.95 65.52
CA LYS A 262 41.14 -66.65 65.99
C LYS A 262 40.02 -65.59 65.96
N PHE A 263 40.06 -64.62 66.88
CA PHE A 263 39.09 -63.49 66.85
C PHE A 263 39.87 -62.19 66.63
N ILE A 264 39.24 -61.19 66.01
CA ILE A 264 39.91 -59.88 65.81
C ILE A 264 39.00 -58.79 66.37
N ASP A 265 39.43 -58.08 67.42
CA ASP A 265 38.63 -56.93 67.92
C ASP A 265 38.65 -55.87 66.82
N ASN A 266 37.53 -55.14 66.63
CA ASN A 266 37.46 -54.08 65.61
C ASN A 266 38.30 -54.55 64.42
N PRO A 267 37.88 -55.57 63.61
CA PRO A 267 38.78 -56.10 62.58
C PRO A 267 39.00 -55.11 61.44
N ARG A 268 39.87 -54.12 61.67
CA ARG A 268 40.21 -53.18 60.58
C ARG A 268 40.88 -53.98 59.47
N HIS A 269 40.49 -53.73 58.21
CA HIS A 269 41.11 -54.44 57.07
C HIS A 269 42.29 -53.59 56.60
N ILE A 270 43.50 -54.02 56.89
CA ILE A 270 44.71 -53.25 56.49
C ILE A 270 45.52 -54.14 55.55
N GLU A 271 45.93 -53.62 54.39
CA GLU A 271 46.62 -54.47 53.39
C GLU A 271 47.92 -53.79 52.96
N ILE A 272 48.96 -54.57 52.68
CA ILE A 272 50.27 -54.02 52.28
C ILE A 272 50.47 -54.33 50.80
N GLN A 273 50.70 -53.31 49.97
CA GLN A 273 50.99 -53.57 48.55
C GLN A 273 52.42 -54.11 48.44
N VAL A 274 52.66 -55.05 47.54
CA VAL A 274 54.05 -55.55 47.34
C VAL A 274 54.40 -55.46 45.85
N LEU A 275 55.67 -55.23 45.53
CA LEU A 275 56.12 -55.22 44.12
C LEU A 275 57.23 -56.27 43.97
N GLY A 276 57.14 -57.14 42.97
CA GLY A 276 58.13 -58.23 42.81
C GLY A 276 58.76 -58.22 41.42
N ASP A 277 59.96 -58.80 41.29
CA ASP A 277 60.66 -58.83 39.98
C ASP A 277 61.18 -60.25 39.73
N LYS A 278 61.49 -60.59 38.48
CA LYS A 278 62.04 -61.92 38.15
C LYS A 278 63.37 -62.12 38.89
N HIS A 279 64.16 -61.05 39.05
CA HIS A 279 65.49 -61.13 39.70
C HIS A 279 65.34 -61.56 41.16
N GLY A 280 64.11 -61.48 41.71
CA GLY A 280 63.86 -61.93 43.09
C GLY A 280 63.89 -60.77 44.07
N ASN A 281 64.26 -59.57 43.60
CA ASN A 281 64.19 -58.37 44.48
C ASN A 281 62.72 -58.06 44.75
N ALA A 282 62.39 -57.58 45.95
CA ALA A 282 60.99 -57.19 46.24
C ALA A 282 60.94 -55.89 47.08
N LEU A 283 59.93 -55.05 46.85
CA LEU A 283 59.76 -53.80 47.63
C LEU A 283 58.36 -53.79 48.23
N TRP A 284 58.22 -53.39 49.50
CA TRP A 284 56.89 -53.30 50.14
C TRP A 284 56.34 -51.88 49.94
N LEU A 285 55.09 -51.76 49.57
CA LEU A 285 54.52 -50.39 49.50
C LEU A 285 53.74 -50.18 50.80
N ASN A 286 53.49 -48.93 51.18
CA ASN A 286 52.89 -48.65 52.50
C ASN A 286 51.47 -49.24 52.56
N GLU A 287 50.94 -49.41 53.76
CA GLU A 287 49.62 -50.08 53.94
C GLU A 287 48.45 -49.24 53.41
N ARG A 288 47.29 -49.87 53.25
CA ARG A 288 46.06 -49.16 52.81
C ARG A 288 44.92 -49.62 53.71
N GLU A 289 44.11 -48.69 54.19
CA GLU A 289 42.94 -49.08 55.03
C GLU A 289 41.71 -49.15 54.12
N CYS A 290 41.05 -50.31 54.10
CA CYS A 290 39.87 -50.51 53.24
C CYS A 290 38.72 -50.97 54.12
N SER A 291 38.68 -50.51 55.37
CA SER A 291 37.66 -51.00 56.32
C SER A 291 36.24 -50.67 55.85
N ILE A 292 35.98 -49.47 55.33
CA ILE A 292 34.58 -49.07 55.00
C ILE A 292 34.08 -49.94 53.85
N GLN A 293 33.00 -50.69 54.06
CA GLN A 293 32.53 -51.62 53.00
C GLN A 293 31.02 -51.80 53.10
N ARG A 294 30.37 -52.07 51.96
CA ARG A 294 28.90 -52.32 51.93
C ARG A 294 28.68 -53.61 51.13
N ARG A 295 27.93 -54.57 51.66
CA ARG A 295 27.61 -55.81 50.91
C ARG A 295 28.92 -56.50 50.51
N ASN A 296 29.94 -56.44 51.36
CA ASN A 296 31.25 -57.11 51.10
C ASN A 296 31.98 -56.42 49.97
N GLN A 297 31.51 -55.24 49.56
CA GLN A 297 32.19 -54.48 48.49
C GLN A 297 32.73 -53.19 49.12
N LYS A 298 34.02 -52.91 48.91
CA LYS A 298 34.63 -51.72 49.58
C LYS A 298 34.09 -50.43 48.97
N VAL A 299 33.82 -49.41 49.80
CA VAL A 299 33.35 -48.09 49.28
C VAL A 299 34.44 -47.02 49.42
N VAL A 300 35.03 -46.87 50.61
CA VAL A 300 36.05 -45.81 50.84
C VAL A 300 37.37 -46.46 51.27
N GLU A 301 38.49 -46.03 50.68
CA GLU A 301 39.82 -46.60 51.01
C GLU A 301 40.80 -45.44 51.21
N GLU A 302 41.76 -45.58 52.13
CA GLU A 302 42.71 -44.48 52.42
C GLU A 302 44.13 -45.01 52.62
N ALA A 303 45.14 -44.21 52.31
CA ALA A 303 46.55 -44.61 52.55
C ALA A 303 47.35 -43.39 52.99
N PRO A 304 48.24 -43.45 54.00
CA PRO A 304 48.41 -44.61 54.88
C PRO A 304 47.27 -44.77 55.89
N SER A 305 47.22 -45.89 56.61
CA SER A 305 46.20 -46.04 57.67
C SER A 305 46.50 -45.07 58.82
N ILE A 306 45.47 -44.57 59.49
CA ILE A 306 45.67 -43.64 60.64
C ILE A 306 45.94 -44.48 61.90
N PHE A 307 45.95 -45.81 61.76
CA PHE A 307 46.09 -46.66 62.94
C PHE A 307 47.52 -47.17 63.14
N LEU A 308 48.26 -47.40 62.04
CA LEU A 308 49.60 -47.99 62.10
C LEU A 308 50.70 -46.97 62.42
N ASP A 309 51.50 -47.28 63.44
CA ASP A 309 52.78 -46.60 63.68
C ASP A 309 53.89 -47.12 62.74
N ALA A 310 55.05 -46.46 62.78
CA ALA A 310 56.18 -46.78 61.90
C ALA A 310 56.75 -48.19 62.15
N GLU A 311 56.67 -48.70 63.38
CA GLU A 311 57.18 -50.02 63.77
C GLU A 311 56.27 -51.12 63.20
N THR A 312 54.98 -51.08 63.57
CA THR A 312 54.02 -52.10 63.07
C THR A 312 54.01 -52.11 61.53
N ARG A 313 53.90 -50.93 60.92
CA ARG A 313 53.83 -50.85 59.43
C ARG A 313 55.05 -51.55 58.81
N ARG A 314 56.24 -51.32 59.38
CA ARG A 314 57.47 -51.95 58.86
C ARG A 314 57.38 -53.46 59.05
N ALA A 315 57.04 -53.92 60.26
CA ALA A 315 56.87 -55.34 60.53
C ALA A 315 55.91 -56.01 59.53
N MET A 316 54.77 -55.38 59.25
CA MET A 316 53.83 -55.86 58.23
C MET A 316 54.46 -55.89 56.83
N GLY A 317 55.18 -54.83 56.45
CA GLY A 317 55.88 -54.74 55.16
C GLY A 317 56.94 -55.82 54.96
N GLU A 318 57.75 -56.05 56.00
CA GLU A 318 58.81 -57.07 56.00
C GLU A 318 58.22 -58.48 55.90
N GLN A 319 57.16 -58.79 56.66
CA GLN A 319 56.48 -60.09 56.58
C GLN A 319 55.79 -60.31 55.22
N ALA A 320 55.16 -59.28 54.66
CA ALA A 320 54.56 -59.37 53.32
C ALA A 320 55.61 -59.65 52.23
N VAL A 321 56.79 -59.02 52.32
CA VAL A 321 57.90 -59.30 51.40
C VAL A 321 58.53 -60.67 51.65
N ALA A 322 58.61 -61.13 52.91
CA ALA A 322 59.07 -62.48 53.23
C ALA A 322 58.19 -63.54 52.56
N LEU A 323 56.85 -63.38 52.65
CA LEU A 323 55.89 -64.24 51.95
C LEU A 323 56.06 -64.20 50.43
N ALA A 324 56.12 -62.99 49.85
CA ALA A 324 56.32 -62.81 48.42
C ALA A 324 57.60 -63.50 47.93
N ARG A 325 58.71 -63.41 48.67
CA ARG A 325 59.96 -64.11 48.35
C ARG A 325 59.83 -65.62 48.50
N ALA A 326 59.14 -66.12 49.53
CA ALA A 326 58.95 -67.55 49.76
C ALA A 326 58.25 -68.24 48.59
N VAL A 327 57.35 -67.52 47.90
CA VAL A 327 56.60 -68.08 46.74
C VAL A 327 57.15 -67.52 45.43
N LYS A 328 58.30 -66.83 45.47
CA LYS A 328 58.95 -66.31 44.23
C LYS A 328 58.00 -65.44 43.41
N TYR A 329 57.30 -64.51 44.05
CA TYR A 329 56.34 -63.60 43.36
C TYR A 329 57.08 -62.68 42.37
N SER A 330 56.46 -62.38 41.22
CA SER A 330 57.15 -61.57 40.17
C SER A 330 56.22 -60.52 39.54
N SER A 331 55.63 -59.62 40.36
CA SER A 331 54.72 -58.54 39.90
C SER A 331 54.21 -57.73 41.07
N ALA A 332 53.39 -56.69 40.82
CA ALA A 332 52.75 -55.96 41.94
C ALA A 332 51.62 -56.83 42.49
N GLY A 333 51.47 -56.88 43.82
CA GLY A 333 50.42 -57.69 44.45
C GLY A 333 50.00 -57.09 45.78
N THR A 334 49.10 -57.75 46.52
CA THR A 334 48.74 -57.22 47.84
C THR A 334 48.59 -58.33 48.85
N VAL A 335 49.21 -58.14 50.01
CA VAL A 335 49.09 -59.04 51.17
C VAL A 335 48.11 -58.40 52.15
N GLU A 336 46.95 -59.04 52.34
CA GLU A 336 45.88 -58.53 53.18
C GLU A 336 46.01 -59.05 54.62
N PHE A 337 45.76 -58.17 55.60
CA PHE A 337 45.77 -58.50 57.02
C PHE A 337 44.50 -58.01 57.73
N LEU A 338 44.08 -58.78 58.74
CA LEU A 338 43.20 -58.28 59.80
C LEU A 338 44.05 -57.74 60.94
N VAL A 339 43.77 -56.52 61.39
CA VAL A 339 44.48 -55.87 62.49
C VAL A 339 43.51 -55.62 63.64
N ASP A 340 43.85 -56.12 64.82
CA ASP A 340 43.04 -55.94 66.03
C ASP A 340 43.31 -54.60 66.75
N SER A 341 42.55 -54.32 67.80
CA SER A 341 42.68 -53.08 68.59
C SER A 341 44.02 -52.93 69.32
N LYS A 342 44.77 -54.03 69.49
CA LYS A 342 46.11 -54.06 70.10
C LYS A 342 47.22 -54.00 69.06
N LYS A 343 46.89 -53.78 67.78
CA LYS A 343 47.81 -53.76 66.62
C LYS A 343 48.47 -55.11 66.33
N ASN A 344 47.92 -56.22 66.85
CA ASN A 344 48.29 -57.52 66.32
C ASN A 344 47.66 -57.66 64.94
N PHE A 345 48.44 -58.14 63.98
CA PHE A 345 48.01 -58.30 62.60
C PHE A 345 48.14 -59.76 62.18
N TYR A 346 47.18 -60.22 61.38
CA TYR A 346 47.05 -61.61 60.97
C TYR A 346 46.76 -61.70 59.48
N PHE A 347 47.54 -62.49 58.77
CA PHE A 347 47.42 -62.74 57.34
C PHE A 347 46.03 -63.29 57.01
N LEU A 348 45.38 -62.65 56.03
CA LEU A 348 44.08 -63.05 55.51
C LEU A 348 44.25 -63.79 54.17
N GLU A 349 44.81 -63.09 53.18
CA GLU A 349 45.07 -63.61 51.85
C GLU A 349 46.11 -62.77 51.11
N MET A 350 46.69 -63.32 50.05
CA MET A 350 47.65 -62.49 49.27
C MET A 350 47.10 -62.32 47.86
N ASN A 351 46.53 -61.15 47.59
CA ASN A 351 45.99 -60.87 46.24
C ASN A 351 47.15 -60.92 45.25
N THR A 352 46.92 -61.54 44.09
CA THR A 352 47.98 -61.66 43.05
C THR A 352 47.57 -60.91 41.78
N ARG A 353 47.01 -59.71 41.93
CA ARG A 353 46.57 -58.89 40.75
C ARG A 353 46.68 -57.42 41.12
N LEU A 354 46.77 -56.53 40.12
CA LEU A 354 46.72 -55.09 40.47
C LEU A 354 45.35 -54.86 41.08
N GLN A 355 45.26 -54.14 42.20
CA GLN A 355 43.94 -54.02 42.85
C GLN A 355 43.23 -52.75 42.41
N VAL A 356 41.94 -52.64 42.73
CA VAL A 356 41.14 -51.44 42.36
C VAL A 356 41.66 -50.25 43.15
N GLU A 357 42.08 -50.45 44.40
CA GLU A 357 42.45 -49.34 45.30
C GLU A 357 43.93 -48.98 45.14
N HIS A 358 44.54 -49.42 44.05
CA HIS A 358 45.98 -49.13 43.80
C HIS A 358 46.31 -47.64 43.75
N PRO A 359 45.48 -46.71 43.23
CA PRO A 359 45.89 -45.30 43.11
C PRO A 359 46.25 -44.60 44.43
N VAL A 360 45.59 -44.91 45.54
CA VAL A 360 45.93 -44.16 46.79
C VAL A 360 47.40 -44.43 47.11
N THR A 361 47.83 -45.68 46.98
CA THR A 361 49.26 -46.02 47.20
C THR A 361 50.11 -45.26 46.18
N GLU A 362 49.64 -45.17 44.94
CA GLU A 362 50.49 -44.53 43.91
C GLU A 362 50.75 -43.08 44.35
N CYS A 363 49.73 -42.42 44.89
CA CYS A 363 49.90 -41.00 45.27
C CYS A 363 50.93 -40.83 46.39
N ILE A 364 50.83 -41.61 47.47
CA ILE A 364 51.78 -41.40 48.59
C ILE A 364 53.20 -41.79 48.15
N THR A 365 53.34 -42.93 47.47
CA THR A 365 54.65 -43.43 47.00
C THR A 365 55.24 -42.55 45.88
N GLY A 366 54.41 -42.05 44.98
CA GLY A 366 54.93 -41.31 43.81
C GLY A 366 55.31 -42.28 42.70
N LEU A 367 54.80 -43.52 42.75
CA LEU A 367 55.21 -44.55 41.76
C LEU A 367 54.04 -44.98 40.87
N ASP A 368 54.30 -45.24 39.59
CA ASP A 368 53.25 -45.72 38.64
C ASP A 368 53.30 -47.25 38.65
N LEU A 369 52.31 -47.91 39.24
CA LEU A 369 52.36 -49.38 39.40
C LEU A 369 52.30 -50.02 38.01
N VAL A 370 51.48 -49.49 37.12
CA VAL A 370 51.32 -50.09 35.77
C VAL A 370 52.68 -50.03 35.04
N GLN A 371 53.37 -48.90 35.15
CA GLN A 371 54.67 -48.76 34.45
C GLN A 371 55.61 -49.83 35.01
N GLU A 372 55.61 -49.98 36.34
CA GLU A 372 56.51 -50.96 36.99
C GLU A 372 56.15 -52.38 36.54
N MET A 373 54.85 -52.67 36.41
CA MET A 373 54.43 -54.03 36.00
C MET A 373 54.97 -54.29 34.60
N ILE A 374 54.88 -53.31 33.71
CA ILE A 374 55.40 -53.48 32.31
C ILE A 374 56.92 -53.66 32.35
N ARG A 375 57.62 -52.87 33.18
CA ARG A 375 59.10 -52.95 33.19
C ARG A 375 59.50 -54.35 33.66
N VAL A 376 58.83 -54.86 34.69
CA VAL A 376 59.14 -56.22 35.24
C VAL A 376 58.84 -57.26 34.16
N ALA A 377 57.76 -57.07 33.41
CA ALA A 377 57.39 -58.05 32.35
C ALA A 377 58.49 -58.10 31.28
N LYS A 378 59.06 -56.95 30.91
CA LYS A 378 60.17 -56.93 29.93
C LYS A 378 61.38 -57.62 30.57
N GLY A 379 61.40 -57.70 31.90
CA GLY A 379 62.53 -58.32 32.62
C GLY A 379 63.52 -57.27 33.06
N TYR A 380 63.22 -56.00 32.84
CA TYR A 380 64.11 -54.92 33.35
C TYR A 380 64.12 -54.97 34.88
N PRO A 381 65.28 -54.82 35.54
CA PRO A 381 65.37 -54.87 37.01
C PRO A 381 64.75 -53.65 37.70
N LEU A 382 64.29 -53.82 38.94
CA LEU A 382 63.64 -52.69 39.68
C LEU A 382 64.66 -51.57 39.91
N ARG A 383 64.21 -50.31 39.84
CA ARG A 383 65.11 -49.14 40.03
C ARG A 383 64.97 -48.61 41.47
N HIS A 384 64.26 -49.31 42.35
CA HIS A 384 64.02 -48.75 43.70
C HIS A 384 64.37 -49.76 44.80
N LYS A 385 64.77 -49.25 45.98
CA LYS A 385 65.07 -50.12 47.14
C LYS A 385 64.11 -49.72 48.25
N GLN A 386 63.72 -50.65 49.13
CA GLN A 386 62.72 -50.33 50.18
C GLN A 386 63.04 -48.97 50.80
N ALA A 387 64.32 -48.68 51.03
CA ALA A 387 64.71 -47.40 51.61
C ALA A 387 64.31 -46.18 50.77
N ASP A 388 64.03 -46.36 49.47
CA ASP A 388 63.58 -45.29 48.57
C ASP A 388 62.06 -45.06 48.66
N ILE A 389 61.32 -46.05 49.18
CA ILE A 389 59.86 -46.00 49.30
C ILE A 389 59.49 -45.23 50.56
N ARG A 390 59.03 -43.99 50.38
CA ARG A 390 58.56 -43.11 51.45
C ARG A 390 57.04 -43.02 51.47
N ILE A 391 56.50 -42.61 52.61
CA ILE A 391 55.12 -42.17 52.76
C ILE A 391 55.11 -40.66 52.63
N ASN A 392 54.60 -40.14 51.51
CA ASN A 392 54.45 -38.71 51.29
C ASN A 392 52.97 -38.37 51.31
N GLY A 393 52.53 -37.55 52.27
CA GLY A 393 51.15 -37.12 52.37
C GLY A 393 50.16 -38.23 52.70
N TRP A 394 48.90 -37.99 52.34
CA TRP A 394 47.76 -38.88 52.59
C TRP A 394 46.85 -38.89 51.38
N ALA A 395 46.38 -40.07 50.99
CA ALA A 395 45.45 -40.23 49.89
C ALA A 395 44.19 -40.97 50.37
N VAL A 396 43.05 -40.56 49.85
CA VAL A 396 41.75 -41.18 50.11
C VAL A 396 41.07 -41.42 48.76
N GLU A 397 40.52 -42.62 48.57
CA GLU A 397 39.75 -43.01 47.39
C GLU A 397 38.32 -43.33 47.80
N CYS A 398 37.37 -42.87 46.97
CA CYS A 398 35.93 -43.14 47.21
C CYS A 398 35.32 -43.65 45.90
N ARG A 399 35.20 -44.97 45.73
CA ARG A 399 34.69 -45.50 44.45
C ARG A 399 33.25 -45.01 44.25
N VAL A 400 32.94 -44.52 43.05
CA VAL A 400 31.58 -43.97 42.77
C VAL A 400 30.78 -45.03 42.01
N TYR A 401 29.52 -45.26 42.41
CA TYR A 401 28.70 -46.28 41.77
C TYR A 401 27.37 -45.70 41.30
N ALA A 402 26.75 -46.44 40.38
CA ALA A 402 25.40 -46.08 39.94
C ALA A 402 24.43 -46.92 40.76
N GLU A 403 24.25 -46.56 42.03
CA GLU A 403 23.34 -47.33 42.91
C GLU A 403 22.52 -46.36 43.75
N ASP A 404 21.35 -46.78 44.19
CA ASP A 404 20.58 -45.90 45.10
C ASP A 404 21.12 -46.15 46.50
N PRO A 405 21.76 -45.17 47.16
CA PRO A 405 22.24 -45.37 48.50
C PRO A 405 21.06 -45.65 49.45
N TYR A 406 19.93 -44.98 49.23
CA TYR A 406 18.75 -45.13 50.14
C TYR A 406 18.20 -46.55 50.14
N LYS A 407 18.14 -47.22 48.97
CA LYS A 407 17.66 -48.62 48.96
C LYS A 407 18.78 -49.52 49.51
N SER A 408 18.50 -50.25 50.59
CA SER A 408 19.57 -51.07 51.23
C SER A 408 20.72 -50.13 51.52
N PHE A 409 21.95 -50.51 51.17
CA PHE A 409 23.06 -49.53 51.27
C PHE A 409 23.44 -49.18 49.83
N GLY A 410 23.15 -50.08 48.90
CA GLY A 410 23.36 -49.81 47.47
C GLY A 410 22.46 -50.70 46.64
N LEU A 411 21.88 -50.18 45.56
CA LEU A 411 21.05 -51.03 44.68
C LEU A 411 21.36 -50.68 43.22
N PRO A 412 21.65 -51.65 42.32
CA PRO A 412 22.07 -51.29 40.95
C PRO A 412 21.03 -50.46 40.20
N SER A 413 21.48 -49.39 39.52
CA SER A 413 20.57 -48.49 38.77
C SER A 413 21.11 -48.36 37.35
N ILE A 414 20.22 -48.27 36.36
CA ILE A 414 20.73 -48.26 34.96
C ILE A 414 20.19 -47.04 34.20
N GLY A 415 20.97 -46.57 33.22
CA GLY A 415 20.50 -45.45 32.40
C GLY A 415 21.61 -44.74 31.67
N ARG A 416 21.20 -43.74 30.90
CA ARG A 416 22.16 -42.98 30.08
C ARG A 416 22.60 -41.76 30.86
N LEU A 417 23.90 -41.54 30.92
CA LEU A 417 24.44 -40.33 31.51
C LEU A 417 24.15 -39.12 30.63
N SER A 418 23.05 -38.40 30.87
CA SER A 418 22.67 -37.24 30.06
C SER A 418 23.63 -36.06 30.23
N GLN A 419 24.29 -35.97 31.39
CA GLN A 419 25.35 -35.02 31.67
C GLN A 419 26.30 -35.62 32.71
N TYR A 420 27.60 -35.43 32.51
CA TYR A 420 28.65 -35.93 33.37
C TYR A 420 29.82 -34.93 33.37
N GLN A 421 30.20 -34.42 34.54
CA GLN A 421 31.32 -33.50 34.69
C GLN A 421 32.10 -33.85 35.97
N GLU A 422 33.34 -34.26 35.77
CA GLU A 422 34.28 -34.59 36.83
C GLU A 422 34.83 -33.29 37.48
N PRO A 423 35.08 -33.22 38.82
CA PRO A 423 35.65 -32.00 39.42
C PRO A 423 37.18 -31.92 39.40
N LEU A 424 37.81 -32.10 38.23
CA LEU A 424 39.30 -32.09 38.13
C LEU A 424 39.87 -30.72 38.50
N HIS A 425 39.22 -29.63 38.09
CA HIS A 425 39.74 -28.26 38.33
C HIS A 425 40.09 -28.04 39.81
N LEU A 426 39.37 -28.69 40.72
CA LEU A 426 39.58 -28.51 42.19
C LEU A 426 40.94 -29.08 42.61
N PRO A 427 41.60 -28.53 43.66
CA PRO A 427 42.94 -28.96 44.06
C PRO A 427 43.10 -30.39 44.61
N GLY A 428 44.23 -31.03 44.32
CA GLY A 428 44.51 -32.39 44.84
C GLY A 428 43.51 -33.43 44.40
N VAL A 429 43.00 -33.34 43.18
CA VAL A 429 41.92 -34.27 42.75
C VAL A 429 42.38 -35.08 41.53
N ARG A 430 42.26 -36.40 41.60
CA ARG A 430 42.57 -37.25 40.43
C ARG A 430 41.37 -38.17 40.22
N VAL A 431 40.89 -38.28 38.99
CA VAL A 431 39.67 -39.11 38.75
C VAL A 431 40.00 -40.25 37.80
N ASP A 432 39.77 -41.49 38.23
CA ASP A 432 39.96 -42.65 37.38
C ASP A 432 38.57 -43.17 36.98
N SER A 433 38.16 -42.85 35.74
CA SER A 433 36.86 -43.23 35.16
C SER A 433 37.02 -43.94 33.81
N GLY A 434 35.97 -44.66 33.41
CA GLY A 434 35.83 -45.34 32.11
C GLY A 434 34.55 -44.95 31.37
N ILE A 435 34.01 -43.78 31.76
CA ILE A 435 32.72 -43.30 31.20
C ILE A 435 32.85 -41.84 30.71
N GLN A 436 31.87 -41.36 29.95
CA GLN A 436 31.87 -40.00 29.37
C GLN A 436 30.42 -39.55 29.28
N PRO A 437 30.08 -38.31 28.88
CA PRO A 437 28.67 -37.96 28.71
C PRO A 437 28.06 -38.84 27.61
N GLY A 438 26.86 -39.37 27.83
CA GLY A 438 26.23 -40.27 26.85
C GLY A 438 26.58 -41.73 27.09
N SER A 439 27.37 -42.02 28.11
CA SER A 439 27.70 -43.44 28.44
C SER A 439 26.46 -44.13 28.97
N ASP A 440 26.30 -45.40 28.64
CA ASP A 440 25.12 -46.17 29.11
C ASP A 440 25.54 -47.16 30.20
N ILE A 441 25.30 -46.82 31.46
CA ILE A 441 25.53 -47.80 32.51
C ILE A 441 24.58 -48.98 32.25
N SER A 442 25.14 -50.12 31.82
CA SER A 442 24.37 -51.30 31.43
C SER A 442 24.17 -52.30 32.57
N ILE A 443 23.14 -53.16 32.48
CA ILE A 443 22.88 -54.26 33.43
C ILE A 443 24.00 -55.33 33.50
N TYR A 444 24.82 -55.47 32.46
CA TYR A 444 25.72 -56.61 32.26
C TYR A 444 27.02 -56.55 33.07
N TYR A 445 27.39 -55.36 33.56
CA TYR A 445 28.70 -55.10 34.16
C TYR A 445 28.56 -54.38 35.50
N ASP A 446 29.69 -54.20 36.16
CA ASP A 446 29.79 -53.49 37.45
C ASP A 446 29.34 -52.01 37.33
N PRO A 447 28.64 -51.45 38.35
CA PRO A 447 28.10 -50.09 38.31
C PRO A 447 29.11 -48.98 38.55
N MET A 448 30.41 -49.30 38.68
CA MET A 448 31.41 -48.28 38.99
C MET A 448 31.49 -47.25 37.87
N ILE A 449 31.21 -46.00 38.24
CA ILE A 449 31.31 -44.81 37.39
C ILE A 449 32.79 -44.41 37.32
N SER A 450 33.42 -44.24 38.47
CA SER A 450 34.81 -43.81 38.56
C SER A 450 35.39 -44.09 39.96
N LYS A 451 36.71 -44.04 40.05
CA LYS A 451 37.42 -43.87 41.32
C LYS A 451 37.73 -42.40 41.49
N LEU A 452 37.24 -41.80 42.57
CA LEU A 452 37.55 -40.43 42.95
C LEU A 452 38.62 -40.47 44.04
N ILE A 453 39.78 -39.89 43.76
CA ILE A 453 40.93 -39.90 44.67
C ILE A 453 41.30 -38.47 45.02
N THR A 454 41.57 -38.23 46.30
CA THR A 454 42.10 -36.95 46.77
C THR A 454 43.37 -37.15 47.57
N TYR A 455 44.33 -36.27 47.36
CA TYR A 455 45.64 -36.31 47.99
C TYR A 455 45.89 -35.02 48.78
N GLY A 456 46.50 -35.12 49.96
CA GLY A 456 46.87 -34.00 50.84
C GLY A 456 48.22 -34.18 51.53
N SER A 457 48.77 -33.12 52.11
CA SER A 457 49.97 -33.19 52.96
C SER A 457 49.72 -33.95 54.26
N ASP A 458 48.46 -33.94 54.71
CA ASP A 458 48.08 -34.67 55.95
C ASP A 458 46.68 -35.27 55.73
N ARG A 459 46.19 -36.05 56.69
CA ARG A 459 44.86 -36.72 56.52
C ARG A 459 43.75 -35.68 56.41
N THR A 460 43.78 -34.64 57.24
CA THR A 460 42.68 -33.63 57.25
C THR A 460 42.54 -33.00 55.85
N GLU A 461 43.64 -32.48 55.29
CA GLU A 461 43.61 -31.86 53.98
C GLU A 461 43.03 -32.80 52.92
N ALA A 462 43.42 -34.08 52.91
CA ALA A 462 42.88 -35.07 51.99
C ALA A 462 41.37 -35.26 52.15
N LEU A 463 40.87 -35.40 53.39
CA LEU A 463 39.44 -35.53 53.67
C LEU A 463 38.63 -34.29 53.29
N LYS A 464 39.21 -33.10 53.49
CA LYS A 464 38.54 -31.83 53.14
C LYS A 464 38.42 -31.70 51.62
N ARG A 465 39.51 -31.94 50.91
CA ARG A 465 39.51 -31.83 49.43
C ARG A 465 38.51 -32.86 48.88
N MET A 466 38.40 -34.03 49.50
CA MET A 466 37.41 -35.04 49.07
C MET A 466 36.00 -34.48 49.24
N ALA A 467 35.60 -34.16 50.48
CA ALA A 467 34.28 -33.56 50.69
C ALA A 467 33.96 -32.48 49.63
N ASP A 468 34.91 -31.59 49.36
CA ASP A 468 34.78 -30.54 48.33
C ASP A 468 34.60 -31.15 46.93
N ALA A 469 35.36 -32.21 46.61
CA ALA A 469 35.28 -32.91 45.33
C ALA A 469 33.93 -33.60 45.13
N LEU A 470 33.41 -34.27 46.16
CA LEU A 470 32.10 -34.93 46.12
C LEU A 470 30.96 -33.90 45.92
N ASP A 471 31.03 -32.73 46.57
CA ASP A 471 30.05 -31.65 46.37
C ASP A 471 30.13 -31.03 44.95
N ASN A 472 31.31 -31.08 44.31
CA ASN A 472 31.56 -30.56 42.96
C ASN A 472 31.38 -31.61 41.84
N TYR A 473 31.03 -32.85 42.17
CA TYR A 473 30.88 -33.91 41.19
C TYR A 473 29.46 -33.89 40.60
N VAL A 474 29.36 -33.69 39.28
CA VAL A 474 28.06 -33.70 38.57
C VAL A 474 27.86 -35.06 37.90
N ILE A 475 26.81 -35.77 38.31
CA ILE A 475 26.35 -37.02 37.67
C ILE A 475 24.84 -36.91 37.49
N ARG A 476 24.37 -36.98 36.22
CA ARG A 476 22.92 -36.86 35.87
C ARG A 476 22.44 -37.98 34.92
N GLY A 477 21.27 -38.58 35.16
CA GLY A 477 20.66 -39.65 34.37
C GLY A 477 20.67 -41.02 35.06
N VAL A 478 21.49 -41.19 36.10
CA VAL A 478 21.46 -42.34 37.02
C VAL A 478 21.48 -41.84 38.46
N THR A 479 20.99 -42.66 39.38
CA THR A 479 21.22 -42.48 40.81
C THR A 479 22.63 -42.91 41.17
N HIS A 480 23.24 -42.29 42.17
CA HIS A 480 24.63 -42.54 42.55
C HIS A 480 24.87 -42.41 44.06
N ASN A 481 25.95 -43.02 44.55
CA ASN A 481 26.28 -43.10 45.97
C ASN A 481 27.04 -41.91 46.58
N ILE A 482 27.26 -40.82 45.84
CA ILE A 482 27.97 -39.62 46.34
C ILE A 482 27.47 -39.16 47.71
N ALA A 483 26.15 -39.17 47.96
CA ALA A 483 25.58 -38.76 49.24
C ALA A 483 26.13 -39.59 50.41
N LEU A 484 26.22 -40.92 50.24
CA LEU A 484 26.78 -41.83 51.22
C LEU A 484 28.28 -41.59 51.42
N LEU A 485 29.03 -41.53 50.32
CA LEU A 485 30.48 -41.28 50.34
C LEU A 485 30.80 -39.99 51.09
N ARG A 486 30.07 -38.91 50.75
CA ARG A 486 30.25 -37.59 51.34
C ARG A 486 29.96 -37.61 52.84
N GLU A 487 28.94 -38.35 53.27
CA GLU A 487 28.60 -38.49 54.69
C GLU A 487 29.62 -39.32 55.46
N VAL A 488 30.15 -40.39 54.88
CA VAL A 488 31.23 -41.20 55.48
C VAL A 488 32.46 -40.33 55.74
N ILE A 489 32.89 -39.56 54.74
CA ILE A 489 34.12 -38.74 54.79
C ILE A 489 34.07 -37.69 55.92
N ILE A 490 32.90 -37.11 56.18
CA ILE A 490 32.73 -36.11 57.24
C ILE A 490 32.31 -36.70 58.59
N ASN A 491 32.03 -38.00 58.65
CA ASN A 491 31.56 -38.63 59.88
C ASN A 491 32.63 -38.56 60.97
N SER A 492 32.24 -38.14 62.18
CA SER A 492 33.19 -37.96 63.29
C SER A 492 33.99 -39.23 63.65
N ARG A 493 33.39 -40.41 63.49
CA ARG A 493 34.16 -41.66 63.73
C ARG A 493 35.22 -41.81 62.64
N PHE A 494 34.83 -41.70 61.37
CA PHE A 494 35.77 -41.80 60.25
C PHE A 494 36.92 -40.78 60.37
N VAL A 495 36.62 -39.53 60.69
CA VAL A 495 37.61 -38.45 60.88
C VAL A 495 38.56 -38.77 62.05
N LYS A 496 38.08 -39.37 63.14
CA LYS A 496 38.90 -39.82 64.26
C LYS A 496 39.65 -41.13 63.98
N GLY A 497 39.34 -41.81 62.88
CA GLY A 497 39.88 -43.13 62.55
C GLY A 497 39.27 -44.27 63.37
N ASP A 498 38.15 -44.08 64.07
CA ASP A 498 37.39 -45.14 64.77
C ASP A 498 36.52 -45.90 63.76
N ILE A 499 37.15 -46.80 63.00
CA ILE A 499 36.52 -47.52 61.89
C ILE A 499 36.83 -49.01 61.95
N SER A 500 35.91 -49.79 61.40
CA SER A 500 36.00 -51.25 61.23
C SER A 500 35.22 -51.65 59.98
N THR A 501 35.30 -52.92 59.60
CA THR A 501 34.47 -53.51 58.53
C THR A 501 32.95 -53.43 58.77
N LYS A 502 32.51 -53.15 60.00
CA LYS A 502 31.10 -52.95 60.37
C LYS A 502 30.67 -51.47 60.37
N PHE A 503 31.55 -50.54 59.99
CA PHE A 503 31.30 -49.10 60.11
C PHE A 503 29.94 -48.67 59.56
N LEU A 504 29.59 -49.11 58.34
CA LEU A 504 28.33 -48.70 57.71
C LEU A 504 27.09 -49.23 58.46
N SER A 505 27.12 -50.47 58.94
CA SER A 505 26.01 -51.03 59.74
C SER A 505 25.92 -50.39 61.12
N ASP A 506 27.04 -50.02 61.73
CA ASP A 506 27.06 -49.40 63.05
C ASP A 506 26.58 -47.94 63.01
N VAL A 507 26.98 -47.20 61.98
CA VAL A 507 26.68 -45.77 61.85
C VAL A 507 25.29 -45.55 61.26
N TYR A 508 24.79 -46.51 60.48
CA TYR A 508 23.44 -46.38 59.89
C TYR A 508 22.63 -47.66 60.13
N PRO A 509 22.25 -47.98 61.38
CA PRO A 509 21.55 -49.24 61.62
C PRO A 509 20.21 -49.31 60.90
N ASP A 510 19.41 -48.25 60.99
CA ASP A 510 18.07 -48.21 60.34
C ASP A 510 18.23 -48.23 58.83
N GLY A 511 19.22 -47.51 58.31
CA GLY A 511 19.46 -47.42 56.85
C GLY A 511 20.08 -46.08 56.54
N PHE A 512 20.36 -45.79 55.26
CA PHE A 512 20.88 -44.44 54.94
C PHE A 512 19.68 -43.50 54.72
N LYS A 513 19.58 -42.44 55.51
CA LYS A 513 18.51 -41.47 55.31
C LYS A 513 19.01 -40.15 54.74
N GLY A 514 20.26 -40.09 54.28
CA GLY A 514 20.84 -38.85 53.81
C GLY A 514 21.25 -37.95 54.95
N HIS A 515 21.97 -36.90 54.60
CA HIS A 515 22.48 -35.97 55.61
C HIS A 515 21.34 -35.46 56.48
N MET A 516 21.66 -35.16 57.73
CA MET A 516 20.70 -34.62 58.67
C MET A 516 21.11 -33.18 59.00
N LEU A 517 20.24 -32.23 58.67
CA LEU A 517 20.63 -30.81 58.79
C LEU A 517 20.56 -30.28 60.21
N THR A 518 21.56 -29.51 60.62
CA THR A 518 21.52 -28.84 61.93
C THR A 518 20.70 -27.56 61.73
N LYS A 519 20.20 -26.95 62.80
CA LYS A 519 19.33 -25.77 62.62
C LYS A 519 20.01 -24.78 61.67
N SER A 520 21.31 -24.53 61.85
CA SER A 520 21.94 -23.52 61.00
C SER A 520 21.97 -23.99 59.55
N GLU A 521 22.27 -25.26 59.32
CA GLU A 521 22.28 -25.79 57.96
C GLU A 521 20.91 -25.68 57.32
N LYS A 522 19.86 -25.97 58.08
CA LYS A 522 18.51 -25.85 57.54
C LYS A 522 18.19 -24.42 57.15
N ASN A 523 18.56 -23.46 57.99
CA ASN A 523 18.34 -22.05 57.66
C ASN A 523 19.11 -21.66 56.41
N GLN A 524 20.36 -22.11 56.30
CA GLN A 524 21.15 -21.80 55.11
C GLN A 524 20.51 -22.37 53.85
N LEU A 525 20.04 -23.61 53.93
CA LEU A 525 19.39 -24.23 52.77
C LEU A 525 18.13 -23.49 52.39
N LEU A 526 17.31 -23.12 53.38
CA LEU A 526 16.09 -22.39 53.08
C LEU A 526 16.39 -21.04 52.45
N ALA A 527 17.40 -20.34 52.97
CA ALA A 527 17.76 -19.05 52.40
C ALA A 527 18.23 -19.20 50.97
N ILE A 528 19.05 -20.22 50.70
CA ILE A 528 19.54 -20.44 49.34
C ILE A 528 18.39 -20.74 48.39
N ALA A 529 17.46 -21.60 48.82
CA ALA A 529 16.33 -21.94 47.97
C ALA A 529 15.47 -20.72 47.68
N SER A 530 15.20 -19.90 48.71
CA SER A 530 14.40 -18.70 48.50
C SER A 530 15.09 -17.73 47.56
N SER A 531 16.40 -17.55 47.73
CA SER A 531 17.13 -16.65 46.85
C SER A 531 17.09 -17.16 45.41
N LEU A 532 17.23 -18.47 45.21
CA LEU A 532 17.17 -19.02 43.86
C LEU A 532 15.80 -18.80 43.24
N PHE A 533 14.74 -19.02 44.02
CA PHE A 533 13.38 -18.79 43.54
C PHE A 533 13.20 -17.33 43.12
N VAL A 534 13.64 -16.40 43.96
CA VAL A 534 13.48 -14.99 43.65
C VAL A 534 14.31 -14.61 42.43
N ALA A 535 15.51 -15.19 42.30
CA ALA A 535 16.34 -14.89 41.14
C ALA A 535 15.67 -15.36 39.84
N PHE A 536 15.08 -16.55 39.86
CA PHE A 536 14.35 -17.02 38.69
C PHE A 536 13.20 -16.08 38.37
N GLN A 537 12.42 -15.72 39.39
CA GLN A 537 11.29 -14.82 39.15
C GLN A 537 11.75 -13.50 38.56
N LEU A 538 12.88 -12.97 39.04
CA LEU A 538 13.38 -11.70 38.55
C LEU A 538 13.86 -11.82 37.10
N ARG A 539 14.62 -12.87 36.79
CA ARG A 539 15.08 -13.05 35.41
C ARG A 539 13.90 -13.21 34.47
N ALA A 540 12.77 -13.72 34.97
CA ALA A 540 11.60 -13.88 34.12
C ALA A 540 11.11 -12.54 33.56
N GLN A 541 11.49 -11.42 34.18
CA GLN A 541 11.00 -10.11 33.79
C GLN A 541 11.92 -9.35 32.85
N HIS A 542 13.04 -9.94 32.44
CA HIS A 542 14.05 -9.21 31.67
C HIS A 542 13.87 -9.52 30.18
N PHE A 543 12.86 -8.90 29.59
CA PHE A 543 12.68 -8.95 28.15
C PHE A 543 13.54 -7.89 27.47
N GLN A 544 13.84 -8.12 26.19
CA GLN A 544 14.56 -7.10 25.45
C GLN A 544 13.62 -5.97 25.07
N GLU A 545 14.20 -4.88 24.58
CA GLU A 545 13.42 -3.69 24.28
C GLU A 545 12.32 -3.99 23.28
N ASN A 546 11.12 -3.48 23.56
CA ASN A 546 9.98 -3.55 22.65
C ASN A 546 9.44 -2.14 22.50
N SER A 547 9.74 -1.50 21.37
CA SER A 547 9.36 -0.10 21.20
C SER A 547 7.85 0.08 21.22
N ARG A 548 7.11 -0.85 20.61
CA ARG A 548 5.67 -0.70 20.54
C ARG A 548 5.03 -0.70 21.92
N MET A 549 5.47 -1.60 22.79
CA MET A 549 4.96 -1.67 24.17
C MET A 549 6.12 -1.79 25.15
N PRO A 550 6.57 -0.68 25.72
CA PRO A 550 7.57 -0.75 26.79
C PRO A 550 7.04 -1.55 27.98
N VAL A 551 7.94 -2.30 28.61
CA VAL A 551 7.59 -3.11 29.76
C VAL A 551 7.64 -2.27 31.02
N ILE A 552 6.74 -2.56 31.96
CA ILE A 552 6.69 -1.86 33.24
C ILE A 552 7.16 -2.84 34.30
N LYS A 553 8.30 -2.53 34.93
CA LYS A 553 8.90 -3.44 35.88
C LYS A 553 7.98 -3.62 37.09
N PRO A 554 7.66 -4.85 37.48
CA PRO A 554 6.91 -5.05 38.73
C PRO A 554 7.77 -4.63 39.92
N ASP A 555 7.36 -3.55 40.58
CA ASP A 555 8.12 -2.97 41.69
C ASP A 555 7.76 -3.72 42.96
N ILE A 556 8.62 -4.65 43.36
CA ILE A 556 8.45 -5.42 44.59
C ILE A 556 9.68 -5.22 45.45
N ALA A 557 9.46 -4.88 46.71
CA ALA A 557 10.55 -4.68 47.66
C ALA A 557 10.82 -5.92 48.51
N ASN A 558 9.78 -6.65 48.90
CA ASN A 558 9.92 -7.84 49.71
C ASN A 558 9.08 -8.96 49.12
N TRP A 559 9.64 -10.17 49.11
CA TRP A 559 8.93 -11.36 48.70
C TRP A 559 8.61 -12.18 49.94
N GLU A 560 7.32 -12.39 50.20
CA GLU A 560 6.88 -13.20 51.32
C GLU A 560 6.54 -14.59 50.78
N LEU A 561 7.25 -15.60 51.26
CA LEU A 561 7.15 -16.95 50.73
C LEU A 561 6.85 -17.93 51.85
N SER A 562 6.04 -18.93 51.52
CA SER A 562 5.87 -20.11 52.34
C SER A 562 6.69 -21.23 51.71
N VAL A 563 7.66 -21.75 52.46
CA VAL A 563 8.56 -22.78 51.96
C VAL A 563 8.30 -24.06 52.75
N LYS A 564 7.99 -25.14 52.05
CA LYS A 564 7.78 -26.43 52.74
C LYS A 564 9.00 -27.34 52.52
N LEU A 565 9.73 -27.67 53.58
CA LEU A 565 10.94 -28.51 53.45
C LEU A 565 10.62 -29.98 53.73
N HIS A 566 10.30 -30.33 54.97
CA HIS A 566 10.06 -31.76 55.30
C HIS A 566 8.77 -31.85 56.09
N ASP A 567 7.65 -31.54 55.46
CA ASP A 567 6.32 -31.53 56.14
C ASP A 567 6.26 -30.34 57.10
N LYS A 568 7.18 -29.39 56.99
CA LYS A 568 7.13 -28.18 57.83
C LYS A 568 7.06 -26.96 56.92
N VAL A 569 6.30 -25.94 57.30
CA VAL A 569 6.10 -24.76 56.48
C VAL A 569 6.79 -23.59 57.18
N HIS A 570 7.72 -22.95 56.48
CA HIS A 570 8.51 -21.86 57.04
C HIS A 570 8.15 -20.57 56.33
N THR A 571 7.98 -19.50 57.12
CA THR A 571 7.75 -18.18 56.58
C THR A 571 9.08 -17.52 56.27
N VAL A 572 9.22 -17.03 55.04
CA VAL A 572 10.47 -16.42 54.59
C VAL A 572 10.15 -15.06 54.00
N VAL A 573 11.01 -14.08 54.30
CA VAL A 573 10.91 -12.75 53.71
C VAL A 573 12.25 -12.45 53.04
N ALA A 574 12.22 -12.32 51.71
CA ALA A 574 13.44 -12.16 50.93
C ALA A 574 13.44 -10.84 50.20
N SER A 575 14.54 -10.11 50.31
CA SER A 575 14.78 -8.90 49.55
C SER A 575 16.13 -9.01 48.88
N ASN A 576 16.36 -8.20 47.86
CA ASN A 576 17.65 -8.21 47.18
C ASN A 576 18.14 -6.80 46.91
N ASN A 577 19.45 -6.69 46.79
CA ASN A 577 20.12 -5.47 46.34
C ASN A 577 21.31 -5.94 45.51
N GLY A 578 21.27 -5.65 44.22
CA GLY A 578 22.31 -6.17 43.35
C GLY A 578 22.32 -7.68 43.40
N SER A 579 23.46 -8.25 43.79
CA SER A 579 23.64 -9.69 43.88
C SER A 579 23.52 -10.21 45.31
N VAL A 580 23.10 -9.37 46.25
CA VAL A 580 23.03 -9.74 47.66
C VAL A 580 21.58 -9.89 48.07
N PHE A 581 21.22 -11.07 48.56
CA PHE A 581 19.87 -11.37 49.02
C PHE A 581 19.84 -11.43 50.53
N SER A 582 18.98 -10.62 51.14
CA SER A 582 18.75 -10.67 52.58
C SER A 582 17.49 -11.49 52.81
N VAL A 583 17.62 -12.58 53.56
CA VAL A 583 16.53 -13.52 53.78
C VAL A 583 16.29 -13.64 55.28
N GLU A 584 15.05 -13.40 55.70
CA GLU A 584 14.61 -13.65 57.07
C GLU A 584 13.82 -14.95 57.07
N VAL A 585 14.33 -15.95 57.77
CA VAL A 585 13.71 -17.27 57.87
C VAL A 585 13.30 -17.48 59.31
N ASP A 586 11.99 -17.49 59.55
CA ASP A 586 11.43 -17.70 60.89
C ASP A 586 12.06 -16.77 61.93
N GLY A 587 12.51 -15.59 61.50
CA GLY A 587 13.09 -14.63 62.40
C GLY A 587 14.61 -14.60 62.44
N SER A 588 15.29 -15.33 61.58
CA SER A 588 16.74 -15.35 61.52
C SER A 588 17.19 -14.70 60.22
N LYS A 589 18.12 -13.77 60.30
CA LYS A 589 18.55 -12.99 59.14
C LYS A 589 19.83 -13.60 58.56
N LEU A 590 19.84 -13.78 57.24
CA LEU A 590 20.98 -14.32 56.52
C LEU A 590 21.20 -13.52 55.25
N ASN A 591 22.43 -13.52 54.77
CA ASN A 591 22.80 -12.86 53.52
C ASN A 591 23.40 -13.88 52.58
N VAL A 592 22.94 -13.87 51.33
CA VAL A 592 23.40 -14.81 50.31
C VAL A 592 23.93 -14.00 49.13
N THR A 593 25.15 -14.31 48.72
CA THR A 593 25.79 -13.62 47.61
C THR A 593 26.22 -14.64 46.56
N SER A 594 26.12 -14.26 45.30
CA SER A 594 26.51 -15.14 44.21
C SER A 594 26.34 -14.40 42.89
N THR A 595 26.93 -14.98 41.84
CA THR A 595 26.71 -14.47 40.48
C THR A 595 25.32 -14.81 39.96
N TRP A 596 24.66 -15.80 40.56
CA TRP A 596 23.30 -16.17 40.19
C TRP A 596 23.20 -16.54 38.71
N ASN A 597 24.21 -17.27 38.22
CA ASN A 597 24.14 -17.86 36.89
C ASN A 597 23.18 -19.05 36.94
N LEU A 598 22.00 -18.89 36.38
CA LEU A 598 20.94 -19.88 36.50
C LEU A 598 21.07 -21.04 35.53
N ALA A 599 22.08 -21.02 34.66
CA ALA A 599 22.25 -22.09 33.68
C ALA A 599 23.33 -23.09 34.05
N SER A 600 24.39 -22.64 34.73
CA SER A 600 25.48 -23.54 35.06
C SER A 600 24.99 -24.65 36.00
N PRO A 601 25.45 -25.88 35.80
CA PRO A 601 25.01 -26.98 36.69
C PRO A 601 25.39 -26.76 38.15
N LEU A 602 26.53 -26.12 38.42
CA LEU A 602 26.99 -25.88 39.78
C LEU A 602 26.88 -24.41 40.10
N LEU A 603 26.27 -24.09 41.23
CA LEU A 603 26.12 -22.72 41.68
C LEU A 603 26.91 -22.52 42.98
N SER A 604 27.80 -21.54 42.99
CA SER A 604 28.60 -21.21 44.16
C SER A 604 27.99 -19.99 44.83
N VAL A 605 27.69 -20.11 46.12
CA VAL A 605 27.06 -19.04 46.88
C VAL A 605 27.84 -18.84 48.18
N SER A 606 27.63 -17.68 48.79
CA SER A 606 28.23 -17.35 50.08
C SER A 606 27.10 -16.91 51.01
N VAL A 607 26.84 -17.69 52.04
CA VAL A 607 25.81 -17.40 53.03
C VAL A 607 26.52 -16.97 54.30
N ASP A 608 26.41 -15.69 54.64
CA ASP A 608 27.05 -15.14 55.83
C ASP A 608 28.55 -15.48 55.85
N GLY A 609 29.17 -15.37 54.68
CA GLY A 609 30.59 -15.63 54.53
C GLY A 609 30.96 -17.09 54.39
N THR A 610 30.04 -18.01 54.64
CA THR A 610 30.31 -19.43 54.48
C THR A 610 30.06 -19.83 53.03
N GLN A 611 31.07 -20.42 52.40
CA GLN A 611 30.95 -20.78 50.99
C GLN A 611 30.22 -22.11 50.85
N ARG A 612 29.28 -22.18 49.91
CA ARG A 612 28.53 -23.38 49.63
C ARG A 612 28.46 -23.60 48.12
N THR A 613 28.43 -24.87 47.73
CA THR A 613 28.22 -25.25 46.35
C THR A 613 26.94 -26.07 46.28
N VAL A 614 25.99 -25.62 45.47
CA VAL A 614 24.66 -26.20 45.41
C VAL A 614 24.33 -26.51 43.96
N GLN A 615 23.47 -27.51 43.77
CA GLN A 615 23.00 -27.88 42.44
C GLN A 615 21.48 -27.79 42.40
N CYS A 616 20.95 -27.27 41.30
CA CYS A 616 19.51 -27.20 41.09
C CYS A 616 19.13 -28.31 40.11
N LEU A 617 18.67 -29.43 40.65
CA LEU A 617 18.42 -30.60 39.81
C LEU A 617 17.16 -30.45 38.97
N SER A 618 16.17 -29.71 39.47
CA SER A 618 14.93 -29.53 38.73
C SER A 618 14.06 -28.52 39.47
N ARG A 619 13.15 -27.91 38.72
CA ARG A 619 12.19 -26.96 39.28
C ARG A 619 10.96 -26.94 38.40
N GLU A 620 9.85 -26.50 38.96
CA GLU A 620 8.58 -26.45 38.26
C GLU A 620 7.87 -25.15 38.55
N ALA A 621 7.00 -24.76 37.61
CA ALA A 621 6.20 -23.55 37.81
C ALA A 621 5.32 -23.67 39.05
N GLY A 622 4.93 -24.88 39.42
CA GLY A 622 4.11 -25.06 40.60
C GLY A 622 4.80 -24.62 41.87
N GLY A 623 6.11 -24.82 41.96
CA GLY A 623 6.86 -24.40 43.13
C GLY A 623 7.82 -25.46 43.65
N ASN A 624 7.71 -26.68 43.11
CA ASN A 624 8.61 -27.75 43.52
C ASN A 624 10.03 -27.47 43.04
N MET A 625 11.00 -27.86 43.87
CA MET A 625 12.40 -27.65 43.53
C MET A 625 13.24 -28.71 44.21
N SER A 626 14.15 -29.32 43.46
CA SER A 626 15.09 -30.30 43.98
C SER A 626 16.47 -29.66 44.04
N ILE A 627 17.06 -29.62 45.22
CA ILE A 627 18.33 -28.94 45.45
C ILE A 627 19.31 -29.92 46.06
N GLN A 628 20.47 -30.09 45.41
CA GLN A 628 21.57 -30.83 46.00
C GLN A 628 22.40 -29.88 46.86
N PHE A 629 22.39 -30.13 48.17
CA PHE A 629 23.06 -29.34 49.18
C PHE A 629 23.80 -30.29 50.10
N LEU A 630 25.08 -30.04 50.32
CA LEU A 630 25.91 -30.91 51.16
C LEU A 630 25.79 -32.36 50.73
N GLY A 631 25.68 -32.58 49.42
CA GLY A 631 25.63 -33.91 48.85
C GLY A 631 24.29 -34.60 48.92
N THR A 632 23.28 -34.00 49.53
CA THR A 632 21.97 -34.61 49.64
C THR A 632 20.95 -33.80 48.85
N VAL A 633 20.00 -34.51 48.26
CA VAL A 633 18.97 -33.89 47.41
C VAL A 633 17.72 -33.69 48.25
N TYR A 634 17.35 -32.43 48.46
CA TYR A 634 16.17 -32.06 49.22
C TYR A 634 15.10 -31.53 48.28
N LYS A 635 13.85 -31.92 48.53
CA LYS A 635 12.71 -31.45 47.77
C LYS A 635 11.99 -30.40 48.59
N VAL A 636 11.95 -29.18 48.09
CA VAL A 636 11.26 -28.08 48.75
C VAL A 636 10.11 -27.64 47.86
N ASN A 637 9.10 -27.03 48.47
CA ASN A 637 7.98 -26.45 47.71
C ASN A 637 7.82 -24.99 48.12
N ILE A 638 7.98 -24.09 47.16
CA ILE A 638 7.98 -22.65 47.45
C ILE A 638 6.72 -22.05 46.84
N LEU A 639 5.96 -21.33 47.65
CA LEU A 639 4.79 -20.60 47.18
C LEU A 639 4.86 -19.17 47.71
N THR A 640 4.17 -18.27 47.02
CA THR A 640 3.99 -16.94 47.57
C THR A 640 3.00 -17.01 48.73
N ARG A 641 3.04 -15.97 49.58
CA ARG A 641 2.18 -15.97 50.76
C ARG A 641 0.71 -16.07 50.34
N LEU A 642 0.30 -15.26 49.37
CA LEU A 642 -1.09 -15.30 48.90
C LEU A 642 -1.41 -16.66 48.29
N ALA A 643 -0.49 -17.20 47.48
CA ALA A 643 -0.73 -18.52 46.89
C ALA A 643 -0.83 -19.59 47.98
N ALA A 644 0.03 -19.51 48.99
CA ALA A 644 -0.04 -20.46 50.09
C ALA A 644 -1.39 -20.36 50.81
N GLU A 645 -1.85 -19.14 51.06
CA GLU A 645 -3.15 -18.97 51.71
C GLU A 645 -4.28 -19.57 50.87
N LEU A 646 -4.28 -19.27 49.57
CA LEU A 646 -5.33 -19.80 48.71
C LEU A 646 -5.25 -21.31 48.54
N ASN A 647 -4.06 -21.89 48.71
CA ASN A 647 -3.90 -23.33 48.54
C ASN A 647 -4.70 -24.11 49.58
N LYS A 648 -5.10 -23.47 50.68
CA LYS A 648 -5.81 -24.19 51.73
C LYS A 648 -7.18 -24.69 51.27
N PHE A 649 -7.74 -24.10 50.23
CA PHE A 649 -9.03 -24.51 49.72
C PHE A 649 -8.95 -25.65 48.71
N MET A 650 -7.75 -26.07 48.34
CA MET A 650 -7.57 -27.15 47.39
C MET A 650 -7.77 -28.50 48.05
N LEU A 651 -8.50 -29.38 47.36
CA LEU A 651 -8.80 -30.70 47.90
C LEU A 651 -7.64 -31.65 47.64
N GLU A 652 -7.28 -32.42 48.66
CA GLU A 652 -6.26 -33.45 48.49
C GLU A 652 -6.78 -34.54 47.55
N LYS A 653 -5.97 -34.89 46.56
CA LYS A 653 -6.39 -35.85 45.56
C LYS A 653 -6.10 -37.28 46.02
N VAL A 654 -6.76 -38.23 45.34
CA VAL A 654 -6.61 -39.64 45.72
C VAL A 654 -5.16 -40.08 45.59
N THR A 655 -4.53 -39.76 44.46
CA THR A 655 -3.13 -40.03 44.16
C THR A 655 -2.85 -41.51 43.97
N GLU A 656 -3.85 -42.38 43.98
CA GLU A 656 -3.63 -43.82 43.85
C GLU A 656 -3.26 -44.15 42.41
N ASP A 657 -1.98 -44.53 42.20
CA ASP A 657 -1.50 -44.95 40.88
C ASP A 657 -0.39 -46.00 41.10
N THR A 658 -0.79 -47.27 41.07
CA THR A 658 0.15 -48.35 41.31
C THR A 658 0.99 -48.61 40.07
N SER A 659 2.31 -48.53 40.25
CA SER A 659 3.26 -48.84 39.19
C SER A 659 3.75 -50.27 39.24
N SER A 660 3.27 -51.07 40.19
CA SER A 660 3.72 -52.46 40.29
C SER A 660 3.35 -53.27 39.06
N VAL A 661 2.14 -53.07 38.54
CA VAL A 661 1.69 -53.82 37.38
C VAL A 661 2.24 -53.19 36.11
N LEU A 662 2.82 -54.02 35.24
CA LEU A 662 3.36 -53.60 33.97
C LEU A 662 2.53 -54.23 32.85
N ARG A 663 2.01 -53.38 31.96
CA ARG A 663 1.09 -53.79 30.91
C ARG A 663 1.63 -53.38 29.55
N SER A 664 1.06 -53.99 28.52
CA SER A 664 1.50 -53.72 27.15
C SER A 664 1.00 -52.36 26.68
N PRO A 665 1.86 -51.48 26.17
CA PRO A 665 1.38 -50.18 25.70
C PRO A 665 0.72 -50.25 24.33
N MET A 666 1.21 -51.09 23.43
CA MET A 666 0.71 -51.14 22.06
C MET A 666 0.62 -52.59 21.62
N PRO A 667 -0.23 -52.88 20.62
CA PRO A 667 -0.30 -54.24 20.09
C PRO A 667 1.03 -54.67 19.48
N GLY A 668 1.32 -55.95 19.58
CA GLY A 668 2.55 -56.48 19.03
C GLY A 668 2.74 -57.93 19.44
N VAL A 669 3.95 -58.42 19.18
CA VAL A 669 4.32 -59.79 19.51
C VAL A 669 5.49 -59.76 20.49
N VAL A 670 5.39 -60.54 21.56
CA VAL A 670 6.42 -60.56 22.60
C VAL A 670 7.63 -61.30 22.04
N VAL A 671 8.71 -60.56 21.75
CA VAL A 671 9.92 -61.19 21.24
C VAL A 671 10.58 -62.04 22.31
N ALA A 672 10.70 -61.49 23.52
CA ALA A 672 11.35 -62.21 24.61
C ALA A 672 10.92 -61.62 25.93
N VAL A 673 11.07 -62.42 26.99
CA VAL A 673 10.81 -61.99 28.36
C VAL A 673 12.08 -62.21 29.16
N SER A 674 12.56 -61.16 29.82
CA SER A 674 13.83 -61.19 30.52
C SER A 674 13.70 -61.45 32.00
N VAL A 675 12.49 -61.65 32.52
CA VAL A 675 12.28 -61.85 33.95
C VAL A 675 11.39 -63.07 34.17
N LYS A 676 11.56 -63.69 35.32
CA LYS A 676 10.75 -64.81 35.78
C LYS A 676 10.32 -64.55 37.21
N PRO A 677 9.26 -65.21 37.67
CA PRO A 677 8.79 -64.96 39.05
C PRO A 677 9.91 -65.19 40.05
N GLY A 678 10.00 -64.29 41.02
CA GLY A 678 11.03 -64.34 42.03
C GLY A 678 12.32 -63.62 41.65
N ASP A 679 12.44 -63.14 40.42
CA ASP A 679 13.64 -62.43 40.01
C ASP A 679 13.62 -60.99 40.50
N ALA A 680 14.81 -60.42 40.66
CA ALA A 680 14.98 -59.05 41.11
C ALA A 680 15.13 -58.13 39.90
N VAL A 681 14.32 -57.08 39.87
CA VAL A 681 14.33 -56.12 38.77
C VAL A 681 14.57 -54.73 39.33
N ALA A 682 15.58 -54.05 38.81
CA ALA A 682 15.84 -52.67 39.18
C ALA A 682 15.00 -51.73 38.32
N GLU A 683 14.71 -50.55 38.87
CA GLU A 683 13.93 -49.56 38.12
C GLU A 683 14.64 -49.22 36.83
N GLY A 684 13.88 -49.16 35.74
CA GLY A 684 14.43 -48.96 34.42
C GLY A 684 15.01 -50.18 33.78
N GLN A 685 14.88 -51.35 34.39
CA GLN A 685 15.41 -52.59 33.84
C GLN A 685 14.35 -53.23 32.95
N GLU A 686 14.77 -53.70 31.77
CA GLU A 686 13.84 -54.29 30.82
C GLU A 686 13.19 -55.53 31.39
N ILE A 687 11.88 -55.64 31.23
CA ILE A 687 11.12 -56.82 31.63
C ILE A 687 10.79 -57.69 30.43
N CYS A 688 10.39 -57.07 29.32
CA CYS A 688 10.09 -57.80 28.10
C CYS A 688 10.25 -56.85 26.92
N VAL A 689 10.32 -57.43 25.73
CA VAL A 689 10.44 -56.68 24.48
C VAL A 689 9.26 -57.04 23.59
N ILE A 690 8.61 -56.03 23.03
CA ILE A 690 7.45 -56.22 22.16
C ILE A 690 7.79 -55.64 20.79
N GLU A 691 7.52 -56.42 19.75
CA GLU A 691 7.81 -56.04 18.37
C GLU A 691 6.52 -55.65 17.68
N ALA A 692 6.55 -54.53 16.96
CA ALA A 692 5.43 -54.06 16.15
C ALA A 692 5.98 -53.17 15.05
N MET A 693 5.72 -53.54 13.80
CA MET A 693 6.24 -52.80 12.64
C MET A 693 7.76 -52.81 12.62
N LYS A 694 8.28 -53.98 13.18
CA LYS A 694 9.73 -54.20 13.27
C LYS A 694 10.44 -52.99 13.86
N MET A 695 10.16 -52.63 15.23
CA MET A 695 10.77 -51.56 16.02
C MET A 695 11.28 -52.05 17.36
N GLN A 696 11.07 -53.31 17.72
CA GLN A 696 11.64 -53.89 18.92
C GLN A 696 11.41 -53.01 20.15
N ASN A 697 10.13 -52.72 20.41
CA ASN A 697 9.79 -51.87 21.55
C ASN A 697 10.17 -52.58 22.86
N SER A 698 10.66 -51.80 23.81
CA SER A 698 11.18 -52.32 25.06
C SER A 698 10.31 -51.85 26.23
N MET A 699 9.89 -52.79 27.06
CA MET A 699 9.16 -52.49 28.28
C MET A 699 10.11 -52.53 29.48
N THR A 700 10.02 -51.51 30.33
CA THR A 700 10.93 -51.36 31.45
C THR A 700 10.18 -51.49 32.77
N ALA A 701 10.88 -52.02 33.77
CA ALA A 701 10.29 -52.16 35.09
C ALA A 701 10.01 -50.80 35.70
N GLY A 702 8.82 -50.66 36.29
CA GLY A 702 8.43 -49.39 36.88
C GLY A 702 9.29 -49.01 38.08
N LYS A 703 9.69 -50.00 38.87
CA LYS A 703 10.43 -49.75 40.09
C LYS A 703 11.25 -50.99 40.44
N THR A 704 12.22 -50.81 41.32
CA THR A 704 12.99 -51.94 41.81
C THR A 704 12.09 -52.88 42.61
N GLY A 705 12.26 -54.17 42.39
CA GLY A 705 11.44 -55.14 43.09
C GLY A 705 11.64 -56.53 42.51
N THR A 706 10.65 -57.38 42.77
CA THR A 706 10.67 -58.77 42.33
C THR A 706 9.46 -59.04 41.46
N VAL A 707 9.44 -60.20 40.81
CA VAL A 707 8.36 -60.58 39.91
C VAL A 707 7.38 -61.46 40.67
N LYS A 708 6.25 -60.88 41.07
CA LYS A 708 5.20 -61.70 41.68
C LYS A 708 4.65 -62.71 40.68
N SER A 709 4.46 -62.30 39.44
CA SER A 709 3.94 -63.19 38.42
C SER A 709 4.26 -62.62 37.04
N VAL A 710 4.50 -63.52 36.10
CA VAL A 710 4.72 -63.18 34.70
C VAL A 710 3.54 -63.70 33.90
N HIS A 711 2.79 -62.80 33.30
CA HIS A 711 1.57 -63.13 32.58
C HIS A 711 1.77 -63.23 31.07
N CYS A 712 3.01 -63.14 30.60
CA CYS A 712 3.28 -63.12 29.17
C CYS A 712 4.34 -64.17 28.83
N GLN A 713 4.32 -64.61 27.58
CA GLN A 713 5.27 -65.58 27.06
C GLN A 713 5.76 -65.12 25.68
N ALA A 714 6.96 -65.56 25.33
CA ALA A 714 7.52 -65.20 24.04
C ALA A 714 6.68 -65.77 22.91
N GLY A 715 6.53 -64.98 21.85
CA GLY A 715 5.74 -65.39 20.70
C GLY A 715 4.25 -65.19 20.82
N ASP A 716 3.78 -64.56 21.89
CA ASP A 716 2.36 -64.33 22.11
C ASP A 716 1.99 -62.93 21.65
N THR A 717 0.88 -62.83 20.92
CA THR A 717 0.42 -61.56 20.38
C THR A 717 -0.35 -60.81 21.46
N VAL A 718 0.31 -59.87 22.11
CA VAL A 718 -0.33 -59.08 23.16
C VAL A 718 -1.07 -57.90 22.55
N GLY A 719 -1.96 -57.31 23.35
CA GLY A 719 -2.71 -56.14 22.94
C GLY A 719 -2.52 -55.00 23.93
N GLU A 720 -2.94 -53.82 23.50
CA GLU A 720 -2.82 -52.64 24.35
C GLU A 720 -3.62 -52.82 25.64
N GLY A 721 -3.08 -52.29 26.73
CA GLY A 721 -3.73 -52.42 28.02
C GLY A 721 -3.86 -53.85 28.49
N ASP A 722 -2.86 -54.68 28.18
CA ASP A 722 -2.84 -56.08 28.58
C ASP A 722 -1.75 -56.29 29.62
N LEU A 723 -2.11 -56.92 30.74
CA LEU A 723 -1.14 -57.16 31.80
C LEU A 723 0.00 -58.03 31.29
N LEU A 724 1.22 -57.59 31.56
CA LEU A 724 2.43 -58.32 31.17
C LEU A 724 3.16 -58.92 32.36
N VAL A 725 3.30 -58.18 33.46
CA VAL A 725 4.03 -58.65 34.63
C VAL A 725 3.51 -57.94 35.86
N GLU A 726 3.77 -58.52 37.03
CA GLU A 726 3.42 -57.92 38.31
C GLU A 726 4.68 -57.80 39.16
N LEU A 727 4.86 -56.65 39.78
CA LEU A 727 5.95 -56.41 40.72
C LEU A 727 5.37 -56.12 42.09
N GLU A 728 6.09 -56.52 43.14
CA GLU A 728 5.62 -56.29 44.50
C GLU A 728 5.60 -54.79 44.80
N ASN B 59 53.78 56.09 25.96
CA ASN B 59 54.03 57.49 26.40
C ASN B 59 55.33 57.98 25.77
N GLU B 60 56.02 57.10 25.05
CA GLU B 60 57.25 57.51 24.33
C GLU B 60 56.88 57.76 22.86
N LYS B 61 57.14 58.99 22.38
CA LYS B 61 56.84 59.32 20.96
C LYS B 61 57.73 58.45 20.07
N THR B 62 57.19 57.98 18.95
CA THR B 62 57.96 57.08 18.04
C THR B 62 57.46 57.34 16.63
N PHE B 63 58.10 56.77 15.61
CA PHE B 63 57.57 56.96 14.24
C PHE B 63 56.11 56.49 14.23
N ASP B 64 55.21 57.29 13.64
CA ASP B 64 53.76 56.93 13.58
C ASP B 64 53.55 55.67 12.74
N LYS B 65 54.26 55.56 11.61
CA LYS B 65 54.09 54.39 10.71
C LYS B 65 55.46 53.93 10.21
N ILE B 66 55.68 52.61 10.07
CA ILE B 66 56.97 52.06 9.59
C ILE B 66 56.73 51.09 8.43
N LEU B 67 57.60 51.10 7.42
CA LEU B 67 57.48 50.12 6.31
C LEU B 67 58.53 49.03 6.54
N VAL B 68 58.10 47.77 6.62
CA VAL B 68 59.05 46.64 6.81
C VAL B 68 59.34 46.04 5.43
N ALA B 69 60.54 46.23 4.92
CA ALA B 69 60.90 45.70 3.59
C ALA B 69 61.48 44.31 3.71
N ASN B 70 60.68 43.33 4.11
CA ASN B 70 61.19 41.93 4.18
C ASN B 70 60.02 40.95 4.12
N ARG B 71 60.29 39.66 3.88
CA ARG B 71 59.25 38.62 3.82
C ARG B 71 59.64 37.53 4.83
N GLY B 72 58.69 36.68 5.21
CA GLY B 72 59.05 35.55 6.09
C GLY B 72 58.92 35.88 7.57
N GLU B 73 59.62 35.12 8.41
CA GLU B 73 59.45 35.27 9.87
C GLU B 73 59.87 36.66 10.33
N ILE B 74 60.93 37.24 9.76
CA ILE B 74 61.45 38.54 10.28
C ILE B 74 60.37 39.60 10.14
N ALA B 75 59.64 39.60 9.03
CA ALA B 75 58.64 40.65 8.81
C ALA B 75 57.59 40.54 9.91
N CYS B 76 57.17 39.32 10.20
CA CYS B 76 56.15 39.12 11.25
C CYS B 76 56.72 39.55 12.60
N ARG B 77 57.98 39.21 12.85
CA ARG B 77 58.59 39.52 14.17
C ARG B 77 58.60 41.03 14.37
N VAL B 78 59.01 41.77 13.34
CA VAL B 78 59.09 43.26 13.47
C VAL B 78 57.68 43.79 13.67
N ILE B 79 56.72 43.27 12.91
CA ILE B 79 55.33 43.83 12.97
C ILE B 79 54.80 43.63 14.39
N ARG B 80 55.12 42.51 15.02
CA ARG B 80 54.55 42.24 16.36
C ARG B 80 55.05 43.34 17.29
N THR B 81 56.33 43.67 17.21
CA THR B 81 56.91 44.73 18.09
C THR B 81 56.25 46.07 17.78
N CYS B 82 56.04 46.37 16.50
CA CYS B 82 55.50 47.70 16.16
C CYS B 82 54.10 47.85 16.76
N LYS B 83 53.29 46.79 16.66
CA LYS B 83 51.93 46.82 17.24
C LYS B 83 52.07 46.98 18.75
N LYS B 84 53.06 46.31 19.33
CA LYS B 84 53.28 46.40 20.80
C LYS B 84 53.57 47.86 21.15
N MET B 85 54.36 48.55 20.32
CA MET B 85 54.78 49.94 20.62
C MET B 85 53.74 50.93 20.07
N GLY B 86 52.73 50.44 19.36
CA GLY B 86 51.66 51.32 18.83
C GLY B 86 51.99 51.90 17.47
N ILE B 87 53.19 51.63 16.95
CA ILE B 87 53.57 52.11 15.59
C ILE B 87 52.69 51.39 14.55
N LYS B 88 52.14 52.12 13.59
CA LYS B 88 51.36 51.49 12.49
C LYS B 88 52.35 50.81 11.55
N THR B 89 51.91 49.82 10.79
CA THR B 89 52.90 49.08 9.97
C THR B 89 52.47 48.99 8.51
N VAL B 90 53.44 48.93 7.60
CA VAL B 90 53.14 48.71 6.16
C VAL B 90 54.08 47.60 5.71
N ALA B 91 53.64 46.74 4.79
CA ALA B 91 54.48 45.59 4.39
C ALA B 91 54.61 45.52 2.87
N ILE B 92 55.67 44.91 2.39
CA ILE B 92 55.90 44.79 0.92
C ILE B 92 55.86 43.31 0.57
N HIS B 93 55.14 42.97 -0.49
CA HIS B 93 55.01 41.54 -0.86
C HIS B 93 55.21 41.37 -2.36
N SER B 94 55.76 40.24 -2.77
CA SER B 94 55.85 39.97 -4.22
C SER B 94 54.44 39.53 -4.66
N ASP B 95 54.31 39.02 -5.87
CA ASP B 95 52.96 38.52 -6.25
C ASP B 95 52.60 37.24 -5.51
N VAL B 96 53.53 36.29 -5.39
CA VAL B 96 53.23 34.97 -4.77
C VAL B 96 52.96 35.09 -3.26
N ASP B 97 53.42 36.16 -2.61
CA ASP B 97 53.29 36.26 -1.13
C ASP B 97 52.09 37.14 -0.76
N ALA B 98 51.11 37.26 -1.63
CA ALA B 98 49.98 38.18 -1.38
C ALA B 98 49.21 37.83 -0.11
N SER B 99 49.04 36.54 0.18
CA SER B 99 48.22 36.12 1.35
C SER B 99 49.12 35.70 2.52
N SER B 100 50.41 36.00 2.46
CA SER B 100 51.36 35.53 3.50
C SER B 100 51.04 36.17 4.84
N VAL B 101 51.49 35.56 5.93
CA VAL B 101 51.10 36.05 7.29
C VAL B 101 51.52 37.50 7.43
N HIS B 102 52.70 37.87 6.92
CA HIS B 102 53.15 39.27 7.14
C HIS B 102 52.14 40.25 6.50
N VAL B 103 51.67 39.95 5.29
CA VAL B 103 50.74 40.86 4.58
C VAL B 103 49.46 40.97 5.40
N LYS B 104 48.96 39.83 5.89
CA LYS B 104 47.74 39.81 6.71
C LYS B 104 48.02 40.58 8.01
N MET B 105 49.19 40.37 8.60
CA MET B 105 49.54 41.02 9.87
C MET B 105 49.66 42.53 9.69
N ALA B 106 50.21 43.00 8.57
CA ALA B 106 50.46 44.45 8.38
C ALA B 106 49.15 45.24 8.36
N ASP B 107 49.16 46.46 8.91
CA ASP B 107 47.96 47.34 8.84
C ASP B 107 47.68 47.67 7.37
N GLU B 108 48.73 47.94 6.58
CA GLU B 108 48.55 48.20 5.12
C GLU B 108 49.60 47.38 4.38
N ALA B 109 49.35 47.04 3.11
CA ALA B 109 50.35 46.31 2.31
C ALA B 109 50.40 46.86 0.88
N VAL B 110 51.57 46.80 0.23
CA VAL B 110 51.71 47.25 -1.19
C VAL B 110 52.47 46.18 -1.96
N CYS B 111 51.98 45.78 -3.13
CA CYS B 111 52.77 44.88 -4.01
C CYS B 111 53.99 45.64 -4.54
N VAL B 112 55.14 44.99 -4.61
CA VAL B 112 56.38 45.65 -5.11
C VAL B 112 56.91 44.93 -6.34
N GLY B 113 56.17 43.96 -6.88
CA GLY B 113 56.67 43.39 -8.14
C GLY B 113 56.48 41.91 -8.33
N PRO B 114 57.15 41.31 -9.35
CA PRO B 114 57.02 39.89 -9.65
C PRO B 114 57.67 38.97 -8.62
N ALA B 115 57.39 37.67 -8.71
CA ALA B 115 57.88 36.72 -7.69
C ALA B 115 59.41 36.67 -7.55
N PRO B 116 60.25 36.67 -8.60
CA PRO B 116 61.70 36.55 -8.37
C PRO B 116 62.18 37.67 -7.43
N THR B 117 63.09 37.36 -6.50
CA THR B 117 63.54 38.33 -5.47
C THR B 117 64.20 39.55 -6.11
N SER B 118 64.98 39.33 -7.17
CA SER B 118 65.70 40.45 -7.82
C SER B 118 64.67 41.46 -8.32
N LYS B 119 63.53 40.98 -8.81
CA LYS B 119 62.50 41.88 -9.39
C LYS B 119 61.54 42.39 -8.30
N SER B 120 61.73 41.99 -7.05
CA SER B 120 60.75 42.38 -6.00
C SER B 120 61.45 43.00 -4.78
N TYR B 121 62.09 42.18 -3.94
CA TYR B 121 62.70 42.68 -2.69
C TYR B 121 63.90 43.56 -3.03
N LEU B 122 64.65 43.18 -4.06
CA LEU B 122 65.87 43.94 -4.44
C LEU B 122 65.51 45.06 -5.43
N ASN B 123 64.23 45.20 -5.79
CA ASN B 123 63.83 46.34 -6.67
C ASN B 123 63.56 47.54 -5.76
N MET B 124 64.57 48.39 -5.57
CA MET B 124 64.44 49.56 -4.65
C MET B 124 63.40 50.54 -5.19
N ASP B 125 63.35 50.71 -6.51
CA ASP B 125 62.46 51.75 -7.09
C ASP B 125 61.03 51.46 -6.67
N ALA B 126 60.63 50.20 -6.75
CA ALA B 126 59.23 49.86 -6.42
C ALA B 126 58.98 50.16 -4.95
N ILE B 127 59.94 49.80 -4.10
CA ILE B 127 59.81 50.07 -2.64
C ILE B 127 59.76 51.58 -2.42
N MET B 128 60.60 52.33 -3.13
CA MET B 128 60.67 53.79 -2.90
C MET B 128 59.31 54.40 -3.21
N GLU B 129 58.70 53.98 -4.32
CA GLU B 129 57.38 54.53 -4.71
C GLU B 129 56.39 54.18 -3.61
N ALA B 130 56.50 52.96 -3.07
CA ALA B 130 55.60 52.52 -2.00
C ALA B 130 55.76 53.40 -0.77
N ILE B 131 57.01 53.72 -0.42
CA ILE B 131 57.28 54.56 0.79
C ILE B 131 56.64 55.92 0.57
N LYS B 132 56.80 56.47 -0.63
CA LYS B 132 56.21 57.79 -0.95
C LYS B 132 54.69 57.68 -0.86
N LYS B 133 54.15 56.59 -1.41
CA LYS B 133 52.68 56.38 -1.42
C LYS B 133 52.17 56.27 0.01
N THR B 134 52.90 55.56 0.87
CA THR B 134 52.40 55.32 2.24
C THR B 134 52.81 56.44 3.20
N ARG B 135 53.61 57.40 2.74
CA ARG B 135 54.10 58.45 3.67
C ARG B 135 54.81 57.74 4.83
N ALA B 136 55.52 56.64 4.51
CA ALA B 136 56.25 55.86 5.54
C ALA B 136 57.29 56.73 6.24
N GLN B 137 57.18 56.90 7.56
CA GLN B 137 58.20 57.66 8.33
C GLN B 137 59.55 56.94 8.37
N ALA B 138 59.57 55.61 8.55
CA ALA B 138 60.85 54.88 8.73
C ALA B 138 60.83 53.52 8.03
N VAL B 139 62.01 52.96 7.74
CA VAL B 139 62.10 51.63 7.08
C VAL B 139 62.97 50.68 7.91
N HIS B 140 62.48 49.48 8.20
CA HIS B 140 63.31 48.46 8.91
C HIS B 140 63.66 47.39 7.87
N PRO B 141 64.94 47.13 7.58
CA PRO B 141 65.30 46.20 6.51
C PRO B 141 65.43 44.74 6.94
N GLY B 142 65.25 44.46 8.23
CA GLY B 142 65.42 43.09 8.74
C GLY B 142 66.82 42.58 8.46
N TYR B 143 66.94 41.40 7.87
CA TYR B 143 68.27 40.83 7.54
C TYR B 143 68.24 40.26 6.12
N GLY B 144 69.38 40.28 5.44
CA GLY B 144 69.41 39.83 4.03
C GLY B 144 68.87 40.94 3.14
N PHE B 145 68.74 40.67 1.84
CA PHE B 145 68.10 41.68 0.95
C PHE B 145 68.81 43.02 1.05
N LEU B 146 68.07 44.09 1.33
CA LEU B 146 68.66 45.46 1.35
C LEU B 146 68.92 45.97 2.77
N SER B 147 69.41 45.12 3.69
CA SER B 147 69.81 45.62 5.03
C SER B 147 71.14 46.36 4.89
N GLU B 148 72.06 45.83 4.08
CA GLU B 148 73.43 46.41 3.96
C GLU B 148 73.61 47.19 2.65
N ASN B 149 72.53 47.48 1.90
CA ASN B 149 72.73 48.17 0.59
C ASN B 149 72.84 49.68 0.83
N LYS B 150 73.98 50.28 0.47
CA LYS B 150 74.20 51.72 0.73
C LYS B 150 73.19 52.56 -0.07
N GLU B 151 72.94 52.16 -1.32
CA GLU B 151 72.20 53.02 -2.26
C GLU B 151 70.80 53.28 -1.69
N PHE B 152 70.20 52.24 -1.11
CA PHE B 152 68.82 52.37 -0.56
C PHE B 152 68.82 53.43 0.55
N ALA B 153 69.85 53.42 1.41
CA ALA B 153 69.91 54.37 2.54
C ALA B 153 69.98 55.79 1.98
N ARG B 154 70.74 55.97 0.90
CA ARG B 154 70.87 57.31 0.28
C ARG B 154 69.51 57.77 -0.21
N CYS B 155 68.76 56.88 -0.85
CA CYS B 155 67.43 57.24 -1.39
C CYS B 155 66.51 57.59 -0.22
N LEU B 156 66.62 56.82 0.87
CA LEU B 156 65.79 57.10 2.06
C LEU B 156 66.17 58.47 2.60
N ALA B 157 67.47 58.75 2.64
CA ALA B 157 67.96 60.05 3.17
C ALA B 157 67.43 61.16 2.27
N ALA B 158 67.43 60.93 0.96
CA ALA B 158 66.95 61.96 0.00
C ALA B 158 65.48 62.25 0.31
N GLU B 159 64.71 61.22 0.64
CA GLU B 159 63.26 61.41 0.89
C GLU B 159 63.01 61.61 2.39
N ASP B 160 64.09 61.79 3.16
CA ASP B 160 63.95 62.04 4.63
C ASP B 160 63.23 60.88 5.31
N VAL B 161 63.56 59.65 4.94
CA VAL B 161 63.01 58.43 5.60
C VAL B 161 64.11 57.84 6.49
N VAL B 162 63.84 57.70 7.79
CA VAL B 162 64.84 57.13 8.74
C VAL B 162 65.11 55.68 8.36
N PHE B 163 66.37 55.25 8.39
CA PHE B 163 66.68 53.83 8.16
C PHE B 163 67.03 53.21 9.51
N ILE B 164 66.36 52.12 9.87
CA ILE B 164 66.59 51.56 11.24
C ILE B 164 67.77 50.60 11.12
N GLY B 165 68.96 51.07 11.51
CA GLY B 165 70.18 50.25 11.37
C GLY B 165 71.38 51.14 11.58
N PRO B 166 72.62 50.69 11.27
CA PRO B 166 73.78 51.57 11.37
C PRO B 166 74.02 52.46 10.13
N ASP B 167 75.00 53.36 10.20
CA ASP B 167 75.36 54.27 9.07
C ASP B 167 76.06 53.51 7.95
N THR B 168 76.04 54.04 6.73
CA THR B 168 76.64 53.34 5.56
C THR B 168 78.14 53.16 5.77
N HIS B 169 78.81 54.16 6.36
CA HIS B 169 80.27 54.07 6.54
C HIS B 169 80.58 52.89 7.46
N ALA B 170 79.80 52.73 8.54
CA ALA B 170 80.06 51.65 9.49
C ALA B 170 79.87 50.31 8.76
N ILE B 171 78.82 50.22 7.95
CA ILE B 171 78.56 48.97 7.18
C ILE B 171 79.70 48.75 6.18
N GLN B 172 80.11 49.80 5.47
CA GLN B 172 81.17 49.68 4.43
C GLN B 172 82.51 49.33 5.09
N ALA B 173 82.80 49.92 6.25
CA ALA B 173 84.12 49.70 6.87
C ALA B 173 84.27 48.21 7.18
N MET B 174 83.23 47.62 7.75
CA MET B 174 83.25 46.17 8.05
C MET B 174 83.19 45.40 6.72
N GLY B 175 82.56 46.00 5.70
CA GLY B 175 82.44 45.34 4.38
C GLY B 175 83.81 45.08 3.79
N ASP B 176 84.76 46.01 3.97
CA ASP B 176 86.15 45.76 3.49
C ASP B 176 86.90 44.90 4.51
N LYS B 177 87.38 43.74 4.07
CA LYS B 177 88.22 42.82 4.88
C LYS B 177 89.55 43.47 5.25
N ILE B 178 90.19 44.15 4.30
CA ILE B 178 91.54 44.73 4.57
C ILE B 178 91.47 45.82 5.63
N GLU B 179 90.48 46.71 5.56
CA GLU B 179 90.39 47.85 6.51
C GLU B 179 89.91 47.33 7.86
N SER B 180 88.85 46.52 7.85
CA SER B 180 88.30 45.92 9.07
C SER B 180 89.39 45.41 10.01
N LYS B 181 90.46 44.78 9.49
CA LYS B 181 91.59 44.32 10.31
C LYS B 181 92.40 45.46 10.89
N LEU B 182 92.67 46.51 10.11
CA LEU B 182 93.37 47.69 10.60
C LEU B 182 92.57 48.38 11.71
N LEU B 183 91.24 48.45 11.56
CA LEU B 183 90.34 48.97 12.60
C LEU B 183 90.32 48.08 13.84
N ALA B 184 90.26 46.76 13.67
CA ALA B 184 90.34 45.80 14.76
C ALA B 184 91.66 45.95 15.55
N LYS B 185 92.81 46.03 14.86
CA LYS B 185 94.11 46.29 15.50
C LYS B 185 94.15 47.61 16.24
N LYS B 186 93.64 48.69 15.64
CA LYS B 186 93.57 50.00 16.27
C LYS B 186 92.65 50.02 17.50
N ALA B 187 91.60 49.19 17.48
CA ALA B 187 90.71 49.09 18.66
C ALA B 187 91.37 48.13 19.65
N GLU B 188 92.52 47.56 19.28
CA GLU B 188 93.26 46.61 20.15
C GLU B 188 92.43 45.35 20.40
N VAL B 189 91.57 44.96 19.46
CA VAL B 189 90.83 43.68 19.58
C VAL B 189 91.79 42.57 19.15
N ASN B 190 91.57 41.33 19.57
CA ASN B 190 92.52 40.23 19.25
C ASN B 190 92.87 40.28 17.76
N THR B 191 94.16 40.32 17.46
CA THR B 191 94.62 40.52 16.05
C THR B 191 94.24 39.37 15.12
N ILE B 192 93.95 39.71 13.85
CA ILE B 192 93.69 38.68 12.81
C ILE B 192 94.55 39.08 11.61
N PRO B 193 95.90 39.02 11.67
CA PRO B 193 96.75 39.50 10.56
C PRO B 193 96.75 38.66 9.28
N GLY B 194 96.86 39.32 8.13
CA GLY B 194 96.96 38.59 6.84
C GLY B 194 98.31 38.88 6.18
N PHE B 195 99.01 37.85 5.72
CA PHE B 195 100.38 38.06 5.16
C PHE B 195 100.38 37.87 3.63
N ASP B 196 100.42 38.97 2.88
CA ASP B 196 100.46 38.91 1.39
C ASP B 196 101.81 38.34 0.90
N GLY B 197 102.92 38.72 1.55
CA GLY B 197 104.27 38.31 1.09
C GLY B 197 104.63 36.87 1.44
N VAL B 198 105.78 36.40 0.95
CA VAL B 198 106.23 35.00 1.20
C VAL B 198 107.12 34.93 2.46
N VAL B 199 107.15 33.78 3.13
CA VAL B 199 107.95 33.56 4.37
C VAL B 199 109.34 33.12 3.90
N LYS B 200 110.41 33.89 4.21
CA LYS B 200 111.75 33.57 3.67
C LYS B 200 112.47 32.49 4.47
N ASP B 201 112.42 32.55 5.78
CA ASP B 201 113.17 31.67 6.68
C ASP B 201 112.44 31.42 8.00
N ALA B 202 112.97 30.50 8.81
CA ALA B 202 112.37 30.07 10.06
C ALA B 202 112.30 31.19 11.12
N GLU B 203 113.20 32.17 11.12
CA GLU B 203 113.17 33.26 12.09
C GLU B 203 112.15 34.34 11.68
N GLU B 204 112.03 34.61 10.37
CA GLU B 204 110.92 35.40 9.85
C GLU B 204 109.57 34.73 10.13
N ALA B 205 109.50 33.40 10.04
CA ALA B 205 108.30 32.64 10.40
C ALA B 205 107.89 32.87 11.86
N VAL B 206 108.84 32.82 12.81
CA VAL B 206 108.59 33.09 14.24
C VAL B 206 108.16 34.54 14.47
N ARG B 207 108.81 35.51 13.80
CA ARG B 207 108.40 36.92 13.90
C ARG B 207 106.94 37.11 13.48
N ILE B 208 106.57 36.58 12.32
CA ILE B 208 105.21 36.64 11.77
C ILE B 208 104.23 35.89 12.67
N ALA B 209 104.59 34.71 13.18
CA ALA B 209 103.72 33.93 14.06
C ALA B 209 103.39 34.67 15.37
N ARG B 210 104.37 35.37 15.95
CA ARG B 210 104.16 36.23 17.13
C ARG B 210 103.28 37.44 16.84
N GLU B 211 103.37 38.03 15.64
CA GLU B 211 102.52 39.15 15.21
C GLU B 211 101.05 38.71 14.99
N ILE B 212 100.83 37.52 14.42
CA ILE B 212 99.49 36.94 14.21
C ILE B 212 98.87 36.43 15.53
N GLY B 213 99.71 35.84 16.40
CA GLY B 213 99.34 35.16 17.62
C GLY B 213 99.07 33.66 17.43
N TYR B 214 99.60 32.84 18.35
CA TYR B 214 99.44 31.39 18.34
C TYR B 214 98.02 30.91 18.69
N PRO B 215 97.61 29.71 18.21
CA PRO B 215 98.31 28.87 17.23
C PRO B 215 98.27 29.43 15.79
N VAL B 216 99.28 29.10 15.00
CA VAL B 216 99.36 29.45 13.57
C VAL B 216 99.40 28.20 12.70
N MET B 217 99.00 28.35 11.44
CA MET B 217 99.06 27.33 10.42
C MET B 217 100.06 27.76 9.35
N ILE B 218 101.07 26.93 9.14
CA ILE B 218 102.07 27.04 8.08
C ILE B 218 101.55 26.26 6.88
N LYS B 219 101.49 26.87 5.69
CA LYS B 219 100.92 26.26 4.47
C LYS B 219 101.84 26.46 3.26
N ALA B 220 101.99 25.41 2.45
CA ALA B 220 102.60 25.54 1.12
C ALA B 220 101.77 26.42 0.17
N SER B 221 102.45 27.30 -0.58
CA SER B 221 101.83 28.17 -1.58
C SER B 221 101.27 27.38 -2.76
N ALA B 222 101.97 26.31 -3.17
CA ALA B 222 101.52 25.35 -4.17
C ALA B 222 100.97 24.08 -3.52
N GLY B 223 100.18 23.31 -4.27
CA GLY B 223 99.64 22.02 -3.83
C GLY B 223 98.30 22.08 -3.09
N GLY B 224 97.71 20.92 -2.83
CA GLY B 224 96.40 20.74 -2.20
C GLY B 224 96.31 19.45 -1.36
N GLY B 225 95.19 19.25 -0.67
CA GLY B 225 94.94 18.04 0.14
C GLY B 225 95.67 18.00 1.50
N GLY B 226 96.29 19.10 1.92
CA GLY B 226 96.96 19.23 3.22
C GLY B 226 98.40 18.76 3.31
N LYS B 227 99.00 18.34 2.20
CA LYS B 227 100.46 18.19 2.08
C LYS B 227 101.16 19.54 2.27
N GLY B 228 102.23 19.59 3.04
CA GLY B 228 102.95 20.81 3.39
C GLY B 228 102.16 21.78 4.28
N MET B 229 101.20 21.28 5.08
CA MET B 229 100.51 22.07 6.11
C MET B 229 100.86 21.58 7.52
N ARG B 230 101.20 22.51 8.43
CA ARG B 230 101.48 22.20 9.84
C ARG B 230 100.93 23.26 10.78
N ILE B 231 100.42 22.82 11.92
CA ILE B 231 100.01 23.69 13.03
C ILE B 231 101.21 23.89 13.93
N ALA B 232 101.46 25.12 14.36
CA ALA B 232 102.46 25.47 15.35
C ALA B 232 101.81 26.23 16.51
N TRP B 233 102.05 25.74 17.73
CA TRP B 233 101.51 26.28 18.98
C TRP B 233 102.49 27.23 19.69
N ASP B 234 103.77 27.17 19.34
CA ASP B 234 104.82 28.02 19.90
C ASP B 234 105.96 28.28 18.89
N ASP B 235 107.00 28.99 19.34
CA ASP B 235 108.14 29.38 18.52
C ASP B 235 108.96 28.17 18.04
N GLU B 236 109.14 27.13 18.85
CA GLU B 236 109.94 25.95 18.49
C GLU B 236 109.21 25.11 17.46
N GLU B 237 107.92 24.86 17.67
CA GLU B 237 107.08 24.19 16.67
C GLU B 237 106.99 25.00 15.37
N THR B 238 107.09 26.32 15.45
CA THR B 238 107.10 27.14 14.21
C THR B 238 108.41 26.86 13.45
N ARG B 239 109.55 26.87 14.15
CA ARG B 239 110.86 26.71 13.47
C ARG B 239 110.93 25.34 12.79
N ASP B 240 110.47 24.28 13.46
CA ASP B 240 110.47 22.92 12.88
C ASP B 240 109.37 22.83 11.80
N GLY B 241 108.16 23.31 12.11
CA GLY B 241 107.06 23.32 11.18
C GLY B 241 107.43 23.98 9.84
N PHE B 242 108.12 25.12 9.86
CA PHE B 242 108.58 25.81 8.66
C PHE B 242 109.61 24.97 7.89
N ARG B 243 110.63 24.47 8.59
CA ARG B 243 111.69 23.64 8.00
C ARG B 243 111.12 22.39 7.33
N LEU B 244 110.25 21.66 8.04
CA LEU B 244 109.64 20.43 7.53
C LEU B 244 108.68 20.71 6.37
N SER B 245 107.83 21.74 6.47
CA SER B 245 106.86 22.06 5.42
C SER B 245 107.54 22.55 4.14
N SER B 246 108.65 23.28 4.25
CA SER B 246 109.42 23.77 3.10
C SER B 246 110.07 22.59 2.36
N GLN B 247 110.66 21.63 3.08
CA GLN B 247 111.22 20.41 2.51
C GLN B 247 110.14 19.54 1.84
N GLU B 248 108.98 19.39 2.48
CA GLU B 248 107.85 18.64 1.93
C GLU B 248 107.27 19.31 0.68
N ALA B 249 107.14 20.65 0.67
CA ALA B 249 106.65 21.41 -0.46
C ALA B 249 107.63 21.39 -1.66
N ALA B 250 108.94 21.57 -1.39
CA ALA B 250 109.99 21.47 -2.41
C ALA B 250 110.03 20.08 -3.05
N SER B 251 109.96 19.02 -2.24
CA SER B 251 109.98 17.63 -2.74
C SER B 251 108.68 17.23 -3.45
N SER B 252 107.52 17.72 -3.00
CA SER B 252 106.21 17.33 -3.55
C SER B 252 105.78 18.18 -4.75
N PHE B 253 106.14 19.46 -4.78
CA PHE B 253 105.60 20.44 -5.73
C PHE B 253 106.67 21.23 -6.50
N GLY B 254 107.95 21.11 -6.14
CA GLY B 254 109.02 21.92 -6.72
C GLY B 254 108.90 23.41 -6.37
N ASP B 255 108.13 23.76 -5.35
CA ASP B 255 107.88 25.12 -4.88
C ASP B 255 108.02 25.14 -3.35
N ASP B 256 109.01 25.85 -2.84
CA ASP B 256 109.34 25.93 -1.42
C ASP B 256 108.68 27.12 -0.71
N ARG B 257 107.88 27.92 -1.43
CA ARG B 257 107.23 29.12 -0.89
C ARG B 257 106.15 28.73 0.14
N LEU B 258 106.27 29.27 1.34
CA LEU B 258 105.33 29.05 2.45
C LEU B 258 104.59 30.34 2.85
N LEU B 259 103.38 30.15 3.38
CA LEU B 259 102.48 31.15 3.93
C LEU B 259 102.20 30.82 5.40
N ILE B 260 102.06 31.84 6.26
CA ILE B 260 101.70 31.58 7.67
C ILE B 260 100.37 32.26 7.99
N GLU B 261 99.40 31.51 8.51
CA GLU B 261 98.07 32.07 8.88
C GLU B 261 97.79 31.63 10.31
N LYS B 262 96.90 32.32 11.02
CA LYS B 262 96.52 31.86 12.39
C LYS B 262 95.75 30.53 12.29
N PHE B 263 95.90 29.65 13.28
CA PHE B 263 95.09 28.39 13.31
C PHE B 263 94.21 28.43 14.56
N ILE B 264 93.05 27.76 14.51
CA ILE B 264 92.16 27.70 15.70
C ILE B 264 91.85 26.23 15.99
N ASP B 265 92.29 25.70 17.13
CA ASP B 265 91.90 24.32 17.52
C ASP B 265 90.40 24.32 17.75
N ASN B 266 89.70 23.24 17.36
CA ASN B 266 88.23 23.15 17.59
C ASN B 266 87.67 24.55 17.38
N PRO B 267 87.60 25.13 16.16
CA PRO B 267 87.20 26.53 16.02
C PRO B 267 85.72 26.74 16.33
N ARG B 268 85.39 26.77 17.62
CA ARG B 268 83.99 27.07 18.01
C ARG B 268 83.66 28.49 17.53
N HIS B 269 82.49 28.66 16.93
CA HIS B 269 82.08 30.01 16.45
C HIS B 269 81.30 30.66 17.59
N ILE B 270 81.92 31.63 18.26
CA ILE B 270 81.25 32.33 19.39
C ILE B 270 81.13 33.80 19.02
N GLU B 271 79.94 34.38 19.15
CA GLU B 271 79.73 35.78 18.71
C GLU B 271 79.11 36.60 19.83
N ILE B 272 79.47 37.87 19.94
CA ILE B 272 78.94 38.75 21.01
C ILE B 272 77.99 39.75 20.36
N GLN B 273 76.74 39.80 20.83
CA GLN B 273 75.80 40.82 20.30
C GLN B 273 76.19 42.16 20.89
N VAL B 274 76.06 43.24 20.11
CA VAL B 274 76.35 44.60 20.66
C VAL B 274 75.16 45.51 20.36
N LEU B 275 74.89 46.47 21.24
CA LEU B 275 73.81 47.47 20.99
C LEU B 275 74.44 48.86 21.03
N GLY B 276 74.17 49.70 20.03
CA GLY B 276 74.80 51.04 19.96
C GLY B 276 73.77 52.14 19.84
N ASP B 277 74.13 53.37 20.24
CA ASP B 277 73.19 54.52 20.17
C ASP B 277 73.91 55.72 19.55
N LYS B 278 73.15 56.69 19.06
CA LYS B 278 73.75 57.91 18.46
C LYS B 278 74.59 58.63 19.53
N HIS B 279 74.14 58.61 20.79
CA HIS B 279 74.84 59.30 21.89
C HIS B 279 76.23 58.72 22.10
N GLY B 280 76.49 57.54 21.54
CA GLY B 280 77.83 56.92 21.65
C GLY B 280 77.90 55.90 22.77
N ASN B 281 76.84 55.80 23.58
CA ASN B 281 76.81 54.75 24.63
C ASN B 281 76.67 53.38 23.93
N ALA B 282 77.30 52.34 24.48
CA ALA B 282 77.16 50.98 23.89
C ALA B 282 77.03 49.93 25.00
N LEU B 283 76.24 48.88 24.75
CA LEU B 283 76.08 47.77 25.73
C LEU B 283 76.41 46.46 25.01
N TRP B 284 77.15 45.56 25.68
CA TRP B 284 77.47 44.23 25.09
C TRP B 284 76.40 43.23 25.52
N LEU B 285 75.91 42.42 24.60
CA LEU B 285 74.96 41.37 25.04
C LEU B 285 75.79 40.09 25.16
N ASN B 286 75.31 39.12 25.92
CA ASN B 286 76.13 37.91 26.20
C ASN B 286 76.38 37.13 24.91
N GLU B 287 77.39 36.26 24.91
CA GLU B 287 77.80 35.55 23.67
C GLU B 287 76.77 34.53 23.20
N ARG B 288 76.91 34.06 21.96
CA ARG B 288 76.00 33.02 21.40
C ARG B 288 76.89 32.00 20.70
N GLU B 289 76.61 30.72 20.92
CA GLU B 289 77.39 29.66 20.22
C GLU B 289 76.61 29.22 18.99
N CYS B 290 77.22 29.33 17.80
CA CYS B 290 76.54 28.96 16.54
C CYS B 290 77.42 27.94 15.82
N SER B 291 78.10 27.09 16.59
CA SER B 291 79.06 26.13 15.96
C SER B 291 78.35 25.15 15.03
N ILE B 292 77.19 24.62 15.40
CA ILE B 292 76.55 23.55 14.55
C ILE B 292 76.11 24.17 13.23
N GLN B 293 76.63 23.66 12.11
CA GLN B 293 76.31 24.27 10.81
C GLN B 293 76.36 23.20 9.71
N ARG B 294 75.56 23.39 8.65
CA ARG B 294 75.54 22.47 7.50
C ARG B 294 75.66 23.32 6.23
N ARG B 295 76.60 22.98 5.34
CA ARG B 295 76.73 23.72 4.04
C ARG B 295 76.96 25.21 4.34
N ASN B 296 77.69 25.52 5.41
CA ASN B 296 78.03 26.93 5.76
C ASN B 296 76.78 27.66 6.25
N GLN B 297 75.69 26.92 6.50
CA GLN B 297 74.46 27.55 7.01
C GLN B 297 74.22 27.02 8.42
N LYS B 298 74.02 27.91 9.38
CA LYS B 298 73.89 27.46 10.80
C LYS B 298 72.56 26.71 11.00
N VAL B 299 72.57 25.63 11.78
CA VAL B 299 71.32 24.87 12.08
C VAL B 299 70.90 25.08 13.53
N VAL B 300 71.80 24.87 14.50
CA VAL B 300 71.43 24.98 15.95
C VAL B 300 72.30 26.07 16.60
N GLU B 301 71.68 26.95 17.39
CA GLU B 301 72.41 28.05 18.08
C GLU B 301 71.97 28.09 19.53
N GLU B 302 72.87 28.44 20.45
CA GLU B 302 72.52 28.44 21.90
C GLU B 302 73.14 29.66 22.60
N ALA B 303 72.52 30.14 23.66
CA ALA B 303 73.09 31.25 24.46
C ALA B 303 72.76 31.03 25.94
N PRO B 304 73.69 31.23 26.90
CA PRO B 304 75.10 31.52 26.63
C PRO B 304 75.89 30.28 26.15
N SER B 305 77.13 30.47 25.71
CA SER B 305 77.96 29.29 25.36
C SER B 305 78.30 28.49 26.62
N ILE B 306 78.43 27.18 26.50
CA ILE B 306 78.78 26.32 27.66
C ILE B 306 80.31 26.35 27.81
N PHE B 307 81.01 27.08 26.95
CA PHE B 307 82.47 27.03 26.99
C PHE B 307 83.08 28.25 27.70
N LEU B 308 82.43 29.41 27.63
CA LEU B 308 82.97 30.65 28.19
C LEU B 308 82.70 30.79 29.69
N ASP B 309 83.77 31.06 30.45
CA ASP B 309 83.67 31.55 31.82
C ASP B 309 83.37 33.05 31.88
N ALA B 310 83.12 33.56 33.09
CA ALA B 310 82.73 34.96 33.30
C ALA B 310 83.83 35.95 32.92
N GLU B 311 85.10 35.56 33.04
CA GLU B 311 86.25 36.40 32.70
C GLU B 311 86.39 36.55 31.19
N THR B 312 86.53 35.42 30.48
CA THR B 312 86.65 35.45 28.99
C THR B 312 85.46 36.18 28.38
N ARG B 313 84.23 35.82 28.79
CA ARG B 313 83.01 36.42 28.21
C ARG B 313 83.07 37.94 28.36
N ARG B 314 83.49 38.43 29.52
CA ARG B 314 83.58 39.90 29.75
C ARG B 314 84.65 40.48 28.83
N ALA B 315 85.84 39.88 28.80
CA ALA B 315 86.91 40.34 27.90
C ALA B 315 86.43 40.44 26.45
N MET B 316 85.70 39.43 25.95
CA MET B 316 85.10 39.46 24.61
C MET B 316 84.08 40.59 24.47
N GLY B 317 83.21 40.77 25.47
CA GLY B 317 82.20 41.85 25.48
C GLY B 317 82.82 43.24 25.45
N GLU B 318 83.85 43.47 26.27
CA GLU B 318 84.57 44.75 26.34
C GLU B 318 85.30 45.06 25.03
N GLN B 319 85.97 44.08 24.42
CA GLN B 319 86.63 44.27 23.13
C GLN B 319 85.62 44.51 21.99
N ALA B 320 84.49 43.80 21.98
CA ALA B 320 83.43 44.03 20.99
C ALA B 320 82.85 45.45 21.09
N VAL B 321 82.64 45.96 22.31
CA VAL B 321 82.21 47.35 22.54
C VAL B 321 83.30 48.37 22.20
N ALA B 322 84.58 48.06 22.47
CA ALA B 322 85.69 48.91 22.06
C ALA B 322 85.72 49.10 20.54
N LEU B 323 85.56 48.01 19.77
CA LEU B 323 85.44 48.06 18.31
C LEU B 323 84.23 48.88 17.85
N ALA B 324 83.06 48.60 18.42
CA ALA B 324 81.83 49.33 18.11
C ALA B 324 81.99 50.85 18.34
N ARG B 325 82.63 51.25 19.44
CA ARG B 325 82.93 52.66 19.72
C ARG B 325 83.94 53.26 18.75
N ALA B 326 84.98 52.51 18.38
CA ALA B 326 86.02 52.96 17.45
C ALA B 326 85.45 53.35 16.08
N VAL B 327 84.38 52.66 15.66
CA VAL B 327 83.74 52.93 14.34
C VAL B 327 82.41 53.68 14.55
N LYS B 328 82.13 54.16 15.77
CA LYS B 328 80.91 54.96 16.04
C LYS B 328 79.64 54.22 15.62
N TYR B 329 79.51 52.94 15.98
CA TYR B 329 78.32 52.11 15.62
C TYR B 329 77.06 52.68 16.30
N SER B 330 75.90 52.62 15.62
CA SER B 330 74.65 53.22 16.18
C SER B 330 73.44 52.30 15.95
N SER B 331 73.47 51.05 16.43
CA SER B 331 72.36 50.07 16.31
C SER B 331 72.75 48.73 16.93
N ALA B 332 71.84 47.75 16.92
CA ALA B 332 72.21 46.40 17.39
C ALA B 332 73.06 45.73 16.31
N GLY B 333 74.13 45.03 16.70
CA GLY B 333 75.02 44.35 15.73
C GLY B 333 75.66 43.13 16.35
N THR B 334 76.55 42.45 15.62
CA THR B 334 77.24 41.30 16.23
C THR B 334 78.70 41.27 15.83
N VAL B 335 79.56 41.08 16.83
CA VAL B 335 81.01 40.90 16.65
C VAL B 335 81.29 39.40 16.77
N GLU B 336 81.71 38.78 15.68
CA GLU B 336 81.97 37.34 15.59
C GLU B 336 83.42 37.01 15.92
N PHE B 337 83.63 35.94 16.69
CA PHE B 337 84.96 35.44 17.05
C PHE B 337 85.10 33.94 16.78
N LEU B 338 86.31 33.54 16.42
CA LEU B 338 86.77 32.15 16.54
C LEU B 338 87.43 31.97 17.91
N VAL B 339 87.01 30.94 18.65
CA VAL B 339 87.56 30.61 19.98
C VAL B 339 88.22 29.24 19.93
N ASP B 340 89.49 29.18 20.32
CA ASP B 340 90.26 27.94 20.35
C ASP B 340 90.02 27.14 21.66
N SER B 341 90.61 25.95 21.73
CA SER B 341 90.49 25.06 22.90
C SER B 341 91.11 25.62 24.20
N LYS B 342 91.99 26.63 24.08
CA LYS B 342 92.61 27.33 25.21
C LYS B 342 91.86 28.61 25.59
N LYS B 343 90.69 28.85 25.00
CA LYS B 343 89.87 30.07 25.18
C LYS B 343 90.51 31.35 24.65
N ASN B 344 91.53 31.25 23.81
CA ASN B 344 91.95 32.42 23.04
C ASN B 344 90.88 32.68 21.97
N PHE B 345 90.50 33.94 21.82
CA PHE B 345 89.46 34.35 20.90
C PHE B 345 90.02 35.37 19.90
N TYR B 346 89.58 35.27 18.66
CA TYR B 346 90.09 36.05 17.54
C TYR B 346 88.94 36.58 16.70
N PHE B 347 88.93 37.88 16.45
CA PHE B 347 87.94 38.59 15.65
C PHE B 347 87.88 38.00 14.23
N LEU B 348 86.67 37.67 13.81
CA LEU B 348 86.37 37.17 12.47
C LEU B 348 85.78 38.29 11.61
N GLU B 349 84.63 38.82 12.03
CA GLU B 349 83.92 39.89 11.35
C GLU B 349 82.93 40.58 12.29
N MET B 350 82.47 41.78 11.92
CA MET B 350 81.46 42.44 12.78
C MET B 350 80.19 42.62 11.95
N ASN B 351 79.20 41.75 12.18
CA ASN B 351 77.92 41.86 11.46
C ASN B 351 77.29 43.19 11.83
N THR B 352 76.72 43.88 10.84
CA THR B 352 76.08 45.20 11.07
C THR B 352 74.58 45.14 10.76
N ARG B 353 73.91 44.06 11.17
CA ARG B 353 72.45 43.89 10.92
C ARG B 353 71.85 43.07 12.05
N LEU B 354 70.54 43.16 12.27
CA LEU B 354 69.93 42.25 13.29
C LEU B 354 70.14 40.84 12.74
N GLN B 355 70.58 39.90 13.57
CA GLN B 355 70.90 38.56 13.00
C GLN B 355 69.70 37.63 13.14
N VAL B 356 69.76 36.48 12.47
CA VAL B 356 68.65 35.49 12.52
C VAL B 356 68.61 34.90 13.94
N GLU B 357 69.77 34.71 14.58
CA GLU B 357 69.84 34.01 15.88
C GLU B 357 69.64 35.00 17.04
N HIS B 358 69.10 36.17 16.76
CA HIS B 358 68.87 37.20 17.80
C HIS B 358 67.96 36.72 18.94
N PRO B 359 66.89 35.90 18.75
CA PRO B 359 65.99 35.56 19.86
C PRO B 359 66.65 34.86 21.06
N VAL B 360 67.64 33.99 20.85
CA VAL B 360 68.20 33.29 22.04
C VAL B 360 68.76 34.34 23.00
N THR B 361 69.46 35.36 22.46
CA THR B 361 69.98 36.45 23.30
C THR B 361 68.80 37.18 23.94
N GLU B 362 67.72 37.38 23.19
CA GLU B 362 66.60 38.17 23.76
C GLU B 362 66.10 37.44 25.00
N CYS B 363 66.02 36.11 24.96
CA CYS B 363 65.48 35.35 26.10
C CYS B 363 66.36 35.49 27.34
N ILE B 364 67.67 35.30 27.21
CA ILE B 364 68.53 35.35 28.44
C ILE B 364 68.56 36.79 28.98
N THR B 365 68.72 37.77 28.09
CA THR B 365 68.78 39.21 28.49
C THR B 365 67.43 39.73 28.98
N GLY B 366 66.33 39.30 28.37
CA GLY B 366 65.01 39.87 28.72
C GLY B 366 64.76 41.15 27.93
N LEU B 367 65.51 41.36 26.85
CA LEU B 367 65.39 42.64 26.09
C LEU B 367 64.83 42.41 24.68
N ASP B 368 64.00 43.34 24.17
CA ASP B 368 63.45 43.25 22.80
C ASP B 368 64.38 44.04 21.89
N LEU B 369 65.15 43.36 21.03
CA LEU B 369 66.17 44.05 20.22
C LEU B 369 65.47 44.98 19.23
N VAL B 370 64.35 44.54 18.66
CA VAL B 370 63.64 45.36 17.64
C VAL B 370 63.16 46.66 18.31
N GLN B 371 62.63 46.56 19.53
CA GLN B 371 62.12 47.77 20.21
C GLN B 371 63.31 48.72 20.42
N GLU B 372 64.45 48.17 20.83
CA GLU B 372 65.64 49.00 21.09
C GLU B 372 66.11 49.65 19.78
N MET B 373 66.06 48.91 18.68
CA MET B 373 66.52 49.46 17.38
C MET B 373 65.63 50.65 17.02
N ILE B 374 64.32 50.53 17.23
CA ILE B 374 63.38 51.64 16.93
C ILE B 374 63.66 52.82 17.86
N ARG B 375 63.90 52.56 19.15
CA ARG B 375 64.11 53.67 20.11
C ARG B 375 65.36 54.43 19.68
N VAL B 376 66.42 53.71 19.31
CA VAL B 376 67.70 54.34 18.90
C VAL B 376 67.46 55.15 17.63
N ALA B 377 66.65 54.63 16.71
CA ALA B 377 66.37 55.33 15.44
C ALA B 377 65.67 56.67 15.72
N LYS B 378 64.74 56.68 16.68
CA LYS B 378 64.06 57.96 17.06
C LYS B 378 65.10 58.88 17.69
N GLY B 379 66.20 58.30 18.19
CA GLY B 379 67.26 59.09 18.85
C GLY B 379 67.07 59.09 20.35
N TYR B 380 66.08 58.35 20.85
CA TYR B 380 65.92 58.22 22.32
C TYR B 380 67.16 57.53 22.89
N PRO B 381 67.70 58.00 24.04
CA PRO B 381 68.89 57.41 24.64
C PRO B 381 68.65 56.01 25.26
N LEU B 382 69.67 55.17 25.33
CA LEU B 382 69.53 53.80 25.89
C LEU B 382 69.11 53.88 27.36
N ARG B 383 68.26 52.96 27.82
CA ARG B 383 67.78 52.96 29.23
C ARG B 383 68.57 51.91 30.03
N HIS B 384 69.63 51.33 29.46
CA HIS B 384 70.33 50.23 30.18
C HIS B 384 71.85 50.46 30.23
N LYS B 385 72.50 49.97 31.28
CA LYS B 385 73.98 50.07 31.41
C LYS B 385 74.52 48.64 31.45
N GLN B 386 75.73 48.40 30.95
CA GLN B 386 76.28 47.02 30.89
C GLN B 386 75.96 46.29 32.19
N ALA B 387 76.10 46.97 33.33
CA ALA B 387 75.82 46.34 34.62
C ALA B 387 74.37 45.84 34.77
N ASP B 388 73.44 46.34 33.95
CA ASP B 388 72.03 45.91 33.97
C ASP B 388 71.82 44.65 33.13
N ILE B 389 72.75 44.35 32.21
CA ILE B 389 72.67 43.20 31.31
C ILE B 389 73.16 41.95 32.04
N ARG B 390 72.21 41.09 32.42
CA ARG B 390 72.48 39.81 33.07
C ARG B 390 72.30 38.65 32.10
N ILE B 391 72.90 37.51 32.46
CA ILE B 391 72.61 36.21 31.85
C ILE B 391 71.58 35.52 32.74
N ASN B 392 70.34 35.41 32.27
CA ASN B 392 69.29 34.71 32.97
C ASN B 392 68.94 33.45 32.19
N GLY B 393 69.17 32.27 32.79
CA GLY B 393 68.84 30.99 32.16
C GLY B 393 69.69 30.67 30.93
N TRP B 394 69.13 29.80 30.08
CA TRP B 394 69.76 29.29 28.87
C TRP B 394 68.71 29.20 27.77
N ALA B 395 69.07 29.62 26.56
CA ALA B 395 68.22 29.55 25.38
C ALA B 395 68.92 28.76 24.28
N VAL B 396 68.15 27.98 23.55
CA VAL B 396 68.61 27.21 22.38
C VAL B 396 67.62 27.47 21.25
N GLU B 397 68.14 27.75 20.05
CA GLU B 397 67.37 27.93 18.82
C GLU B 397 67.74 26.85 17.81
N CYS B 398 66.72 26.31 17.14
CA CYS B 398 66.94 25.28 16.09
C CYS B 398 66.15 25.70 14.85
N ARG B 399 66.80 26.34 13.88
CA ARG B 399 66.07 26.84 12.69
C ARG B 399 65.47 25.66 11.94
N VAL B 400 64.19 25.74 11.57
CA VAL B 400 63.51 24.60 10.89
C VAL B 400 63.48 24.90 9.38
N TYR B 401 63.80 23.91 8.56
CA TYR B 401 63.84 24.11 7.10
C TYR B 401 62.99 23.07 6.38
N ALA B 402 62.65 23.43 5.14
CA ALA B 402 61.94 22.47 4.27
C ALA B 402 63.01 21.79 3.43
N GLU B 403 63.78 20.89 4.03
CA GLU B 403 64.85 20.19 3.28
C GLU B 403 64.84 18.72 3.66
N ASP B 404 65.33 17.84 2.77
CA ASP B 404 65.44 16.42 3.17
C ASP B 404 66.75 16.29 3.93
N PRO B 405 66.73 15.96 5.23
CA PRO B 405 67.97 15.78 5.97
C PRO B 405 68.77 14.61 5.38
N TYR B 406 68.08 13.55 4.93
CA TYR B 406 68.77 12.34 4.41
C TYR B 406 69.57 12.63 3.14
N LYS B 407 69.06 13.47 2.23
CA LYS B 407 69.86 13.82 1.03
C LYS B 407 70.93 14.83 1.45
N SER B 408 72.20 14.48 1.22
CA SER B 408 73.32 15.35 1.68
C SER B 408 73.08 15.59 3.17
N PHE B 409 73.16 16.84 3.62
CA PHE B 409 72.74 17.12 5.02
C PHE B 409 71.44 17.90 4.93
N GLY B 410 71.22 18.57 3.80
CA GLY B 410 69.95 19.27 3.55
C GLY B 410 69.76 19.45 2.06
N LEU B 411 68.53 19.28 1.56
CA LEU B 411 68.27 19.51 0.13
C LEU B 411 66.93 20.24 -0.02
N PRO B 412 66.83 21.35 -0.78
CA PRO B 412 65.59 22.13 -0.83
C PRO B 412 64.38 21.32 -1.30
N SER B 413 63.25 21.43 -0.59
CA SER B 413 62.02 20.69 -0.96
C SER B 413 60.87 21.68 -1.07
N ILE B 414 59.94 21.46 -2.00
CA ILE B 414 58.88 22.49 -2.20
C ILE B 414 57.50 21.85 -2.11
N GLY B 415 56.51 22.64 -1.68
CA GLY B 415 55.14 22.13 -1.62
C GLY B 415 54.24 22.94 -0.73
N ARG B 416 52.99 22.51 -0.67
CA ARG B 416 51.98 23.22 0.12
C ARG B 416 51.89 22.57 1.49
N LEU B 417 51.94 23.38 2.52
CA LEU B 417 51.72 22.90 3.88
C LEU B 417 50.26 22.51 4.08
N SER B 418 49.90 21.23 3.89
CA SER B 418 48.53 20.75 4.03
C SER B 418 48.04 20.80 5.48
N GLN B 419 48.96 20.69 6.44
CA GLN B 419 48.71 20.87 7.86
C GLN B 419 49.99 21.36 8.54
N TYR B 420 49.84 22.32 9.45
CA TYR B 420 50.93 22.93 10.20
C TYR B 420 50.44 23.29 11.60
N GLN B 421 51.09 22.77 12.64
CA GLN B 421 50.76 23.05 14.03
C GLN B 421 52.05 23.19 14.84
N GLU B 422 52.27 24.40 15.34
CA GLU B 422 53.39 24.74 16.20
C GLU B 422 53.18 24.20 17.63
N PRO B 423 54.21 23.72 18.38
CA PRO B 423 54.00 23.25 19.76
C PRO B 423 54.10 24.34 20.84
N LEU B 424 53.35 25.44 20.68
CA LEU B 424 53.40 26.57 21.65
C LEU B 424 52.93 26.13 23.04
N HIS B 425 51.87 25.31 23.13
CA HIS B 425 51.27 24.90 24.42
C HIS B 425 52.34 24.35 25.38
N LEU B 426 53.39 23.71 24.85
CA LEU B 426 54.46 23.09 25.67
C LEU B 426 55.27 24.16 26.42
N PRO B 427 55.82 23.88 27.61
CA PRO B 427 56.54 24.90 28.41
C PRO B 427 57.86 25.44 27.85
N GLY B 428 58.13 26.73 28.10
CA GLY B 428 59.39 27.36 27.65
C GLY B 428 59.57 27.34 26.15
N VAL B 429 58.50 27.50 25.38
CA VAL B 429 58.63 27.38 23.90
C VAL B 429 58.20 28.69 23.23
N ARG B 430 59.05 29.23 22.35
CA ARG B 430 58.67 30.43 21.57
C ARG B 430 58.94 30.10 20.10
N VAL B 431 57.99 30.38 19.22
CA VAL B 431 58.19 30.01 17.78
C VAL B 431 58.17 31.27 16.93
N ASP B 432 59.23 31.50 16.17
CA ASP B 432 59.29 32.62 15.24
C ASP B 432 59.14 32.06 13.82
N SER B 433 57.94 32.18 13.25
CA SER B 433 57.58 31.69 11.90
C SER B 433 56.96 32.80 11.03
N GLY B 434 56.97 32.57 9.72
CA GLY B 434 56.35 33.42 8.70
C GLY B 434 55.41 32.64 7.77
N ILE B 435 54.95 31.48 8.29
CA ILE B 435 54.09 30.56 7.50
C ILE B 435 52.83 30.17 8.30
N GLN B 436 51.84 29.58 7.63
CA GLN B 436 50.56 29.18 8.26
C GLN B 436 50.08 27.93 7.52
N PRO B 437 48.98 27.26 7.90
CA PRO B 437 48.49 26.14 7.10
C PRO B 437 48.09 26.65 5.71
N GLY B 438 48.48 25.94 4.66
CA GLY B 438 48.20 26.38 3.28
C GLY B 438 49.29 27.24 2.70
N SER B 439 50.35 27.49 3.46
CA SER B 439 51.51 28.26 2.93
C SER B 439 52.22 27.45 1.87
N ASP B 440 52.72 28.12 0.83
CA ASP B 440 53.44 27.42 -0.25
C ASP B 440 54.93 27.69 -0.16
N ILE B 441 55.71 26.77 0.40
CA ILE B 441 57.15 26.91 0.35
C ILE B 441 57.56 26.92 -1.12
N SER B 442 57.98 28.09 -1.62
CA SER B 442 58.31 28.31 -3.04
C SER B 442 59.79 28.11 -3.34
N ILE B 443 60.14 27.84 -4.60
CA ILE B 443 61.54 27.74 -5.08
C ILE B 443 62.35 29.05 -4.98
N TYR B 444 61.69 30.21 -4.91
CA TYR B 444 62.32 31.53 -5.10
C TYR B 444 63.05 32.06 -3.86
N TYR B 445 62.75 31.51 -2.68
CA TYR B 445 63.19 32.05 -1.40
C TYR B 445 63.79 30.97 -0.51
N ASP B 446 64.32 31.40 0.63
CA ASP B 446 64.91 30.51 1.63
C ASP B 446 63.89 29.50 2.21
N PRO B 447 64.28 28.24 2.50
CA PRO B 447 63.35 27.19 2.95
C PRO B 447 62.98 27.27 4.43
N MET B 448 63.40 28.30 5.16
CA MET B 448 63.12 28.40 6.59
C MET B 448 61.62 28.48 6.85
N ILE B 449 61.13 27.48 7.57
CA ILE B 449 59.76 27.36 8.05
C ILE B 449 59.59 28.28 9.26
N SER B 450 60.47 28.12 10.26
CA SER B 450 60.42 28.87 11.50
C SER B 450 61.73 28.79 12.26
N LYS B 451 61.91 29.68 13.23
CA LYS B 451 62.88 29.51 14.31
C LYS B 451 62.16 28.93 15.51
N LEU B 452 62.60 27.76 15.97
CA LEU B 452 62.09 27.14 17.19
C LEU B 452 63.08 27.43 18.32
N ILE B 453 62.62 28.13 19.35
CA ILE B 453 63.46 28.52 20.48
C ILE B 453 62.91 27.94 21.76
N THR B 454 63.78 27.41 22.60
CA THR B 454 63.43 26.95 23.94
C THR B 454 64.32 27.58 24.99
N TYR B 455 63.71 27.97 26.10
CA TYR B 455 64.36 28.63 27.21
C TYR B 455 64.22 27.81 28.50
N GLY B 456 65.27 27.75 29.32
CA GLY B 456 65.33 27.05 30.60
C GLY B 456 66.11 27.81 31.67
N SER B 457 65.98 27.41 32.94
CA SER B 457 66.80 27.92 34.05
C SER B 457 68.27 27.50 33.92
N ASP B 458 68.50 26.37 33.25
CA ASP B 458 69.89 25.86 33.02
C ASP B 458 69.93 25.24 31.63
N ARG B 459 71.12 24.81 31.17
CA ARG B 459 71.26 24.26 29.80
C ARG B 459 70.43 22.98 29.65
N THR B 460 70.46 22.09 30.65
CA THR B 460 69.74 20.79 30.54
C THR B 460 68.25 21.04 30.28
N GLU B 461 67.60 21.84 31.13
CA GLU B 461 66.18 22.14 30.98
C GLU B 461 65.86 22.67 29.58
N ALA B 462 66.67 23.60 29.04
CA ALA B 462 66.49 24.13 27.70
C ALA B 462 66.58 23.04 26.63
N LEU B 463 67.59 22.16 26.69
CA LEU B 463 67.76 21.05 25.75
C LEU B 463 66.62 20.03 25.83
N LYS B 464 66.12 19.77 27.03
CA LYS B 464 65.01 18.80 27.23
C LYS B 464 63.72 19.38 26.64
N ARG B 465 63.40 20.63 26.95
CA ARG B 465 62.18 21.27 26.42
C ARG B 465 62.27 21.31 24.89
N MET B 466 63.46 21.51 24.34
CA MET B 466 63.63 21.49 22.86
C MET B 466 63.29 20.09 22.33
N ALA B 467 64.02 19.06 22.74
CA ALA B 467 63.70 17.71 22.30
C ALA B 467 62.18 17.45 22.35
N ASP B 468 61.51 17.82 23.45
CA ASP B 468 60.06 17.69 23.59
C ASP B 468 59.30 18.52 22.55
N ALA B 469 59.77 19.75 22.27
CA ALA B 469 59.18 20.65 21.28
C ALA B 469 59.31 20.10 19.85
N LEU B 470 60.48 19.56 19.49
CA LEU B 470 60.71 18.95 18.18
C LEU B 470 59.83 17.70 17.97
N ASP B 471 59.63 16.87 19.01
CA ASP B 471 58.72 15.71 18.94
C ASP B 471 57.23 16.13 18.82
N ASN B 472 56.88 17.31 19.33
CA ASN B 472 55.52 17.88 19.29
C ASN B 472 55.25 18.80 18.07
N TYR B 473 56.23 19.00 17.19
CA TYR B 473 56.09 19.88 16.04
C TYR B 473 55.47 19.11 14.87
N VAL B 474 54.30 19.56 14.40
CA VAL B 474 53.62 18.95 13.24
C VAL B 474 53.90 19.78 11.99
N ILE B 475 54.54 19.17 11.00
CA ILE B 475 54.75 19.75 9.67
C ILE B 475 54.40 18.68 8.63
N ARG B 476 53.40 18.97 7.77
CA ARG B 476 52.91 18.02 6.73
C ARG B 476 52.78 18.66 5.34
N GLY B 477 53.22 18.00 4.26
CA GLY B 477 53.19 18.46 2.88
C GLY B 477 54.56 18.82 2.30
N VAL B 478 55.57 19.00 3.16
CA VAL B 478 56.99 19.12 2.79
C VAL B 478 57.83 18.21 3.69
N THR B 479 59.01 17.83 3.20
CA THR B 479 60.05 17.22 4.04
C THR B 479 60.73 18.31 4.86
N HIS B 480 61.20 17.96 6.06
CA HIS B 480 61.79 18.93 6.99
C HIS B 480 62.92 18.33 7.83
N ASN B 481 63.77 19.19 8.37
CA ASN B 481 64.99 18.80 9.11
C ASN B 481 64.82 18.48 10.60
N ILE B 482 63.59 18.45 11.14
CA ILE B 482 63.33 18.15 12.56
C ILE B 482 64.08 16.90 13.05
N ALA B 483 64.15 15.83 12.25
CA ALA B 483 64.86 14.61 12.62
C ALA B 483 66.34 14.86 12.94
N LEU B 484 67.02 15.66 12.11
CA LEU B 484 68.41 16.06 12.31
C LEU B 484 68.55 16.95 13.55
N LEU B 485 67.73 17.99 13.65
CA LEU B 485 67.74 18.91 14.79
C LEU B 485 67.57 18.15 16.11
N ARG B 486 66.59 17.26 16.16
CA ARG B 486 66.27 16.45 17.34
C ARG B 486 67.43 15.54 17.72
N GLU B 487 68.12 14.95 16.74
CA GLU B 487 69.28 14.11 16.98
C GLU B 487 70.51 14.90 17.47
N VAL B 488 70.75 16.10 16.92
CA VAL B 488 71.82 16.99 17.39
C VAL B 488 71.62 17.35 18.87
N ILE B 489 70.40 17.76 19.24
CA ILE B 489 70.07 18.22 20.60
C ILE B 489 70.31 17.13 21.66
N ILE B 490 70.05 15.87 21.34
CA ILE B 490 70.26 14.74 22.26
C ILE B 490 71.65 14.11 22.16
N ASN B 491 72.46 14.50 21.17
CA ASN B 491 73.76 13.89 20.94
C ASN B 491 74.68 14.12 22.15
N SER B 492 75.34 13.07 22.62
CA SER B 492 76.20 13.15 23.81
C SER B 492 77.33 14.18 23.71
N ARG B 493 77.87 14.42 22.51
CA ARG B 493 78.89 15.48 22.34
C ARG B 493 78.23 16.84 22.53
N PHE B 494 77.12 17.10 21.83
CA PHE B 494 76.38 18.37 21.98
C PHE B 494 75.98 18.65 23.42
N VAL B 495 75.44 17.65 24.13
CA VAL B 495 75.04 17.76 25.54
C VAL B 495 76.24 18.06 26.45
N LYS B 496 77.42 17.48 26.18
CA LYS B 496 78.67 17.79 26.90
C LYS B 496 79.31 19.11 26.47
N GLY B 497 78.82 19.73 25.41
CA GLY B 497 79.42 20.94 24.83
C GLY B 497 80.69 20.68 24.02
N ASP B 498 81.02 19.43 23.67
CA ASP B 498 82.14 19.07 22.76
C ASP B 498 81.72 19.28 21.31
N ILE B 499 81.73 20.54 20.86
CA ILE B 499 81.23 20.96 19.56
C ILE B 499 82.21 21.90 18.86
N SER B 500 82.17 21.88 17.53
CA SER B 500 82.92 22.75 16.63
C SER B 500 82.10 22.95 15.35
N THR B 501 82.58 23.82 14.47
CA THR B 501 82.01 24.01 13.12
C THR B 501 82.01 22.75 12.25
N LYS B 502 82.77 21.71 12.60
CA LYS B 502 82.79 20.40 11.92
C LYS B 502 81.86 19.36 12.55
N PHE B 503 81.08 19.72 13.57
CA PHE B 503 80.28 18.77 14.34
C PHE B 503 79.44 17.82 13.48
N LEU B 504 78.71 18.35 12.48
CA LEU B 504 77.84 17.53 11.64
C LEU B 504 78.63 16.54 10.78
N SER B 505 79.77 16.95 10.20
CA SER B 505 80.63 16.04 9.43
C SER B 505 81.32 14.99 10.31
N ASP B 506 81.69 15.35 11.54
CA ASP B 506 82.36 14.44 12.46
C ASP B 506 81.40 13.38 13.03
N VAL B 507 80.17 13.79 13.36
CA VAL B 507 79.17 12.93 13.99
C VAL B 507 78.44 12.08 12.95
N TYR B 508 78.35 12.56 11.71
CA TYR B 508 77.68 11.79 10.64
C TYR B 508 78.56 11.71 9.39
N PRO B 509 79.71 11.01 9.42
CA PRO B 509 80.60 11.00 8.27
C PRO B 509 79.94 10.39 7.03
N ASP B 510 79.28 9.24 7.19
CA ASP B 510 78.62 8.55 6.05
C ASP B 510 77.45 9.40 5.55
N GLY B 511 76.69 10.01 6.47
CA GLY B 511 75.52 10.82 6.10
C GLY B 511 74.52 10.77 7.24
N PHE B 512 73.36 11.43 7.10
CA PHE B 512 72.33 11.29 8.17
C PHE B 512 71.48 10.06 7.85
N LYS B 513 71.45 9.08 8.76
CA LYS B 513 70.60 7.92 8.56
C LYS B 513 69.40 7.90 9.49
N GLY B 514 69.13 8.99 10.20
CA GLY B 514 68.06 9.03 11.16
C GLY B 514 68.45 8.35 12.46
N HIS B 515 67.61 8.52 13.47
CA HIS B 515 67.88 7.96 14.79
C HIS B 515 68.16 6.47 14.68
N MET B 516 68.99 5.96 15.58
CA MET B 516 69.30 4.54 15.64
C MET B 516 68.73 3.98 16.93
N LEU B 517 67.81 3.03 16.81
CA LEU B 517 67.08 2.56 18.01
C LEU B 517 67.88 1.57 18.84
N THR B 518 67.84 1.73 20.16
CA THR B 518 68.46 0.75 21.08
C THR B 518 67.44 -0.38 21.24
N LYS B 519 67.86 -1.55 21.70
CA LYS B 519 66.91 -2.69 21.77
C LYS B 519 65.63 -2.23 22.47
N SER B 520 65.74 -1.49 23.58
CA SER B 520 64.53 -1.13 24.29
C SER B 520 63.67 -0.19 23.46
N GLU B 521 64.30 0.77 22.77
CA GLU B 521 63.55 1.67 21.92
C GLU B 521 62.84 0.92 20.80
N LYS B 522 63.51 -0.07 20.21
CA LYS B 522 62.88 -0.85 19.16
C LYS B 522 61.66 -1.61 19.68
N ASN B 523 61.79 -2.20 20.87
CA ASN B 523 60.66 -2.91 21.46
C ASN B 523 59.50 -1.95 21.74
N GLN B 524 59.81 -0.76 22.25
CA GLN B 524 58.76 0.21 22.51
C GLN B 524 58.05 0.62 21.22
N LEU B 525 58.83 0.87 20.16
CA LEU B 525 58.23 1.24 18.89
C LEU B 525 57.35 0.13 18.34
N LEU B 526 57.82 -1.12 18.41
CA LEU B 526 57.02 -2.24 17.92
C LEU B 526 55.74 -2.37 18.71
N ALA B 527 55.82 -2.24 20.05
CA ALA B 527 54.62 -2.33 20.87
C ALA B 527 53.63 -1.24 20.52
N ILE B 528 54.12 -0.01 20.33
CA ILE B 528 53.23 1.10 19.99
C ILE B 528 52.55 0.84 18.65
N ALA B 529 53.32 0.40 17.66
CA ALA B 529 52.74 0.13 16.35
C ALA B 529 51.69 -0.97 16.41
N SER B 530 51.98 -2.05 17.14
CA SER B 530 51.01 -3.13 17.26
C SER B 530 49.74 -2.65 17.97
N SER B 531 49.90 -1.87 19.03
CA SER B 531 48.73 -1.36 19.74
C SER B 531 47.89 -0.47 18.83
N LEU B 532 48.55 0.37 18.03
CA LEU B 532 47.81 1.24 17.11
C LEU B 532 47.06 0.42 16.07
N PHE B 533 47.70 -0.62 15.53
CA PHE B 533 47.04 -1.49 14.56
C PHE B 533 45.81 -2.14 15.18
N VAL B 534 45.95 -2.67 16.40
CA VAL B 534 44.84 -3.34 17.04
C VAL B 534 43.73 -2.35 17.36
N ALA B 535 44.08 -1.13 17.75
CA ALA B 535 43.07 -0.12 18.05
C ALA B 535 42.28 0.23 16.80
N PHE B 536 42.96 0.37 15.66
CA PHE B 536 42.24 0.63 14.41
C PHE B 536 41.31 -0.53 14.08
N GLN B 537 41.81 -1.76 14.19
CA GLN B 537 40.96 -2.91 13.89
C GLN B 537 39.75 -2.95 14.80
N LEU B 538 39.92 -2.61 16.06
CA LEU B 538 38.80 -2.63 17.01
C LEU B 538 37.79 -1.55 16.68
N ARG B 539 38.26 -0.33 16.43
CA ARG B 539 37.33 0.74 16.08
C ARG B 539 36.56 0.40 14.80
N ALA B 540 37.16 -0.40 13.93
CA ALA B 540 36.46 -0.78 12.71
C ALA B 540 35.17 -1.53 12.99
N GLN B 541 35.00 -2.10 14.18
CA GLN B 541 33.86 -2.93 14.50
C GLN B 541 32.75 -2.19 15.24
N HIS B 542 32.88 -0.88 15.46
CA HIS B 542 31.94 -0.14 16.28
C HIS B 542 30.93 0.58 15.40
N PHE B 543 29.99 -0.17 14.87
CA PHE B 543 28.87 0.39 14.14
C PHE B 543 27.78 0.82 15.11
N GLN B 544 26.93 1.75 14.66
CA GLN B 544 25.80 2.13 15.49
C GLN B 544 24.72 1.05 15.42
N GLU B 545 23.74 1.17 16.29
CA GLU B 545 22.70 0.15 16.38
C GLU B 545 21.98 -0.03 15.06
N ASN B 546 21.78 -1.30 14.68
CA ASN B 546 20.99 -1.66 13.51
C ASN B 546 19.96 -2.69 13.96
N SER B 547 18.71 -2.25 14.12
CA SER B 547 17.69 -3.14 14.66
C SER B 547 17.46 -4.33 13.76
N ARG B 548 17.46 -4.13 12.44
CA ARG B 548 17.16 -5.23 11.52
C ARG B 548 18.20 -6.34 11.65
N MET B 549 19.48 -5.99 11.72
CA MET B 549 20.56 -6.97 11.89
C MET B 549 21.51 -6.53 12.98
N PRO B 550 21.34 -7.02 14.21
CA PRO B 550 22.32 -6.76 15.26
C PRO B 550 23.68 -7.30 14.87
N VAL B 551 24.72 -6.57 15.26
CA VAL B 551 26.10 -6.97 14.96
C VAL B 551 26.58 -7.95 16.03
N ILE B 552 27.41 -8.90 15.60
CA ILE B 552 27.99 -9.89 16.51
C ILE B 552 29.47 -9.55 16.64
N LYS B 553 29.88 -9.17 17.85
CA LYS B 553 31.25 -8.74 18.07
C LYS B 553 32.23 -9.89 17.82
N PRO B 554 33.25 -9.71 16.98
CA PRO B 554 34.29 -10.74 16.85
C PRO B 554 35.04 -10.88 18.16
N ASP B 555 34.87 -12.02 18.81
CA ASP B 555 35.47 -12.28 20.12
C ASP B 555 36.89 -12.78 19.92
N ILE B 556 37.86 -11.87 20.07
CA ILE B 556 39.27 -12.19 19.97
C ILE B 556 39.95 -11.80 21.27
N ALA B 557 40.72 -12.73 21.83
CA ALA B 557 41.46 -12.46 23.07
C ALA B 557 42.90 -12.06 22.81
N ASN B 558 43.55 -12.65 21.81
CA ASN B 558 44.93 -12.34 21.48
C ASN B 558 45.05 -12.11 19.99
N TRP B 559 45.84 -11.11 19.61
CA TRP B 559 46.17 -10.85 18.22
C TRP B 559 47.61 -11.26 17.99
N GLU B 560 47.82 -12.22 17.08
CA GLU B 560 49.15 -12.68 16.71
C GLU B 560 49.53 -11.98 15.42
N LEU B 561 50.59 -11.18 15.46
CA LEU B 561 50.99 -10.34 14.35
C LEU B 561 52.44 -10.60 13.96
N SER B 562 52.70 -10.54 12.67
CA SER B 562 54.06 -10.47 12.14
C SER B 562 54.32 -9.02 11.75
N VAL B 563 55.31 -8.40 12.38
CA VAL B 563 55.64 -7.00 12.14
C VAL B 563 57.01 -6.94 11.50
N LYS B 564 57.09 -6.31 10.33
CA LYS B 564 58.40 -6.14 9.65
C LYS B 564 58.89 -4.71 9.83
N LEU B 565 60.00 -4.50 10.54
CA LEU B 565 60.53 -3.14 10.78
C LEU B 565 61.62 -2.78 9.77
N HIS B 566 62.76 -3.44 9.81
CA HIS B 566 63.86 -3.05 8.90
C HIS B 566 64.41 -4.32 8.28
N ASP B 567 63.62 -5.00 7.46
CA ASP B 567 64.03 -6.28 6.85
C ASP B 567 64.05 -7.39 7.92
N LYS B 568 63.48 -7.12 9.09
CA LYS B 568 63.39 -8.16 10.14
C LYS B 568 61.93 -8.38 10.50
N VAL B 569 61.55 -9.62 10.76
CA VAL B 569 60.15 -9.96 11.05
C VAL B 569 60.07 -10.36 12.51
N HIS B 570 59.23 -9.67 13.27
CA HIS B 570 59.08 -9.89 14.69
C HIS B 570 57.70 -10.47 14.97
N THR B 571 57.67 -11.48 15.84
CA THR B 571 56.41 -12.06 16.29
C THR B 571 55.89 -11.26 17.48
N VAL B 572 54.64 -10.82 17.40
CA VAL B 572 54.04 -10.00 18.43
C VAL B 572 52.71 -10.62 18.84
N VAL B 573 52.44 -10.62 20.14
CA VAL B 573 51.16 -11.07 20.67
C VAL B 573 50.58 -9.93 21.49
N ALA B 574 49.45 -9.38 21.04
CA ALA B 574 48.87 -8.21 21.65
C ALA B 574 47.48 -8.51 22.19
N SER B 575 47.24 -8.12 23.43
CA SER B 575 45.92 -8.19 24.04
C SER B 575 45.60 -6.83 24.63
N ASN B 576 44.32 -6.58 24.88
CA ASN B 576 43.92 -5.32 25.47
C ASN B 576 42.90 -5.53 26.57
N ASN B 577 42.86 -4.56 27.49
CA ASN B 577 41.84 -4.46 28.52
C ASN B 577 41.58 -2.98 28.69
N GLY B 578 40.39 -2.53 28.35
CA GLY B 578 40.11 -1.11 28.38
C GLY B 578 41.08 -0.38 27.47
N SER B 579 41.83 0.56 28.04
CA SER B 579 42.80 1.35 27.30
C SER B 579 44.22 0.85 27.46
N VAL B 580 44.43 -0.32 28.07
CA VAL B 580 45.75 -0.85 28.35
C VAL B 580 46.02 -2.02 27.43
N PHE B 581 47.10 -1.94 26.65
CA PHE B 581 47.50 -3.00 25.73
C PHE B 581 48.74 -3.69 26.27
N SER B 582 48.64 -5.01 26.45
CA SER B 582 49.78 -5.84 26.82
C SER B 582 50.33 -6.46 25.55
N VAL B 583 51.60 -6.19 25.25
CA VAL B 583 52.24 -6.62 24.02
C VAL B 583 53.46 -7.44 24.37
N GLU B 584 53.53 -8.66 23.84
CA GLU B 584 54.72 -9.50 23.94
C GLU B 584 55.42 -9.44 22.60
N VAL B 585 56.64 -8.91 22.59
CA VAL B 585 57.44 -8.75 21.39
C VAL B 585 58.67 -9.63 21.55
N ASP B 586 58.75 -10.71 20.75
CA ASP B 586 59.89 -11.62 20.78
C ASP B 586 60.19 -12.12 22.19
N GLY B 587 59.19 -12.18 23.06
CA GLY B 587 59.37 -12.64 24.42
C GLY B 587 59.53 -11.58 25.48
N SER B 588 59.36 -10.30 25.12
CA SER B 588 59.46 -9.20 26.07
C SER B 588 58.09 -8.58 26.26
N LYS B 589 57.68 -8.41 27.51
CA LYS B 589 56.34 -7.92 27.82
C LYS B 589 56.37 -6.42 28.08
N LEU B 590 55.45 -5.70 27.45
CA LEU B 590 55.32 -4.26 27.60
C LEU B 590 53.85 -3.91 27.75
N ASN B 591 53.59 -2.76 28.40
CA ASN B 591 52.25 -2.25 28.56
C ASN B 591 52.18 -0.85 27.96
N VAL B 592 51.15 -0.61 27.16
CA VAL B 592 50.96 0.67 26.48
C VAL B 592 49.59 1.21 26.88
N THR B 593 49.57 2.46 27.34
CA THR B 593 48.34 3.11 27.76
C THR B 593 48.17 4.42 27.01
N SER B 594 46.93 4.75 26.68
CA SER B 594 46.65 5.99 25.97
C SER B 594 45.15 6.12 25.80
N THR B 595 44.72 7.33 25.41
CA THR B 595 43.32 7.55 25.06
C THR B 595 42.98 6.95 23.70
N TRP B 596 43.98 6.67 22.87
CA TRP B 596 43.79 6.05 21.57
C TRP B 596 42.85 6.86 20.69
N ASN B 597 42.99 8.18 20.72
CA ASN B 597 42.30 9.05 19.79
C ASN B 597 42.97 8.91 18.42
N LEU B 598 42.31 8.23 17.49
CA LEU B 598 42.91 7.89 16.22
C LEU B 598 42.84 9.01 15.19
N ALA B 599 42.25 10.16 15.54
CA ALA B 599 42.14 11.27 14.61
C ALA B 599 43.14 12.37 14.87
N SER B 600 43.52 12.60 16.12
CA SER B 600 44.43 13.69 16.44
C SER B 600 45.80 13.44 15.80
N PRO B 601 46.44 14.48 15.24
CA PRO B 601 47.75 14.27 14.62
C PRO B 601 48.81 13.76 15.59
N LEU B 602 48.75 14.15 16.85
CA LEU B 602 49.72 13.73 17.86
C LEU B 602 49.06 12.77 18.83
N LEU B 603 49.71 11.64 19.05
CA LEU B 603 49.22 10.63 20.00
C LEU B 603 50.20 10.50 21.15
N SER B 604 49.69 10.67 22.37
CA SER B 604 50.50 10.53 23.58
C SER B 604 50.23 9.17 24.20
N VAL B 605 51.29 8.39 24.43
CA VAL B 605 51.18 7.06 24.99
C VAL B 605 52.16 6.92 26.14
N SER B 606 51.92 5.91 26.96
CA SER B 606 52.79 5.56 28.08
C SER B 606 53.14 4.08 27.95
N VAL B 607 54.41 3.80 27.69
CA VAL B 607 54.90 2.44 27.57
C VAL B 607 55.72 2.14 28.82
N ASP B 608 55.20 1.26 29.68
CA ASP B 608 55.87 0.91 30.94
C ASP B 608 56.23 2.16 31.74
N GLY B 609 55.31 3.11 31.76
CA GLY B 609 55.49 4.34 32.49
C GLY B 609 56.29 5.40 31.79
N THR B 610 56.96 5.06 30.69
CA THR B 610 57.73 6.04 29.93
C THR B 610 56.80 6.74 28.94
N GLN B 611 56.76 8.06 29.00
CA GLN B 611 55.86 8.81 28.14
C GLN B 611 56.48 9.01 26.76
N ARG B 612 55.69 8.80 25.72
CA ARG B 612 56.12 8.97 24.34
C ARG B 612 55.06 9.73 23.57
N THR B 613 55.51 10.54 22.61
CA THR B 613 54.64 11.22 21.67
C THR B 613 54.96 10.72 20.28
N VAL B 614 53.95 10.19 19.60
CA VAL B 614 54.13 9.52 18.31
C VAL B 614 53.14 10.12 17.32
N GLN B 615 53.51 10.08 16.04
CA GLN B 615 52.64 10.54 14.98
C GLN B 615 52.41 9.42 13.98
N CYS B 616 51.17 9.28 13.52
CA CYS B 616 50.82 8.29 12.50
C CYS B 616 50.69 9.03 11.17
N LEU B 617 51.75 9.00 10.36
CA LEU B 617 51.76 9.78 9.15
C LEU B 617 50.89 9.18 8.06
N SER B 618 50.75 7.86 8.04
CA SER B 618 49.92 7.21 7.03
C SER B 618 49.81 5.73 7.35
N ARG B 619 48.75 5.12 6.84
CA ARG B 619 48.54 3.68 6.99
C ARG B 619 47.70 3.20 5.83
N GLU B 620 47.77 1.89 5.57
CA GLU B 620 47.07 1.28 4.46
C GLU B 620 46.42 -0.02 4.91
N ALA B 621 45.37 -0.41 4.19
CA ALA B 621 44.71 -1.69 4.49
C ALA B 621 45.67 -2.85 4.31
N GLY B 622 46.66 -2.71 3.43
CA GLY B 622 47.63 -3.78 3.24
C GLY B 622 48.43 -4.10 4.49
N GLY B 623 48.75 -3.08 5.28
CA GLY B 623 49.50 -3.29 6.50
C GLY B 623 50.64 -2.30 6.69
N ASN B 624 50.94 -1.53 5.65
CA ASN B 624 52.00 -0.55 5.76
C ASN B 624 51.59 0.58 6.71
N MET B 625 52.58 1.09 7.44
CA MET B 625 52.33 2.17 8.38
C MET B 625 53.59 3.00 8.56
N SER B 626 53.44 4.31 8.49
CA SER B 626 54.54 5.24 8.73
C SER B 626 54.34 5.90 10.08
N ILE B 627 55.32 5.75 10.97
CA ILE B 627 55.20 6.24 12.35
C ILE B 627 56.38 7.16 12.63
N GLN B 628 56.08 8.38 13.06
CA GLN B 628 57.10 9.29 13.58
C GLN B 628 57.28 9.00 15.07
N PHE B 629 58.47 8.52 15.41
CA PHE B 629 58.85 8.14 16.76
C PHE B 629 60.23 8.71 17.03
N LEU B 630 60.38 9.42 18.15
CA LEU B 630 61.64 10.06 18.49
C LEU B 630 62.18 10.90 17.34
N GLY B 631 61.26 11.53 16.61
CA GLY B 631 61.61 12.42 15.54
C GLY B 631 61.96 11.76 14.21
N THR B 632 61.98 10.44 14.15
CA THR B 632 62.30 9.72 12.92
C THR B 632 61.09 8.95 12.43
N VAL B 633 60.95 8.89 11.11
CA VAL B 633 59.82 8.23 10.47
C VAL B 633 60.24 6.82 10.08
N TYR B 634 59.60 5.84 10.70
CA TYR B 634 59.86 4.43 10.43
C TYR B 634 58.68 3.83 9.66
N LYS B 635 59.00 2.99 8.68
CA LYS B 635 58.00 2.29 7.89
C LYS B 635 57.94 0.85 8.38
N VAL B 636 56.79 0.46 8.93
CA VAL B 636 56.58 -0.90 9.40
C VAL B 636 55.49 -1.54 8.55
N ASN B 637 55.51 -2.87 8.49
CA ASN B 637 54.47 -3.61 7.80
C ASN B 637 53.89 -4.65 8.76
N ILE B 638 52.60 -4.53 9.05
CA ILE B 638 51.95 -5.37 10.05
C ILE B 638 50.97 -6.30 9.34
N LEU B 639 51.10 -7.59 9.60
CA LEU B 639 50.17 -8.59 9.08
C LEU B 639 49.73 -9.50 10.21
N THR B 640 48.57 -10.11 10.04
CA THR B 640 48.19 -11.16 10.96
C THR B 640 49.05 -12.40 10.72
N ARG B 641 49.09 -13.28 11.71
CA ARG B 641 49.92 -14.47 11.60
C ARG B 641 49.52 -15.30 10.39
N LEU B 642 48.21 -15.53 10.22
CA LEU B 642 47.74 -16.31 9.08
C LEU B 642 48.04 -15.59 7.77
N ALA B 643 47.82 -14.27 7.73
CA ALA B 643 48.14 -13.51 6.53
C ALA B 643 49.63 -13.57 6.22
N ALA B 644 50.47 -13.46 7.26
CA ALA B 644 51.91 -13.57 7.04
C ALA B 644 52.28 -14.93 6.48
N GLU B 645 51.69 -16.00 7.02
CA GLU B 645 51.98 -17.33 6.51
C GLU B 645 51.57 -17.46 5.06
N LEU B 646 50.36 -17.00 4.71
CA LEU B 646 49.89 -17.10 3.34
C LEU B 646 50.68 -16.21 2.39
N ASN B 647 51.29 -15.14 2.89
CA ASN B 647 52.05 -14.25 2.04
C ASN B 647 53.27 -14.93 1.42
N LYS B 648 53.71 -16.04 1.98
CA LYS B 648 54.90 -16.71 1.47
C LYS B 648 54.70 -17.24 0.06
N PHE B 649 53.47 -17.45 -0.37
CA PHE B 649 53.19 -17.96 -1.71
C PHE B 649 53.09 -16.85 -2.75
N MET B 650 53.18 -15.60 -2.34
CA MET B 650 53.09 -14.48 -3.28
C MET B 650 54.42 -14.28 -4.00
N LEU B 651 54.34 -14.04 -5.30
CA LEU B 651 55.54 -13.87 -6.11
C LEU B 651 56.02 -12.43 -6.02
N GLU B 652 57.33 -12.27 -5.86
CA GLU B 652 57.92 -10.93 -5.88
C GLU B 652 57.79 -10.34 -7.27
N LYS B 653 57.31 -9.10 -7.34
CA LYS B 653 57.05 -8.46 -8.62
C LYS B 653 58.31 -7.76 -9.14
N VAL B 654 58.29 -7.44 -10.43
CA VAL B 654 59.45 -6.83 -11.06
C VAL B 654 59.77 -5.49 -10.41
N THR B 655 58.74 -4.65 -10.23
CA THR B 655 58.80 -3.35 -9.57
C THR B 655 59.58 -2.32 -10.38
N GLU B 656 60.01 -2.63 -11.60
CA GLU B 656 60.81 -1.70 -12.38
C GLU B 656 59.92 -0.58 -12.91
N ASP B 657 60.10 0.64 -12.37
CA ASP B 657 59.37 1.82 -12.82
C ASP B 657 60.29 3.04 -12.64
N THR B 658 61.00 3.38 -13.71
CA THR B 658 61.94 4.49 -13.66
C THR B 658 61.20 5.82 -13.74
N SER B 659 61.42 6.67 -12.73
CA SER B 659 60.85 8.01 -12.69
C SER B 659 61.82 9.06 -13.23
N SER B 660 63.00 8.65 -13.69
CA SER B 660 63.97 9.62 -14.20
C SER B 660 63.45 10.32 -15.44
N VAL B 661 62.81 9.58 -16.34
CA VAL B 661 62.30 10.17 -17.58
C VAL B 661 60.98 10.87 -17.31
N LEU B 662 60.85 12.11 -17.78
CA LEU B 662 59.64 12.89 -17.65
C LEU B 662 59.05 13.12 -19.04
N ARG B 663 57.79 12.75 -19.22
CA ARG B 663 57.13 12.76 -20.52
C ARG B 663 55.86 13.60 -20.44
N SER B 664 55.35 13.98 -21.61
CA SER B 664 54.15 14.81 -21.68
C SER B 664 52.91 13.99 -21.36
N PRO B 665 52.06 14.43 -20.43
CA PRO B 665 50.85 13.66 -20.14
C PRO B 665 49.75 13.84 -21.17
N MET B 666 49.59 15.05 -21.70
CA MET B 666 48.49 15.37 -22.61
C MET B 666 49.02 16.21 -23.76
N PRO B 667 48.32 16.21 -24.90
CA PRO B 667 48.72 17.07 -26.01
C PRO B 667 48.63 18.55 -25.62
N GLY B 668 49.52 19.35 -26.19
CA GLY B 668 49.52 20.77 -25.89
C GLY B 668 50.75 21.43 -26.50
N VAL B 669 50.97 22.68 -26.10
CA VAL B 669 52.10 23.47 -26.57
C VAL B 669 52.96 23.85 -25.37
N VAL B 670 54.26 23.65 -25.51
CA VAL B 670 55.20 23.92 -24.42
C VAL B 670 55.33 25.45 -24.28
N VAL B 671 54.76 26.00 -23.21
CA VAL B 671 54.85 27.43 -22.98
C VAL B 671 56.28 27.83 -22.64
N ALA B 672 56.91 27.09 -21.73
CA ALA B 672 58.27 27.40 -21.32
C ALA B 672 58.92 26.17 -20.72
N VAL B 673 60.25 26.17 -20.69
CA VAL B 673 61.05 25.13 -20.07
C VAL B 673 61.93 25.78 -19.02
N SER B 674 61.86 25.31 -17.78
CA SER B 674 62.55 25.92 -16.67
C SER B 674 63.88 25.26 -16.33
N VAL B 675 64.28 24.22 -17.07
CA VAL B 675 65.51 23.50 -16.77
C VAL B 675 66.33 23.34 -18.04
N LYS B 676 67.64 23.23 -17.87
CA LYS B 676 68.60 22.98 -18.93
C LYS B 676 69.52 21.86 -18.49
N PRO B 677 70.19 21.19 -19.43
CA PRO B 677 71.07 20.08 -19.05
C PRO B 677 72.12 20.54 -18.05
N GLY B 678 72.34 19.70 -17.04
CA GLY B 678 73.27 20.01 -15.97
C GLY B 678 72.67 20.78 -14.81
N ASP B 679 71.42 21.21 -14.91
CA ASP B 679 70.77 21.93 -13.82
C ASP B 679 70.29 20.97 -12.75
N ALA B 680 70.18 21.48 -11.53
CA ALA B 680 69.73 20.71 -10.38
C ALA B 680 68.23 20.93 -10.18
N VAL B 681 67.48 19.84 -10.09
CA VAL B 681 66.03 19.89 -9.92
C VAL B 681 65.66 19.12 -8.66
N ALA B 682 64.93 19.77 -7.77
CA ALA B 682 64.42 19.10 -6.59
C ALA B 682 63.07 18.42 -6.91
N GLU B 683 62.77 17.37 -6.16
CA GLU B 683 61.52 16.67 -6.36
C GLU B 683 60.35 17.63 -6.18
N GLY B 684 59.39 17.56 -7.10
CA GLY B 684 58.27 18.48 -7.10
C GLY B 684 58.55 19.81 -7.74
N GLN B 685 59.75 20.01 -8.30
CA GLN B 685 60.11 21.26 -8.95
C GLN B 685 59.69 21.23 -10.41
N GLU B 686 59.09 22.32 -10.87
CA GLU B 686 58.60 22.37 -12.25
C GLU B 686 59.75 22.25 -13.24
N ILE B 687 59.56 21.41 -14.26
CA ILE B 687 60.52 21.26 -15.34
C ILE B 687 60.06 22.01 -16.58
N CYS B 688 58.78 21.95 -16.90
CA CYS B 688 58.22 22.66 -18.05
C CYS B 688 56.73 22.86 -17.81
N VAL B 689 56.15 23.76 -18.59
CA VAL B 689 54.72 24.06 -18.54
C VAL B 689 54.13 23.80 -19.91
N ILE B 690 53.00 23.09 -19.95
CA ILE B 690 52.32 22.74 -21.19
C ILE B 690 50.92 23.35 -21.14
N GLU B 691 50.54 24.02 -22.21
CA GLU B 691 49.26 24.70 -22.33
C GLU B 691 48.35 23.89 -23.24
N ALA B 692 47.10 23.70 -22.80
CA ALA B 692 46.07 23.03 -23.59
C ALA B 692 44.72 23.51 -23.09
N MET B 693 43.92 24.09 -23.99
CA MET B 693 42.62 24.65 -23.64
C MET B 693 42.77 25.78 -22.62
N LYS B 694 43.96 26.47 -22.77
CA LYS B 694 44.31 27.60 -21.91
C LYS B 694 44.10 27.24 -20.43
N MET B 695 44.94 26.20 -19.86
CA MET B 695 44.97 25.76 -18.48
C MET B 695 46.38 25.74 -17.89
N GLN B 696 47.40 26.04 -18.69
CA GLN B 696 48.77 26.18 -18.19
C GLN B 696 49.17 25.00 -17.31
N ASN B 697 49.08 23.79 -17.88
CA ASN B 697 49.44 22.60 -17.14
C ASN B 697 50.92 22.61 -16.81
N SER B 698 51.25 22.13 -15.62
CA SER B 698 52.62 22.17 -15.09
C SER B 698 53.16 20.76 -14.93
N MET B 699 54.35 20.52 -15.46
CA MET B 699 55.04 19.26 -15.29
C MET B 699 56.11 19.41 -14.20
N THR B 700 56.16 18.44 -13.29
CA THR B 700 57.04 18.50 -12.14
C THR B 700 58.09 17.41 -12.21
N ALA B 701 59.26 17.70 -11.67
CA ALA B 701 60.34 16.71 -11.63
C ALA B 701 59.96 15.54 -10.74
N GLY B 702 60.22 14.33 -11.22
CA GLY B 702 59.88 13.15 -10.45
C GLY B 702 60.68 13.02 -9.17
N LYS B 703 61.94 13.43 -9.20
CA LYS B 703 62.83 13.28 -8.06
C LYS B 703 63.93 14.33 -8.15
N THR B 704 64.62 14.52 -7.03
CA THR B 704 65.77 15.41 -7.02
C THR B 704 66.88 14.84 -7.90
N GLY B 705 67.51 15.72 -8.68
CA GLY B 705 68.57 15.26 -9.56
C GLY B 705 68.98 16.37 -10.51
N THR B 706 69.60 15.95 -11.62
CA THR B 706 70.10 16.85 -12.63
C THR B 706 69.44 16.50 -13.97
N VAL B 707 69.65 17.37 -14.95
CA VAL B 707 69.05 17.20 -16.27
C VAL B 707 70.09 16.56 -17.19
N LYS B 708 69.95 15.26 -17.44
CA LYS B 708 70.82 14.60 -18.41
C LYS B 708 70.60 15.17 -19.80
N SER B 709 69.34 15.42 -20.17
CA SER B 709 69.02 15.96 -21.48
C SER B 709 67.63 16.56 -21.45
N VAL B 710 67.46 17.63 -22.23
CA VAL B 710 66.17 18.28 -22.41
C VAL B 710 65.74 18.05 -23.85
N HIS B 711 64.64 17.34 -24.04
CA HIS B 711 64.16 16.95 -25.35
C HIS B 711 63.04 17.85 -25.87
N CYS B 712 62.73 18.94 -25.17
CA CYS B 712 61.63 19.81 -25.53
C CYS B 712 62.10 21.26 -25.60
N GLN B 713 61.38 22.05 -26.39
CA GLN B 713 61.65 23.47 -26.55
C GLN B 713 60.34 24.23 -26.48
N ALA B 714 60.44 25.51 -26.08
CA ALA B 714 59.26 26.35 -25.99
C ALA B 714 58.63 26.55 -27.36
N GLY B 715 57.30 26.54 -27.39
CA GLY B 715 56.56 26.72 -28.62
C GLY B 715 56.39 25.47 -29.46
N ASP B 716 56.81 24.30 -28.96
CA ASP B 716 56.70 23.05 -29.69
C ASP B 716 55.46 22.31 -29.25
N THR B 717 54.71 21.79 -30.23
CA THR B 717 53.47 21.08 -29.97
C THR B 717 53.79 19.64 -29.60
N VAL B 718 53.79 19.35 -28.29
CA VAL B 718 54.09 18.00 -27.83
C VAL B 718 52.81 17.16 -27.83
N GLY B 719 53.00 15.84 -27.75
CA GLY B 719 51.89 14.92 -27.69
C GLY B 719 52.00 14.02 -26.47
N GLU B 720 50.90 13.33 -26.18
CA GLU B 720 50.87 12.44 -25.03
C GLU B 720 51.92 11.33 -25.17
N GLY B 721 52.51 10.96 -24.05
CA GLY B 721 53.54 9.93 -24.07
C GLY B 721 54.77 10.33 -24.86
N ASP B 722 55.13 11.61 -24.82
CA ASP B 722 56.29 12.13 -25.52
C ASP B 722 57.35 12.54 -24.50
N LEU B 723 58.57 12.05 -24.70
CA LEU B 723 59.65 12.38 -23.77
C LEU B 723 59.89 13.89 -23.74
N LEU B 724 59.96 14.44 -22.53
CA LEU B 724 60.21 15.86 -22.33
C LEU B 724 61.59 16.14 -21.74
N VAL B 725 62.01 15.36 -20.75
CA VAL B 725 63.30 15.57 -20.09
C VAL B 725 63.78 14.25 -19.51
N GLU B 726 65.08 14.19 -19.24
CA GLU B 726 65.68 13.04 -18.59
C GLU B 726 66.41 13.50 -17.34
N LEU B 727 66.23 12.76 -16.24
CA LEU B 727 66.93 12.99 -14.99
C LEU B 727 67.78 11.78 -14.66
N GLU B 728 68.92 12.01 -14.02
CA GLU B 728 69.80 10.91 -13.65
C GLU B 728 69.13 10.02 -12.60
N THR C 33 37.73 47.17 -6.29
CA THR C 33 37.84 46.26 -5.16
C THR C 33 37.72 44.81 -5.62
N SER C 34 38.36 43.91 -4.89
CA SER C 34 38.30 42.50 -5.23
C SER C 34 36.93 41.92 -4.89
N VAL C 35 36.68 40.71 -5.38
CA VAL C 35 35.40 40.05 -5.12
C VAL C 35 35.22 39.81 -3.63
N ASN C 36 36.30 39.41 -2.94
CA ASN C 36 36.20 39.15 -1.52
C ASN C 36 35.69 40.38 -0.78
N GLU C 37 36.30 41.54 -1.04
CA GLU C 37 35.92 42.76 -0.33
C GLU C 37 34.46 43.11 -0.57
N ARG C 38 34.00 42.96 -1.81
CA ARG C 38 32.59 43.16 -2.09
C ARG C 38 31.74 42.18 -1.30
N ILE C 39 32.26 40.98 -1.06
CA ILE C 39 31.54 40.00 -0.25
C ILE C 39 31.39 40.50 1.19
N GLU C 40 32.48 40.98 1.79
CA GLU C 40 32.35 41.52 3.14
C GLU C 40 31.39 42.71 3.16
N ASN C 41 31.47 43.56 2.14
CA ASN C 41 30.59 44.72 2.09
C ASN C 41 29.12 44.29 2.07
N LYS C 42 28.81 43.29 1.25
CA LYS C 42 27.44 42.80 1.18
C LYS C 42 27.01 42.15 2.49
N ARG C 43 27.90 41.37 3.11
CA ARG C 43 27.57 40.78 4.40
C ARG C 43 27.25 41.85 5.43
N ARG C 44 28.10 42.86 5.52
CA ARG C 44 27.91 43.93 6.50
C ARG C 44 26.62 44.69 6.23
N THR C 45 26.36 45.00 4.96
CA THR C 45 25.12 45.71 4.63
C THR C 45 23.90 44.87 4.98
N ALA C 46 23.92 43.58 4.66
CA ALA C 46 22.79 42.72 4.96
C ALA C 46 22.55 42.62 6.46
N LEU C 47 23.62 42.51 7.24
CA LEU C 47 23.46 42.39 8.68
C LEU C 47 22.75 43.60 9.29
N LEU C 48 22.80 44.75 8.64
CA LEU C 48 22.14 45.96 9.13
C LEU C 48 20.74 46.15 8.56
N GLY C 49 20.32 45.31 7.63
CA GLY C 49 18.98 45.45 7.09
C GLY C 49 18.82 46.77 6.36
N GLY C 50 17.87 47.57 6.81
CA GLY C 50 17.53 48.83 6.18
C GLY C 50 18.32 50.03 6.62
N GLY C 51 19.35 49.85 7.44
CA GLY C 51 20.18 50.95 7.88
C GLY C 51 20.06 51.19 9.38
N GLN C 52 21.09 51.85 9.91
CA GLN C 52 21.14 52.06 11.37
C GLN C 52 20.03 53.00 11.83
N ARG C 53 19.73 54.04 11.06
CA ARG C 53 18.66 54.95 11.46
C ARG C 53 17.32 54.23 11.48
N ARG C 54 17.08 53.34 10.50
CA ARG C 54 15.87 52.54 10.53
C ARG C 54 15.83 51.64 11.77
N ILE C 55 16.98 51.06 12.12
CA ILE C 55 17.04 50.21 13.31
C ILE C 55 16.71 51.02 14.56
N ASP C 56 17.24 52.24 14.65
CA ASP C 56 16.93 53.09 15.81
C ASP C 56 15.45 53.42 15.85
N ALA C 57 14.86 53.75 14.70
CA ALA C 57 13.43 54.03 14.67
C ALA C 57 12.64 52.81 15.13
N GLN C 58 13.07 51.63 14.72
CA GLN C 58 12.43 50.40 15.16
C GLN C 58 12.52 50.27 16.67
N HIS C 59 13.70 50.52 17.23
CA HIS C 59 13.91 50.36 18.66
C HIS C 59 13.07 51.34 19.47
N LYS C 60 12.99 52.60 19.03
CA LYS C 60 12.20 53.57 19.79
C LYS C 60 10.73 53.21 19.83
N ARG C 61 10.24 52.44 18.86
CA ARG C 61 8.88 51.92 18.95
C ARG C 61 8.75 50.83 20.00
N GLY C 62 9.85 50.35 20.57
CA GLY C 62 9.81 49.25 21.50
C GLY C 62 9.88 47.89 20.86
N LYS C 63 10.38 47.80 19.63
CA LYS C 63 10.43 46.55 18.88
C LYS C 63 11.88 46.18 18.58
N LEU C 64 12.13 44.88 18.51
CA LEU C 64 13.44 44.37 18.15
C LEU C 64 13.53 44.18 16.63
N THR C 65 14.77 44.14 16.15
CA THR C 65 14.98 43.83 14.74
C THR C 65 14.81 42.33 14.49
N ALA C 66 14.69 41.97 13.21
CA ALA C 66 14.45 40.58 12.87
C ALA C 66 15.58 39.69 13.35
N ARG C 67 16.83 40.10 13.14
CA ARG C 67 17.96 39.28 13.52
C ARG C 67 18.06 39.15 15.03
N GLU C 68 17.75 40.22 15.76
CA GLU C 68 17.73 40.14 17.22
C GLU C 68 16.66 39.16 17.69
N ARG C 69 15.49 39.18 17.05
CA ARG C 69 14.44 38.22 17.41
C ARG C 69 14.90 36.79 17.16
N ILE C 70 15.54 36.56 16.01
CA ILE C 70 16.04 35.21 15.72
C ILE C 70 17.07 34.79 16.76
N SER C 71 17.97 35.71 17.13
CA SER C 71 18.97 35.38 18.13
C SER C 71 18.33 35.00 19.46
N LEU C 72 17.30 35.75 19.86
CA LEU C 72 16.62 35.41 21.10
C LEU C 72 15.88 34.08 21.03
N LEU C 73 15.31 33.76 19.86
CA LEU C 73 14.46 32.57 19.78
C LEU C 73 15.26 31.27 19.75
N LEU C 74 16.38 31.25 19.03
CA LEU C 74 17.10 30.02 18.77
C LEU C 74 18.18 29.76 19.82
N ASP C 75 18.63 28.52 19.86
CA ASP C 75 19.75 28.17 20.72
C ASP C 75 20.99 28.92 20.28
N PRO C 76 21.82 29.40 21.20
CA PRO C 76 23.00 30.18 20.81
C PRO C 76 23.89 29.41 19.85
N GLY C 77 24.34 30.08 18.80
CA GLY C 77 25.25 29.48 17.85
C GLY C 77 24.66 28.39 16.99
N SER C 78 23.34 28.28 16.92
CA SER C 78 22.70 27.24 16.14
C SER C 78 22.06 27.75 14.86
N PHE C 79 21.95 29.07 14.68
CA PHE C 79 21.27 29.62 13.52
C PHE C 79 22.13 29.49 12.28
N VAL C 80 21.59 28.82 11.26
CA VAL C 80 22.19 28.76 9.93
C VAL C 80 21.25 29.51 8.99
N GLU C 81 21.75 30.60 8.41
CA GLU C 81 20.96 31.45 7.55
C GLU C 81 21.03 30.98 6.11
N SER C 82 19.98 31.28 5.35
CA SER C 82 19.90 30.90 3.94
C SER C 82 19.51 32.11 3.10
N ASP C 83 20.16 32.27 1.96
CA ASP C 83 19.80 33.30 0.99
C ASP C 83 20.04 34.70 1.55
N MET C 84 21.24 34.94 2.04
CA MET C 84 21.58 36.26 2.54
C MET C 84 21.63 37.29 1.43
N PHE C 85 22.16 36.90 0.26
CA PHE C 85 22.43 37.84 -0.82
C PHE C 85 21.29 37.98 -1.81
N VAL C 86 20.15 37.33 -1.57
CA VAL C 86 19.02 37.42 -2.49
C VAL C 86 18.50 38.85 -2.49
N GLU C 87 18.26 39.39 -3.69
CA GLU C 87 17.75 40.74 -3.85
C GLU C 87 16.55 40.74 -4.78
N HIS C 88 15.67 41.73 -4.62
CA HIS C 88 14.50 41.84 -5.47
C HIS C 88 14.91 42.16 -6.91
N ARG C 89 14.07 41.74 -7.85
CA ARG C 89 14.35 41.90 -9.27
C ARG C 89 13.40 42.90 -9.94
N CYS C 90 12.71 43.72 -9.16
CA CYS C 90 11.81 44.72 -9.73
C CYS C 90 12.60 45.77 -10.49
N ALA C 91 12.06 46.22 -11.62
CA ALA C 91 12.72 47.21 -12.45
C ALA C 91 11.81 48.40 -12.78
N ASP C 92 10.69 48.55 -12.09
CA ASP C 92 9.74 49.62 -12.35
C ASP C 92 9.82 50.69 -11.27
N PHE C 93 9.39 51.90 -11.63
CA PHE C 93 9.33 53.02 -10.70
C PHE C 93 10.67 53.26 -10.02
N GLY C 94 11.75 53.14 -10.79
CA GLY C 94 13.08 53.37 -10.25
C GLY C 94 13.50 52.40 -9.19
N MET C 95 12.89 51.21 -9.14
CA MET C 95 13.26 50.20 -8.17
C MET C 95 14.61 49.56 -8.46
N ALA C 96 15.14 49.75 -9.66
CA ALA C 96 16.43 49.17 -10.02
C ALA C 96 17.62 50.01 -9.60
N ALA C 97 17.37 51.19 -9.01
CA ALA C 97 18.46 52.02 -8.53
C ALA C 97 19.21 51.33 -7.40
N ASP C 98 20.52 51.57 -7.34
CA ASP C 98 21.35 50.91 -6.33
C ASP C 98 20.86 51.22 -4.92
N LYS C 99 20.32 52.41 -4.69
CA LYS C 99 19.80 52.74 -3.37
C LYS C 99 18.55 51.97 -3.02
N ASN C 100 17.92 51.29 -3.98
CA ASN C 100 16.74 50.48 -3.73
C ASN C 100 17.06 49.00 -3.68
N LYS C 101 18.34 48.62 -3.67
CA LYS C 101 18.76 47.23 -3.62
C LYS C 101 19.25 46.91 -2.22
N PHE C 102 18.59 45.96 -1.56
CA PHE C 102 18.96 45.52 -0.23
C PHE C 102 19.24 44.03 -0.24
N PRO C 103 20.43 43.57 0.12
CA PRO C 103 20.66 42.13 0.22
C PRO C 103 19.78 41.51 1.31
N GLY C 104 19.05 40.47 0.94
CA GLY C 104 18.13 39.83 1.87
C GLY C 104 16.69 40.22 1.60
N ASP C 105 16.47 41.50 1.32
CA ASP C 105 15.18 42.02 0.89
C ASP C 105 14.08 41.73 1.93
N SER C 106 14.27 42.30 3.12
CA SER C 106 13.23 42.43 4.11
C SER C 106 12.74 41.10 4.68
N VAL C 107 13.57 40.07 4.68
CA VAL C 107 13.21 38.84 5.36
C VAL C 107 14.48 38.03 5.61
N VAL C 108 14.59 37.47 6.81
CA VAL C 108 15.72 36.64 7.20
C VAL C 108 15.19 35.24 7.44
N THR C 109 15.74 34.26 6.72
CA THR C 109 15.24 32.90 6.78
C THR C 109 16.39 31.94 7.06
N GLY C 110 16.07 30.85 7.74
CA GLY C 110 17.08 29.83 8.00
C GLY C 110 16.55 28.76 8.91
N ARG C 111 17.47 28.02 9.51
CA ARG C 111 17.14 26.96 10.43
C ARG C 111 17.94 27.11 11.70
N GLY C 112 17.49 26.43 12.75
CA GLY C 112 18.16 26.47 14.02
C GLY C 112 17.67 25.36 14.91
N ARG C 113 18.02 25.44 16.18
CA ARG C 113 17.62 24.45 17.16
C ARG C 113 17.02 25.14 18.38
N ILE C 114 15.95 24.56 18.89
CA ILE C 114 15.36 24.95 20.16
C ILE C 114 15.49 23.76 21.10
N ASN C 115 16.25 23.93 22.18
CA ASN C 115 16.50 22.85 23.13
C ASN C 115 16.99 21.59 22.40
N GLY C 116 17.75 21.80 21.34
CA GLY C 116 18.35 20.71 20.59
C GLY C 116 17.51 20.14 19.47
N ARG C 117 16.27 20.59 19.31
CA ARG C 117 15.40 20.09 18.26
C ARG C 117 15.40 21.03 17.07
N LEU C 118 15.44 20.46 15.87
CA LEU C 118 15.53 21.24 14.65
C LEU C 118 14.26 22.03 14.41
N VAL C 119 14.41 23.22 13.83
CA VAL C 119 13.28 24.07 13.48
C VAL C 119 13.70 24.98 12.35
N TYR C 120 12.73 25.38 11.53
CA TYR C 120 12.94 26.33 10.45
C TYR C 120 12.20 27.62 10.76
N VAL C 121 12.84 28.75 10.52
CA VAL C 121 12.33 30.04 10.97
C VAL C 121 12.47 31.07 9.86
N PHE C 122 11.49 31.96 9.75
CA PHE C 122 11.61 33.17 8.96
C PHE C 122 11.12 34.36 9.77
N SER C 123 11.81 35.47 9.64
CA SER C 123 11.48 36.70 10.36
C SER C 123 11.43 37.85 9.37
N GLN C 124 10.34 38.60 9.39
CA GLN C 124 10.17 39.69 8.45
C GLN C 124 10.85 40.96 8.97
N ASP C 125 11.56 41.65 8.08
CA ASP C 125 12.37 42.81 8.43
C ASP C 125 11.61 44.07 8.07
N PHE C 126 11.08 44.76 9.08
CA PHE C 126 10.28 45.94 8.84
C PHE C 126 11.09 47.12 8.31
N THR C 127 12.41 47.12 8.51
CA THR C 127 13.22 48.25 8.12
C THR C 127 13.54 48.29 6.63
N VAL C 128 13.18 47.27 5.87
CA VAL C 128 13.41 47.22 4.43
C VAL C 128 12.07 47.37 3.74
N PHE C 129 11.82 48.53 3.16
CA PHE C 129 10.57 48.80 2.44
C PHE C 129 9.37 48.52 3.34
N GLY C 130 9.50 48.85 4.62
CA GLY C 130 8.43 48.59 5.55
C GLY C 130 8.07 47.13 5.69
N GLY C 131 8.99 46.23 5.35
CA GLY C 131 8.71 44.81 5.42
C GLY C 131 7.74 44.32 4.36
N SER C 132 7.55 45.08 3.29
CA SER C 132 6.60 44.68 2.26
C SER C 132 7.05 43.40 1.58
N LEU C 133 6.08 42.60 1.15
CA LEU C 133 6.36 41.31 0.54
C LEU C 133 6.59 41.48 -0.95
N SER C 134 7.73 41.00 -1.43
CA SER C 134 8.10 41.04 -2.83
C SER C 134 8.30 39.62 -3.35
N GLY C 135 8.72 39.52 -4.61
CA GLY C 135 8.97 38.22 -5.18
C GLY C 135 10.05 37.45 -4.45
N ALA C 136 11.17 38.13 -4.15
CA ALA C 136 12.26 37.46 -3.45
C ALA C 136 11.87 37.09 -2.03
N HIS C 137 11.09 37.94 -1.37
CA HIS C 137 10.61 37.63 -0.02
C HIS C 137 9.84 36.32 0.00
N ALA C 138 8.83 36.22 -0.87
CA ALA C 138 8.04 35.00 -0.95
C ALA C 138 8.89 33.82 -1.40
N GLN C 139 9.86 34.05 -2.29
CA GLN C 139 10.72 32.97 -2.73
C GLN C 139 11.52 32.40 -1.57
N LYS C 140 12.10 33.25 -0.73
CA LYS C 140 12.85 32.77 0.42
C LYS C 140 11.96 32.02 1.39
N ILE C 141 10.77 32.56 1.68
CA ILE C 141 9.87 31.88 2.60
C ILE C 141 9.49 30.52 2.06
N CYS C 142 9.19 30.44 0.75
CA CYS C 142 8.81 29.17 0.14
C CYS C 142 9.97 28.18 0.17
N LYS C 143 11.20 28.66 -0.03
CA LYS C 143 12.34 27.76 0.04
C LYS C 143 12.45 27.14 1.42
N ILE C 144 12.35 27.95 2.47
CA ILE C 144 12.48 27.36 3.81
C ILE C 144 11.31 26.43 4.09
N MET C 145 10.10 26.79 3.66
CA MET C 145 8.96 25.91 3.89
C MET C 145 9.14 24.57 3.18
N ASP C 146 9.62 24.59 1.94
CA ASP C 146 9.87 23.35 1.21
C ASP C 146 10.92 22.51 1.91
N GLN C 147 11.99 23.15 2.39
CA GLN C 147 13.01 22.40 3.12
C GLN C 147 12.42 21.74 4.36
N ALA C 148 11.62 22.50 5.13
CA ALA C 148 11.03 21.96 6.34
C ALA C 148 10.10 20.79 6.04
N ILE C 149 9.29 20.90 4.99
CA ILE C 149 8.42 19.80 4.62
C ILE C 149 9.24 18.60 4.17
N THR C 150 10.36 18.85 3.48
CA THR C 150 11.19 17.75 3.00
C THR C 150 11.78 16.96 4.16
N VAL C 151 12.29 17.65 5.19
CA VAL C 151 12.89 16.96 6.32
C VAL C 151 11.91 16.64 7.43
N GLY C 152 10.76 17.33 7.47
CA GLY C 152 9.78 17.07 8.49
C GLY C 152 10.06 17.78 9.81
N ALA C 153 10.19 19.09 9.77
CA ALA C 153 10.42 19.90 10.95
C ALA C 153 9.46 21.07 10.98
N PRO C 154 9.16 21.59 12.16
CA PRO C 154 8.19 22.69 12.27
C PRO C 154 8.72 23.97 11.64
N VAL C 155 7.79 24.90 11.40
CA VAL C 155 8.10 26.20 10.83
C VAL C 155 7.55 27.27 11.76
N ILE C 156 8.38 28.27 12.04
CA ILE C 156 8.00 29.41 12.88
C ILE C 156 8.19 30.69 12.06
N GLY C 157 7.15 31.50 12.02
CA GLY C 157 7.21 32.75 11.28
C GLY C 157 6.95 33.96 12.16
N LEU C 158 7.92 34.86 12.23
CA LEU C 158 7.78 36.13 12.94
C LEU C 158 7.34 37.17 11.93
N ASN C 159 6.11 37.64 12.07
CA ASN C 159 5.47 38.47 11.06
C ASN C 159 5.52 39.93 11.48
N ASP C 160 6.12 40.76 10.63
CA ASP C 160 6.10 42.21 10.81
C ASP C 160 6.27 42.82 9.42
N SER C 161 5.16 43.20 8.81
CA SER C 161 5.18 43.64 7.42
C SER C 161 3.99 44.52 7.13
N GLY C 162 4.20 45.59 6.37
CA GLY C 162 3.11 46.46 5.98
C GLY C 162 2.12 45.78 5.05
N GLY C 163 2.63 45.01 4.10
CA GLY C 163 1.77 44.33 3.15
C GLY C 163 2.52 44.02 1.87
N ALA C 164 1.77 43.97 0.77
CA ALA C 164 2.35 43.69 -0.53
C ALA C 164 3.15 44.89 -1.04
N ARG C 165 4.24 44.60 -1.74
CA ARG C 165 5.05 45.64 -2.37
C ARG C 165 4.35 46.09 -3.64
N ILE C 166 3.71 47.25 -3.58
CA ILE C 166 2.88 47.72 -4.69
C ILE C 166 3.71 47.86 -5.96
N GLN C 167 4.98 48.22 -5.83
CA GLN C 167 5.83 48.42 -7.00
C GLN C 167 5.96 47.16 -7.85
N GLU C 168 5.84 45.98 -7.23
CA GLU C 168 5.94 44.72 -7.95
C GLU C 168 4.58 44.24 -8.46
N GLY C 169 3.51 44.97 -8.17
CA GLY C 169 2.21 44.65 -8.72
C GLY C 169 1.83 43.20 -8.54
N VAL C 170 1.28 42.61 -9.60
CA VAL C 170 0.78 41.24 -9.52
C VAL C 170 1.84 40.29 -8.98
N GLU C 171 3.12 40.58 -9.20
CA GLU C 171 4.16 39.69 -8.71
C GLU C 171 3.95 39.39 -7.23
N SER C 172 3.78 40.44 -6.42
CA SER C 172 3.58 40.22 -4.99
C SER C 172 2.43 39.27 -4.75
N LEU C 173 1.30 39.51 -5.40
CA LEU C 173 0.15 38.62 -5.23
C LEU C 173 0.56 37.18 -5.44
N ALA C 174 1.24 36.90 -6.55
CA ALA C 174 1.66 35.53 -6.81
C ALA C 174 2.41 34.96 -5.62
N GLY C 175 3.39 35.70 -5.11
CA GLY C 175 4.16 35.21 -3.99
C GLY C 175 3.27 34.81 -2.83
N TYR C 176 2.31 35.67 -2.49
CA TYR C 176 1.40 35.36 -1.40
C TYR C 176 0.74 34.01 -1.64
N ALA C 177 0.21 33.80 -2.84
CA ALA C 177 -0.43 32.53 -3.14
C ALA C 177 0.55 31.39 -2.97
N ASP C 178 1.77 31.57 -3.47
CA ASP C 178 2.78 30.52 -3.32
C ASP C 178 2.96 30.14 -1.86
N ILE C 179 2.89 31.11 -0.95
CA ILE C 179 2.96 30.79 0.47
C ILE C 179 1.70 30.05 0.89
N PHE C 180 0.53 30.61 0.53
CA PHE C 180 -0.72 30.05 0.99
C PHE C 180 -0.81 28.57 0.67
N LEU C 181 -0.58 28.22 -0.60
CA LEU C 181 -0.64 26.83 -1.01
C LEU C 181 0.23 25.97 -0.10
N ARG C 182 1.48 26.38 0.11
CA ARG C 182 2.37 25.57 0.94
C ARG C 182 1.79 25.39 2.33
N ASN C 183 1.25 26.46 2.91
CA ASN C 183 0.60 26.31 4.21
C ASN C 183 -0.43 25.20 4.15
N VAL C 184 -1.31 25.26 3.16
CA VAL C 184 -2.35 24.24 3.06
C VAL C 184 -1.75 22.88 2.84
N THR C 185 -0.64 22.81 2.08
CA THR C 185 -0.01 21.51 1.87
C THR C 185 0.66 21.02 3.14
N ALA C 186 1.11 21.91 4.00
CA ALA C 186 1.79 21.52 5.22
C ALA C 186 0.83 21.26 6.38
N SER C 187 -0.43 21.67 6.25
CA SER C 187 -1.37 21.49 7.33
C SER C 187 -1.51 20.02 7.67
N GLY C 188 -1.29 19.69 8.95
CA GLY C 188 -1.36 18.32 9.40
C GLY C 188 -0.12 17.50 9.14
N VAL C 189 0.91 18.06 8.53
CA VAL C 189 2.16 17.37 8.25
C VAL C 189 3.25 17.83 9.21
N ILE C 190 3.46 19.13 9.33
CA ILE C 190 4.41 19.70 10.28
C ILE C 190 3.74 20.85 11.00
N PRO C 191 3.95 21.02 12.30
CA PRO C 191 3.35 22.15 13.00
C PRO C 191 3.85 23.47 12.44
N GLN C 192 2.95 24.45 12.39
CA GLN C 192 3.27 25.78 11.91
C GLN C 192 2.84 26.79 12.97
N ILE C 193 3.73 27.70 13.32
CA ILE C 193 3.47 28.69 14.36
C ILE C 193 3.75 30.08 13.81
N SER C 194 2.86 31.01 14.11
CA SER C 194 2.99 32.40 13.69
C SER C 194 3.00 33.30 14.91
N LEU C 195 3.94 34.25 14.92
CA LEU C 195 4.04 35.24 15.97
C LEU C 195 3.95 36.62 15.32
N ILE C 196 2.84 37.32 15.55
CA ILE C 196 2.65 38.66 14.99
C ILE C 196 3.33 39.65 15.92
N MET C 197 4.37 40.31 15.41
CA MET C 197 5.18 41.20 16.23
C MET C 197 5.19 42.63 15.70
N GLY C 198 4.31 42.96 14.76
CA GLY C 198 4.24 44.28 14.21
C GLY C 198 3.01 44.47 13.36
N PRO C 199 2.98 45.53 12.56
CA PRO C 199 1.86 45.74 11.64
C PRO C 199 1.72 44.57 10.67
N CYS C 200 0.48 44.21 10.37
CA CYS C 200 0.21 43.13 9.43
C CYS C 200 -1.17 43.39 8.83
N ALA C 201 -1.20 43.81 7.57
CA ALA C 201 -2.44 44.22 6.93
C ALA C 201 -2.54 43.61 5.54
N GLY C 202 -3.77 43.51 5.05
CA GLY C 202 -4.01 42.98 3.72
C GLY C 202 -3.90 41.46 3.67
N GLY C 203 -3.68 40.95 2.46
CA GLY C 203 -3.62 39.52 2.27
C GLY C 203 -2.61 38.82 3.14
N ALA C 204 -1.57 39.54 3.58
CA ALA C 204 -0.58 38.93 4.44
C ALA C 204 -1.19 38.34 5.71
N VAL C 205 -2.34 38.86 6.15
CA VAL C 205 -2.97 38.34 7.35
C VAL C 205 -3.47 36.92 7.19
N TYR C 206 -3.65 36.45 5.95
CA TYR C 206 -4.25 35.14 5.74
C TYR C 206 -3.29 34.00 6.01
N SER C 207 -2.01 34.18 5.74
CA SER C 207 -1.05 33.12 6.03
C SER C 207 -1.05 32.74 7.50
N PRO C 208 -0.97 33.66 8.45
CA PRO C 208 -1.09 33.26 9.86
C PRO C 208 -2.40 32.56 10.16
N ALA C 209 -3.49 32.95 9.52
CA ALA C 209 -4.77 32.31 9.77
C ALA C 209 -4.75 30.83 9.39
N LEU C 210 -3.92 30.48 8.41
CA LEU C 210 -3.83 29.08 7.98
C LEU C 210 -2.91 28.24 8.86
N THR C 211 -2.11 28.87 9.72
CA THR C 211 -1.21 28.12 10.58
C THR C 211 -1.97 27.59 11.79
N ASP C 212 -1.29 26.72 12.54
CA ASP C 212 -1.94 26.04 13.66
C ASP C 212 -2.18 26.98 14.84
N PHE C 213 -1.20 27.81 15.17
CA PHE C 213 -1.32 28.71 16.32
C PHE C 213 -0.79 30.08 15.96
N THR C 214 -1.46 31.11 16.47
CA THR C 214 -1.07 32.50 16.25
C THR C 214 -0.92 33.20 17.59
N PHE C 215 0.23 33.83 17.80
CA PHE C 215 0.48 34.60 19.01
C PHE C 215 0.74 36.05 18.64
N MET C 216 0.39 36.95 19.56
CA MET C 216 0.43 38.37 19.30
C MET C 216 1.15 39.08 20.43
N VAL C 217 1.82 40.17 20.08
CA VAL C 217 2.51 41.02 21.06
C VAL C 217 1.64 42.25 21.32
N LYS C 218 1.47 42.58 22.60
CA LYS C 218 0.57 43.65 22.98
C LYS C 218 1.11 45.01 22.54
N ASP C 219 0.23 45.84 22.01
CA ASP C 219 0.49 47.26 21.82
C ASP C 219 1.40 47.57 20.64
N THR C 220 1.96 46.54 19.99
CA THR C 220 2.85 46.77 18.87
C THR C 220 2.52 45.92 17.65
N SER C 221 1.50 45.08 17.71
CA SER C 221 1.11 44.23 16.60
C SER C 221 -0.40 44.32 16.40
N TYR C 222 -0.82 44.15 15.15
CA TYR C 222 -2.24 44.16 14.84
C TYR C 222 -2.48 43.44 13.53
N LEU C 223 -3.72 42.99 13.35
CA LEU C 223 -4.12 42.25 12.16
C LEU C 223 -5.44 42.78 11.66
N PHE C 224 -5.48 43.16 10.37
CA PHE C 224 -6.73 43.53 9.74
C PHE C 224 -6.52 43.55 8.23
N ILE C 225 -7.58 43.18 7.49
CA ILE C 225 -7.52 43.19 6.04
C ILE C 225 -7.49 44.62 5.52
N THR C 226 -8.33 45.48 6.08
CA THR C 226 -8.44 46.87 5.64
C THR C 226 -8.14 47.78 6.82
N GLY C 227 -7.38 48.84 6.58
CA GLY C 227 -6.99 49.76 7.62
C GLY C 227 -8.11 50.67 8.06
N PRO C 228 -7.88 51.42 9.14
CA PRO C 228 -8.94 52.30 9.66
C PRO C 228 -9.39 53.37 8.68
N ASP C 229 -8.49 53.87 7.83
CA ASP C 229 -8.86 54.94 6.90
C ASP C 229 -9.95 54.47 5.94
N VAL C 230 -9.77 53.28 5.36
CA VAL C 230 -10.77 52.75 4.45
C VAL C 230 -12.07 52.47 5.19
N VAL C 231 -11.99 52.00 6.43
CA VAL C 231 -13.20 51.78 7.22
C VAL C 231 -13.97 53.08 7.37
N LYS C 232 -13.27 54.16 7.73
CA LYS C 232 -13.93 55.45 7.88
C LYS C 232 -14.53 55.91 6.56
N SER C 233 -13.78 55.75 5.47
CA SER C 233 -14.25 56.24 4.18
C SER C 233 -15.48 55.47 3.71
N VAL C 234 -15.56 54.17 3.98
CA VAL C 234 -16.64 53.36 3.43
C VAL C 234 -17.84 53.29 4.37
N THR C 235 -17.62 52.92 5.63
CA THR C 235 -18.71 52.73 6.58
C THR C 235 -18.88 53.89 7.55
N ASN C 236 -18.06 54.94 7.44
CA ASN C 236 -18.18 56.11 8.31
C ASN C 236 -18.05 55.71 9.79
N GLU C 237 -17.04 54.88 10.07
CA GLU C 237 -16.74 54.45 11.43
C GLU C 237 -15.39 54.99 11.85
N ASP C 238 -15.31 55.48 13.08
CA ASP C 238 -14.05 55.98 13.63
C ASP C 238 -13.45 54.93 14.55
N VAL C 239 -12.25 54.46 14.19
CA VAL C 239 -11.57 53.43 14.97
C VAL C 239 -10.07 53.62 14.78
N THR C 240 -9.30 53.23 15.79
CA THR C 240 -7.85 53.27 15.73
C THR C 240 -7.31 51.90 15.32
N GLN C 241 -6.01 51.85 15.04
CA GLN C 241 -5.40 50.59 14.68
C GLN C 241 -5.53 49.58 15.81
N GLU C 242 -5.30 50.01 17.05
CA GLU C 242 -5.41 49.10 18.18
C GLU C 242 -6.82 48.55 18.31
N GLU C 243 -7.83 49.42 18.20
CA GLU C 243 -9.21 48.96 18.28
C GLU C 243 -9.56 48.02 17.12
N LEU C 244 -9.10 48.35 15.92
CA LEU C 244 -9.47 47.54 14.75
C LEU C 244 -8.83 46.16 14.81
N GLY C 245 -7.53 46.09 15.08
CA GLY C 245 -6.84 44.81 15.00
C GLY C 245 -5.80 44.58 16.07
N GLY C 246 -5.96 45.22 17.21
CA GLY C 246 -4.99 45.07 18.29
C GLY C 246 -5.00 43.66 18.87
N ALA C 247 -3.96 43.38 19.66
CA ALA C 247 -3.84 42.06 20.27
C ALA C 247 -5.03 41.74 21.16
N LYS C 248 -5.49 42.73 21.93
CA LYS C 248 -6.65 42.50 22.80
C LYS C 248 -7.89 42.15 21.99
N THR C 249 -8.10 42.85 20.87
CA THR C 249 -9.27 42.57 20.04
C THR C 249 -9.25 41.15 19.52
N HIS C 250 -8.10 40.69 19.04
CA HIS C 250 -8.00 39.37 18.45
C HIS C 250 -7.79 38.27 19.47
N THR C 251 -7.60 38.60 20.74
CA THR C 251 -7.50 37.61 21.78
C THR C 251 -8.72 37.55 22.69
N THR C 252 -9.64 38.51 22.58
CA THR C 252 -10.83 38.52 23.41
C THR C 252 -12.13 38.60 22.63
N MET C 253 -12.12 39.06 21.39
CA MET C 253 -13.36 39.27 20.63
C MET C 253 -13.45 38.39 19.40
N SER C 254 -12.47 38.47 18.50
CA SER C 254 -12.56 37.78 17.22
C SER C 254 -12.18 36.32 17.28
N GLY C 255 -11.52 35.87 18.35
CA GLY C 255 -11.07 34.49 18.41
C GLY C 255 -10.10 34.13 17.30
N VAL C 256 -9.25 35.07 16.92
CA VAL C 256 -8.26 34.83 15.86
C VAL C 256 -6.90 34.48 16.43
N ALA C 257 -6.49 35.15 17.50
CA ALA C 257 -5.21 34.89 18.14
C ALA C 257 -5.39 33.99 19.35
N HIS C 258 -4.34 33.24 19.67
CA HIS C 258 -4.39 32.28 20.77
C HIS C 258 -3.78 32.81 22.06
N ARG C 259 -2.82 33.72 21.99
CA ARG C 259 -2.19 34.26 23.18
C ARG C 259 -1.64 35.64 22.87
N ALA C 260 -1.61 36.48 23.88
CA ALA C 260 -1.02 37.82 23.80
C ALA C 260 0.10 37.93 24.83
N PHE C 261 1.21 38.52 24.44
CA PHE C 261 2.37 38.64 25.29
C PHE C 261 2.76 40.10 25.46
N GLU C 262 3.48 40.38 26.54
CA GLU C 262 3.78 41.76 26.91
C GLU C 262 4.82 42.38 25.97
N ASN C 263 5.88 41.64 25.66
CA ASN C 263 7.03 42.19 24.95
C ASN C 263 7.51 41.19 23.93
N ASP C 264 8.45 41.63 23.09
CA ASP C 264 9.12 40.71 22.18
C ASP C 264 9.91 39.68 22.95
N VAL C 265 10.62 40.10 24.01
CA VAL C 265 11.43 39.17 24.78
C VAL C 265 10.53 38.15 25.48
N ASP C 266 9.49 38.63 26.15
CA ASP C 266 8.55 37.73 26.81
C ASP C 266 7.89 36.80 25.81
N ALA C 267 7.49 37.34 24.66
CA ALA C 267 6.85 36.51 23.65
C ALA C 267 7.79 35.42 23.17
N LEU C 268 9.06 35.75 22.94
CA LEU C 268 10.00 34.75 22.44
C LEU C 268 10.29 33.68 23.49
N CYS C 269 10.43 34.07 24.75
CA CYS C 269 10.63 33.08 25.79
C CYS C 269 9.44 32.13 25.87
N ASN C 270 8.23 32.68 25.88
CA ASN C 270 7.05 31.83 25.92
C ASN C 270 6.94 30.99 24.66
N LEU C 271 7.40 31.49 23.52
CA LEU C 271 7.37 30.72 22.30
C LEU C 271 8.28 29.50 22.40
N ARG C 272 9.48 29.67 22.94
CA ARG C 272 10.35 28.52 23.17
C ARG C 272 9.68 27.51 24.09
N ASP C 273 9.11 28.00 25.20
CA ASP C 273 8.44 27.11 26.14
C ASP C 273 7.34 26.32 25.43
N PHE C 274 6.52 27.01 24.63
CA PHE C 274 5.43 26.35 23.93
C PHE C 274 5.95 25.34 22.92
N PHE C 275 6.98 25.72 22.17
CA PHE C 275 7.54 24.81 21.18
C PHE C 275 8.04 23.53 21.81
N ASN C 276 8.47 23.60 23.07
CA ASN C 276 8.94 22.37 23.72
C ASN C 276 7.87 21.28 23.72
N TYR C 277 6.59 21.64 23.66
CA TYR C 277 5.53 20.64 23.78
C TYR C 277 5.35 19.82 22.51
N LEU C 278 5.50 20.43 21.34
CA LEU C 278 5.01 19.85 20.10
C LEU C 278 5.97 18.79 19.55
N PRO C 279 5.44 17.81 18.83
CA PRO C 279 6.30 16.92 18.04
C PRO C 279 6.77 17.62 16.78
N LEU C 280 7.86 17.11 16.22
CA LEU C 280 8.46 17.75 15.05
C LEU C 280 7.63 17.55 13.80
N SER C 281 6.91 16.44 13.68
CA SER C 281 6.07 16.18 12.52
C SER C 281 5.01 15.17 12.91
N SER C 282 4.06 14.95 12.01
CA SER C 282 2.99 13.99 12.25
C SER C 282 3.46 12.55 12.20
N GLN C 283 4.70 12.31 11.76
CA GLN C 283 5.26 10.96 11.79
C GLN C 283 5.81 10.58 13.15
N ASP C 284 5.88 11.52 14.09
CA ASP C 284 6.47 11.24 15.39
C ASP C 284 5.39 11.19 16.47
N PRO C 285 5.61 10.41 17.53
CA PRO C 285 4.66 10.39 18.64
C PRO C 285 4.76 11.66 19.47
N ALA C 286 3.87 11.77 20.43
CA ALA C 286 3.89 12.91 21.33
C ALA C 286 5.22 12.93 22.08
N PRO C 287 5.87 14.10 22.19
CA PRO C 287 7.15 14.15 22.90
C PRO C 287 7.02 13.68 24.34
N VAL C 288 8.04 12.95 24.80
CA VAL C 288 8.12 12.49 26.18
C VAL C 288 9.47 12.93 26.72
N ARG C 289 9.47 13.69 27.80
CA ARG C 289 10.68 14.21 28.40
C ARG C 289 10.85 13.66 29.81
N GLU C 290 11.99 13.97 30.40
CA GLU C 290 12.28 13.49 31.75
C GLU C 290 11.28 14.06 32.74
N CYS C 291 10.75 13.21 33.61
CA CYS C 291 9.71 13.57 34.55
C CYS C 291 10.13 13.25 35.97
N HIS C 292 9.85 14.16 36.90
CA HIS C 292 10.10 13.95 38.31
C HIS C 292 8.85 13.75 39.14
N ASP C 293 7.71 14.24 38.69
CA ASP C 293 6.47 14.08 39.42
C ASP C 293 6.02 12.63 39.37
N PRO C 294 5.85 11.96 40.50
CA PRO C 294 5.42 10.56 40.47
C PRO C 294 4.08 10.41 39.76
N SER C 295 3.97 9.36 38.96
CA SER C 295 2.73 9.11 38.23
C SER C 295 1.61 8.61 39.12
N ASP C 296 1.92 8.14 40.32
CA ASP C 296 0.92 7.64 41.26
C ASP C 296 0.64 8.61 42.39
N ARG C 297 1.08 9.86 42.27
CA ARG C 297 0.84 10.84 43.32
C ARG C 297 -0.65 11.01 43.54
N LEU C 298 -1.07 11.01 44.80
CA LEU C 298 -2.46 11.22 45.14
C LEU C 298 -2.79 12.70 45.17
N VAL C 299 -4.07 13.01 44.98
CA VAL C 299 -4.54 14.39 45.00
C VAL C 299 -5.73 14.49 45.93
N PRO C 300 -5.51 14.43 47.25
CA PRO C 300 -6.64 14.45 48.18
C PRO C 300 -7.45 15.74 48.12
N GLU C 301 -6.86 16.84 47.64
CA GLU C 301 -7.57 18.11 47.60
C GLU C 301 -8.78 18.09 46.69
N LEU C 302 -8.89 17.10 45.80
CA LEU C 302 -10.01 17.01 44.88
C LEU C 302 -11.22 16.30 45.48
N ASP C 303 -11.07 15.69 46.65
CA ASP C 303 -12.17 14.90 47.21
C ASP C 303 -13.37 15.76 47.61
N THR C 304 -13.18 17.07 47.79
CA THR C 304 -14.27 17.96 48.18
C THR C 304 -14.33 19.20 47.31
N ILE C 305 -13.68 19.19 46.16
CA ILE C 305 -13.66 20.38 45.31
C ILE C 305 -15.04 20.67 44.73
N VAL C 306 -15.80 19.63 44.40
CA VAL C 306 -17.10 19.78 43.75
C VAL C 306 -18.15 20.00 44.84
N PRO C 307 -18.84 21.14 44.87
CA PRO C 307 -19.91 21.33 45.85
C PRO C 307 -21.06 20.37 45.61
N LEU C 308 -21.71 19.96 46.70
CA LEU C 308 -22.84 19.05 46.58
C LEU C 308 -24.03 19.72 45.90
N GLU C 309 -24.31 20.98 46.25
CA GLU C 309 -25.43 21.69 45.66
C GLU C 309 -25.07 22.12 44.24
N SER C 310 -25.88 21.69 43.28
CA SER C 310 -25.60 21.98 41.87
C SER C 310 -25.74 23.44 41.51
N THR C 311 -26.07 24.30 42.47
CA THR C 311 -26.21 25.73 42.21
C THR C 311 -24.94 26.52 42.53
N LYS C 312 -23.87 25.86 42.92
CA LYS C 312 -22.61 26.52 43.22
C LYS C 312 -21.53 26.05 42.25
N ALA C 313 -20.72 26.98 41.79
CA ALA C 313 -19.69 26.70 40.81
C ALA C 313 -18.32 26.52 41.48
N TYR C 314 -17.41 25.90 40.74
CA TYR C 314 -16.02 25.76 41.15
C TYR C 314 -15.14 26.08 39.95
N ASN C 315 -13.83 26.03 40.17
CA ASN C 315 -12.87 26.35 39.13
C ASN C 315 -12.23 25.05 38.62
N MET C 316 -12.54 24.70 37.37
CA MET C 316 -11.96 23.50 36.78
C MET C 316 -10.45 23.63 36.60
N VAL C 317 -9.94 24.86 36.49
CA VAL C 317 -8.50 25.04 36.36
C VAL C 317 -7.77 24.52 37.58
N ASP C 318 -8.40 24.60 38.76
CA ASP C 318 -7.78 24.02 39.94
C ASP C 318 -7.61 22.52 39.81
N ILE C 319 -8.65 21.85 39.31
CA ILE C 319 -8.54 20.40 39.08
C ILE C 319 -7.45 20.11 38.08
N ILE C 320 -7.40 20.88 36.99
CA ILE C 320 -6.38 20.64 35.97
C ILE C 320 -4.99 20.81 36.55
N HIS C 321 -4.78 21.88 37.34
CA HIS C 321 -3.48 22.10 37.96
C HIS C 321 -3.12 20.96 38.88
N SER C 322 -4.07 20.47 39.67
CA SER C 322 -3.79 19.38 40.59
C SER C 322 -3.40 18.11 39.85
N VAL C 323 -4.06 17.82 38.74
CA VAL C 323 -3.86 16.52 38.11
C VAL C 323 -2.57 16.45 37.30
N VAL C 324 -2.18 17.54 36.63
CA VAL C 324 -1.08 17.51 35.68
C VAL C 324 0.27 17.51 36.39
N ASP C 325 1.33 17.21 35.66
CA ASP C 325 2.66 17.17 36.22
C ASP C 325 3.10 18.56 36.67
N GLU C 326 3.60 18.65 37.89
CA GLU C 326 4.18 19.88 38.43
C GLU C 326 3.21 21.06 38.38
N ARG C 327 1.93 20.79 38.20
CA ARG C 327 0.91 21.85 38.19
C ARG C 327 1.17 22.86 37.08
N GLU C 328 1.78 22.42 35.98
CA GLU C 328 2.14 23.29 34.88
C GLU C 328 1.13 23.11 33.75
N PHE C 329 0.57 24.22 33.28
CA PHE C 329 -0.49 24.19 32.28
C PHE C 329 -0.33 25.38 31.35
N PHE C 330 -0.17 25.12 30.06
CA PHE C 330 -0.08 26.17 29.05
C PHE C 330 -1.46 26.32 28.43
N GLU C 331 -2.18 27.37 28.82
CA GLU C 331 -3.55 27.55 28.37
C GLU C 331 -3.60 28.24 27.01
N ILE C 332 -4.59 27.87 26.21
CA ILE C 332 -4.80 28.44 24.88
C ILE C 332 -6.08 29.25 24.92
N MET C 333 -6.02 30.46 24.36
CA MET C 333 -7.14 31.39 24.38
C MET C 333 -7.67 31.57 25.81
N PRO C 334 -6.81 31.92 26.76
CA PRO C 334 -7.28 32.04 28.16
C PRO C 334 -8.35 33.08 28.36
N ASN C 335 -8.39 34.12 27.53
CA ASN C 335 -9.30 35.24 27.73
C ASN C 335 -10.45 35.26 26.72
N TYR C 336 -10.63 34.19 25.95
CA TYR C 336 -11.67 34.13 24.94
C TYR C 336 -12.52 32.89 25.18
N ALA C 337 -13.83 33.07 25.19
CA ALA C 337 -14.77 31.97 25.42
C ALA C 337 -14.38 31.19 26.68
N LYS C 338 -14.42 31.88 27.81
CA LYS C 338 -13.91 31.34 29.05
C LYS C 338 -14.74 30.20 29.61
N ASN C 339 -15.93 29.94 29.06
CA ASN C 339 -16.73 28.82 29.55
C ASN C 339 -16.13 27.46 29.21
N ILE C 340 -15.10 27.42 28.37
CA ILE C 340 -14.38 26.20 28.08
C ILE C 340 -12.89 26.47 28.23
N ILE C 341 -12.14 25.42 28.57
CA ILE C 341 -10.71 25.53 28.83
C ILE C 341 -9.98 24.52 27.96
N VAL C 342 -8.97 24.97 27.24
CA VAL C 342 -8.14 24.10 26.42
C VAL C 342 -6.68 24.48 26.65
N GLY C 343 -5.81 23.48 26.61
CA GLY C 343 -4.41 23.77 26.81
C GLY C 343 -3.54 22.53 26.67
N PHE C 344 -2.25 22.74 26.89
CA PHE C 344 -1.25 21.70 26.85
C PHE C 344 -0.68 21.47 28.24
N ALA C 345 -0.41 20.21 28.57
CA ALA C 345 0.21 19.85 29.83
C ALA C 345 1.02 18.58 29.62
N ARG C 346 1.56 18.03 30.70
CA ARG C 346 2.31 16.79 30.63
C ARG C 346 1.83 15.84 31.71
N MET C 347 1.67 14.57 31.33
CA MET C 347 1.39 13.49 32.27
C MET C 347 2.52 12.49 32.18
N ASN C 348 3.22 12.29 33.29
CA ASN C 348 4.37 11.38 33.32
C ASN C 348 5.39 11.76 32.26
N GLY C 349 5.50 13.05 31.96
CA GLY C 349 6.44 13.55 30.99
C GLY C 349 5.95 13.54 29.56
N ARG C 350 4.77 12.99 29.29
CA ARG C 350 4.23 12.92 27.94
C ARG C 350 3.26 14.07 27.70
N THR C 351 3.41 14.74 26.56
CA THR C 351 2.55 15.85 26.23
C THR C 351 1.11 15.37 26.08
N VAL C 352 0.17 16.15 26.63
CA VAL C 352 -1.25 15.85 26.53
C VAL C 352 -2.01 17.16 26.31
N GLY C 353 -3.17 17.03 25.68
CA GLY C 353 -4.08 18.14 25.50
C GLY C 353 -5.25 18.03 26.45
N ILE C 354 -5.59 19.14 27.09
CA ILE C 354 -6.62 19.21 28.10
C ILE C 354 -7.77 20.03 27.57
N VAL C 355 -8.98 19.45 27.65
CA VAL C 355 -10.22 20.15 27.32
C VAL C 355 -11.18 19.95 28.50
N GLY C 356 -11.77 21.03 28.97
CA GLY C 356 -12.66 20.94 30.10
C GLY C 356 -13.73 22.02 30.16
N ASN C 357 -14.90 21.68 30.67
CA ASN C 357 -15.93 22.68 30.89
C ASN C 357 -15.57 23.55 32.09
N GLN C 358 -16.00 24.81 32.05
CA GLN C 358 -15.70 25.75 33.13
C GLN C 358 -17.00 26.17 33.79
N PRO C 359 -17.42 25.53 34.88
CA PRO C 359 -18.67 25.94 35.55
C PRO C 359 -18.62 27.35 36.08
N LYS C 360 -17.43 27.90 36.29
CA LYS C 360 -17.30 29.24 36.85
C LYS C 360 -17.81 30.32 35.91
N VAL C 361 -17.95 30.02 34.63
CA VAL C 361 -18.37 31.01 33.63
C VAL C 361 -19.59 30.46 32.90
N ALA C 362 -20.69 31.20 32.96
CA ALA C 362 -21.91 30.86 32.23
C ALA C 362 -22.35 29.43 32.52
N SER C 363 -22.16 29.00 33.76
CA SER C 363 -22.57 27.67 34.23
C SER C 363 -21.90 26.55 33.46
N GLY C 364 -20.87 26.85 32.67
CA GLY C 364 -20.22 25.82 31.88
C GLY C 364 -21.00 25.36 30.67
N CYS C 365 -21.99 26.14 30.23
CA CYS C 365 -22.77 25.78 29.05
C CYS C 365 -21.97 26.01 27.78
N LEU C 366 -22.14 25.12 26.82
CA LEU C 366 -21.50 25.26 25.52
C LEU C 366 -22.20 26.34 24.70
N ASP C 367 -21.46 26.90 23.76
CA ASP C 367 -22.00 27.93 22.87
C ASP C 367 -21.14 27.95 21.60
N ILE C 368 -21.31 29.00 20.79
CA ILE C 368 -20.64 29.06 19.50
C ILE C 368 -19.14 29.20 19.67
N ASN C 369 -18.70 30.26 20.34
CA ASN C 369 -17.28 30.55 20.45
C ASN C 369 -16.55 29.42 21.15
N SER C 370 -17.10 28.93 22.26
CA SER C 370 -16.48 27.83 22.98
C SER C 370 -16.41 26.58 22.12
N SER C 371 -17.48 26.32 21.36
CA SER C 371 -17.48 25.14 20.49
C SER C 371 -16.36 25.22 19.48
N VAL C 372 -16.19 26.37 18.82
CA VAL C 372 -15.14 26.50 17.82
C VAL C 372 -13.76 26.37 18.48
N LYS C 373 -13.58 27.03 19.62
CA LYS C 373 -12.30 27.01 20.31
C LYS C 373 -11.91 25.61 20.69
N GLY C 374 -12.84 24.83 21.24
CA GLY C 374 -12.55 23.45 21.57
C GLY C 374 -12.31 22.59 20.34
N ALA C 375 -13.12 22.79 19.30
CA ALA C 375 -13.07 21.92 18.13
C ALA C 375 -11.71 22.02 17.43
N ARG C 376 -11.24 23.25 17.20
CA ARG C 376 -9.97 23.34 16.47
C ARG C 376 -8.81 22.78 17.29
N PHE C 377 -8.81 23.03 18.60
CA PHE C 377 -7.75 22.48 19.44
C PHE C 377 -7.77 20.96 19.43
N VAL C 378 -8.96 20.37 19.52
CA VAL C 378 -9.06 18.91 19.49
C VAL C 378 -8.54 18.38 18.15
N ARG C 379 -8.92 19.03 17.05
CA ARG C 379 -8.47 18.56 15.75
C ARG C 379 -6.96 18.63 15.63
N PHE C 380 -6.36 19.72 16.10
CA PHE C 380 -4.90 19.82 16.05
C PHE C 380 -4.27 18.72 16.88
N CYS C 381 -4.76 18.50 18.10
CA CYS C 381 -4.16 17.47 18.95
C CYS C 381 -4.25 16.11 18.28
N ASP C 382 -5.40 15.79 17.68
CA ASP C 382 -5.53 14.51 17.00
C ASP C 382 -4.58 14.40 15.81
N ALA C 383 -4.42 15.50 15.07
CA ALA C 383 -3.61 15.44 13.85
C ALA C 383 -2.17 15.06 14.17
N PHE C 384 -1.66 15.45 15.32
CA PHE C 384 -0.25 15.26 15.65
C PHE C 384 -0.04 14.24 16.78
N ASN C 385 -1.01 13.35 17.01
CA ASN C 385 -0.83 12.20 17.88
C ASN C 385 -0.67 12.59 19.35
N ILE C 386 -1.37 13.62 19.80
CA ILE C 386 -1.32 14.06 21.18
C ILE C 386 -2.57 13.54 21.90
N PRO C 387 -2.43 12.77 22.96
CA PRO C 387 -3.61 12.25 23.66
C PRO C 387 -4.44 13.36 24.28
N LEU C 388 -5.73 13.09 24.43
CA LEU C 388 -6.69 14.07 24.92
C LEU C 388 -7.28 13.62 26.25
N ILE C 389 -7.38 14.58 27.18
CA ILE C 389 -8.03 14.38 28.47
C ILE C 389 -9.13 15.42 28.59
N THR C 390 -10.33 14.98 28.95
CA THR C 390 -11.50 15.83 29.01
C THR C 390 -12.11 15.78 30.40
N PHE C 391 -12.50 16.94 30.90
CA PHE C 391 -13.22 17.06 32.16
C PHE C 391 -14.60 17.61 31.86
N VAL C 392 -15.63 16.86 32.24
CA VAL C 392 -16.99 17.12 31.79
C VAL C 392 -17.83 17.62 32.96
N ASP C 393 -18.32 18.85 32.85
CA ASP C 393 -19.38 19.37 33.71
C ASP C 393 -20.16 20.38 32.88
N VAL C 394 -21.24 19.91 32.25
CA VAL C 394 -21.97 20.73 31.28
C VAL C 394 -23.47 20.49 31.43
N PRO C 395 -24.26 21.52 31.65
CA PRO C 395 -25.71 21.34 31.77
C PRO C 395 -26.42 21.34 30.43
N GLY C 396 -25.79 21.94 29.43
CA GLY C 396 -26.40 22.01 28.10
C GLY C 396 -25.79 23.14 27.30
N PHE C 397 -26.53 23.58 26.29
CA PHE C 397 -26.11 24.65 25.42
C PHE C 397 -26.78 25.96 25.81
N LEU C 398 -26.07 27.05 25.55
CA LEU C 398 -26.60 28.37 25.89
C LEU C 398 -27.83 28.68 25.05
N PRO C 399 -28.96 29.03 25.65
CA PRO C 399 -30.17 29.33 24.88
C PRO C 399 -30.26 30.82 24.52
N GLY C 400 -31.19 31.10 23.63
CA GLY C 400 -31.46 32.45 23.19
C GLY C 400 -31.51 32.54 21.68
N THR C 401 -32.10 33.64 21.19
CA THR C 401 -32.19 33.83 19.75
C THR C 401 -30.83 34.20 19.16
N ALA C 402 -29.95 34.82 19.94
CA ALA C 402 -28.63 35.16 19.43
C ALA C 402 -27.84 33.90 19.05
N GLN C 403 -27.94 32.86 19.87
CA GLN C 403 -27.22 31.64 19.57
C GLN C 403 -27.81 30.92 18.37
N GLU C 404 -29.14 30.90 18.25
CA GLU C 404 -29.78 30.23 17.14
C GLU C 404 -29.50 30.95 15.83
N TYR C 405 -29.66 32.27 15.81
CA TYR C 405 -29.42 33.03 14.59
C TYR C 405 -27.96 33.01 14.20
N GLY C 406 -27.07 32.78 15.16
CA GLY C 406 -25.66 32.68 14.88
C GLY C 406 -25.21 31.33 14.36
N GLY C 407 -26.11 30.36 14.27
CA GLY C 407 -25.77 29.06 13.75
C GLY C 407 -25.17 28.14 14.80
N ILE C 408 -25.74 28.16 16.00
CA ILE C 408 -25.21 27.32 17.08
C ILE C 408 -25.21 25.86 16.67
N ILE C 409 -26.15 25.44 15.82
CA ILE C 409 -26.24 24.04 15.46
C ILE C 409 -24.96 23.56 14.79
N ARG C 410 -24.51 24.28 13.76
CA ARG C 410 -23.33 23.84 13.03
C ARG C 410 -22.07 24.02 13.87
N HIS C 411 -21.99 25.08 14.67
CA HIS C 411 -20.81 25.29 15.48
C HIS C 411 -20.67 24.18 16.54
N GLY C 412 -21.78 23.79 17.18
CA GLY C 412 -21.71 22.67 18.10
C GLY C 412 -21.39 21.37 17.40
N ALA C 413 -21.98 21.16 16.21
CA ALA C 413 -21.61 20.00 15.42
C ALA C 413 -20.11 19.97 15.15
N LYS C 414 -19.48 21.14 15.05
CA LYS C 414 -18.04 21.18 14.86
C LYS C 414 -17.31 20.44 15.97
N LEU C 415 -17.60 20.78 17.22
CA LEU C 415 -16.93 20.13 18.35
C LEU C 415 -17.30 18.65 18.42
N LEU C 416 -18.57 18.33 18.19
CA LEU C 416 -18.99 16.93 18.22
C LEU C 416 -18.20 16.12 17.19
N TYR C 417 -18.09 16.64 15.97
CA TYR C 417 -17.33 15.98 14.93
C TYR C 417 -15.86 15.87 15.30
N ALA C 418 -15.32 16.91 15.93
CA ALA C 418 -13.91 16.88 16.31
C ALA C 418 -13.64 15.71 17.26
N PHE C 419 -14.47 15.56 18.29
CA PHE C 419 -14.28 14.40 19.17
C PHE C 419 -14.53 13.08 18.44
N ALA C 420 -15.58 13.00 17.63
CA ALA C 420 -15.89 11.72 16.99
C ALA C 420 -14.78 11.29 16.04
N GLU C 421 -14.11 12.24 15.38
CA GLU C 421 -13.11 11.91 14.38
C GLU C 421 -11.79 11.48 14.99
N ALA C 422 -11.46 11.97 16.18
CA ALA C 422 -10.14 11.75 16.76
C ALA C 422 -9.86 10.26 16.94
N THR C 423 -8.61 9.87 16.66
CA THR C 423 -8.17 8.50 16.84
C THR C 423 -7.04 8.37 17.86
N VAL C 424 -6.62 9.48 18.45
CA VAL C 424 -5.63 9.46 19.53
C VAL C 424 -6.31 8.94 20.79
N PRO C 425 -5.58 8.48 21.79
CA PRO C 425 -6.22 8.07 23.04
C PRO C 425 -7.04 9.21 23.64
N LYS C 426 -8.23 8.86 24.12
CA LYS C 426 -9.14 9.83 24.72
C LYS C 426 -9.55 9.33 26.09
N VAL C 427 -9.31 10.15 27.11
CA VAL C 427 -9.70 9.83 28.48
C VAL C 427 -10.65 10.91 28.97
N THR C 428 -11.79 10.51 29.49
CA THR C 428 -12.83 11.43 29.93
C THR C 428 -13.14 11.20 31.40
N VAL C 429 -13.33 12.29 32.14
CA VAL C 429 -13.69 12.23 33.55
C VAL C 429 -14.89 13.15 33.75
N ILE C 430 -15.96 12.60 34.29
CA ILE C 430 -17.18 13.36 34.58
C ILE C 430 -17.16 13.74 36.04
N THR C 431 -17.08 15.04 36.32
CA THR C 431 -17.07 15.53 37.69
C THR C 431 -18.48 15.83 38.20
N ARG C 432 -19.35 16.32 37.33
CA ARG C 432 -20.72 16.65 37.71
C ARG C 432 -21.68 16.49 36.54
N LYS C 433 -22.82 17.14 36.62
CA LYS C 433 -23.90 17.01 35.65
C LYS C 433 -23.39 16.93 34.22
N ALA C 434 -24.03 16.06 33.43
CA ALA C 434 -23.79 15.97 31.98
C ALA C 434 -25.14 15.65 31.35
N TYR C 435 -25.77 16.66 30.74
CA TYR C 435 -27.17 16.60 30.36
C TYR C 435 -27.33 16.62 28.86
N GLY C 436 -28.15 15.70 28.35
CA GLY C 436 -28.60 15.78 26.96
C GLY C 436 -27.49 15.58 25.96
N GLY C 437 -27.64 16.25 24.80
CA GLY C 437 -26.66 16.12 23.74
C GLY C 437 -25.29 16.66 24.10
N ALA C 438 -25.21 17.55 25.09
CA ALA C 438 -23.91 18.02 25.54
C ALA C 438 -23.08 16.87 26.08
N TYR C 439 -23.70 15.91 26.76
CA TYR C 439 -22.97 14.74 27.22
C TYR C 439 -22.39 13.96 26.04
N ASP C 440 -23.18 13.80 24.98
CA ASP C 440 -22.69 13.12 23.79
C ASP C 440 -21.51 13.87 23.18
N VAL C 441 -21.61 15.20 23.10
CA VAL C 441 -20.59 15.98 22.44
C VAL C 441 -19.25 15.85 23.15
N MET C 442 -19.26 15.92 24.48
CA MET C 442 -18.03 15.96 25.27
C MET C 442 -17.42 14.56 25.36
N SER C 443 -17.01 14.05 24.20
CA SER C 443 -16.22 12.84 24.09
C SER C 443 -16.84 11.68 24.85
N SER C 444 -18.16 11.50 24.67
CA SER C 444 -18.83 10.37 25.29
C SER C 444 -18.21 9.07 24.78
N LYS C 445 -18.35 8.02 25.59
CA LYS C 445 -17.80 6.72 25.20
C LYS C 445 -18.38 6.24 23.88
N HIS C 446 -19.58 6.69 23.54
CA HIS C 446 -20.22 6.26 22.30
C HIS C 446 -19.56 6.84 21.06
N LEU C 447 -18.69 7.85 21.23
CA LEU C 447 -17.87 8.37 20.15
C LEU C 447 -16.58 7.58 19.98
N CYS C 448 -16.56 6.33 20.44
CA CYS C 448 -15.38 5.48 20.38
C CYS C 448 -14.30 5.97 21.34
N GLY C 449 -14.74 6.50 22.49
CA GLY C 449 -13.81 6.87 23.52
C GLY C 449 -13.13 5.66 24.13
N ASP C 450 -12.00 5.91 24.79
CA ASP C 450 -11.19 4.82 25.32
C ASP C 450 -11.57 4.47 26.76
N THR C 451 -11.44 5.43 27.67
CA THR C 451 -11.80 5.22 29.07
C THR C 451 -12.62 6.40 29.54
N ASN C 452 -13.73 6.12 30.21
CA ASN C 452 -14.61 7.14 30.74
C ASN C 452 -14.84 6.88 32.22
N TYR C 453 -14.58 7.90 33.03
CA TYR C 453 -14.68 7.78 34.48
C TYR C 453 -15.69 8.78 35.02
N ALA C 454 -16.32 8.42 36.12
CA ALA C 454 -17.30 9.28 36.77
C ALA C 454 -16.93 9.46 38.24
N TRP C 455 -16.90 10.71 38.68
CA TRP C 455 -16.75 10.99 40.10
C TRP C 455 -18.07 10.72 40.81
N PRO C 456 -18.06 10.62 42.14
CA PRO C 456 -19.29 10.32 42.87
C PRO C 456 -20.37 11.37 42.66
N THR C 457 -20.02 12.58 42.23
CA THR C 457 -20.99 13.64 41.99
C THR C 457 -21.51 13.65 40.56
N ALA C 458 -21.14 12.68 39.74
CA ALA C 458 -21.54 12.66 38.34
C ALA C 458 -23.05 12.48 38.21
N GLU C 459 -23.61 13.06 37.15
CA GLU C 459 -25.04 12.97 36.85
C GLU C 459 -25.20 12.91 35.33
N ILE C 460 -25.42 11.70 34.81
CA ILE C 460 -25.67 11.48 33.40
C ILE C 460 -27.16 11.30 33.20
N ALA C 461 -27.79 12.23 32.50
CA ALA C 461 -29.24 12.19 32.33
C ALA C 461 -29.62 12.92 31.06
N VAL C 462 -30.84 12.65 30.59
CA VAL C 462 -31.34 13.32 29.40
C VAL C 462 -31.55 14.81 29.67
N MET C 463 -31.97 15.15 30.88
CA MET C 463 -32.23 16.53 31.25
C MET C 463 -32.34 16.62 32.77
N GLY C 464 -32.67 17.80 33.28
CA GLY C 464 -32.82 17.97 34.70
C GLY C 464 -33.92 17.11 35.28
N ALA C 465 -33.75 16.76 36.56
CA ALA C 465 -34.71 15.88 37.21
C ALA C 465 -36.10 16.49 37.25
N LYS C 466 -36.19 17.78 37.56
CA LYS C 466 -37.50 18.43 37.64
C LYS C 466 -38.21 18.42 36.29
N GLY C 467 -37.49 18.75 35.22
CA GLY C 467 -38.10 18.72 33.89
C GLY C 467 -38.51 17.33 33.46
N ALA C 468 -37.66 16.34 33.75
CA ALA C 468 -37.99 14.97 33.41
C ALA C 468 -39.24 14.51 34.15
N VAL C 469 -39.35 14.84 35.44
CA VAL C 469 -40.54 14.48 36.19
C VAL C 469 -41.76 15.20 35.64
N GLU C 470 -41.62 16.48 35.30
CA GLU C 470 -42.73 17.22 34.73
C GLU C 470 -43.24 16.54 33.46
N ILE C 471 -42.33 16.16 32.57
CA ILE C 471 -42.74 15.56 31.31
C ILE C 471 -43.34 14.18 31.53
N ILE C 472 -42.68 13.35 32.34
CA ILE C 472 -43.07 11.95 32.44
C ILE C 472 -44.37 11.79 33.21
N PHE C 473 -44.50 12.46 34.34
CA PHE C 473 -45.61 12.21 35.26
C PHE C 473 -46.68 13.29 35.17
N LYS C 474 -46.59 14.17 34.18
CA LYS C 474 -47.55 15.26 34.08
C LYS C 474 -48.92 14.70 33.77
N GLY C 475 -49.93 15.15 34.52
CA GLY C 475 -51.24 14.53 34.50
C GLY C 475 -51.50 13.61 35.67
N HIS C 476 -50.58 13.53 36.62
CA HIS C 476 -50.75 12.75 37.84
C HIS C 476 -50.57 13.69 39.02
N GLU C 477 -51.51 13.65 39.97
CA GLU C 477 -51.47 14.61 41.06
C GLU C 477 -50.40 14.28 42.09
N ASN C 478 -50.13 12.99 42.33
CA ASN C 478 -49.14 12.58 43.33
C ASN C 478 -47.73 12.80 42.77
N VAL C 479 -47.43 14.07 42.46
CA VAL C 479 -46.17 14.41 41.83
C VAL C 479 -45.01 14.22 42.78
N GLU C 480 -45.22 14.52 44.06
CA GLU C 480 -44.09 14.57 45.00
C GLU C 480 -43.45 13.20 45.19
N ALA C 481 -44.26 12.16 45.43
CA ALA C 481 -43.69 10.83 45.65
C ALA C 481 -42.97 10.33 44.40
N ALA C 482 -43.58 10.53 43.23
CA ALA C 482 -42.94 10.10 41.99
C ALA C 482 -41.63 10.83 41.77
N GLN C 483 -41.62 12.14 42.05
CA GLN C 483 -40.40 12.92 41.87
C GLN C 483 -39.31 12.45 42.84
N ALA C 484 -39.68 12.15 44.09
CA ALA C 484 -38.70 11.65 45.03
C ALA C 484 -38.11 10.33 44.56
N GLU C 485 -38.96 9.41 44.11
CA GLU C 485 -38.46 8.13 43.61
C GLU C 485 -37.56 8.33 42.39
N TYR C 486 -37.97 9.21 41.49
CA TYR C 486 -37.16 9.47 40.29
C TYR C 486 -35.80 10.05 40.65
N ILE C 487 -35.76 11.00 41.59
CA ILE C 487 -34.48 11.57 41.98
C ILE C 487 -33.62 10.53 42.67
N GLU C 488 -34.23 9.69 43.50
CA GLU C 488 -33.46 8.65 44.19
C GLU C 488 -32.87 7.65 43.19
N LYS C 489 -33.61 7.33 42.13
CA LYS C 489 -33.17 6.30 41.21
C LYS C 489 -32.28 6.80 40.08
N PHE C 490 -32.40 8.08 39.70
CA PHE C 490 -31.76 8.56 38.47
C PHE C 490 -30.83 9.75 38.67
N ALA C 491 -30.97 10.53 39.73
CA ALA C 491 -30.12 11.69 39.93
C ALA C 491 -28.76 11.28 40.46
N ASN C 492 -28.07 10.40 39.76
CA ASN C 492 -26.78 9.88 40.18
C ASN C 492 -26.09 9.20 39.00
N PRO C 493 -24.86 8.71 39.16
CA PRO C 493 -24.16 8.08 38.05
C PRO C 493 -24.51 6.62 37.82
N PHE C 494 -25.39 6.04 38.63
CA PHE C 494 -25.72 4.63 38.54
C PHE C 494 -26.36 4.27 37.21
N PRO C 495 -27.30 5.06 36.69
CA PRO C 495 -27.91 4.70 35.39
C PRO C 495 -26.88 4.50 34.28
N ALA C 496 -25.84 5.33 34.23
CA ALA C 496 -24.80 5.15 33.22
C ALA C 496 -23.89 3.99 33.58
N ALA C 497 -23.52 3.86 34.86
CA ALA C 497 -22.57 2.83 35.25
C ALA C 497 -23.13 1.44 35.01
N VAL C 498 -24.41 1.22 35.31
CA VAL C 498 -25.00 -0.11 35.17
C VAL C 498 -25.04 -0.53 33.71
N ARG C 499 -25.10 0.42 32.77
CA ARG C 499 -25.10 0.10 31.35
C ARG C 499 -23.72 0.07 30.73
N GLY C 500 -22.68 0.41 31.49
CA GLY C 500 -21.33 0.44 30.97
C GLY C 500 -20.94 1.72 30.27
N PHE C 501 -21.75 2.77 30.37
CA PHE C 501 -21.38 4.03 29.72
C PHE C 501 -20.14 4.64 30.35
N VAL C 502 -19.87 4.33 31.60
CA VAL C 502 -18.64 4.75 32.27
C VAL C 502 -17.95 3.49 32.79
N ASP C 503 -16.64 3.44 32.58
CA ASP C 503 -15.88 2.25 32.95
C ASP C 503 -15.88 2.03 34.46
N ASP C 504 -16.02 3.08 35.26
CA ASP C 504 -15.95 2.93 36.70
C ASP C 504 -16.29 4.27 37.36
N ILE C 505 -16.65 4.19 38.63
CA ILE C 505 -16.82 5.36 39.48
C ILE C 505 -15.63 5.40 40.44
N ILE C 506 -14.84 6.46 40.37
CA ILE C 506 -13.54 6.50 41.02
C ILE C 506 -13.54 7.60 42.08
N GLN C 507 -12.74 7.39 43.12
CA GLN C 507 -12.49 8.45 44.08
C GLN C 507 -11.72 9.58 43.40
N PRO C 508 -12.10 10.84 43.61
CA PRO C 508 -11.39 11.93 42.96
C PRO C 508 -9.89 11.93 43.26
N SER C 509 -9.50 11.57 44.49
CA SER C 509 -8.10 11.64 44.87
C SER C 509 -7.21 10.74 44.01
N SER C 510 -7.76 9.69 43.42
CA SER C 510 -6.98 8.79 42.60
C SER C 510 -6.92 9.21 41.14
N THR C 511 -7.65 10.26 40.76
CA THR C 511 -7.79 10.63 39.35
C THR C 511 -6.46 10.54 38.61
N ARG C 512 -5.48 11.36 39.04
CA ARG C 512 -4.23 11.42 38.31
C ARG C 512 -3.66 10.03 38.08
N ALA C 513 -3.56 9.24 39.14
CA ALA C 513 -2.97 7.91 38.99
C ALA C 513 -3.68 7.15 37.89
N ARG C 514 -5.00 7.07 37.97
CA ARG C 514 -5.75 6.33 36.96
C ARG C 514 -5.37 6.82 35.57
N ILE C 515 -5.43 8.13 35.36
CA ILE C 515 -5.16 8.67 34.03
C ILE C 515 -3.80 8.21 33.56
N CYS C 516 -2.78 8.36 34.42
CA CYS C 516 -1.44 7.99 34.00
C CYS C 516 -1.42 6.55 33.52
N CYS C 517 -1.99 5.64 34.32
CA CYS C 517 -2.01 4.24 33.94
C CYS C 517 -2.60 4.08 32.54
N ASP C 518 -3.75 4.70 32.31
CA ASP C 518 -4.40 4.55 31.01
C ASP C 518 -3.51 5.04 29.90
N LEU C 519 -2.86 6.19 30.10
CA LEU C 519 -2.04 6.73 29.03
C LEU C 519 -0.89 5.81 28.69
N ASP C 520 -0.46 4.96 29.62
CA ASP C 520 0.58 4.00 29.29
C ASP C 520 0.02 2.85 28.46
N VAL C 521 -1.20 2.41 28.76
CA VAL C 521 -1.79 1.30 28.02
C VAL C 521 -2.15 1.72 26.60
N LEU C 522 -2.71 2.91 26.44
CA LEU C 522 -3.27 3.35 25.18
C LEU C 522 -2.23 3.94 24.23
N ALA C 523 -0.96 3.99 24.61
CA ALA C 523 0.05 4.57 23.75
C ALA C 523 0.15 3.85 22.41
N SER C 524 -0.23 2.58 22.34
CA SER C 524 -0.15 1.81 21.11
C SER C 524 -1.51 1.66 20.43
N LYS C 525 -2.47 2.51 20.76
CA LYS C 525 -3.78 2.44 20.14
C LYS C 525 -3.68 2.63 18.63
N LYS C 526 -4.34 1.75 17.87
CA LYS C 526 -4.39 1.88 16.38
C LYS C 526 -5.81 1.57 15.91
N VAL C 527 -6.38 2.41 15.04
CA VAL C 527 -7.82 2.24 14.64
C VAL C 527 -7.93 2.22 13.11
N GLN C 528 -8.84 1.42 12.55
CA GLN C 528 -9.06 1.35 11.10
C GLN C 528 -10.30 2.14 10.70
N ARG C 529 -10.24 2.94 9.64
CA ARG C 529 -11.34 3.75 9.14
C ARG C 529 -11.49 3.54 7.65
N PRO C 530 -12.68 3.78 7.11
CA PRO C 530 -12.87 3.70 5.66
C PRO C 530 -12.04 4.76 4.95
N TRP C 531 -11.61 4.43 3.73
CA TRP C 531 -10.81 5.34 2.95
C TRP C 531 -11.65 6.53 2.47
N ARG C 532 -10.99 7.68 2.34
CA ARG C 532 -11.61 8.86 1.76
C ARG C 532 -10.53 9.89 1.50
N LYS C 533 -10.81 10.79 0.56
CA LYS C 533 -9.91 11.92 0.35
C LYS C 533 -9.87 12.79 1.60
N HIS C 534 -11.03 13.05 2.19
CA HIS C 534 -11.14 13.76 3.46
C HIS C 534 -12.63 13.77 3.82
N ALA C 535 -12.92 14.20 5.03
CA ALA C 535 -14.29 14.33 5.50
C ALA C 535 -14.84 15.69 5.08
N ASN C 536 -16.10 15.94 5.42
CA ASN C 536 -16.75 17.21 5.15
C ASN C 536 -17.29 17.73 6.47
N ILE C 537 -16.41 18.41 7.21
CA ILE C 537 -16.80 18.93 8.53
C ILE C 537 -17.70 20.13 8.35
N PRO C 538 -18.68 20.34 9.22
CA PRO C 538 -19.49 21.57 9.12
C PRO C 538 -18.60 22.80 9.32
N LEU C 539 -18.92 23.86 8.59
CA LEU C 539 -18.17 25.10 8.72
C LEU C 539 -19.09 26.26 9.05
N ASN D 59 -8.33 -0.61 81.51
CA ASN D 59 -8.81 -1.33 82.73
C ASN D 59 -9.48 -0.32 83.66
N GLU D 60 -9.45 0.96 83.29
CA GLU D 60 -10.14 1.99 84.10
C GLU D 60 -11.49 2.29 83.43
N LYS D 61 -12.58 2.09 84.16
CA LYS D 61 -13.93 2.39 83.61
C LYS D 61 -14.02 3.89 83.32
N THR D 62 -14.66 4.26 82.22
CA THR D 62 -14.76 5.68 81.82
C THR D 62 -16.09 5.86 81.10
N PHE D 63 -16.48 7.09 80.76
CA PHE D 63 -17.73 7.25 79.99
C PHE D 63 -17.59 6.42 78.70
N ASP D 64 -18.63 5.65 78.36
CA ASP D 64 -18.61 4.80 77.14
C ASP D 64 -18.52 5.66 75.88
N LYS D 65 -19.27 6.76 75.83
CA LYS D 65 -19.28 7.64 74.64
C LYS D 65 -19.27 9.11 75.08
N ILE D 66 -18.56 9.98 74.34
CA ILE D 66 -18.48 11.43 74.69
C ILE D 66 -18.82 12.28 73.47
N LEU D 67 -19.53 13.38 73.66
CA LEU D 67 -19.83 14.31 72.52
C LEU D 67 -18.88 15.50 72.65
N VAL D 68 -18.09 15.76 71.61
CA VAL D 68 -17.17 16.94 71.63
C VAL D 68 -17.86 18.08 70.90
N ALA D 69 -18.26 19.12 71.63
CA ALA D 69 -18.96 20.26 71.02
C ALA D 69 -17.96 21.32 70.58
N ASN D 70 -17.12 21.03 69.59
CA ASN D 70 -16.18 22.06 69.09
C ASN D 70 -15.74 21.71 67.66
N ARG D 71 -15.12 22.66 66.96
CA ARG D 71 -14.63 22.44 65.58
C ARG D 71 -13.14 22.78 65.56
N GLY D 72 -12.41 22.33 64.54
CA GLY D 72 -11.00 22.74 64.43
C GLY D 72 -10.05 21.79 65.13
N GLU D 73 -8.86 22.28 65.46
CA GLU D 73 -7.81 21.40 66.03
C GLU D 73 -8.25 20.79 67.36
N ILE D 74 -8.95 21.55 68.20
CA ILE D 74 -9.27 21.04 69.57
C ILE D 74 -10.14 19.80 69.45
N ALA D 75 -11.09 19.79 68.52
CA ALA D 75 -11.99 18.64 68.41
C ALA D 75 -11.17 17.41 68.07
N CYS D 76 -10.24 17.56 67.13
CA CYS D 76 -9.39 16.43 66.72
C CYS D 76 -8.53 16.00 67.92
N ARG D 77 -8.00 16.97 68.67
CA ARG D 77 -7.09 16.64 69.79
C ARG D 77 -7.84 15.80 70.81
N VAL D 78 -9.06 16.22 71.15
CA VAL D 78 -9.86 15.50 72.17
C VAL D 78 -10.17 14.10 71.64
N ILE D 79 -10.55 14.00 70.36
CA ILE D 79 -10.97 12.69 69.80
C ILE D 79 -9.78 11.73 69.88
N ARG D 80 -8.58 12.22 69.63
CA ARG D 80 -7.41 11.31 69.62
C ARG D 80 -7.29 10.69 71.00
N THR D 81 -7.44 11.50 72.05
CA THR D 81 -7.32 10.98 73.44
C THR D 81 -8.45 10.00 73.71
N CYS D 82 -9.67 10.29 73.26
CA CYS D 82 -10.81 9.40 73.58
C CYS D 82 -10.55 8.03 72.96
N LYS D 83 -10.06 8.01 71.73
CA LYS D 83 -9.75 6.72 71.05
C LYS D 83 -8.65 6.03 71.84
N LYS D 84 -7.69 6.81 72.32
CA LYS D 84 -6.57 6.23 73.10
C LYS D 84 -7.14 5.57 74.35
N MET D 85 -8.14 6.19 74.98
CA MET D 85 -8.70 5.67 76.25
C MET D 85 -9.84 4.67 75.95
N GLY D 86 -10.22 4.52 74.68
CA GLY D 86 -11.26 3.55 74.30
C GLY D 86 -12.66 4.15 74.34
N ILE D 87 -12.78 5.40 74.78
CA ILE D 87 -14.11 6.08 74.78
C ILE D 87 -14.57 6.29 73.34
N LYS D 88 -15.83 5.98 73.04
CA LYS D 88 -16.40 6.24 71.69
C LYS D 88 -16.62 7.74 71.57
N THR D 89 -16.67 8.27 70.35
CA THR D 89 -16.77 9.74 70.23
C THR D 89 -17.90 10.16 69.31
N VAL D 90 -18.49 11.33 69.56
CA VAL D 90 -19.53 11.89 68.67
C VAL D 90 -19.11 13.34 68.42
N ALA D 91 -19.36 13.88 67.23
CA ALA D 91 -18.89 15.25 66.93
C ALA D 91 -20.03 16.08 66.37
N ILE D 92 -19.94 17.40 66.52
CA ILE D 92 -21.00 18.31 66.01
C ILE D 92 -20.38 19.19 64.93
N HIS D 93 -21.08 19.32 63.80
CA HIS D 93 -20.51 20.11 62.69
C HIS D 93 -21.58 21.04 62.13
N SER D 94 -21.16 22.20 61.63
CA SER D 94 -22.13 23.07 60.94
C SER D 94 -22.35 22.47 59.55
N ASP D 95 -22.99 23.20 58.66
CA ASP D 95 -23.14 22.65 57.29
C ASP D 95 -21.80 22.66 56.54
N VAL D 96 -21.04 23.75 56.63
CA VAL D 96 -19.78 23.89 55.85
C VAL D 96 -18.70 22.93 56.33
N ASP D 97 -18.79 22.43 57.57
CA ASP D 97 -17.69 21.58 58.13
C ASP D 97 -18.05 20.10 58.02
N ALA D 98 -18.92 19.73 57.07
CA ALA D 98 -19.38 18.33 56.99
C ALA D 98 -18.25 17.35 56.75
N SER D 99 -17.24 17.71 55.95
CA SER D 99 -16.15 16.77 55.61
C SER D 99 -14.88 17.08 56.40
N SER D 100 -14.99 17.91 57.45
CA SER D 100 -13.78 18.35 58.20
C SER D 100 -13.15 17.17 58.92
N VAL D 101 -11.87 17.28 59.28
CA VAL D 101 -11.15 16.12 59.84
C VAL D 101 -11.87 15.64 61.10
N HIS D 102 -12.40 16.56 61.91
CA HIS D 102 -13.02 16.08 63.17
C HIS D 102 -14.21 15.18 62.85
N VAL D 103 -15.03 15.56 61.87
CA VAL D 103 -16.23 14.75 61.53
C VAL D 103 -15.78 13.38 61.05
N LYS D 104 -14.75 13.36 60.21
CA LYS D 104 -14.21 12.07 59.70
C LYS D 104 -13.63 11.28 60.87
N MET D 105 -12.92 11.98 61.76
CA MET D 105 -12.27 11.31 62.92
C MET D 105 -13.34 10.74 63.86
N ALA D 106 -14.44 11.44 64.08
CA ALA D 106 -15.44 10.99 65.08
C ALA D 106 -16.07 9.65 64.68
N ASP D 107 -16.38 8.80 65.67
CA ASP D 107 -17.09 7.52 65.37
C ASP D 107 -18.47 7.85 64.81
N GLU D 108 -19.16 8.85 65.36
CA GLU D 108 -20.47 9.28 64.83
C GLU D 108 -20.47 10.80 64.74
N ALA D 109 -21.29 11.38 63.85
CA ALA D 109 -21.37 12.86 63.76
C ALA D 109 -22.83 13.29 63.57
N VAL D 110 -23.19 14.48 64.06
CA VAL D 110 -24.57 15.03 63.88
C VAL D 110 -24.45 16.49 63.42
N CYS D 111 -25.18 16.88 62.38
CA CYS D 111 -25.25 18.31 62.01
C CYS D 111 -26.01 19.07 63.10
N VAL D 112 -25.55 20.27 63.44
CA VAL D 112 -26.23 21.08 64.49
C VAL D 112 -26.70 22.42 63.91
N GLY D 113 -26.61 22.61 62.60
CA GLY D 113 -27.21 23.84 62.08
C GLY D 113 -26.48 24.53 60.95
N PRO D 114 -26.85 25.78 60.62
CA PRO D 114 -26.24 26.54 59.53
C PRO D 114 -24.81 26.98 59.81
N ALA D 115 -24.12 27.46 58.78
CA ALA D 115 -22.68 27.81 58.92
C ALA D 115 -22.40 28.89 59.97
N PRO D 116 -23.14 30.00 60.12
CA PRO D 116 -22.74 31.00 61.12
C PRO D 116 -22.64 30.36 62.52
N THR D 117 -21.63 30.74 63.30
CA THR D 117 -21.36 30.10 64.62
C THR D 117 -22.55 30.29 65.58
N SER D 118 -23.16 31.47 65.55
CA SER D 118 -24.29 31.75 66.46
C SER D 118 -25.39 30.73 66.21
N LYS D 119 -25.60 30.35 64.95
CA LYS D 119 -26.71 29.44 64.59
C LYS D 119 -26.26 27.98 64.68
N SER D 120 -25.00 27.72 65.05
CA SER D 120 -24.52 26.32 65.05
C SER D 120 -23.86 25.94 66.39
N TYR D 121 -22.64 26.42 66.64
CA TYR D 121 -21.89 26.03 67.86
C TYR D 121 -22.57 26.64 69.09
N LEU D 122 -23.08 27.86 68.95
CA LEU D 122 -23.72 28.55 70.09
C LEU D 122 -25.22 28.20 70.15
N ASN D 123 -25.71 27.37 69.24
CA ASN D 123 -27.14 26.92 69.35
C ASN D 123 -27.18 25.71 70.26
N MET D 124 -27.44 25.93 71.55
CA MET D 124 -27.45 24.84 72.54
C MET D 124 -28.58 23.85 72.24
N ASP D 125 -29.72 24.35 71.79
CA ASP D 125 -30.89 23.45 71.61
C ASP D 125 -30.53 22.34 70.63
N ALA D 126 -29.87 22.71 69.54
CA ALA D 126 -29.54 21.71 68.51
C ALA D 126 -28.59 20.69 69.11
N ILE D 127 -27.61 21.17 69.88
CA ILE D 127 -26.62 20.25 70.54
C ILE D 127 -27.37 19.37 71.53
N MET D 128 -28.31 19.95 72.28
CA MET D 128 -29.01 19.16 73.33
C MET D 128 -29.76 18.01 72.67
N GLU D 129 -30.44 18.30 71.55
CA GLU D 129 -31.21 17.25 70.86
C GLU D 129 -30.22 16.18 70.40
N ALA D 130 -29.05 16.60 69.94
CA ALA D 130 -28.02 15.66 69.46
C ALA D 130 -27.57 14.76 70.62
N ILE D 131 -27.37 15.35 71.79
CA ILE D 131 -26.89 14.56 72.97
C ILE D 131 -27.97 13.52 73.30
N LYS D 132 -29.23 13.94 73.27
CA LYS D 132 -30.34 13.01 73.58
C LYS D 132 -30.35 11.92 72.51
N LYS D 133 -30.18 12.31 71.25
CA LYS D 133 -30.21 11.34 70.13
C LYS D 133 -29.06 10.35 70.28
N THR D 134 -27.88 10.83 70.68
CA THR D 134 -26.69 9.94 70.72
C THR D 134 -26.59 9.23 72.08
N ARG D 135 -27.45 9.56 73.04
CA ARG D 135 -27.31 8.97 74.40
C ARG D 135 -25.89 9.30 74.89
N ALA D 136 -25.41 10.49 74.56
CA ALA D 136 -24.05 10.93 74.96
C ALA D 136 -23.93 10.94 76.49
N GLN D 137 -22.99 10.16 77.04
CA GLN D 137 -22.75 10.16 78.51
C GLN D 137 -22.15 11.48 78.98
N ALA D 138 -21.18 12.06 78.25
CA ALA D 138 -20.48 13.28 78.72
C ALA D 138 -20.20 14.27 77.58
N VAL D 139 -19.99 15.54 77.92
CA VAL D 139 -19.68 16.58 76.88
C VAL D 139 -18.37 17.28 77.22
N HIS D 140 -17.45 17.38 76.25
CA HIS D 140 -16.20 18.16 76.46
C HIS D 140 -16.33 19.43 75.62
N PRO D 141 -16.28 20.63 76.21
CA PRO D 141 -16.53 21.86 75.46
C PRO D 141 -15.28 22.47 74.80
N GLY D 142 -14.11 21.86 75.01
CA GLY D 142 -12.87 22.43 74.47
C GLY D 142 -12.63 23.83 75.01
N TYR D 143 -12.38 24.78 74.10
CA TYR D 143 -12.15 26.19 74.51
C TYR D 143 -12.93 27.12 73.58
N GLY D 144 -13.37 28.26 74.09
CA GLY D 144 -14.21 29.17 73.28
C GLY D 144 -15.64 28.65 73.25
N PHE D 145 -16.51 29.30 72.48
CA PHE D 145 -17.89 28.76 72.32
C PHE D 145 -18.56 28.56 73.69
N LEU D 146 -19.06 27.36 73.96
CA LEU D 146 -19.82 27.11 75.21
C LEU D 146 -18.97 26.39 76.27
N SER D 147 -17.69 26.73 76.43
CA SER D 147 -16.89 26.13 77.54
C SER D 147 -17.31 26.81 78.86
N GLU D 148 -17.55 28.13 78.81
CA GLU D 148 -17.86 28.90 80.05
C GLU D 148 -19.34 29.25 80.15
N ASN D 149 -20.22 28.68 79.32
CA ASN D 149 -21.65 29.10 79.36
C ASN D 149 -22.36 28.32 80.46
N LYS D 150 -22.90 29.04 81.46
CA LYS D 150 -23.56 28.36 82.62
C LYS D 150 -24.79 27.60 82.14
N GLU D 151 -25.55 28.19 81.22
CA GLU D 151 -26.90 27.67 80.89
C GLU D 151 -26.74 26.25 80.33
N PHE D 152 -25.71 26.05 79.51
CA PHE D 152 -25.50 24.73 78.88
C PHE D 152 -25.26 23.68 79.97
N ALA D 153 -24.48 24.02 80.99
CA ALA D 153 -24.16 23.07 82.08
C ALA D 153 -25.45 22.68 82.79
N ARG D 154 -26.35 23.65 82.99
CA ARG D 154 -27.63 23.39 83.67
C ARG D 154 -28.43 22.39 82.85
N CYS D 155 -28.47 22.59 81.53
CA CYS D 155 -29.25 21.69 80.64
C CYS D 155 -28.62 20.29 80.70
N LEU D 156 -27.28 20.24 80.72
CA LEU D 156 -26.59 18.93 80.81
C LEU D 156 -26.97 18.28 82.13
N ALA D 157 -26.97 19.07 83.20
CA ALA D 157 -27.30 18.54 84.54
C ALA D 157 -28.75 18.03 84.53
N ALA D 158 -29.64 18.76 83.86
CA ALA D 158 -31.06 18.35 83.80
C ALA D 158 -31.14 16.99 83.11
N GLU D 159 -30.34 16.78 82.08
CA GLU D 159 -30.39 15.50 81.32
C GLU D 159 -29.36 14.53 81.87
N ASP D 160 -28.75 14.85 83.02
CA ASP D 160 -27.76 13.94 83.66
C ASP D 160 -26.60 13.66 82.72
N VAL D 161 -26.11 14.69 82.02
CA VAL D 161 -24.89 14.58 81.16
C VAL D 161 -23.73 15.26 81.88
N VAL D 162 -22.64 14.52 82.12
CA VAL D 162 -21.45 15.08 82.82
C VAL D 162 -20.84 16.17 81.95
N PHE D 163 -20.44 17.29 82.55
CA PHE D 163 -19.72 18.34 81.78
C PHE D 163 -18.25 18.25 82.17
N ILE D 164 -17.36 18.12 81.18
CA ILE D 164 -15.92 17.93 81.53
C ILE D 164 -15.32 19.32 81.68
N GLY D 165 -15.18 19.78 82.93
CA GLY D 165 -14.67 21.13 83.19
C GLY D 165 -14.93 21.48 84.64
N PRO D 166 -14.78 22.74 85.08
CA PRO D 166 -15.11 23.11 86.45
C PRO D 166 -16.60 23.43 86.67
N ASP D 167 -17.02 23.67 87.92
CA ASP D 167 -18.42 24.01 88.29
C ASP D 167 -18.77 25.44 87.83
N THR D 168 -20.06 25.73 87.67
CA THR D 168 -20.50 27.06 87.18
C THR D 168 -20.07 28.15 88.16
N HIS D 169 -20.15 27.87 89.46
CA HIS D 169 -19.80 28.90 90.48
C HIS D 169 -18.33 29.28 90.31
N ALA D 170 -17.46 28.28 90.11
CA ALA D 170 -16.02 28.55 89.98
C ALA D 170 -15.81 29.41 88.73
N ILE D 171 -16.50 29.07 87.64
CA ILE D 171 -16.37 29.86 86.39
C ILE D 171 -16.91 31.28 86.63
N GLN D 172 -18.08 31.40 87.28
CA GLN D 172 -18.71 32.72 87.51
C GLN D 172 -17.85 33.56 88.46
N ALA D 173 -17.26 32.93 89.48
CA ALA D 173 -16.50 33.71 90.48
C ALA D 173 -15.35 34.42 89.78
N MET D 174 -14.64 33.67 88.93
CA MET D 174 -13.53 34.27 88.16
C MET D 174 -14.11 35.23 87.11
N GLY D 175 -15.33 34.95 86.66
CA GLY D 175 -15.99 35.81 85.65
C GLY D 175 -16.17 37.23 86.18
N ASP D 176 -16.49 37.38 87.47
CA ASP D 176 -16.58 38.73 88.06
C ASP D 176 -15.19 39.23 88.43
N LYS D 177 -14.78 40.37 87.86
CA LYS D 177 -13.49 41.04 88.17
C LYS D 177 -13.46 41.53 89.63
N ILE D 178 -14.57 42.10 90.11
CA ILE D 178 -14.57 42.68 91.48
C ILE D 178 -14.40 41.58 92.54
N GLU D 179 -15.10 40.45 92.39
CA GLU D 179 -15.05 39.38 93.42
C GLU D 179 -13.72 38.65 93.30
N SER D 180 -13.35 38.28 92.07
CA SER D 180 -12.07 37.60 91.83
C SER D 180 -10.90 38.20 92.61
N LYS D 181 -10.83 39.54 92.73
CA LYS D 181 -9.79 40.20 93.54
C LYS D 181 -9.95 39.96 95.03
N LEU D 182 -11.17 40.01 95.54
CA LEU D 182 -11.44 39.71 96.95
C LEU D 182 -11.06 38.26 97.28
N LEU D 183 -11.35 37.32 96.37
CA LEU D 183 -10.94 35.93 96.50
C LEU D 183 -9.42 35.76 96.41
N ALA D 184 -8.76 36.45 95.48
CA ALA D 184 -7.30 36.47 95.37
C ALA D 184 -6.65 36.98 96.66
N LYS D 185 -7.12 38.10 97.22
CA LYS D 185 -6.65 38.64 98.52
C LYS D 185 -6.85 37.66 99.66
N LYS D 186 -8.04 37.04 99.75
CA LYS D 186 -8.35 36.03 100.77
C LYS D 186 -7.49 34.78 100.64
N ALA D 187 -7.09 34.44 99.41
CA ALA D 187 -6.20 33.28 99.22
C ALA D 187 -4.76 33.76 99.45
N GLU D 188 -4.60 35.06 99.72
CA GLU D 188 -3.25 35.66 99.98
C GLU D 188 -2.37 35.56 98.73
N VAL D 189 -2.97 35.56 97.54
CA VAL D 189 -2.17 35.59 96.28
C VAL D 189 -1.75 37.05 96.08
N ASN D 190 -0.68 37.30 95.31
CA ASN D 190 -0.17 38.69 95.16
C ASN D 190 -1.33 39.63 94.82
N THR D 191 -1.48 40.70 95.60
CA THR D 191 -2.66 41.58 95.49
C THR D 191 -2.74 42.33 94.14
N ILE D 192 -3.97 42.54 93.66
CA ILE D 192 -4.18 43.35 92.42
C ILE D 192 -5.29 44.34 92.78
N PRO D 193 -5.07 45.33 93.68
CA PRO D 193 -6.16 46.22 94.12
C PRO D 193 -6.66 47.26 93.09
N GLY D 194 -7.95 47.57 93.12
CA GLY D 194 -8.52 48.60 92.22
C GLY D 194 -9.07 49.74 93.05
N PHE D 195 -8.75 50.99 92.70
CA PHE D 195 -9.19 52.15 93.53
C PHE D 195 -10.27 52.96 92.82
N ASP D 196 -11.53 52.81 93.23
CA ASP D 196 -12.67 53.57 92.63
C ASP D 196 -12.56 55.06 92.99
N GLY D 197 -12.18 55.39 94.23
CA GLY D 197 -12.16 56.78 94.71
C GLY D 197 -10.98 57.60 94.19
N VAL D 198 -10.96 58.91 94.49
CA VAL D 198 -9.87 59.80 94.01
C VAL D 198 -8.75 59.89 95.07
N VAL D 199 -7.52 60.16 94.64
CA VAL D 199 -6.32 60.27 95.54
C VAL D 199 -6.29 61.73 96.01
N LYS D 200 -6.41 61.98 97.33
CA LYS D 200 -6.51 63.37 97.82
C LYS D 200 -5.16 64.07 97.95
N ASP D 201 -4.16 63.37 98.48
CA ASP D 201 -2.85 63.93 98.80
C ASP D 201 -1.72 62.90 98.67
N ALA D 202 -0.48 63.36 98.77
CA ALA D 202 0.72 62.53 98.60
C ALA D 202 0.87 61.44 99.67
N GLU D 203 0.36 61.63 100.89
CA GLU D 203 0.45 60.59 101.93
C GLU D 203 -0.63 59.52 101.74
N GLU D 204 -1.83 59.90 101.31
CA GLU D 204 -2.84 58.95 100.85
C GLU D 204 -2.34 58.17 99.63
N ALA D 205 -1.61 58.81 98.72
CA ALA D 205 -0.98 58.14 97.59
C ALA D 205 -0.01 57.04 98.03
N VAL D 206 0.86 57.31 99.01
CA VAL D 206 1.80 56.33 99.57
C VAL D 206 1.06 55.19 100.27
N ARG D 207 0.01 55.48 101.06
CA ARG D 207 -0.82 54.45 101.71
C ARG D 207 -1.40 53.49 100.67
N ILE D 208 -2.03 54.03 99.63
CA ILE D 208 -2.64 53.27 98.53
C ILE D 208 -1.57 52.49 97.75
N ALA D 209 -0.42 53.09 97.47
CA ALA D 209 0.67 52.43 96.74
C ALA D 209 1.22 51.21 97.49
N ARG D 210 1.34 51.30 98.82
CA ARG D 210 1.73 50.17 99.69
C ARG D 210 0.68 49.06 99.73
N GLU D 211 -0.61 49.42 99.68
CA GLU D 211 -1.71 48.43 99.62
C GLU D 211 -1.76 47.69 98.28
N ILE D 212 -1.51 48.38 97.17
CA ILE D 212 -1.46 47.79 95.82
C ILE D 212 -0.16 46.96 95.60
N GLY D 213 0.95 47.45 96.14
CA GLY D 213 2.30 46.94 95.96
C GLY D 213 3.03 47.57 94.77
N TYR D 214 4.29 47.93 94.97
CA TYR D 214 5.17 48.54 93.96
C TYR D 214 5.58 47.58 92.84
N PRO D 215 5.89 48.10 91.63
CA PRO D 215 5.71 49.48 91.19
C PRO D 215 4.23 49.84 90.94
N VAL D 216 3.91 51.12 91.11
CA VAL D 216 2.57 51.69 90.82
C VAL D 216 2.65 52.74 89.72
N MET D 217 1.53 52.96 89.04
CA MET D 217 1.34 54.00 88.03
C MET D 217 0.34 55.03 88.57
N ILE D 218 0.78 56.27 88.65
CA ILE D 218 -0.03 57.45 88.98
C ILE D 218 -0.55 58.02 87.65
N LYS D 219 -1.86 58.23 87.52
CA LYS D 219 -2.51 58.70 86.28
C LYS D 219 -3.48 59.84 86.54
N ALA D 220 -3.49 60.85 85.68
CA ALA D 220 -4.54 61.85 85.64
C ALA D 220 -5.91 61.27 85.25
N SER D 221 -6.96 61.67 85.96
CA SER D 221 -8.35 61.26 85.70
C SER D 221 -8.84 61.81 84.36
N ALA D 222 -8.45 63.04 84.01
CA ALA D 222 -8.71 63.65 82.71
C ALA D 222 -7.48 63.57 81.80
N GLY D 223 -7.68 63.72 80.49
CA GLY D 223 -6.60 63.76 79.49
C GLY D 223 -6.19 62.40 78.92
N GLY D 224 -5.33 62.42 77.90
CA GLY D 224 -4.85 61.25 77.16
C GLY D 224 -3.42 61.43 76.62
N GLY D 225 -2.87 60.38 76.01
CA GLY D 225 -1.52 60.41 75.42
C GLY D 225 -0.35 60.33 76.41
N GLY D 226 -0.63 60.05 77.69
CA GLY D 226 0.39 59.86 78.74
C GLY D 226 0.88 61.09 79.46
N LYS D 227 0.32 62.27 79.16
CA LYS D 227 0.47 63.47 80.00
C LYS D 227 -0.14 63.21 81.39
N GLY D 228 0.55 63.62 82.44
CA GLY D 228 0.15 63.37 83.83
C GLY D 228 0.19 61.90 84.26
N MET D 229 1.03 61.06 83.62
CA MET D 229 1.30 59.69 84.04
C MET D 229 2.73 59.52 84.54
N ARG D 230 2.92 58.87 85.69
CA ARG D 230 4.25 58.58 86.26
C ARG D 230 4.29 57.21 86.92
N ILE D 231 5.41 56.51 86.74
CA ILE D 231 5.70 55.25 87.44
C ILE D 231 6.42 55.61 88.74
N ALA D 232 6.03 54.98 89.84
CA ALA D 232 6.70 55.08 91.13
C ALA D 232 7.10 53.68 91.62
N TRP D 233 8.37 53.52 91.97
CA TRP D 233 8.98 52.27 92.44
C TRP D 233 9.05 52.18 93.96
N ASP D 234 8.94 53.31 94.66
CA ASP D 234 8.97 53.40 96.11
C ASP D 234 8.13 54.58 96.64
N ASP D 235 8.16 54.77 97.97
CA ASP D 235 7.39 55.81 98.65
C ASP D 235 7.81 57.23 98.27
N GLU D 236 9.11 57.48 98.06
CA GLU D 236 9.62 58.82 97.73
C GLU D 236 9.25 59.20 96.30
N GLU D 237 9.43 58.27 95.36
CA GLU D 237 8.98 58.45 93.98
C GLU D 237 7.45 58.61 93.90
N THR D 238 6.72 57.99 94.83
CA THR D 238 5.25 58.19 94.85
C THR D 238 4.95 59.63 95.26
N ARG D 239 5.60 60.13 96.32
CA ARG D 239 5.29 61.50 96.83
C ARG D 239 5.60 62.54 95.75
N ASP D 240 6.73 62.40 95.05
CA ASP D 240 7.09 63.35 93.96
C ASP D 240 6.19 63.10 92.76
N GLY D 241 6.02 61.83 92.36
CA GLY D 241 5.17 61.48 91.25
C GLY D 241 3.75 62.05 91.37
N PHE D 242 3.14 61.97 92.56
CA PHE D 242 1.82 62.54 92.83
C PHE D 242 1.83 64.07 92.70
N ARG D 243 2.79 64.73 93.36
CA ARG D 243 2.92 66.20 93.32
C ARG D 243 3.11 66.71 91.88
N LEU D 244 4.02 66.11 91.13
CA LEU D 244 4.30 66.49 89.75
C LEU D 244 3.12 66.21 88.82
N SER D 245 2.50 65.03 88.93
CA SER D 245 1.37 64.65 88.05
C SER D 245 0.14 65.52 88.31
N SER D 246 -0.11 65.92 89.56
CA SER D 246 -1.23 66.78 89.93
C SER D 246 -1.04 68.19 89.34
N GLN D 247 0.17 68.75 89.44
CA GLN D 247 0.51 70.03 88.82
C GLN D 247 0.41 69.99 87.29
N GLU D 248 0.89 68.91 86.66
CA GLU D 248 0.80 68.71 85.22
C GLU D 248 -0.65 68.55 84.76
N ALA D 249 -1.49 67.80 85.49
CA ALA D 249 -2.89 67.60 85.18
C ALA D 249 -3.71 68.89 85.37
N ALA D 250 -3.49 69.63 86.46
CA ALA D 250 -4.13 70.92 86.70
C ALA D 250 -3.79 71.94 85.61
N SER D 251 -2.50 72.04 85.22
CA SER D 251 -2.06 72.96 84.18
C SER D 251 -2.51 72.55 82.77
N SER D 252 -2.55 71.25 82.47
CA SER D 252 -2.89 70.75 81.13
C SER D 252 -4.39 70.58 80.88
N PHE D 253 -5.16 70.22 81.92
CA PHE D 253 -6.55 69.79 81.79
C PHE D 253 -7.52 70.55 82.70
N GLY D 254 -7.04 71.38 83.63
CA GLY D 254 -7.90 72.03 84.62
C GLY D 254 -8.54 71.05 85.62
N ASP D 255 -8.02 69.82 85.71
CA ASP D 255 -8.49 68.75 86.58
C ASP D 255 -7.29 68.11 87.28
N ASP D 256 -7.22 68.25 88.60
CA ASP D 256 -6.11 67.79 89.44
C ASP D 256 -6.35 66.38 90.01
N ARG D 257 -7.48 65.74 89.68
CA ARG D 257 -7.84 64.42 90.20
C ARG D 257 -6.91 63.34 89.64
N LEU D 258 -6.27 62.59 90.54
CA LEU D 258 -5.36 61.49 90.20
C LEU D 258 -5.90 60.13 90.65
N LEU D 259 -5.49 59.10 89.93
CA LEU D 259 -5.75 57.67 90.17
C LEU D 259 -4.42 56.94 90.35
N ILE D 260 -4.38 55.94 91.24
CA ILE D 260 -3.14 55.12 91.39
C ILE D 260 -3.43 53.66 91.04
N GLU D 261 -2.66 53.09 90.12
CA GLU D 261 -2.84 51.67 89.72
C GLU D 261 -1.47 50.99 89.81
N LYS D 262 -1.42 49.67 89.93
CA LYS D 262 -0.11 48.98 89.92
C LYS D 262 0.54 49.12 88.54
N PHE D 263 1.88 49.19 88.48
CA PHE D 263 2.59 49.21 87.17
C PHE D 263 3.47 47.96 87.09
N ILE D 264 3.72 47.46 85.88
CA ILE D 264 4.61 46.28 85.70
C ILE D 264 5.70 46.64 84.69
N ASP D 265 6.97 46.68 85.11
CA ASP D 265 8.07 46.91 84.15
C ASP D 265 8.10 45.69 83.21
N ASN D 266 8.39 45.90 81.92
CA ASN D 266 8.48 44.77 80.95
C ASN D 266 7.41 43.76 81.37
N PRO D 267 6.08 44.01 81.20
CA PRO D 267 5.08 43.08 81.75
C PRO D 267 5.05 41.75 81.01
N ARG D 268 6.02 40.88 81.31
CA ARG D 268 6.01 39.53 80.70
C ARG D 268 4.73 38.82 81.17
N HIS D 269 4.03 38.16 80.26
CA HIS D 269 2.80 37.42 80.63
C HIS D 269 3.23 35.99 80.96
N ILE D 270 3.22 35.65 82.25
CA ILE D 270 3.63 34.28 82.68
C ILE D 270 2.43 33.64 83.36
N GLU D 271 2.07 32.43 82.97
CA GLU D 271 0.85 31.80 83.53
C GLU D 271 1.18 30.40 84.07
N ILE D 272 0.51 29.99 85.14
CA ILE D 272 0.78 28.66 85.75
C ILE D 272 -0.44 27.78 85.48
N GLN D 273 -0.22 26.62 84.85
CA GLN D 273 -1.35 25.68 84.64
C GLN D 273 -1.66 25.03 85.97
N VAL D 274 -2.95 24.77 86.25
CA VAL D 274 -3.31 24.06 87.50
C VAL D 274 -4.21 22.87 87.15
N LEU D 275 -4.13 21.78 87.92
CA LEU D 275 -5.03 20.62 87.71
C LEU D 275 -5.79 20.38 89.01
N GLY D 276 -7.12 20.24 88.97
CA GLY D 276 -7.93 20.07 90.19
C GLY D 276 -8.79 18.83 90.14
N ASP D 277 -9.19 18.30 91.30
CA ASP D 277 -10.02 17.08 91.36
C ASP D 277 -11.18 17.31 92.34
N LYS D 278 -12.23 16.50 92.24
CA LYS D 278 -13.39 16.62 93.17
C LYS D 278 -12.90 16.37 94.60
N HIS D 279 -11.94 15.46 94.79
CA HIS D 279 -11.42 15.11 96.13
C HIS D 279 -10.76 16.32 96.79
N GLY D 280 -10.45 17.36 96.01
CA GLY D 280 -9.87 18.60 96.57
C GLY D 280 -8.36 18.62 96.43
N ASN D 281 -7.77 17.51 95.97
CA ASN D 281 -6.30 17.50 95.70
C ASN D 281 -6.04 18.41 94.49
N ALA D 282 -4.91 19.12 94.48
CA ALA D 282 -4.56 19.97 93.31
C ALA D 282 -3.06 19.86 93.00
N LEU D 283 -2.70 19.93 91.71
CA LEU D 283 -1.26 19.90 91.30
C LEU D 283 -0.99 21.12 90.44
N TRP D 284 0.14 21.80 90.63
CA TRP D 284 0.51 22.96 89.79
C TRP D 284 1.36 22.48 88.61
N LEU D 285 1.07 22.95 87.41
CA LEU D 285 1.97 22.57 86.29
C LEU D 285 2.92 23.74 86.10
N ASN D 286 4.07 23.52 85.47
CA ASN D 286 5.10 24.57 85.38
C ASN D 286 4.58 25.76 84.56
N GLU D 287 5.21 26.91 84.70
CA GLU D 287 4.71 28.15 84.05
C GLU D 287 4.86 28.12 82.52
N ARG D 288 4.18 29.04 81.83
CA ARG D 288 4.28 29.16 80.35
C ARG D 288 4.43 30.64 80.04
N GLU D 289 5.35 30.98 79.14
CA GLU D 289 5.53 32.39 78.73
C GLU D 289 4.74 32.62 77.44
N CYS D 290 3.80 33.57 77.46
CA CYS D 290 2.96 33.85 76.27
C CYS D 290 3.11 35.33 75.93
N SER D 291 4.29 35.89 76.18
CA SER D 291 4.48 37.35 75.98
C SER D 291 4.27 37.76 74.52
N ILE D 292 4.76 36.99 73.55
CA ILE D 292 4.69 37.45 72.14
C ILE D 292 3.22 37.46 71.69
N GLN D 293 2.71 38.62 71.29
CA GLN D 293 1.27 38.70 70.93
C GLN D 293 1.06 39.77 69.86
N ARG D 294 0.02 39.59 69.02
CA ARG D 294 -0.32 40.59 67.97
C ARG D 294 -1.82 40.85 68.08
N ARG D 295 -2.24 42.12 68.16
CA ARG D 295 -3.68 42.46 68.20
C ARG D 295 -4.34 41.76 69.40
N ASN D 296 -3.61 41.63 70.51
CA ASN D 296 -4.15 41.02 71.76
C ASN D 296 -4.34 39.51 71.55
N GLN D 297 -3.80 38.97 70.47
CA GLN D 297 -3.90 37.51 70.22
C GLN D 297 -2.49 36.95 70.29
N LYS D 298 -2.28 35.91 71.09
CA LYS D 298 -0.91 35.36 71.27
C LYS D 298 -0.43 34.66 70.00
N VAL D 299 0.84 34.84 69.64
CA VAL D 299 1.42 34.15 68.43
C VAL D 299 2.40 33.05 68.85
N VAL D 300 3.37 33.36 69.72
CA VAL D 300 4.41 32.36 70.11
C VAL D 300 4.35 32.14 71.63
N GLU D 301 4.38 30.88 72.08
CA GLU D 301 4.32 30.56 73.52
C GLU D 301 5.40 29.53 73.83
N GLU D 302 6.00 29.57 75.01
CA GLU D 302 7.11 28.63 75.36
C GLU D 302 6.98 28.17 76.81
N ALA D 303 7.47 26.96 77.10
CA ALA D 303 7.47 26.46 78.49
C ALA D 303 8.75 25.64 78.72
N PRO D 304 9.46 25.76 79.86
CA PRO D 304 9.22 26.79 80.88
C PRO D 304 9.67 28.18 80.45
N SER D 305 9.34 29.21 81.23
CA SER D 305 9.86 30.56 80.92
C SER D 305 11.36 30.61 81.16
N ILE D 306 12.08 31.42 80.38
CA ILE D 306 13.56 31.55 80.54
C ILE D 306 13.81 32.58 81.65
N PHE D 307 12.75 33.14 82.23
CA PHE D 307 12.95 34.21 83.21
C PHE D 307 12.85 33.72 84.65
N LEU D 308 12.01 32.71 84.91
CA LEU D 308 11.75 32.21 86.27
C LEU D 308 12.83 31.24 86.78
N ASP D 309 13.36 31.53 87.96
CA ASP D 309 14.15 30.58 88.74
C ASP D 309 13.25 29.58 89.49
N ALA D 310 13.86 28.58 90.12
CA ALA D 310 13.15 27.51 90.81
C ALA D 310 12.34 28.00 92.02
N GLU D 311 12.80 29.07 92.68
CA GLU D 311 12.13 29.66 93.85
C GLU D 311 10.87 30.39 93.43
N THR D 312 11.01 31.38 92.55
CA THR D 312 9.84 32.17 92.07
C THR D 312 8.79 31.22 91.47
N ARG D 313 9.22 30.31 90.58
CA ARG D 313 8.27 29.39 89.89
C ARG D 313 7.47 28.61 90.94
N ARG D 314 8.13 28.14 91.99
CA ARG D 314 7.43 27.37 93.07
C ARG D 314 6.45 28.30 93.78
N ALA D 315 6.91 29.49 94.20
CA ALA D 315 6.03 30.46 94.84
C ALA D 315 4.78 30.74 94.01
N MET D 316 4.93 30.94 92.70
CA MET D 316 3.79 31.12 91.78
C MET D 316 2.89 29.88 91.74
N GLY D 317 3.48 28.68 91.66
CA GLY D 317 2.75 27.42 91.65
C GLY D 317 1.93 27.18 92.92
N GLU D 318 2.54 27.44 94.08
CA GLU D 318 1.90 27.31 95.40
C GLU D 318 0.74 28.30 95.56
N GLN D 319 0.92 29.56 95.16
CA GLN D 319 -0.15 30.57 95.22
C GLN D 319 -1.29 30.25 94.23
N ALA D 320 -0.99 29.78 93.03
CA ALA D 320 -2.01 29.36 92.07
C ALA D 320 -2.85 28.18 92.61
N VAL D 321 -2.21 27.20 93.27
CA VAL D 321 -2.93 26.08 93.92
C VAL D 321 -3.70 26.55 95.16
N ALA D 322 -3.18 27.50 95.93
CA ALA D 322 -3.90 28.10 97.05
C ALA D 322 -5.21 28.73 96.60
N LEU D 323 -5.17 29.51 95.50
CA LEU D 323 -6.37 30.10 94.88
C LEU D 323 -7.34 29.02 94.39
N ALA D 324 -6.84 28.03 93.64
CA ALA D 324 -7.66 26.94 93.14
C ALA D 324 -8.38 26.19 94.29
N ARG D 325 -7.69 25.93 95.41
CA ARG D 325 -8.30 25.32 96.60
C ARG D 325 -9.32 26.23 97.28
N ALA D 326 -9.06 27.54 97.37
CA ALA D 326 -9.96 28.51 97.98
C ALA D 326 -11.34 28.54 97.30
N VAL D 327 -11.35 28.31 95.98
CA VAL D 327 -12.62 28.32 95.18
C VAL D 327 -13.04 26.88 94.84
N LYS D 328 -12.40 25.86 95.43
CA LYS D 328 -12.80 24.44 95.21
C LYS D 328 -12.80 24.08 93.72
N TYR D 329 -11.75 24.45 92.98
CA TYR D 329 -11.65 24.16 91.53
C TYR D 329 -11.58 22.64 91.29
N SER D 330 -12.20 22.14 90.20
CA SER D 330 -12.24 20.67 89.95
C SER D 330 -11.99 20.34 88.47
N SER D 331 -10.84 20.75 87.92
CA SER D 331 -10.46 20.49 86.50
C SER D 331 -9.10 21.13 86.18
N ALA D 332 -8.61 20.95 84.95
CA ALA D 332 -7.39 21.67 84.54
C ALA D 332 -7.76 23.14 84.28
N GLY D 333 -6.91 24.08 84.71
CA GLY D 333 -7.18 25.52 84.51
C GLY D 333 -5.88 26.31 84.42
N THR D 334 -5.96 27.64 84.32
CA THR D 334 -4.71 28.42 84.30
C THR D 334 -4.86 29.68 85.11
N VAL D 335 -3.88 29.94 85.97
CA VAL D 335 -3.76 31.17 86.75
C VAL D 335 -2.73 32.06 86.07
N GLU D 336 -3.18 33.19 85.54
CA GLU D 336 -2.34 34.12 84.78
C GLU D 336 -1.73 35.20 85.69
N PHE D 337 -0.45 35.52 85.47
CA PHE D 337 0.26 36.56 86.19
C PHE D 337 0.97 37.54 85.24
N LEU D 338 1.06 38.80 85.68
CA LEU D 338 2.04 39.75 85.17
C LEU D 338 3.29 39.68 86.03
N VAL D 339 4.46 39.52 85.40
CA VAL D 339 5.75 39.46 86.10
C VAL D 339 6.61 40.65 85.68
N ASP D 340 7.08 41.42 86.64
CA ASP D 340 7.94 42.57 86.41
C ASP D 340 9.42 42.19 86.27
N SER D 341 10.28 43.17 85.94
CA SER D 341 11.72 42.97 85.77
C SER D 341 12.46 42.54 87.06
N LYS D 342 11.86 42.73 88.23
CA LYS D 342 12.38 42.32 89.54
C LYS D 342 11.82 40.95 89.98
N LYS D 343 11.08 40.25 89.10
CA LYS D 343 10.41 38.96 89.37
C LYS D 343 9.28 39.06 90.40
N ASN D 344 8.78 40.25 90.70
CA ASN D 344 7.50 40.34 91.40
C ASN D 344 6.41 39.93 90.41
N PHE D 345 5.47 39.11 90.88
CA PHE D 345 4.40 38.58 90.07
C PHE D 345 3.05 38.96 90.69
N TYR D 346 2.08 39.27 89.83
CA TYR D 346 0.78 39.78 90.23
C TYR D 346 -0.32 39.08 89.45
N PHE D 347 -1.31 38.54 90.16
CA PHE D 347 -2.47 37.85 89.61
C PHE D 347 -3.23 38.76 88.65
N LEU D 348 -3.48 38.24 87.45
CA LEU D 348 -4.25 38.90 86.41
C LEU D 348 -5.68 38.32 86.37
N GLU D 349 -5.79 37.02 86.09
CA GLU D 349 -7.04 36.29 86.01
C GLU D 349 -6.82 34.78 86.14
N MET D 350 -7.88 34.04 86.44
CA MET D 350 -7.71 32.57 86.49
C MET D 350 -8.59 31.93 85.42
N ASN D 351 -7.97 31.53 84.31
CA ASN D 351 -8.74 30.89 83.22
C ASN D 351 -9.32 29.59 83.77
N THR D 352 -10.58 29.31 83.42
CA THR D 352 -11.26 28.08 83.91
C THR D 352 -11.62 27.17 82.73
N ARG D 353 -10.70 27.01 81.77
CA ARG D 353 -10.94 26.14 80.58
C ARG D 353 -9.60 25.58 80.12
N LEU D 354 -9.61 24.47 79.37
CA LEU D 354 -8.32 24.00 78.79
C LEU D 354 -7.88 25.10 77.85
N GLN D 355 -6.62 25.50 77.88
CA GLN D 355 -6.21 26.65 77.04
C GLN D 355 -5.66 26.17 75.70
N VAL D 356 -5.48 27.10 74.77
CA VAL D 356 -4.94 26.76 73.43
C VAL D 356 -3.47 26.35 73.58
N GLU D 357 -2.75 26.98 74.50
CA GLU D 357 -1.28 26.77 74.63
C GLU D 357 -0.98 25.59 75.56
N HIS D 358 -1.98 24.75 75.82
CA HIS D 358 -1.80 23.59 76.72
C HIS D 358 -0.71 22.61 76.26
N PRO D 359 -0.46 22.33 74.95
CA PRO D 359 0.53 21.32 74.57
C PRO D 359 1.96 21.57 75.04
N VAL D 360 2.43 22.82 75.10
CA VAL D 360 3.85 23.02 75.52
C VAL D 360 4.01 22.46 76.93
N THR D 361 3.05 22.73 77.81
CA THR D 361 3.10 22.17 79.18
C THR D 361 3.05 20.65 79.09
N GLU D 362 2.23 20.11 78.19
CA GLU D 362 2.09 18.63 78.14
C GLU D 362 3.46 18.04 77.85
N CYS D 363 4.21 18.67 76.95
CA CYS D 363 5.53 18.10 76.55
C CYS D 363 6.51 18.09 77.73
N ILE D 364 6.65 19.21 78.45
CA ILE D 364 7.67 19.22 79.54
C ILE D 364 7.22 18.28 80.67
N THR D 365 5.95 18.34 81.04
CA THR D 365 5.38 17.49 82.13
C THR D 365 5.33 16.01 81.75
N GLY D 366 5.01 15.71 80.49
CA GLY D 366 4.81 14.30 80.09
C GLY D 366 3.39 13.85 80.41
N LEU D 367 2.47 14.80 80.62
CA LEU D 367 1.08 14.43 81.03
C LEU D 367 0.05 14.82 79.96
N ASP D 368 -0.98 13.99 79.77
CA ASP D 368 -2.07 14.27 78.80
C ASP D 368 -3.18 15.01 79.57
N LEU D 369 -3.36 16.30 79.32
CA LEU D 369 -4.33 17.09 80.12
C LEU D 369 -5.74 16.58 79.84
N VAL D 370 -6.02 16.26 78.58
CA VAL D 370 -7.40 15.81 78.21
C VAL D 370 -7.71 14.51 78.95
N GLN D 371 -6.74 13.59 79.01
CA GLN D 371 -6.99 12.30 79.70
C GLN D 371 -7.29 12.61 81.16
N GLU D 372 -6.52 13.50 81.76
CA GLU D 372 -6.70 13.84 83.19
C GLU D 372 -8.07 14.49 83.39
N MET D 373 -8.50 15.34 82.46
CA MET D 373 -9.81 16.02 82.60
C MET D 373 -10.90 14.94 82.60
N ILE D 374 -10.80 13.95 81.71
CA ILE D 374 -11.80 12.85 81.66
C ILE D 374 -11.75 12.05 82.95
N ARG D 375 -10.56 11.74 83.45
CA ARG D 375 -10.46 10.89 84.68
C ARG D 375 -11.13 11.64 85.83
N VAL D 376 -10.87 12.93 85.95
CA VAL D 376 -11.46 13.75 87.04
C VAL D 376 -12.98 13.77 86.88
N ALA D 377 -13.47 13.88 85.64
CA ALA D 377 -14.92 13.92 85.39
C ALA D 377 -15.58 12.61 85.85
N LYS D 378 -14.93 11.47 85.61
CA LYS D 378 -15.47 10.18 86.10
C LYS D 378 -15.43 10.18 87.63
N GLY D 379 -14.57 11.04 88.20
CA GLY D 379 -14.43 11.10 89.68
C GLY D 379 -13.27 10.26 90.14
N TYR D 380 -12.52 9.67 89.21
CA TYR D 380 -11.30 8.92 89.61
C TYR D 380 -10.31 9.90 90.24
N PRO D 381 -9.63 9.52 91.35
CA PRO D 381 -8.68 10.41 92.02
C PRO D 381 -7.37 10.62 91.23
N LEU D 382 -6.70 11.75 91.44
CA LEU D 382 -5.44 12.05 90.70
C LEU D 382 -4.38 11.02 91.05
N ARG D 383 -3.54 10.63 90.08
CA ARG D 383 -2.47 9.63 90.31
C ARG D 383 -1.13 10.34 90.51
N HIS D 384 -1.12 11.66 90.64
CA HIS D 384 0.18 12.39 90.72
C HIS D 384 0.24 13.35 91.90
N LYS D 385 1.43 13.58 92.45
CA LYS D 385 1.61 14.56 93.57
C LYS D 385 2.56 15.63 93.05
N GLN D 386 2.44 16.87 93.52
CA GLN D 386 3.28 17.98 93.01
C GLN D 386 4.73 17.50 92.85
N ALA D 387 5.21 16.73 93.83
CA ALA D 387 6.58 16.23 93.76
C ALA D 387 6.87 15.33 92.52
N ASP D 388 5.83 14.79 91.88
CA ASP D 388 5.96 13.97 90.67
C ASP D 388 6.05 14.84 89.41
N ILE D 389 5.59 16.09 89.48
CA ILE D 389 5.57 17.03 88.36
C ILE D 389 6.95 17.66 88.20
N ARG D 390 7.69 17.21 87.18
CA ARG D 390 9.01 17.73 86.82
C ARG D 390 8.93 18.63 85.59
N ILE D 391 9.95 19.46 85.42
CA ILE D 391 10.24 20.18 84.19
C ILE D 391 11.25 19.35 83.42
N ASN D 392 10.83 18.71 82.32
CA ASN D 392 11.71 17.96 81.45
C ASN D 392 11.83 18.70 80.13
N GLY D 393 13.03 19.16 79.78
CA GLY D 393 13.28 19.85 78.52
C GLY D 393 12.59 21.21 78.40
N TRP D 394 12.40 21.63 77.15
CA TRP D 394 11.82 22.91 76.76
C TRP D 394 10.89 22.72 75.57
N ALA D 395 9.72 23.33 75.61
CA ALA D 395 8.76 23.30 74.52
C ALA D 395 8.43 24.73 74.06
N VAL D 396 8.26 24.90 72.76
CA VAL D 396 7.84 26.16 72.13
C VAL D 396 6.70 25.86 71.18
N GLU D 397 5.64 26.65 71.23
CA GLU D 397 4.49 26.58 70.34
C GLU D 397 4.39 27.86 69.52
N CYS D 398 4.08 27.70 68.23
CA CYS D 398 3.90 28.86 67.32
C CYS D 398 2.59 28.66 66.56
N ARG D 399 1.50 29.27 67.02
CA ARG D 399 0.18 29.05 66.36
C ARG D 399 0.26 29.55 64.92
N VAL D 400 -0.21 28.75 63.96
CA VAL D 400 -0.13 29.14 62.53
C VAL D 400 -1.50 29.68 62.10
N TYR D 401 -1.52 30.80 61.36
CA TYR D 401 -2.78 31.41 60.94
C TYR D 401 -2.81 31.64 59.43
N ALA D 402 -4.03 31.79 58.94
CA ALA D 402 -4.20 32.17 57.52
C ALA D 402 -4.35 33.68 57.49
N GLU D 403 -3.25 34.40 57.68
CA GLU D 403 -3.31 35.89 57.67
C GLU D 403 -2.12 36.42 56.90
N ASP D 404 -2.24 37.62 56.34
CA ASP D 404 -1.06 38.23 55.68
C ASP D 404 -0.24 38.89 56.78
N PRO D 405 0.98 38.43 57.08
CA PRO D 405 1.80 39.08 58.09
C PRO D 405 2.11 40.52 57.66
N TYR D 406 2.33 40.74 56.37
CA TYR D 406 2.74 42.09 55.88
C TYR D 406 1.62 43.13 56.11
N LYS D 407 0.36 42.77 55.91
CA LYS D 407 -0.72 43.75 56.20
C LYS D 407 -0.90 43.84 57.71
N SER D 408 -0.75 45.04 58.27
CA SER D 408 -0.80 45.21 59.75
C SER D 408 0.20 44.22 60.33
N PHE D 409 -0.19 43.45 61.33
CA PHE D 409 0.70 42.35 61.78
C PHE D 409 0.03 41.05 61.35
N GLY D 410 -1.30 41.10 61.18
CA GLY D 410 -2.04 39.94 60.65
C GLY D 410 -3.34 40.41 60.04
N LEU D 411 -3.75 39.83 58.91
CA LEU D 411 -5.05 40.21 58.31
C LEU D 411 -5.75 38.94 57.81
N PRO D 412 -7.03 38.67 58.13
CA PRO D 412 -7.66 37.40 57.77
C PRO D 412 -7.65 37.14 56.25
N SER D 413 -7.28 35.93 55.84
CA SER D 413 -7.24 35.57 54.39
C SER D 413 -8.04 34.30 54.19
N ILE D 414 -8.73 34.17 53.06
CA ILE D 414 -9.62 32.97 52.91
C ILE D 414 -9.30 32.23 51.61
N GLY D 415 -9.54 30.93 51.61
CA GLY D 415 -9.32 30.14 50.38
C GLY D 415 -9.20 28.66 50.64
N ARG D 416 -9.01 27.94 49.55
CA ARG D 416 -8.92 26.47 49.63
C ARG D 416 -7.45 26.08 49.70
N LEU D 417 -7.13 25.22 50.64
CA LEU D 417 -5.78 24.66 50.74
C LEU D 417 -5.52 23.69 49.58
N SER D 418 -4.94 24.16 48.48
CA SER D 418 -4.67 23.31 47.30
C SER D 418 -3.61 22.26 47.57
N GLN D 419 -2.70 22.53 48.50
CA GLN D 419 -1.71 21.60 49.01
C GLN D 419 -1.35 21.96 50.45
N TYR D 420 -1.22 20.95 51.30
CA TYR D 420 -0.90 21.10 52.72
C TYR D 420 -0.05 19.90 53.16
N GLN D 421 1.14 20.14 53.68
CA GLN D 421 2.04 19.11 54.20
C GLN D 421 2.71 19.60 55.47
N GLU D 422 2.40 18.93 56.57
CA GLU D 422 2.98 19.17 57.89
C GLU D 422 4.41 18.61 57.97
N PRO D 423 5.40 19.25 58.65
CA PRO D 423 6.75 18.67 58.76
C PRO D 423 6.94 17.70 59.94
N LEU D 424 6.09 16.68 60.05
CA LEU D 424 6.17 15.70 61.18
C LEU D 424 7.48 14.91 61.13
N HIS D 425 7.93 14.51 59.94
CA HIS D 425 9.16 13.66 59.80
C HIS D 425 10.34 14.26 60.56
N LEU D 426 10.42 15.59 60.65
CA LEU D 426 11.56 16.29 61.32
C LEU D 426 11.56 16.00 62.83
N PRO D 427 12.74 15.98 63.50
CA PRO D 427 12.82 15.64 64.92
C PRO D 427 12.17 16.59 65.93
N GLY D 428 11.61 16.04 67.02
CA GLY D 428 11.00 16.86 68.08
C GLY D 428 9.84 17.71 67.61
N VAL D 429 9.03 17.21 66.67
CA VAL D 429 7.95 18.06 66.10
C VAL D 429 6.59 17.42 66.36
N ARG D 430 5.65 18.20 66.92
CA ARG D 430 4.27 17.69 67.11
C ARG D 430 3.34 18.74 66.51
N VAL D 431 2.38 18.32 65.69
CA VAL D 431 1.50 19.33 65.03
C VAL D 431 0.05 19.10 65.45
N ASP D 432 -0.58 20.11 66.01
CA ASP D 432 -1.99 20.04 66.38
C ASP D 432 -2.78 20.88 65.36
N SER D 433 -3.43 20.22 64.41
CA SER D 433 -4.22 20.83 63.33
C SER D 433 -5.64 20.24 63.26
N GLY D 434 -6.53 20.98 62.61
CA GLY D 434 -7.91 20.60 62.31
C GLY D 434 -8.26 20.72 60.82
N ILE D 435 -7.20 20.72 60.00
CA ILE D 435 -7.34 20.91 58.53
C ILE D 435 -6.60 19.81 57.75
N GLN D 436 -6.87 19.69 56.45
CA GLN D 436 -6.25 18.66 55.59
C GLN D 436 -6.13 19.27 54.19
N PRO D 437 -5.53 18.61 53.18
CA PRO D 437 -5.53 19.19 51.83
C PRO D 437 -6.97 19.30 51.33
N GLY D 438 -7.33 20.43 50.74
CA GLY D 438 -8.71 20.66 50.27
C GLY D 438 -9.59 21.31 51.32
N SER D 439 -9.03 21.61 52.50
CA SER D 439 -9.81 22.31 53.55
C SER D 439 -10.08 23.74 53.11
N ASP D 440 -11.25 24.25 53.45
CA ASP D 440 -11.61 25.64 53.07
C ASP D 440 -11.55 26.55 54.28
N ILE D 441 -10.48 27.31 54.45
CA ILE D 441 -10.46 28.32 55.50
C ILE D 441 -11.59 29.31 55.21
N SER D 442 -12.66 29.27 56.02
CA SER D 442 -13.86 30.08 55.81
C SER D 442 -13.84 31.40 56.57
N ILE D 443 -14.63 32.38 56.14
CA ILE D 443 -14.82 33.68 56.83
C ILE D 443 -15.45 33.58 58.24
N TYR D 444 -16.17 32.50 58.54
CA TYR D 444 -17.05 32.39 59.71
C TYR D 444 -16.33 32.07 61.02
N TYR D 445 -15.10 31.57 60.95
CA TYR D 445 -14.37 31.02 62.10
C TYR D 445 -12.95 31.58 62.17
N ASP D 446 -12.26 31.21 63.24
CA ASP D 446 -10.88 31.61 63.49
C ASP D 446 -9.91 31.09 62.39
N PRO D 447 -8.88 31.86 61.99
CA PRO D 447 -7.97 31.49 60.89
C PRO D 447 -6.90 30.48 61.28
N MET D 448 -6.91 29.93 62.49
CA MET D 448 -5.86 29.02 62.92
C MET D 448 -5.86 27.75 62.07
N ILE D 449 -4.73 27.54 61.40
CA ILE D 449 -4.41 26.37 60.59
C ILE D 449 -4.02 25.23 61.52
N SER D 450 -3.06 25.48 62.40
CA SER D 450 -2.54 24.48 63.34
C SER D 450 -1.76 25.13 64.47
N LYS D 451 -1.52 24.37 65.53
CA LYS D 451 -0.47 24.65 66.51
C LYS D 451 0.75 23.84 66.13
N LEU D 452 1.87 24.51 65.89
CA LEU D 452 3.16 23.88 65.64
C LEU D 452 3.97 23.92 66.93
N ILE D 453 4.32 22.77 67.46
CA ILE D 453 5.05 22.64 68.73
C ILE D 453 6.36 21.93 68.50
N THR D 454 7.43 22.44 69.09
CA THR D 454 8.73 21.77 69.10
C THR D 454 9.25 21.60 70.51
N TYR D 455 9.84 20.45 70.77
CA TYR D 455 10.37 20.07 72.06
C TYR D 455 11.88 19.77 71.96
N GLY D 456 12.65 20.18 72.96
CA GLY D 456 14.10 19.95 73.07
C GLY D 456 14.56 19.66 74.50
N SER D 457 15.80 19.17 74.66
CA SER D 457 16.43 18.99 75.96
C SER D 457 16.74 20.32 76.65
N ASP D 458 16.92 21.37 75.83
CA ASP D 458 17.18 22.73 76.37
C ASP D 458 16.47 23.74 75.45
N ARG D 459 16.49 25.03 75.81
CA ARG D 459 15.75 26.05 75.02
C ARG D 459 16.32 26.15 73.60
N THR D 460 17.65 26.14 73.46
CA THR D 460 18.29 26.30 72.12
C THR D 460 17.79 25.22 71.17
N GLU D 461 17.90 23.95 71.57
CA GLU D 461 17.46 22.83 70.73
C GLU D 461 16.00 23.00 70.30
N ALA D 462 15.11 23.39 71.21
CA ALA D 462 13.70 23.62 70.89
C ALA D 462 13.53 24.74 69.84
N LEU D 463 14.21 25.87 70.00
CA LEU D 463 14.16 27.00 69.05
C LEU D 463 14.73 26.63 67.69
N LYS D 464 15.79 25.82 67.67
CA LYS D 464 16.42 25.39 66.39
C LYS D 464 15.48 24.44 65.63
N ARG D 465 14.93 23.45 66.33
CA ARG D 465 14.00 22.49 65.68
C ARG D 465 12.79 23.25 65.16
N MET D 466 12.34 24.28 65.88
CA MET D 466 11.21 25.12 65.40
C MET D 466 11.61 25.80 64.09
N ALA D 467 12.63 26.65 64.11
CA ALA D 467 13.08 27.29 62.87
C ALA D 467 13.12 26.29 61.70
N ASP D 468 13.70 25.11 61.92
CA ASP D 468 13.75 24.03 60.91
C ASP D 468 12.34 23.56 60.51
N ALA D 469 11.42 23.43 61.48
CA ALA D 469 10.04 23.03 61.24
C ALA D 469 9.26 24.07 60.43
N LEU D 470 9.42 25.35 60.74
CA LEU D 470 8.78 26.44 59.99
C LEU D 470 9.29 26.51 58.54
N ASP D 471 10.58 26.29 58.30
CA ASP D 471 11.14 26.23 56.94
C ASP D 471 10.65 24.99 56.15
N ASN D 472 10.29 23.90 56.84
CA ASN D 472 9.78 22.66 56.26
C ASN D 472 8.25 22.58 56.16
N TYR D 473 7.53 23.61 56.61
CA TYR D 473 6.08 23.62 56.61
C TYR D 473 5.55 24.09 55.24
N VAL D 474 4.80 23.24 54.55
CA VAL D 474 4.18 23.59 53.26
C VAL D 474 2.72 23.98 53.47
N ILE D 475 2.36 25.22 53.13
CA ILE D 475 0.99 25.70 53.11
C ILE D 475 0.79 26.47 51.79
N ARG D 476 -0.17 25.99 50.96
CA ARG D 476 -0.46 26.60 49.61
C ARG D 476 -1.96 26.84 49.38
N GLY D 477 -2.35 28.00 48.84
CA GLY D 477 -3.73 28.40 48.56
C GLY D 477 -4.26 29.50 49.49
N VAL D 478 -3.60 29.74 50.62
CA VAL D 478 -3.83 30.89 51.50
C VAL D 478 -2.49 31.54 51.85
N THR D 479 -2.52 32.82 52.23
CA THR D 479 -1.39 33.48 52.88
C THR D 479 -1.33 33.05 54.35
N HIS D 480 -0.13 33.01 54.93
CA HIS D 480 0.08 32.51 56.29
C HIS D 480 1.22 33.25 57.01
N ASN D 481 1.20 33.19 58.34
CA ASN D 481 2.13 33.92 59.20
C ASN D 481 3.49 33.25 59.48
N ILE D 482 3.81 32.11 58.85
CA ILE D 482 5.10 31.40 59.04
C ILE D 482 6.30 32.34 58.96
N ALA D 483 6.33 33.30 58.03
CA ALA D 483 7.45 34.23 57.90
C ALA D 483 7.68 35.04 59.19
N LEU D 484 6.60 35.53 59.81
CA LEU D 484 6.66 36.26 61.08
C LEU D 484 7.11 35.35 62.22
N LEU D 485 6.48 34.18 62.35
CA LEU D 485 6.83 33.20 63.38
C LEU D 485 8.31 32.83 63.32
N ARG D 486 8.80 32.52 62.11
CA ARG D 486 10.18 32.13 61.86
C ARG D 486 11.15 33.26 62.23
N GLU D 487 10.80 34.51 61.94
CA GLU D 487 11.62 35.67 62.30
C GLU D 487 11.64 35.95 63.81
N VAL D 488 10.52 35.78 64.50
CA VAL D 488 10.44 35.90 65.96
C VAL D 488 11.37 34.88 66.64
N ILE D 489 11.29 33.62 66.22
CA ILE D 489 12.05 32.51 66.82
C ILE D 489 13.57 32.72 66.73
N ILE D 490 14.06 33.31 65.63
CA ILE D 490 15.49 33.56 65.44
C ILE D 490 15.93 34.96 65.94
N ASN D 491 14.99 35.81 66.35
CA ASN D 491 15.31 37.17 66.75
C ASN D 491 16.21 37.16 68.00
N SER D 492 17.29 37.94 67.97
CA SER D 492 18.27 37.98 69.07
C SER D 492 17.66 38.34 70.44
N ARG D 493 16.63 39.17 70.46
CA ARG D 493 15.95 39.49 71.76
C ARG D 493 15.21 38.23 72.23
N PHE D 494 14.40 37.62 71.37
CA PHE D 494 13.66 36.40 71.72
C PHE D 494 14.60 35.28 72.19
N VAL D 495 15.71 35.05 71.49
CA VAL D 495 16.72 34.04 71.85
C VAL D 495 17.37 34.34 73.20
N LYS D 496 17.62 35.61 73.53
CA LYS D 496 18.13 36.03 74.85
C LYS D 496 17.05 36.05 75.93
N GLY D 497 15.78 35.89 75.57
CA GLY D 497 14.66 36.00 76.50
C GLY D 497 14.30 37.45 76.87
N ASP D 498 14.82 38.47 76.18
CA ASP D 498 14.43 39.88 76.36
C ASP D 498 13.11 40.16 75.62
N ILE D 499 12.00 39.75 76.24
CA ILE D 499 10.67 39.80 75.64
C ILE D 499 9.64 40.39 76.62
N SER D 500 8.61 40.99 76.05
CA SER D 500 7.44 41.54 76.74
C SER D 500 6.22 41.43 75.81
N THR D 501 5.05 41.77 76.33
CA THR D 501 3.81 41.90 75.53
C THR D 501 3.89 42.94 74.40
N LYS D 502 4.88 43.84 74.40
CA LYS D 502 5.14 44.82 73.33
C LYS D 502 6.17 44.36 72.31
N PHE D 503 6.68 43.12 72.41
CA PHE D 503 7.79 42.64 71.58
C PHE D 503 7.60 42.90 70.08
N LEU D 504 6.42 42.58 69.52
CA LEU D 504 6.18 42.76 68.09
C LEU D 504 6.17 44.23 67.67
N SER D 505 5.58 45.13 68.47
CA SER D 505 5.61 46.56 68.17
C SER D 505 7.00 47.17 68.34
N ASP D 506 7.79 46.68 69.30
CA ASP D 506 9.15 47.19 69.55
C ASP D 506 10.13 46.74 68.47
N VAL D 507 10.03 45.48 68.03
CA VAL D 507 10.95 44.88 67.05
C VAL D 507 10.58 45.26 65.62
N TYR D 508 9.29 45.55 65.38
CA TYR D 508 8.85 45.93 64.01
C TYR D 508 8.00 47.20 64.07
N PRO D 509 8.57 48.38 64.41
CA PRO D 509 7.75 49.57 64.56
C PRO D 509 7.08 49.97 63.25
N ASP D 510 7.84 49.98 62.15
CA ASP D 510 7.30 50.38 60.82
C ASP D 510 6.27 49.34 60.36
N GLY D 511 6.55 48.06 60.59
CA GLY D 511 5.65 46.97 60.17
C GLY D 511 6.48 45.74 59.90
N PHE D 512 5.86 44.62 59.48
CA PHE D 512 6.68 43.44 59.11
C PHE D 512 7.10 43.58 57.65
N LYS D 513 8.41 43.60 57.38
CA LYS D 513 8.87 43.64 56.00
C LYS D 513 9.50 42.34 55.55
N GLY D 514 9.36 41.27 56.32
CA GLY D 514 10.00 40.02 56.01
C GLY D 514 11.48 40.02 56.37
N HIS D 515 12.07 38.84 56.29
CA HIS D 515 13.48 38.71 56.65
C HIS D 515 14.32 39.69 55.87
N MET D 516 15.42 40.12 56.47
CA MET D 516 16.37 41.03 55.83
C MET D 516 17.67 40.28 55.60
N LEU D 517 18.06 40.14 54.34
CA LEU D 517 19.22 39.27 54.03
C LEU D 517 20.57 39.94 54.28
N THR D 518 21.50 39.21 54.87
CA THR D 518 22.88 39.72 55.03
C THR D 518 23.59 39.46 53.71
N LYS D 519 24.70 40.12 53.46
CA LYS D 519 25.37 39.96 52.14
C LYS D 519 25.51 38.47 51.84
N SER D 520 25.94 37.66 52.81
CA SER D 520 26.17 36.25 52.49
C SER D 520 24.85 35.55 52.17
N GLU D 521 23.80 35.88 52.91
CA GLU D 521 22.49 35.28 52.63
C GLU D 521 22.00 35.66 51.24
N LYS D 522 22.20 36.91 50.85
CA LYS D 522 21.78 37.34 49.52
C LYS D 522 22.55 36.57 48.44
N ASN D 523 23.85 36.40 48.62
CA ASN D 523 24.63 35.64 47.64
C ASN D 523 24.16 34.20 47.57
N GLN D 524 23.87 33.59 48.72
CA GLN D 524 23.38 32.21 48.72
C GLN D 524 22.05 32.11 47.99
N LEU D 525 21.14 33.06 48.24
CA LEU D 525 19.84 33.03 47.57
C LEU D 525 20.00 33.19 46.07
N LEU D 526 20.87 34.12 45.64
CA LEU D 526 21.08 34.32 44.21
C LEU D 526 21.66 33.07 43.57
N ALA D 527 22.63 32.44 44.24
CA ALA D 527 23.22 31.23 43.69
C ALA D 527 22.18 30.12 43.57
N ILE D 528 21.34 29.97 44.59
CA ILE D 528 20.31 28.93 44.55
C ILE D 528 19.34 29.19 43.40
N ALA D 529 18.90 30.44 43.25
CA ALA D 529 17.97 30.77 42.17
C ALA D 529 18.59 30.51 40.81
N SER D 530 19.85 30.91 40.61
CA SER D 530 20.52 30.68 39.34
C SER D 530 20.65 29.19 39.06
N SER D 531 21.03 28.41 40.06
CA SER D 531 21.16 26.97 39.88
C SER D 531 19.82 26.36 39.51
N LEU D 532 18.74 26.79 40.16
CA LEU D 532 17.42 26.26 39.83
C LEU D 532 17.03 26.60 38.40
N PHE D 533 17.29 27.84 37.98
CA PHE D 533 16.99 28.24 36.61
C PHE D 533 17.76 27.37 35.61
N VAL D 534 19.05 27.17 35.86
CA VAL D 534 19.85 26.37 34.94
C VAL D 534 19.40 24.92 34.94
N ALA D 535 19.00 24.40 36.10
CA ALA D 535 18.51 23.03 36.16
C ALA D 535 17.23 22.86 35.34
N PHE D 536 16.32 23.82 35.44
CA PHE D 536 15.11 23.76 34.63
C PHE D 536 15.47 23.80 33.15
N GLN D 537 16.34 24.72 32.77
CA GLN D 537 16.73 24.82 31.36
C GLN D 537 17.34 23.52 30.86
N LEU D 538 18.16 22.88 31.70
CA LEU D 538 18.81 21.64 31.30
C LEU D 538 17.79 20.50 31.16
N ARG D 539 16.89 20.37 32.13
CA ARG D 539 15.88 19.33 32.04
C ARG D 539 15.00 19.53 30.80
N ALA D 540 14.85 20.78 30.36
CA ALA D 540 14.05 21.03 29.17
C ALA D 540 14.60 20.33 27.93
N GLN D 541 15.87 19.92 27.95
CA GLN D 541 16.52 19.34 26.78
C GLN D 541 16.53 17.81 26.79
N HIS D 542 15.94 17.17 27.78
CA HIS D 542 16.04 15.72 27.93
C HIS D 542 14.80 15.05 27.35
N PHE D 543 14.76 14.99 26.03
CA PHE D 543 13.72 14.23 25.34
C PHE D 543 14.12 12.76 25.25
N GLN D 544 13.13 11.90 25.09
CA GLN D 544 13.43 10.50 24.88
C GLN D 544 13.92 10.28 23.45
N GLU D 545 14.44 9.08 23.20
CA GLU D 545 15.03 8.78 21.92
C GLU D 545 14.02 8.98 20.79
N ASN D 546 14.47 9.63 19.71
CA ASN D 546 13.69 9.78 18.49
C ASN D 546 14.58 9.32 17.34
N SER D 547 14.32 8.12 16.83
CA SER D 547 15.18 7.55 15.80
C SER D 547 15.18 8.39 14.53
N ARG D 548 14.01 8.93 14.15
CA ARG D 548 13.92 9.68 12.91
C ARG D 548 14.80 10.93 12.96
N MET D 549 14.77 11.65 14.07
CA MET D 549 15.60 12.85 14.25
C MET D 549 16.29 12.81 15.61
N PRO D 550 17.53 12.35 15.67
CA PRO D 550 18.30 12.44 16.91
C PRO D 550 18.46 13.89 17.34
N VAL D 551 18.43 14.11 18.65
CA VAL D 551 18.57 15.45 19.20
C VAL D 551 20.05 15.78 19.35
N ILE D 552 20.39 17.05 19.14
CA ILE D 552 21.75 17.55 19.28
C ILE D 552 21.79 18.40 20.55
N LYS D 553 22.56 17.94 21.53
CA LYS D 553 22.60 18.63 22.81
C LYS D 553 23.20 20.02 22.66
N PRO D 554 22.54 21.07 23.13
CA PRO D 554 23.16 22.40 23.14
C PRO D 554 24.35 22.41 24.09
N ASP D 555 25.54 22.55 23.52
CA ASP D 555 26.79 22.48 24.28
C ASP D 555 27.07 23.87 24.85
N ILE D 556 26.74 24.05 26.12
CA ILE D 556 26.99 25.30 26.84
C ILE D 556 27.85 24.98 28.05
N ALA D 557 28.93 25.74 28.22
CA ALA D 557 29.81 25.57 29.36
C ALA D 557 29.51 26.55 30.50
N ASN D 558 29.14 27.78 30.17
CA ASN D 558 28.82 28.79 31.17
C ASN D 558 27.52 29.48 30.80
N TRP D 559 26.69 29.73 31.80
CA TRP D 559 25.47 30.50 31.64
C TRP D 559 25.69 31.87 32.26
N GLU D 560 25.57 32.91 31.46
CA GLU D 560 25.68 34.29 31.92
C GLU D 560 24.28 34.83 32.10
N LEU D 561 23.93 35.19 33.33
CA LEU D 561 22.59 35.60 33.68
C LEU D 561 22.59 36.96 34.34
N SER D 562 21.56 37.74 34.06
CA SER D 562 21.23 38.94 34.79
C SER D 562 20.07 38.60 35.72
N VAL D 563 20.28 38.73 37.02
CA VAL D 563 19.29 38.39 38.03
C VAL D 563 18.86 39.66 38.74
N LYS D 564 17.57 39.96 38.73
CA LYS D 564 17.07 41.15 39.44
C LYS D 564 16.38 40.73 40.73
N LEU D 565 16.93 41.10 41.89
CA LEU D 565 16.34 40.70 43.20
C LEU D 565 15.43 41.80 43.74
N HIS D 566 15.98 42.93 44.15
CA HIS D 566 15.13 43.98 44.76
C HIS D 566 15.47 45.30 44.10
N ASP D 567 15.16 45.44 42.81
CA ASP D 567 15.49 46.66 42.04
C ASP D 567 17.01 46.72 41.80
N LYS D 568 17.71 45.62 42.04
CA LYS D 568 19.17 45.58 41.75
C LYS D 568 19.44 44.44 40.77
N VAL D 569 20.36 44.65 39.84
CA VAL D 569 20.66 43.66 38.81
C VAL D 569 22.05 43.12 39.07
N HIS D 570 22.14 41.80 39.23
CA HIS D 570 23.38 41.13 39.56
C HIS D 570 23.82 40.27 38.39
N THR D 571 25.11 40.34 38.07
CA THR D 571 25.69 39.49 37.04
C THR D 571 26.10 38.16 37.65
N VAL D 572 25.64 37.06 37.06
CA VAL D 572 25.90 35.72 37.56
C VAL D 572 26.47 34.87 36.44
N VAL D 573 27.47 34.07 36.77
CA VAL D 573 28.03 33.09 35.84
C VAL D 573 27.92 31.73 36.48
N ALA D 574 27.13 30.84 35.88
CA ALA D 574 26.83 29.55 36.47
C ALA D 574 27.32 28.43 35.55
N SER D 575 28.03 27.47 36.12
CA SER D 575 28.43 26.26 35.43
C SER D 575 28.03 25.08 36.29
N ASN D 576 27.94 23.89 35.68
CA ASN D 576 27.60 22.70 36.43
C ASN D 576 28.50 21.54 36.05
N ASN D 577 28.64 20.61 36.98
CA ASN D 577 29.28 19.33 36.76
C ASN D 577 28.50 18.32 37.58
N GLY D 578 27.83 17.39 36.91
CA GLY D 578 26.97 16.48 37.63
C GLY D 578 25.90 17.25 38.37
N SER D 579 25.86 17.07 39.70
CA SER D 579 24.89 17.74 40.54
C SER D 579 25.47 18.96 41.26
N VAL D 580 26.67 19.39 40.91
CA VAL D 580 27.34 20.49 41.58
C VAL D 580 27.36 21.70 40.67
N PHE D 581 26.81 22.81 41.14
CA PHE D 581 26.75 24.05 40.39
C PHE D 581 27.73 25.05 41.01
N SER D 582 28.65 25.54 40.19
CA SER D 582 29.56 26.61 40.59
C SER D 582 29.00 27.93 40.08
N VAL D 583 28.73 28.86 40.99
CA VAL D 583 28.08 30.11 40.66
C VAL D 583 28.97 31.25 41.12
N GLU D 584 29.30 32.15 40.20
CA GLU D 584 30.01 33.39 40.51
C GLU D 584 28.98 34.51 40.49
N VAL D 585 28.77 35.14 41.65
CA VAL D 585 27.81 36.21 41.82
C VAL D 585 28.60 37.47 42.15
N ASP D 586 28.62 38.42 41.22
CA ASP D 586 29.31 39.70 41.43
C ASP D 586 30.76 39.50 41.88
N GLY D 587 31.38 38.39 41.52
CA GLY D 587 32.75 38.11 41.88
C GLY D 587 32.95 37.20 43.08
N SER D 588 31.89 36.61 43.61
CA SER D 588 31.97 35.70 44.74
C SER D 588 31.61 34.30 44.28
N LYS D 589 32.45 33.33 44.61
CA LYS D 589 32.27 31.96 44.13
C LYS D 589 31.57 31.12 45.18
N LEU D 590 30.54 30.39 44.76
CA LEU D 590 29.77 29.52 45.63
C LEU D 590 29.52 28.19 44.92
N ASN D 591 29.32 27.14 45.70
CA ASN D 591 28.99 25.82 45.19
C ASN D 591 27.67 25.37 45.78
N VAL D 592 26.78 24.87 44.92
CA VAL D 592 25.46 24.42 45.31
C VAL D 592 25.31 22.97 44.88
N THR D 593 24.92 22.11 45.83
CA THR D 593 24.74 20.69 45.57
C THR D 593 23.34 20.28 45.97
N SER D 594 22.74 19.37 45.22
CA SER D 594 21.40 18.88 45.51
C SER D 594 21.04 17.80 44.51
N THR D 595 19.96 17.07 44.82
CA THR D 595 19.41 16.12 43.88
C THR D 595 18.67 16.80 42.73
N TRP D 596 18.28 18.06 42.92
CA TRP D 596 17.62 18.84 41.88
C TRP D 596 16.34 18.17 41.40
N ASN D 597 15.58 17.61 42.33
CA ASN D 597 14.25 17.11 42.02
C ASN D 597 13.32 18.32 41.86
N LEU D 598 12.93 18.60 40.63
CA LEU D 598 12.20 19.81 40.31
C LEU D 598 10.70 19.70 40.56
N ALA D 599 10.22 18.53 41.01
CA ALA D 599 8.80 18.35 41.26
C ALA D 599 8.43 18.41 42.73
N SER D 600 9.31 17.98 43.62
CA SER D 600 8.99 17.96 45.04
C SER D 600 8.77 19.39 45.56
N PRO D 601 7.77 19.60 46.42
CA PRO D 601 7.54 20.96 46.93
C PRO D 601 8.71 21.53 47.70
N LEU D 602 9.46 20.69 48.41
CA LEU D 602 10.60 21.14 49.20
C LEU D 602 11.89 20.67 48.54
N LEU D 603 12.82 21.59 48.36
CA LEU D 603 14.13 21.28 47.77
C LEU D 603 15.22 21.53 48.81
N SER D 604 16.03 20.50 49.05
CA SER D 604 17.14 20.59 49.99
C SER D 604 18.43 20.77 49.21
N VAL D 605 19.18 21.82 49.54
CA VAL D 605 20.42 22.14 48.84
C VAL D 605 21.52 22.39 49.87
N SER D 606 22.76 22.31 49.41
CA SER D 606 23.92 22.59 50.23
C SER D 606 24.77 23.63 49.49
N VAL D 607 24.86 24.82 50.07
CA VAL D 607 25.64 25.91 49.50
C VAL D 607 26.88 26.08 50.36
N ASP D 608 28.03 25.72 49.81
CA ASP D 608 29.31 25.79 50.53
C ASP D 608 29.22 25.06 51.88
N GLY D 609 28.57 23.90 51.86
CA GLY D 609 28.42 23.09 53.04
C GLY D 609 27.29 23.48 53.96
N THR D 610 26.70 24.66 53.76
CA THR D 610 25.58 25.09 54.59
C THR D 610 24.30 24.54 54.01
N GLN D 611 23.52 23.83 54.83
CA GLN D 611 22.30 23.20 54.35
C GLN D 611 21.16 24.21 54.34
N ARG D 612 20.38 24.23 53.27
CA ARG D 612 19.24 25.10 53.12
C ARG D 612 18.06 24.32 52.57
N THR D 613 16.87 24.71 53.00
CA THR D 613 15.62 24.17 52.47
C THR D 613 14.86 25.32 51.81
N VAL D 614 14.55 25.16 50.53
CA VAL D 614 13.95 26.22 49.75
C VAL D 614 12.72 25.67 49.06
N GLN D 615 11.77 26.57 48.77
CA GLN D 615 10.56 26.21 48.04
C GLN D 615 10.44 27.05 46.79
N CYS D 616 10.03 26.43 45.69
CA CYS D 616 9.80 27.15 44.44
C CYS D 616 8.29 27.31 44.28
N LEU D 617 7.78 28.49 44.66
CA LEU D 617 6.34 28.68 44.67
C LEU D 617 5.76 28.86 43.28
N SER D 618 6.54 29.41 42.35
CA SER D 618 6.04 29.61 40.99
C SER D 618 7.20 30.10 40.12
N ARG D 619 7.06 29.88 38.82
CA ARG D 619 8.03 30.35 37.84
C ARG D 619 7.32 30.53 36.52
N GLU D 620 7.93 31.34 35.64
CA GLU D 620 7.35 31.66 34.35
C GLU D 620 8.43 31.62 33.29
N ALA D 621 8.00 31.37 32.05
CA ALA D 621 8.94 31.39 30.93
C ALA D 621 9.61 32.74 30.78
N GLY D 622 8.92 33.82 31.20
CA GLY D 622 9.51 35.14 31.10
C GLY D 622 10.76 35.29 31.94
N GLY D 623 10.80 34.65 33.10
CA GLY D 623 11.97 34.72 33.96
C GLY D 623 11.64 34.99 35.41
N ASN D 624 10.38 35.31 35.69
CA ASN D 624 9.96 35.55 37.06
C ASN D 624 9.99 34.25 37.86
N MET D 625 10.35 34.37 39.14
CA MET D 625 10.41 33.21 40.02
C MET D 625 10.18 33.64 41.45
N SER D 626 9.32 32.92 42.15
CA SER D 626 9.05 33.16 43.56
C SER D 626 9.69 32.04 44.37
N ILE D 627 10.57 32.40 45.29
CA ILE D 627 11.35 31.44 46.05
C ILE D 627 11.14 31.70 47.54
N GLN D 628 10.71 30.69 48.27
CA GLN D 628 10.67 30.74 49.72
C GLN D 628 12.02 30.31 50.26
N PHE D 629 12.72 31.26 50.89
CA PHE D 629 14.05 31.08 51.45
C PHE D 629 14.04 31.69 52.84
N LEU D 630 14.51 30.91 53.83
CA LEU D 630 14.52 31.37 55.22
C LEU D 630 13.15 31.88 55.63
N GLY D 631 12.09 31.24 55.13
CA GLY D 631 10.74 31.57 55.50
C GLY D 631 10.14 32.77 54.79
N THR D 632 10.90 33.47 53.96
CA THR D 632 10.40 34.64 53.25
C THR D 632 10.35 34.36 51.76
N VAL D 633 9.35 34.92 51.10
CA VAL D 633 9.12 34.71 49.67
C VAL D 633 9.71 35.89 48.92
N TYR D 634 10.73 35.63 48.12
CA TYR D 634 11.40 36.64 47.31
C TYR D 634 11.05 36.44 45.85
N LYS D 635 10.81 37.55 45.15
CA LYS D 635 10.53 37.54 43.72
C LYS D 635 11.79 37.97 42.98
N VAL D 636 12.33 37.07 42.18
CA VAL D 636 13.51 37.36 41.38
C VAL D 636 13.12 37.28 39.90
N ASN D 637 13.88 37.98 39.07
CA ASN D 637 13.68 37.91 37.62
C ASN D 637 15.00 37.53 36.97
N ILE D 638 15.04 36.40 36.29
CA ILE D 638 16.27 35.87 35.72
C ILE D 638 16.18 35.95 34.20
N LEU D 639 17.19 36.56 33.59
CA LEU D 639 17.29 36.61 32.14
C LEU D 639 18.69 36.21 31.72
N THR D 640 18.82 35.74 30.49
CA THR D 640 20.14 35.54 29.94
C THR D 640 20.78 36.90 29.65
N ARG D 641 22.11 36.90 29.52
CA ARG D 641 22.82 38.15 29.30
C ARG D 641 22.34 38.83 28.03
N LEU D 642 22.22 38.08 26.94
CA LEU D 642 21.74 38.65 25.69
C LEU D 642 20.30 39.13 25.82
N ALA D 643 19.45 38.35 26.48
CA ALA D 643 18.07 38.77 26.69
C ALA D 643 18.01 40.02 27.54
N ALA D 644 18.84 40.10 28.58
CA ALA D 644 18.88 41.30 29.40
C ALA D 644 19.30 42.52 28.58
N GLU D 645 20.31 42.35 27.73
CA GLU D 645 20.75 43.46 26.90
C GLU D 645 19.65 43.92 25.96
N LEU D 646 18.98 42.97 25.30
CA LEU D 646 17.91 43.33 24.38
C LEU D 646 16.70 43.91 25.10
N ASN D 647 16.50 43.58 26.37
CA ASN D 647 15.36 44.10 27.09
C ASN D 647 15.41 45.61 27.25
N LYS D 648 16.58 46.22 27.09
CA LYS D 648 16.69 47.66 27.27
C LYS D 648 15.88 48.46 26.25
N PHE D 649 15.56 47.86 25.10
CA PHE D 649 14.78 48.53 24.07
C PHE D 649 13.27 48.41 24.28
N MET D 650 12.84 47.66 25.29
CA MET D 650 11.41 47.49 25.56
C MET D 650 10.86 48.69 26.29
N LEU D 651 9.68 49.14 25.87
CA LEU D 651 9.05 50.31 26.47
C LEU D 651 8.29 49.91 27.72
N GLU D 652 8.45 50.71 28.78
CA GLU D 652 7.69 50.49 30.00
C GLU D 652 6.22 50.76 29.73
N LYS D 653 5.37 49.83 30.14
CA LYS D 653 3.94 49.92 29.87
C LYS D 653 3.24 50.74 30.94
N VAL D 654 2.02 51.19 30.62
CA VAL D 654 1.27 52.03 31.54
C VAL D 654 0.99 51.28 32.84
N THR D 655 0.52 50.05 32.74
CA THR D 655 0.27 49.14 33.85
C THR D 655 -0.93 49.57 34.70
N GLU D 656 -1.66 50.62 34.32
CA GLU D 656 -2.76 51.11 35.12
C GLU D 656 -3.95 50.16 35.01
N ASP D 657 -4.24 49.43 36.10
CA ASP D 657 -5.39 48.53 36.17
C ASP D 657 -5.89 48.52 37.62
N THR D 658 -6.88 49.37 37.89
CA THR D 658 -7.42 49.49 39.24
C THR D 658 -8.36 48.33 39.53
N SER D 659 -8.06 47.59 40.61
CA SER D 659 -8.91 46.50 41.08
C SER D 659 -9.87 46.95 42.17
N SER D 660 -9.87 48.23 42.54
CA SER D 660 -10.76 48.70 43.58
C SER D 660 -12.22 48.56 43.18
N VAL D 661 -12.54 48.88 41.93
CA VAL D 661 -13.92 48.79 41.47
C VAL D 661 -14.26 47.36 41.11
N LEU D 662 -15.40 46.88 41.62
CA LEU D 662 -15.89 45.55 41.33
C LEU D 662 -17.19 45.67 40.54
N ARG D 663 -17.23 45.01 39.37
CA ARG D 663 -18.33 45.12 38.42
C ARG D 663 -18.89 43.74 38.12
N SER D 664 -20.09 43.74 37.55
CA SER D 664 -20.77 42.49 37.24
C SER D 664 -20.15 41.84 36.01
N PRO D 665 -19.76 40.56 36.09
CA PRO D 665 -19.19 39.91 34.89
C PRO D 665 -20.23 39.50 33.86
N MET D 666 -21.39 39.05 34.30
CA MET D 666 -22.40 38.52 33.38
C MET D 666 -23.78 39.02 33.82
N PRO D 667 -24.74 39.05 32.89
CA PRO D 667 -26.10 39.45 33.27
C PRO D 667 -26.70 38.46 34.27
N GLY D 668 -27.54 38.99 35.14
CA GLY D 668 -28.16 38.15 36.15
C GLY D 668 -28.93 39.01 37.15
N VAL D 669 -29.35 38.36 38.23
CA VAL D 669 -30.10 39.02 39.30
C VAL D 669 -29.29 38.90 40.59
N VAL D 670 -29.14 40.02 41.30
CA VAL D 670 -28.37 40.03 42.53
C VAL D 670 -29.17 39.33 43.62
N VAL D 671 -28.71 38.13 44.01
CA VAL D 671 -29.40 37.37 45.05
C VAL D 671 -29.24 38.08 46.39
N ALA D 672 -28.00 38.48 46.72
CA ALA D 672 -27.74 39.12 48.00
C ALA D 672 -26.44 39.91 47.90
N VAL D 673 -26.30 40.87 48.82
CA VAL D 673 -25.09 41.68 48.95
C VAL D 673 -24.58 41.51 50.37
N SER D 674 -23.32 41.10 50.51
CA SER D 674 -22.75 40.78 51.81
C SER D 674 -21.94 41.92 52.42
N VAL D 675 -21.87 43.07 51.75
CA VAL D 675 -21.07 44.19 52.25
C VAL D 675 -21.90 45.47 52.21
N LYS D 676 -21.56 46.39 53.10
CA LYS D 676 -22.15 47.72 53.16
C LYS D 676 -21.03 48.74 53.26
N PRO D 677 -21.30 50.00 52.92
CA PRO D 677 -20.25 51.01 52.98
C PRO D 677 -19.62 51.07 54.37
N GLY D 678 -18.29 51.19 54.40
CA GLY D 678 -17.55 51.20 55.64
C GLY D 678 -17.15 49.84 56.17
N ASP D 679 -17.63 48.76 55.55
CA ASP D 679 -17.27 47.42 55.99
C ASP D 679 -15.89 47.03 55.49
N ALA D 680 -15.24 46.13 56.23
CA ALA D 680 -13.91 45.64 55.88
C ALA D 680 -14.04 44.34 55.10
N VAL D 681 -13.38 44.28 53.95
CA VAL D 681 -13.42 43.12 53.07
C VAL D 681 -11.99 42.64 52.83
N ALA D 682 -11.76 41.36 53.10
CA ALA D 682 -10.47 40.76 52.80
C ALA D 682 -10.45 40.26 51.35
N GLU D 683 -9.25 40.21 50.78
CA GLU D 683 -9.10 39.73 49.42
C GLU D 683 -9.66 38.32 49.29
N GLY D 684 -10.43 38.08 48.24
CA GLY D 684 -11.11 36.81 48.06
C GLY D 684 -12.40 36.67 48.84
N GLN D 685 -12.84 37.71 49.54
CA GLN D 685 -14.07 37.65 50.30
C GLN D 685 -15.24 38.05 49.42
N GLU D 686 -16.33 37.29 49.52
CA GLU D 686 -17.50 37.56 48.67
C GLU D 686 -18.08 38.93 48.98
N ILE D 687 -18.39 39.68 47.93
CA ILE D 687 -19.07 40.96 48.05
C ILE D 687 -20.55 40.85 47.72
N CYS D 688 -20.88 40.09 46.69
CA CYS D 688 -22.27 39.87 46.30
C CYS D 688 -22.36 38.58 45.51
N VAL D 689 -23.58 38.07 45.37
CA VAL D 689 -23.86 36.86 44.61
C VAL D 689 -24.84 37.20 43.51
N ILE D 690 -24.54 36.75 42.29
CA ILE D 690 -25.38 37.00 41.12
C ILE D 690 -25.85 35.66 40.58
N GLU D 691 -27.15 35.55 40.32
CA GLU D 691 -27.78 34.34 39.83
C GLU D 691 -28.09 34.50 38.35
N ALA D 692 -27.75 33.48 37.56
CA ALA D 692 -28.06 33.43 36.14
C ALA D 692 -28.10 31.97 35.72
N MET D 693 -29.24 31.53 35.19
CA MET D 693 -29.43 30.13 34.80
C MET D 693 -29.30 29.20 36.00
N LYS D 694 -29.73 29.80 37.18
CA LYS D 694 -29.69 29.09 38.45
C LYS D 694 -28.33 28.42 38.68
N MET D 695 -27.17 29.27 38.82
CA MET D 695 -25.81 28.86 39.12
C MET D 695 -25.20 29.63 40.29
N GLN D 696 -25.91 30.60 40.85
CA GLN D 696 -25.46 31.30 42.06
C GLN D 696 -24.01 31.76 41.94
N ASN D 697 -23.74 32.56 40.91
CA ASN D 697 -22.39 33.06 40.69
C ASN D 697 -21.99 33.99 41.83
N SER D 698 -20.72 33.90 42.23
CA SER D 698 -20.21 34.62 43.38
C SER D 698 -19.16 35.64 42.94
N MET D 699 -19.33 36.89 43.38
CA MET D 699 -18.36 37.94 43.13
C MET D 699 -17.49 38.13 44.37
N THR D 700 -16.17 38.21 44.16
CA THR D 700 -15.21 38.28 45.26
C THR D 700 -14.50 39.62 45.24
N ALA D 701 -14.14 40.07 46.44
CA ALA D 701 -13.40 41.33 46.57
C ALA D 701 -12.02 41.21 45.93
N GLY D 702 -11.64 42.22 45.18
CA GLY D 702 -10.36 42.20 44.50
C GLY D 702 -9.18 42.24 45.47
N LYS D 703 -9.33 42.98 46.56
CA LYS D 703 -8.25 43.16 47.52
C LYS D 703 -8.85 43.50 48.88
N THR D 704 -8.02 43.37 49.91
CA THR D 704 -8.43 43.76 51.25
C THR D 704 -8.67 45.27 51.31
N GLY D 705 -9.75 45.67 51.95
CA GLY D 705 -10.08 47.08 52.04
C GLY D 705 -11.46 47.29 52.62
N THR D 706 -12.00 48.47 52.35
CA THR D 706 -13.31 48.87 52.84
C THR D 706 -14.22 49.19 51.66
N VAL D 707 -15.51 49.38 51.95
CA VAL D 707 -16.49 49.65 50.92
C VAL D 707 -16.72 51.16 50.87
N LYS D 708 -16.14 51.82 49.86
CA LYS D 708 -16.43 53.23 49.65
C LYS D 708 -17.90 53.44 49.31
N SER D 709 -18.45 52.57 48.47
CA SER D 709 -19.85 52.70 48.07
C SER D 709 -20.34 51.37 47.51
N VAL D 710 -21.61 51.07 47.76
CA VAL D 710 -22.28 49.90 47.22
C VAL D 710 -23.32 50.38 46.22
N HIS D 711 -23.13 50.01 44.95
CA HIS D 711 -23.99 50.48 43.87
C HIS D 711 -25.06 49.47 43.48
N CYS D 712 -25.19 48.37 44.22
CA CYS D 712 -26.11 47.31 43.87
C CYS D 712 -26.99 46.96 45.07
N GLN D 713 -28.18 46.43 44.76
CA GLN D 713 -29.13 46.00 45.76
C GLN D 713 -29.68 44.62 45.39
N ALA D 714 -30.12 43.88 46.39
CA ALA D 714 -30.67 42.56 46.16
C ALA D 714 -31.94 42.65 45.32
N GLY D 715 -32.10 41.69 44.40
CA GLY D 715 -33.24 41.65 43.53
C GLY D 715 -33.15 42.54 42.31
N ASP D 716 -32.02 43.18 42.06
CA ASP D 716 -31.84 44.07 40.92
C ASP D 716 -31.18 43.31 39.79
N THR D 717 -31.71 43.48 38.57
CA THR D 717 -31.19 42.80 37.39
C THR D 717 -29.99 43.58 36.86
N VAL D 718 -28.78 43.11 37.20
CA VAL D 718 -27.57 43.76 36.75
C VAL D 718 -27.18 43.25 35.36
N GLY D 719 -26.30 44.00 34.69
CA GLY D 719 -25.80 43.62 33.40
C GLY D 719 -24.28 43.56 33.39
N GLU D 720 -23.74 42.97 32.33
CA GLU D 720 -22.30 42.83 32.22
C GLU D 720 -21.64 44.21 32.17
N GLY D 721 -20.46 44.30 32.78
CA GLY D 721 -19.76 45.58 32.84
C GLY D 721 -20.50 46.64 33.60
N ASP D 722 -21.21 46.26 34.65
CA ASP D 722 -21.96 47.18 35.49
C ASP D 722 -21.31 47.27 36.86
N LEU D 723 -21.05 48.49 37.31
CA LEU D 723 -20.41 48.69 38.61
C LEU D 723 -21.28 48.10 39.71
N LEU D 724 -20.65 47.31 40.59
CA LEU D 724 -21.33 46.70 41.71
C LEU D 724 -20.90 47.29 43.05
N VAL D 725 -19.60 47.52 43.25
CA VAL D 725 -19.09 48.05 44.51
C VAL D 725 -17.77 48.78 44.25
N GLU D 726 -17.40 49.63 45.19
CA GLU D 726 -16.12 50.34 45.14
C GLU D 726 -15.34 50.05 46.42
N LEU D 727 -14.06 49.76 46.26
CA LEU D 727 -13.15 49.57 47.38
C LEU D 727 -12.06 50.63 47.32
N GLU D 728 -11.58 51.05 48.50
CA GLU D 728 -10.53 52.06 48.55
C GLU D 728 -9.24 51.52 47.96
N THR E 33 -55.19 -17.72 18.10
CA THR E 33 -54.88 -17.51 16.69
C THR E 33 -53.53 -18.13 16.32
N SER E 34 -53.40 -18.54 15.06
CA SER E 34 -52.16 -19.12 14.60
C SER E 34 -51.09 -18.05 14.47
N VAL E 35 -49.85 -18.51 14.28
CA VAL E 35 -48.73 -17.58 14.13
C VAL E 35 -48.91 -16.73 12.88
N ASN E 36 -49.39 -17.33 11.80
CA ASN E 36 -49.58 -16.58 10.56
C ASN E 36 -50.50 -15.40 10.79
N GLU E 37 -51.66 -15.64 11.43
CA GLU E 37 -52.63 -14.58 11.63
C GLU E 37 -52.05 -13.45 12.47
N ARG E 38 -51.29 -13.80 13.51
CA ARG E 38 -50.61 -12.76 14.28
C ARG E 38 -49.63 -11.99 13.40
N ILE E 39 -49.04 -12.67 12.41
CA ILE E 39 -48.15 -11.98 11.48
C ILE E 39 -48.91 -10.95 10.66
N GLU E 40 -50.06 -11.33 10.10
CA GLU E 40 -50.84 -10.33 9.37
C GLU E 40 -51.28 -9.19 10.28
N ASN E 41 -51.66 -9.52 11.51
CA ASN E 41 -52.08 -8.47 12.44
C ASN E 41 -50.95 -7.49 12.69
N LYS E 42 -49.74 -7.99 12.91
CA LYS E 42 -48.61 -7.11 13.13
C LYS E 42 -48.28 -6.29 11.89
N ARG E 43 -48.34 -6.91 10.71
CA ARG E 43 -48.10 -6.16 9.47
C ARG E 43 -49.09 -5.01 9.34
N ARG E 44 -50.38 -5.31 9.52
CA ARG E 44 -51.41 -4.30 9.39
C ARG E 44 -51.24 -3.18 10.41
N THR E 45 -50.94 -3.54 11.66
CA THR E 45 -50.73 -2.52 12.68
C THR E 45 -49.54 -1.64 12.34
N ALA E 46 -48.44 -2.26 11.90
CA ALA E 46 -47.24 -1.48 11.57
C ALA E 46 -47.51 -0.54 10.41
N LEU E 47 -48.25 -0.99 9.40
CA LEU E 47 -48.52 -0.14 8.25
C LEU E 47 -49.27 1.12 8.63
N LEU E 48 -50.00 1.11 9.75
CA LEU E 48 -50.75 2.27 10.20
C LEU E 48 -49.98 3.14 11.19
N GLY E 49 -48.80 2.71 11.60
CA GLY E 49 -48.02 3.51 12.53
C GLY E 49 -48.74 3.68 13.86
N GLY E 50 -49.01 4.92 14.23
CA GLY E 50 -49.61 5.26 15.49
C GLY E 50 -51.13 5.26 15.53
N GLY E 51 -51.78 4.82 14.47
CA GLY E 51 -53.22 4.76 14.44
C GLY E 51 -53.83 5.72 13.44
N GLN E 52 -55.06 5.42 13.02
CA GLN E 52 -55.71 6.21 11.99
C GLN E 52 -56.00 7.63 12.45
N ARG E 53 -56.41 7.79 13.72
CA ARG E 53 -56.67 9.13 14.22
C ARG E 53 -55.40 9.97 14.24
N ARG E 54 -54.27 9.37 14.62
CA ARG E 54 -53.00 10.07 14.55
C ARG E 54 -52.67 10.45 13.12
N ILE E 55 -52.94 9.56 12.16
CA ILE E 55 -52.68 9.87 10.76
C ILE E 55 -53.52 11.04 10.31
N ASP E 56 -54.80 11.08 10.71
CA ASP E 56 -55.65 12.20 10.35
C ASP E 56 -55.14 13.49 10.96
N ALA E 57 -54.73 13.45 12.23
CA ALA E 57 -54.17 14.65 12.85
C ALA E 57 -52.93 15.12 12.09
N GLN E 58 -52.10 14.18 11.65
CA GLN E 58 -50.93 14.53 10.85
C GLN E 58 -51.36 15.21 9.56
N HIS E 59 -52.37 14.65 8.88
CA HIS E 59 -52.79 15.21 7.60
C HIS E 59 -53.38 16.60 7.75
N LYS E 60 -54.18 16.85 8.79
CA LYS E 60 -54.76 18.17 8.96
C LYS E 60 -53.70 19.24 9.20
N ARG E 61 -52.54 18.85 9.70
CA ARG E 61 -51.43 19.81 9.78
C ARG E 61 -50.83 20.11 8.42
N GLY E 62 -51.22 19.39 7.38
CA GLY E 62 -50.63 19.56 6.08
C GLY E 62 -49.40 18.73 5.84
N LYS E 63 -49.21 17.66 6.60
CA LYS E 63 -48.02 16.83 6.50
C LYS E 63 -48.41 15.41 6.10
N LEU E 64 -47.50 14.75 5.38
CA LEU E 64 -47.68 13.37 4.99
C LEU E 64 -47.13 12.43 6.05
N THR E 65 -47.58 11.18 6.03
CA THR E 65 -47.02 10.17 6.90
C THR E 65 -45.67 9.71 6.36
N ALA E 66 -44.93 9.00 7.21
CA ALA E 66 -43.60 8.56 6.82
C ALA E 66 -43.65 7.63 5.61
N ARG E 67 -44.57 6.68 5.62
CA ARG E 67 -44.66 5.74 4.51
C ARG E 67 -45.09 6.41 3.23
N GLU E 68 -45.99 7.39 3.32
CA GLU E 68 -46.36 8.15 2.13
C GLU E 68 -45.17 8.92 1.57
N ARG E 69 -44.36 9.51 2.45
CA ARG E 69 -43.17 10.21 2.00
C ARG E 69 -42.22 9.25 1.29
N ILE E 70 -42.00 8.07 1.87
CA ILE E 70 -41.13 7.09 1.23
C ILE E 70 -41.68 6.70 -0.13
N SER E 71 -42.99 6.48 -0.22
CA SER E 71 -43.59 6.12 -1.50
C SER E 71 -43.36 7.20 -2.54
N LEU E 72 -43.52 8.47 -2.14
CA LEU E 72 -43.29 9.56 -3.09
C LEU E 72 -41.83 9.65 -3.50
N LEU E 73 -40.90 9.39 -2.58
CA LEU E 73 -39.49 9.62 -2.86
C LEU E 73 -38.89 8.56 -3.78
N LEU E 74 -39.24 7.30 -3.58
CA LEU E 74 -38.58 6.20 -4.26
C LEU E 74 -39.28 5.83 -5.56
N ASP E 75 -38.57 5.09 -6.39
CA ASP E 75 -39.16 4.56 -7.61
C ASP E 75 -40.28 3.58 -7.25
N PRO E 76 -41.39 3.58 -7.99
CA PRO E 76 -42.51 2.71 -7.63
C PRO E 76 -42.07 1.25 -7.57
N GLY E 77 -42.51 0.55 -6.52
CA GLY E 77 -42.23 -0.86 -6.38
C GLY E 77 -40.79 -1.21 -6.09
N SER E 78 -39.97 -0.24 -5.68
CA SER E 78 -38.56 -0.50 -5.40
C SER E 78 -38.23 -0.50 -3.93
N PHE E 79 -39.14 -0.08 -3.06
CA PHE E 79 -38.85 0.02 -1.63
C PHE E 79 -38.82 -1.35 -1.00
N VAL E 80 -37.69 -1.69 -0.38
CA VAL E 80 -37.54 -2.88 0.44
C VAL E 80 -37.33 -2.42 1.87
N GLU E 81 -38.27 -2.75 2.75
CA GLU E 81 -38.24 -2.31 4.14
C GLU E 81 -37.46 -3.28 4.99
N SER E 82 -36.90 -2.77 6.09
CA SER E 82 -36.11 -3.56 7.01
C SER E 82 -36.58 -3.31 8.43
N ASP E 83 -36.70 -4.38 9.23
CA ASP E 83 -37.01 -4.28 10.65
C ASP E 83 -38.41 -3.71 10.88
N MET E 84 -39.40 -4.33 10.22
CA MET E 84 -40.78 -3.90 10.43
C MET E 84 -41.25 -4.20 11.85
N PHE E 85 -40.87 -5.35 12.39
CA PHE E 85 -41.41 -5.84 13.65
C PHE E 85 -40.60 -5.42 14.87
N VAL E 86 -39.56 -4.61 14.69
CA VAL E 86 -38.75 -4.18 15.82
C VAL E 86 -39.58 -3.31 16.74
N GLU E 87 -39.50 -3.57 18.04
CA GLU E 87 -40.23 -2.83 19.05
C GLU E 87 -39.28 -2.38 20.15
N HIS E 88 -39.66 -1.30 20.82
CA HIS E 88 -38.85 -0.79 21.92
C HIS E 88 -38.86 -1.77 23.08
N ARG E 89 -37.79 -1.74 23.88
CA ARG E 89 -37.62 -2.66 25.00
C ARG E 89 -37.69 -1.94 26.35
N CYS E 90 -38.20 -0.73 26.39
CA CYS E 90 -38.33 -0.01 27.65
C CYS E 90 -39.33 -0.69 28.55
N ALA E 91 -39.05 -0.71 29.85
CA ALA E 91 -39.91 -1.35 30.83
C ALA E 91 -40.25 -0.43 32.00
N ASP E 92 -39.99 0.86 31.89
CA ASP E 92 -40.24 1.81 32.96
C ASP E 92 -41.46 2.67 32.65
N PHE E 93 -42.07 3.20 33.71
CA PHE E 93 -43.21 4.11 33.59
C PHE E 93 -44.32 3.48 32.76
N GLY E 94 -44.56 2.19 32.96
CA GLY E 94 -45.63 1.53 32.25
C GLY E 94 -45.42 1.42 30.75
N MET E 95 -44.18 1.55 30.28
CA MET E 95 -43.90 1.45 28.86
C MET E 95 -44.02 0.04 28.34
N ALA E 96 -44.08 -0.96 29.21
CA ALA E 96 -44.19 -2.35 28.78
C ALA E 96 -45.63 -2.78 28.52
N ALA E 97 -46.60 -1.90 28.76
CA ALA E 97 -47.99 -2.23 28.48
C ALA E 97 -48.20 -2.44 26.99
N ASP E 98 -49.11 -3.36 26.66
CA ASP E 98 -49.36 -3.69 25.26
C ASP E 98 -49.78 -2.46 24.45
N LYS E 99 -50.50 -1.53 25.08
CA LYS E 99 -50.90 -0.31 24.38
C LYS E 99 -49.73 0.61 24.09
N ASN E 100 -48.56 0.36 24.68
CA ASN E 100 -47.37 1.16 24.43
C ASN E 100 -46.39 0.45 23.51
N LYS E 101 -46.79 -0.65 22.89
CA LYS E 101 -45.93 -1.41 21.98
C LYS E 101 -46.39 -1.16 20.55
N PHE E 102 -45.49 -0.59 19.74
CA PHE E 102 -45.77 -0.32 18.33
C PHE E 102 -44.74 -1.03 17.47
N PRO E 103 -45.13 -1.92 16.57
CA PRO E 103 -44.15 -2.52 15.65
C PRO E 103 -43.55 -1.45 14.75
N GLY E 104 -42.22 -1.41 14.72
CA GLY E 104 -41.51 -0.40 13.94
C GLY E 104 -40.97 0.72 14.80
N ASP E 105 -41.77 1.16 15.77
CA ASP E 105 -41.35 2.11 16.79
C ASP E 105 -40.87 3.42 16.17
N SER E 106 -41.78 4.08 15.48
CA SER E 106 -41.64 5.48 15.09
C SER E 106 -40.52 5.73 14.10
N VAL E 107 -40.15 4.75 13.27
CA VAL E 107 -39.21 4.99 12.20
C VAL E 107 -39.34 3.87 11.18
N VAL E 108 -39.33 4.23 9.91
CA VAL E 108 -39.40 3.29 8.80
C VAL E 108 -38.09 3.38 8.03
N THR E 109 -37.40 2.26 7.92
CA THR E 109 -36.08 2.24 7.30
C THR E 109 -36.03 1.18 6.21
N GLY E 110 -35.21 1.43 5.20
CA GLY E 110 -35.04 0.45 4.14
C GLY E 110 -34.20 1.00 3.03
N ARG E 111 -34.30 0.35 1.87
CA ARG E 111 -33.58 0.76 0.68
C ARG E 111 -34.53 0.86 -0.49
N GLY E 112 -34.08 1.54 -1.53
CA GLY E 112 -34.87 1.71 -2.72
C GLY E 112 -34.01 2.21 -3.87
N ARG E 113 -34.68 2.63 -4.92
CA ARG E 113 -33.99 3.15 -6.10
C ARG E 113 -34.59 4.47 -6.51
N ILE E 114 -33.72 5.40 -6.88
CA ILE E 114 -34.11 6.66 -7.50
C ILE E 114 -33.54 6.68 -8.90
N ASN E 115 -34.42 6.71 -9.90
CA ASN E 115 -34.00 6.66 -11.30
C ASN E 115 -33.06 5.49 -11.55
N GLY E 116 -33.29 4.39 -10.84
CA GLY E 116 -32.52 3.18 -11.01
C GLY E 116 -31.28 3.07 -10.17
N ARG E 117 -30.92 4.10 -9.41
CA ARG E 117 -29.72 4.07 -8.58
C ARG E 117 -30.09 3.74 -7.14
N LEU E 118 -29.29 2.88 -6.52
CA LEU E 118 -29.56 2.41 -5.17
C LEU E 118 -29.43 3.54 -4.15
N VAL E 119 -30.26 3.50 -3.12
CA VAL E 119 -30.21 4.47 -2.04
C VAL E 119 -30.80 3.84 -0.79
N TYR E 120 -30.33 4.30 0.37
CA TYR E 120 -30.85 3.87 1.65
C TYR E 120 -31.55 5.03 2.33
N VAL E 121 -32.72 4.76 2.91
CA VAL E 121 -33.59 5.81 3.40
C VAL E 121 -34.13 5.44 4.77
N PHE E 122 -34.27 6.45 5.63
CA PHE E 122 -35.04 6.32 6.86
C PHE E 122 -35.95 7.52 7.01
N SER E 123 -37.17 7.26 7.49
CA SER E 123 -38.18 8.30 7.67
C SER E 123 -38.75 8.19 9.07
N GLN E 124 -38.75 9.30 9.80
CA GLN E 124 -39.22 9.29 11.18
C GLN E 124 -40.74 9.44 11.23
N ASP E 125 -41.38 8.63 12.07
CA ASP E 125 -42.84 8.56 12.14
C ASP E 125 -43.31 9.37 13.35
N PHE E 126 -43.88 10.54 13.08
CA PHE E 126 -44.31 11.43 14.15
C PHE E 126 -45.49 10.89 14.93
N THR E 127 -46.25 9.96 14.36
CA THR E 127 -47.47 9.47 15.01
C THR E 127 -47.20 8.45 16.12
N VAL E 128 -45.96 8.00 16.28
CA VAL E 128 -45.61 7.05 17.31
C VAL E 128 -44.77 7.78 18.36
N PHE E 129 -45.38 8.04 19.52
CA PHE E 129 -44.69 8.73 20.61
C PHE E 129 -44.10 10.06 20.13
N GLY E 130 -44.84 10.74 19.26
CA GLY E 130 -44.36 12.00 18.72
C GLY E 130 -43.07 11.87 17.94
N GLY E 131 -42.75 10.68 17.46
CA GLY E 131 -41.51 10.48 16.74
C GLY E 131 -40.27 10.51 17.61
N SER E 132 -40.42 10.35 18.92
CA SER E 132 -39.28 10.43 19.82
C SER E 132 -38.31 9.29 19.53
N LEU E 133 -37.02 9.57 19.76
CA LEU E 133 -35.97 8.62 19.45
C LEU E 133 -35.75 7.69 20.65
N SER E 134 -35.84 6.39 20.42
CA SER E 134 -35.62 5.38 21.44
C SER E 134 -34.46 4.49 21.03
N GLY E 135 -34.20 3.46 21.83
CA GLY E 135 -33.13 2.54 21.51
C GLY E 135 -33.35 1.82 20.19
N ALA E 136 -34.56 1.32 19.97
CA ALA E 136 -34.86 0.63 18.71
C ALA E 136 -34.79 1.56 17.52
N HIS E 137 -35.25 2.81 17.70
CA HIS E 137 -35.19 3.79 16.62
C HIS E 137 -33.75 3.99 16.16
N ALA E 138 -32.85 4.29 17.10
CA ALA E 138 -31.44 4.46 16.76
C ALA E 138 -30.84 3.18 16.23
N GLN E 139 -31.26 2.03 16.75
CA GLN E 139 -30.73 0.76 16.25
C GLN E 139 -31.07 0.57 14.78
N LYS E 140 -32.31 0.84 14.40
CA LYS E 140 -32.70 0.70 13.00
C LYS E 140 -31.94 1.67 12.11
N ILE E 141 -31.82 2.93 12.55
CA ILE E 141 -31.10 3.90 11.74
C ILE E 141 -29.64 3.47 11.57
N CYS E 142 -29.02 3.00 12.65
CA CYS E 142 -27.64 2.56 12.57
C CYS E 142 -27.49 1.35 11.66
N LYS E 143 -28.46 0.43 11.69
CA LYS E 143 -28.39 -0.72 10.80
C LYS E 143 -28.38 -0.27 9.34
N ILE E 144 -29.30 0.62 8.98
CA ILE E 144 -29.32 1.05 7.58
C ILE E 144 -28.06 1.81 7.22
N MET E 145 -27.55 2.65 8.13
CA MET E 145 -26.33 3.38 7.85
C MET E 145 -25.15 2.43 7.64
N ASP E 146 -25.04 1.40 8.48
CA ASP E 146 -23.97 0.43 8.32
C ASP E 146 -24.09 -0.31 6.99
N GLN E 147 -25.31 -0.69 6.61
CA GLN E 147 -25.50 -1.34 5.32
C GLN E 147 -25.06 -0.43 4.18
N ALA E 148 -25.46 0.84 4.23
CA ALA E 148 -25.10 1.78 3.17
C ALA E 148 -23.59 1.96 3.08
N ILE E 149 -22.92 2.09 4.22
CA ILE E 149 -21.47 2.22 4.20
C ILE E 149 -20.83 0.94 3.67
N THR E 150 -21.41 -0.21 3.99
CA THR E 150 -20.83 -1.47 3.52
C THR E 150 -20.90 -1.58 2.01
N VAL E 151 -22.04 -1.22 1.41
CA VAL E 151 -22.17 -1.31 -0.04
C VAL E 151 -21.75 -0.05 -0.77
N GLY E 152 -21.69 1.09 -0.08
CA GLY E 152 -21.28 2.32 -0.72
C GLY E 152 -22.40 3.02 -1.47
N ALA E 153 -23.49 3.33 -0.78
CA ALA E 153 -24.61 4.03 -1.36
C ALA E 153 -25.03 5.18 -0.46
N PRO E 154 -25.65 6.21 -1.02
CA PRO E 154 -26.02 7.38 -0.22
C PRO E 154 -27.11 7.05 0.80
N VAL E 155 -27.27 7.95 1.76
CA VAL E 155 -28.28 7.83 2.81
C VAL E 155 -29.12 9.09 2.82
N ILE E 156 -30.43 8.92 2.86
CA ILE E 156 -31.40 10.01 2.93
C ILE E 156 -32.23 9.85 4.18
N GLY E 157 -32.31 10.91 4.98
CA GLY E 157 -33.09 10.88 6.19
C GLY E 157 -34.16 11.93 6.23
N LEU E 158 -35.42 11.50 6.34
CA LEU E 158 -36.56 12.40 6.49
C LEU E 158 -36.83 12.54 7.98
N ASN E 159 -36.58 13.73 8.52
CA ASN E 159 -36.56 13.96 9.95
C ASN E 159 -37.87 14.61 10.38
N ASP E 160 -38.58 13.97 11.30
CA ASP E 160 -39.77 14.54 11.93
C ASP E 160 -39.90 13.87 13.30
N SER E 161 -39.41 14.54 14.34
CA SER E 161 -39.33 13.92 15.65
C SER E 161 -39.29 15.00 16.72
N GLY E 162 -40.01 14.77 17.81
CA GLY E 162 -39.98 15.71 18.92
C GLY E 162 -38.63 15.77 19.62
N GLY E 163 -38.00 14.61 19.79
CA GLY E 163 -36.70 14.57 20.44
C GLY E 163 -36.47 13.19 21.06
N ALA E 164 -35.68 13.19 22.13
CA ALA E 164 -35.35 11.96 22.82
C ALA E 164 -36.56 11.45 23.61
N ARG E 165 -36.69 10.12 23.67
CA ARG E 165 -37.75 9.50 24.46
C ARG E 165 -37.33 9.52 25.92
N ILE E 166 -37.91 10.44 26.69
CA ILE E 166 -37.49 10.63 28.07
C ILE E 166 -37.64 9.36 28.89
N GLN E 167 -38.66 8.54 28.58
CA GLN E 167 -38.89 7.33 29.34
C GLN E 167 -37.71 6.37 29.29
N GLU E 168 -36.92 6.41 28.22
CA GLU E 168 -35.75 5.55 28.10
C GLU E 168 -34.49 6.18 28.66
N GLY E 169 -34.57 7.42 29.16
CA GLY E 169 -33.45 8.04 29.83
C GLY E 169 -32.18 7.96 29.03
N VAL E 170 -31.09 7.65 29.73
CA VAL E 170 -29.77 7.64 29.10
C VAL E 170 -29.76 6.79 27.84
N GLU E 171 -30.60 5.76 27.77
CA GLU E 171 -30.61 4.92 26.58
C GLU E 171 -30.73 5.77 25.32
N SER E 172 -31.72 6.67 25.29
CA SER E 172 -31.90 7.51 24.12
C SER E 172 -30.61 8.25 23.79
N LEU E 173 -29.97 8.85 24.78
CA LEU E 173 -28.72 9.56 24.54
C LEU E 173 -27.75 8.67 23.81
N ALA E 174 -27.54 7.45 24.31
CA ALA E 174 -26.61 6.54 23.67
C ALA E 174 -26.94 6.40 22.19
N GLY E 175 -28.21 6.14 21.88
CA GLY E 175 -28.58 5.97 20.48
C GLY E 175 -28.16 7.16 19.65
N TYR E 176 -28.43 8.37 20.15
CA TYR E 176 -28.03 9.56 19.40
C TYR E 176 -26.55 9.51 19.08
N ALA E 177 -25.72 9.24 20.08
CA ALA E 177 -24.29 9.16 19.84
C ALA E 177 -23.98 8.11 18.79
N ASP E 178 -24.62 6.94 18.90
CA ASP E 178 -24.37 5.90 17.91
C ASP E 178 -24.63 6.41 16.51
N ILE E 179 -25.64 7.25 16.32
CA ILE E 179 -25.87 7.85 15.02
C ILE E 179 -24.76 8.83 14.70
N PHE E 180 -24.46 9.72 15.63
CA PHE E 180 -23.49 10.79 15.37
C PHE E 180 -22.18 10.20 14.86
N LEU E 181 -21.63 9.23 15.60
CA LEU E 181 -20.38 8.62 15.20
C LEU E 181 -20.45 8.13 13.76
N ARG E 182 -21.51 7.41 13.42
CA ARG E 182 -21.62 6.87 12.07
C ARG E 182 -21.61 8.00 11.05
N ASN E 183 -22.34 9.08 11.33
CA ASN E 183 -22.28 10.24 10.43
C ASN E 183 -20.84 10.66 10.22
N VAL E 184 -20.09 10.85 11.31
CA VAL E 184 -18.72 11.28 11.17
C VAL E 184 -17.90 10.24 10.43
N THR E 185 -18.19 8.96 10.66
CA THR E 185 -17.45 7.93 9.93
C THR E 185 -17.82 7.92 8.46
N ALA E 186 -19.03 8.31 8.11
CA ALA E 186 -19.47 8.29 6.72
C ALA E 186 -19.12 9.57 5.98
N SER E 187 -18.72 10.63 6.69
CA SER E 187 -18.42 11.89 6.04
C SER E 187 -17.29 11.70 5.03
N GLY E 188 -17.55 12.10 3.78
CA GLY E 188 -16.59 11.95 2.72
C GLY E 188 -16.53 10.57 2.10
N VAL E 189 -17.33 9.62 2.57
CA VAL E 189 -17.37 8.27 2.03
C VAL E 189 -18.61 8.07 1.17
N ILE E 190 -19.78 8.39 1.70
CA ILE E 190 -21.03 8.33 0.96
C ILE E 190 -21.81 9.61 1.21
N PRO E 191 -22.46 10.18 0.20
CA PRO E 191 -23.25 11.39 0.44
C PRO E 191 -24.37 11.13 1.43
N GLN E 192 -24.64 12.13 2.27
CA GLN E 192 -25.72 12.05 3.25
C GLN E 192 -26.61 13.27 3.09
N ILE E 193 -27.91 13.05 3.01
CA ILE E 193 -28.87 14.13 2.79
C ILE E 193 -29.93 14.06 3.88
N SER E 194 -30.28 15.22 4.41
CA SER E 194 -31.30 15.35 5.44
C SER E 194 -32.40 16.27 4.96
N LEU E 195 -33.65 15.85 5.15
CA LEU E 195 -34.81 16.66 4.82
C LEU E 195 -35.65 16.82 6.09
N ILE E 196 -35.68 18.03 6.63
CA ILE E 196 -36.44 18.33 7.84
C ILE E 196 -37.88 18.61 7.43
N MET E 197 -38.80 17.72 7.84
CA MET E 197 -40.19 17.81 7.42
C MET E 197 -41.14 17.98 8.59
N GLY E 198 -40.63 18.28 9.78
CA GLY E 198 -41.47 18.47 10.94
C GLY E 198 -40.69 19.06 12.09
N PRO E 199 -41.25 18.99 13.29
CA PRO E 199 -40.53 19.45 14.47
C PRO E 199 -39.24 18.66 14.66
N CYS E 200 -38.20 19.36 15.10
CA CYS E 200 -36.91 18.74 15.35
C CYS E 200 -36.18 19.58 16.39
N ALA E 201 -36.10 19.08 17.63
CA ALA E 201 -35.56 19.83 18.74
C ALA E 201 -34.59 18.98 19.53
N GLY E 202 -33.70 19.66 20.25
CA GLY E 202 -32.74 18.97 21.09
C GLY E 202 -31.59 18.37 20.30
N GLY E 203 -30.93 17.39 20.91
CA GLY E 203 -29.77 16.78 20.28
C GLY E 203 -30.04 16.22 18.91
N ALA E 204 -31.30 15.88 18.62
CA ALA E 204 -31.62 15.36 17.30
C ALA E 204 -31.23 16.32 16.19
N VAL E 205 -31.16 17.62 16.49
CA VAL E 205 -30.79 18.58 15.45
C VAL E 205 -29.35 18.43 14.99
N TYR E 206 -28.51 17.76 15.78
CA TYR E 206 -27.09 17.71 15.43
C TYR E 206 -26.79 16.73 14.31
N SER E 207 -27.54 15.63 14.21
CA SER E 207 -27.31 14.69 13.13
C SER E 207 -27.46 15.35 11.76
N PRO E 208 -28.54 16.09 11.48
CA PRO E 208 -28.61 16.80 10.20
C PRO E 208 -27.45 17.75 10.00
N ALA E 209 -26.98 18.40 11.06
CA ALA E 209 -25.86 19.33 10.92
C ALA E 209 -24.60 18.64 10.43
N LEU E 210 -24.44 17.35 10.75
CA LEU E 210 -23.27 16.61 10.33
C LEU E 210 -23.38 16.07 8.90
N THR E 211 -24.56 16.10 8.31
CA THR E 211 -24.73 15.61 6.95
C THR E 211 -24.29 16.68 5.94
N ASP E 212 -24.21 16.26 4.68
CA ASP E 212 -23.68 17.15 3.64
C ASP E 212 -24.65 18.26 3.28
N PHE E 213 -25.94 17.94 3.16
CA PHE E 213 -26.94 18.92 2.77
C PHE E 213 -28.19 18.76 3.61
N THR E 214 -28.79 19.89 3.96
CA THR E 214 -30.02 19.92 4.76
C THR E 214 -31.07 20.73 4.02
N PHE E 215 -32.25 20.16 3.83
CA PHE E 215 -33.36 20.83 3.20
C PHE E 215 -34.53 20.91 4.18
N MET E 216 -35.33 21.95 4.04
CA MET E 216 -36.38 22.25 4.99
C MET E 216 -37.69 22.50 4.25
N VAL E 217 -38.80 22.16 4.90
CA VAL E 217 -40.13 22.40 4.36
C VAL E 217 -40.72 23.62 5.06
N LYS E 218 -41.28 24.54 4.29
CA LYS E 218 -41.76 25.79 4.85
C LYS E 218 -42.99 25.58 5.73
N ASP E 219 -43.00 26.26 6.87
CA ASP E 219 -44.19 26.41 7.70
C ASP E 219 -44.56 25.16 8.49
N THR E 220 -43.84 24.06 8.29
CA THR E 220 -44.14 22.84 9.02
C THR E 220 -42.91 22.17 9.63
N SER E 221 -41.73 22.74 9.46
CA SER E 221 -40.50 22.18 10.02
C SER E 221 -39.71 23.28 10.68
N TYR E 222 -38.94 22.89 11.71
CA TYR E 222 -38.11 23.85 12.41
C TYR E 222 -36.99 23.10 13.14
N LEU E 223 -35.93 23.84 13.43
CA LEU E 223 -34.75 23.28 14.09
C LEU E 223 -34.31 24.23 15.20
N PHE E 224 -34.17 23.71 16.41
CA PHE E 224 -33.60 24.47 17.51
C PHE E 224 -33.25 23.51 18.64
N ILE E 225 -32.17 23.84 19.34
CA ILE E 225 -31.76 23.02 20.48
C ILE E 225 -32.73 23.18 21.64
N THR E 226 -33.13 24.42 21.93
CA THR E 226 -34.03 24.72 23.03
C THR E 226 -35.27 25.40 22.49
N GLY E 227 -36.42 25.02 23.01
CA GLY E 227 -37.69 25.55 22.56
C GLY E 227 -37.94 26.97 23.05
N PRO E 228 -38.99 27.60 22.52
CA PRO E 228 -39.28 28.99 22.91
C PRO E 228 -39.56 29.16 24.38
N ASP E 229 -40.17 28.17 25.04
CA ASP E 229 -40.52 28.32 26.45
C ASP E 229 -39.27 28.51 27.30
N VAL E 230 -38.25 27.67 27.07
CA VAL E 230 -37.01 27.81 27.82
C VAL E 230 -36.34 29.13 27.51
N VAL E 231 -36.40 29.58 26.25
CA VAL E 231 -35.82 30.87 25.89
C VAL E 231 -36.49 31.97 26.69
N LYS E 232 -37.81 31.97 26.76
CA LYS E 232 -38.52 32.98 27.54
C LYS E 232 -38.14 32.90 29.02
N SER E 233 -38.09 31.68 29.55
CA SER E 233 -37.80 31.52 30.98
C SER E 233 -36.40 32.00 31.33
N VAL E 234 -35.42 31.78 30.46
CA VAL E 234 -34.03 32.08 30.80
C VAL E 234 -33.64 33.49 30.39
N THR E 235 -33.86 33.86 29.14
CA THR E 235 -33.42 35.16 28.63
C THR E 235 -34.55 36.19 28.53
N ASN E 236 -35.77 35.82 28.91
CA ASN E 236 -36.89 36.76 28.88
C ASN E 236 -37.12 37.30 27.47
N GLU E 237 -37.10 36.39 26.50
CA GLU E 237 -37.35 36.74 25.10
C GLU E 237 -38.63 36.08 24.64
N ASP E 238 -39.45 36.82 23.90
CA ASP E 238 -40.68 36.28 23.34
C ASP E 238 -40.47 35.96 21.86
N VAL E 239 -40.63 34.69 21.51
CA VAL E 239 -40.44 34.23 20.14
C VAL E 239 -41.32 33.01 19.92
N THR E 240 -41.74 32.82 18.69
CA THR E 240 -42.52 31.66 18.30
C THR E 240 -41.61 30.58 17.72
N GLN E 241 -42.18 29.40 17.51
CA GLN E 241 -41.41 28.31 16.93
C GLN E 241 -40.90 28.68 15.55
N GLU E 242 -41.75 29.31 14.73
CA GLU E 242 -41.34 29.70 13.39
C GLU E 242 -40.19 30.70 13.44
N GLU E 243 -40.30 31.71 14.30
CA GLU E 243 -39.21 32.68 14.43
C GLU E 243 -37.95 32.05 14.95
N LEU E 244 -38.06 31.15 15.93
CA LEU E 244 -36.87 30.57 16.54
C LEU E 244 -36.14 29.65 15.56
N GLY E 245 -36.86 28.75 14.91
CA GLY E 245 -36.20 27.76 14.08
C GLY E 245 -36.91 27.43 12.78
N GLY E 246 -37.70 28.36 12.26
CA GLY E 246 -38.42 28.12 11.04
C GLY E 246 -37.50 27.98 9.84
N ALA E 247 -38.08 27.51 8.74
CA ALA E 247 -37.30 27.30 7.52
C ALA E 247 -36.70 28.61 7.03
N LYS E 248 -37.47 29.69 7.08
CA LYS E 248 -36.95 30.98 6.64
C LYS E 248 -35.76 31.41 7.48
N THR E 249 -35.83 31.22 8.80
CA THR E 249 -34.74 31.61 9.67
C THR E 249 -33.46 30.86 9.33
N HIS E 250 -33.58 29.56 9.10
CA HIS E 250 -32.40 28.73 8.84
C HIS E 250 -31.96 28.76 7.39
N THR E 251 -32.73 29.39 6.50
CA THR E 251 -32.34 29.54 5.11
C THR E 251 -31.91 30.96 4.77
N THR E 252 -32.15 31.94 5.64
CA THR E 252 -31.78 33.31 5.37
C THR E 252 -30.89 33.95 6.42
N MET E 253 -30.89 33.43 7.65
CA MET E 253 -30.14 34.06 8.74
C MET E 253 -29.02 33.20 9.28
N SER E 254 -29.31 31.97 9.71
CA SER E 254 -28.34 31.15 10.39
C SER E 254 -27.40 30.41 9.44
N GLY E 255 -27.73 30.32 8.16
CA GLY E 255 -26.92 29.55 7.25
C GLY E 255 -26.81 28.09 7.62
N VAL E 256 -27.87 27.51 8.16
CA VAL E 256 -27.88 26.11 8.56
C VAL E 256 -28.51 25.23 7.49
N ALA E 257 -29.59 25.69 6.87
CA ALA E 257 -30.28 24.94 5.83
C ALA E 257 -29.85 25.43 4.45
N HIS E 258 -29.94 24.53 3.47
CA HIS E 258 -29.50 24.85 2.12
C HIS E 258 -30.64 25.23 1.18
N ARG E 259 -31.85 24.72 1.43
CA ARG E 259 -32.98 25.03 0.58
C ARG E 259 -34.27 24.88 1.38
N ALA E 260 -35.27 25.67 1.02
CA ALA E 260 -36.59 25.59 1.60
C ALA E 260 -37.60 25.30 0.51
N PHE E 261 -38.54 24.41 0.78
CA PHE E 261 -39.52 23.99 -0.20
C PHE E 261 -40.93 24.24 0.33
N GLU E 262 -41.88 24.34 -0.61
CA GLU E 262 -43.23 24.74 -0.25
C GLU E 262 -43.98 23.63 0.47
N ASN E 263 -43.87 22.40 -0.01
CA ASN E 263 -44.68 21.29 0.47
C ASN E 263 -43.83 20.04 0.61
N ASP E 264 -44.43 19.02 1.22
CA ASP E 264 -43.78 17.71 1.23
C ASP E 264 -43.63 17.16 -0.18
N VAL E 265 -44.67 17.30 -1.00
CA VAL E 265 -44.62 16.78 -2.37
C VAL E 265 -43.56 17.52 -3.18
N ASP E 266 -43.59 18.86 -3.12
CA ASP E 266 -42.59 19.65 -3.83
C ASP E 266 -41.20 19.34 -3.32
N ALA E 267 -41.04 19.22 -2.00
CA ALA E 267 -39.74 18.91 -1.44
C ALA E 267 -39.22 17.58 -1.93
N LEU E 268 -40.10 16.56 -1.98
CA LEU E 268 -39.65 15.24 -2.41
C LEU E 268 -39.29 15.22 -3.89
N CYS E 269 -40.08 15.90 -4.72
CA CYS E 269 -39.73 15.98 -6.14
C CYS E 269 -38.38 16.65 -6.33
N ASN E 270 -38.16 17.78 -5.66
CA ASN E 270 -36.88 18.46 -5.77
C ASN E 270 -35.75 17.60 -5.19
N LEU E 271 -36.05 16.79 -4.17
CA LEU E 271 -35.03 15.92 -3.61
C LEU E 271 -34.59 14.86 -4.61
N ARG E 272 -35.55 14.28 -5.34
CA ARG E 272 -35.19 13.34 -6.39
C ARG E 272 -34.32 14.03 -7.45
N ASP E 273 -34.76 15.22 -7.88
CA ASP E 273 -33.99 15.95 -8.87
C ASP E 273 -32.56 16.19 -8.40
N PHE E 274 -32.41 16.64 -7.14
CA PHE E 274 -31.09 16.91 -6.59
C PHE E 274 -30.26 15.64 -6.50
N PHE E 275 -30.87 14.55 -6.03
CA PHE E 275 -30.14 13.29 -5.91
C PHE E 275 -29.60 12.82 -7.24
N ASN E 276 -30.27 13.18 -8.34
CA ASN E 276 -29.78 12.76 -9.64
C ASN E 276 -28.35 13.24 -9.89
N TYR E 277 -27.93 14.33 -9.24
CA TYR E 277 -26.61 14.91 -9.52
C TYR E 277 -25.47 14.11 -8.90
N LEU E 278 -25.67 13.58 -7.71
CA LEU E 278 -24.56 13.11 -6.89
C LEU E 278 -24.07 11.73 -7.32
N PRO E 279 -22.79 11.44 -7.11
CA PRO E 279 -22.31 10.07 -7.22
C PRO E 279 -22.71 9.25 -6.01
N LEU E 280 -22.71 7.93 -6.18
CA LEU E 280 -23.16 7.05 -5.12
C LEU E 280 -22.17 6.97 -3.96
N SER E 281 -20.88 7.11 -4.24
CA SER E 281 -19.86 7.08 -3.20
C SER E 281 -18.63 7.80 -3.71
N SER E 282 -17.66 7.99 -2.82
CA SER E 282 -16.42 8.65 -3.18
C SER E 282 -15.52 7.78 -4.05
N GLN E 283 -15.85 6.50 -4.22
CA GLN E 283 -15.11 5.65 -5.14
C GLN E 283 -15.53 5.81 -6.58
N ASP E 284 -16.59 6.55 -6.85
CA ASP E 284 -17.11 6.70 -8.20
C ASP E 284 -16.83 8.10 -8.74
N PRO E 285 -16.66 8.23 -10.05
CA PRO E 285 -16.49 9.55 -10.64
C PRO E 285 -17.80 10.33 -10.66
N ALA E 286 -17.71 11.58 -11.08
CA ALA E 286 -18.91 12.39 -11.18
C ALA E 286 -19.87 11.77 -12.18
N PRO E 287 -21.15 11.68 -11.86
CA PRO E 287 -22.11 11.06 -12.79
C PRO E 287 -22.13 11.79 -14.13
N VAL E 288 -22.24 11.00 -15.20
CA VAL E 288 -22.36 11.52 -16.56
C VAL E 288 -23.59 10.88 -17.18
N ARG E 289 -24.53 11.70 -17.62
CA ARG E 289 -25.77 11.23 -18.20
C ARG E 289 -25.88 11.68 -19.65
N GLU E 290 -26.91 11.19 -20.33
CA GLU E 290 -27.13 11.52 -21.72
C GLU E 290 -27.35 13.02 -21.89
N CYS E 291 -26.67 13.61 -22.85
CA CYS E 291 -26.69 15.05 -23.07
C CYS E 291 -27.10 15.37 -24.50
N HIS E 292 -27.96 16.38 -24.66
CA HIS E 292 -28.37 16.85 -25.96
C HIS E 292 -27.81 18.21 -26.33
N ASP E 293 -27.45 19.02 -25.35
CA ASP E 293 -26.88 20.34 -25.63
C ASP E 293 -25.49 20.19 -26.22
N PRO E 294 -25.23 20.72 -27.41
CA PRO E 294 -23.89 20.57 -27.99
C PRO E 294 -22.85 21.21 -27.10
N SER E 295 -21.69 20.53 -26.99
CA SER E 295 -20.62 21.04 -26.15
C SER E 295 -19.91 22.23 -26.76
N ASP E 296 -20.08 22.47 -28.06
CA ASP E 296 -19.44 23.59 -28.75
C ASP E 296 -20.41 24.72 -29.04
N ARG E 297 -21.60 24.71 -28.43
CA ARG E 297 -22.56 25.78 -28.65
C ARG E 297 -21.97 27.12 -28.26
N LEU E 298 -22.14 28.10 -29.13
CA LEU E 298 -21.66 29.44 -28.85
C LEU E 298 -22.66 30.20 -27.98
N VAL E 299 -22.17 31.19 -27.27
CA VAL E 299 -23.00 32.02 -26.40
C VAL E 299 -22.73 33.49 -26.71
N PRO E 300 -23.23 33.99 -27.85
CA PRO E 300 -22.93 35.38 -28.21
C PRO E 300 -23.48 36.40 -27.24
N GLU E 301 -24.51 36.04 -26.46
CA GLU E 301 -25.11 36.98 -25.54
C GLU E 301 -24.16 37.43 -24.45
N LEU E 302 -23.05 36.73 -24.23
CA LEU E 302 -22.09 37.10 -23.21
C LEU E 302 -21.09 38.14 -23.67
N ASP E 303 -21.05 38.45 -24.96
CA ASP E 303 -20.02 39.35 -25.48
C ASP E 303 -20.18 40.77 -24.95
N THR E 304 -21.36 41.14 -24.47
CA THR E 304 -21.59 42.49 -23.97
C THR E 304 -22.26 42.49 -22.60
N ILE E 305 -22.25 41.36 -21.90
CA ILE E 305 -22.91 41.28 -20.61
C ILE E 305 -22.22 42.15 -19.57
N VAL E 306 -20.90 42.24 -19.62
CA VAL E 306 -20.12 42.96 -18.62
C VAL E 306 -20.07 44.43 -19.03
N PRO E 307 -20.60 45.35 -18.23
CA PRO E 307 -20.50 46.77 -18.57
C PRO E 307 -19.04 47.24 -18.53
N LEU E 308 -18.72 48.19 -19.40
CA LEU E 308 -17.37 48.73 -19.43
C LEU E 308 -17.05 49.51 -18.16
N GLU E 309 -17.99 50.33 -17.70
CA GLU E 309 -17.77 51.11 -16.49
C GLU E 309 -17.84 50.23 -15.26
N SER E 310 -16.78 50.21 -14.47
CA SER E 310 -16.70 49.34 -13.31
C SER E 310 -17.67 49.74 -12.20
N THR E 311 -18.47 50.78 -12.40
CA THR E 311 -19.43 51.21 -11.40
C THR E 311 -20.83 50.64 -11.62
N LYS E 312 -21.01 49.79 -12.63
CA LYS E 312 -22.29 49.17 -12.90
C LYS E 312 -22.20 47.66 -12.73
N ALA E 313 -23.22 47.07 -12.13
CA ALA E 313 -23.24 45.66 -11.82
C ALA E 313 -24.05 44.88 -12.87
N TYR E 314 -23.81 43.58 -12.90
CA TYR E 314 -24.56 42.67 -13.75
C TYR E 314 -24.92 41.44 -12.90
N ASN E 315 -25.64 40.52 -13.51
CA ASN E 315 -26.08 39.30 -12.83
C ASN E 315 -25.25 38.12 -13.31
N MET E 316 -24.41 37.59 -12.42
CA MET E 316 -23.60 36.43 -12.77
C MET E 316 -24.44 35.20 -13.04
N VAL E 317 -25.65 35.13 -12.46
CA VAL E 317 -26.52 33.99 -12.71
C VAL E 317 -26.89 33.90 -14.17
N ASP E 318 -26.99 35.04 -14.86
CA ASP E 318 -27.24 34.99 -16.29
C ASP E 318 -26.10 34.31 -17.04
N ILE E 319 -24.86 34.64 -16.68
CA ILE E 319 -23.72 33.97 -17.30
C ILE E 319 -23.75 32.48 -17.01
N ILE E 320 -24.04 32.12 -15.75
CA ILE E 320 -24.08 30.70 -15.40
C ILE E 320 -25.14 29.98 -16.20
N HIS E 321 -26.33 30.57 -16.33
CA HIS E 321 -27.40 29.95 -17.10
C HIS E 321 -26.99 29.79 -18.56
N SER E 322 -26.33 30.80 -19.13
CA SER E 322 -25.93 30.72 -20.53
C SER E 322 -24.91 29.61 -20.74
N VAL E 323 -23.98 29.44 -19.80
CA VAL E 323 -22.86 28.53 -20.06
C VAL E 323 -23.26 27.06 -19.85
N VAL E 324 -24.10 26.76 -18.88
CA VAL E 324 -24.36 25.38 -18.50
C VAL E 324 -25.31 24.71 -19.48
N ASP E 325 -25.41 23.38 -19.39
CA ASP E 325 -26.27 22.62 -20.28
C ASP E 325 -27.73 22.95 -20.03
N GLU E 326 -28.46 23.24 -21.10
CA GLU E 326 -29.91 23.48 -21.07
C GLU E 326 -30.29 24.58 -20.09
N ARG E 327 -29.34 25.42 -19.69
CA ARG E 327 -29.62 26.54 -18.80
C ARG E 327 -30.21 26.08 -17.47
N GLU E 328 -29.84 24.88 -17.03
CA GLU E 328 -30.38 24.30 -15.81
C GLU E 328 -29.34 24.42 -14.70
N PHE E 329 -29.75 24.99 -13.57
CA PHE E 329 -28.85 25.27 -12.46
C PHE E 329 -29.58 25.04 -11.15
N PHE E 330 -29.05 24.15 -10.33
CA PHE E 330 -29.60 23.87 -9.00
C PHE E 330 -28.79 24.68 -8.00
N GLU E 331 -29.36 25.79 -7.52
CA GLU E 331 -28.63 26.69 -6.64
C GLU E 331 -28.71 26.23 -5.19
N ILE E 332 -27.64 26.46 -4.44
CA ILE E 332 -27.56 26.10 -3.03
C ILE E 332 -27.53 27.39 -2.22
N MET E 333 -28.33 27.44 -1.17
CA MET E 333 -28.47 28.63 -0.34
C MET E 333 -28.76 29.86 -1.20
N PRO E 334 -29.81 29.81 -2.03
CA PRO E 334 -30.08 30.94 -2.93
C PRO E 334 -30.39 32.23 -2.19
N ASN E 335 -30.93 32.16 -0.98
CA ASN E 335 -31.38 33.34 -0.26
C ASN E 335 -30.47 33.72 0.90
N TYR E 336 -29.29 33.09 1.00
CA TYR E 336 -28.37 33.36 2.09
C TYR E 336 -27.02 33.75 1.51
N ALA E 337 -26.47 34.85 2.02
CA ALA E 337 -25.18 35.36 1.55
C ALA E 337 -25.17 35.46 0.02
N LYS E 338 -26.04 36.32 -0.49
CA LYS E 338 -26.27 36.40 -1.92
C LYS E 338 -25.11 36.98 -2.70
N ASN E 339 -24.10 37.54 -2.03
CA ASN E 339 -22.95 38.07 -2.76
C ASN E 339 -22.09 36.97 -3.39
N ILE E 340 -22.34 35.71 -3.08
CA ILE E 340 -21.69 34.60 -3.73
C ILE E 340 -22.74 33.60 -4.17
N ILE E 341 -22.43 32.85 -5.23
CA ILE E 341 -23.36 31.90 -5.82
C ILE E 341 -22.67 30.54 -5.91
N VAL E 342 -23.35 29.51 -5.41
CA VAL E 342 -22.86 28.14 -5.49
C VAL E 342 -24.00 27.25 -5.93
N GLY E 343 -23.67 26.21 -6.70
CA GLY E 343 -24.71 25.30 -7.14
C GLY E 343 -24.16 24.17 -7.96
N PHE E 344 -25.08 23.34 -8.43
CA PHE E 344 -24.78 22.19 -9.27
C PHE E 344 -25.34 22.41 -10.67
N ALA E 345 -24.60 21.96 -11.67
CA ALA E 345 -25.05 22.03 -13.05
C ALA E 345 -24.43 20.87 -13.81
N ARG E 346 -24.62 20.85 -15.12
CA ARG E 346 -24.02 19.82 -15.96
C ARG E 346 -23.36 20.46 -17.17
N MET E 347 -22.17 19.98 -17.49
CA MET E 347 -21.46 20.34 -18.72
C MET E 347 -21.25 19.08 -19.53
N ASN E 348 -21.82 19.06 -20.74
CA ASN E 348 -21.73 17.88 -21.59
C ASN E 348 -22.25 16.64 -20.87
N GLY E 349 -23.22 16.82 -19.99
CA GLY E 349 -23.80 15.73 -19.25
C GLY E 349 -23.08 15.35 -17.98
N ARG E 350 -21.94 15.96 -17.69
CA ARG E 350 -21.16 15.63 -16.50
C ARG E 350 -21.48 16.63 -15.40
N THR E 351 -21.72 16.13 -14.19
CA THR E 351 -22.03 17.00 -13.07
C THR E 351 -20.84 17.90 -12.75
N VAL E 352 -21.12 19.17 -12.48
CA VAL E 352 -20.10 20.13 -12.10
C VAL E 352 -20.64 21.04 -11.01
N GLY E 353 -19.73 21.57 -10.21
CA GLY E 353 -20.06 22.55 -9.19
C GLY E 353 -19.64 23.94 -9.64
N ILE E 354 -20.54 24.89 -9.44
CA ILE E 354 -20.35 26.26 -9.89
C ILE E 354 -20.21 27.15 -8.67
N VAL E 355 -19.15 27.95 -8.65
CA VAL E 355 -18.92 28.98 -7.64
C VAL E 355 -18.62 30.28 -8.37
N GLY E 356 -19.30 31.35 -7.98
CA GLY E 356 -19.11 32.63 -8.65
C GLY E 356 -19.41 33.83 -7.79
N ASN E 357 -18.67 34.91 -8.00
CA ASN E 357 -18.98 36.16 -7.32
C ASN E 357 -20.22 36.80 -7.92
N GLN E 358 -20.97 37.51 -7.08
CA GLN E 358 -22.20 38.16 -7.53
C GLN E 358 -22.05 39.66 -7.42
N PRO E 359 -21.67 40.36 -8.49
CA PRO E 359 -21.54 41.83 -8.40
C PRO E 359 -22.83 42.53 -8.08
N LYS E 360 -23.97 41.89 -8.34
CA LYS E 360 -25.27 42.51 -8.11
C LYS E 360 -25.55 42.76 -6.64
N VAL E 361 -24.84 42.09 -5.74
CA VAL E 361 -25.07 42.21 -4.30
C VAL E 361 -23.76 42.60 -3.63
N ALA E 362 -23.77 43.74 -2.94
CA ALA E 362 -22.62 44.20 -2.16
C ALA E 362 -21.35 44.24 -3.01
N SER E 363 -21.50 44.61 -4.28
CA SER E 363 -20.40 44.76 -5.22
C SER E 363 -19.63 43.46 -5.43
N GLY E 364 -20.16 42.34 -4.96
CA GLY E 364 -19.46 41.07 -5.09
C GLY E 364 -18.30 40.89 -4.13
N CYS E 365 -18.24 41.68 -3.07
CA CYS E 365 -17.18 41.55 -2.09
C CYS E 365 -17.38 40.32 -1.21
N LEU E 366 -16.29 39.66 -0.87
CA LEU E 366 -16.33 38.52 0.03
C LEU E 366 -16.56 38.98 1.46
N ASP E 367 -17.09 38.09 2.27
CA ASP E 367 -17.33 38.37 3.69
C ASP E 367 -17.40 37.04 4.43
N ILE E 368 -17.88 37.08 5.67
CA ILE E 368 -17.88 35.89 6.52
C ILE E 368 -18.85 34.84 5.98
N ASN E 369 -20.13 35.20 5.88
CA ASN E 369 -21.15 34.23 5.50
C ASN E 369 -20.87 33.66 4.12
N SER E 370 -20.54 34.53 3.16
CA SER E 370 -20.24 34.07 1.81
C SER E 370 -19.02 33.16 1.81
N SER E 371 -18.00 33.50 2.60
CA SER E 371 -16.81 32.67 2.67
C SER E 371 -17.15 31.27 3.16
N VAL E 372 -17.94 31.17 4.23
CA VAL E 372 -18.29 29.84 4.75
C VAL E 372 -19.13 29.08 3.73
N LYS E 373 -20.11 29.76 3.13
CA LYS E 373 -21.00 29.11 2.18
C LYS E 373 -20.21 28.55 1.00
N GLY E 374 -19.28 29.33 0.46
CA GLY E 374 -18.46 28.82 -0.63
C GLY E 374 -17.53 27.71 -0.18
N ALA E 375 -16.92 27.86 0.99
CA ALA E 375 -15.91 26.91 1.43
C ALA E 375 -16.49 25.52 1.61
N ARG E 376 -17.63 25.41 2.30
CA ARG E 376 -18.15 24.06 2.52
C ARG E 376 -18.58 23.41 1.21
N PHE E 377 -19.19 24.18 0.32
CA PHE E 377 -19.60 23.62 -0.96
C PHE E 377 -18.39 23.14 -1.76
N VAL E 378 -17.32 23.93 -1.77
CA VAL E 378 -16.11 23.52 -2.48
C VAL E 378 -15.55 22.24 -1.88
N ARG E 379 -15.50 22.16 -0.55
CA ARG E 379 -14.97 20.97 0.08
C ARG E 379 -15.80 19.74 -0.26
N PHE E 380 -17.13 19.87 -0.23
CA PHE E 380 -17.96 18.74 -0.61
C PHE E 380 -17.70 18.31 -2.04
N CYS E 381 -17.65 19.27 -2.97
CA CYS E 381 -17.43 18.93 -4.36
C CYS E 381 -16.10 18.21 -4.53
N ASP E 382 -15.05 18.68 -3.87
CA ASP E 382 -13.76 18.01 -3.97
C ASP E 382 -13.81 16.61 -3.38
N ALA E 383 -14.52 16.43 -2.26
CA ALA E 383 -14.54 15.15 -1.60
C ALA E 383 -15.10 14.05 -2.50
N PHE E 384 -16.04 14.40 -3.37
CA PHE E 384 -16.74 13.41 -4.17
C PHE E 384 -16.42 13.51 -5.66
N ASN E 385 -15.28 14.10 -6.01
CA ASN E 385 -14.74 14.05 -7.37
C ASN E 385 -15.58 14.83 -8.37
N ILE E 386 -16.16 15.95 -7.95
CA ILE E 386 -16.98 16.79 -8.82
C ILE E 386 -16.13 17.98 -9.27
N PRO E 387 -15.94 18.18 -10.56
CA PRO E 387 -15.11 19.31 -11.02
C PRO E 387 -15.74 20.64 -10.65
N LEU E 388 -14.88 21.64 -10.52
CA LEU E 388 -15.29 22.97 -10.08
C LEU E 388 -15.04 24.00 -11.17
N ILE E 389 -16.02 24.87 -11.37
CA ILE E 389 -15.92 26.00 -12.28
C ILE E 389 -16.20 27.27 -11.48
N THR E 390 -15.31 28.25 -11.63
CA THR E 390 -15.38 29.48 -10.85
C THR E 390 -15.45 30.68 -11.79
N PHE E 391 -16.31 31.64 -11.45
CA PHE E 391 -16.41 32.90 -12.15
C PHE E 391 -16.01 34.00 -11.19
N VAL E 392 -15.00 34.78 -11.55
CA VAL E 392 -14.34 35.68 -10.63
C VAL E 392 -14.65 37.12 -11.03
N ASP E 393 -15.31 37.84 -10.13
CA ASP E 393 -15.42 39.30 -10.21
C ASP E 393 -15.53 39.80 -8.77
N VAL E 394 -14.40 40.16 -8.19
CA VAL E 394 -14.34 40.48 -6.76
C VAL E 394 -13.40 41.65 -6.53
N PRO E 395 -13.86 42.73 -5.91
CA PRO E 395 -12.97 43.87 -5.66
C PRO E 395 -12.17 43.72 -4.37
N GLY E 396 -12.66 42.89 -3.46
CA GLY E 396 -11.98 42.70 -2.19
C GLY E 396 -12.94 42.14 -1.15
N PHE E 397 -12.57 42.33 0.11
CA PHE E 397 -13.37 41.88 1.24
C PHE E 397 -14.16 43.04 1.83
N LEU E 398 -15.31 42.70 2.39
CA LEU E 398 -16.17 43.73 2.98
C LEU E 398 -15.48 44.34 4.20
N PRO E 399 -15.36 45.66 4.27
CA PRO E 399 -14.70 46.30 5.42
C PRO E 399 -15.70 46.65 6.51
N GLY E 400 -15.14 47.01 7.66
CA GLY E 400 -15.93 47.43 8.80
C GLY E 400 -15.49 46.69 10.05
N THR E 401 -15.87 47.24 11.21
CA THR E 401 -15.54 46.61 12.48
C THR E 401 -16.36 45.35 12.71
N ALA E 402 -17.57 45.28 12.14
CA ALA E 402 -18.38 44.09 12.31
C ALA E 402 -17.70 42.86 11.70
N GLN E 403 -17.09 43.03 10.53
CA GLN E 403 -16.41 41.91 9.89
C GLN E 403 -15.15 41.51 10.64
N GLU E 404 -14.40 42.49 11.14
CA GLU E 404 -13.16 42.18 11.87
C GLU E 404 -13.47 41.50 13.20
N TYR E 405 -14.41 42.05 13.96
CA TYR E 405 -14.76 41.45 15.24
C TYR E 405 -15.41 40.09 15.08
N GLY E 406 -16.01 39.83 13.93
CA GLY E 406 -16.59 38.54 13.64
C GLY E 406 -15.61 37.48 13.20
N GLY E 407 -14.34 37.83 13.04
CA GLY E 407 -13.34 36.86 12.66
C GLY E 407 -13.27 36.65 11.15
N ILE E 408 -13.35 37.74 10.39
CA ILE E 408 -13.31 37.62 8.95
C ILE E 408 -12.04 36.94 8.48
N ILE E 409 -10.95 37.09 9.23
CA ILE E 409 -9.68 36.52 8.80
C ILE E 409 -9.78 35.01 8.67
N ARG E 410 -10.26 34.34 9.73
CA ARG E 410 -10.32 32.89 9.70
C ARG E 410 -11.39 32.39 8.72
N HIS E 411 -12.52 33.10 8.64
CA HIS E 411 -13.57 32.67 7.73
C HIS E 411 -13.11 32.77 6.28
N GLY E 412 -12.41 33.84 5.91
CA GLY E 412 -11.86 33.93 4.58
C GLY E 412 -10.78 32.89 4.32
N ALA E 413 -9.94 32.64 5.34
CA ALA E 413 -8.97 31.56 5.24
C ALA E 413 -9.67 30.24 4.96
N LYS E 414 -10.89 30.07 5.46
CA LYS E 414 -11.63 28.84 5.18
C LYS E 414 -11.79 28.62 3.68
N LEU E 415 -12.30 29.62 2.97
CA LEU E 415 -12.50 29.48 1.52
C LEU E 415 -11.16 29.33 0.80
N LEU E 416 -10.16 30.12 1.22
CA LEU E 416 -8.86 29.99 0.58
C LEU E 416 -8.31 28.58 0.72
N TYR E 417 -8.40 28.02 1.92
CA TYR E 417 -7.95 26.65 2.15
C TYR E 417 -8.78 25.67 1.33
N ALA E 418 -10.08 25.90 1.23
CA ALA E 418 -10.92 24.98 0.46
C ALA E 418 -10.45 24.91 -0.99
N PHE E 419 -10.21 26.05 -1.62
CA PHE E 419 -9.68 26.00 -2.98
C PHE E 419 -8.29 25.37 -3.03
N ALA E 420 -7.41 25.75 -2.11
CA ALA E 420 -6.04 25.24 -2.18
C ALA E 420 -5.99 23.72 -2.01
N GLU E 421 -6.88 23.16 -1.20
CA GLU E 421 -6.85 21.73 -0.90
C GLU E 421 -7.41 20.88 -2.02
N ALA E 422 -8.34 21.42 -2.81
CA ALA E 422 -9.06 20.61 -3.78
C ALA E 422 -8.10 20.00 -4.81
N THR E 423 -8.37 18.76 -5.19
CA THR E 423 -7.58 18.06 -6.20
C THR E 423 -8.41 17.68 -7.42
N VAL E 424 -9.70 18.02 -7.44
CA VAL E 424 -10.54 17.80 -8.62
C VAL E 424 -10.16 18.85 -9.66
N PRO E 425 -10.52 18.65 -10.93
CA PRO E 425 -10.24 19.67 -11.93
C PRO E 425 -10.88 21.00 -11.53
N LYS E 426 -10.12 22.08 -11.72
CA LYS E 426 -10.59 23.42 -11.39
C LYS E 426 -10.41 24.31 -12.61
N VAL E 427 -11.50 24.94 -13.05
CA VAL E 427 -11.47 25.86 -14.18
C VAL E 427 -11.97 27.20 -13.69
N THR E 428 -11.20 28.25 -13.97
CA THR E 428 -11.50 29.60 -13.50
C THR E 428 -11.62 30.54 -14.68
N VAL E 429 -12.61 31.43 -14.63
CA VAL E 429 -12.82 32.45 -15.65
C VAL E 429 -12.96 33.79 -14.95
N ILE E 430 -12.13 34.75 -15.33
CA ILE E 430 -12.16 36.09 -14.76
C ILE E 430 -12.92 36.98 -15.73
N THR E 431 -14.07 37.48 -15.28
CA THR E 431 -14.89 38.36 -16.10
C THR E 431 -14.54 39.82 -15.90
N ARG E 432 -14.18 40.22 -14.69
CA ARG E 432 -13.83 41.59 -14.39
C ARG E 432 -12.82 41.67 -13.24
N LYS E 433 -12.75 42.83 -12.60
CA LYS E 433 -11.76 43.11 -11.57
C LYS E 433 -11.52 41.92 -10.64
N ALA E 434 -10.25 41.73 -10.28
CA ALA E 434 -9.86 40.74 -9.27
C ALA E 434 -8.69 41.36 -8.51
N TYR E 435 -8.95 41.86 -7.31
CA TYR E 435 -8.03 42.75 -6.60
C TYR E 435 -7.48 42.07 -5.34
N GLY E 436 -6.17 42.15 -5.17
CA GLY E 436 -5.56 41.81 -3.89
C GLY E 436 -5.67 40.33 -3.56
N GLY E 437 -5.76 40.05 -2.26
CA GLY E 437 -5.85 38.68 -1.80
C GLY E 437 -7.11 37.97 -2.22
N ALA E 438 -8.17 38.72 -2.54
CA ALA E 438 -9.38 38.09 -3.07
C ALA E 438 -9.09 37.35 -4.37
N TYR E 439 -8.22 37.89 -5.22
CA TYR E 439 -7.83 37.17 -6.42
C TYR E 439 -7.16 35.86 -6.08
N ASP E 440 -6.27 35.86 -5.08
CA ASP E 440 -5.63 34.62 -4.66
C ASP E 440 -6.66 33.62 -4.15
N VAL E 441 -7.63 34.09 -3.36
CA VAL E 441 -8.58 33.18 -2.74
C VAL E 441 -9.42 32.47 -3.79
N MET E 442 -9.88 33.21 -4.81
CA MET E 442 -10.81 32.67 -5.80
C MET E 442 -10.07 31.79 -6.80
N SER E 443 -9.53 30.69 -6.27
CA SER E 443 -8.97 29.62 -7.09
C SER E 443 -7.96 30.14 -8.10
N SER E 444 -7.06 31.01 -7.64
CA SER E 444 -6.02 31.49 -8.51
C SER E 444 -5.15 30.33 -9.00
N LYS E 445 -4.51 30.52 -10.15
CA LYS E 445 -3.67 29.47 -10.70
C LYS E 445 -2.56 29.07 -9.74
N HIS E 446 -2.17 29.98 -8.85
CA HIS E 446 -1.10 29.69 -7.90
C HIS E 446 -1.53 28.70 -6.83
N LEU E 447 -2.83 28.43 -6.70
CA LEU E 447 -3.34 27.39 -5.82
C LEU E 447 -3.36 26.03 -6.52
N CYS E 448 -2.53 25.85 -7.55
CA CYS E 448 -2.48 24.62 -8.31
C CYS E 448 -3.74 24.44 -9.15
N GLY E 449 -4.28 25.56 -9.64
CA GLY E 449 -5.39 25.50 -10.56
C GLY E 449 -4.99 24.90 -11.89
N ASP E 450 -6.01 24.45 -12.63
CA ASP E 450 -5.74 23.73 -13.88
C ASP E 450 -5.73 24.67 -15.08
N THR E 451 -6.84 25.37 -15.33
CA THR E 451 -6.92 26.32 -16.42
C THR E 451 -7.56 27.60 -15.92
N ASN E 452 -6.94 28.74 -16.25
CA ASN E 452 -7.44 30.04 -15.84
C ASN E 452 -7.59 30.91 -17.08
N TYR E 453 -8.77 31.47 -17.27
CA TYR E 453 -9.08 32.28 -18.43
C TYR E 453 -9.50 33.68 -18.00
N ALA E 454 -9.23 34.64 -18.87
CA ALA E 454 -9.58 36.03 -18.62
C ALA E 454 -10.38 36.57 -19.79
N TRP E 455 -11.52 37.20 -19.50
CA TRP E 455 -12.26 37.92 -20.50
C TRP E 455 -11.57 39.25 -20.79
N PRO E 456 -11.92 39.89 -21.91
CA PRO E 456 -11.25 41.16 -22.25
C PRO E 456 -11.43 42.23 -21.20
N THR E 457 -12.43 42.12 -20.32
CA THR E 457 -12.66 43.10 -19.26
C THR E 457 -11.96 42.75 -17.96
N ALA E 458 -11.13 41.72 -17.96
CA ALA E 458 -10.46 41.29 -16.73
C ALA E 458 -9.46 42.33 -16.25
N GLU E 459 -9.30 42.40 -14.93
CA GLU E 459 -8.37 43.34 -14.29
C GLU E 459 -7.75 42.63 -13.10
N ILE E 460 -6.53 42.15 -13.25
CA ILE E 460 -5.78 41.52 -12.17
C ILE E 460 -4.77 42.54 -11.65
N ALA E 461 -4.94 42.96 -10.40
CA ALA E 461 -4.08 43.99 -9.84
C ALA E 461 -4.05 43.85 -8.32
N VAL E 462 -3.05 44.47 -7.71
CA VAL E 462 -2.93 44.45 -6.26
C VAL E 462 -4.08 45.24 -5.63
N MET E 463 -4.49 46.32 -6.26
CA MET E 463 -5.56 47.16 -5.73
C MET E 463 -6.05 48.07 -6.86
N GLY E 464 -6.95 48.99 -6.52
CA GLY E 464 -7.46 49.91 -7.52
C GLY E 464 -6.37 50.80 -8.08
N ALA E 465 -6.59 51.24 -9.32
CA ALA E 465 -5.59 52.05 -10.00
C ALA E 465 -5.34 53.36 -9.27
N LYS E 466 -6.40 54.01 -8.80
CA LYS E 466 -6.23 55.29 -8.12
C LYS E 466 -5.42 55.13 -6.84
N GLY E 467 -5.73 54.10 -6.04
CA GLY E 467 -4.96 53.89 -4.82
C GLY E 467 -3.52 53.52 -5.09
N ALA E 468 -3.28 52.68 -6.10
CA ALA E 468 -1.92 52.32 -6.46
C ALA E 468 -1.12 53.55 -6.89
N VAL E 469 -1.74 54.42 -7.69
CA VAL E 469 -1.06 55.64 -8.11
C VAL E 469 -0.80 56.54 -6.92
N GLU E 470 -1.77 56.66 -6.01
CA GLU E 470 -1.57 57.47 -4.81
C GLU E 470 -0.37 56.97 -4.02
N ILE E 471 -0.28 55.66 -3.81
CA ILE E 471 0.81 55.12 -3.00
C ILE E 471 2.14 55.27 -3.71
N ILE E 472 2.19 54.91 -5.00
CA ILE E 472 3.46 54.81 -5.71
C ILE E 472 4.05 56.19 -5.98
N PHE E 473 3.23 57.12 -6.48
CA PHE E 473 3.73 58.39 -6.98
C PHE E 473 3.49 59.53 -6.00
N LYS E 474 3.06 59.22 -4.79
CA LYS E 474 2.74 60.27 -3.84
C LYS E 474 4.02 61.01 -3.46
N GLY E 475 3.97 62.33 -3.48
CA GLY E 475 5.15 63.15 -3.40
C GLY E 475 5.65 63.67 -4.71
N HIS E 476 4.93 63.44 -5.80
CA HIS E 476 5.25 63.97 -7.11
C HIS E 476 4.03 64.75 -7.61
N GLU E 477 4.27 65.98 -8.08
CA GLU E 477 3.15 66.84 -8.44
C GLU E 477 2.52 66.43 -9.77
N ASN E 478 3.31 65.94 -10.72
CA ASN E 478 2.79 65.55 -12.04
C ASN E 478 2.04 64.21 -11.93
N VAL E 479 0.99 64.23 -11.10
CA VAL E 479 0.24 63.02 -10.81
C VAL E 479 -0.53 62.55 -12.04
N GLU E 480 -1.06 63.48 -12.83
CA GLU E 480 -1.99 63.11 -13.89
C GLU E 480 -1.32 62.27 -14.97
N ALA E 481 -0.16 62.69 -15.45
CA ALA E 481 0.52 61.93 -16.50
C ALA E 481 0.92 60.55 -16.01
N ALA E 482 1.46 60.47 -14.80
CA ALA E 482 1.85 59.18 -14.25
C ALA E 482 0.63 58.27 -14.09
N GLN E 483 -0.48 58.82 -13.62
CA GLN E 483 -1.69 58.03 -13.47
C GLN E 483 -2.21 57.54 -14.81
N ALA E 484 -2.17 58.39 -15.83
CA ALA E 484 -2.60 57.96 -17.15
C ALA E 484 -1.73 56.83 -17.67
N GLU E 485 -0.41 56.96 -17.52
CA GLU E 485 0.48 55.88 -17.98
C GLU E 485 0.23 54.60 -17.20
N TYR E 486 0.04 54.72 -15.88
CA TYR E 486 -0.22 53.54 -15.06
C TYR E 486 -1.51 52.84 -15.46
N ILE E 487 -2.57 53.62 -15.70
CA ILE E 487 -3.83 53.01 -16.11
C ILE E 487 -3.70 52.36 -17.49
N GLU E 488 -2.97 53.01 -18.40
CA GLU E 488 -2.78 52.44 -19.72
C GLU E 488 -2.00 51.13 -19.65
N LYS E 489 -1.03 51.04 -18.76
CA LYS E 489 -0.15 49.87 -18.72
C LYS E 489 -0.67 48.73 -17.83
N PHE E 490 -1.48 49.03 -16.82
CA PHE E 490 -1.83 48.05 -15.80
C PHE E 490 -3.31 47.80 -15.62
N ALA E 491 -4.18 48.74 -16.00
CA ALA E 491 -5.61 48.54 -15.79
C ALA E 491 -6.19 47.62 -16.87
N ASN E 492 -5.64 46.42 -16.99
CA ASN E 492 -6.05 45.47 -18.01
C ASN E 492 -5.53 44.09 -17.65
N PRO E 493 -5.85 43.05 -18.42
CA PRO E 493 -5.38 41.70 -18.10
C PRO E 493 -3.97 41.39 -18.59
N PHE E 494 -3.30 42.32 -19.25
CA PHE E 494 -1.99 42.08 -19.83
C PHE E 494 -0.94 41.75 -18.77
N PRO E 495 -0.90 42.47 -17.64
CA PRO E 495 0.11 42.14 -16.63
C PRO E 495 0.08 40.69 -16.18
N ALA E 496 -1.12 40.12 -16.03
CA ALA E 496 -1.22 38.72 -15.65
C ALA E 496 -0.91 37.81 -16.84
N ALA E 497 -1.40 38.15 -18.02
CA ALA E 497 -1.23 37.29 -19.19
C ALA E 497 0.24 37.15 -19.56
N VAL E 498 1.00 38.24 -19.51
CA VAL E 498 2.40 38.20 -19.91
C VAL E 498 3.22 37.32 -18.97
N ARG E 499 2.80 37.17 -17.72
CA ARG E 499 3.49 36.33 -16.76
C ARG E 499 2.97 34.90 -16.72
N GLY E 500 1.91 34.59 -17.48
CA GLY E 500 1.34 33.27 -17.47
C GLY E 500 0.34 33.00 -16.37
N PHE E 501 -0.07 34.02 -15.62
CA PHE E 501 -1.06 33.81 -14.56
C PHE E 501 -2.40 33.37 -15.12
N VAL E 502 -2.70 33.72 -16.37
CA VAL E 502 -3.89 33.25 -17.05
C VAL E 502 -3.45 32.58 -18.34
N ASP E 503 -4.03 31.40 -18.62
CA ASP E 503 -3.63 30.64 -19.78
C ASP E 503 -3.92 31.35 -21.09
N ASP E 504 -4.93 32.22 -21.11
CA ASP E 504 -5.30 32.89 -22.35
C ASP E 504 -6.37 33.93 -22.06
N ILE E 505 -6.52 34.86 -22.99
CA ILE E 505 -7.62 35.82 -22.98
C ILE E 505 -8.58 35.41 -24.09
N ILE E 506 -9.81 35.10 -23.72
CA ILE E 506 -10.75 34.44 -24.62
C ILE E 506 -11.94 35.35 -24.87
N GLN E 507 -12.53 35.21 -26.05
CA GLN E 507 -13.80 35.86 -26.32
C GLN E 507 -14.89 35.25 -25.44
N PRO E 508 -15.73 36.08 -24.81
CA PRO E 508 -16.77 35.52 -23.95
C PRO E 508 -17.66 34.51 -24.65
N SER E 509 -17.98 34.74 -25.93
CA SER E 509 -18.90 33.86 -26.64
C SER E 509 -18.40 32.43 -26.71
N SER E 510 -17.09 32.20 -26.64
CA SER E 510 -16.54 30.86 -26.71
C SER E 510 -16.45 30.18 -25.35
N THR E 511 -16.76 30.89 -24.27
CA THR E 511 -16.53 30.38 -22.93
C THR E 511 -16.95 28.91 -22.81
N ARG E 512 -18.24 28.63 -23.01
CA ARG E 512 -18.73 27.28 -22.80
C ARG E 512 -17.87 26.27 -23.54
N ALA E 513 -17.64 26.50 -24.83
CA ALA E 513 -16.87 25.52 -25.60
C ALA E 513 -15.54 25.25 -24.90
N ARG E 514 -14.79 26.31 -24.60
CA ARG E 514 -13.50 26.12 -23.95
C ARG E 514 -13.66 25.24 -22.73
N ILE E 515 -14.59 25.60 -21.84
CA ILE E 515 -14.73 24.86 -20.59
C ILE E 515 -14.95 23.40 -20.89
N CYS E 516 -15.88 23.10 -21.80
CA CYS E 516 -16.18 21.71 -22.10
C CYS E 516 -14.90 20.98 -22.49
N CYS E 517 -14.14 21.55 -23.43
CA CYS E 517 -12.91 20.91 -23.87
C CYS E 517 -12.04 20.59 -22.66
N ASP E 518 -11.83 21.57 -21.78
CA ASP E 518 -10.95 21.34 -20.65
C ASP E 518 -11.48 20.20 -19.78
N LEU E 519 -12.78 20.18 -19.53
CA LEU E 519 -13.31 19.13 -18.65
C LEU E 519 -13.09 17.76 -19.24
N ASP E 520 -12.95 17.64 -20.56
CA ASP E 520 -12.64 16.35 -21.14
C ASP E 520 -11.19 15.97 -20.92
N VAL E 521 -10.28 16.94 -20.99
CA VAL E 521 -8.87 16.66 -20.82
C VAL E 521 -8.55 16.33 -19.37
N LEU E 522 -9.15 17.06 -18.44
CA LEU E 522 -8.79 16.97 -17.03
C LEU E 522 -9.51 15.84 -16.30
N ALA E 523 -10.34 15.07 -16.98
CA ALA E 523 -11.06 14.00 -16.31
C ALA E 523 -10.14 12.99 -15.66
N SER E 524 -8.92 12.84 -16.16
CA SER E 524 -7.96 11.88 -15.62
C SER E 524 -6.91 12.52 -14.74
N LYS E 525 -7.17 13.73 -14.25
CA LYS E 525 -6.21 14.41 -13.39
C LYS E 525 -5.94 13.60 -12.13
N LYS E 526 -4.66 13.48 -11.76
CA LYS E 526 -4.27 12.78 -10.50
C LYS E 526 -3.13 13.56 -9.86
N VAL E 527 -3.20 13.83 -8.56
CA VAL E 527 -2.17 14.67 -7.88
C VAL E 527 -1.63 13.94 -6.65
N GLN E 528 -0.34 14.09 -6.36
CA GLN E 528 0.29 13.43 -5.18
C GLN E 528 0.45 14.46 -4.06
N ARG E 529 0.14 14.08 -2.83
CA ARG E 529 0.25 14.93 -1.66
C ARG E 529 0.97 14.20 -0.54
N PRO E 530 1.58 14.94 0.38
CA PRO E 530 2.20 14.28 1.54
C PRO E 530 1.15 13.59 2.40
N TRP E 531 1.57 12.51 3.05
CA TRP E 531 0.66 11.76 3.90
C TRP E 531 0.33 12.54 5.17
N ARG E 532 -0.88 12.34 5.67
CA ARG E 532 -1.29 12.89 6.95
C ARG E 532 -2.59 12.24 7.37
N LYS E 533 -2.86 12.24 8.68
CA LYS E 533 -4.15 11.81 9.15
C LYS E 533 -5.26 12.71 8.62
N HIS E 534 -5.01 14.01 8.65
CA HIS E 534 -5.91 15.01 8.07
C HIS E 534 -5.25 16.36 8.25
N ALA E 535 -5.82 17.38 7.61
CA ALA E 535 -5.33 18.73 7.76
C ALA E 535 -5.97 19.38 8.97
N ASN E 536 -5.59 20.63 9.23
CA ASN E 536 -6.15 21.41 10.32
C ASN E 536 -6.70 22.70 9.73
N ILE E 537 -7.93 22.63 9.23
CA ILE E 537 -8.55 23.79 8.59
C ILE E 537 -8.95 24.79 9.66
N PRO E 538 -8.86 26.09 9.40
CA PRO E 538 -9.37 27.07 10.37
C PRO E 538 -10.86 26.88 10.58
N LEU E 539 -11.30 27.08 11.81
CA LEU E 539 -12.71 26.95 12.14
C LEU E 539 -13.23 28.24 12.78
N ASN F 59 -80.93 -10.35 -7.66
CA ASN F 59 -82.31 -9.86 -7.34
C ASN F 59 -83.18 -11.07 -6.99
N GLU F 60 -82.63 -12.27 -7.10
CA GLU F 60 -83.39 -13.49 -6.70
C GLU F 60 -82.94 -13.88 -5.31
N LYS F 61 -83.87 -13.95 -4.36
CA LYS F 61 -83.53 -14.37 -2.97
C LYS F 61 -83.05 -15.81 -3.01
N THR F 62 -82.04 -16.13 -2.22
CA THR F 62 -81.46 -17.51 -2.21
C THR F 62 -80.96 -17.78 -0.79
N PHE F 63 -80.53 -19.01 -0.50
CA PHE F 63 -79.97 -19.26 0.85
C PHE F 63 -78.82 -18.27 1.06
N ASP F 64 -78.78 -17.62 2.23
CA ASP F 64 -77.71 -16.63 2.55
C ASP F 64 -76.35 -17.32 2.61
N LYS F 65 -76.26 -18.50 3.21
CA LYS F 65 -74.98 -19.23 3.37
C LYS F 65 -75.19 -20.72 3.08
N ILE F 66 -74.23 -21.38 2.43
CA ILE F 66 -74.34 -22.83 2.10
C ILE F 66 -73.09 -23.57 2.58
N LEU F 67 -73.24 -24.79 3.11
CA LEU F 67 -72.06 -25.59 3.50
C LEU F 67 -71.84 -26.64 2.41
N VAL F 68 -70.65 -26.67 1.82
CA VAL F 68 -70.33 -27.68 0.78
C VAL F 68 -69.58 -28.83 1.46
N ALA F 69 -70.22 -29.98 1.57
CA ALA F 69 -69.58 -31.14 2.23
C ALA F 69 -68.82 -31.98 1.21
N ASN F 70 -67.74 -31.46 0.63
CA ASN F 70 -66.94 -32.27 -0.31
C ASN F 70 -65.53 -31.70 -0.43
N ARG F 71 -64.60 -32.45 -1.01
CA ARG F 71 -63.20 -32.01 -1.19
C ARG F 71 -62.87 -32.12 -2.67
N GLY F 72 -61.81 -31.46 -3.13
CA GLY F 72 -61.41 -31.64 -4.53
C GLY F 72 -62.04 -30.64 -5.48
N GLU F 73 -62.08 -30.99 -6.76
CA GLU F 73 -62.58 -30.04 -7.78
C GLU F 73 -64.04 -29.67 -7.54
N ILE F 74 -64.87 -30.62 -7.11
CA ILE F 74 -66.33 -30.34 -7.01
C ILE F 74 -66.55 -29.22 -5.99
N ALA F 75 -65.82 -29.24 -4.89
CA ALA F 75 -66.03 -28.22 -3.84
C ALA F 75 -65.74 -26.85 -4.43
N CYS F 76 -64.65 -26.76 -5.18
CA CYS F 76 -64.26 -25.47 -5.80
C CYS F 76 -65.33 -25.07 -6.81
N ARG F 77 -65.82 -26.04 -7.58
CA ARG F 77 -66.80 -25.72 -8.65
C ARG F 77 -68.05 -25.13 -8.01
N VAL F 78 -68.53 -25.76 -6.94
CA VAL F 78 -69.78 -25.28 -6.28
C VAL F 78 -69.51 -23.89 -5.70
N ILE F 79 -68.35 -23.70 -5.08
CA ILE F 79 -68.07 -22.41 -4.40
C ILE F 79 -68.07 -21.30 -5.45
N ARG F 80 -67.55 -21.58 -6.64
CA ARG F 80 -67.46 -20.52 -7.67
C ARG F 80 -68.89 -20.04 -7.97
N THR F 81 -69.81 -20.99 -8.14
CA THR F 81 -71.21 -20.64 -8.46
C THR F 81 -71.82 -19.85 -7.29
N CYS F 82 -71.56 -20.28 -6.06
CA CYS F 82 -72.20 -19.60 -4.91
C CYS F 82 -71.75 -18.14 -4.87
N LYS F 83 -70.46 -17.90 -5.10
CA LYS F 83 -69.94 -16.51 -5.11
C LYS F 83 -70.61 -15.76 -6.26
N LYS F 84 -70.80 -16.45 -7.38
CA LYS F 84 -71.44 -15.82 -8.55
C LYS F 84 -72.86 -15.39 -8.15
N MET F 85 -73.55 -16.23 -7.38
CA MET F 85 -74.96 -15.94 -7.02
C MET F 85 -75.02 -15.10 -5.74
N GLY F 86 -73.87 -14.84 -5.11
CA GLY F 86 -73.83 -14.01 -3.89
C GLY F 86 -74.02 -14.80 -2.62
N ILE F 87 -74.28 -16.10 -2.73
CA ILE F 87 -74.43 -16.96 -1.53
C ILE F 87 -73.08 -17.05 -0.81
N LYS F 88 -73.07 -16.90 0.51
CA LYS F 88 -71.82 -17.08 1.28
C LYS F 88 -71.51 -18.57 1.35
N THR F 89 -70.24 -18.94 1.57
CA THR F 89 -69.94 -20.40 1.51
C THR F 89 -69.18 -20.86 2.75
N VAL F 90 -69.37 -22.12 3.13
CA VAL F 90 -68.59 -22.72 4.25
C VAL F 90 -68.07 -24.06 3.70
N ALA F 91 -66.88 -24.48 4.12
CA ALA F 91 -66.30 -25.71 3.56
C ALA F 91 -65.83 -26.64 4.68
N ILE F 92 -65.78 -27.93 4.40
CA ILE F 92 -65.34 -28.91 5.43
C ILE F 92 -64.05 -29.57 4.94
N HIS F 93 -63.06 -29.66 5.81
CA HIS F 93 -61.76 -30.22 5.39
C HIS F 93 -61.27 -31.22 6.41
N SER F 94 -60.54 -32.24 5.96
CA SER F 94 -59.92 -33.16 6.94
C SER F 94 -58.70 -32.43 7.50
N ASP F 95 -57.83 -33.14 8.22
CA ASP F 95 -56.61 -32.44 8.69
C ASP F 95 -55.64 -32.18 7.53
N VAL F 96 -55.42 -33.15 6.64
CA VAL F 96 -54.42 -33.01 5.55
C VAL F 96 -54.85 -31.96 4.52
N ASP F 97 -56.13 -31.63 4.42
CA ASP F 97 -56.61 -30.72 3.36
C ASP F 97 -56.78 -29.30 3.90
N ALA F 98 -56.06 -28.95 4.96
CA ALA F 98 -56.27 -27.63 5.61
C ALA F 98 -55.98 -26.46 4.66
N SER F 99 -54.98 -26.59 3.80
CA SER F 99 -54.57 -25.46 2.91
C SER F 99 -55.09 -25.68 1.49
N SER F 100 -56.00 -26.63 1.29
CA SER F 100 -56.46 -26.98 -0.08
C SER F 100 -57.21 -25.81 -0.70
N VAL F 101 -57.32 -25.79 -2.02
CA VAL F 101 -57.91 -24.61 -2.70
C VAL F 101 -59.33 -24.39 -2.18
N HIS F 102 -60.09 -25.46 -1.95
CA HIS F 102 -61.50 -25.23 -1.53
C HIS F 102 -61.51 -24.48 -0.19
N VAL F 103 -60.65 -24.86 0.75
CA VAL F 103 -60.65 -24.20 2.09
C VAL F 103 -60.30 -22.73 1.89
N LYS F 104 -59.30 -22.46 1.06
CA LYS F 104 -58.90 -21.05 0.80
C LYS F 104 -60.04 -20.34 0.09
N MET F 105 -60.69 -21.02 -0.85
CA MET F 105 -61.80 -20.41 -1.63
C MET F 105 -62.99 -20.12 -0.71
N ALA F 106 -63.29 -21.00 0.24
CA ALA F 106 -64.51 -20.81 1.08
C ALA F 106 -64.43 -19.54 1.92
N ASP F 107 -65.56 -18.87 2.13
CA ASP F 107 -65.59 -17.68 3.04
C ASP F 107 -65.24 -18.13 4.46
N GLU F 108 -65.76 -19.28 4.89
CA GLU F 108 -65.40 -19.84 6.23
C GLU F 108 -65.09 -21.32 6.06
N ALA F 109 -64.29 -21.90 6.96
CA ALA F 109 -64.00 -23.35 6.88
C ALA F 109 -64.02 -23.97 8.28
N VAL F 110 -64.38 -25.25 8.40
CA VAL F 110 -64.38 -25.96 9.71
C VAL F 110 -63.69 -27.31 9.52
N CYS F 111 -62.75 -27.69 10.38
CA CYS F 111 -62.20 -29.06 10.34
C CYS F 111 -63.27 -30.04 10.79
N VAL F 112 -63.35 -31.20 10.12
CA VAL F 112 -64.38 -32.21 10.48
C VAL F 112 -63.72 -33.52 10.90
N GLY F 113 -62.39 -33.54 11.05
CA GLY F 113 -61.81 -34.79 11.58
C GLY F 113 -60.49 -35.21 11.00
N PRO F 114 -60.06 -36.46 11.28
CA PRO F 114 -58.77 -36.99 10.81
C PRO F 114 -58.72 -37.25 9.31
N ALA F 115 -57.53 -37.50 8.77
CA ALA F 115 -57.36 -37.65 7.31
C ALA F 115 -58.19 -38.78 6.70
N PRO F 116 -58.31 -40.01 7.26
CA PRO F 116 -59.06 -41.05 6.55
C PRO F 116 -60.50 -40.57 6.26
N THR F 117 -61.02 -40.90 5.07
CA THR F 117 -62.35 -40.38 4.64
C THR F 117 -63.46 -40.85 5.58
N SER F 118 -63.37 -42.09 6.05
CA SER F 118 -64.42 -42.65 6.93
C SER F 118 -64.52 -41.78 8.18
N LYS F 119 -63.38 -41.29 8.68
CA LYS F 119 -63.35 -40.50 9.94
C LYS F 119 -63.58 -39.02 9.65
N SER F 120 -63.76 -38.63 8.39
CA SER F 120 -63.87 -37.17 8.07
C SER F 120 -65.11 -36.88 7.22
N TYR F 121 -65.07 -37.19 5.93
CA TYR F 121 -66.19 -36.85 5.01
C TYR F 121 -67.41 -37.70 5.36
N LEU F 122 -67.19 -38.95 5.73
CA LEU F 122 -68.32 -39.86 6.06
C LEU F 122 -68.70 -39.74 7.55
N ASN F 123 -68.01 -38.88 8.31
CA ASN F 123 -68.43 -38.67 9.72
C ASN F 123 -69.50 -37.59 9.73
N MET F 124 -70.77 -38.00 9.72
CA MET F 124 -71.90 -37.05 9.65
C MET F 124 -71.94 -36.21 10.93
N ASP F 125 -71.64 -36.81 12.07
CA ASP F 125 -71.80 -36.07 13.35
C ASP F 125 -70.95 -34.82 13.33
N ALA F 126 -69.71 -34.95 12.85
CA ALA F 126 -68.79 -33.80 12.84
C ALA F 126 -69.36 -32.72 11.92
N ILE F 127 -69.87 -33.14 10.77
CA ILE F 127 -70.45 -32.18 9.80
C ILE F 127 -71.68 -31.54 10.44
N MET F 128 -72.50 -32.33 11.13
CA MET F 128 -73.75 -31.79 11.70
C MET F 128 -73.42 -30.70 12.70
N GLU F 129 -72.41 -30.94 13.54
CA GLU F 129 -72.02 -29.93 14.55
C GLU F 129 -71.56 -28.68 13.81
N ALA F 130 -70.83 -28.88 12.71
CA ALA F 130 -70.33 -27.75 11.91
C ALA F 130 -71.50 -26.94 11.36
N ILE F 131 -72.53 -27.63 10.86
CA ILE F 131 -73.71 -26.92 10.26
C ILE F 131 -74.36 -26.10 11.36
N LYS F 132 -74.50 -26.69 12.55
CA LYS F 132 -75.13 -25.97 13.69
C LYS F 132 -74.25 -24.76 14.03
N LYS F 133 -72.93 -24.99 14.06
CA LYS F 133 -71.99 -23.90 14.43
C LYS F 133 -72.07 -22.78 13.39
N THR F 134 -72.18 -23.13 12.11
CA THR F 134 -72.15 -22.09 11.05
C THR F 134 -73.55 -21.53 10.77
N ARG F 135 -74.59 -22.10 11.38
CA ARG F 135 -75.97 -21.66 11.06
C ARG F 135 -76.16 -21.83 9.54
N ALA F 136 -75.57 -22.91 8.99
CA ALA F 136 -75.67 -23.18 7.54
C ALA F 136 -77.13 -23.35 7.12
N GLN F 137 -77.61 -22.52 6.19
CA GLN F 137 -79.00 -22.65 5.67
C GLN F 137 -79.16 -23.93 4.84
N ALA F 138 -78.19 -24.27 3.98
CA ALA F 138 -78.35 -25.41 3.05
C ALA F 138 -77.06 -26.21 2.89
N VAL F 139 -77.15 -27.47 2.46
CA VAL F 139 -75.95 -28.32 2.25
C VAL F 139 -75.94 -28.87 0.81
N HIS F 140 -74.83 -28.72 0.09
CA HIS F 140 -74.69 -29.32 -1.26
C HIS F 140 -73.72 -30.49 -1.11
N PRO F 141 -74.10 -31.74 -1.43
CA PRO F 141 -73.23 -32.89 -1.18
C PRO F 141 -72.29 -33.22 -2.35
N GLY F 142 -72.37 -32.48 -3.45
CA GLY F 142 -71.55 -32.80 -4.63
C GLY F 142 -71.81 -34.21 -5.13
N TYR F 143 -70.76 -35.00 -5.32
CA TYR F 143 -70.92 -36.39 -5.79
C TYR F 143 -70.01 -37.30 -4.95
N GLY F 144 -70.42 -38.56 -4.76
CA GLY F 144 -69.65 -39.47 -3.90
C GLY F 144 -69.94 -39.16 -2.45
N PHE F 145 -69.27 -39.84 -1.52
CA PHE F 145 -69.43 -39.49 -0.08
C PHE F 145 -70.90 -39.56 0.33
N LEU F 146 -71.43 -38.47 0.90
CA LEU F 146 -72.82 -38.49 1.43
C LEU F 146 -73.80 -37.78 0.49
N SER F 147 -73.69 -37.95 -0.83
CA SER F 147 -74.71 -37.39 -1.75
C SER F 147 -75.96 -38.27 -1.68
N GLU F 148 -75.78 -39.59 -1.60
CA GLU F 148 -76.93 -40.54 -1.63
C GLU F 148 -77.23 -41.12 -0.24
N ASN F 149 -76.66 -40.59 0.83
CA ASN F 149 -76.89 -41.21 2.17
C ASN F 149 -78.21 -40.68 2.74
N LYS F 150 -79.17 -41.58 2.99
CA LYS F 150 -80.51 -41.15 3.48
C LYS F 150 -80.37 -40.52 4.87
N GLU F 151 -79.52 -41.11 5.72
CA GLU F 151 -79.51 -40.75 7.15
C GLU F 151 -79.15 -39.27 7.28
N PHE F 152 -78.20 -38.82 6.46
CA PHE F 152 -77.74 -37.41 6.53
C PHE F 152 -78.91 -36.47 6.22
N ALA F 153 -79.72 -36.83 5.22
CA ALA F 153 -80.86 -35.98 4.81
C ALA F 153 -81.83 -35.87 5.97
N ARG F 154 -82.04 -36.98 6.69
CA ARG F 154 -82.97 -36.97 7.84
C ARG F 154 -82.46 -36.02 8.90
N CYS F 155 -81.15 -36.06 9.17
CA CYS F 155 -80.56 -35.18 10.20
C CYS F 155 -80.71 -33.73 9.75
N LEU F 156 -80.50 -33.48 8.46
CA LEU F 156 -80.65 -32.11 7.92
C LEU F 156 -82.09 -31.68 8.11
N ALA F 157 -83.03 -32.59 7.81
CA ALA F 157 -84.47 -32.27 7.94
C ALA F 157 -84.78 -31.98 9.40
N ALA F 158 -84.18 -32.75 10.32
CA ALA F 158 -84.43 -32.55 11.76
C ALA F 158 -83.98 -31.14 12.13
N GLU F 159 -82.86 -30.69 11.57
CA GLU F 159 -82.31 -29.36 11.94
C GLU F 159 -82.81 -28.31 10.93
N ASP F 160 -83.77 -28.68 10.08
CA ASP F 160 -84.35 -27.72 9.10
C ASP F 160 -83.27 -27.15 8.18
N VAL F 161 -82.36 -28.02 7.72
CA VAL F 161 -81.32 -27.63 6.72
C VAL F 161 -81.72 -28.21 5.36
N VAL F 162 -81.87 -27.35 4.35
CA VAL F 162 -82.26 -27.81 2.99
C VAL F 162 -81.14 -28.70 2.42
N PHE F 163 -81.50 -29.81 1.78
CA PHE F 163 -80.46 -30.64 1.11
C PHE F 163 -80.60 -30.39 -0.38
N ILE F 164 -79.49 -30.02 -1.04
CA ILE F 164 -79.61 -29.66 -2.49
C ILE F 164 -79.45 -30.96 -3.27
N GLY F 165 -80.56 -31.53 -3.71
CA GLY F 165 -80.54 -32.83 -4.41
C GLY F 165 -81.95 -33.38 -4.48
N PRO F 166 -82.15 -34.65 -4.87
CA PRO F 166 -83.51 -35.23 -4.85
C PRO F 166 -83.94 -35.78 -3.49
N ASP F 167 -85.19 -36.23 -3.35
CA ASP F 167 -85.74 -36.81 -2.10
C ASP F 167 -85.16 -38.21 -1.84
N THR F 168 -85.19 -38.67 -0.59
CA THR F 168 -84.59 -39.98 -0.22
C THR F 168 -85.32 -41.10 -0.97
N HIS F 169 -86.64 -40.99 -1.11
CA HIS F 169 -87.42 -42.06 -1.77
C HIS F 169 -86.95 -42.21 -3.21
N ALA F 170 -86.74 -41.08 -3.89
CA ALA F 170 -86.31 -41.13 -5.31
C ALA F 170 -84.94 -41.79 -5.38
N ILE F 171 -84.05 -41.43 -4.46
CA ILE F 171 -82.69 -42.04 -4.43
C ILE F 171 -82.82 -43.54 -4.12
N GLN F 172 -83.64 -43.89 -3.12
CA GLN F 172 -83.79 -45.31 -2.71
C GLN F 172 -84.43 -46.12 -3.84
N ALA F 173 -85.42 -45.55 -4.53
CA ALA F 173 -86.15 -46.33 -5.55
C ALA F 173 -85.15 -46.77 -6.63
N MET F 174 -84.31 -45.83 -7.07
CA MET F 174 -83.27 -46.17 -8.07
C MET F 174 -82.23 -47.06 -7.41
N GLY F 175 -82.03 -46.92 -6.10
CA GLY F 175 -81.05 -47.73 -5.37
C GLY F 175 -81.39 -49.21 -5.47
N ASP F 176 -82.67 -49.56 -5.42
CA ASP F 176 -83.07 -50.98 -5.61
C ASP F 176 -83.12 -51.30 -7.10
N LYS F 177 -82.33 -52.29 -7.52
CA LYS F 177 -82.31 -52.81 -8.92
C LYS F 177 -83.64 -53.46 -9.29
N ILE F 178 -84.22 -54.25 -8.37
CA ILE F 178 -85.48 -54.97 -8.70
C ILE F 178 -86.63 -53.99 -8.94
N GLU F 179 -86.78 -52.97 -8.10
CA GLU F 179 -87.93 -52.04 -8.22
C GLU F 179 -87.68 -51.10 -9.41
N SER F 180 -86.47 -50.55 -9.48
CA SER F 180 -86.11 -49.66 -10.60
C SER F 180 -86.57 -50.18 -11.96
N LYS F 181 -86.49 -51.49 -12.21
CA LYS F 181 -86.99 -52.10 -13.46
C LYS F 181 -88.51 -52.06 -13.57
N LEU F 182 -89.22 -52.35 -12.48
CA LEU F 182 -90.68 -52.25 -12.46
C LEU F 182 -91.14 -50.81 -12.72
N LEU F 183 -90.45 -49.83 -12.15
CA LEU F 183 -90.70 -48.41 -12.41
C LEU F 183 -90.37 -48.02 -13.85
N ALA F 184 -89.25 -48.50 -14.39
CA ALA F 184 -88.88 -48.29 -15.79
C ALA F 184 -89.94 -48.84 -16.75
N LYS F 185 -90.41 -50.09 -16.53
CA LYS F 185 -91.51 -50.69 -17.30
C LYS F 185 -92.80 -49.90 -17.21
N LYS F 186 -93.18 -49.48 -16.00
CA LYS F 186 -94.39 -48.65 -15.77
C LYS F 186 -94.28 -47.28 -16.44
N ALA F 187 -93.07 -46.74 -16.54
CA ALA F 187 -92.89 -45.45 -17.24
C ALA F 187 -92.79 -45.74 -18.74
N GLU F 188 -92.84 -47.03 -19.10
CA GLU F 188 -92.77 -47.45 -20.53
C GLU F 188 -91.41 -47.08 -21.14
N VAL F 189 -90.36 -47.02 -20.31
CA VAL F 189 -88.98 -46.78 -20.86
C VAL F 189 -88.50 -48.13 -21.41
N ASN F 190 -87.53 -48.13 -22.33
CA ASN F 190 -87.09 -49.40 -22.96
C ASN F 190 -86.83 -50.45 -21.88
N THR F 191 -87.47 -51.62 -22.01
CA THR F 191 -87.43 -52.65 -20.95
C THR F 191 -86.03 -53.23 -20.69
N ILE F 192 -85.75 -53.56 -19.44
CA ILE F 192 -84.46 -54.23 -19.09
C ILE F 192 -84.87 -55.42 -18.19
N PRO F 193 -85.56 -56.47 -18.69
CA PRO F 193 -86.04 -57.56 -17.84
C PRO F 193 -84.99 -58.52 -17.27
N GLY F 194 -85.20 -59.01 -16.05
CA GLY F 194 -84.27 -60.00 -15.46
C GLY F 194 -85.01 -61.31 -15.21
N PHE F 195 -84.43 -62.44 -15.61
CA PHE F 195 -85.16 -63.74 -15.48
C PHE F 195 -84.53 -64.61 -14.39
N ASP F 196 -85.18 -64.69 -13.22
CA ASP F 196 -84.69 -65.54 -12.09
C ASP F 196 -84.80 -67.03 -12.43
N GLY F 197 -85.89 -67.44 -13.09
CA GLY F 197 -86.15 -68.87 -13.38
C GLY F 197 -85.33 -69.43 -14.51
N VAL F 198 -85.43 -70.74 -14.74
CA VAL F 198 -84.64 -71.41 -15.83
C VAL F 198 -85.46 -71.47 -17.13
N VAL F 199 -84.77 -71.51 -18.28
CA VAL F 199 -85.43 -71.55 -19.63
C VAL F 199 -85.68 -73.03 -19.92
N LYS F 200 -86.94 -73.45 -20.10
CA LYS F 200 -87.24 -74.88 -20.28
C LYS F 200 -87.03 -75.39 -21.69
N ASP F 201 -87.47 -74.63 -22.69
CA ASP F 201 -87.45 -75.02 -24.09
C ASP F 201 -87.29 -73.83 -25.03
N ALA F 202 -87.09 -74.12 -26.32
CA ALA F 202 -86.84 -73.11 -27.36
C ALA F 202 -88.01 -72.13 -27.57
N GLU F 203 -89.25 -72.54 -27.34
CA GLU F 203 -90.41 -71.65 -27.51
C GLU F 203 -90.57 -70.72 -26.29
N GLU F 204 -90.31 -71.23 -25.09
CA GLU F 204 -90.18 -70.39 -23.90
C GLU F 204 -89.02 -69.39 -24.05
N ALA F 205 -87.91 -69.81 -24.66
CA ALA F 205 -86.78 -68.93 -24.98
C ALA F 205 -87.20 -67.75 -25.88
N VAL F 206 -87.96 -68.01 -26.95
CA VAL F 206 -88.50 -66.97 -27.85
C VAL F 206 -89.47 -66.05 -27.13
N ARG F 207 -90.37 -66.58 -26.30
CA ARG F 207 -91.30 -65.76 -25.49
C ARG F 207 -90.53 -64.78 -24.61
N ILE F 208 -89.55 -65.28 -23.86
CA ILE F 208 -88.70 -64.49 -22.97
C ILE F 208 -87.88 -63.47 -23.76
N ALA F 209 -87.30 -63.86 -24.90
CA ALA F 209 -86.49 -62.98 -25.74
C ALA F 209 -87.31 -61.78 -26.27
N ARG F 210 -88.56 -62.01 -26.66
CA ARG F 210 -89.50 -60.96 -27.07
C ARG F 210 -89.89 -60.02 -25.92
N GLU F 211 -90.03 -60.55 -24.70
CA GLU F 211 -90.30 -59.73 -23.49
C GLU F 211 -89.11 -58.85 -23.10
N ILE F 212 -87.88 -59.36 -23.21
CA ILE F 212 -86.65 -58.60 -22.92
C ILE F 212 -86.33 -57.59 -24.05
N GLY F 213 -86.58 -57.98 -25.29
CA GLY F 213 -86.24 -57.24 -26.52
C GLY F 213 -84.86 -57.62 -27.07
N TYR F 214 -84.78 -57.81 -28.38
CA TYR F 214 -83.56 -58.17 -29.11
C TYR F 214 -82.53 -57.02 -29.18
N PRO F 215 -81.22 -57.35 -29.30
CA PRO F 215 -80.63 -58.69 -29.20
C PRO F 215 -80.59 -59.22 -27.77
N VAL F 216 -80.63 -60.54 -27.63
CA VAL F 216 -80.50 -61.26 -26.35
C VAL F 216 -79.27 -62.15 -26.34
N MET F 217 -78.77 -62.45 -25.14
CA MET F 217 -77.68 -63.37 -24.88
C MET F 217 -78.22 -64.59 -24.14
N ILE F 218 -78.04 -65.76 -24.72
CA ILE F 218 -78.32 -67.07 -24.14
C ILE F 218 -77.05 -67.55 -23.45
N LYS F 219 -77.13 -67.93 -22.16
CA LYS F 219 -75.97 -68.33 -21.36
C LYS F 219 -76.23 -69.63 -20.59
N ALA F 220 -75.25 -70.51 -20.54
CA ALA F 220 -75.25 -71.65 -19.63
C ALA F 220 -75.20 -71.23 -18.15
N SER F 221 -76.02 -71.87 -17.31
CA SER F 221 -76.06 -71.64 -15.86
C SER F 221 -74.76 -72.08 -15.18
N ALA F 222 -74.17 -73.18 -15.64
CA ALA F 222 -72.87 -73.67 -15.22
C ALA F 222 -71.78 -73.31 -16.23
N GLY F 223 -70.52 -73.34 -15.80
CA GLY F 223 -69.35 -73.09 -16.65
C GLY F 223 -68.92 -71.62 -16.78
N GLY F 224 -67.77 -71.40 -17.43
CA GLY F 224 -67.13 -70.09 -17.59
C GLY F 224 -66.33 -70.00 -18.91
N GLY F 225 -65.79 -68.81 -19.21
CA GLY F 225 -64.97 -68.58 -20.41
C GLY F 225 -65.75 -68.44 -21.73
N GLY F 226 -67.08 -68.37 -21.68
CA GLY F 226 -67.95 -68.15 -22.84
C GLY F 226 -68.39 -69.38 -23.62
N LYS F 227 -68.02 -70.58 -23.15
CA LYS F 227 -68.64 -71.84 -23.60
C LYS F 227 -70.13 -71.84 -23.24
N GLY F 228 -70.98 -72.26 -24.18
CA GLY F 228 -72.44 -72.25 -24.03
C GLY F 228 -73.06 -70.84 -23.97
N MET F 229 -72.41 -69.83 -24.56
CA MET F 229 -72.97 -68.49 -24.74
C MET F 229 -73.22 -68.17 -26.21
N ARG F 230 -74.42 -67.65 -26.55
CA ARG F 230 -74.77 -67.24 -27.91
C ARG F 230 -75.60 -65.96 -27.92
N ILE F 231 -75.33 -65.10 -28.89
CA ILE F 231 -76.14 -63.90 -29.17
C ILE F 231 -77.24 -64.32 -30.16
N ALA F 232 -78.47 -63.88 -29.91
CA ALA F 232 -79.59 -64.03 -30.83
C ALA F 232 -80.20 -62.66 -31.14
N TRP F 233 -80.32 -62.36 -32.43
CA TRP F 233 -80.87 -61.10 -32.96
C TRP F 233 -82.34 -61.18 -33.33
N ASP F 234 -82.88 -62.39 -33.49
CA ASP F 234 -84.28 -62.65 -33.81
C ASP F 234 -84.78 -64.00 -33.24
N ASP F 235 -86.02 -64.33 -33.55
CA ASP F 235 -86.68 -65.55 -33.04
C ASP F 235 -86.02 -66.84 -33.56
N GLU F 236 -85.56 -66.87 -34.81
CA GLU F 236 -84.95 -68.07 -35.40
C GLU F 236 -83.56 -68.32 -34.81
N GLU F 237 -82.75 -67.28 -34.69
CA GLU F 237 -81.47 -67.36 -34.00
C GLU F 237 -81.64 -67.72 -32.52
N THR F 238 -82.76 -67.32 -31.92
CA THR F 238 -83.02 -67.74 -30.51
C THR F 238 -83.26 -69.25 -30.47
N ARG F 239 -84.10 -69.77 -31.38
CA ARG F 239 -84.46 -71.22 -31.34
C ARG F 239 -83.20 -72.08 -31.55
N ASP F 240 -82.34 -71.69 -32.49
CA ASP F 240 -81.08 -72.44 -32.75
C ASP F 240 -80.10 -72.17 -31.60
N GLY F 241 -79.93 -70.91 -31.21
CA GLY F 241 -79.04 -70.55 -30.13
C GLY F 241 -79.33 -71.33 -28.85
N PHE F 242 -80.62 -71.49 -28.47
CA PHE F 242 -81.03 -72.26 -27.30
C PHE F 242 -80.67 -73.75 -27.47
N ARG F 243 -81.05 -74.35 -28.60
CA ARG F 243 -80.78 -75.76 -28.91
C ARG F 243 -79.28 -76.06 -28.87
N LEU F 244 -78.46 -75.25 -29.54
CA LEU F 244 -77.01 -75.43 -29.60
C LEU F 244 -76.35 -75.20 -28.23
N SER F 245 -76.74 -74.14 -27.51
CA SER F 245 -76.15 -73.83 -26.19
C SER F 245 -76.50 -74.89 -25.15
N SER F 246 -77.70 -75.47 -25.19
CA SER F 246 -78.13 -76.54 -24.27
C SER F 246 -77.32 -77.81 -24.51
N GLN F 247 -77.12 -78.20 -25.77
CA GLN F 247 -76.27 -79.34 -26.15
C GLN F 247 -74.80 -79.13 -25.74
N GLU F 248 -74.27 -77.92 -25.96
CA GLU F 248 -72.90 -77.56 -25.57
C GLU F 248 -72.73 -77.56 -24.04
N ALA F 249 -73.70 -77.03 -23.29
CA ALA F 249 -73.68 -77.00 -21.83
C ALA F 249 -73.82 -78.42 -21.22
N ALA F 250 -74.74 -79.23 -21.74
CA ALA F 250 -74.90 -80.62 -21.32
C ALA F 250 -73.62 -81.45 -21.57
N SER F 251 -73.01 -81.31 -22.75
CA SER F 251 -71.78 -82.03 -23.09
C SER F 251 -70.55 -81.53 -22.33
N SER F 252 -70.44 -80.21 -22.07
CA SER F 252 -69.28 -79.61 -21.43
C SER F 252 -69.33 -79.63 -19.90
N PHE F 253 -70.52 -79.52 -19.31
CA PHE F 253 -70.71 -79.28 -17.87
C PHE F 253 -71.65 -80.27 -17.19
N GLY F 254 -72.35 -81.13 -17.95
CA GLY F 254 -73.39 -82.01 -17.39
C GLY F 254 -74.61 -81.26 -16.83
N ASP F 255 -74.78 -79.99 -17.21
CA ASP F 255 -75.87 -79.11 -16.79
C ASP F 255 -76.43 -78.40 -18.02
N ASP F 256 -77.68 -78.68 -18.36
CA ASP F 256 -78.37 -78.17 -19.55
C ASP F 256 -79.17 -76.88 -19.26
N ARG F 257 -79.14 -76.38 -18.02
CA ARG F 257 -79.90 -75.19 -17.61
C ARG F 257 -79.35 -73.94 -18.27
N LEU F 258 -80.22 -73.21 -18.98
CA LEU F 258 -79.89 -71.96 -19.67
C LEU F 258 -80.62 -70.75 -19.07
N LEU F 259 -80.00 -69.59 -19.21
CA LEU F 259 -80.47 -68.27 -18.83
C LEU F 259 -80.53 -67.37 -20.08
N ILE F 260 -81.52 -66.49 -20.17
CA ILE F 260 -81.57 -65.53 -21.31
C ILE F 260 -81.50 -64.09 -20.78
N GLU F 261 -80.55 -63.30 -21.28
CA GLU F 261 -80.39 -61.89 -20.86
C GLU F 261 -80.34 -61.05 -22.13
N LYS F 262 -80.63 -59.74 -22.05
CA LYS F 262 -80.50 -58.88 -23.24
C LYS F 262 -79.02 -58.76 -23.62
N PHE F 263 -78.71 -58.63 -24.92
CA PHE F 263 -77.30 -58.38 -25.35
C PHE F 263 -77.25 -57.02 -26.04
N ILE F 264 -76.10 -56.35 -25.99
CA ILE F 264 -75.94 -55.04 -26.68
C ILE F 264 -74.71 -55.11 -27.59
N ASP F 265 -74.89 -55.03 -28.91
CA ASP F 265 -73.72 -54.97 -29.82
C ASP F 265 -72.99 -53.66 -29.52
N ASN F 266 -71.65 -53.67 -29.58
CA ASN F 266 -70.86 -52.43 -29.35
C ASN F 266 -71.59 -51.64 -28.26
N PRO F 267 -71.63 -52.06 -26.96
CA PRO F 267 -72.47 -51.36 -25.99
C PRO F 267 -71.95 -49.96 -25.66
N ARG F 268 -72.19 -49.01 -26.55
CA ARG F 268 -71.80 -47.60 -26.26
C ARG F 268 -72.59 -47.15 -25.04
N HIS F 269 -71.92 -46.49 -24.09
CA HIS F 269 -72.60 -45.99 -22.88
C HIS F 269 -73.06 -44.57 -23.19
N ILE F 270 -74.36 -44.39 -23.40
CA ILE F 270 -74.90 -43.04 -23.70
C ILE F 270 -75.87 -42.67 -22.59
N GLU F 271 -75.75 -41.47 -22.02
CA GLU F 271 -76.58 -41.10 -20.86
C GLU F 271 -77.25 -39.74 -21.12
N ILE F 272 -78.48 -39.57 -20.65
CA ILE F 272 -79.21 -38.29 -20.85
C ILE F 272 -79.29 -37.57 -19.52
N GLN F 273 -78.81 -36.33 -19.46
CA GLN F 273 -78.93 -35.55 -18.21
C GLN F 273 -80.39 -35.10 -18.08
N VAL F 274 -80.92 -35.07 -16.87
CA VAL F 274 -82.31 -34.57 -16.66
C VAL F 274 -82.30 -33.50 -15.57
N LEU F 275 -83.19 -32.51 -15.67
CA LEU F 275 -83.31 -31.47 -14.61
C LEU F 275 -84.75 -31.50 -14.11
N GLY F 276 -84.95 -31.55 -12.78
CA GLY F 276 -86.31 -31.65 -12.22
C GLY F 276 -86.60 -30.54 -11.21
N ASP F 277 -87.88 -30.22 -11.00
CA ASP F 277 -88.26 -29.15 -10.04
C ASP F 277 -89.38 -29.67 -9.14
N LYS F 278 -89.60 -29.02 -8.00
CA LYS F 278 -90.68 -29.40 -7.07
C LYS F 278 -92.03 -29.27 -7.79
N HIS F 279 -92.17 -28.25 -8.66
CA HIS F 279 -93.43 -27.99 -9.38
C HIS F 279 -93.79 -29.17 -10.29
N GLY F 280 -92.83 -30.05 -10.56
CA GLY F 280 -93.08 -31.24 -11.39
C GLY F 280 -92.67 -31.03 -12.83
N ASN F 281 -92.29 -29.80 -13.19
CA ASN F 281 -91.77 -29.55 -14.56
C ASN F 281 -90.41 -30.26 -14.70
N ALA F 282 -90.10 -30.80 -15.88
CA ALA F 282 -88.77 -31.43 -16.09
C ALA F 282 -88.22 -31.08 -17.48
N LEU F 283 -86.90 -30.93 -17.59
CA LEU F 283 -86.25 -30.64 -18.89
C LEU F 283 -85.17 -31.71 -19.14
N TRP F 284 -85.07 -32.22 -20.37
CA TRP F 284 -84.01 -33.22 -20.70
C TRP F 284 -82.79 -32.48 -21.24
N LEU F 285 -81.60 -32.84 -20.79
CA LEU F 285 -80.42 -32.20 -21.39
C LEU F 285 -79.89 -33.20 -22.43
N ASN F 286 -79.10 -32.74 -23.38
CA ASN F 286 -78.68 -33.60 -24.51
C ASN F 286 -77.81 -34.75 -23.98
N GLU F 287 -77.66 -35.81 -24.75
CA GLU F 287 -76.93 -37.02 -24.29
C GLU F 287 -75.43 -36.79 -24.12
N ARG F 288 -74.75 -37.71 -23.44
CA ARG F 288 -73.27 -37.64 -23.27
C ARG F 288 -72.71 -39.03 -23.54
N GLU F 289 -71.63 -39.12 -24.30
CA GLU F 289 -71.01 -40.43 -24.55
C GLU F 289 -69.86 -40.61 -23.57
N CYS F 290 -69.89 -41.68 -22.77
CA CYS F 290 -68.85 -41.94 -21.76
C CYS F 290 -68.28 -43.33 -22.01
N SER F 291 -68.23 -43.75 -23.28
CA SER F 291 -67.80 -45.13 -23.60
C SER F 291 -66.35 -45.40 -23.15
N ILE F 292 -65.43 -44.44 -23.35
CA ILE F 292 -63.99 -44.74 -23.07
C ILE F 292 -63.82 -44.90 -21.55
N GLN F 293 -63.35 -46.07 -21.11
CA GLN F 293 -63.24 -46.31 -19.65
C GLN F 293 -62.08 -47.27 -19.37
N ARG F 294 -61.48 -47.14 -18.18
CA ARG F 294 -60.38 -48.04 -17.75
C ARG F 294 -60.71 -48.54 -16.34
N ARG F 295 -60.67 -49.85 -16.11
CA ARG F 295 -60.92 -50.40 -14.74
C ARG F 295 -62.30 -49.95 -14.26
N ASN F 296 -63.27 -49.85 -15.17
CA ASN F 296 -64.67 -49.47 -14.82
C ASN F 296 -64.73 -48.00 -14.40
N GLN F 297 -63.65 -47.25 -14.66
CA GLN F 297 -63.64 -45.81 -14.34
C GLN F 297 -63.54 -45.05 -15.66
N LYS F 298 -64.43 -44.10 -15.89
CA LYS F 298 -64.45 -43.38 -17.20
C LYS F 298 -63.23 -42.48 -17.33
N VAL F 299 -62.62 -42.42 -18.52
CA VAL F 299 -61.45 -41.52 -18.76
C VAL F 299 -61.84 -40.35 -19.67
N VAL F 300 -62.46 -40.61 -20.82
CA VAL F 300 -62.81 -39.53 -21.79
C VAL F 300 -64.33 -39.51 -22.00
N GLU F 301 -64.94 -38.32 -21.97
CA GLU F 301 -66.41 -38.19 -22.15
C GLU F 301 -66.66 -37.05 -23.14
N GLU F 302 -67.70 -37.15 -23.96
CA GLU F 302 -67.98 -36.11 -24.98
C GLU F 302 -69.48 -35.84 -25.09
N ALA F 303 -69.86 -34.62 -25.48
CA ALA F 303 -71.29 -34.29 -25.70
C ALA F 303 -71.40 -33.33 -26.88
N PRO F 304 -72.36 -33.48 -27.82
CA PRO F 304 -73.25 -34.65 -27.90
C PRO F 304 -72.55 -35.90 -28.43
N SER F 305 -73.22 -37.06 -28.38
CA SER F 305 -72.63 -38.27 -28.98
C SER F 305 -72.59 -38.13 -30.50
N ILE F 306 -71.58 -38.73 -31.14
CA ILE F 306 -71.47 -38.66 -32.63
C ILE F 306 -72.35 -39.77 -33.21
N PHE F 307 -73.02 -40.54 -32.36
CA PHE F 307 -73.79 -41.67 -32.87
C PHE F 307 -75.28 -41.39 -32.99
N LEU F 308 -75.83 -40.54 -32.11
CA LEU F 308 -77.27 -40.26 -32.06
C LEU F 308 -77.71 -39.21 -33.10
N ASP F 309 -78.72 -39.57 -33.88
CA ASP F 309 -79.49 -38.60 -34.68
C ASP F 309 -80.52 -37.83 -33.83
N ALA F 310 -81.16 -36.84 -34.43
CA ALA F 310 -82.12 -35.98 -33.74
C ALA F 310 -83.37 -36.72 -33.25
N GLU F 311 -83.78 -37.79 -33.95
CA GLU F 311 -84.95 -38.60 -33.61
C GLU F 311 -84.66 -39.46 -32.38
N THR F 312 -83.63 -40.30 -32.46
CA THR F 312 -83.26 -41.18 -31.32
C THR F 312 -82.99 -40.33 -30.07
N ARG F 313 -82.18 -39.28 -30.21
CA ARG F 313 -81.82 -38.42 -29.04
C ARG F 313 -83.09 -37.90 -28.37
N ARG F 314 -84.07 -37.46 -29.16
CA ARG F 314 -85.35 -36.94 -28.60
C ARG F 314 -86.08 -38.08 -27.89
N ALA F 315 -86.23 -39.23 -28.56
CA ALA F 315 -86.88 -40.38 -27.96
C ALA F 315 -86.25 -40.75 -26.60
N MET F 316 -84.91 -40.76 -26.52
CA MET F 316 -84.20 -41.00 -25.26
C MET F 316 -84.49 -39.90 -24.23
N GLY F 317 -84.48 -38.63 -24.64
CA GLY F 317 -84.79 -37.49 -23.77
C GLY F 317 -86.21 -37.53 -23.20
N GLU F 318 -87.19 -37.84 -24.04
CA GLU F 318 -88.60 -37.95 -23.65
C GLU F 318 -88.83 -39.12 -22.68
N GLN F 319 -88.23 -40.28 -22.93
CA GLN F 319 -88.32 -41.43 -22.02
C GLN F 319 -87.61 -41.17 -20.68
N ALA F 320 -86.46 -40.51 -20.69
CA ALA F 320 -85.76 -40.13 -19.45
C ALA F 320 -86.60 -39.16 -18.60
N VAL F 321 -87.27 -38.19 -19.23
CA VAL F 321 -88.20 -37.28 -18.53
C VAL F 321 -89.47 -38.00 -18.08
N ALA F 322 -89.99 -38.95 -18.85
CA ALA F 322 -91.12 -39.76 -18.43
C ALA F 322 -90.82 -40.54 -17.14
N LEU F 323 -89.64 -41.16 -17.06
CA LEU F 323 -89.16 -41.83 -15.84
C LEU F 323 -89.00 -40.85 -14.68
N ALA F 324 -88.33 -39.72 -14.90
CA ALA F 324 -88.16 -38.70 -13.87
C ALA F 324 -89.50 -38.21 -13.31
N ARG F 325 -90.50 -38.00 -14.16
CA ARG F 325 -91.86 -37.63 -13.73
C ARG F 325 -92.57 -38.74 -12.98
N ALA F 326 -92.42 -40.00 -13.41
CA ALA F 326 -93.04 -41.16 -12.76
C ALA F 326 -92.61 -41.31 -11.29
N VAL F 327 -91.36 -40.92 -11.00
CA VAL F 327 -90.82 -41.02 -9.60
C VAL F 327 -90.76 -39.63 -8.96
N LYS F 328 -91.38 -38.62 -9.58
CA LYS F 328 -91.43 -37.25 -8.98
C LYS F 328 -90.04 -36.72 -8.63
N TYR F 329 -89.08 -36.83 -9.56
CA TYR F 329 -87.69 -36.37 -9.34
C TYR F 329 -87.66 -34.83 -9.18
N SER F 330 -86.79 -34.30 -8.31
CA SER F 330 -86.76 -32.84 -8.04
C SER F 330 -85.33 -32.29 -7.96
N SER F 331 -84.52 -32.46 -9.02
CA SER F 331 -83.11 -31.99 -9.09
C SER F 331 -82.46 -32.38 -10.41
N ALA F 332 -81.20 -31.99 -10.63
CA ALA F 332 -80.48 -32.47 -11.83
C ALA F 332 -80.09 -33.93 -11.60
N GLY F 333 -80.22 -34.78 -12.62
CA GLY F 333 -79.87 -36.21 -12.50
C GLY F 333 -79.44 -36.78 -13.83
N THR F 334 -79.16 -38.09 -13.90
CA THR F 334 -78.82 -38.67 -15.20
C THR F 334 -79.44 -40.03 -15.37
N VAL F 335 -80.07 -40.25 -16.52
CA VAL F 335 -80.62 -41.54 -16.93
C VAL F 335 -79.65 -42.18 -17.91
N GLU F 336 -79.05 -43.30 -17.51
CA GLU F 336 -78.02 -44.00 -18.28
C GLU F 336 -78.65 -45.07 -19.18
N PHE F 337 -78.16 -45.18 -20.42
CA PHE F 337 -78.59 -46.19 -21.38
C PHE F 337 -77.41 -46.92 -22.01
N LEU F 338 -77.62 -48.20 -22.32
CA LEU F 338 -76.82 -48.93 -23.29
C LEU F 338 -77.45 -48.78 -24.67
N VAL F 339 -76.66 -48.39 -25.67
CA VAL F 339 -77.11 -48.23 -27.05
C VAL F 339 -76.37 -49.21 -27.96
N ASP F 340 -77.12 -50.03 -28.69
CA ASP F 340 -76.57 -51.01 -29.63
C ASP F 340 -76.23 -50.39 -31.00
N SER F 341 -75.63 -51.19 -31.88
CA SER F 341 -75.24 -50.77 -33.23
C SER F 341 -76.41 -50.40 -34.14
N LYS F 342 -77.64 -50.81 -33.81
CA LYS F 342 -78.88 -50.48 -34.51
C LYS F 342 -79.60 -49.27 -33.90
N LYS F 343 -78.98 -48.59 -32.94
CA LYS F 343 -79.54 -47.46 -32.17
C LYS F 343 -80.73 -47.83 -31.29
N ASN F 344 -80.94 -49.11 -30.99
CA ASN F 344 -81.84 -49.47 -29.90
C ASN F 344 -81.13 -49.11 -28.59
N PHE F 345 -81.87 -48.49 -27.68
CA PHE F 345 -81.34 -48.03 -26.40
C PHE F 345 -82.13 -48.67 -25.26
N TYR F 346 -81.43 -49.01 -24.19
CA TYR F 346 -81.97 -49.75 -23.07
C TYR F 346 -81.51 -49.13 -21.75
N PHE F 347 -82.45 -48.83 -20.86
CA PHE F 347 -82.22 -48.25 -19.55
C PHE F 347 -81.28 -49.14 -18.72
N LEU F 348 -80.23 -48.52 -18.18
CA LEU F 348 -79.27 -49.15 -17.30
C LEU F 348 -79.56 -48.79 -15.85
N GLU F 349 -79.50 -47.49 -15.53
CA GLU F 349 -79.74 -46.95 -14.20
C GLU F 349 -80.05 -45.46 -14.27
N MET F 350 -80.64 -44.91 -13.20
CA MET F 350 -80.88 -43.45 -13.20
C MET F 350 -80.08 -42.82 -12.06
N ASN F 351 -78.94 -42.22 -12.40
CA ASN F 351 -78.11 -41.56 -11.37
C ASN F 351 -78.94 -40.43 -10.75
N THR F 352 -78.87 -40.29 -9.42
CA THR F 352 -79.64 -39.25 -8.70
C THR F 352 -78.68 -38.26 -8.03
N ARG F 353 -77.61 -37.85 -8.71
CA ARG F 353 -76.62 -36.90 -8.14
C ARG F 353 -76.01 -36.09 -9.28
N LEU F 354 -75.45 -34.91 -9.00
CA LEU F 354 -74.73 -34.19 -10.08
C LEU F 354 -73.56 -35.10 -10.46
N GLN F 355 -73.31 -35.31 -11.75
CA GLN F 355 -72.26 -36.30 -12.11
C GLN F 355 -70.93 -35.59 -12.33
N VAL F 356 -69.85 -36.35 -12.44
CA VAL F 356 -68.49 -35.78 -12.66
C VAL F 356 -68.45 -35.19 -14.07
N GLU F 357 -69.13 -35.82 -15.03
CA GLU F 357 -69.03 -35.40 -16.45
C GLU F 357 -70.05 -34.32 -16.78
N HIS F 358 -70.60 -33.66 -15.76
CA HIS F 358 -71.61 -32.60 -15.98
C HIS F 358 -71.11 -31.44 -16.84
N PRO F 359 -69.84 -30.97 -16.79
CA PRO F 359 -69.43 -29.78 -17.55
C PRO F 359 -69.61 -29.88 -19.07
N VAL F 360 -69.40 -31.05 -19.69
CA VAL F 360 -69.52 -31.08 -21.18
C VAL F 360 -70.94 -30.68 -21.55
N THR F 361 -71.94 -31.18 -20.81
CA THR F 361 -73.35 -30.80 -21.05
C THR F 361 -73.48 -29.30 -20.81
N GLU F 362 -72.83 -28.78 -19.77
CA GLU F 362 -73.03 -27.36 -19.44
C GLU F 362 -72.59 -26.53 -20.65
N CYS F 363 -71.48 -26.93 -21.29
CA CYS F 363 -70.95 -26.14 -22.42
C CYS F 363 -71.92 -26.12 -23.61
N ILE F 364 -72.43 -27.28 -24.02
CA ILE F 364 -73.31 -27.28 -25.22
C ILE F 364 -74.62 -26.56 -24.89
N THR F 365 -75.21 -26.84 -23.73
CA THR F 365 -76.49 -26.22 -23.31
C THR F 365 -76.34 -24.73 -22.99
N GLY F 366 -75.22 -24.33 -22.40
CA GLY F 366 -75.07 -22.93 -21.95
C GLY F 366 -75.69 -22.74 -20.58
N LEU F 367 -75.93 -23.82 -19.84
CA LEU F 367 -76.63 -23.72 -18.53
C LEU F 367 -75.70 -24.11 -17.36
N ASP F 368 -75.82 -23.42 -16.22
CA ASP F 368 -75.04 -23.74 -15.01
C ASP F 368 -75.86 -24.71 -14.16
N LEU F 369 -75.47 -25.99 -14.09
CA LEU F 369 -76.31 -27.00 -13.40
C LEU F 369 -76.36 -26.66 -11.91
N VAL F 370 -75.22 -26.24 -11.35
CA VAL F 370 -75.19 -25.95 -9.89
C VAL F 370 -76.15 -24.81 -9.57
N GLN F 371 -76.16 -23.78 -10.41
CA GLN F 371 -77.06 -22.62 -10.16
C GLN F 371 -78.50 -23.14 -10.18
N GLU F 372 -78.80 -23.98 -11.16
CA GLU F 372 -80.19 -24.52 -11.31
C GLU F 372 -80.53 -25.38 -10.08
N MET F 373 -79.58 -26.16 -9.58
CA MET F 373 -79.85 -27.03 -8.42
C MET F 373 -80.20 -26.13 -7.23
N ILE F 374 -79.46 -25.04 -7.04
CA ILE F 374 -79.73 -24.10 -5.92
C ILE F 374 -81.11 -23.45 -6.11
N ARG F 375 -81.43 -23.04 -7.35
CA ARG F 375 -82.72 -22.34 -7.57
C ARG F 375 -83.85 -23.30 -7.24
N VAL F 376 -83.74 -24.55 -7.66
CA VAL F 376 -84.79 -25.58 -7.40
C VAL F 376 -84.90 -25.80 -5.90
N ALA F 377 -83.76 -25.82 -5.20
CA ALA F 377 -83.77 -26.05 -3.73
C ALA F 377 -84.53 -24.92 -3.03
N LYS F 378 -84.35 -23.67 -3.47
CA LYS F 378 -85.10 -22.53 -2.89
C LYS F 378 -86.57 -22.72 -3.24
N GLY F 379 -86.87 -23.49 -4.28
CA GLY F 379 -88.25 -23.72 -4.70
C GLY F 379 -88.63 -22.78 -5.83
N TYR F 380 -87.68 -21.99 -6.30
CA TYR F 380 -87.96 -21.12 -7.48
C TYR F 380 -88.25 -22.01 -8.69
N PRO F 381 -89.27 -21.67 -9.52
CA PRO F 381 -89.63 -22.48 -10.68
C PRO F 381 -88.60 -22.40 -11.82
N LEU F 382 -88.51 -23.45 -12.65
CA LEU F 382 -87.53 -23.47 -13.77
C LEU F 382 -87.84 -22.35 -14.76
N ARG F 383 -86.80 -21.73 -15.32
CA ARG F 383 -86.98 -20.61 -16.31
C ARG F 383 -86.83 -21.14 -17.73
N HIS F 384 -86.76 -22.46 -17.92
CA HIS F 384 -86.50 -22.99 -19.29
C HIS F 384 -87.51 -24.07 -19.68
N LYS F 385 -87.81 -24.19 -20.99
CA LYS F 385 -88.71 -25.25 -21.49
C LYS F 385 -87.89 -26.12 -22.45
N GLN F 386 -88.19 -27.41 -22.57
CA GLN F 386 -87.38 -28.30 -23.42
C GLN F 386 -87.04 -27.61 -24.74
N ALA F 387 -88.02 -26.90 -25.32
CA ALA F 387 -87.78 -26.20 -26.57
C ALA F 387 -86.66 -25.13 -26.51
N ASP F 388 -86.29 -24.67 -25.30
CA ASP F 388 -85.21 -23.70 -25.10
C ASP F 388 -83.84 -24.39 -25.04
N ILE F 389 -83.82 -25.70 -24.77
CA ILE F 389 -82.59 -26.49 -24.64
C ILE F 389 -82.10 -26.90 -26.03
N ARG F 390 -81.04 -26.22 -26.49
CA ARG F 390 -80.38 -26.49 -27.76
C ARG F 390 -79.07 -27.24 -27.56
N ILE F 391 -78.60 -27.89 -28.62
CA ILE F 391 -77.24 -28.41 -28.74
C ILE F 391 -76.43 -27.35 -29.48
N ASN F 392 -75.54 -26.67 -28.78
CA ASN F 392 -74.65 -25.69 -29.38
C ASN F 392 -73.22 -26.24 -29.33
N GLY F 393 -72.61 -26.48 -30.48
CA GLY F 393 -71.24 -26.96 -30.57
C GLY F 393 -71.03 -28.38 -30.03
N TRP F 394 -69.80 -28.68 -29.65
CA TRP F 394 -69.35 -29.98 -29.16
C TRP F 394 -68.37 -29.78 -28.01
N ALA F 395 -68.52 -30.55 -26.95
CA ALA F 395 -67.64 -30.54 -25.80
C ALA F 395 -67.05 -31.92 -25.56
N VAL F 396 -65.78 -31.96 -25.16
CA VAL F 396 -65.06 -33.18 -24.79
C VAL F 396 -64.38 -32.94 -23.45
N GLU F 397 -64.51 -33.88 -22.52
CA GLU F 397 -63.86 -33.88 -21.22
C GLU F 397 -62.89 -35.04 -21.11
N CYS F 398 -61.71 -34.77 -20.54
CA CYS F 398 -60.69 -35.83 -20.33
C CYS F 398 -60.21 -35.74 -18.88
N ARG F 399 -60.76 -36.56 -17.98
CA ARG F 399 -60.38 -36.44 -16.54
C ARG F 399 -58.90 -36.76 -16.40
N VAL F 400 -58.16 -35.93 -15.66
CA VAL F 400 -56.69 -36.11 -15.50
C VAL F 400 -56.45 -36.79 -14.15
N TYR F 401 -55.57 -37.81 -14.13
CA TYR F 401 -55.29 -38.55 -12.89
C TYR F 401 -53.80 -38.60 -12.59
N ALA F 402 -53.51 -38.87 -11.33
CA ALA F 402 -52.10 -39.08 -10.93
C ALA F 402 -51.88 -40.59 -10.96
N GLU F 403 -51.77 -41.17 -12.16
CA GLU F 403 -51.55 -42.62 -12.27
C GLU F 403 -50.52 -42.89 -13.35
N ASP F 404 -49.82 -44.02 -13.27
CA ASP F 404 -48.88 -44.36 -14.36
C ASP F 404 -49.72 -45.03 -15.45
N PRO F 405 -49.85 -44.43 -16.65
CA PRO F 405 -50.60 -45.07 -17.70
C PRO F 405 -49.92 -46.38 -18.11
N TYR F 406 -48.59 -46.42 -18.10
CA TYR F 406 -47.84 -47.63 -18.55
C TYR F 406 -48.11 -48.84 -17.65
N LYS F 407 -48.20 -48.64 -16.33
CA LYS F 407 -48.52 -49.79 -15.44
C LYS F 407 -50.02 -50.09 -15.58
N SER F 408 -50.36 -51.33 -15.98
CA SER F 408 -51.78 -51.67 -16.24
C SER F 408 -52.32 -50.61 -17.20
N PHE F 409 -53.48 -50.04 -16.93
CA PHE F 409 -53.91 -48.88 -17.75
C PHE F 409 -53.80 -47.66 -16.86
N GLY F 410 -53.86 -47.87 -15.54
CA GLY F 410 -53.65 -46.78 -14.57
C GLY F 410 -53.21 -47.35 -13.25
N LEU F 411 -52.27 -46.72 -12.56
CA LEU F 411 -51.86 -47.20 -11.23
C LEU F 411 -51.68 -46.00 -10.30
N PRO F 412 -52.25 -45.95 -9.08
CA PRO F 412 -52.19 -44.76 -8.25
C PRO F 412 -50.76 -44.32 -7.93
N SER F 413 -50.47 -43.02 -8.06
CA SER F 413 -49.10 -42.49 -7.78
C SER F 413 -49.23 -41.33 -6.80
N ILE F 414 -48.27 -41.17 -5.89
CA ILE F 414 -48.45 -40.11 -4.86
C ILE F 414 -47.25 -39.18 -4.83
N GLY F 415 -47.47 -37.93 -4.44
CA GLY F 415 -46.35 -36.99 -4.32
C GLY F 415 -46.79 -35.55 -4.32
N ARG F 416 -45.80 -34.67 -4.20
CA ARG F 416 -46.07 -33.23 -4.13
C ARG F 416 -45.94 -32.64 -5.52
N LEU F 417 -46.93 -31.86 -5.91
CA LEU F 417 -46.86 -31.14 -7.18
C LEU F 417 -45.83 -30.00 -7.08
N SER F 418 -44.58 -30.24 -7.49
CA SER F 418 -43.51 -29.23 -7.42
C SER F 418 -43.75 -28.07 -8.39
N GLN F 419 -44.45 -28.32 -9.49
CA GLN F 419 -44.90 -27.32 -10.44
C GLN F 419 -46.19 -27.80 -11.12
N TYR F 420 -47.14 -26.88 -11.28
CA TYR F 420 -48.44 -27.16 -11.89
C TYR F 420 -48.90 -25.91 -12.65
N GLN F 421 -49.16 -26.04 -13.95
CA GLN F 421 -49.65 -24.95 -14.79
C GLN F 421 -50.70 -25.49 -15.76
N GLU F 422 -51.92 -25.01 -15.59
CA GLU F 422 -53.07 -25.32 -16.43
C GLU F 422 -52.97 -24.57 -17.78
N PRO F 423 -53.38 -25.14 -18.95
CA PRO F 423 -53.33 -24.39 -20.22
C PRO F 423 -54.58 -23.54 -20.52
N LEU F 424 -54.99 -22.68 -19.59
CA LEU F 424 -56.21 -21.85 -19.76
C LEU F 424 -56.05 -20.87 -20.94
N HIS F 425 -54.86 -20.27 -21.10
CA HIS F 425 -54.63 -19.25 -22.17
C HIS F 425 -55.07 -19.76 -23.55
N LEU F 426 -54.96 -21.06 -23.80
CA LEU F 426 -55.31 -21.66 -25.11
C LEU F 426 -56.82 -21.57 -25.37
N PRO F 427 -57.26 -21.45 -26.65
CA PRO F 427 -58.70 -21.27 -26.97
C PRO F 427 -59.66 -22.42 -26.64
N GLY F 428 -60.88 -22.09 -26.25
CA GLY F 428 -61.91 -23.11 -25.96
C GLY F 428 -61.52 -24.06 -24.84
N VAL F 429 -60.83 -23.58 -23.81
CA VAL F 429 -60.35 -24.50 -22.75
C VAL F 429 -60.93 -24.09 -21.39
N ARG F 430 -61.53 -25.06 -20.68
CA ARG F 430 -62.03 -24.78 -19.31
C ARG F 430 -61.46 -25.88 -18.42
N VAL F 431 -60.89 -25.51 -17.27
CA VAL F 431 -60.26 -26.54 -16.41
C VAL F 431 -60.96 -26.57 -15.05
N ASP F 432 -61.47 -27.74 -14.66
CA ASP F 432 -62.09 -27.92 -13.36
C ASP F 432 -61.12 -28.74 -12.49
N SER F 433 -60.40 -28.05 -11.60
CA SER F 433 -59.41 -28.64 -10.68
C SER F 433 -59.67 -28.26 -9.22
N GLY F 434 -59.08 -29.05 -8.32
CA GLY F 434 -59.10 -28.82 -6.86
C GLY F 434 -57.69 -28.82 -6.25
N ILE F 435 -56.70 -28.57 -7.13
CA ILE F 435 -55.27 -28.60 -6.72
C ILE F 435 -54.55 -27.33 -7.16
N GLN F 436 -53.34 -27.10 -6.64
CA GLN F 436 -52.54 -25.87 -6.93
C GLN F 436 -51.07 -26.30 -6.87
N PRO F 437 -50.08 -25.45 -7.17
CA PRO F 437 -48.68 -25.84 -6.98
C PRO F 437 -48.44 -26.11 -5.49
N GLY F 438 -47.75 -27.20 -5.15
CA GLY F 438 -47.51 -27.56 -3.75
C GLY F 438 -48.59 -28.46 -3.19
N SER F 439 -49.60 -28.81 -3.99
CA SER F 439 -50.65 -29.74 -3.52
C SER F 439 -50.06 -31.13 -3.35
N ASP F 440 -50.54 -31.85 -2.33
CA ASP F 440 -50.02 -33.21 -2.08
C ASP F 440 -51.07 -34.24 -2.47
N ILE F 441 -50.92 -34.86 -3.65
CA ILE F 441 -51.81 -35.97 -3.98
C ILE F 441 -51.57 -37.06 -2.95
N SER F 442 -52.55 -37.29 -2.06
CA SER F 442 -52.45 -38.22 -0.94
C SER F 442 -53.00 -39.61 -1.27
N ILE F 443 -52.57 -40.65 -0.53
CA ILE F 443 -53.09 -42.02 -0.64
C ILE F 443 -54.59 -42.19 -0.29
N TYR F 444 -55.16 -41.26 0.49
CA TYR F 444 -56.48 -41.42 1.12
C TYR F 444 -57.68 -41.17 0.20
N TYR F 445 -57.45 -40.48 -0.92
CA TYR F 445 -58.52 -39.98 -1.79
C TYR F 445 -58.26 -40.33 -3.25
N ASP F 446 -59.23 -40.00 -4.09
CA ASP F 446 -59.18 -40.21 -5.53
C ASP F 446 -58.02 -39.43 -6.20
N PRO F 447 -57.32 -39.99 -7.21
CA PRO F 447 -56.15 -39.37 -7.83
C PRO F 447 -56.48 -38.27 -8.84
N MET F 448 -57.75 -37.88 -9.00
CA MET F 448 -58.11 -36.87 -9.99
C MET F 448 -57.46 -35.53 -9.68
N ILE F 449 -56.64 -35.08 -10.62
CA ILE F 449 -55.96 -33.78 -10.63
C ILE F 449 -56.97 -32.72 -11.05
N SER F 450 -57.62 -32.93 -12.20
CA SER F 450 -58.58 -31.99 -12.76
C SER F 450 -59.45 -32.64 -13.82
N LYS F 451 -60.55 -31.99 -14.17
CA LYS F 451 -61.28 -32.23 -15.41
C LYS F 451 -60.82 -31.22 -16.44
N LEU F 452 -60.28 -31.69 -17.55
CA LEU F 452 -59.90 -30.85 -18.69
C LEU F 452 -61.01 -30.92 -19.73
N ILE F 453 -61.64 -29.81 -20.04
CA ILE F 453 -62.75 -29.72 -20.97
C ILE F 453 -62.39 -28.81 -22.12
N THR F 454 -62.72 -29.22 -23.33
CA THR F 454 -62.60 -28.38 -24.53
C THR F 454 -63.89 -28.32 -25.29
N TYR F 455 -64.20 -27.13 -25.78
CA TYR F 455 -65.43 -26.83 -26.51
C TYR F 455 -65.12 -26.31 -27.91
N GLY F 456 -65.89 -26.72 -28.92
CA GLY F 456 -65.77 -26.30 -30.31
C GLY F 456 -67.12 -26.11 -31.01
N SER F 457 -67.13 -25.47 -32.17
CA SER F 457 -68.32 -25.37 -33.03
C SER F 457 -68.74 -26.71 -33.62
N ASP F 458 -67.77 -27.61 -33.76
CA ASP F 458 -68.03 -28.98 -34.29
C ASP F 458 -67.13 -29.96 -33.54
N ARG F 459 -67.28 -31.27 -33.78
CA ARG F 459 -66.49 -32.28 -33.03
C ARG F 459 -65.00 -32.13 -33.33
N THR F 460 -64.63 -31.90 -34.59
CA THR F 460 -63.19 -31.81 -34.97
C THR F 460 -62.51 -30.71 -34.16
N GLU F 461 -63.06 -29.49 -34.20
CA GLU F 461 -62.49 -28.36 -33.48
C GLU F 461 -62.30 -28.68 -31.99
N ALA F 462 -63.29 -29.30 -31.35
CA ALA F 462 -63.20 -29.70 -29.94
C ALA F 462 -62.04 -30.70 -29.70
N LEU F 463 -61.91 -31.73 -30.53
CA LEU F 463 -60.82 -32.72 -30.44
C LEU F 463 -59.45 -32.12 -30.68
N LYS F 464 -59.36 -31.17 -31.61
CA LYS F 464 -58.06 -30.50 -31.92
C LYS F 464 -57.64 -29.62 -30.75
N ARG F 465 -58.55 -28.81 -30.23
CA ARG F 465 -58.24 -27.92 -29.09
C ARG F 465 -57.83 -28.78 -27.90
N MET F 466 -58.46 -29.95 -27.72
CA MET F 466 -58.07 -30.87 -26.63
C MET F 466 -56.63 -31.33 -26.84
N ALA F 467 -56.34 -32.02 -27.94
CA ALA F 467 -54.96 -32.43 -28.21
C ALA F 467 -53.96 -31.30 -27.91
N ASP F 468 -54.24 -30.08 -28.36
CA ASP F 468 -53.41 -28.91 -28.09
C ASP F 468 -53.33 -28.60 -26.58
N ALA F 469 -54.46 -28.71 -25.87
CA ALA F 469 -54.53 -28.49 -24.43
C ALA F 469 -53.72 -29.53 -23.63
N LEU F 470 -53.81 -30.80 -23.99
CA LEU F 470 -53.04 -31.88 -23.37
C LEU F 470 -51.53 -31.70 -23.59
N ASP F 471 -51.10 -31.27 -24.77
CA ASP F 471 -49.69 -30.96 -25.05
C ASP F 471 -49.18 -29.72 -24.26
N ASN F 472 -50.07 -28.79 -23.93
CA ASN F 472 -49.78 -27.57 -23.16
C ASN F 472 -49.97 -27.70 -21.65
N TYR F 473 -50.38 -28.87 -21.15
CA TYR F 473 -50.63 -29.09 -19.74
C TYR F 473 -49.33 -29.47 -19.02
N VAL F 474 -48.91 -28.65 -18.05
CA VAL F 474 -47.71 -28.93 -17.24
C VAL F 474 -48.12 -29.55 -15.90
N ILE F 475 -47.67 -30.78 -15.64
CA ILE F 475 -47.82 -31.46 -14.35
C ILE F 475 -46.47 -32.07 -14.00
N ARG F 476 -45.89 -31.65 -12.85
CA ARG F 476 -44.55 -32.12 -12.37
C ARG F 476 -44.56 -32.56 -10.90
N GLY F 477 -43.93 -33.69 -10.55
CA GLY F 477 -43.84 -34.25 -9.20
C GLY F 477 -44.67 -35.51 -8.99
N VAL F 478 -45.63 -35.79 -9.88
CA VAL F 478 -46.36 -37.05 -9.98
C VAL F 478 -46.37 -37.54 -11.42
N THR F 479 -46.56 -38.84 -11.62
CA THR F 479 -46.89 -39.41 -12.93
C THR F 479 -48.37 -39.16 -13.21
N HIS F 480 -48.73 -39.00 -14.49
CA HIS F 480 -50.09 -38.66 -14.90
C HIS F 480 -50.49 -39.30 -16.23
N ASN F 481 -51.80 -39.40 -16.47
CA ASN F 481 -52.36 -40.10 -17.64
C ASN F 481 -52.49 -39.27 -18.93
N ILE F 482 -51.99 -38.04 -18.99
CA ILE F 482 -52.05 -37.17 -20.19
C ILE F 482 -51.63 -37.90 -21.46
N ALA F 483 -50.57 -38.73 -21.43
CA ALA F 483 -50.12 -39.47 -22.59
C ALA F 483 -51.21 -40.38 -23.17
N LEU F 484 -51.93 -41.10 -22.31
CA LEU F 484 -53.05 -41.96 -22.69
C LEU F 484 -54.21 -41.13 -23.25
N LEU F 485 -54.62 -40.09 -22.52
CA LEU F 485 -55.71 -39.20 -22.94
C LEU F 485 -55.44 -38.62 -24.32
N ARG F 486 -54.22 -38.10 -24.52
CA ARG F 486 -53.79 -37.49 -25.78
C ARG F 486 -53.82 -38.49 -26.92
N GLU F 487 -53.42 -39.74 -26.68
CA GLU F 487 -53.45 -40.80 -27.69
C GLU F 487 -54.88 -41.25 -28.03
N VAL F 488 -55.78 -41.34 -27.05
CA VAL F 488 -57.19 -41.64 -27.28
C VAL F 488 -57.83 -40.58 -28.18
N ILE F 489 -57.62 -39.30 -27.88
CA ILE F 489 -58.23 -38.18 -28.60
C ILE F 489 -57.84 -38.15 -30.08
N ILE F 490 -56.61 -38.53 -30.43
CA ILE F 490 -56.14 -38.56 -31.82
C ILE F 490 -56.33 -39.92 -32.50
N ASN F 491 -56.77 -40.94 -31.77
CA ASN F 491 -56.92 -42.28 -32.33
C ASN F 491 -57.97 -42.29 -33.43
N SER F 492 -57.65 -42.90 -34.58
CA SER F 492 -58.53 -42.91 -35.75
C SER F 492 -59.93 -43.52 -35.47
N ARG F 493 -60.01 -44.50 -34.57
CA ARG F 493 -61.34 -45.06 -34.20
C ARG F 493 -62.12 -43.99 -33.42
N PHE F 494 -61.51 -43.40 -32.39
CA PHE F 494 -62.15 -42.36 -31.59
C PHE F 494 -62.61 -41.17 -32.47
N VAL F 495 -61.76 -40.70 -33.38
CA VAL F 495 -62.07 -39.61 -34.31
C VAL F 495 -63.24 -39.96 -35.24
N LYS F 496 -63.33 -41.23 -35.70
CA LYS F 496 -64.46 -41.72 -36.50
C LYS F 496 -65.71 -42.02 -35.67
N GLY F 497 -65.61 -42.00 -34.35
CA GLY F 497 -66.68 -42.39 -33.44
C GLY F 497 -66.91 -43.89 -33.35
N ASP F 498 -66.00 -44.75 -33.84
CA ASP F 498 -66.03 -46.22 -33.66
C ASP F 498 -65.51 -46.59 -32.27
N ILE F 499 -66.37 -46.43 -31.26
CA ILE F 499 -66.02 -46.59 -29.84
C ILE F 499 -67.06 -47.43 -29.11
N SER F 500 -66.60 -48.12 -28.06
CA SER F 500 -67.41 -48.90 -27.13
C SER F 500 -66.73 -48.87 -25.76
N THR F 501 -67.39 -49.43 -24.75
CA THR F 501 -66.81 -49.64 -23.40
C THR F 501 -65.54 -50.51 -23.38
N LYS F 502 -65.24 -51.25 -24.46
CA LYS F 502 -64.01 -52.05 -24.62
C LYS F 502 -62.90 -51.32 -25.37
N PHE F 503 -63.10 -50.05 -25.73
CA PHE F 503 -62.16 -49.32 -26.60
C PHE F 503 -60.70 -49.42 -26.15
N LEU F 504 -60.41 -49.21 -24.85
CA LEU F 504 -59.03 -49.24 -24.36
C LEU F 504 -58.41 -50.64 -24.45
N SER F 505 -59.15 -51.71 -24.14
CA SER F 505 -58.66 -53.08 -24.27
C SER F 505 -58.48 -53.50 -25.74
N ASP F 506 -59.35 -53.01 -26.64
CA ASP F 506 -59.28 -53.35 -28.07
C ASP F 506 -58.11 -52.63 -28.76
N VAL F 507 -57.88 -51.36 -28.42
CA VAL F 507 -56.86 -50.52 -29.06
C VAL F 507 -55.49 -50.77 -28.46
N TYR F 508 -55.44 -51.21 -27.19
CA TYR F 508 -54.13 -51.49 -26.55
C TYR F 508 -54.15 -52.87 -25.89
N PRO F 509 -54.22 -53.98 -26.65
CA PRO F 509 -54.32 -55.29 -26.03
C PRO F 509 -53.11 -55.62 -25.16
N ASP F 510 -51.91 -55.39 -25.69
CA ASP F 510 -50.66 -55.71 -24.95
C ASP F 510 -50.53 -54.78 -23.74
N GLY F 511 -50.90 -53.51 -23.90
CA GLY F 511 -50.79 -52.52 -22.81
C GLY F 511 -50.57 -51.15 -23.43
N PHE F 512 -50.43 -50.10 -22.60
CA PHE F 512 -50.10 -48.77 -23.18
C PHE F 512 -48.59 -48.67 -23.33
N LYS F 513 -48.09 -48.48 -24.55
CA LYS F 513 -46.65 -48.28 -24.74
C LYS F 513 -46.29 -46.86 -25.10
N GLY F 514 -47.23 -45.92 -24.99
CA GLY F 514 -46.98 -44.56 -25.41
C GLY F 514 -47.07 -44.40 -26.91
N HIS F 515 -47.06 -43.14 -27.34
CA HIS F 515 -47.19 -42.85 -28.76
C HIS F 515 -46.13 -43.59 -29.56
N MET F 516 -46.46 -43.93 -30.80
CA MET F 516 -45.54 -44.61 -31.69
C MET F 516 -45.19 -43.66 -32.83
N LEU F 517 -43.92 -43.31 -32.94
CA LEU F 517 -43.53 -42.25 -33.90
C LEU F 517 -43.44 -42.75 -35.34
N THR F 518 -43.96 -41.96 -36.28
CA THR F 518 -43.81 -42.28 -37.71
C THR F 518 -42.43 -41.77 -38.12
N LYS F 519 -41.88 -42.23 -39.24
CA LYS F 519 -40.51 -41.82 -39.60
C LYS F 519 -40.40 -40.30 -39.51
N SER F 520 -41.39 -39.56 -40.02
CA SER F 520 -41.25 -38.10 -40.01
C SER F 520 -41.26 -37.56 -38.58
N GLU F 521 -42.13 -38.13 -37.74
CA GLU F 521 -42.18 -37.69 -36.34
C GLU F 521 -40.86 -37.97 -35.65
N LYS F 522 -40.25 -39.12 -35.91
CA LYS F 522 -38.96 -39.44 -35.30
C LYS F 522 -37.90 -38.45 -35.74
N ASN F 523 -37.86 -38.11 -37.02
CA ASN F 523 -36.89 -37.14 -37.49
C ASN F 523 -37.11 -35.78 -36.85
N GLN F 524 -38.37 -35.37 -36.72
CA GLN F 524 -38.66 -34.09 -36.07
C GLN F 524 -38.19 -34.09 -34.63
N LEU F 525 -38.46 -35.17 -33.90
CA LEU F 525 -38.04 -35.26 -32.51
C LEU F 525 -36.53 -35.22 -32.39
N LEU F 526 -35.83 -35.95 -33.26
CA LEU F 526 -34.37 -35.95 -33.21
C LEU F 526 -33.82 -34.56 -33.51
N ALA F 527 -34.39 -33.88 -34.51
CA ALA F 527 -33.92 -32.54 -34.83
C ALA F 527 -34.15 -31.59 -33.66
N ILE F 528 -35.32 -31.68 -33.02
CA ILE F 528 -35.61 -30.81 -31.88
C ILE F 528 -34.62 -31.07 -30.75
N ALA F 529 -34.37 -32.34 -30.45
CA ALA F 529 -33.44 -32.67 -29.37
C ALA F 529 -32.05 -32.16 -29.67
N SER F 530 -31.57 -32.35 -30.91
CA SER F 530 -30.25 -31.87 -31.27
C SER F 530 -30.16 -30.36 -31.18
N SER F 531 -31.19 -29.66 -31.65
CA SER F 531 -31.19 -28.20 -31.57
C SER F 531 -31.16 -27.74 -30.12
N LEU F 532 -31.92 -28.41 -29.25
CA LEU F 532 -31.91 -28.03 -27.84
C LEU F 532 -30.54 -28.26 -27.22
N PHE F 533 -29.90 -29.39 -27.54
CA PHE F 533 -28.56 -29.66 -27.03
C PHE F 533 -27.59 -28.58 -27.47
N VAL F 534 -27.62 -28.22 -28.75
CA VAL F 534 -26.70 -27.21 -29.27
C VAL F 534 -26.99 -25.85 -28.64
N ALA F 535 -28.27 -25.54 -28.42
CA ALA F 535 -28.60 -24.26 -27.79
C ALA F 535 -28.07 -24.18 -26.37
N PHE F 536 -28.19 -25.27 -25.61
CA PHE F 536 -27.61 -25.29 -24.27
C PHE F 536 -26.10 -25.11 -24.33
N GLN F 537 -25.44 -25.84 -25.22
CA GLN F 537 -24.00 -25.71 -25.34
C GLN F 537 -23.60 -24.28 -25.68
N LEU F 538 -24.36 -23.63 -26.57
CA LEU F 538 -24.03 -22.27 -26.96
C LEU F 538 -24.25 -21.29 -25.82
N ARG F 539 -25.37 -21.41 -25.11
CA ARG F 539 -25.60 -20.52 -23.98
C ARG F 539 -24.53 -20.70 -22.92
N ALA F 540 -23.94 -21.89 -22.84
CA ALA F 540 -22.89 -22.11 -21.85
C ALA F 540 -21.69 -21.20 -22.07
N GLN F 541 -21.53 -20.61 -23.26
CA GLN F 541 -20.37 -19.81 -23.59
C GLN F 541 -20.59 -18.31 -23.43
N HIS F 542 -21.76 -17.88 -22.95
CA HIS F 542 -22.10 -16.46 -22.91
C HIS F 542 -21.85 -15.92 -21.51
N PHE F 543 -20.58 -15.70 -21.20
CA PHE F 543 -20.20 -15.03 -19.98
C PHE F 543 -20.26 -13.51 -20.17
N GLN F 544 -20.39 -12.79 -19.06
CA GLN F 544 -20.35 -11.35 -19.16
C GLN F 544 -18.90 -10.89 -19.32
N GLU F 545 -18.74 -9.61 -19.65
CA GLU F 545 -17.42 -9.07 -19.93
C GLU F 545 -16.47 -9.27 -18.76
N ASN F 546 -15.26 -9.72 -19.07
CA ASN F 546 -14.18 -9.83 -18.08
C ASN F 546 -12.96 -9.12 -18.66
N SER F 547 -12.69 -7.92 -18.16
CA SER F 547 -11.63 -7.11 -18.73
C SER F 547 -10.27 -7.79 -18.58
N ARG F 548 -10.02 -8.43 -17.43
CA ARG F 548 -8.72 -9.04 -17.21
C ARG F 548 -8.43 -10.15 -18.22
N MET F 549 -9.42 -10.99 -18.50
CA MET F 549 -9.27 -12.07 -19.48
C MET F 549 -10.47 -12.09 -20.41
N PRO F 550 -10.38 -11.47 -21.57
CA PRO F 550 -11.43 -11.60 -22.57
C PRO F 550 -11.61 -13.05 -22.99
N VAL F 551 -12.87 -13.43 -23.24
CA VAL F 551 -13.20 -14.79 -23.65
C VAL F 551 -13.02 -14.92 -25.15
N ILE F 552 -12.58 -16.09 -25.60
CA ILE F 552 -12.40 -16.40 -27.01
C ILE F 552 -13.50 -17.38 -27.40
N LYS F 553 -14.39 -16.94 -28.28
CA LYS F 553 -15.53 -17.76 -28.64
C LYS F 553 -15.07 -19.02 -29.37
N PRO F 554 -15.50 -20.20 -28.94
CA PRO F 554 -15.20 -21.42 -29.70
C PRO F 554 -15.91 -21.37 -31.06
N ASP F 555 -15.13 -21.26 -32.12
CA ASP F 555 -15.66 -21.11 -33.47
C ASP F 555 -15.96 -22.50 -34.03
N ILE F 556 -17.24 -22.88 -33.97
CA ILE F 556 -17.71 -24.15 -34.51
C ILE F 556 -18.79 -23.87 -35.54
N ALA F 557 -18.66 -24.47 -36.71
CA ALA F 557 -19.63 -24.31 -37.77
C ALA F 557 -20.64 -25.45 -37.82
N ASN F 558 -20.21 -26.68 -37.54
CA ASN F 558 -21.09 -27.84 -37.55
C ASN F 558 -20.86 -28.66 -36.30
N TRP F 559 -21.95 -29.14 -35.71
CA TRP F 559 -21.90 -30.05 -34.58
C TRP F 559 -22.28 -31.45 -35.07
N GLU F 560 -21.35 -32.39 -34.93
CA GLU F 560 -21.59 -33.78 -35.31
C GLU F 560 -21.93 -34.54 -34.03
N LEU F 561 -23.14 -35.09 -33.98
CA LEU F 561 -23.66 -35.73 -32.78
C LEU F 561 -24.11 -37.14 -33.08
N SER F 562 -23.89 -38.02 -32.11
CA SER F 562 -24.51 -39.34 -32.08
C SER F 562 -25.67 -39.28 -31.09
N VAL F 563 -26.87 -39.54 -31.57
CA VAL F 563 -28.08 -39.47 -30.75
C VAL F 563 -28.66 -40.86 -30.63
N LYS F 564 -28.83 -41.34 -29.40
CA LYS F 564 -29.44 -42.67 -29.20
C LYS F 564 -30.88 -42.50 -28.73
N LEU F 565 -31.86 -42.93 -29.53
CA LEU F 565 -33.29 -42.78 -29.16
C LEU F 565 -33.83 -44.05 -28.52
N HIS F 566 -33.96 -45.14 -29.26
CA HIS F 566 -34.56 -46.36 -28.68
C HIS F 566 -33.66 -47.53 -29.05
N ASP F 567 -32.44 -47.56 -28.51
CA ASP F 567 -31.45 -48.62 -28.83
C ASP F 567 -30.95 -48.43 -30.27
N LYS F 568 -31.21 -47.27 -30.86
CA LYS F 568 -30.68 -46.99 -32.22
C LYS F 568 -29.84 -45.71 -32.15
N VAL F 569 -28.74 -45.67 -32.90
CA VAL F 569 -27.82 -44.54 -32.87
C VAL F 569 -27.91 -43.83 -34.21
N HIS F 570 -28.24 -42.55 -34.17
CA HIS F 570 -28.44 -41.75 -35.37
C HIS F 570 -27.35 -40.70 -35.46
N THR F 571 -26.80 -40.54 -36.66
CA THR F 571 -25.82 -39.50 -36.92
C THR F 571 -26.54 -38.21 -37.29
N VAL F 572 -26.20 -37.13 -36.59
CA VAL F 572 -26.84 -35.83 -36.78
C VAL F 572 -25.77 -34.78 -37.01
N VAL F 573 -26.03 -33.89 -37.96
CA VAL F 573 -25.17 -32.74 -38.21
C VAL F 573 -26.01 -31.49 -38.06
N ALA F 574 -25.69 -30.66 -37.06
CA ALA F 574 -26.50 -29.50 -36.73
C ALA F 574 -25.67 -28.23 -36.89
N SER F 575 -26.25 -27.25 -37.59
CA SER F 575 -25.68 -25.92 -37.69
C SER F 575 -26.76 -24.92 -37.33
N ASN F 576 -26.35 -23.69 -36.99
CA ASN F 576 -27.31 -22.66 -36.66
C ASN F 576 -26.95 -21.34 -37.32
N ASN F 577 -27.98 -20.52 -37.52
CA ASN F 577 -27.83 -19.14 -37.96
C ASN F 577 -28.91 -18.37 -37.23
N GLY F 578 -28.51 -17.47 -36.34
CA GLY F 578 -29.50 -16.78 -35.53
C GLY F 578 -30.30 -17.79 -34.73
N SER F 579 -31.62 -17.78 -34.93
CA SER F 579 -32.52 -18.67 -34.23
C SER F 579 -32.94 -19.87 -35.07
N VAL F 580 -32.32 -20.08 -36.23
CA VAL F 580 -32.70 -21.14 -37.15
C VAL F 580 -31.63 -22.22 -37.13
N PHE F 581 -32.03 -23.44 -36.82
CA PHE F 581 -31.13 -24.58 -36.77
C PHE F 581 -31.41 -25.50 -37.95
N SER F 582 -30.39 -25.75 -38.75
CA SER F 582 -30.45 -26.72 -39.84
C SER F 582 -29.86 -28.03 -39.35
N VAL F 583 -30.67 -29.08 -39.38
CA VAL F 583 -30.27 -30.38 -38.83
C VAL F 583 -30.40 -31.42 -39.93
N GLU F 584 -29.32 -32.14 -40.17
CA GLU F 584 -29.32 -33.30 -41.07
C GLU F 584 -29.32 -34.54 -40.20
N VAL F 585 -30.39 -35.32 -40.30
CA VAL F 585 -30.57 -36.55 -39.52
C VAL F 585 -30.58 -37.71 -40.51
N ASP F 586 -29.53 -38.53 -40.47
CA ASP F 586 -29.41 -39.70 -41.33
C ASP F 586 -29.64 -39.36 -42.80
N GLY F 587 -29.34 -38.13 -43.20
CA GLY F 587 -29.49 -37.70 -44.57
C GLY F 587 -30.74 -36.93 -44.89
N SER F 588 -31.54 -36.57 -43.90
CA SER F 588 -32.75 -35.79 -44.10
C SER F 588 -32.57 -34.41 -43.48
N LYS F 589 -32.89 -33.37 -44.24
CA LYS F 589 -32.65 -31.99 -43.82
C LYS F 589 -33.92 -31.40 -43.23
N LEU F 590 -33.79 -30.78 -42.05
CA LEU F 590 -34.90 -30.13 -41.37
C LEU F 590 -34.45 -28.79 -40.83
N ASN F 591 -35.40 -27.88 -40.67
CA ASN F 591 -35.15 -26.57 -40.09
C ASN F 591 -36.02 -26.39 -38.86
N VAL F 592 -35.41 -25.93 -37.77
CA VAL F 592 -36.09 -25.71 -36.50
C VAL F 592 -35.92 -24.26 -36.11
N THR F 593 -37.02 -23.59 -35.80
CA THR F 593 -37.01 -22.20 -35.41
C THR F 593 -37.71 -22.04 -34.07
N SER F 594 -37.21 -21.14 -33.23
CA SER F 594 -37.81 -20.89 -31.93
C SER F 594 -37.05 -19.76 -31.25
N THR F 595 -37.65 -19.25 -30.18
CA THR F 595 -36.96 -18.27 -29.34
C THR F 595 -35.88 -18.91 -28.48
N TRP F 596 -35.95 -20.23 -28.29
CA TRP F 596 -34.94 -20.97 -27.54
C TRP F 596 -34.79 -20.43 -26.11
N ASN F 597 -35.92 -20.10 -25.49
CA ASN F 597 -35.93 -19.78 -24.07
C ASN F 597 -35.76 -21.07 -23.29
N LEU F 598 -34.59 -21.26 -22.70
CA LEU F 598 -34.23 -22.52 -22.06
C LEU F 598 -34.76 -22.65 -20.64
N ALA F 599 -35.45 -21.64 -20.13
CA ALA F 599 -35.98 -21.68 -18.76
C ALA F 599 -37.46 -21.98 -18.70
N SER F 600 -38.23 -21.53 -19.69
CA SER F 600 -39.67 -21.74 -19.65
C SER F 600 -40.00 -23.22 -19.70
N PRO F 601 -40.99 -23.68 -18.92
CA PRO F 601 -41.34 -25.11 -18.96
C PRO F 601 -41.80 -25.59 -20.31
N LEU F 602 -42.48 -24.74 -21.09
CA LEU F 602 -42.98 -25.11 -22.41
C LEU F 602 -42.17 -24.39 -23.47
N LEU F 603 -41.70 -25.15 -24.46
CA LEU F 603 -40.95 -24.59 -25.58
C LEU F 603 -41.73 -24.78 -26.87
N SER F 604 -41.97 -23.69 -27.58
CA SER F 604 -42.67 -23.73 -28.86
C SER F 604 -41.66 -23.62 -29.98
N VAL F 605 -41.69 -24.58 -30.91
CA VAL F 605 -40.75 -24.63 -32.01
C VAL F 605 -41.52 -24.84 -33.30
N SER F 606 -40.86 -24.53 -34.42
CA SER F 606 -41.41 -24.73 -35.76
C SER F 606 -40.40 -25.55 -36.55
N VAL F 607 -40.77 -26.77 -36.89
CA VAL F 607 -39.93 -27.67 -37.68
C VAL F 607 -40.53 -27.74 -39.07
N ASP F 608 -39.83 -27.16 -40.05
CA ASP F 608 -40.30 -27.14 -41.43
C ASP F 608 -41.72 -26.60 -41.52
N GLY F 609 -41.98 -25.55 -40.74
CA GLY F 609 -43.28 -24.90 -40.74
C GLY F 609 -44.32 -25.57 -39.87
N THR F 610 -44.07 -26.79 -39.39
CA THR F 610 -45.01 -27.48 -38.51
C THR F 610 -44.74 -27.05 -37.07
N GLN F 611 -45.79 -26.56 -36.40
CA GLN F 611 -45.63 -26.06 -35.05
C GLN F 611 -45.68 -27.22 -34.05
N ARG F 612 -44.76 -27.22 -33.09
CA ARG F 612 -44.69 -28.23 -32.05
C ARG F 612 -44.48 -27.56 -30.70
N THR F 613 -45.05 -28.17 -29.67
CA THR F 613 -44.83 -27.75 -28.29
C THR F 613 -44.17 -28.91 -27.56
N VAL F 614 -43.00 -28.65 -26.99
CA VAL F 614 -42.18 -29.68 -26.38
C VAL F 614 -41.81 -29.25 -24.98
N GLN F 615 -41.57 -30.23 -24.11
CA GLN F 615 -41.12 -29.96 -22.75
C GLN F 615 -39.81 -30.65 -22.49
N CYS F 616 -38.89 -29.98 -21.80
CA CYS F 616 -37.61 -30.57 -21.41
C CYS F 616 -37.70 -30.92 -19.94
N LEU F 617 -38.00 -32.19 -19.65
CA LEU F 617 -38.24 -32.61 -18.28
C LEU F 617 -36.95 -32.69 -17.46
N SER F 618 -35.84 -33.01 -18.10
CA SER F 618 -34.56 -33.11 -17.39
C SER F 618 -33.45 -33.32 -18.40
N ARG F 619 -32.24 -32.97 -17.98
CA ARG F 619 -31.05 -33.18 -18.79
C ARG F 619 -29.85 -33.30 -17.87
N GLU F 620 -28.79 -33.91 -18.39
CA GLU F 620 -27.58 -34.14 -17.61
C GLU F 620 -26.35 -33.82 -18.45
N ALA F 621 -25.26 -33.50 -17.76
CA ALA F 621 -24.01 -33.24 -18.45
C ALA F 621 -23.55 -34.45 -19.24
N GLY F 622 -23.91 -35.66 -18.78
CA GLY F 622 -23.52 -36.86 -19.50
C GLY F 622 -24.10 -36.93 -20.90
N GLY F 623 -25.32 -36.43 -21.09
CA GLY F 623 -25.93 -36.44 -22.40
C GLY F 623 -27.37 -36.92 -22.38
N ASN F 624 -27.82 -37.45 -21.26
CA ASN F 624 -29.19 -37.91 -21.15
C ASN F 624 -30.16 -36.73 -21.17
N MET F 625 -31.32 -36.94 -21.78
CA MET F 625 -32.32 -35.90 -21.88
C MET F 625 -33.70 -36.53 -21.98
N SER F 626 -34.64 -36.03 -21.19
CA SER F 626 -36.03 -36.47 -21.23
C SER F 626 -36.86 -35.37 -21.88
N ILE F 627 -37.55 -35.72 -22.97
CA ILE F 627 -38.29 -34.75 -23.75
C ILE F 627 -39.73 -35.22 -23.87
N GLN F 628 -40.67 -34.37 -23.47
CA GLN F 628 -42.09 -34.60 -23.72
C GLN F 628 -42.43 -34.04 -25.09
N PHE F 629 -42.79 -34.95 -26.00
CA PHE F 629 -43.12 -34.65 -27.39
C PHE F 629 -44.39 -35.41 -27.72
N LEU F 630 -45.38 -34.70 -28.28
CA LEU F 630 -46.66 -35.31 -28.61
C LEU F 630 -47.25 -36.06 -27.43
N GLY F 631 -47.02 -35.54 -26.23
CA GLY F 631 -47.58 -36.09 -25.02
C GLY F 631 -46.82 -37.27 -24.43
N THR F 632 -45.78 -37.75 -25.10
CA THR F 632 -45.00 -38.88 -24.61
C THR F 632 -43.59 -38.44 -24.25
N VAL F 633 -43.05 -39.06 -23.20
CA VAL F 633 -41.73 -38.72 -22.67
C VAL F 633 -40.74 -39.70 -23.25
N TYR F 634 -39.81 -39.20 -24.06
CA TYR F 634 -38.76 -40.00 -24.67
C TYR F 634 -37.42 -39.68 -24.02
N LYS F 635 -36.63 -40.72 -23.79
CA LYS F 635 -35.29 -40.58 -23.23
C LYS F 635 -34.29 -40.73 -24.36
N VAL F 636 -33.53 -39.67 -24.63
CA VAL F 636 -32.51 -39.69 -25.66
C VAL F 636 -31.15 -39.49 -24.98
N ASN F 637 -30.10 -39.97 -25.63
CA ASN F 637 -28.74 -39.75 -25.16
C ASN F 637 -27.93 -39.12 -26.28
N ILE F 638 -27.42 -37.91 -26.04
CA ILE F 638 -26.73 -37.15 -27.07
C ILE F 638 -25.25 -37.06 -26.69
N LEU F 639 -24.39 -37.44 -27.63
CA LEU F 639 -22.95 -37.32 -27.44
C LEU F 639 -22.36 -36.65 -28.68
N THR F 640 -21.19 -36.03 -28.51
CA THR F 640 -20.46 -35.58 -29.68
C THR F 640 -19.87 -36.78 -30.41
N ARG F 641 -19.51 -36.58 -31.67
CA ARG F 641 -18.99 -37.68 -32.47
C ARG F 641 -17.74 -38.27 -31.83
N LEU F 642 -16.81 -37.41 -31.42
CA LEU F 642 -15.59 -37.89 -30.77
C LEU F 642 -15.90 -38.59 -29.46
N ALA F 643 -16.81 -38.02 -28.66
CA ALA F 643 -17.20 -38.66 -27.41
C ALA F 643 -17.85 -40.00 -27.67
N ALA F 644 -18.70 -40.08 -28.68
CA ALA F 644 -19.33 -41.35 -29.03
C ALA F 644 -18.28 -42.39 -29.42
N GLU F 645 -17.30 -41.98 -30.23
CA GLU F 645 -16.25 -42.91 -30.62
C GLU F 645 -15.46 -43.40 -29.41
N LEU F 646 -15.07 -42.49 -28.53
CA LEU F 646 -14.31 -42.89 -27.35
C LEU F 646 -15.13 -43.72 -26.38
N ASN F 647 -16.46 -43.58 -26.39
CA ASN F 647 -17.30 -44.34 -25.48
C ASN F 647 -17.23 -45.84 -25.74
N LYS F 648 -16.77 -46.24 -26.93
CA LYS F 648 -16.71 -47.66 -27.24
C LYS F 648 -15.74 -48.44 -26.35
N PHE F 649 -14.79 -47.76 -25.74
CA PHE F 649 -13.83 -48.41 -24.86
C PHE F 649 -14.30 -48.53 -23.43
N MET F 650 -15.48 -47.98 -23.11
CA MET F 650 -16.00 -48.05 -21.75
C MET F 650 -16.65 -49.40 -21.50
N LEU F 651 -16.38 -49.96 -20.33
CA LEU F 651 -16.90 -51.27 -19.96
C LEU F 651 -18.32 -51.14 -19.42
N GLU F 652 -19.20 -52.03 -19.88
CA GLU F 652 -20.55 -52.07 -19.35
C GLU F 652 -20.52 -52.51 -17.90
N LYS F 653 -21.21 -51.77 -17.03
CA LYS F 653 -21.18 -52.04 -15.60
C LYS F 653 -22.23 -53.07 -15.22
N VAL F 654 -22.06 -53.65 -14.03
CA VAL F 654 -22.97 -54.69 -13.57
C VAL F 654 -24.39 -54.16 -13.48
N THR F 655 -24.55 -53.00 -12.85
CA THR F 655 -25.82 -52.28 -12.72
C THR F 655 -26.79 -52.99 -11.77
N GLU F 656 -26.39 -54.06 -11.11
CA GLU F 656 -27.30 -54.80 -10.24
C GLU F 656 -27.55 -54.03 -8.95
N ASP F 657 -28.76 -53.49 -8.80
CA ASP F 657 -29.16 -52.78 -7.59
C ASP F 657 -30.67 -53.01 -7.37
N THR F 658 -30.98 -54.02 -6.56
CA THR F 658 -32.37 -54.37 -6.32
C THR F 658 -33.00 -53.41 -5.32
N SER F 659 -34.09 -52.77 -5.74
CA SER F 659 -34.85 -51.88 -4.87
C SER F 659 -36.01 -52.59 -4.19
N SER F 660 -36.19 -53.89 -4.43
CA SER F 660 -37.31 -54.61 -3.82
C SER F 660 -37.20 -54.62 -2.30
N VAL F 661 -35.99 -54.83 -1.78
CA VAL F 661 -35.79 -54.90 -0.34
C VAL F 661 -35.72 -53.50 0.24
N LEU F 662 -36.47 -53.26 1.30
CA LEU F 662 -36.48 -51.98 2.00
C LEU F 662 -35.92 -52.19 3.40
N ARG F 663 -34.88 -51.42 3.74
CA ARG F 663 -34.14 -51.56 4.98
C ARG F 663 -34.14 -50.26 5.76
N SER F 664 -33.80 -50.37 7.04
CA SER F 664 -33.79 -49.20 7.91
C SER F 664 -32.58 -48.32 7.62
N PRO F 665 -32.78 -47.02 7.38
CA PRO F 665 -31.60 -46.16 7.13
C PRO F 665 -30.84 -45.77 8.39
N MET F 666 -31.53 -45.55 9.50
CA MET F 666 -30.90 -45.08 10.72
C MET F 666 -31.49 -45.82 11.92
N PRO F 667 -30.76 -45.88 13.03
CA PRO F 667 -31.31 -46.51 14.24
C PRO F 667 -32.53 -45.74 14.74
N GLY F 668 -33.47 -46.48 15.32
CA GLY F 668 -34.68 -45.88 15.84
C GLY F 668 -35.65 -46.94 16.29
N VAL F 669 -36.87 -46.50 16.56
CA VAL F 669 -37.95 -47.39 17.00
C VAL F 669 -39.08 -47.30 15.99
N VAL F 670 -39.59 -48.46 15.57
CA VAL F 670 -40.65 -48.52 14.57
C VAL F 670 -41.95 -48.07 15.23
N VAL F 671 -42.42 -46.87 14.85
CA VAL F 671 -43.67 -46.36 15.40
C VAL F 671 -44.85 -47.17 14.89
N ALA F 672 -44.88 -47.44 13.58
CA ALA F 672 -45.99 -48.18 13.00
C ALA F 672 -45.55 -48.76 11.67
N VAL F 673 -46.28 -49.79 11.23
CA VAL F 673 -46.08 -50.43 9.93
C VAL F 673 -47.40 -50.36 9.18
N SER F 674 -47.37 -49.78 7.97
CA SER F 674 -48.58 -49.55 7.21
C SER F 674 -48.86 -50.62 6.17
N VAL F 675 -48.04 -51.66 6.07
CA VAL F 675 -48.22 -52.70 5.07
C VAL F 675 -48.14 -54.07 5.73
N LYS F 676 -48.80 -55.04 5.12
CA LYS F 676 -48.78 -56.43 5.52
C LYS F 676 -48.53 -57.29 4.29
N PRO F 677 -48.07 -58.53 4.47
CA PRO F 677 -47.80 -59.38 3.31
C PRO F 677 -49.03 -59.51 2.43
N GLY F 678 -48.81 -59.42 1.11
CA GLY F 678 -49.88 -59.48 0.15
C GLY F 678 -50.53 -58.15 -0.17
N ASP F 679 -50.16 -57.09 0.53
CA ASP F 679 -50.73 -55.77 0.26
C ASP F 679 -50.04 -55.13 -0.95
N ALA F 680 -50.77 -54.24 -1.60
CA ALA F 680 -50.28 -53.53 -2.77
C ALA F 680 -49.72 -52.17 -2.34
N VAL F 681 -48.50 -51.88 -2.76
CA VAL F 681 -47.81 -50.64 -2.40
C VAL F 681 -47.41 -49.94 -3.68
N ALA F 682 -47.80 -48.67 -3.82
CA ALA F 682 -47.37 -47.86 -4.94
C ALA F 682 -46.02 -47.20 -4.62
N GLU F 683 -45.27 -46.90 -5.67
CA GLU F 683 -43.99 -46.24 -5.50
C GLU F 683 -44.17 -44.92 -4.76
N GLY F 684 -43.31 -44.68 -3.77
CA GLY F 684 -43.44 -43.52 -2.93
C GLY F 684 -44.45 -43.65 -1.81
N GLN F 685 -45.06 -44.81 -1.63
CA GLN F 685 -46.03 -45.04 -0.57
C GLN F 685 -45.31 -45.49 0.69
N GLU F 686 -45.71 -44.92 1.82
CA GLU F 686 -45.07 -45.25 3.08
C GLU F 686 -45.27 -46.72 3.44
N ILE F 687 -44.19 -47.36 3.85
CA ILE F 687 -44.24 -48.74 4.33
C ILE F 687 -44.20 -48.81 5.86
N CYS F 688 -43.36 -47.99 6.47
CA CYS F 688 -43.26 -47.93 7.93
C CYS F 688 -42.69 -46.57 8.32
N VAL F 689 -42.84 -46.24 9.59
CA VAL F 689 -42.34 -45.00 10.15
C VAL F 689 -41.38 -45.34 11.29
N ILE F 690 -40.21 -44.70 11.28
CA ILE F 690 -39.19 -44.94 12.29
C ILE F 690 -38.93 -43.63 13.02
N GLU F 691 -38.93 -43.68 14.36
CA GLU F 691 -38.73 -42.52 15.21
C GLU F 691 -37.32 -42.54 15.77
N ALA F 692 -36.64 -41.39 15.72
CA ALA F 692 -35.33 -41.21 16.31
C ALA F 692 -35.13 -39.73 16.60
N MET F 693 -34.88 -39.41 17.87
CA MET F 693 -34.74 -38.02 18.29
C MET F 693 -36.02 -37.23 18.04
N LYS F 694 -37.15 -38.02 18.16
CA LYS F 694 -38.50 -37.47 17.96
C LYS F 694 -38.57 -36.64 16.67
N MET F 695 -38.38 -37.33 15.42
CA MET F 695 -38.48 -36.77 14.08
C MET F 695 -39.40 -37.57 13.16
N GLN F 696 -39.94 -38.69 13.62
CA GLN F 696 -40.93 -39.45 12.88
C GLN F 696 -40.49 -39.69 11.44
N ASN F 697 -39.32 -40.31 11.28
CA ASN F 697 -38.81 -40.58 9.95
C ASN F 697 -39.71 -41.56 9.22
N SER F 698 -39.89 -41.34 7.92
CA SER F 698 -40.82 -42.12 7.11
C SER F 698 -40.05 -42.91 6.06
N MET F 699 -40.33 -44.21 5.98
CA MET F 699 -39.77 -45.07 4.95
C MET F 699 -40.79 -45.28 3.85
N THR F 700 -40.34 -45.15 2.60
CA THR F 700 -41.23 -45.21 1.44
C THR F 700 -40.90 -46.42 0.59
N ALA F 701 -41.93 -46.97 -0.05
CA ALA F 701 -41.75 -48.10 -0.94
C ALA F 701 -40.90 -47.70 -2.15
N GLY F 702 -39.94 -48.57 -2.49
CA GLY F 702 -39.06 -48.26 -3.61
C GLY F 702 -39.80 -48.26 -4.94
N LYS F 703 -40.78 -49.14 -5.10
CA LYS F 703 -41.50 -49.27 -6.36
C LYS F 703 -42.88 -49.85 -6.08
N THR F 704 -43.76 -49.73 -7.07
CA THR F 704 -45.07 -50.34 -6.98
C THR F 704 -44.95 -51.86 -6.94
N GLY F 705 -45.72 -52.49 -6.05
CA GLY F 705 -45.65 -53.93 -5.93
C GLY F 705 -46.43 -54.40 -4.73
N THR F 706 -46.09 -55.61 -4.28
CA THR F 706 -46.74 -56.25 -3.15
C THR F 706 -45.71 -56.55 -2.08
N VAL F 707 -46.19 -56.95 -0.91
CA VAL F 707 -45.32 -57.24 0.22
C VAL F 707 -45.09 -58.75 0.28
N LYS F 708 -43.92 -59.19 -0.16
CA LYS F 708 -43.55 -60.60 -0.02
C LYS F 708 -43.46 -60.99 1.45
N SER F 709 -42.86 -60.11 2.26
CA SER F 709 -42.71 -60.38 3.69
C SER F 709 -42.44 -59.08 4.41
N VAL F 710 -42.94 -59.01 5.65
CA VAL F 710 -42.71 -57.88 6.54
C VAL F 710 -41.84 -58.39 7.69
N HIS F 711 -40.63 -57.85 7.80
CA HIS F 711 -39.67 -58.30 8.79
C HIS F 711 -39.61 -57.41 10.03
N CYS F 712 -40.53 -56.44 10.15
CA CYS F 712 -40.50 -55.49 11.24
C CYS F 712 -41.87 -55.43 11.91
N GLN F 713 -41.86 -55.03 13.18
CA GLN F 713 -43.06 -54.87 13.97
C GLN F 713 -42.99 -53.55 14.74
N ALA F 714 -44.16 -53.01 15.06
CA ALA F 714 -44.22 -51.76 15.80
C ALA F 714 -43.62 -51.93 17.19
N GLY F 715 -42.89 -50.91 17.63
CA GLY F 715 -42.24 -50.93 18.93
C GLY F 715 -40.91 -51.64 18.98
N ASP F 716 -40.38 -52.07 17.84
CA ASP F 716 -39.11 -52.79 17.78
C ASP F 716 -37.99 -51.81 17.45
N THR F 717 -36.89 -51.91 18.17
CA THR F 717 -35.75 -51.03 17.98
C THR F 717 -34.91 -51.54 16.82
N VAL F 718 -35.08 -50.95 15.64
CA VAL F 718 -34.33 -51.36 14.47
C VAL F 718 -32.99 -50.65 14.43
N GLY F 719 -32.08 -51.17 13.61
CA GLY F 719 -30.78 -50.56 13.41
C GLY F 719 -30.51 -50.30 11.95
N GLU F 720 -29.47 -49.51 11.70
CA GLU F 720 -29.12 -49.16 10.33
C GLU F 720 -28.77 -50.41 9.53
N GLY F 721 -29.14 -50.40 8.26
CA GLY F 721 -28.89 -51.55 7.41
C GLY F 721 -29.60 -52.80 7.85
N ASP F 722 -30.81 -52.65 8.39
CA ASP F 722 -31.62 -53.77 8.85
C ASP F 722 -32.83 -53.92 7.93
N LEU F 723 -33.05 -55.15 7.44
CA LEU F 723 -34.17 -55.40 6.55
C LEU F 723 -35.48 -55.07 7.25
N LEU F 724 -36.34 -54.32 6.56
CA LEU F 724 -37.64 -53.95 7.08
C LEU F 724 -38.78 -54.63 6.33
N VAL F 725 -38.71 -54.69 5.00
CA VAL F 725 -39.76 -55.27 4.19
C VAL F 725 -39.19 -55.77 2.88
N GLU F 726 -39.90 -56.67 2.22
CA GLU F 726 -39.53 -57.18 0.91
C GLU F 726 -40.67 -56.93 -0.07
N LEU F 727 -40.33 -56.44 -1.25
CA LEU F 727 -41.29 -56.25 -2.34
C LEU F 727 -40.90 -57.14 -3.50
N GLU F 728 -41.89 -57.61 -4.26
CA GLU F 728 -41.62 -58.47 -5.41
C GLU F 728 -40.88 -57.68 -6.48
N THR G 33 33.92 -50.12 5.02
CA THR G 33 34.02 -49.03 5.99
C THR G 33 32.64 -48.54 6.40
N SER G 34 32.54 -48.03 7.62
CA SER G 34 31.27 -47.51 8.11
C SER G 34 30.95 -46.18 7.43
N VAL G 35 29.70 -45.73 7.61
CA VAL G 35 29.28 -44.47 7.01
C VAL G 35 30.09 -43.32 7.58
N ASN G 36 30.36 -43.34 8.88
CA ASN G 36 31.13 -42.27 9.49
C ASN G 36 32.48 -42.11 8.80
N GLU G 37 33.21 -43.21 8.63
CA GLU G 37 34.54 -43.14 8.04
C GLU G 37 34.49 -42.58 6.63
N ARG G 38 33.49 -43.00 5.85
CA ARG G 38 33.32 -42.41 4.53
C ARG G 38 33.05 -40.92 4.63
N ILE G 39 32.39 -40.49 5.71
CA ILE G 39 32.15 -39.07 5.91
C ILE G 39 33.47 -38.33 6.13
N GLU G 40 34.34 -38.86 6.99
CA GLU G 40 35.63 -38.20 7.17
C GLU G 40 36.42 -38.21 5.87
N ASN G 41 36.37 -39.30 5.13
CA ASN G 41 37.09 -39.36 3.87
C ASN G 41 36.61 -38.28 2.91
N LYS G 42 35.30 -38.10 2.80
CA LYS G 42 34.76 -37.07 1.93
C LYS G 42 35.13 -35.67 2.41
N ARG G 43 35.07 -35.44 3.72
CA ARG G 43 35.47 -34.14 4.26
C ARG G 43 36.92 -33.84 3.91
N ARG G 44 37.80 -34.80 4.14
CA ARG G 44 39.22 -34.59 3.87
C ARG G 44 39.47 -34.36 2.39
N THR G 45 38.81 -35.14 1.53
CA THR G 45 38.98 -34.95 0.10
C THR G 45 38.49 -33.58 -0.34
N ALA G 46 37.34 -33.15 0.17
CA ALA G 46 36.80 -31.85 -0.21
C ALA G 46 37.72 -30.73 0.25
N LEU G 47 38.27 -30.83 1.45
CA LEU G 47 39.14 -29.78 1.95
C LEU G 47 40.36 -29.56 1.06
N LEU G 48 40.76 -30.58 0.29
CA LEU G 48 41.92 -30.47 -0.59
C LEU G 48 41.54 -30.06 -2.02
N GLY G 49 40.26 -29.97 -2.32
CA GLY G 49 39.86 -29.57 -3.66
C GLY G 49 40.32 -30.57 -4.69
N GLY G 50 41.11 -30.11 -5.65
CA GLY G 50 41.57 -30.91 -6.76
C GLY G 50 42.83 -31.71 -6.52
N GLY G 51 43.35 -31.74 -5.29
CA GLY G 51 44.52 -32.52 -4.98
C GLY G 51 45.71 -31.63 -4.60
N GLN G 52 46.65 -32.25 -3.88
CA GLN G 52 47.79 -31.49 -3.38
C GLN G 52 48.68 -30.98 -4.50
N ARG G 53 48.89 -31.79 -5.54
CA ARG G 53 49.72 -31.34 -6.66
C ARG G 53 49.07 -30.15 -7.36
N ARG G 54 47.75 -30.18 -7.52
CA ARG G 54 47.06 -29.03 -8.09
C ARG G 54 47.24 -27.80 -7.20
N ILE G 55 47.17 -27.98 -5.89
CA ILE G 55 47.36 -26.87 -4.97
C ILE G 55 48.76 -26.28 -5.12
N ASP G 56 49.76 -27.15 -5.23
CA ASP G 56 51.12 -26.66 -5.42
C ASP G 56 51.25 -25.90 -6.73
N ALA G 57 50.67 -26.43 -7.80
CA ALA G 57 50.71 -25.71 -9.07
C ALA G 57 50.04 -24.35 -8.94
N GLN G 58 48.93 -24.27 -8.21
CA GLN G 58 48.28 -23.00 -7.96
C GLN G 58 49.22 -22.04 -7.22
N HIS G 59 49.90 -22.55 -6.19
CA HIS G 59 50.77 -21.70 -5.39
C HIS G 59 51.95 -21.18 -6.19
N LYS G 60 52.56 -22.02 -7.03
CA LYS G 60 53.71 -21.56 -7.80
C LYS G 60 53.33 -20.45 -8.78
N ARG G 61 52.06 -20.38 -9.18
CA ARG G 61 51.61 -19.25 -9.97
C ARG G 61 51.52 -17.97 -9.15
N GLY G 62 51.66 -18.05 -7.83
CA GLY G 62 51.48 -16.90 -6.98
C GLY G 62 50.05 -16.67 -6.53
N LYS G 63 49.20 -17.69 -6.58
CA LYS G 63 47.79 -17.58 -6.25
C LYS G 63 47.46 -18.45 -5.05
N LEU G 64 46.49 -18.01 -4.27
CA LEU G 64 45.99 -18.78 -3.14
C LEU G 64 44.85 -19.69 -3.58
N THR G 65 44.60 -20.72 -2.77
CA THR G 65 43.45 -21.58 -3.01
C THR G 65 42.18 -20.88 -2.55
N ALA G 66 41.04 -21.43 -2.98
CA ALA G 66 39.77 -20.81 -2.64
C ALA G 66 39.55 -20.76 -1.13
N ARG G 67 39.83 -21.86 -0.44
CA ARG G 67 39.60 -21.89 0.99
C ARG G 67 40.54 -20.95 1.73
N GLU G 68 41.78 -20.84 1.27
CA GLU G 68 42.70 -19.87 1.87
C GLU G 68 42.19 -18.45 1.68
N ARG G 69 41.67 -18.14 0.49
CA ARG G 69 41.11 -16.82 0.26
C ARG G 69 39.94 -16.55 1.19
N ILE G 70 39.05 -17.53 1.36
CA ILE G 70 37.92 -17.34 2.27
C ILE G 70 38.42 -17.12 3.68
N SER G 71 39.42 -17.89 4.11
CA SER G 71 39.96 -17.72 5.45
C SER G 71 40.52 -16.31 5.64
N LEU G 72 41.23 -15.80 4.64
CA LEU G 72 41.77 -14.45 4.75
C LEU G 72 40.66 -13.40 4.77
N LEU G 73 39.59 -13.60 4.03
CA LEU G 73 38.58 -12.57 3.87
C LEU G 73 37.69 -12.43 5.10
N LEU G 74 37.30 -13.54 5.71
CA LEU G 74 36.29 -13.53 6.76
C LEU G 74 36.92 -13.41 8.13
N ASP G 75 36.08 -13.04 9.11
CA ASP G 75 36.52 -13.01 10.49
C ASP G 75 36.89 -14.42 10.95
N PRO G 76 37.94 -14.58 11.74
CA PRO G 76 38.37 -15.93 12.13
C PRO G 76 37.24 -16.69 12.83
N GLY G 77 37.08 -17.94 12.45
CA GLY G 77 36.08 -18.78 13.07
C GLY G 77 34.64 -18.43 12.79
N SER G 78 34.38 -17.62 11.76
CA SER G 78 33.03 -17.21 11.44
C SER G 78 32.47 -17.87 10.19
N PHE G 79 33.31 -18.55 9.42
CA PHE G 79 32.86 -19.13 8.15
C PHE G 79 32.01 -20.37 8.41
N VAL G 80 30.79 -20.34 7.89
CA VAL G 80 29.90 -21.50 7.87
C VAL G 80 29.72 -21.90 6.41
N GLU G 81 30.17 -23.09 6.05
CA GLU G 81 30.14 -23.57 4.68
C GLU G 81 28.82 -24.27 4.40
N SER G 82 28.43 -24.26 3.12
CA SER G 82 27.20 -24.90 2.69
C SER G 82 27.47 -25.77 1.47
N ASP G 83 26.88 -26.96 1.46
CA ASP G 83 26.94 -27.86 0.30
C ASP G 83 28.36 -28.35 0.05
N MET G 84 28.99 -28.89 1.10
CA MET G 84 30.34 -29.44 0.94
C MET G 84 30.33 -30.67 0.04
N PHE G 85 29.32 -31.52 0.17
CA PHE G 85 29.29 -32.82 -0.47
C PHE G 85 28.61 -32.81 -1.83
N VAL G 86 28.19 -31.64 -2.32
CA VAL G 86 27.53 -31.59 -3.62
C VAL G 86 28.52 -31.98 -4.72
N GLU G 87 28.09 -32.84 -5.62
CA GLU G 87 28.91 -33.30 -6.73
C GLU G 87 28.15 -33.15 -8.04
N HIS G 88 28.90 -33.01 -9.13
CA HIS G 88 28.30 -32.87 -10.45
C HIS G 88 27.60 -34.17 -10.84
N ARG G 89 26.58 -34.05 -11.69
CA ARG G 89 25.76 -35.17 -12.10
C ARG G 89 25.95 -35.51 -13.58
N CYS G 90 27.01 -35.00 -14.21
CA CYS G 90 27.25 -35.31 -15.61
C CYS G 90 27.59 -36.78 -15.78
N ALA G 91 27.11 -37.38 -16.87
CA ALA G 91 27.33 -38.79 -17.16
C ALA G 91 27.89 -39.03 -18.55
N ASP G 92 28.36 -37.99 -19.23
CA ASP G 92 28.86 -38.11 -20.59
C ASP G 92 30.39 -38.00 -20.60
N PHE G 93 30.97 -38.57 -21.65
CA PHE G 93 32.42 -38.51 -21.86
C PHE G 93 33.18 -39.02 -20.64
N GLY G 94 32.68 -40.10 -20.05
CA GLY G 94 33.35 -40.68 -18.90
C GLY G 94 33.40 -39.80 -17.68
N MET G 95 32.50 -38.82 -17.59
CA MET G 95 32.47 -37.93 -16.43
C MET G 95 31.93 -38.61 -15.18
N ALA G 96 31.30 -39.78 -15.32
CA ALA G 96 30.76 -40.50 -14.18
C ALA G 96 31.79 -41.37 -13.48
N ALA G 97 33.02 -41.44 -13.98
CA ALA G 97 34.06 -42.22 -13.33
C ALA G 97 34.39 -41.62 -11.97
N ASP G 98 34.74 -42.50 -11.03
CA ASP G 98 35.02 -42.05 -9.68
C ASP G 98 36.15 -41.03 -9.64
N LYS G 99 37.12 -41.14 -10.54
CA LYS G 99 38.21 -40.17 -10.58
C LYS G 99 37.76 -38.81 -11.06
N ASN G 100 36.55 -38.70 -11.61
CA ASN G 100 36.00 -37.43 -12.06
C ASN G 100 34.98 -36.85 -11.09
N LYS G 101 34.86 -37.44 -9.91
CA LYS G 101 33.91 -36.97 -8.90
C LYS G 101 34.66 -36.24 -7.81
N PHE G 102 34.35 -34.96 -7.62
CA PHE G 102 34.97 -34.14 -6.59
C PHE G 102 33.90 -33.57 -5.67
N PRO G 103 33.92 -33.86 -4.38
CA PRO G 103 32.95 -33.22 -3.47
C PRO G 103 33.16 -31.71 -3.45
N GLY G 104 32.07 -30.97 -3.68
CA GLY G 104 32.14 -29.53 -3.73
C GLY G 104 32.10 -29.00 -5.16
N ASP G 105 32.83 -29.68 -6.05
CA ASP G 105 32.79 -29.42 -7.48
C ASP G 105 33.17 -27.96 -7.80
N SER G 106 34.41 -27.62 -7.45
CA SER G 106 35.07 -26.43 -7.95
C SER G 106 34.44 -25.13 -7.48
N VAL G 107 33.77 -25.12 -6.34
CA VAL G 107 33.29 -23.86 -5.77
C VAL G 107 33.00 -24.09 -4.29
N VAL G 108 33.41 -23.13 -3.47
CA VAL G 108 33.18 -23.16 -2.03
C VAL G 108 32.27 -22.00 -1.68
N THR G 109 31.12 -22.30 -1.08
CA THR G 109 30.11 -21.29 -0.80
C THR G 109 29.73 -21.34 0.66
N GLY G 110 29.34 -20.18 1.19
CA GLY G 110 28.88 -20.14 2.56
C GLY G 110 28.65 -18.71 3.02
N ARG G 111 28.61 -18.54 4.33
CA ARG G 111 28.42 -17.23 4.93
C ARG G 111 29.48 -17.01 6.00
N GLY G 112 29.63 -15.75 6.38
CA GLY G 112 30.59 -15.39 7.39
C GLY G 112 30.33 -13.98 7.88
N ARG G 113 31.29 -13.44 8.62
CA ARG G 113 31.18 -12.10 9.15
C ARG G 113 32.45 -11.32 8.85
N ILE G 114 32.27 -10.06 8.48
CA ILE G 114 33.36 -9.11 8.34
C ILE G 114 33.13 -8.01 9.36
N ASN G 115 34.06 -7.89 10.31
CA ASN G 115 33.94 -6.92 11.39
C ASN G 115 32.58 -7.05 12.08
N GLY G 116 32.08 -8.27 12.17
CA GLY G 116 30.85 -8.56 12.85
C GLY G 116 29.59 -8.47 12.01
N ARG G 117 29.69 -8.04 10.76
CA ARG G 117 28.52 -7.92 9.90
C ARG G 117 28.41 -9.12 8.98
N LEU G 118 27.18 -9.60 8.82
CA LEU G 118 26.94 -10.81 8.03
C LEU G 118 27.23 -10.58 6.56
N VAL G 119 27.72 -11.62 5.89
CA VAL G 119 27.99 -11.57 4.46
C VAL G 119 27.94 -12.99 3.90
N TYR G 120 27.58 -13.10 2.64
CA TYR G 120 27.57 -14.36 1.93
C TYR G 120 28.64 -14.35 0.85
N VAL G 121 29.38 -15.45 0.74
CA VAL G 121 30.56 -15.50 -0.10
C VAL G 121 30.58 -16.79 -0.90
N PHE G 122 31.07 -16.69 -2.14
CA PHE G 122 31.43 -17.87 -2.92
C PHE G 122 32.79 -17.65 -3.55
N SER G 123 33.58 -18.70 -3.59
CA SER G 123 34.94 -18.65 -4.14
C SER G 123 35.10 -19.80 -5.12
N GLN G 124 35.57 -19.49 -6.32
CA GLN G 124 35.71 -20.53 -7.35
C GLN G 124 37.05 -21.24 -7.20
N ASP G 125 37.02 -22.56 -7.32
CA ASP G 125 38.19 -23.40 -7.08
C ASP G 125 38.79 -23.80 -8.43
N PHE G 126 39.92 -23.19 -8.77
CA PHE G 126 40.55 -23.44 -10.05
C PHE G 126 41.13 -24.84 -10.18
N THR G 127 41.39 -25.51 -9.06
CA THR G 127 42.04 -26.82 -9.11
C THR G 127 41.10 -27.95 -9.47
N VAL G 128 39.80 -27.70 -9.57
CA VAL G 128 38.81 -28.71 -9.93
C VAL G 128 38.32 -28.39 -11.33
N PHE G 129 38.74 -29.19 -12.31
CA PHE G 129 38.34 -29.00 -13.69
C PHE G 129 38.62 -27.58 -14.15
N GLY G 130 39.74 -27.02 -13.71
CA GLY G 130 40.08 -25.66 -14.06
C GLY G 130 39.07 -24.63 -13.59
N GLY G 131 38.28 -24.96 -12.58
CA GLY G 131 37.25 -24.06 -12.12
C GLY G 131 36.09 -23.88 -13.05
N SER G 132 35.90 -24.80 -13.99
CA SER G 132 34.82 -24.66 -14.96
C SER G 132 33.47 -24.73 -14.27
N LEU G 133 32.50 -24.01 -14.83
CA LEU G 133 31.17 -23.92 -14.23
C LEU G 133 30.30 -25.08 -14.73
N SER G 134 29.75 -25.83 -13.79
CA SER G 134 28.87 -26.95 -14.08
C SER G 134 27.50 -26.70 -13.45
N GLY G 135 26.62 -27.68 -13.58
CA GLY G 135 25.29 -27.55 -12.99
C GLY G 135 25.34 -27.38 -11.48
N ALA G 136 26.15 -28.20 -10.81
CA ALA G 136 26.24 -28.10 -9.35
C ALA G 136 26.89 -26.79 -8.93
N HIS G 137 27.88 -26.33 -9.68
CA HIS G 137 28.52 -25.05 -9.38
C HIS G 137 27.50 -23.92 -9.37
N ALA G 138 26.75 -23.79 -10.45
CA ALA G 138 25.71 -22.76 -10.52
C ALA G 138 24.64 -22.98 -9.47
N GLN G 139 24.30 -24.23 -9.18
CA GLN G 139 23.30 -24.50 -8.16
C GLN G 139 23.73 -23.97 -6.80
N LYS G 140 24.98 -24.22 -6.42
CA LYS G 140 25.49 -23.74 -5.14
C LYS G 140 25.50 -22.21 -5.10
N ILE G 141 25.97 -21.59 -6.19
CA ILE G 141 26.01 -20.13 -6.21
C ILE G 141 24.61 -19.56 -6.09
N CYS G 142 23.65 -20.15 -6.80
CA CYS G 142 22.28 -19.67 -6.73
C CYS G 142 21.68 -19.87 -5.35
N LYS G 143 22.02 -20.98 -4.69
CA LYS G 143 21.52 -21.19 -3.33
C LYS G 143 22.01 -20.08 -2.40
N ILE G 144 23.30 -19.76 -2.45
CA ILE G 144 23.79 -18.73 -1.55
C ILE G 144 23.19 -17.38 -1.92
N MET G 145 23.03 -17.09 -3.20
CA MET G 145 22.44 -15.82 -3.60
C MET G 145 20.99 -15.70 -3.11
N ASP G 146 20.22 -16.79 -3.23
CA ASP G 146 18.86 -16.77 -2.75
C ASP G 146 18.81 -16.57 -1.24
N GLN G 147 19.70 -17.23 -0.50
CA GLN G 147 19.75 -17.02 0.94
C GLN G 147 20.05 -15.56 1.27
N ALA G 148 21.03 -14.98 0.59
CA ALA G 148 21.41 -13.60 0.87
C ALA G 148 20.25 -12.65 0.57
N ILE G 149 19.56 -12.86 -0.55
CA ILE G 149 18.41 -12.02 -0.86
C ILE G 149 17.31 -12.21 0.18
N THR G 150 17.14 -13.44 0.67
CA THR G 150 16.09 -13.69 1.65
C THR G 150 16.35 -12.95 2.95
N VAL G 151 17.61 -12.96 3.43
CA VAL G 151 17.92 -12.28 4.68
C VAL G 151 18.35 -10.84 4.48
N GLY G 152 18.77 -10.45 3.28
CA GLY G 152 19.17 -9.09 3.03
C GLY G 152 20.60 -8.80 3.44
N ALA G 153 21.55 -9.55 2.91
CA ALA G 153 22.96 -9.35 3.17
C ALA G 153 23.74 -9.32 1.87
N PRO G 154 24.89 -8.66 1.86
CA PRO G 154 25.67 -8.55 0.62
C PRO G 154 26.23 -9.89 0.19
N VAL G 155 26.66 -9.93 -1.08
CA VAL G 155 27.25 -11.11 -1.68
C VAL G 155 28.61 -10.74 -2.24
N ILE G 156 29.62 -11.56 -1.95
CA ILE G 156 30.98 -11.38 -2.46
C ILE G 156 31.37 -12.63 -3.23
N GLY G 157 31.84 -12.43 -4.46
CA GLY G 157 32.27 -13.53 -5.28
C GLY G 157 33.71 -13.42 -5.72
N LEU G 158 34.51 -14.41 -5.35
CA LEU G 158 35.90 -14.51 -5.76
C LEU G 158 35.95 -15.39 -7.01
N ASN G 159 36.25 -14.79 -8.15
CA ASN G 159 36.11 -15.44 -9.44
C ASN G 159 37.47 -15.93 -9.93
N ASP G 160 37.56 -17.24 -10.18
CA ASP G 160 38.74 -17.83 -10.81
C ASP G 160 38.26 -19.10 -11.51
N SER G 161 38.02 -18.99 -12.81
CA SER G 161 37.41 -20.09 -13.55
C SER G 161 37.73 -19.97 -15.03
N GLY G 162 38.03 -21.11 -15.65
CA GLY G 162 38.30 -21.10 -17.08
C GLY G 162 37.07 -20.76 -17.90
N GLY G 163 35.91 -21.27 -17.51
CA GLY G 163 34.68 -21.00 -18.25
C GLY G 163 33.67 -22.12 -18.01
N ALA G 164 32.82 -22.31 -19.02
CA ALA G 164 31.79 -23.33 -18.94
C ALA G 164 32.41 -24.72 -19.08
N ARG G 165 31.82 -25.68 -18.36
CA ARG G 165 32.24 -27.08 -18.46
C ARG G 165 31.64 -27.66 -19.73
N ILE G 166 32.48 -27.81 -20.76
CA ILE G 166 31.98 -28.23 -22.07
C ILE G 166 31.31 -29.60 -21.98
N GLN G 167 31.79 -30.47 -21.10
CA GLN G 167 31.22 -31.81 -21.00
C GLN G 167 29.74 -31.80 -20.62
N GLU G 168 29.28 -30.76 -19.92
CA GLU G 168 27.89 -30.64 -19.54
C GLU G 168 27.05 -29.90 -20.58
N GLY G 169 27.68 -29.42 -21.65
CA GLY G 169 26.94 -28.83 -22.74
C GLY G 169 25.97 -27.76 -22.28
N VAL G 170 24.77 -27.79 -22.87
CA VAL G 170 23.78 -26.77 -22.58
C VAL G 170 23.55 -26.59 -21.09
N GLU G 171 23.74 -27.66 -20.30
CA GLU G 171 23.53 -27.54 -18.87
C GLU G 171 24.29 -26.35 -18.31
N SER G 172 25.58 -26.26 -18.61
CA SER G 172 26.37 -25.15 -18.10
C SER G 172 25.73 -23.82 -18.47
N LEU G 173 25.34 -23.66 -19.74
CA LEU G 173 24.70 -22.42 -20.16
C LEU G 173 23.54 -22.08 -19.22
N ALA G 174 22.65 -23.05 -18.99
CA ALA G 174 21.51 -22.79 -18.13
C ALA G 174 21.97 -22.23 -16.79
N GLY G 175 22.97 -22.87 -16.17
CA GLY G 175 23.44 -22.40 -14.88
C GLY G 175 23.85 -20.94 -14.95
N TYR G 176 24.61 -20.57 -15.98
CA TYR G 176 25.02 -19.18 -16.11
C TYR G 176 23.81 -18.27 -16.09
N ALA G 177 22.80 -18.59 -16.89
CA ALA G 177 21.60 -17.76 -16.90
C ALA G 177 20.97 -17.69 -15.53
N ASP G 178 20.89 -18.83 -14.84
CA ASP G 178 20.33 -18.82 -13.50
C ASP G 178 21.05 -17.83 -12.60
N ILE G 179 22.37 -17.72 -12.74
CA ILE G 179 23.09 -16.72 -11.99
C ILE G 179 22.73 -15.32 -12.48
N PHE G 180 22.78 -15.12 -13.79
CA PHE G 180 22.55 -13.78 -14.34
C PHE G 180 21.24 -13.21 -13.83
N LEU G 181 20.16 -13.96 -13.99
CA LEU G 181 18.86 -13.49 -13.54
C LEU G 181 18.93 -13.03 -12.09
N ARG G 182 19.50 -13.86 -11.22
CA ARG G 182 19.54 -13.49 -9.81
C ARG G 182 20.30 -12.18 -9.62
N ASN G 183 21.43 -12.01 -10.32
CA ASN G 183 22.13 -10.74 -10.25
C ASN G 183 21.18 -9.60 -10.57
N VAL G 184 20.46 -9.71 -11.69
CA VAL G 184 19.56 -8.64 -12.07
C VAL G 184 18.46 -8.48 -11.03
N THR G 185 18.00 -9.58 -10.43
CA THR G 185 16.98 -9.46 -9.40
C THR G 185 17.54 -8.83 -8.14
N ALA G 186 18.82 -9.01 -7.86
CA ALA G 186 19.42 -8.46 -6.66
C ALA G 186 19.92 -7.04 -6.83
N SER G 187 20.01 -6.55 -8.07
CA SER G 187 20.52 -5.21 -8.32
C SER G 187 19.66 -4.19 -7.58
N GLY G 188 20.30 -3.37 -6.75
CA GLY G 188 19.60 -2.37 -5.98
C GLY G 188 18.95 -2.88 -4.72
N VAL G 189 19.05 -4.17 -4.42
CA VAL G 189 18.49 -4.76 -3.22
C VAL G 189 19.57 -5.06 -2.20
N ILE G 190 20.63 -5.76 -2.60
CA ILE G 190 21.76 -6.02 -1.73
C ILE G 190 23.03 -5.73 -2.52
N PRO G 191 24.05 -5.14 -1.91
CA PRO G 191 25.30 -4.89 -2.65
C PRO G 191 25.93 -6.19 -3.11
N GLN G 192 26.52 -6.16 -4.30
CA GLN G 192 27.21 -7.31 -4.86
C GLN G 192 28.61 -6.89 -5.25
N ILE G 193 29.61 -7.66 -4.83
CA ILE G 193 31.00 -7.34 -5.11
C ILE G 193 31.67 -8.53 -5.75
N SER G 194 32.47 -8.27 -6.77
CA SER G 194 33.20 -9.30 -7.49
C SER G 194 34.69 -8.99 -7.43
N LEU G 195 35.49 -10.02 -7.14
CA LEU G 195 36.94 -9.92 -7.12
C LEU G 195 37.50 -10.95 -8.08
N ILE G 196 38.06 -10.48 -9.20
CA ILE G 196 38.63 -11.36 -10.20
C ILE G 196 40.05 -11.70 -9.77
N MET G 197 40.30 -12.97 -9.46
CA MET G 197 41.57 -13.40 -8.91
C MET G 197 42.26 -14.44 -9.79
N GLY G 198 41.78 -14.65 -11.00
CA GLY G 198 42.37 -15.60 -11.90
C GLY G 198 41.81 -15.47 -13.31
N PRO G 199 42.04 -16.48 -14.14
CA PRO G 199 41.46 -16.47 -15.48
C PRO G 199 39.94 -16.42 -15.42
N CYS G 200 39.35 -15.67 -16.35
CA CYS G 200 37.90 -15.56 -16.43
C CYS G 200 37.56 -15.22 -17.87
N ALA G 201 37.01 -16.19 -18.60
CA ALA G 201 36.75 -16.05 -20.02
C ALA G 201 35.35 -16.54 -20.35
N GLY G 202 34.83 -16.05 -21.48
CA GLY G 202 33.53 -16.48 -21.93
C GLY G 202 32.39 -15.82 -21.16
N GLY G 203 31.22 -16.46 -21.22
CA GLY G 203 30.04 -15.91 -20.58
C GLY G 203 30.23 -15.64 -19.10
N ALA G 204 31.15 -16.34 -18.46
CA ALA G 204 31.40 -16.11 -17.04
C ALA G 204 31.76 -14.66 -16.74
N VAL G 205 32.32 -13.94 -17.73
CA VAL G 205 32.69 -12.55 -17.50
C VAL G 205 31.49 -11.66 -17.29
N TYR G 206 30.30 -12.08 -17.71
CA TYR G 206 29.14 -11.20 -17.65
C TYR G 206 28.58 -11.05 -16.24
N SER G 207 28.65 -12.09 -15.42
CA SER G 207 28.17 -11.97 -14.05
C SER G 207 28.88 -10.87 -13.28
N PRO G 208 30.21 -10.78 -13.28
CA PRO G 208 30.86 -9.63 -12.64
C PRO G 208 30.41 -8.30 -13.20
N ALA G 209 30.17 -8.24 -14.52
CA ALA G 209 29.74 -6.98 -15.12
C ALA G 209 28.41 -6.51 -14.55
N LEU G 210 27.55 -7.44 -14.12
CA LEU G 210 26.26 -7.07 -13.56
C LEU G 210 26.33 -6.67 -12.10
N THR G 211 27.44 -6.93 -11.42
CA THR G 211 27.56 -6.57 -10.03
C THR G 211 27.93 -5.09 -9.88
N ASP G 212 27.87 -4.60 -8.64
CA ASP G 212 28.06 -3.19 -8.39
C ASP G 212 29.53 -2.77 -8.56
N PHE G 213 30.46 -3.57 -8.05
CA PHE G 213 31.87 -3.22 -8.11
C PHE G 213 32.69 -4.44 -8.48
N THR G 214 33.71 -4.23 -9.29
CA THR G 214 34.61 -5.29 -9.73
C THR G 214 36.04 -4.88 -9.41
N PHE G 215 36.76 -5.77 -8.72
CA PHE G 215 38.16 -5.56 -8.40
C PHE G 215 39.00 -6.65 -9.03
N MET G 216 40.24 -6.32 -9.37
CA MET G 216 41.12 -7.20 -10.11
C MET G 216 42.48 -7.29 -9.43
N VAL G 217 43.10 -8.45 -9.56
CA VAL G 217 44.44 -8.68 -9.03
C VAL G 217 45.43 -8.60 -10.18
N LYS G 218 46.52 -7.86 -9.97
CA LYS G 218 47.47 -7.61 -11.04
C LYS G 218 48.24 -8.87 -11.41
N ASP G 219 48.39 -9.08 -12.73
CA ASP G 219 49.32 -10.07 -13.26
C ASP G 219 48.84 -11.50 -13.14
N THR G 220 47.70 -11.73 -12.48
CA THR G 220 47.20 -13.09 -12.33
C THR G 220 45.73 -13.22 -12.67
N SER G 221 45.05 -12.15 -13.06
CA SER G 221 43.64 -12.20 -13.41
C SER G 221 43.41 -11.45 -14.71
N TYR G 222 42.41 -11.88 -15.46
CA TYR G 222 42.07 -11.22 -16.71
C TYR G 222 40.63 -11.53 -17.08
N LEU G 223 40.06 -10.66 -17.91
CA LEU G 223 38.67 -10.80 -18.34
C LEU G 223 38.60 -10.57 -19.85
N PHE G 224 38.00 -11.53 -20.56
CA PHE G 224 37.72 -11.35 -21.97
C PHE G 224 36.74 -12.42 -22.41
N ILE G 225 35.86 -12.05 -23.36
CA ILE G 225 34.90 -13.00 -23.89
C ILE G 225 35.60 -14.05 -24.75
N THR G 226 36.52 -13.62 -25.60
CA THR G 226 37.24 -14.51 -26.50
C THR G 226 38.72 -14.40 -26.24
N GLY G 227 39.40 -15.54 -26.23
CA GLY G 227 40.82 -15.59 -25.95
C GLY G 227 41.67 -15.08 -27.09
N PRO G 228 42.97 -14.91 -26.83
CA PRO G 228 43.87 -14.39 -27.88
C PRO G 228 43.93 -15.26 -29.13
N ASP G 229 43.82 -16.58 -28.99
CA ASP G 229 43.93 -17.45 -30.15
C ASP G 229 42.83 -17.17 -31.16
N VAL G 230 41.59 -17.04 -30.68
CA VAL G 230 40.48 -16.74 -31.59
C VAL G 230 40.66 -15.36 -32.19
N VAL G 231 41.17 -14.40 -31.42
CA VAL G 231 41.42 -13.06 -31.95
C VAL G 231 42.40 -13.14 -33.11
N LYS G 232 43.49 -13.87 -32.92
CA LYS G 232 44.47 -14.01 -33.99
C LYS G 232 43.85 -14.69 -35.21
N SER G 233 43.08 -15.76 -34.97
CA SER G 233 42.50 -16.51 -36.08
C SER G 233 41.51 -15.68 -36.89
N VAL G 234 40.74 -14.83 -36.23
CA VAL G 234 39.67 -14.11 -36.91
C VAL G 234 40.14 -12.76 -37.45
N THR G 235 40.74 -11.93 -36.60
CA THR G 235 41.14 -10.58 -36.99
C THR G 235 42.62 -10.45 -37.29
N ASN G 236 43.39 -11.53 -37.19
CA ASN G 236 44.82 -11.49 -37.48
C ASN G 236 45.54 -10.46 -36.62
N GLU G 237 45.24 -10.49 -35.32
CA GLU G 237 45.86 -9.61 -34.34
C GLU G 237 46.67 -10.44 -33.36
N ASP G 238 47.87 -9.96 -33.04
CA ASP G 238 48.73 -10.63 -32.07
C ASP G 238 48.65 -9.91 -30.74
N VAL G 239 48.17 -10.62 -29.71
CA VAL G 239 48.03 -10.04 -28.38
C VAL G 239 48.17 -11.16 -27.37
N THR G 240 48.64 -10.82 -26.18
CA THR G 240 48.77 -11.75 -25.08
C THR G 240 47.55 -11.65 -24.17
N GLN G 241 47.45 -12.59 -23.23
CA GLN G 241 46.34 -12.57 -22.29
C GLN G 241 46.36 -11.29 -21.46
N GLU G 242 47.54 -10.87 -21.00
CA GLU G 242 47.62 -9.65 -20.22
C GLU G 242 47.18 -8.44 -21.01
N GLU G 243 47.64 -8.33 -22.27
CA GLU G 243 47.21 -7.22 -23.10
C GLU G 243 45.72 -7.26 -23.39
N LEU G 244 45.18 -8.45 -23.66
CA LEU G 244 43.77 -8.55 -24.04
C LEU G 244 42.87 -8.22 -22.86
N GLY G 245 43.12 -8.81 -21.70
CA GLY G 245 42.21 -8.64 -20.59
C GLY G 245 42.86 -8.50 -19.23
N GLY G 246 44.09 -8.00 -19.19
CA GLY G 246 44.79 -7.85 -17.94
C GLY G 246 44.15 -6.79 -17.05
N ALA G 247 44.59 -6.78 -15.79
CA ALA G 247 44.04 -5.83 -14.83
C ALA G 247 44.30 -4.39 -15.27
N LYS G 248 45.50 -4.12 -15.79
CA LYS G 248 45.81 -2.77 -16.25
C LYS G 248 44.88 -2.34 -17.39
N THR G 249 44.61 -3.25 -18.32
CA THR G 249 43.75 -2.93 -19.44
C THR G 249 42.35 -2.56 -18.96
N HIS G 250 41.79 -3.34 -18.03
CA HIS G 250 40.44 -3.11 -17.57
C HIS G 250 40.34 -2.06 -16.48
N THR G 251 41.47 -1.55 -15.98
CA THR G 251 41.46 -0.46 -15.02
C THR G 251 41.90 0.87 -15.60
N THR G 252 42.45 0.88 -16.82
CA THR G 252 42.89 2.12 -17.44
C THR G 252 42.29 2.40 -18.80
N MET G 253 41.80 1.38 -19.51
CA MET G 253 41.32 1.56 -20.87
C MET G 253 39.83 1.28 -21.02
N SER G 254 39.38 0.09 -20.63
CA SER G 254 38.01 -0.32 -20.90
C SER G 254 37.02 0.22 -19.88
N GLY G 255 37.47 0.70 -18.73
CA GLY G 255 36.55 1.14 -17.71
C GLY G 255 35.64 0.05 -17.20
N VAL G 256 36.14 -1.18 -17.13
CA VAL G 256 35.35 -2.31 -16.66
C VAL G 256 35.61 -2.61 -15.19
N ALA G 257 36.87 -2.52 -14.76
CA ALA G 257 37.24 -2.78 -13.37
C ALA G 257 37.36 -1.47 -12.61
N HIS G 258 37.16 -1.54 -11.30
CA HIS G 258 37.19 -0.35 -10.46
C HIS G 258 38.51 -0.18 -9.72
N ARG G 259 39.21 -1.26 -9.42
CA ARG G 259 40.48 -1.17 -8.70
C ARG G 259 41.33 -2.38 -9.05
N ALA G 260 42.64 -2.18 -9.01
CA ALA G 260 43.61 -3.25 -9.21
C ALA G 260 44.49 -3.33 -7.98
N PHE G 261 44.77 -4.55 -7.54
CA PHE G 261 45.55 -4.79 -6.33
C PHE G 261 46.77 -5.64 -6.66
N GLU G 262 47.78 -5.54 -5.79
CA GLU G 262 49.06 -6.19 -6.06
C GLU G 262 48.98 -7.70 -5.90
N ASN G 263 48.33 -8.17 -4.83
CA ASN G 263 48.37 -9.57 -4.47
C ASN G 263 46.99 -10.02 -4.02
N ASP G 264 46.85 -11.33 -3.83
CA ASP G 264 45.63 -11.85 -3.22
C ASP G 264 45.47 -11.34 -1.80
N VAL G 265 46.56 -11.32 -1.03
CA VAL G 265 46.48 -10.86 0.35
C VAL G 265 46.12 -9.39 0.40
N ASP G 266 46.82 -8.57 -0.38
CA ASP G 266 46.53 -7.15 -0.43
C ASP G 266 45.10 -6.90 -0.90
N ALA G 267 44.68 -7.64 -1.93
CA ALA G 267 43.33 -7.49 -2.45
C ALA G 267 42.29 -7.81 -1.39
N LEU G 268 42.51 -8.89 -0.63
CA LEU G 268 41.53 -9.27 0.38
C LEU G 268 41.48 -8.27 1.53
N CYS G 269 42.64 -7.76 1.96
CA CYS G 269 42.64 -6.74 3.00
C CYS G 269 41.87 -5.51 2.54
N ASN G 270 42.17 -5.04 1.32
CA ASN G 270 41.46 -3.88 0.81
C ASN G 270 39.98 -4.17 0.62
N LEU G 271 39.63 -5.41 0.30
CA LEU G 271 38.23 -5.77 0.15
C LEU G 271 37.49 -5.67 1.49
N ARG G 272 38.12 -6.14 2.57
CA ARG G 272 37.51 -5.96 3.88
C ARG G 272 37.33 -4.47 4.19
N ASP G 273 38.38 -3.69 3.96
CA ASP G 273 38.28 -2.26 4.21
C ASP G 273 37.13 -1.64 3.45
N PHE G 274 37.02 -1.96 2.16
CA PHE G 274 35.95 -1.41 1.33
C PHE G 274 34.58 -1.87 1.82
N PHE G 275 34.45 -3.15 2.15
CA PHE G 275 33.17 -3.66 2.63
C PHE G 275 32.71 -2.93 3.87
N ASN G 276 33.65 -2.44 4.69
CA ASN G 276 33.24 -1.72 5.89
C ASN G 276 32.35 -0.53 5.57
N TYR G 277 32.44 0.03 4.36
CA TYR G 277 31.69 1.24 4.03
C TYR G 277 30.21 0.96 3.78
N LEU G 278 29.89 -0.15 3.14
CA LEU G 278 28.57 -0.34 2.55
C LEU G 278 27.52 -0.74 3.58
N PRO G 279 26.27 -0.38 3.35
CA PRO G 279 25.17 -0.96 4.13
C PRO G 279 24.88 -2.38 3.67
N LEU G 280 24.23 -3.13 4.55
CA LEU G 280 23.96 -4.54 4.26
C LEU G 280 22.89 -4.72 3.20
N SER G 281 21.93 -3.80 3.12
CA SER G 281 20.87 -3.89 2.12
C SER G 281 20.29 -2.49 1.91
N SER G 282 19.44 -2.37 0.91
CA SER G 282 18.79 -1.11 0.62
C SER G 282 17.74 -0.72 1.65
N GLN G 283 17.40 -1.62 2.56
CA GLN G 283 16.50 -1.28 3.65
C GLN G 283 17.19 -0.57 4.81
N ASP G 284 18.50 -0.49 4.79
CA ASP G 284 19.24 0.09 5.89
C ASP G 284 19.83 1.44 5.49
N PRO G 285 19.99 2.35 6.45
CA PRO G 285 20.63 3.63 6.16
C PRO G 285 22.13 3.47 5.96
N ALA G 286 22.78 4.55 5.59
CA ALA G 286 24.22 4.53 5.43
C ALA G 286 24.88 4.19 6.76
N PRO G 287 25.86 3.28 6.77
CA PRO G 287 26.50 2.91 8.04
C PRO G 287 27.12 4.11 8.72
N VAL G 288 27.00 4.15 10.04
CA VAL G 288 27.61 5.19 10.87
C VAL G 288 28.42 4.48 11.95
N ARG G 289 29.71 4.78 12.01
CA ARG G 289 30.61 4.16 12.96
C ARG G 289 31.18 5.22 13.90
N GLU G 290 31.92 4.74 14.90
CA GLU G 290 32.51 5.62 15.88
C GLU G 290 33.50 6.58 15.22
N CYS G 291 33.41 7.85 15.55
CA CYS G 291 34.21 8.90 14.92
C CYS G 291 34.97 9.69 15.98
N HIS G 292 36.23 9.99 15.68
CA HIS G 292 37.06 10.81 16.56
C HIS G 292 37.36 12.19 15.98
N ASP G 293 37.29 12.35 14.67
CA ASP G 293 37.55 13.65 14.05
C ASP G 293 36.42 14.60 14.37
N PRO G 294 36.68 15.74 14.99
CA PRO G 294 35.59 16.67 15.31
C PRO G 294 34.87 17.13 14.04
N SER G 295 33.54 17.21 14.13
CA SER G 295 32.76 17.63 12.98
C SER G 295 32.88 19.11 12.69
N ASP G 296 33.38 19.91 13.63
CA ASP G 296 33.55 21.34 13.44
C ASP G 296 34.99 21.74 13.21
N ARG G 297 35.87 20.77 12.94
CA ARG G 297 37.27 21.09 12.69
C ARG G 297 37.39 22.06 11.52
N LEU G 298 38.21 23.09 11.70
CA LEU G 298 38.45 24.04 10.63
C LEU G 298 39.52 23.53 9.68
N VAL G 299 39.49 24.03 8.46
CA VAL G 299 40.46 23.64 7.44
C VAL G 299 41.06 24.90 6.83
N PRO G 300 41.93 25.62 7.55
CA PRO G 300 42.46 26.87 7.01
C PRO G 300 43.28 26.69 5.75
N GLU G 301 43.81 25.50 5.50
CA GLU G 301 44.65 25.28 4.33
C GLU G 301 43.89 25.45 3.03
N LEU G 302 42.55 25.44 3.05
CA LEU G 302 41.77 25.60 1.84
C LEU G 302 41.54 27.06 1.47
N ASP G 303 41.90 28.01 2.33
CA ASP G 303 41.59 29.41 2.06
C ASP G 303 42.36 29.95 0.86
N THR G 304 43.46 29.31 0.47
CA THR G 304 44.26 29.78 -0.65
C THR G 304 44.59 28.67 -1.64
N ILE G 305 43.86 27.55 -1.57
CA ILE G 305 44.16 26.42 -2.46
C ILE G 305 43.84 26.76 -3.91
N VAL G 306 42.79 27.54 -4.15
CA VAL G 306 42.33 27.84 -5.49
C VAL G 306 43.12 29.05 -6.00
N PRO G 307 43.90 28.92 -7.06
CA PRO G 307 44.61 30.09 -7.61
C PRO G 307 43.63 31.12 -8.17
N LEU G 308 44.00 32.39 -8.05
CA LEU G 308 43.15 33.45 -8.57
C LEU G 308 43.06 33.42 -10.08
N GLU G 309 44.19 33.19 -10.75
CA GLU G 309 44.20 33.14 -12.21
C GLU G 309 43.59 31.84 -12.69
N SER G 310 42.55 31.94 -13.51
CA SER G 310 41.83 30.75 -13.98
C SER G 310 42.65 29.89 -14.92
N THR G 311 43.89 30.26 -15.21
CA THR G 311 44.74 29.48 -16.09
C THR G 311 45.66 28.52 -15.34
N LYS G 312 45.55 28.43 -14.03
CA LYS G 312 46.35 27.52 -13.22
C LYS G 312 45.47 26.51 -12.54
N ALA G 313 45.91 25.26 -12.51
CA ALA G 313 45.15 24.16 -11.96
C ALA G 313 45.60 23.84 -10.53
N TYR G 314 44.74 23.13 -9.82
CA TYR G 314 45.05 22.62 -8.49
C TYR G 314 44.56 21.18 -8.42
N ASN G 315 44.80 20.54 -7.28
CA ASN G 315 44.42 19.15 -7.08
C ASN G 315 43.19 19.09 -6.18
N MET G 316 42.06 18.67 -6.74
CA MET G 316 40.84 18.53 -5.95
C MET G 316 40.97 17.45 -4.90
N VAL G 317 41.84 16.47 -5.11
CA VAL G 317 42.02 15.41 -4.12
C VAL G 317 42.54 15.99 -2.82
N ASP G 318 43.34 17.06 -2.88
CA ASP G 318 43.78 17.71 -1.66
C ASP G 318 42.60 18.27 -0.87
N ILE G 319 41.66 18.92 -1.56
CA ILE G 319 40.47 19.43 -0.89
C ILE G 319 39.68 18.28 -0.28
N ILE G 320 39.51 17.20 -1.04
CA ILE G 320 38.76 16.06 -0.53
C ILE G 320 39.41 15.49 0.71
N HIS G 321 40.74 15.33 0.70
CA HIS G 321 41.45 14.82 1.85
C HIS G 321 41.27 15.74 3.04
N SER G 322 41.35 17.05 2.83
CA SER G 322 41.22 17.98 3.94
C SER G 322 39.82 17.91 4.55
N VAL G 323 38.79 17.77 3.73
CA VAL G 323 37.43 17.89 4.25
C VAL G 323 36.97 16.64 4.97
N VAL G 324 37.35 15.46 4.50
CA VAL G 324 36.78 14.21 5.02
C VAL G 324 37.41 13.83 6.35
N ASP G 325 36.79 12.88 7.04
CA ASP G 325 37.28 12.44 8.35
C ASP G 325 38.64 11.76 8.20
N GLU G 326 39.58 12.18 9.04
CA GLU G 326 40.91 11.55 9.13
C GLU G 326 41.63 11.53 7.79
N ARG G 327 41.19 12.33 6.83
CA ARG G 327 41.85 12.41 5.53
C ARG G 327 41.87 11.07 4.82
N GLU G 328 40.86 10.24 5.07
CA GLU G 328 40.79 8.90 4.51
C GLU G 328 39.80 8.89 3.35
N PHE G 329 40.23 8.40 2.20
CA PHE G 329 39.43 8.44 0.98
C PHE G 329 39.69 7.18 0.18
N PHE G 330 38.65 6.41 -0.08
CA PHE G 330 38.73 5.20 -0.90
C PHE G 330 38.28 5.57 -2.31
N GLU G 331 39.26 5.73 -3.21
CA GLU G 331 38.96 6.20 -4.56
C GLU G 331 38.53 5.05 -5.46
N ILE G 332 37.62 5.33 -6.38
CA ILE G 332 37.12 4.35 -7.34
C ILE G 332 37.62 4.74 -8.73
N MET G 333 38.13 3.77 -9.46
CA MET G 333 38.71 4.00 -10.77
C MET G 333 39.75 5.13 -10.72
N PRO G 334 40.74 5.03 -9.83
CA PRO G 334 41.71 6.12 -9.70
C PRO G 334 42.51 6.38 -10.96
N ASN G 335 42.71 5.38 -11.80
CA ASN G 335 43.56 5.50 -12.98
C ASN G 335 42.79 5.56 -14.28
N TYR G 336 41.47 5.72 -14.22
CA TYR G 336 40.64 5.75 -15.42
C TYR G 336 39.81 7.03 -15.41
N ALA G 337 39.82 7.75 -16.53
CA ALA G 337 39.09 9.00 -16.66
C ALA G 337 39.40 9.92 -15.49
N LYS G 338 40.67 10.32 -15.39
CA LYS G 338 41.16 11.05 -14.24
C LYS G 338 40.62 12.47 -14.14
N ASN G 339 39.95 12.97 -15.17
CA ASN G 339 39.38 14.32 -15.08
C ASN G 339 38.22 14.41 -14.11
N ILE G 340 37.72 13.29 -13.61
CA ILE G 340 36.70 13.27 -12.57
C ILE G 340 37.14 12.32 -11.46
N ILE G 341 36.68 12.59 -10.25
CA ILE G 341 37.09 11.83 -9.07
C ILE G 341 35.83 11.36 -8.36
N VAL G 342 35.77 10.06 -8.06
CA VAL G 342 34.66 9.47 -7.32
C VAL G 342 35.24 8.55 -6.26
N GLY G 343 34.55 8.49 -5.13
CA GLY G 343 35.04 7.61 -4.07
C GLY G 343 34.14 7.62 -2.86
N PHE G 344 34.57 6.87 -1.86
CA PHE G 344 33.87 6.75 -0.59
C PHE G 344 34.69 7.39 0.52
N ALA G 345 34.02 8.05 1.46
CA ALA G 345 34.68 8.63 2.61
C ALA G 345 33.68 8.63 3.77
N ARG G 346 34.07 9.26 4.87
CA ARG G 346 33.18 9.37 6.03
C ARG G 346 33.17 10.80 6.52
N MET G 347 31.98 11.28 6.85
CA MET G 347 31.80 12.58 7.51
C MET G 347 31.12 12.32 8.84
N ASN G 348 31.79 12.69 9.93
CA ASN G 348 31.25 12.46 11.26
C ASN G 348 30.92 10.99 11.47
N GLY G 349 31.67 10.10 10.83
CA GLY G 349 31.47 8.68 10.94
C GLY G 349 30.45 8.09 10.00
N ARG G 350 29.75 8.91 9.22
CA ARG G 350 28.73 8.44 8.31
C ARG G 350 29.31 8.31 6.91
N THR G 351 29.05 7.18 6.27
CA THR G 351 29.55 6.95 4.92
C THR G 351 28.96 7.96 3.94
N VAL G 352 29.81 8.49 3.06
CA VAL G 352 29.38 9.43 2.04
C VAL G 352 30.11 9.12 0.74
N GLY G 353 29.48 9.49 -0.37
CA GLY G 353 30.08 9.37 -1.68
C GLY G 353 30.53 10.74 -2.17
N ILE G 354 31.74 10.79 -2.71
CA ILE G 354 32.37 12.03 -3.15
C ILE G 354 32.49 11.99 -4.66
N VAL G 355 32.01 13.04 -5.31
CA VAL G 355 32.17 13.27 -6.74
C VAL G 355 32.73 14.67 -6.94
N GLY G 356 33.78 14.79 -7.73
CA GLY G 356 34.39 16.08 -7.94
C GLY G 356 35.12 16.23 -9.27
N ASN G 357 35.09 17.43 -9.83
CA ASN G 357 35.88 17.69 -11.03
C ASN G 357 37.36 17.80 -10.68
N GLN G 358 38.20 17.41 -11.62
CA GLN G 358 39.64 17.44 -11.40
C GLN G 358 40.28 18.43 -12.37
N PRO G 359 40.51 19.68 -11.96
CA PRO G 359 41.13 20.65 -12.88
C PRO G 359 42.53 20.25 -13.30
N LYS G 360 43.20 19.39 -12.53
CA LYS G 360 44.56 19.00 -12.84
C LYS G 360 44.67 18.19 -14.12
N VAL G 361 43.57 17.61 -14.61
CA VAL G 361 43.57 16.77 -15.78
C VAL G 361 42.56 17.33 -16.78
N ALA G 362 43.03 17.67 -17.98
CA ALA G 362 42.17 18.12 -19.07
C ALA G 362 41.28 19.28 -18.63
N SER G 363 41.82 20.15 -17.79
CA SER G 363 41.13 21.34 -17.30
C SER G 363 39.86 21.02 -16.54
N GLY G 364 39.64 19.75 -16.19
CA GLY G 364 38.42 19.37 -15.50
C GLY G 364 37.19 19.31 -16.37
N CYS G 365 37.36 19.26 -17.69
CA CYS G 365 36.22 19.18 -18.60
C CYS G 365 35.61 17.78 -18.58
N LEU G 366 34.29 17.73 -18.68
CA LEU G 366 33.59 16.46 -18.76
C LEU G 366 33.76 15.84 -20.14
N ASP G 367 33.60 14.53 -20.19
CA ASP G 367 33.69 13.79 -21.45
C ASP G 367 32.94 12.49 -21.29
N ILE G 368 33.14 11.56 -22.24
CA ILE G 368 32.38 10.32 -22.26
C ILE G 368 32.75 9.45 -21.06
N ASN G 369 34.02 9.08 -20.96
CA ASN G 369 34.44 8.14 -19.93
C ASN G 369 34.16 8.69 -18.54
N SER G 370 34.49 9.96 -18.31
CA SER G 370 34.24 10.56 -17.01
C SER G 370 32.75 10.61 -16.71
N SER G 371 31.94 10.92 -17.73
CA SER G 371 30.50 10.95 -17.53
C SER G 371 29.97 9.60 -17.07
N VAL G 372 30.38 8.53 -17.74
CA VAL G 372 29.92 7.19 -17.37
C VAL G 372 30.40 6.84 -15.96
N LYS G 373 31.67 7.11 -15.69
CA LYS G 373 32.25 6.77 -14.39
C LYS G 373 31.52 7.47 -13.26
N GLY G 374 31.23 8.75 -13.42
CA GLY G 374 30.47 9.46 -12.41
C GLY G 374 29.03 8.98 -12.31
N ALA G 375 28.40 8.72 -13.45
CA ALA G 375 26.98 8.39 -13.45
C ALA G 375 26.72 7.09 -12.71
N ARG G 376 27.50 6.05 -13.01
CA ARG G 376 27.20 4.78 -12.34
C ARG G 376 27.45 4.86 -10.85
N PHE G 377 28.53 5.54 -10.44
CA PHE G 377 28.80 5.69 -9.01
C PHE G 377 27.68 6.45 -8.32
N VAL G 378 27.19 7.52 -8.94
CA VAL G 378 26.09 8.29 -8.34
C VAL G 378 24.85 7.42 -8.21
N ARG G 379 24.54 6.64 -9.25
CA ARG G 379 23.36 5.78 -9.19
C ARG G 379 23.49 4.75 -8.08
N PHE G 380 24.66 4.14 -7.94
CA PHE G 380 24.85 3.18 -6.85
C PHE G 380 24.66 3.85 -5.50
N CYS G 381 25.28 5.01 -5.30
CA CYS G 381 25.15 5.69 -4.02
C CYS G 381 23.70 6.00 -3.71
N ASP G 382 22.94 6.48 -4.70
CA ASP G 382 21.54 6.77 -4.47
C ASP G 382 20.75 5.51 -4.14
N ALA G 383 21.07 4.40 -4.83
CA ALA G 383 20.29 3.18 -4.63
C ALA G 383 20.36 2.69 -3.20
N PHE G 384 21.48 2.92 -2.52
CA PHE G 384 21.69 2.37 -1.19
C PHE G 384 21.74 3.44 -0.11
N ASN G 385 21.15 4.60 -0.35
CA ASN G 385 20.92 5.60 0.68
C ASN G 385 22.20 6.23 1.20
N ILE G 386 23.19 6.43 0.34
CA ILE G 386 24.45 7.03 0.71
C ILE G 386 24.43 8.50 0.26
N PRO G 387 24.61 9.45 1.16
CA PRO G 387 24.58 10.86 0.75
C PRO G 387 25.73 11.20 -0.19
N LEU G 388 25.51 12.21 -1.01
CA LEU G 388 26.46 12.62 -2.04
C LEU G 388 26.97 14.02 -1.78
N ILE G 389 28.28 14.19 -1.93
CA ILE G 389 28.95 15.49 -1.85
C ILE G 389 29.68 15.71 -3.15
N THR G 390 29.48 16.88 -3.75
CA THR G 390 30.03 17.21 -5.06
C THR G 390 30.87 18.48 -4.96
N PHE G 391 32.03 18.45 -5.61
CA PHE G 391 32.89 19.62 -5.73
C PHE G 391 32.96 20.00 -7.20
N VAL G 392 32.56 21.23 -7.52
CA VAL G 392 32.32 21.65 -8.89
C VAL G 392 33.39 22.63 -9.32
N ASP G 393 34.16 22.25 -10.33
CA ASP G 393 35.02 23.18 -11.08
C ASP G 393 35.13 22.64 -12.50
N VAL G 394 34.25 23.13 -13.37
CA VAL G 394 34.12 22.57 -14.71
C VAL G 394 33.89 23.69 -15.72
N PRO G 395 34.73 23.79 -16.75
CA PRO G 395 34.53 24.85 -17.75
C PRO G 395 33.55 24.44 -18.84
N GLY G 396 33.38 23.15 -19.04
CA GLY G 396 32.47 22.65 -20.06
C GLY G 396 32.82 21.22 -20.43
N PHE G 397 32.38 20.83 -21.62
CA PHE G 397 32.62 19.49 -22.14
C PHE G 397 33.77 19.50 -23.14
N LEU G 398 34.47 18.38 -23.21
CA LEU G 398 35.61 18.26 -24.09
C LEU G 398 35.13 18.33 -25.55
N PRO G 399 35.70 19.21 -26.36
CA PRO G 399 35.28 19.31 -27.76
C PRO G 399 36.11 18.43 -28.68
N GLY G 400 35.63 18.29 -29.90
CA GLY G 400 36.29 17.51 -30.93
C GLY G 400 35.33 16.55 -31.60
N THR G 401 35.74 16.07 -32.77
CA THR G 401 34.90 15.12 -33.50
C THR G 401 34.90 13.76 -32.84
N ALA G 402 35.97 13.40 -32.13
CA ALA G 402 36.01 12.11 -31.44
C ALA G 402 34.92 12.03 -30.39
N GLN G 403 34.70 13.10 -29.65
CA GLN G 403 33.66 13.08 -28.62
C GLN G 403 32.28 13.06 -29.23
N GLU G 404 32.06 13.80 -30.31
CA GLU G 404 30.73 13.83 -30.94
C GLU G 404 30.41 12.49 -31.59
N TYR G 405 31.34 11.92 -32.34
CA TYR G 405 31.10 10.64 -32.99
C TYR G 405 30.97 9.51 -31.98
N GLY G 406 31.54 9.69 -30.79
CA GLY G 406 31.41 8.71 -29.73
C GLY G 406 30.12 8.77 -28.95
N GLY G 407 29.26 9.74 -29.25
CA GLY G 407 27.99 9.85 -28.56
C GLY G 407 28.09 10.60 -27.24
N ILE G 408 28.85 11.69 -27.23
CA ILE G 408 29.02 12.44 -26.00
C ILE G 408 27.68 12.92 -25.46
N ILE G 409 26.71 13.15 -26.34
CA ILE G 409 25.43 13.69 -25.90
C ILE G 409 24.75 12.73 -24.93
N ARG G 410 24.63 11.46 -25.33
CA ARG G 410 23.93 10.51 -24.47
C ARG G 410 24.74 10.17 -23.23
N HIS G 411 26.06 10.10 -23.36
CA HIS G 411 26.89 9.79 -22.19
C HIS G 411 26.81 10.91 -21.15
N GLY G 412 26.85 12.16 -21.58
CA GLY G 412 26.66 13.25 -20.64
C GLY G 412 25.26 13.27 -20.04
N ALA G 413 24.25 12.98 -20.88
CA ALA G 413 22.90 12.84 -20.36
C ALA G 413 22.85 11.78 -19.27
N LYS G 414 23.71 10.76 -19.36
CA LYS G 414 23.74 9.74 -18.32
C LYS G 414 24.02 10.35 -16.95
N LEU G 415 25.09 11.15 -16.85
CA LEU G 415 25.43 11.76 -15.57
C LEU G 415 24.37 12.76 -15.13
N LEU G 416 23.86 13.55 -16.09
CA LEU G 416 22.81 14.50 -15.73
C LEU G 416 21.61 13.79 -15.15
N TYR G 417 21.17 12.70 -15.79
CA TYR G 417 20.06 11.93 -15.28
C TYR G 417 20.38 11.32 -13.92
N ALA G 418 21.62 10.85 -13.74
CA ALA G 418 21.98 10.27 -12.46
C ALA G 418 21.81 11.26 -11.33
N PHE G 419 22.30 12.49 -11.50
CA PHE G 419 22.07 13.49 -10.46
C PHE G 419 20.60 13.83 -10.31
N ALA G 420 19.88 14.01 -11.42
CA ALA G 420 18.49 14.43 -11.32
C ALA G 420 17.63 13.38 -10.62
N GLU G 421 17.94 12.10 -10.80
CA GLU G 421 17.13 11.03 -10.26
C GLU G 421 17.36 10.82 -8.77
N ALA G 422 18.55 11.12 -8.27
CA ALA G 422 18.91 10.78 -6.90
C ALA G 422 17.97 11.46 -5.91
N THR G 423 17.62 10.72 -4.84
CA THR G 423 16.78 11.25 -3.78
C THR G 423 17.49 11.25 -2.43
N VAL G 424 18.75 10.82 -2.37
CA VAL G 424 19.55 10.91 -1.16
C VAL G 424 19.96 12.35 -0.97
N PRO G 425 20.38 12.75 0.23
CA PRO G 425 20.85 14.13 0.42
C PRO G 425 21.99 14.43 -0.53
N LYS G 426 21.96 15.63 -1.12
CA LYS G 426 22.98 16.07 -2.06
C LYS G 426 23.50 17.43 -1.60
N VAL G 427 24.81 17.51 -1.40
CA VAL G 427 25.48 18.75 -1.01
C VAL G 427 26.49 19.09 -2.08
N THR G 428 26.44 20.33 -2.58
CA THR G 428 27.31 20.77 -3.66
C THR G 428 28.11 21.99 -3.21
N VAL G 429 29.38 22.02 -3.57
CA VAL G 429 30.26 23.15 -3.29
C VAL G 429 30.95 23.55 -4.58
N ILE G 430 30.82 24.81 -4.95
CA ILE G 430 31.43 25.35 -6.16
C ILE G 430 32.70 26.06 -5.75
N THR G 431 33.84 25.54 -6.18
CA THR G 431 35.13 26.15 -5.87
C THR G 431 35.55 27.18 -6.91
N ARG G 432 35.24 26.92 -8.18
CA ARG G 432 35.62 27.83 -9.26
C ARG G 432 34.60 27.75 -10.40
N LYS G 433 35.03 28.19 -11.59
CA LYS G 433 34.16 28.30 -12.76
C LYS G 433 33.19 27.13 -12.88
N ALA G 434 31.96 27.47 -13.29
CA ALA G 434 30.95 26.47 -13.62
C ALA G 434 30.14 27.04 -14.79
N TYR G 435 30.41 26.55 -15.99
CA TYR G 435 29.97 27.20 -17.23
C TYR G 435 28.95 26.35 -17.96
N GLY G 436 27.85 26.98 -18.37
CA GLY G 436 26.94 26.36 -19.33
C GLY G 436 26.22 25.15 -18.75
N GLY G 437 25.91 24.20 -19.62
CA GLY G 437 25.20 23.00 -19.21
C GLY G 437 25.97 22.14 -18.25
N ALA G 438 27.30 22.26 -18.22
CA ALA G 438 28.08 21.52 -17.23
C ALA G 438 27.68 21.91 -15.82
N TYR G 439 27.39 23.19 -15.59
CA TYR G 439 26.90 23.60 -14.28
C TYR G 439 25.59 22.91 -13.93
N ASP G 440 24.68 22.80 -14.90
CA ASP G 440 23.43 22.10 -14.66
C ASP G 440 23.68 20.64 -14.32
N VAL G 441 24.59 19.99 -15.05
CA VAL G 441 24.81 18.57 -14.88
C VAL G 441 25.33 18.27 -13.48
N MET G 442 26.29 19.07 -13.00
CA MET G 442 26.96 18.80 -11.73
C MET G 442 26.06 19.16 -10.55
N SER G 443 24.94 18.45 -10.46
CA SER G 443 24.06 18.50 -9.29
C SER G 443 23.66 19.93 -8.95
N SER G 444 23.28 20.69 -9.97
CA SER G 444 22.82 22.05 -9.72
C SER G 444 21.58 22.00 -8.83
N LYS G 445 21.34 23.11 -8.12
CA LYS G 445 20.19 23.17 -7.22
C LYS G 445 18.88 22.94 -7.97
N HIS G 446 18.86 23.24 -9.28
CA HIS G 446 17.66 23.07 -10.06
C HIS G 446 17.32 21.60 -10.30
N LEU G 447 18.24 20.69 -10.03
CA LEU G 447 17.97 19.26 -10.06
C LEU G 447 17.41 18.76 -8.73
N CYS G 448 16.80 19.65 -7.95
CA CYS G 448 16.26 19.31 -6.65
C CYS G 448 17.37 19.01 -5.64
N GLY G 449 18.48 19.74 -5.78
CA GLY G 449 19.55 19.63 -4.81
C GLY G 449 19.15 20.19 -3.46
N ASP G 450 19.89 19.80 -2.43
CA ASP G 450 19.53 20.17 -1.07
C ASP G 450 20.20 21.47 -0.63
N THR G 451 21.54 21.48 -0.62
CA THR G 451 22.29 22.67 -0.25
C THR G 451 23.40 22.88 -1.28
N ASN G 452 23.52 24.11 -1.75
CA ASN G 452 24.55 24.47 -2.73
C ASN G 452 25.33 25.65 -2.19
N TYR G 453 26.65 25.51 -2.14
CA TYR G 453 27.54 26.53 -1.59
C TYR G 453 28.53 26.98 -2.66
N ALA G 454 28.96 28.23 -2.55
CA ALA G 454 29.93 28.80 -3.46
C ALA G 454 31.08 29.40 -2.68
N TRP G 455 32.30 29.04 -3.07
CA TRP G 455 33.47 29.69 -2.53
C TRP G 455 33.62 31.08 -3.15
N PRO G 456 34.46 31.94 -2.57
CA PRO G 456 34.61 33.29 -3.11
C PRO G 456 35.13 33.31 -4.54
N THR G 457 35.75 32.22 -5.01
CA THR G 457 36.27 32.15 -6.37
C THR G 457 35.27 31.56 -7.35
N ALA G 458 34.04 31.31 -6.92
CA ALA G 458 33.04 30.69 -7.79
C ALA G 458 32.66 31.62 -8.94
N GLU G 459 32.32 31.00 -10.07
CA GLU G 459 31.92 31.73 -11.27
C GLU G 459 30.82 30.92 -11.96
N ILE G 460 29.57 31.33 -11.77
CA ILE G 460 28.44 30.70 -12.44
C ILE G 460 28.02 31.58 -13.59
N ALA G 461 28.16 31.07 -14.81
CA ALA G 461 27.88 31.87 -16.00
C ALA G 461 27.52 30.94 -17.15
N VAL G 462 26.88 31.52 -18.17
CA VAL G 462 26.53 30.75 -19.35
C VAL G 462 27.77 30.31 -20.10
N MET G 463 28.79 31.16 -20.13
CA MET G 463 30.03 30.85 -20.84
C MET G 463 31.11 31.83 -20.36
N GLY G 464 32.28 31.77 -20.98
CA GLY G 464 33.35 32.65 -20.61
C GLY G 464 33.00 34.10 -20.84
N ALA G 465 33.63 34.97 -20.05
CA ALA G 465 33.34 36.40 -20.12
C ALA G 465 33.66 36.96 -21.50
N LYS G 466 34.82 36.57 -22.05
CA LYS G 466 35.21 37.10 -23.35
C LYS G 466 34.22 36.69 -24.44
N GLY G 467 33.81 35.43 -24.46
CA GLY G 467 32.84 34.99 -25.46
C GLY G 467 31.49 35.65 -25.28
N ALA G 468 31.04 35.80 -24.03
CA ALA G 468 29.78 36.48 -23.78
C ALA G 468 29.82 37.92 -24.26
N VAL G 469 30.92 38.61 -24.00
CA VAL G 469 31.06 39.99 -24.46
C VAL G 469 31.09 40.04 -25.98
N GLU G 470 31.80 39.11 -26.61
CA GLU G 470 31.84 39.06 -28.06
C GLU G 470 30.44 38.92 -28.64
N ILE G 471 29.66 37.99 -28.09
CA ILE G 471 28.32 37.76 -28.64
C ILE G 471 27.41 38.95 -28.37
N ILE G 472 27.41 39.45 -27.14
CA ILE G 472 26.42 40.44 -26.74
C ILE G 472 26.69 41.79 -27.40
N PHE G 473 27.93 42.25 -27.37
CA PHE G 473 28.26 43.61 -27.76
C PHE G 473 28.89 43.67 -29.16
N LYS G 474 28.88 42.57 -29.88
CA LYS G 474 29.51 42.55 -31.19
C LYS G 474 28.75 43.48 -32.14
N GLY G 475 29.48 44.32 -32.84
CA GLY G 475 28.90 45.41 -33.58
C GLY G 475 28.98 46.75 -32.90
N HIS G 476 29.66 46.83 -31.75
CA HIS G 476 29.90 48.08 -31.04
C HIS G 476 31.40 48.24 -30.87
N GLU G 477 31.92 49.42 -31.23
CA GLU G 477 33.37 49.59 -31.21
C GLU G 477 33.92 49.76 -29.81
N ASN G 478 33.17 50.37 -28.90
CA ASN G 478 33.64 50.59 -27.53
C ASN G 478 33.56 49.28 -26.73
N VAL G 479 34.30 48.28 -27.23
CA VAL G 479 34.25 46.95 -26.65
C VAL G 479 34.87 46.93 -25.25
N GLU G 480 35.94 47.72 -25.05
CA GLU G 480 36.71 47.58 -23.82
C GLU G 480 35.91 47.99 -22.59
N ALA G 481 35.23 49.14 -22.64
CA ALA G 481 34.46 49.60 -21.49
C ALA G 481 33.33 48.63 -21.17
N ALA G 482 32.61 48.17 -22.20
CA ALA G 482 31.54 47.22 -21.99
C ALA G 482 32.05 45.93 -21.40
N GLN G 483 33.19 45.44 -21.90
CA GLN G 483 33.76 44.21 -21.36
C GLN G 483 34.17 44.38 -19.91
N ALA G 484 34.77 45.53 -19.57
CA ALA G 484 35.14 45.78 -18.18
C ALA G 484 33.91 45.78 -17.28
N GLU G 485 32.84 46.47 -17.71
CA GLU G 485 31.63 46.49 -16.90
C GLU G 485 31.04 45.09 -16.76
N TYR G 486 31.03 44.33 -17.85
CA TYR G 486 30.49 42.97 -17.82
C TYR G 486 31.29 42.08 -16.87
N ILE G 487 32.61 42.16 -16.92
CA ILE G 487 33.43 41.34 -16.02
C ILE G 487 33.22 41.77 -14.58
N GLU G 488 33.11 43.07 -14.33
CA GLU G 488 32.88 43.55 -12.97
C GLU G 488 31.55 43.06 -12.44
N LYS G 489 30.52 43.01 -13.28
CA LYS G 489 29.18 42.68 -12.80
C LYS G 489 28.88 41.18 -12.80
N PHE G 490 29.53 40.39 -13.64
CA PHE G 490 29.13 39.01 -13.85
C PHE G 490 30.22 37.97 -13.60
N ALA G 491 31.50 38.34 -13.65
CA ALA G 491 32.56 37.36 -13.47
C ALA G 491 32.76 37.07 -11.97
N ASN G 492 31.69 36.65 -11.30
CA ASN G 492 31.73 36.39 -9.87
C ASN G 492 30.51 35.56 -9.48
N PRO G 493 30.38 35.16 -8.21
CA PRO G 493 29.23 34.36 -7.80
C PRO G 493 27.98 35.15 -7.48
N PHE G 494 28.01 36.47 -7.58
CA PHE G 494 26.89 37.32 -7.21
C PHE G 494 25.66 37.05 -8.08
N PRO G 495 25.81 36.90 -9.39
CA PRO G 495 24.61 36.65 -10.21
C PRO G 495 23.81 35.44 -9.74
N ALA G 496 24.48 34.36 -9.35
CA ALA G 496 23.77 33.19 -8.83
C ALA G 496 23.25 33.43 -7.42
N ALA G 497 24.06 34.07 -6.57
CA ALA G 497 23.67 34.25 -5.18
C ALA G 497 22.43 35.12 -5.06
N VAL G 498 22.35 36.20 -5.85
CA VAL G 498 21.22 37.11 -5.74
C VAL G 498 19.92 36.45 -6.15
N ARG G 499 19.97 35.43 -7.01
CA ARG G 499 18.79 34.71 -7.43
C ARG G 499 18.49 33.50 -6.57
N GLY G 500 19.35 33.17 -5.61
CA GLY G 500 19.15 32.01 -4.76
C GLY G 500 19.65 30.71 -5.33
N PHE G 501 20.40 30.73 -6.44
CA PHE G 501 20.91 29.49 -7.00
C PHE G 501 21.91 28.82 -6.06
N VAL G 502 22.56 29.59 -5.20
CA VAL G 502 23.43 29.06 -4.17
C VAL G 502 22.95 29.57 -2.82
N ASP G 503 22.89 28.67 -1.84
CA ASP G 503 22.35 29.04 -0.54
C ASP G 503 23.20 30.09 0.16
N ASP G 504 24.50 30.14 -0.12
CA ASP G 504 25.37 31.08 0.57
C ASP G 504 26.75 31.03 -0.07
N ILE G 505 27.53 32.09 0.19
CA ILE G 505 28.94 32.13 -0.16
C ILE G 505 29.73 31.99 1.13
N ILE G 506 30.52 30.94 1.23
CA ILE G 506 31.14 30.55 2.49
C ILE G 506 32.64 30.65 2.39
N GLN G 507 33.28 30.91 3.53
CA GLN G 507 34.72 30.84 3.60
C GLN G 507 35.17 29.39 3.42
N PRO G 508 36.19 29.14 2.61
CA PRO G 508 36.62 27.75 2.40
C PRO G 508 36.97 27.04 3.69
N SER G 509 37.57 27.73 4.65
CA SER G 509 38.03 27.09 5.88
C SER G 509 36.87 26.45 6.66
N SER G 510 35.65 26.95 6.48
CA SER G 510 34.51 26.40 7.21
C SER G 510 33.84 25.25 6.47
N THR G 511 34.28 24.94 5.26
CA THR G 511 33.58 23.97 4.41
C THR G 511 33.16 22.75 5.21
N ARG G 512 34.13 22.01 5.76
CA ARG G 512 33.81 20.77 6.44
C ARG G 512 32.69 20.97 7.45
N ALA G 513 32.84 21.96 8.34
CA ALA G 513 31.84 22.17 9.36
C ALA G 513 30.46 22.28 8.72
N ARG G 514 30.32 23.17 7.74
CA ARG G 514 29.03 23.35 7.10
C ARG G 514 28.49 22.02 6.63
N ILE G 515 29.30 21.28 5.88
CA ILE G 515 28.82 20.02 5.31
C ILE G 515 28.30 19.13 6.42
N CYS G 516 29.08 18.97 7.48
CA CYS G 516 28.66 18.08 8.56
C CYS G 516 27.29 18.49 9.05
N CYS G 517 27.12 19.78 9.35
CA CYS G 517 25.83 20.24 9.85
C CYS G 517 24.71 19.81 8.91
N ASP G 518 24.90 20.07 7.61
CA ASP G 518 23.84 19.73 6.66
C ASP G 518 23.54 18.24 6.69
N LEU G 519 24.57 17.40 6.73
CA LEU G 519 24.32 15.97 6.70
C LEU G 519 23.53 15.52 7.91
N ASP G 520 23.59 16.26 9.03
CA ASP G 520 22.76 15.90 10.16
C ASP G 520 21.31 16.29 9.94
N VAL G 521 21.06 17.42 9.30
CA VAL G 521 19.70 17.87 9.07
C VAL G 521 19.01 17.01 8.02
N LEU G 522 19.73 16.66 6.96
CA LEU G 522 19.13 15.99 5.81
C LEU G 522 19.02 14.48 5.97
N ALA G 523 19.45 13.94 7.11
CA ALA G 523 19.39 12.49 7.29
C ALA G 523 17.97 11.95 7.17
N SER G 524 16.95 12.76 7.45
CA SER G 524 15.57 12.33 7.38
C SER G 524 14.85 12.79 6.12
N LYS G 525 15.61 13.17 5.09
CA LYS G 525 15.01 13.62 3.85
C LYS G 525 14.15 12.53 3.24
N LYS G 526 12.94 12.89 2.79
CA LYS G 526 12.02 11.92 2.12
C LYS G 526 11.32 12.65 0.98
N VAL G 527 11.29 12.07 -0.22
CA VAL G 527 10.75 12.79 -1.41
C VAL G 527 9.70 11.90 -2.09
N GLN G 528 8.69 12.50 -2.70
CA GLN G 528 7.61 11.75 -3.39
C GLN G 528 7.79 11.87 -4.91
N ARG G 529 7.66 10.76 -5.63
CA ARG G 529 7.80 10.72 -7.07
C ARG G 529 6.62 10.00 -7.69
N PRO G 530 6.33 10.26 -8.96
CA PRO G 530 5.27 9.51 -9.64
C PRO G 530 5.64 8.04 -9.76
N TRP G 531 4.62 7.19 -9.75
CA TRP G 531 4.84 5.76 -9.86
C TRP G 531 5.30 5.38 -11.27
N ARG G 532 6.12 4.34 -11.35
CA ARG G 532 6.52 3.77 -12.62
C ARG G 532 7.20 2.44 -12.36
N LYS G 533 7.19 1.57 -13.38
CA LYS G 533 7.98 0.35 -13.29
C LYS G 533 9.46 0.67 -13.17
N HIS G 534 9.92 1.62 -13.96
CA HIS G 534 11.29 2.13 -13.90
C HIS G 534 11.41 3.24 -14.93
N ALA G 535 12.52 3.96 -14.87
CA ALA G 535 12.78 5.01 -15.84
C ALA G 535 13.44 4.42 -17.08
N ASN G 536 13.72 5.27 -18.05
CA ASN G 536 14.41 4.88 -19.28
C ASN G 536 15.63 5.77 -19.42
N ILE G 537 16.71 5.36 -18.75
CA ILE G 537 17.95 6.16 -18.78
C ILE G 537 18.62 6.00 -20.14
N PRO G 538 19.26 7.03 -20.67
CA PRO G 538 20.01 6.86 -21.92
C PRO G 538 21.12 5.84 -21.72
N LEU G 539 21.37 5.05 -22.75
CA LEU G 539 22.44 4.07 -22.69
C LEU G 539 23.42 4.27 -23.84
N ASN H 59 -20.66 49.51 -61.94
CA ASN H 59 -20.22 50.30 -63.12
C ASN H 59 -20.95 51.65 -63.11
N GLU H 60 -21.86 51.84 -62.15
CA GLU H 60 -22.56 53.14 -62.02
C GLU H 60 -21.85 53.94 -60.92
N LYS H 61 -21.35 55.14 -61.26
CA LYS H 61 -20.68 55.99 -60.24
C LYS H 61 -21.73 56.39 -59.20
N THR H 62 -21.32 56.43 -57.93
CA THR H 62 -22.26 56.75 -56.83
C THR H 62 -21.46 57.47 -55.74
N PHE H 63 -22.12 57.99 -54.71
CA PHE H 63 -21.33 58.62 -53.61
C PHE H 63 -20.35 57.57 -53.08
N ASP H 64 -19.08 57.94 -52.89
CA ASP H 64 -18.05 57.00 -52.39
C ASP H 64 -18.36 56.55 -50.97
N LYS H 65 -18.82 57.46 -50.11
CA LYS H 65 -19.13 57.13 -48.70
C LYS H 65 -20.43 57.83 -48.28
N ILE H 66 -21.25 57.16 -47.47
CA ILE H 66 -22.55 57.75 -47.00
C ILE H 66 -22.64 57.64 -45.47
N LEU H 67 -23.19 58.66 -44.81
CA LEU H 67 -23.40 58.58 -43.35
C LEU H 67 -24.88 58.30 -43.11
N VAL H 68 -25.19 57.21 -42.40
CA VAL H 68 -26.60 56.88 -42.08
C VAL H 68 -26.90 57.40 -40.68
N ALA H 69 -27.74 58.44 -40.59
CA ALA H 69 -28.07 59.03 -39.28
C ALA H 69 -29.30 58.36 -38.69
N ASN H 70 -29.20 57.08 -38.32
CA ASN H 70 -30.36 56.40 -37.68
C ASN H 70 -29.88 55.19 -36.88
N ARG H 71 -30.73 54.64 -36.01
CA ARG H 71 -30.39 53.45 -35.20
C ARG H 71 -31.44 52.39 -35.47
N GLY H 72 -31.16 51.14 -35.13
CA GLY H 72 -32.20 50.11 -35.28
C GLY H 72 -32.18 49.41 -36.62
N GLU H 73 -33.30 48.81 -37.00
CA GLU H 73 -33.34 48.01 -38.24
C GLU H 73 -33.05 48.86 -39.48
N ILE H 74 -33.55 50.10 -39.52
CA ILE H 74 -33.40 50.92 -40.75
C ILE H 74 -31.92 51.13 -41.06
N ALA H 75 -31.13 51.38 -40.03
CA ALA H 75 -29.69 51.66 -40.27
C ALA H 75 -29.06 50.43 -40.91
N CYS H 76 -29.39 49.26 -40.39
CA CYS H 76 -28.83 48.01 -40.93
C CYS H 76 -29.33 47.84 -42.36
N ARG H 77 -30.60 48.13 -42.60
CA ARG H 77 -31.19 47.90 -43.96
C ARG H 77 -30.45 48.77 -44.97
N VAL H 78 -30.23 50.03 -44.62
CA VAL H 78 -29.54 50.96 -45.57
C VAL H 78 -28.12 50.47 -45.78
N ILE H 79 -27.45 50.07 -44.71
CA ILE H 79 -26.01 49.68 -44.83
C ILE H 79 -25.92 48.48 -45.77
N ARG H 80 -26.88 47.56 -45.69
CA ARG H 80 -26.78 46.34 -46.53
C ARG H 80 -26.78 46.78 -48.00
N THR H 81 -27.68 47.71 -48.35
CA THR H 81 -27.77 48.19 -49.75
C THR H 81 -26.47 48.90 -50.13
N CYS H 82 -25.91 49.70 -49.23
CA CYS H 82 -24.72 50.49 -49.60
C CYS H 82 -23.57 49.52 -49.93
N LYS H 83 -23.43 48.47 -49.12
CA LYS H 83 -22.37 47.46 -49.36
C LYS H 83 -22.66 46.78 -50.70
N LYS H 84 -23.94 46.54 -50.97
CA LYS H 84 -24.33 45.89 -52.23
C LYS H 84 -23.90 46.78 -53.39
N MET H 85 -24.06 48.10 -53.24
CA MET H 85 -23.73 49.04 -54.35
C MET H 85 -22.26 49.46 -54.28
N GLY H 86 -21.54 49.03 -53.24
CA GLY H 86 -20.10 49.34 -53.13
C GLY H 86 -19.83 50.65 -52.41
N ILE H 87 -20.89 51.38 -52.04
CA ILE H 87 -20.72 52.65 -51.28
C ILE H 87 -20.18 52.31 -49.88
N LYS H 88 -19.16 53.05 -49.41
CA LYS H 88 -18.65 52.85 -48.03
C LYS H 88 -19.66 53.45 -47.07
N THR H 89 -19.67 53.01 -45.81
CA THR H 89 -20.74 53.50 -44.92
C THR H 89 -20.17 54.04 -43.60
N VAL H 90 -20.85 55.01 -43.01
CA VAL H 90 -20.45 55.54 -41.67
C VAL H 90 -21.74 55.53 -40.84
N ALA H 91 -21.66 55.28 -39.54
CA ALA H 91 -22.89 55.19 -38.72
C ALA H 91 -22.76 56.06 -37.48
N ILE H 92 -23.89 56.49 -36.94
CA ILE H 92 -23.87 57.35 -35.72
C ILE H 92 -24.54 56.58 -34.60
N HIS H 93 -23.94 56.57 -33.42
CA HIS H 93 -24.50 55.80 -32.30
C HIS H 93 -24.49 56.63 -31.03
N SER H 94 -25.47 56.41 -30.16
CA SER H 94 -25.42 57.09 -28.85
C SER H 94 -24.39 56.33 -28.01
N ASP H 95 -24.34 56.61 -26.70
CA ASP H 95 -23.39 55.80 -25.88
C ASP H 95 -23.89 54.36 -25.71
N VAL H 96 -25.18 54.17 -25.43
CA VAL H 96 -25.72 52.81 -25.14
C VAL H 96 -25.68 51.91 -26.38
N ASP H 97 -25.63 52.47 -27.58
CA ASP H 97 -25.73 51.64 -28.81
C ASP H 97 -24.35 51.38 -29.40
N ALA H 98 -23.30 51.44 -28.58
CA ALA H 98 -21.92 51.31 -29.10
C ALA H 98 -21.68 49.98 -29.80
N SER H 99 -22.25 48.89 -29.28
CA SER H 99 -21.99 47.54 -29.85
C SER H 99 -23.16 47.07 -30.72
N SER H 100 -24.08 47.97 -31.06
CA SER H 100 -25.30 47.57 -31.81
C SER H 100 -24.94 47.07 -33.20
N VAL H 101 -25.83 46.30 -33.82
CA VAL H 101 -25.49 45.64 -35.11
C VAL H 101 -25.12 46.72 -36.12
N HIS H 102 -25.82 47.86 -36.12
CA HIS H 102 -25.51 48.87 -37.17
C HIS H 102 -24.05 49.34 -37.02
N VAL H 103 -23.60 49.58 -35.79
CA VAL H 103 -22.22 50.09 -35.56
C VAL H 103 -21.25 49.04 -36.06
N LYS H 104 -21.51 47.78 -35.73
CA LYS H 104 -20.63 46.68 -36.19
C LYS H 104 -20.69 46.57 -37.70
N MET H 105 -21.89 46.71 -38.26
CA MET H 105 -22.06 46.60 -39.73
C MET H 105 -21.36 47.76 -40.44
N ALA H 106 -21.38 48.97 -39.89
CA ALA H 106 -20.81 50.13 -40.60
C ALA H 106 -19.30 49.98 -40.80
N ASP H 107 -18.77 50.48 -41.93
CA ASP H 107 -17.30 50.47 -42.15
C ASP H 107 -16.64 51.36 -41.10
N GLU H 108 -17.23 52.51 -40.80
CA GLU H 108 -16.70 53.40 -39.73
C GLU H 108 -17.87 53.84 -38.85
N ALA H 109 -17.61 54.19 -37.59
CA ALA H 109 -18.69 54.69 -36.72
C ALA H 109 -18.20 55.88 -35.88
N VAL H 110 -19.09 56.80 -35.52
CA VAL H 110 -18.73 57.96 -34.66
C VAL H 110 -19.78 58.09 -33.56
N CYS H 111 -19.37 58.25 -32.30
CA CYS H 111 -20.35 58.57 -31.23
C CYS H 111 -20.88 59.98 -31.44
N VAL H 112 -22.17 60.19 -31.23
CA VAL H 112 -22.78 61.54 -31.41
C VAL H 112 -23.39 62.03 -30.10
N GLY H 113 -23.17 61.33 -28.99
CA GLY H 113 -23.66 61.93 -27.74
C GLY H 113 -24.24 60.98 -26.72
N PRO H 114 -24.92 61.50 -25.69
CA PRO H 114 -25.49 60.69 -24.61
C PRO H 114 -26.70 59.85 -25.05
N ALA H 115 -27.12 58.92 -24.20
CA ALA H 115 -28.20 57.99 -24.57
C ALA H 115 -29.53 58.66 -24.93
N PRO H 116 -30.06 59.69 -24.22
CA PRO H 116 -31.37 60.22 -24.61
C PRO H 116 -31.35 60.68 -26.08
N THR H 117 -32.44 60.42 -26.81
CA THR H 117 -32.49 60.71 -28.27
C THR H 117 -32.31 62.19 -28.56
N SER H 118 -32.89 63.04 -27.72
CA SER H 118 -32.81 64.50 -27.93
C SER H 118 -31.33 64.90 -27.93
N LYS H 119 -30.53 64.28 -27.06
CA LYS H 119 -29.10 64.67 -26.91
C LYS H 119 -28.23 63.89 -27.91
N SER H 120 -28.82 63.03 -28.72
CA SER H 120 -27.98 62.19 -29.63
C SER H 120 -28.46 62.26 -31.08
N TYR H 121 -29.56 61.59 -31.42
CA TYR H 121 -30.03 61.52 -32.82
C TYR H 121 -30.53 62.90 -33.24
N LEU H 122 -31.17 63.62 -32.33
CA LEU H 122 -31.73 64.95 -32.67
C LEU H 122 -30.68 66.05 -32.43
N ASN H 123 -29.47 65.69 -31.99
CA ASN H 123 -28.40 66.71 -31.85
C ASN H 123 -27.71 66.84 -33.21
N MET H 124 -28.15 67.79 -34.02
CA MET H 124 -27.60 67.97 -35.40
C MET H 124 -26.13 68.37 -35.32
N ASP H 125 -25.77 69.20 -34.34
CA ASP H 125 -24.38 69.74 -34.30
C ASP H 125 -23.40 68.57 -34.23
N ALA H 126 -23.69 67.60 -33.38
CA ALA H 126 -22.76 66.47 -33.20
C ALA H 126 -22.66 65.71 -34.53
N ILE H 127 -23.80 65.51 -35.19
CA ILE H 127 -23.81 64.78 -36.49
C ILE H 127 -23.03 65.61 -37.51
N MET H 128 -23.21 66.94 -37.50
CA MET H 128 -22.56 67.78 -38.52
C MET H 128 -21.05 67.66 -38.37
N GLU H 129 -20.56 67.69 -37.13
CA GLU H 129 -19.10 67.58 -36.90
C GLU H 129 -18.65 66.22 -37.42
N ALA H 130 -19.47 65.19 -37.19
CA ALA H 130 -19.12 63.83 -37.64
C ALA H 130 -19.03 63.80 -39.16
N ILE H 131 -19.96 64.45 -39.85
CA ILE H 131 -19.97 64.46 -41.33
C ILE H 131 -18.68 65.13 -41.81
N LYS H 132 -18.33 66.24 -41.17
CA LYS H 132 -17.09 66.97 -41.55
C LYS H 132 -15.90 66.06 -41.29
N LYS H 133 -15.91 65.38 -40.14
CA LYS H 133 -14.78 64.50 -39.75
C LYS H 133 -14.66 63.36 -40.78
N THR H 134 -15.79 62.80 -41.19
CA THR H 134 -15.75 61.61 -42.08
C THR H 134 -15.66 62.01 -43.56
N ARG H 135 -15.77 63.31 -43.87
CA ARG H 135 -15.81 63.72 -45.29
C ARG H 135 -16.97 62.98 -45.95
N ALA H 136 -18.07 62.81 -45.21
CA ALA H 136 -19.27 62.10 -45.72
C ALA H 136 -19.81 62.82 -46.97
N GLN H 137 -19.87 62.12 -48.10
CA GLN H 137 -20.46 62.70 -49.33
C GLN H 137 -21.97 62.91 -49.20
N ALA H 138 -22.71 61.96 -48.61
CA ALA H 138 -24.19 62.05 -48.58
C ALA H 138 -24.76 61.55 -47.24
N VAL H 139 -25.98 61.97 -46.89
CA VAL H 139 -26.62 61.52 -45.62
C VAL H 139 -27.99 60.89 -45.93
N HIS H 140 -28.26 59.70 -45.40
CA HIS H 140 -29.60 59.07 -45.55
C HIS H 140 -30.26 59.14 -44.18
N PRO H 141 -31.42 59.79 -44.02
CA PRO H 141 -32.01 59.98 -42.69
C PRO H 141 -32.95 58.87 -42.24
N GLY H 142 -33.16 57.86 -43.10
CA GLY H 142 -34.11 56.77 -42.77
C GLY H 142 -35.50 57.33 -42.51
N TYR H 143 -36.10 56.95 -41.39
CA TYR H 143 -37.46 57.45 -41.03
C TYR H 143 -37.47 57.87 -39.57
N GLY H 144 -38.29 58.86 -39.21
CA GLY H 144 -38.30 59.38 -37.84
C GLY H 144 -37.13 60.30 -37.64
N PHE H 145 -36.93 60.80 -36.41
CA PHE H 145 -35.72 61.62 -36.14
C PHE H 145 -35.63 62.81 -37.11
N LEU H 146 -34.50 62.95 -37.81
CA LEU H 146 -34.30 64.13 -38.69
C LEU H 146 -34.52 63.80 -40.17
N SER H 147 -35.52 62.98 -40.52
CA SER H 147 -35.82 62.76 -41.95
C SER H 147 -36.55 64.00 -42.50
N GLU H 148 -37.44 64.60 -41.71
CA GLU H 148 -38.26 65.73 -42.17
C GLU H 148 -37.78 67.07 -41.60
N ASN H 149 -36.61 67.13 -40.96
CA ASN H 149 -36.19 68.41 -40.33
C ASN H 149 -35.54 69.31 -41.38
N LYS H 150 -36.12 70.48 -41.62
CA LYS H 150 -35.60 71.39 -42.68
C LYS H 150 -34.19 71.87 -42.32
N GLU H 151 -33.97 72.17 -41.04
CA GLU H 151 -32.73 72.88 -40.63
C GLU H 151 -31.54 72.00 -40.99
N PHE H 152 -31.66 70.69 -40.78
CA PHE H 152 -30.54 69.76 -41.05
C PHE H 152 -30.18 69.82 -42.55
N ALA H 153 -31.20 69.86 -43.41
CA ALA H 153 -30.96 69.87 -44.87
C ALA H 153 -30.19 71.14 -45.23
N ARG H 154 -30.55 72.26 -44.59
CA ARG H 154 -29.86 73.54 -44.87
C ARG H 154 -28.39 73.41 -44.49
N CYS H 155 -28.11 72.81 -43.33
CA CYS H 155 -26.71 72.66 -42.87
C CYS H 155 -25.97 71.75 -43.85
N LEU H 156 -26.64 70.69 -44.31
CA LEU H 156 -26.01 69.78 -45.30
C LEU H 156 -25.72 70.56 -46.57
N ALA H 157 -26.67 71.39 -46.99
CA ALA H 157 -26.50 72.19 -48.23
C ALA H 157 -25.32 73.14 -48.03
N ALA H 158 -25.21 73.72 -46.83
CA ALA H 158 -24.11 74.67 -46.55
C ALA H 158 -22.79 73.94 -46.71
N GLU H 159 -22.73 72.68 -46.26
CA GLU H 159 -21.45 71.92 -46.32
C GLU H 159 -21.41 71.08 -47.60
N ASP H 160 -22.36 71.32 -48.51
CA ASP H 160 -22.37 70.59 -49.82
C ASP H 160 -22.48 69.08 -49.59
N VAL H 161 -23.34 68.67 -48.66
CA VAL H 161 -23.62 67.22 -48.41
C VAL H 161 -25.00 66.91 -48.99
N VAL H 162 -25.07 65.94 -49.91
CA VAL H 162 -26.37 65.57 -50.55
C VAL H 162 -27.29 64.97 -49.47
N PHE H 163 -28.57 65.34 -49.48
CA PHE H 163 -29.52 64.70 -48.53
C PHE H 163 -30.36 63.73 -49.34
N ILE H 164 -30.43 62.47 -48.92
CA ILE H 164 -31.15 61.46 -49.75
C ILE H 164 -32.62 61.52 -49.32
N GLY H 165 -33.44 62.21 -50.10
CA GLY H 165 -34.86 62.39 -49.76
C GLY H 165 -35.45 63.47 -50.64
N PRO H 166 -36.66 63.99 -50.35
CA PRO H 166 -37.20 65.10 -51.13
C PRO H 166 -36.73 66.49 -50.67
N ASP H 167 -37.09 67.56 -51.40
CA ASP H 167 -36.72 68.95 -51.06
C ASP H 167 -37.51 69.46 -49.85
N THR H 168 -36.99 70.48 -49.15
CA THR H 168 -37.66 70.99 -47.93
C THR H 168 -39.05 71.53 -48.26
N HIS H 169 -39.19 72.18 -49.41
CA HIS H 169 -40.50 72.78 -49.78
C HIS H 169 -41.53 71.66 -49.91
N ALA H 170 -41.15 70.55 -50.55
CA ALA H 170 -42.09 69.44 -50.76
C ALA H 170 -42.50 68.89 -49.39
N ILE H 171 -41.52 68.74 -48.49
CA ILE H 171 -41.82 68.24 -47.12
C ILE H 171 -42.70 69.25 -46.39
N GLN H 172 -42.38 70.54 -46.48
CA GLN H 172 -43.15 71.59 -45.76
C GLN H 172 -44.57 71.68 -46.33
N ALA H 173 -44.71 71.57 -47.65
CA ALA H 173 -46.04 71.75 -48.27
C ALA H 173 -47.00 70.70 -47.70
N MET H 174 -46.53 69.46 -47.65
CA MET H 174 -47.35 68.36 -47.07
C MET H 174 -47.46 68.57 -45.57
N GLY H 175 -46.44 69.21 -44.96
CA GLY H 175 -46.45 69.46 -43.51
C GLY H 175 -47.63 70.33 -43.12
N ASP H 176 -47.98 71.32 -43.96
CA ASP H 176 -49.18 72.15 -43.67
C ASP H 176 -50.44 71.41 -44.15
N LYS H 177 -51.37 71.16 -43.22
CA LYS H 177 -52.68 70.53 -43.52
C LYS H 177 -53.53 71.44 -44.42
N ILE H 178 -53.54 72.74 -44.14
CA ILE H 178 -54.43 73.66 -44.92
C ILE H 178 -53.99 73.73 -46.38
N GLU H 179 -52.68 73.83 -46.64
CA GLU H 179 -52.19 74.00 -48.03
C GLU H 179 -52.28 72.65 -48.75
N SER H 180 -51.81 71.59 -48.10
CA SER H 180 -51.88 70.24 -48.65
C SER H 180 -53.23 69.94 -49.32
N LYS H 181 -54.36 70.38 -48.74
CA LYS H 181 -55.69 70.20 -49.34
C LYS H 181 -55.89 71.02 -50.60
N LEU H 182 -55.43 72.29 -50.60
CA LEU H 182 -55.48 73.14 -51.78
C LEU H 182 -54.66 72.55 -52.93
N LEU H 183 -53.48 71.99 -52.62
CA LEU H 183 -52.64 71.29 -53.58
C LEU H 183 -53.30 70.00 -54.09
N ALA H 184 -53.90 69.21 -53.19
CA ALA H 184 -54.66 68.01 -53.55
C ALA H 184 -55.82 68.35 -54.50
N LYS H 185 -56.62 69.38 -54.20
CA LYS H 185 -57.69 69.86 -55.08
C LYS H 185 -57.18 70.32 -56.44
N LYS H 186 -56.09 71.09 -56.47
CA LYS H 186 -55.45 71.56 -57.71
C LYS H 186 -54.89 70.40 -58.54
N ALA H 187 -54.44 69.33 -57.88
CA ALA H 187 -53.96 68.14 -58.62
C ALA H 187 -55.17 67.30 -59.00
N GLU H 188 -56.36 67.74 -58.58
CA GLU H 188 -57.64 67.02 -58.88
C GLU H 188 -57.64 65.63 -58.22
N VAL H 189 -56.93 65.47 -57.10
CA VAL H 189 -57.00 64.19 -56.34
C VAL H 189 -58.30 64.22 -55.55
N ASN H 190 -58.83 63.05 -55.15
CA ASN H 190 -60.14 63.02 -54.45
C ASN H 190 -60.16 64.06 -53.33
N THR H 191 -61.16 64.93 -53.33
CA THR H 191 -61.19 66.08 -52.39
C THR H 191 -61.31 65.67 -50.92
N ILE H 192 -60.67 66.44 -50.04
CA ILE H 192 -60.80 66.22 -48.57
C ILE H 192 -61.10 67.60 -47.97
N PRO H 193 -62.26 68.23 -48.23
CA PRO H 193 -62.54 69.60 -47.76
C PRO H 193 -62.76 69.78 -46.25
N GLY H 194 -62.31 70.90 -45.70
CA GLY H 194 -62.54 71.21 -44.26
C GLY H 194 -63.40 72.45 -44.14
N PHE H 195 -64.44 72.42 -43.31
CA PHE H 195 -65.38 73.58 -43.21
C PHE H 195 -65.21 74.31 -41.88
N ASP H 196 -64.55 75.46 -41.88
CA ASP H 196 -64.35 76.28 -40.65
C ASP H 196 -65.69 76.89 -40.18
N GLY H 197 -66.54 77.34 -41.11
CA GLY H 197 -67.80 78.03 -40.75
C GLY H 197 -68.90 77.09 -40.28
N VAL H 198 -70.02 77.66 -39.84
CA VAL H 198 -71.17 76.83 -39.33
C VAL H 198 -72.17 76.55 -40.46
N VAL H 199 -72.91 75.44 -40.36
CA VAL H 199 -73.92 75.01 -41.39
C VAL H 199 -75.22 75.71 -41.00
N LYS H 200 -75.77 76.58 -41.87
CA LYS H 200 -76.97 77.36 -41.50
C LYS H 200 -78.27 76.60 -41.65
N ASP H 201 -78.43 75.88 -42.76
CA ASP H 201 -79.67 75.20 -43.11
C ASP H 201 -79.41 73.90 -43.92
N ALA H 202 -80.48 73.14 -44.15
CA ALA H 202 -80.42 71.84 -44.81
C ALA H 202 -79.97 71.93 -46.29
N GLU H 203 -80.23 73.03 -46.99
CA GLU H 203 -79.80 73.19 -48.39
C GLU H 203 -78.31 73.58 -48.47
N GLU H 204 -77.84 74.42 -47.55
CA GLU H 204 -76.41 74.66 -47.37
C GLU H 204 -75.67 73.38 -46.98
N ALA H 205 -76.28 72.52 -46.16
CA ALA H 205 -75.74 71.21 -45.81
C ALA H 205 -75.53 70.33 -47.05
N VAL H 206 -76.52 70.26 -47.95
CA VAL H 206 -76.43 69.50 -49.21
C VAL H 206 -75.36 70.09 -50.13
N ARG H 207 -75.27 71.42 -50.27
CA ARG H 207 -74.22 72.08 -51.06
C ARG H 207 -72.82 71.67 -50.57
N ILE H 208 -72.59 71.79 -49.26
CA ILE H 208 -71.33 71.44 -48.61
C ILE H 208 -71.03 69.94 -48.75
N ALA H 209 -72.04 69.08 -48.57
CA ALA H 209 -71.88 67.64 -48.68
C ALA H 209 -71.45 67.21 -50.10
N ARG H 210 -72.00 67.84 -51.13
CA ARG H 210 -71.60 67.63 -52.54
C ARG H 210 -70.17 68.11 -52.82
N GLU H 211 -69.75 69.22 -52.20
CA GLU H 211 -68.37 69.75 -52.32
C GLU H 211 -67.34 68.82 -51.65
N ILE H 212 -67.66 68.26 -50.49
CA ILE H 212 -66.80 67.31 -49.75
C ILE H 212 -66.78 65.92 -50.42
N GLY H 213 -67.94 65.50 -50.93
CA GLY H 213 -68.19 64.16 -51.49
C GLY H 213 -68.71 63.17 -50.44
N TYR H 214 -69.73 62.40 -50.82
CA TYR H 214 -70.36 61.38 -49.97
C TYR H 214 -69.47 60.14 -49.72
N PRO H 215 -69.66 59.43 -48.60
CA PRO H 215 -70.51 59.79 -47.46
C PRO H 215 -69.93 60.93 -46.60
N VAL H 216 -70.82 61.68 -45.95
CA VAL H 216 -70.45 62.75 -45.01
C VAL H 216 -70.98 62.46 -43.61
N MET H 217 -70.34 63.05 -42.60
CA MET H 217 -70.73 63.00 -41.21
C MET H 217 -71.17 64.40 -40.77
N ILE H 218 -72.41 64.50 -40.31
CA ILE H 218 -73.01 65.68 -39.69
C ILE H 218 -72.76 65.57 -38.19
N LYS H 219 -72.18 66.60 -37.56
CA LYS H 219 -71.81 66.60 -36.12
C LYS H 219 -72.27 67.88 -35.43
N ALA H 220 -72.78 67.75 -34.21
CA ALA H 220 -73.00 68.88 -33.31
C ALA H 220 -71.68 69.56 -32.89
N SER H 221 -71.67 70.89 -32.91
CA SER H 221 -70.52 71.71 -32.47
C SER H 221 -70.26 71.56 -30.97
N ALA H 222 -71.32 71.46 -30.18
CA ALA H 222 -71.26 71.17 -28.74
C ALA H 222 -71.58 69.70 -28.45
N GLY H 223 -71.17 69.22 -27.27
CA GLY H 223 -71.46 67.86 -26.82
C GLY H 223 -70.43 66.79 -27.21
N GLY H 224 -70.60 65.58 -26.67
CA GLY H 224 -69.70 64.45 -26.85
C GLY H 224 -70.43 63.10 -26.78
N GLY H 225 -69.72 61.99 -27.03
CA GLY H 225 -70.28 60.63 -26.97
C GLY H 225 -71.15 60.22 -28.17
N GLY H 226 -71.19 61.02 -29.23
CA GLY H 226 -71.90 60.72 -30.48
C GLY H 226 -73.37 61.11 -30.55
N LYS H 227 -73.90 61.77 -29.52
CA LYS H 227 -75.18 62.49 -29.60
C LYS H 227 -75.08 63.62 -30.62
N GLY H 228 -76.10 63.76 -31.47
CA GLY H 228 -76.13 64.73 -32.56
C GLY H 228 -75.13 64.45 -33.69
N MET H 229 -74.72 63.18 -33.89
CA MET H 229 -73.91 62.75 -35.04
C MET H 229 -74.71 61.84 -35.97
N ARG H 230 -74.67 62.09 -37.28
CA ARG H 230 -75.31 61.26 -38.30
C ARG H 230 -74.48 61.13 -39.55
N ILE H 231 -74.47 59.93 -40.14
CA ILE H 231 -73.86 59.67 -41.44
C ILE H 231 -74.94 59.91 -42.50
N ALA H 232 -74.58 60.59 -43.59
CA ALA H 232 -75.42 60.78 -44.76
C ALA H 232 -74.69 60.28 -46.01
N TRP H 233 -75.35 59.41 -46.77
CA TRP H 233 -74.84 58.78 -47.99
C TRP H 233 -75.29 59.50 -49.26
N ASP H 234 -76.34 60.32 -49.17
CA ASP H 234 -76.87 61.10 -50.29
C ASP H 234 -77.52 62.42 -49.82
N ASP H 235 -78.10 63.16 -50.77
CA ASP H 235 -78.72 64.46 -50.51
C ASP H 235 -79.94 64.38 -49.60
N GLU H 236 -80.76 63.33 -49.70
CA GLU H 236 -81.98 63.20 -48.90
C GLU H 236 -81.63 62.85 -47.45
N GLU H 237 -80.71 61.91 -47.26
CA GLU H 237 -80.18 61.60 -45.93
C GLU H 237 -79.45 62.80 -45.31
N THR H 238 -78.88 63.67 -46.15
CA THR H 238 -78.24 64.89 -45.59
C THR H 238 -79.34 65.82 -45.06
N ARG H 239 -80.42 66.02 -45.82
CA ARG H 239 -81.49 66.98 -45.41
C ARG H 239 -82.13 66.51 -44.10
N ASP H 240 -82.41 65.20 -43.98
CA ASP H 240 -83.01 64.65 -42.74
C ASP H 240 -81.95 64.63 -41.64
N GLY H 241 -80.74 64.15 -41.95
CA GLY H 241 -79.65 64.11 -40.98
C GLY H 241 -79.38 65.47 -40.33
N PHE H 242 -79.37 66.56 -41.12
CA PHE H 242 -79.19 67.93 -40.62
C PHE H 242 -80.35 68.34 -39.71
N ARG H 243 -81.60 68.15 -40.17
CA ARG H 243 -82.81 68.50 -39.41
C ARG H 243 -82.85 67.76 -38.07
N LEU H 244 -82.63 66.44 -38.08
CA LEU H 244 -82.67 65.62 -36.87
C LEU H 244 -81.51 65.96 -35.92
N SER H 245 -80.29 66.12 -36.43
CA SER H 245 -79.12 66.42 -35.59
C SER H 245 -79.21 67.80 -34.95
N SER H 246 -79.78 68.80 -35.64
CA SER H 246 -79.98 70.15 -35.12
C SER H 246 -80.99 70.14 -33.98
N GLN H 247 -82.12 69.42 -34.14
CA GLN H 247 -83.12 69.24 -33.08
C GLN H 247 -82.55 68.50 -31.86
N GLU H 248 -81.77 67.44 -32.10
CA GLU H 248 -81.10 66.68 -31.03
C GLU H 248 -80.06 67.52 -30.29
N ALA H 249 -79.26 68.32 -31.01
CA ALA H 249 -78.25 69.20 -30.42
C ALA H 249 -78.87 70.36 -29.63
N ALA H 250 -79.92 71.00 -30.18
CA ALA H 250 -80.67 72.04 -29.49
C ALA H 250 -81.31 71.52 -28.19
N SER H 251 -81.95 70.35 -28.23
CA SER H 251 -82.58 69.74 -27.05
C SER H 251 -81.57 69.22 -26.02
N SER H 252 -80.44 68.68 -26.46
CA SER H 252 -79.44 68.07 -25.57
C SER H 252 -78.44 69.05 -25.00
N PHE H 253 -78.07 70.09 -25.76
CA PHE H 253 -76.95 70.98 -25.45
C PHE H 253 -77.30 72.47 -25.45
N GLY H 254 -78.50 72.85 -25.90
CA GLY H 254 -78.87 74.26 -26.08
C GLY H 254 -78.07 74.98 -27.17
N ASP H 255 -77.42 74.21 -28.06
CA ASP H 255 -76.58 74.71 -29.17
C ASP H 255 -76.96 73.93 -30.43
N ASP H 256 -77.52 74.62 -31.41
CA ASP H 256 -78.01 74.05 -32.67
C ASP H 256 -76.96 74.07 -33.80
N ARG H 257 -75.75 74.59 -33.52
CA ARG H 257 -74.68 74.71 -34.52
C ARG H 257 -74.16 73.34 -34.93
N LEU H 258 -74.19 73.07 -36.24
CA LEU H 258 -73.70 71.83 -36.84
C LEU H 258 -72.49 72.05 -37.75
N LEU H 259 -71.68 71.00 -37.86
CA LEU H 259 -70.49 70.88 -38.71
C LEU H 259 -70.69 69.69 -39.67
N ILE H 260 -70.20 69.81 -40.91
CA ILE H 260 -70.29 68.65 -41.85
C ILE H 260 -68.86 68.24 -42.26
N GLU H 261 -68.54 66.95 -42.09
CA GLU H 261 -67.20 66.42 -42.45
C GLU H 261 -67.44 65.18 -43.32
N LYS H 262 -66.45 64.78 -44.13
CA LYS H 262 -66.62 63.51 -44.90
C LYS H 262 -66.63 62.32 -43.94
N PHE H 263 -67.39 61.27 -44.27
CA PHE H 263 -67.36 60.02 -43.45
C PHE H 263 -66.83 58.89 -44.33
N ILE H 264 -66.19 57.89 -43.72
CA ILE H 264 -65.69 56.71 -44.48
C ILE H 264 -66.24 55.44 -43.84
N ASP H 265 -67.08 54.68 -44.54
CA ASP H 265 -67.54 53.37 -44.00
C ASP H 265 -66.31 52.47 -43.93
N ASN H 266 -66.23 51.62 -42.89
CA ASN H 266 -65.08 50.68 -42.75
C ASN H 266 -63.85 51.41 -43.28
N PRO H 267 -63.28 52.44 -42.60
CA PRO H 267 -62.19 53.22 -43.20
C PRO H 267 -60.90 52.42 -43.31
N ARG H 268 -60.83 51.54 -44.32
CA ARG H 268 -59.57 50.79 -44.56
C ARG H 268 -58.48 51.81 -44.90
N HIS H 269 -57.30 51.66 -44.31
CA HIS H 269 -56.18 52.58 -44.60
C HIS H 269 -55.39 51.97 -45.76
N ILE H 270 -55.52 52.54 -46.95
CA ILE H 270 -54.81 52.01 -48.14
C ILE H 270 -53.88 53.11 -48.64
N GLU H 271 -52.60 52.79 -48.87
CA GLU H 271 -51.63 53.84 -49.25
C GLU H 271 -50.89 53.42 -50.51
N ILE H 272 -50.55 54.37 -51.38
CA ILE H 272 -49.84 54.06 -52.65
C ILE H 272 -48.41 54.58 -52.51
N GLN H 273 -47.42 53.71 -52.70
CA GLN H 273 -46.01 54.17 -52.67
C GLN H 273 -45.74 54.91 -53.98
N VAL H 274 -44.95 55.99 -53.93
CA VAL H 274 -44.58 56.71 -55.17
C VAL H 274 -43.06 56.85 -55.24
N LEU H 275 -42.49 56.84 -56.45
CA LEU H 275 -41.04 57.06 -56.61
C LEU H 275 -40.85 58.26 -57.53
N GLY H 276 -40.01 59.23 -57.15
CA GLY H 276 -39.82 60.46 -57.95
C GLY H 276 -38.38 60.72 -58.29
N ASP H 277 -38.12 61.46 -59.37
CA ASP H 277 -36.73 61.77 -59.80
C ASP H 277 -36.60 63.26 -60.08
N LYS H 278 -35.38 63.78 -60.11
CA LYS H 278 -35.15 65.22 -60.42
C LYS H 278 -35.66 65.50 -61.82
N HIS H 279 -35.51 64.55 -62.75
CA HIS H 279 -35.94 64.75 -64.17
C HIS H 279 -37.44 64.97 -64.25
N GLY H 280 -38.18 64.66 -63.18
CA GLY H 280 -39.64 64.89 -63.15
C GLY H 280 -40.41 63.64 -63.50
N ASN H 281 -39.73 62.57 -63.92
CA ASN H 281 -40.41 61.28 -64.17
C ASN H 281 -40.90 60.72 -62.82
N ALA H 282 -42.06 60.07 -62.79
CA ALA H 282 -42.53 59.44 -61.53
C ALA H 282 -43.16 58.07 -61.80
N LEU H 283 -43.00 57.12 -60.88
CA LEU H 283 -43.61 55.77 -61.01
C LEU H 283 -44.44 55.50 -59.76
N TRP H 284 -45.64 54.93 -59.93
CA TRP H 284 -46.48 54.56 -58.76
C TRP H 284 -46.18 53.12 -58.36
N LEU H 285 -46.02 52.85 -57.07
CA LEU H 285 -45.86 51.45 -56.67
C LEU H 285 -47.23 50.97 -56.20
N ASN H 286 -47.47 49.67 -56.17
CA ASN H 286 -48.82 49.15 -55.87
C ASN H 286 -49.21 49.50 -54.44
N GLU H 287 -50.50 49.46 -54.13
CA GLU H 287 -51.01 49.90 -52.80
C GLU H 287 -50.58 48.98 -51.66
N ARG H 288 -50.71 49.44 -50.42
CA ARG H 288 -50.41 48.62 -49.22
C ARG H 288 -51.54 48.80 -48.23
N GLU H 289 -52.02 47.72 -47.65
CA GLU H 289 -53.09 47.82 -46.64
C GLU H 289 -52.44 47.82 -45.25
N CYS H 290 -52.70 48.87 -44.46
CA CYS H 290 -52.10 49.00 -43.11
C CYS H 290 -53.23 49.18 -42.11
N SER H 291 -54.38 48.57 -42.37
CA SER H 291 -55.56 48.79 -41.50
C SER H 291 -55.31 48.32 -40.07
N ILE H 292 -54.67 47.16 -39.87
CA ILE H 292 -54.55 46.62 -38.47
C ILE H 292 -53.63 47.54 -37.67
N GLN H 293 -54.14 48.09 -36.58
CA GLN H 293 -53.32 49.06 -35.80
C GLN H 293 -53.71 49.00 -34.32
N ARG H 294 -52.76 49.32 -33.43
CA ARG H 294 -53.03 49.35 -31.97
C ARG H 294 -52.47 50.68 -31.45
N ARG H 295 -53.26 51.46 -30.70
CA ARG H 295 -52.77 52.72 -30.10
C ARG H 295 -52.25 53.63 -31.21
N ASN H 296 -52.89 53.61 -32.39
CA ASN H 296 -52.50 54.50 -33.52
C ASN H 296 -51.16 54.06 -34.09
N GLN H 297 -50.68 52.88 -33.70
CA GLN H 297 -49.41 52.37 -34.24
C GLN H 297 -49.73 51.11 -35.05
N LYS H 298 -49.27 51.03 -36.29
CA LYS H 298 -49.64 49.88 -37.16
C LYS H 298 -48.95 48.60 -36.67
N VAL H 299 -49.66 47.46 -36.69
CA VAL H 299 -49.05 46.16 -36.29
C VAL H 299 -48.84 45.25 -37.51
N VAL H 300 -49.87 45.04 -38.33
CA VAL H 300 -49.76 44.12 -39.51
C VAL H 300 -50.04 44.90 -40.80
N GLU H 301 -49.21 44.71 -41.82
CA GLU H 301 -49.38 45.42 -43.12
C GLU H 301 -49.24 44.40 -44.25
N GLU H 302 -49.98 44.57 -45.34
CA GLU H 302 -49.93 43.58 -46.45
C GLU H 302 -49.95 44.29 -47.81
N ALA H 303 -49.35 43.68 -48.83
CA ALA H 303 -49.40 44.25 -50.19
C ALA H 303 -49.50 43.12 -51.20
N PRO H 304 -50.35 43.18 -52.26
CA PRO H 304 -51.34 44.24 -52.45
C PRO H 304 -52.55 44.12 -51.52
N SER H 305 -53.42 45.12 -51.48
CA SER H 305 -54.66 44.99 -50.68
C SER H 305 -55.57 43.95 -51.31
N ILE H 306 -56.35 43.23 -50.50
CA ILE H 306 -57.30 42.21 -51.02
C ILE H 306 -58.58 42.92 -51.43
N PHE H 307 -58.64 44.24 -51.26
CA PHE H 307 -59.89 44.95 -51.53
C PHE H 307 -59.91 45.64 -52.89
N LEU H 308 -58.74 46.11 -53.37
CA LEU H 308 -58.65 46.87 -54.62
C LEU H 308 -58.62 45.98 -55.87
N ASP H 309 -59.52 46.28 -56.81
CA ASP H 309 -59.42 45.78 -58.18
C ASP H 309 -58.39 46.55 -59.02
N ALA H 310 -58.13 46.08 -60.24
CA ALA H 310 -57.13 46.66 -61.12
C ALA H 310 -57.47 48.10 -61.57
N GLU H 311 -58.75 48.43 -61.67
CA GLU H 311 -59.22 49.75 -62.07
C GLU H 311 -59.01 50.77 -60.95
N THR H 312 -59.57 50.51 -59.77
CA THR H 312 -59.40 51.43 -58.61
C THR H 312 -57.92 51.62 -58.31
N ARG H 313 -57.16 50.53 -58.22
CA ARG H 313 -55.71 50.61 -57.88
C ARG H 313 -55.00 51.55 -58.86
N ARG H 314 -55.31 51.42 -60.15
CA ARG H 314 -54.67 52.29 -61.18
C ARG H 314 -55.10 53.74 -60.95
N ALA H 315 -56.41 53.99 -60.80
CA ALA H 315 -56.90 55.33 -60.52
C ALA H 315 -56.20 55.97 -59.31
N MET H 316 -56.02 55.22 -58.21
CA MET H 316 -55.27 55.68 -57.04
C MET H 316 -53.80 55.96 -57.39
N GLY H 317 -53.14 55.07 -58.13
CA GLY H 317 -51.75 55.24 -58.57
C GLY H 317 -51.54 56.47 -59.45
N GLU H 318 -52.43 56.70 -60.40
CA GLU H 318 -52.39 57.85 -61.31
C GLU H 318 -52.61 59.17 -60.56
N GLN H 319 -53.57 59.23 -59.63
CA GLN H 319 -53.80 60.41 -58.79
C GLN H 319 -52.64 60.69 -57.84
N ALA H 320 -52.04 59.65 -57.23
CA ALA H 320 -50.87 59.81 -56.38
C ALA H 320 -49.67 60.38 -57.16
N VAL H 321 -49.44 59.91 -58.39
CA VAL H 321 -48.40 60.46 -59.28
C VAL H 321 -48.74 61.87 -59.77
N ALA H 322 -50.01 62.18 -60.04
CA ALA H 322 -50.43 63.53 -60.39
C ALA H 322 -50.09 64.53 -59.26
N LEU H 323 -50.38 64.17 -58.00
CA LEU H 323 -50.00 64.96 -56.83
C LEU H 323 -48.49 65.12 -56.70
N ALA H 324 -47.74 64.01 -56.80
CA ALA H 324 -46.28 64.03 -56.73
C ALA H 324 -45.68 64.96 -57.80
N ARG H 325 -46.20 64.94 -59.03
CA ARG H 325 -45.77 65.85 -60.11
C ARG H 325 -46.14 67.30 -59.84
N ALA H 326 -47.34 67.56 -59.30
CA ALA H 326 -47.81 68.90 -58.99
C ALA H 326 -46.88 69.63 -57.99
N VAL H 327 -46.28 68.87 -57.08
CA VAL H 327 -45.37 69.46 -56.05
C VAL H 327 -43.90 69.14 -56.40
N LYS H 328 -43.64 68.62 -57.61
CA LYS H 328 -42.24 68.36 -58.07
C LYS H 328 -41.49 67.46 -57.08
N TYR H 329 -42.11 66.35 -56.64
CA TYR H 329 -41.47 65.41 -55.67
C TYR H 329 -40.24 64.74 -56.30
N SER H 330 -39.18 64.49 -55.53
CA SER H 330 -37.92 63.92 -56.08
C SER H 330 -37.33 62.82 -55.18
N SER H 331 -38.09 61.77 -54.89
CA SER H 331 -37.65 60.63 -54.02
C SER H 331 -38.77 59.60 -53.86
N ALA H 332 -38.52 58.51 -53.13
CA ALA H 332 -39.60 57.57 -52.82
C ALA H 332 -40.48 58.19 -51.72
N GLY H 333 -41.81 58.06 -51.83
CA GLY H 333 -42.73 58.63 -50.83
C GLY H 333 -44.01 57.82 -50.75
N THR H 334 -44.98 58.25 -49.94
CA THR H 334 -46.25 57.52 -49.91
C THR H 334 -47.42 58.47 -49.83
N VAL H 335 -48.42 58.23 -50.67
CA VAL H 335 -49.69 58.96 -50.68
C VAL H 335 -50.73 58.07 -49.99
N GLU H 336 -51.21 58.51 -48.83
CA GLU H 336 -52.15 57.75 -48.00
C GLU H 336 -53.60 58.10 -48.35
N PHE H 337 -54.46 57.09 -48.40
CA PHE H 337 -55.89 57.24 -48.65
C PHE H 337 -56.74 56.50 -47.61
N LEU H 338 -57.90 57.07 -47.31
CA LEU H 338 -59.02 56.33 -46.70
C LEU H 338 -59.91 55.79 -47.82
N VAL H 339 -60.21 54.49 -47.77
CA VAL H 339 -61.07 53.82 -48.76
C VAL H 339 -62.33 53.31 -48.08
N ASP H 340 -63.49 53.70 -48.57
CA ASP H 340 -64.79 53.28 -48.05
C ASP H 340 -65.24 51.91 -48.60
N SER H 341 -66.36 51.39 -48.09
CA SER H 341 -66.92 50.10 -48.52
C SER H 341 -67.38 50.06 -50.00
N LYS H 342 -67.57 51.22 -50.62
CA LYS H 342 -67.93 51.37 -52.05
C LYS H 342 -66.71 51.60 -52.93
N LYS H 343 -65.49 51.49 -52.39
CA LYS H 343 -64.21 51.74 -53.07
C LYS H 343 -63.99 53.20 -53.48
N ASN H 344 -64.76 54.14 -52.92
CA ASN H 344 -64.36 55.55 -53.03
C ASN H 344 -63.15 55.75 -52.12
N PHE H 345 -62.15 56.45 -52.64
CA PHE H 345 -60.91 56.71 -51.94
C PHE H 345 -60.68 58.21 -51.80
N TYR H 346 -60.14 58.62 -50.66
CA TYR H 346 -59.97 60.02 -50.29
C TYR H 346 -58.58 60.24 -49.70
N PHE H 347 -57.86 61.22 -50.23
CA PHE H 347 -56.52 61.61 -49.80
C PHE H 347 -56.52 61.99 -48.32
N LEU H 348 -55.60 61.39 -47.57
CA LEU H 348 -55.38 61.66 -46.16
C LEU H 348 -54.16 62.56 -45.99
N GLU H 349 -53.00 62.08 -46.42
CA GLU H 349 -51.72 62.80 -46.34
C GLU H 349 -50.70 62.20 -47.32
N MET H 350 -49.64 62.95 -47.62
CA MET H 350 -48.60 62.37 -48.50
C MET H 350 -47.29 62.29 -47.70
N ASN H 351 -46.95 61.09 -47.23
CA ASN H 351 -45.71 60.90 -46.48
C ASN H 351 -44.54 61.24 -47.42
N THR H 352 -43.53 61.95 -46.89
CA THR H 352 -42.37 62.34 -47.71
C THR H 352 -41.09 61.70 -47.16
N ARG H 353 -41.15 60.42 -46.78
CA ARG H 353 -39.97 59.70 -46.22
C ARG H 353 -40.09 58.22 -46.57
N LEU H 354 -38.98 57.48 -46.57
CA LEU H 354 -39.13 56.00 -46.77
C LEU H 354 -39.92 55.52 -45.57
N GLN H 355 -40.93 54.67 -45.79
CA GLN H 355 -41.78 54.28 -44.65
C GLN H 355 -41.29 52.98 -44.02
N VAL H 356 -41.81 52.65 -42.84
CA VAL H 356 -41.41 51.40 -42.13
C VAL H 356 -41.93 50.21 -42.94
N GLU H 357 -43.10 50.32 -43.56
CA GLU H 357 -43.75 49.18 -44.24
C GLU H 357 -43.29 49.05 -45.68
N HIS H 358 -42.17 49.70 -46.01
CA HIS H 358 -41.63 49.66 -47.40
C HIS H 358 -41.32 48.24 -47.89
N PRO H 359 -40.82 47.28 -47.10
CA PRO H 359 -40.43 45.96 -47.64
C PRO H 359 -41.55 45.17 -48.33
N VAL H 360 -42.80 45.24 -47.86
CA VAL H 360 -43.83 44.41 -48.52
C VAL H 360 -43.94 44.84 -49.99
N THR H 361 -43.90 46.16 -50.23
CA THR H 361 -43.92 46.66 -51.63
C THR H 361 -42.66 46.17 -52.34
N GLU H 362 -41.52 46.16 -51.67
CA GLU H 362 -40.28 45.77 -52.36
C GLU H 362 -40.45 44.34 -52.87
N CYS H 363 -41.06 43.48 -52.07
CA CYS H 363 -41.20 42.05 -52.47
C CYS H 363 -42.08 41.90 -53.71
N ILE H 364 -43.26 42.53 -53.73
CA ILE H 364 -44.16 42.32 -54.91
C ILE H 364 -43.54 42.96 -56.15
N THR H 365 -43.02 44.19 -56.01
CA THR H 365 -42.39 44.92 -57.15
C THR H 365 -41.08 44.29 -57.60
N GLY H 366 -40.28 43.77 -56.68
CA GLY H 366 -38.94 43.27 -57.05
C GLY H 366 -37.93 44.40 -57.08
N LEU H 367 -38.25 45.55 -56.47
CA LEU H 367 -37.35 46.73 -56.55
C LEU H 367 -36.76 47.08 -55.18
N ASP H 368 -35.51 47.54 -55.14
CA ASP H 368 -34.85 47.98 -53.88
C ASP H 368 -35.05 49.48 -53.75
N LEU H 369 -35.90 49.91 -52.81
CA LEU H 369 -36.26 51.35 -52.72
C LEU H 369 -35.01 52.14 -52.33
N VAL H 370 -34.22 51.59 -51.42
CA VAL H 370 -33.02 52.34 -50.93
C VAL H 370 -32.05 52.55 -52.11
N GLN H 371 -31.87 51.53 -52.94
CA GLN H 371 -30.94 51.67 -54.09
C GLN H 371 -31.48 52.77 -55.00
N GLU H 372 -32.79 52.78 -55.22
CA GLU H 372 -33.40 53.79 -56.11
C GLU H 372 -33.24 55.18 -55.50
N MET H 373 -33.39 55.29 -54.18
CA MET H 373 -33.25 56.62 -53.52
C MET H 373 -31.83 57.13 -53.75
N ILE H 374 -30.84 56.26 -53.61
CA ILE H 374 -29.41 56.65 -53.83
C ILE H 374 -29.21 57.04 -55.29
N ARG H 375 -29.78 56.27 -56.23
CA ARG H 375 -29.54 56.58 -57.67
C ARG H 375 -30.13 57.95 -57.98
N VAL H 376 -31.32 58.23 -57.46
CA VAL H 376 -32.00 59.53 -57.71
C VAL H 376 -31.14 60.64 -57.09
N ALA H 377 -30.57 60.41 -55.90
CA ALA H 377 -29.76 61.43 -55.23
C ALA H 377 -28.53 61.77 -56.07
N LYS H 378 -27.91 60.76 -56.69
CA LYS H 378 -26.75 61.02 -57.59
C LYS H 378 -27.26 61.80 -58.81
N GLY H 379 -28.57 61.71 -59.08
CA GLY H 379 -29.16 62.40 -60.24
C GLY H 379 -29.26 61.46 -61.43
N TYR H 380 -28.91 60.19 -61.23
CA TYR H 380 -29.10 59.21 -62.33
C TYR H 380 -30.59 59.08 -62.63
N PRO H 381 -31.01 59.01 -63.91
CA PRO H 381 -32.42 58.90 -64.27
C PRO H 381 -33.04 57.53 -63.95
N LEU H 382 -34.35 57.48 -63.72
CA LEU H 382 -35.03 56.20 -63.37
C LEU H 382 -34.91 55.21 -64.54
N ARG H 383 -34.73 53.93 -64.24
CA ARG H 383 -34.60 52.88 -65.30
C ARG H 383 -35.93 52.16 -65.49
N HIS H 384 -37.02 52.65 -64.89
CA HIS H 384 -38.31 51.90 -64.98
C HIS H 384 -39.45 52.80 -65.43
N LYS H 385 -40.45 52.23 -66.10
CA LYS H 385 -41.66 52.99 -66.52
C LYS H 385 -42.86 52.31 -65.85
N GLN H 386 -43.91 53.07 -65.52
CA GLN H 386 -45.06 52.48 -64.80
C GLN H 386 -45.41 51.12 -65.39
N ALA H 387 -45.38 51.00 -66.72
CA ALA H 387 -45.69 49.73 -67.36
C ALA H 387 -44.76 48.56 -66.94
N ASP H 388 -43.57 48.86 -66.40
CA ASP H 388 -42.62 47.85 -65.93
C ASP H 388 -42.95 47.40 -64.50
N ILE H 389 -43.72 48.20 -63.75
CA ILE H 389 -44.09 47.93 -62.36
C ILE H 389 -45.28 46.96 -62.33
N ARG H 390 -44.99 45.70 -62.00
CA ARG H 390 -45.99 44.64 -61.85
C ARG H 390 -46.27 44.34 -60.40
N ILE H 391 -47.42 43.72 -60.14
CA ILE H 391 -47.74 43.07 -58.87
C ILE H 391 -47.39 41.59 -59.03
N ASN H 392 -46.32 41.15 -58.36
CA ASN H 392 -45.93 39.75 -58.35
C ASN H 392 -46.16 39.20 -56.95
N GLY H 393 -47.05 38.22 -56.82
CA GLY H 393 -47.34 37.58 -55.54
C GLY H 393 -47.99 38.49 -54.50
N TRP H 394 -47.83 38.11 -53.23
CA TRP H 394 -48.40 38.79 -52.08
C TRP H 394 -47.38 38.81 -50.95
N ALA H 395 -47.25 39.94 -50.27
CA ALA H 395 -46.38 40.11 -49.13
C ALA H 395 -47.17 40.59 -47.92
N VAL H 396 -46.80 40.09 -46.74
CA VAL H 396 -47.37 40.49 -45.45
C VAL H 396 -46.22 40.78 -44.50
N GLU H 397 -46.30 41.90 -43.79
CA GLU H 397 -45.35 42.32 -42.77
C GLU H 397 -46.04 42.37 -41.41
N CYS H 398 -45.34 41.88 -40.38
CA CYS H 398 -45.87 41.92 -38.99
C CYS H 398 -44.78 42.48 -38.09
N ARG H 399 -44.83 43.78 -37.78
CA ARG H 399 -43.73 44.38 -36.97
C ARG H 399 -43.72 43.72 -35.59
N VAL H 400 -42.53 43.33 -35.11
CA VAL H 400 -42.43 42.63 -33.79
C VAL H 400 -41.99 43.65 -32.75
N TYR H 401 -42.63 43.64 -31.57
CA TYR H 401 -42.30 44.60 -30.51
C TYR H 401 -42.00 43.90 -29.19
N ALA H 402 -41.31 44.65 -28.34
CA ALA H 402 -41.06 44.15 -26.97
C ALA H 402 -42.16 44.74 -26.10
N GLU H 403 -43.38 44.22 -26.21
CA GLU H 403 -44.50 44.72 -25.40
C GLU H 403 -45.32 43.56 -24.88
N ASP H 404 -46.02 43.75 -23.77
CA ASP H 404 -46.92 42.66 -23.30
C ASP H 404 -48.22 42.82 -24.08
N PRO H 405 -48.61 41.87 -24.94
CA PRO H 405 -49.86 41.98 -25.65
C PRO H 405 -51.03 41.96 -24.66
N TYR H 406 -50.93 41.18 -23.58
CA TYR H 406 -52.04 41.04 -22.61
C TYR H 406 -52.33 42.36 -21.88
N LYS H 407 -51.31 43.14 -21.53
CA LYS H 407 -51.59 44.46 -20.90
C LYS H 407 -52.04 45.42 -21.98
N SER H 408 -53.25 45.99 -21.83
CA SER H 408 -53.81 46.87 -22.89
C SER H 408 -53.76 46.06 -24.19
N PHE H 409 -53.25 46.66 -25.27
CA PHE H 409 -53.00 45.84 -26.48
C PHE H 409 -51.49 45.73 -26.62
N GLY H 410 -50.76 46.69 -26.04
CA GLY H 410 -49.29 46.61 -26.01
C GLY H 410 -48.78 47.47 -24.87
N LEU H 411 -47.76 47.00 -24.16
CA LEU H 411 -47.17 47.82 -23.07
C LEU H 411 -45.64 47.69 -23.13
N PRO H 412 -44.85 48.79 -23.12
CA PRO H 412 -43.39 48.68 -23.30
C PRO H 412 -42.72 47.79 -22.25
N SER H 413 -41.83 46.89 -22.69
CA SER H 413 -41.13 45.97 -21.75
C SER H 413 -39.63 46.09 -22.02
N ILE H 414 -38.80 45.98 -20.98
CA ILE H 414 -37.35 46.21 -21.21
C ILE H 414 -36.54 45.04 -20.68
N GLY H 415 -35.38 44.81 -21.30
CA GLY H 415 -34.49 43.73 -20.81
C GLY H 415 -33.48 43.29 -21.83
N ARG H 416 -32.67 42.33 -21.42
CA ARG H 416 -31.60 41.83 -22.28
C ARG H 416 -32.09 40.59 -23.01
N LEU H 417 -31.88 40.56 -24.31
CA LEU H 417 -32.20 39.37 -25.10
C LEU H 417 -31.21 38.24 -24.78
N SER H 418 -31.54 37.35 -23.85
CA SER H 418 -30.65 36.25 -23.45
C SER H 418 -30.48 35.21 -24.57
N GLN H 419 -31.47 35.09 -25.44
CA GLN H 419 -31.43 34.27 -26.65
C GLN H 419 -32.36 34.87 -27.70
N TYR H 420 -31.90 34.89 -28.94
CA TYR H 420 -32.63 35.44 -30.08
C TYR H 420 -32.28 34.63 -31.32
N GLN H 421 -33.27 34.04 -31.99
CA GLN H 421 -33.10 33.27 -33.22
C GLN H 421 -34.25 33.57 -34.19
N GLU H 422 -33.89 34.19 -35.30
CA GLU H 422 -34.82 34.52 -36.39
C GLU H 422 -35.16 33.25 -37.20
N PRO H 423 -36.41 33.05 -37.72
CA PRO H 423 -36.71 31.85 -38.54
C PRO H 423 -36.42 32.01 -40.04
N LEU H 424 -35.20 32.42 -40.40
CA LEU H 424 -34.83 32.63 -41.82
C LEU H 424 -34.89 31.33 -42.62
N HIS H 425 -34.44 30.21 -42.04
CA HIS H 425 -34.39 28.91 -42.76
C HIS H 425 -35.74 28.57 -43.41
N LEU H 426 -36.86 28.99 -42.81
CA LEU H 426 -38.22 28.67 -43.32
C LEU H 426 -38.47 29.37 -44.65
N PRO H 427 -39.29 28.79 -45.57
CA PRO H 427 -39.51 29.38 -46.91
C PRO H 427 -40.23 30.73 -46.99
N GLY H 428 -39.85 31.56 -47.96
CA GLY H 428 -40.48 32.88 -48.17
C GLY H 428 -40.39 33.80 -46.98
N VAL H 429 -39.27 33.79 -46.26
CA VAL H 429 -39.19 34.60 -45.01
C VAL H 429 -38.04 35.61 -45.13
N ARG H 430 -38.31 36.88 -44.88
CA ARG H 430 -37.24 37.90 -44.85
C ARG H 430 -37.38 38.66 -43.53
N VAL H 431 -36.28 38.84 -42.81
CA VAL H 431 -36.39 39.51 -41.47
C VAL H 431 -35.57 40.79 -41.48
N ASP H 432 -36.21 41.92 -41.18
CA ASP H 432 -35.51 43.19 -41.07
C ASP H 432 -35.43 43.55 -39.57
N SER H 433 -34.26 43.32 -38.97
CA SER H 433 -33.98 43.58 -37.56
C SER H 433 -32.74 44.47 -37.36
N GLY H 434 -32.64 45.06 -36.17
CA GLY H 434 -31.50 45.86 -35.70
C GLY H 434 -30.94 45.39 -34.36
N ILE H 435 -31.26 44.11 -34.05
CA ILE H 435 -30.86 43.52 -32.75
C ILE H 435 -30.17 42.18 -32.94
N GLN H 436 -29.52 41.65 -31.90
CA GLN H 436 -28.75 40.38 -31.95
C GLN H 436 -28.87 39.73 -30.57
N PRO H 437 -28.35 38.52 -30.31
CA PRO H 437 -28.38 37.98 -28.95
C PRO H 437 -27.54 38.90 -28.04
N GLY H 438 -28.05 39.23 -26.85
CA GLY H 438 -27.34 40.14 -25.94
C GLY H 438 -27.72 41.59 -26.15
N SER H 439 -28.61 41.87 -27.08
CA SER H 439 -29.08 43.26 -27.29
C SER H 439 -29.93 43.70 -26.11
N ASP H 440 -29.81 44.98 -25.74
CA ASP H 440 -30.59 45.49 -24.59
C ASP H 440 -31.71 46.39 -25.09
N ILE H 441 -32.94 45.88 -25.15
CA ILE H 441 -34.07 46.75 -25.46
C ILE H 441 -34.14 47.80 -24.34
N SER H 442 -33.80 49.05 -24.67
CA SER H 442 -33.72 50.14 -23.70
C SER H 442 -35.01 50.96 -23.61
N ILE H 443 -35.23 51.67 -22.49
CA ILE H 443 -36.35 52.61 -22.29
C ILE H 443 -36.38 53.81 -23.25
N TYR H 444 -35.24 54.18 -23.85
CA TYR H 444 -35.06 55.46 -24.54
C TYR H 444 -35.60 55.49 -25.97
N TYR H 445 -35.83 54.32 -26.57
CA TYR H 445 -36.16 54.17 -27.98
C TYR H 445 -37.39 53.29 -28.20
N ASP H 446 -37.80 53.19 -29.46
CA ASP H 446 -38.92 52.36 -29.88
C ASP H 446 -38.69 50.86 -29.60
N PRO H 447 -39.72 50.08 -29.18
CA PRO H 447 -39.58 48.67 -28.80
C PRO H 447 -39.47 47.70 -29.97
N MET H 448 -39.42 48.18 -31.23
CA MET H 448 -39.39 47.29 -32.38
C MET H 448 -38.14 46.43 -32.36
N ILE H 449 -38.37 45.12 -32.31
CA ILE H 449 -37.36 44.06 -32.39
C ILE H 449 -36.97 43.89 -33.86
N SER H 450 -37.96 43.67 -34.73
CA SER H 450 -37.75 43.45 -36.15
C SER H 450 -39.03 43.64 -36.94
N LYS H 451 -38.88 43.77 -38.26
CA LYS H 451 -39.97 43.56 -39.21
C LYS H 451 -39.88 42.13 -39.73
N LEU H 452 -40.92 41.34 -39.52
CA LEU H 452 -41.04 40.00 -40.07
C LEU H 452 -41.91 40.06 -41.31
N ILE H 453 -41.36 39.69 -42.47
CA ILE H 453 -42.05 39.75 -43.75
C ILE H 453 -42.11 38.36 -44.36
N THR H 454 -43.27 38.01 -44.90
CA THR H 454 -43.45 36.78 -45.66
C THR H 454 -44.04 37.06 -47.02
N TYR H 455 -43.53 36.36 -48.03
CA TYR H 455 -43.93 36.51 -49.42
C TYR H 455 -44.46 35.19 -49.97
N GLY H 456 -45.51 35.24 -50.78
CA GLY H 456 -46.14 34.08 -51.44
C GLY H 456 -46.61 34.37 -52.87
N SER H 457 -46.93 33.34 -53.64
CA SER H 457 -47.54 33.47 -54.97
C SER H 457 -48.97 34.02 -54.90
N ASP H 458 -49.63 33.79 -53.76
CA ASP H 458 -51.00 34.31 -53.53
C ASP H 458 -51.13 34.70 -52.05
N ARG H 459 -52.26 35.29 -51.66
CA ARG H 459 -52.41 35.79 -50.26
C ARG H 459 -52.36 34.61 -49.27
N THR H 460 -53.01 33.50 -49.59
CA THR H 460 -53.07 32.34 -48.65
C THR H 460 -51.65 31.88 -48.32
N GLU H 461 -50.84 31.59 -49.35
CA GLU H 461 -49.46 31.13 -49.14
C GLU H 461 -48.68 32.10 -48.25
N ALA H 462 -48.80 33.42 -48.48
CA ALA H 462 -48.13 34.43 -47.66
C ALA H 462 -48.58 34.37 -46.19
N LEU H 463 -49.89 34.28 -45.92
CA LEU H 463 -50.43 34.18 -44.56
C LEU H 463 -50.02 32.88 -43.86
N LYS H 464 -49.95 31.78 -44.62
CA LYS H 464 -49.55 30.47 -44.03
C LYS H 464 -48.07 30.50 -43.64
N ARG H 465 -47.21 30.98 -44.53
CA ARG H 465 -45.76 31.06 -44.25
C ARG H 465 -45.55 31.99 -43.05
N MET H 466 -46.34 33.05 -42.94
CA MET H 466 -46.24 33.95 -41.76
C MET H 466 -46.58 33.17 -40.48
N ALA H 467 -47.81 32.66 -40.37
CA ALA H 467 -48.16 31.85 -39.20
C ALA H 467 -47.02 30.88 -38.82
N ASP H 468 -46.47 30.16 -39.80
CA ASP H 468 -45.34 29.24 -39.59
C ASP H 468 -44.09 29.98 -39.08
N ALA H 469 -43.80 31.17 -39.62
CA ALA H 469 -42.68 32.00 -39.21
C ALA H 469 -42.82 32.51 -37.78
N LEU H 470 -44.00 32.98 -37.39
CA LEU H 470 -44.28 33.42 -36.03
C LEU H 470 -44.15 32.28 -35.00
N ASP H 471 -44.60 31.07 -35.34
CA ASP H 471 -44.42 29.88 -34.47
C ASP H 471 -42.94 29.45 -34.36
N ASN H 472 -42.12 29.74 -35.36
CA ASN H 472 -40.68 29.44 -35.42
C ASN H 472 -39.77 30.57 -34.89
N TYR H 473 -40.34 31.70 -34.46
CA TYR H 473 -39.55 32.84 -34.01
C TYR H 473 -39.22 32.68 -32.52
N VAL H 474 -37.93 32.63 -32.18
CA VAL H 474 -37.48 32.55 -30.79
C VAL H 474 -37.07 33.93 -30.29
N ILE H 475 -37.74 34.42 -29.25
CA ILE H 475 -37.38 35.66 -28.54
C ILE H 475 -37.46 35.35 -27.04
N ARG H 476 -36.31 35.51 -26.34
CA ARG H 476 -36.21 35.22 -24.87
C ARG H 476 -35.53 36.36 -24.08
N GLY H 477 -36.06 36.75 -22.92
CA GLY H 477 -35.55 37.82 -22.05
C GLY H 477 -36.42 39.08 -22.03
N VAL H 478 -37.31 39.24 -23.01
CA VAL H 478 -38.37 40.25 -23.02
C VAL H 478 -39.71 39.60 -23.38
N THR H 479 -40.80 40.23 -22.98
CA THR H 479 -42.14 39.90 -23.50
C THR H 479 -42.30 40.50 -24.91
N HIS H 480 -43.08 39.85 -25.76
CA HIS H 480 -43.23 40.26 -27.16
C HIS H 480 -44.64 39.98 -27.69
N ASN H 481 -45.01 40.67 -28.77
CA ASN H 481 -46.36 40.63 -29.35
C ASN H 481 -46.64 39.50 -30.35
N ILE H 482 -45.72 38.54 -30.56
CA ILE H 482 -45.91 37.41 -31.50
C ILE H 482 -47.27 36.72 -31.33
N ALA H 483 -47.74 36.51 -30.09
CA ALA H 483 -49.03 35.87 -29.83
C ALA H 483 -50.19 36.64 -30.50
N LEU H 484 -50.20 37.97 -30.39
CA LEU H 484 -51.21 38.83 -31.02
C LEU H 484 -51.08 38.78 -32.54
N LEU H 485 -49.87 38.97 -33.07
CA LEU H 485 -49.61 38.93 -34.51
C LEU H 485 -50.08 37.61 -35.12
N ARG H 486 -49.73 36.50 -34.49
CA ARG H 486 -50.09 35.15 -34.93
C ARG H 486 -51.60 34.95 -34.93
N GLU H 487 -52.30 35.48 -33.93
CA GLU H 487 -53.77 35.39 -33.85
C GLU H 487 -54.47 36.27 -34.91
N VAL H 488 -53.95 37.47 -35.19
CA VAL H 488 -54.47 38.34 -36.26
C VAL H 488 -54.37 37.63 -37.61
N ILE H 489 -53.21 37.07 -37.93
CA ILE H 489 -52.93 36.43 -39.23
C ILE H 489 -53.88 35.26 -39.52
N ILE H 490 -54.26 34.48 -38.50
CA ILE H 490 -55.18 33.34 -38.66
C ILE H 490 -56.65 33.71 -38.46
N ASN H 491 -56.96 34.94 -38.03
CA ASN H 491 -58.31 35.34 -37.73
C ASN H 491 -59.18 35.29 -39.00
N SER H 492 -60.36 34.68 -38.90
CA SER H 492 -61.25 34.51 -40.06
C SER H 492 -61.64 35.82 -40.76
N ARG H 493 -61.76 36.92 -40.01
CA ARG H 493 -62.05 38.24 -40.65
C ARG H 493 -60.81 38.67 -41.46
N PHE H 494 -59.63 38.65 -40.85
CA PHE H 494 -58.39 39.01 -41.54
C PHE H 494 -58.16 38.17 -42.80
N VAL H 495 -58.35 36.85 -42.71
CA VAL H 495 -58.21 35.92 -43.84
C VAL H 495 -59.22 36.23 -44.96
N LYS H 496 -60.45 36.61 -44.62
CA LYS H 496 -61.46 37.05 -45.60
C LYS H 496 -61.25 38.48 -46.11
N GLY H 497 -60.33 39.23 -45.51
CA GLY H 497 -60.11 40.64 -45.82
C GLY H 497 -61.16 41.58 -45.25
N ASP H 498 -62.03 41.15 -44.32
CA ASP H 498 -62.98 42.00 -43.59
C ASP H 498 -62.27 42.73 -42.45
N ILE H 499 -61.54 43.80 -42.81
CA ILE H 499 -60.68 44.55 -41.89
C ILE H 499 -60.90 46.05 -42.02
N SER H 500 -60.65 46.76 -40.93
CA SER H 500 -60.67 48.22 -40.81
C SER H 500 -59.65 48.64 -39.77
N THR H 501 -59.45 49.95 -39.62
CA THR H 501 -58.64 50.54 -38.53
C THR H 501 -59.13 50.21 -37.11
N LYS H 502 -60.37 49.72 -36.96
CA LYS H 502 -60.94 49.27 -35.67
C LYS H 502 -60.81 47.77 -35.44
N PHE H 503 -60.15 47.03 -36.32
CA PHE H 503 -60.10 45.57 -36.28
C PHE H 503 -59.74 45.01 -34.90
N LEU H 504 -58.68 45.53 -34.27
CA LEU H 504 -58.23 45.02 -32.96
C LEU H 504 -59.25 45.27 -31.85
N SER H 505 -59.89 46.45 -31.81
CA SER H 505 -60.95 46.74 -30.83
C SER H 505 -62.21 45.92 -31.08
N ASP H 506 -62.56 45.66 -32.34
CA ASP H 506 -63.76 44.89 -32.69
C ASP H 506 -63.59 43.40 -32.39
N VAL H 507 -62.41 42.84 -32.67
CA VAL H 507 -62.13 41.42 -32.51
C VAL H 507 -61.77 41.07 -31.07
N TYR H 508 -61.24 42.04 -30.33
CA TYR H 508 -60.88 41.79 -28.91
C TYR H 508 -61.44 42.89 -28.01
N PRO H 509 -62.77 43.01 -27.84
CA PRO H 509 -63.32 44.12 -27.07
C PRO H 509 -62.86 44.07 -25.60
N ASP H 510 -62.94 42.90 -24.98
CA ASP H 510 -62.53 42.75 -23.55
C ASP H 510 -61.03 42.98 -23.41
N GLY H 511 -60.25 42.47 -24.36
CA GLY H 511 -58.78 42.59 -24.31
C GLY H 511 -58.16 41.41 -25.02
N PHE H 512 -56.84 41.31 -25.09
CA PHE H 512 -56.23 40.10 -25.68
C PHE H 512 -56.09 39.03 -24.59
N LYS H 513 -56.73 37.88 -24.77
CA LYS H 513 -56.58 36.80 -23.81
C LYS H 513 -55.74 35.64 -24.34
N GLY H 514 -55.09 35.82 -25.47
CA GLY H 514 -54.34 34.74 -26.09
C GLY H 514 -55.25 33.78 -26.83
N HIS H 515 -54.62 32.88 -27.59
CA HIS H 515 -55.37 31.93 -28.38
C HIS H 515 -56.35 31.16 -27.50
N MET H 516 -57.47 30.76 -28.10
CA MET H 516 -58.48 29.97 -27.41
C MET H 516 -58.52 28.59 -28.04
N LEU H 517 -58.22 27.57 -27.24
CA LEU H 517 -58.05 26.21 -27.83
C LEU H 517 -59.38 25.51 -28.08
N THR H 518 -59.49 24.86 -29.23
CA THR H 518 -60.68 24.03 -29.52
C THR H 518 -60.44 22.68 -28.84
N LYS H 519 -61.48 21.88 -28.64
CA LYS H 519 -61.29 20.62 -27.90
C LYS H 519 -60.10 19.86 -28.49
N SER H 520 -60.01 19.77 -29.82
CA SER H 520 -58.92 18.98 -30.39
C SER H 520 -57.57 19.61 -30.08
N GLU H 521 -57.49 20.94 -30.18
CA GLU H 521 -56.23 21.62 -29.86
C GLU H 521 -55.84 21.39 -28.42
N LYS H 522 -56.81 21.43 -27.50
CA LYS H 522 -56.50 21.18 -26.10
C LYS H 522 -55.97 19.77 -25.88
N ASN H 523 -56.58 18.78 -26.54
CA ASN H 523 -56.10 17.42 -26.41
C ASN H 523 -54.68 17.28 -26.97
N GLN H 524 -54.42 17.93 -28.10
CA GLN H 524 -53.08 17.87 -28.68
C GLN H 524 -52.06 18.49 -27.74
N LEU H 525 -52.39 19.64 -27.15
CA LEU H 525 -51.47 20.29 -26.23
C LEU H 525 -51.21 19.43 -25.00
N LEU H 526 -52.27 18.83 -24.45
CA LEU H 526 -52.09 17.96 -23.29
C LEU H 526 -51.23 16.76 -23.63
N ALA H 527 -51.45 16.15 -24.79
CA ALA H 527 -50.64 15.00 -25.19
C ALA H 527 -49.19 15.39 -25.35
N ILE H 528 -48.93 16.56 -25.97
CA ILE H 528 -47.55 17.00 -26.16
C ILE H 528 -46.87 17.24 -24.82
N ALA H 529 -47.58 17.90 -23.90
CA ALA H 529 -47.00 18.17 -22.59
C ALA H 529 -46.70 16.88 -21.84
N SER H 530 -47.63 15.92 -21.88
CA SER H 530 -47.39 14.66 -21.20
C SER H 530 -46.21 13.91 -21.80
N SER H 531 -46.12 13.90 -23.13
CA SER H 531 -45.00 13.23 -23.78
C SER H 531 -43.69 13.88 -23.40
N LEU H 532 -43.66 15.22 -23.34
CA LEU H 532 -42.44 15.91 -22.96
C LEU H 532 -42.04 15.57 -21.52
N PHE H 533 -43.02 15.55 -20.62
CA PHE H 533 -42.75 15.18 -19.23
C PHE H 533 -42.16 13.78 -19.15
N VAL H 534 -42.77 12.83 -19.85
CA VAL H 534 -42.29 11.44 -19.81
C VAL H 534 -40.91 11.34 -20.42
N ALA H 535 -40.64 12.09 -21.49
CA ALA H 535 -39.33 12.06 -22.11
C ALA H 535 -38.26 12.57 -21.16
N PHE H 536 -38.55 13.66 -20.44
CA PHE H 536 -37.61 14.16 -19.45
C PHE H 536 -37.36 13.11 -18.37
N GLN H 537 -38.43 12.51 -17.86
CA GLN H 537 -38.27 11.51 -16.82
C GLN H 537 -37.42 10.34 -17.31
N LEU H 538 -37.62 9.94 -18.56
CA LEU H 538 -36.87 8.82 -19.11
C LEU H 538 -35.40 9.17 -19.28
N ARG H 539 -35.11 10.36 -19.83
CA ARG H 539 -33.72 10.76 -20.00
C ARG H 539 -33.03 10.86 -18.64
N ALA H 540 -33.79 11.14 -17.58
CA ALA H 540 -33.19 11.22 -16.26
C ALA H 540 -32.54 9.91 -15.83
N GLN H 541 -32.91 8.79 -16.46
CA GLN H 541 -32.43 7.48 -16.05
C GLN H 541 -31.24 6.98 -16.86
N HIS H 542 -30.72 7.76 -17.80
CA HIS H 542 -29.69 7.30 -18.72
C HIS H 542 -28.32 7.75 -18.22
N PHE H 543 -27.84 7.06 -17.20
CA PHE H 543 -26.47 7.25 -16.73
C PHE H 543 -25.50 6.43 -17.57
N GLN H 544 -24.24 6.84 -17.59
CA GLN H 544 -23.24 6.04 -18.26
C GLN H 544 -22.88 4.82 -17.40
N GLU H 545 -22.14 3.90 -18.01
CA GLU H 545 -21.81 2.65 -17.34
C GLU H 545 -21.07 2.92 -16.03
N ASN H 546 -21.50 2.20 -14.97
CA ASN H 546 -20.81 2.21 -13.69
C ASN H 546 -20.57 0.76 -13.29
N SER H 547 -19.32 0.31 -13.45
CA SER H 547 -19.01 -1.09 -13.21
C SER H 547 -19.27 -1.49 -11.77
N ARG H 548 -18.95 -0.60 -10.81
CA ARG H 548 -19.11 -0.95 -9.41
C ARG H 548 -20.57 -1.21 -9.06
N MET H 549 -21.47 -0.36 -9.55
CA MET H 549 -22.91 -0.53 -9.32
C MET H 549 -23.67 -0.36 -10.62
N PRO H 550 -23.99 -1.46 -11.30
CA PRO H 550 -24.87 -1.37 -12.47
C PRO H 550 -26.23 -0.81 -12.10
N VAL H 551 -26.79 -0.02 -13.01
CA VAL H 551 -28.09 0.60 -12.78
C VAL H 551 -29.19 -0.38 -13.17
N ILE H 552 -30.30 -0.34 -12.46
CA ILE H 552 -31.46 -1.18 -12.73
C ILE H 552 -32.55 -0.27 -13.29
N LYS H 553 -32.91 -0.49 -14.54
CA LYS H 553 -33.86 0.38 -15.21
C LYS H 553 -35.23 0.27 -14.53
N PRO H 554 -35.85 1.38 -14.15
CA PRO H 554 -37.22 1.33 -13.64
C PRO H 554 -38.17 0.90 -14.76
N ASP H 555 -38.74 -0.30 -14.61
CA ASP H 555 -39.59 -0.90 -15.64
C ASP H 555 -41.01 -0.37 -15.44
N ILE H 556 -41.38 0.62 -16.25
CA ILE H 556 -42.71 1.21 -16.23
C ILE H 556 -43.30 1.08 -17.62
N ALA H 557 -44.52 0.57 -17.69
CA ALA H 557 -45.23 0.43 -18.96
C ALA H 557 -46.19 1.58 -19.24
N ASN H 558 -46.85 2.10 -18.21
CA ASN H 558 -47.79 3.19 -18.37
C ASN H 558 -47.52 4.24 -17.30
N TRP H 559 -47.59 5.50 -17.70
CA TRP H 559 -47.49 6.63 -16.78
C TRP H 559 -48.87 7.23 -16.62
N GLU H 560 -49.38 7.22 -15.39
CA GLU H 560 -50.67 7.83 -15.07
C GLU H 560 -50.40 9.20 -14.48
N LEU H 561 -50.89 10.24 -15.14
CA LEU H 561 -50.59 11.61 -14.78
C LEU H 561 -51.87 12.41 -14.59
N SER H 562 -51.84 13.31 -13.62
CA SER H 562 -52.84 14.35 -13.47
C SER H 562 -52.23 15.64 -14.01
N VAL H 563 -52.87 16.20 -15.04
CA VAL H 563 -52.38 17.40 -15.70
C VAL H 563 -53.37 18.52 -15.45
N LYS H 564 -52.91 19.63 -14.87
CA LYS H 564 -53.81 20.78 -14.65
C LYS H 564 -53.51 21.87 -15.68
N LEU H 565 -54.46 22.17 -16.57
CA LEU H 565 -54.23 23.20 -17.62
C LEU H 565 -54.79 24.56 -17.19
N HIS H 566 -56.10 24.71 -17.07
CA HIS H 566 -56.66 26.04 -16.74
C HIS H 566 -57.67 25.84 -15.63
N ASP H 567 -57.21 25.45 -14.44
CA ASP H 567 -58.11 25.18 -13.29
C ASP H 567 -58.88 23.88 -13.54
N LYS H 568 -58.47 23.09 -14.54
CA LYS H 568 -59.12 21.79 -14.79
C LYS H 568 -58.08 20.69 -14.70
N VAL H 569 -58.44 19.54 -14.15
CA VAL H 569 -57.49 18.45 -13.95
C VAL H 569 -57.90 17.31 -14.89
N HIS H 570 -56.96 16.91 -15.73
CA HIS H 570 -57.20 15.88 -16.74
C HIS H 570 -56.39 14.64 -16.41
N THR H 571 -57.03 13.48 -16.52
CA THR H 571 -56.35 12.21 -16.35
C THR H 571 -55.73 11.79 -17.67
N VAL H 572 -54.43 11.48 -17.63
CA VAL H 572 -53.68 11.11 -18.83
C VAL H 572 -52.96 9.80 -18.57
N VAL H 573 -52.97 8.93 -19.56
CA VAL H 573 -52.22 7.68 -19.52
C VAL H 573 -51.28 7.66 -20.72
N ALA H 574 -49.98 7.69 -20.46
CA ALA H 574 -48.98 7.80 -21.52
C ALA H 574 -48.08 6.58 -21.54
N SER H 575 -47.90 6.02 -22.72
CA SER H 575 -46.93 4.94 -22.94
C SER H 575 -46.06 5.33 -24.12
N ASN H 576 -44.90 4.69 -24.23
CA ASN H 576 -44.01 4.98 -25.36
C ASN H 576 -43.47 3.69 -25.94
N ASN H 577 -43.10 3.78 -27.22
CA ASN H 577 -42.37 2.74 -27.92
C ASN H 577 -41.41 3.47 -28.87
N GLY H 578 -40.12 3.33 -28.62
CA GLY H 578 -39.17 4.09 -29.40
C GLY H 578 -39.44 5.58 -29.24
N SER H 579 -39.69 6.25 -30.36
CA SER H 579 -39.96 7.68 -30.37
C SER H 579 -41.44 8.00 -30.47
N VAL H 580 -42.32 7.01 -30.34
CA VAL H 580 -43.75 7.19 -30.51
C VAL H 580 -44.42 7.09 -29.15
N PHE H 581 -45.15 8.13 -28.76
CA PHE H 581 -45.86 8.17 -27.49
C PHE H 581 -47.36 8.06 -27.76
N SER H 582 -47.99 7.06 -27.15
CA SER H 582 -49.43 6.90 -27.17
C SER H 582 -50.00 7.49 -25.90
N VAL H 583 -50.87 8.49 -26.04
CA VAL H 583 -51.41 9.24 -24.91
C VAL H 583 -52.93 9.14 -24.96
N GLU H 584 -53.52 8.68 -23.86
CA GLU H 584 -54.97 8.69 -23.67
C GLU H 584 -55.29 9.86 -22.74
N VAL H 585 -56.03 10.83 -23.25
CA VAL H 585 -56.42 12.02 -22.52
C VAL H 585 -57.93 12.00 -22.37
N ASP H 586 -58.40 11.79 -21.14
CA ASP H 586 -59.84 11.76 -20.83
C ASP H 586 -60.60 10.81 -21.75
N GLY H 587 -59.93 9.77 -22.25
CA GLY H 587 -60.57 8.80 -23.11
C GLY H 587 -60.33 8.97 -24.60
N SER H 588 -59.48 9.90 -25.00
CA SER H 588 -59.17 10.14 -26.40
C SER H 588 -57.73 9.72 -26.66
N LYS H 589 -57.51 8.92 -27.70
CA LYS H 589 -56.20 8.37 -27.99
C LYS H 589 -55.49 9.22 -29.04
N LEU H 590 -54.23 9.56 -28.77
CA LEU H 590 -53.40 10.34 -29.68
C LEU H 590 -52.01 9.73 -29.74
N ASN H 591 -51.33 9.97 -30.85
CA ASN H 591 -49.96 9.52 -31.04
C ASN H 591 -49.08 10.73 -31.33
N VAL H 592 -47.94 10.81 -30.64
CA VAL H 592 -47.00 11.91 -30.77
C VAL H 592 -45.65 11.34 -31.16
N THR H 593 -45.07 11.87 -32.23
CA THR H 593 -43.78 11.42 -32.72
C THR H 593 -42.83 12.60 -32.82
N SER H 594 -41.56 12.36 -32.51
CA SER H 594 -40.55 13.41 -32.59
C SER H 594 -39.19 12.82 -32.26
N THR H 595 -38.15 13.60 -32.54
CA THR H 595 -36.80 13.22 -32.13
C THR H 595 -36.59 13.42 -30.63
N TRP H 596 -37.43 14.22 -29.99
CA TRP H 596 -37.36 14.44 -28.55
C TRP H 596 -35.99 14.98 -28.12
N ASN H 597 -35.44 15.88 -28.92
CA ASN H 597 -34.25 16.62 -28.52
C ASN H 597 -34.64 17.64 -27.47
N LEU H 598 -34.27 17.39 -26.22
CA LEU H 598 -34.73 18.18 -25.09
C LEU H 598 -33.92 19.46 -24.89
N ALA H 599 -32.89 19.70 -25.71
CA ALA H 599 -32.06 20.88 -25.56
C ALA H 599 -32.37 21.97 -26.57
N SER H 600 -32.79 21.61 -27.78
CA SER H 600 -33.05 22.61 -28.80
C SER H 600 -34.21 23.51 -28.39
N PRO H 601 -34.11 24.82 -28.63
CA PRO H 601 -35.21 25.72 -28.24
C PRO H 601 -36.53 25.38 -28.93
N LEU H 602 -36.50 24.90 -30.16
CA LEU H 602 -37.71 24.57 -30.91
C LEU H 602 -37.83 23.06 -31.03
N LEU H 603 -39.00 22.53 -30.69
CA LEU H 603 -39.27 21.10 -30.80
C LEU H 603 -40.36 20.87 -31.85
N SER H 604 -40.07 20.03 -32.83
CA SER H 604 -41.02 19.69 -33.87
C SER H 604 -41.61 18.32 -33.56
N VAL H 605 -42.93 18.23 -33.51
CA VAL H 605 -43.63 16.99 -33.17
C VAL H 605 -44.73 16.77 -34.21
N SER H 606 -45.20 15.53 -34.26
CA SER H 606 -46.30 15.13 -35.13
C SER H 606 -47.32 14.42 -34.27
N VAL H 607 -48.50 15.02 -34.12
CA VAL H 607 -49.59 14.47 -33.34
C VAL H 607 -50.66 14.00 -34.33
N ASP H 608 -50.81 12.70 -34.44
CA ASP H 608 -51.78 12.10 -35.36
C ASP H 608 -51.59 12.65 -36.78
N GLY H 609 -50.32 12.77 -37.18
CA GLY H 609 -49.96 13.25 -38.50
C GLY H 609 -49.97 14.75 -38.66
N THR H 610 -50.51 15.49 -37.69
CA THR H 610 -50.51 16.95 -37.76
C THR H 610 -49.21 17.47 -37.19
N GLN H 611 -48.49 18.28 -37.98
CA GLN H 611 -47.19 18.78 -37.54
C GLN H 611 -47.37 20.01 -36.65
N ARG H 612 -46.64 20.04 -35.55
CA ARG H 612 -46.67 21.15 -34.61
C ARG H 612 -45.25 21.53 -34.22
N THR H 613 -45.05 22.82 -33.98
CA THR H 613 -43.80 23.34 -33.45
C THR H 613 -44.08 23.96 -32.09
N VAL H 614 -43.40 23.47 -31.07
CA VAL H 614 -43.65 23.86 -29.69
C VAL H 614 -42.35 24.30 -29.05
N GLN H 615 -42.46 25.17 -28.06
CA GLN H 615 -41.30 25.62 -27.30
C GLN H 615 -41.51 25.33 -25.82
N CYS H 616 -40.46 24.86 -25.15
CA CYS H 616 -40.50 24.62 -23.71
C CYS H 616 -39.78 25.77 -23.03
N LEU H 617 -40.54 26.75 -22.55
CA LEU H 617 -39.93 27.95 -22.00
C LEU H 617 -39.32 27.73 -20.63
N SER H 618 -39.88 26.80 -19.85
CA SER H 618 -39.34 26.53 -18.52
C SER H 618 -40.07 25.33 -17.94
N ARG H 619 -39.41 24.67 -16.98
CA ARG H 619 -39.99 23.55 -16.27
C ARG H 619 -39.34 23.45 -14.90
N GLU H 620 -40.04 22.78 -13.98
CA GLU H 620 -39.56 22.65 -12.62
C GLU H 620 -39.78 21.23 -12.14
N ALA H 621 -38.96 20.83 -11.15
CA ALA H 621 -39.13 19.51 -10.55
C ALA H 621 -40.50 19.35 -9.94
N GLY H 622 -41.11 20.44 -9.48
CA GLY H 622 -42.44 20.35 -8.89
C GLY H 622 -43.49 19.87 -9.86
N GLY H 623 -43.37 20.25 -11.12
CA GLY H 623 -44.32 19.80 -12.13
C GLY H 623 -44.80 20.93 -13.04
N ASN H 624 -44.47 22.16 -12.69
CA ASN H 624 -44.87 23.30 -13.51
C ASN H 624 -44.11 23.28 -14.84
N MET H 625 -44.80 23.71 -15.89
CA MET H 625 -44.20 23.74 -17.21
C MET H 625 -44.86 24.83 -18.04
N SER H 626 -44.05 25.65 -18.71
CA SER H 626 -44.53 26.69 -19.61
C SER H 626 -44.26 26.25 -21.04
N ILE H 627 -45.31 26.16 -21.85
CA ILE H 627 -45.20 25.64 -23.20
C ILE H 627 -45.77 26.68 -24.16
N GLN H 628 -44.97 27.08 -25.15
CA GLN H 628 -45.45 27.89 -26.25
C GLN H 628 -46.00 26.97 -27.33
N PHE H 629 -47.31 27.08 -27.55
CA PHE H 629 -48.06 26.26 -28.49
C PHE H 629 -48.97 27.20 -29.27
N LEU H 630 -48.92 27.11 -30.59
CA LEU H 630 -49.72 27.97 -31.46
C LEU H 630 -49.52 29.44 -31.09
N GLY H 631 -48.30 29.79 -30.69
CA GLY H 631 -47.95 31.16 -30.38
C GLY H 631 -48.35 31.64 -29.01
N THR H 632 -49.04 30.83 -28.22
CA THR H 632 -49.46 31.22 -26.89
C THR H 632 -48.76 30.38 -25.84
N VAL H 633 -48.45 31.01 -24.71
CA VAL H 633 -47.72 30.36 -23.62
C VAL H 633 -48.72 29.89 -22.59
N TYR H 634 -48.82 28.57 -22.43
CA TYR H 634 -49.71 27.94 -21.47
C TYR H 634 -48.90 27.38 -20.31
N LYS H 635 -49.43 27.56 -19.10
CA LYS H 635 -48.82 27.02 -17.88
C LYS H 635 -49.60 25.78 -17.46
N VAL H 636 -48.93 24.63 -17.48
CA VAL H 636 -49.53 23.38 -17.07
C VAL H 636 -48.80 22.88 -15.83
N ASN H 637 -49.49 22.07 -15.04
CA ASN H 637 -48.88 21.43 -13.88
C ASN H 637 -49.09 19.93 -13.97
N ILE H 638 -48.00 19.18 -14.04
CA ILE H 638 -48.07 17.73 -14.26
C ILE H 638 -47.61 17.03 -13.01
N LEU H 639 -48.43 16.12 -12.51
CA LEU H 639 -48.07 15.29 -11.37
C LEU H 639 -48.37 13.83 -11.69
N THR H 640 -47.69 12.92 -11.00
CA THR H 640 -48.07 11.53 -11.09
C THR H 640 -49.39 11.31 -10.35
N ARG H 641 -50.06 10.20 -10.67
CA ARG H 641 -51.35 9.94 -10.05
C ARG H 641 -51.22 9.87 -8.54
N LEU H 642 -50.23 9.13 -8.05
CA LEU H 642 -50.02 9.03 -6.60
C LEU H 642 -49.68 10.38 -6.00
N ALA H 643 -48.81 11.14 -6.68
CA ALA H 643 -48.47 12.48 -6.18
C ALA H 643 -49.69 13.38 -6.17
N ALA H 644 -50.52 13.31 -7.21
CA ALA H 644 -51.74 14.10 -7.23
C ALA H 644 -52.66 13.72 -6.07
N GLU H 645 -52.81 12.43 -5.81
CA GLU H 645 -53.65 12.00 -4.70
C GLU H 645 -53.12 12.52 -3.37
N LEU H 646 -51.81 12.39 -3.15
CA LEU H 646 -51.23 12.85 -1.89
C LEU H 646 -51.27 14.37 -1.77
N ASN H 647 -51.30 15.09 -2.88
CA ASN H 647 -51.33 16.54 -2.83
C ASN H 647 -52.59 17.08 -2.16
N LYS H 648 -53.64 16.27 -2.07
CA LYS H 648 -54.90 16.74 -1.48
C LYS H 648 -54.76 17.08 -0.01
N PHE H 649 -53.76 16.54 0.67
CA PHE H 649 -53.54 16.83 2.09
C PHE H 649 -52.72 18.08 2.33
N MET H 650 -52.21 18.72 1.28
CA MET H 650 -51.40 19.91 1.42
C MET H 650 -52.28 21.12 1.65
N LEU H 651 -51.86 21.97 2.60
CA LEU H 651 -52.63 23.16 2.94
C LEU H 651 -52.31 24.30 1.98
N GLU H 652 -53.35 24.98 1.53
CA GLU H 652 -53.15 26.16 0.68
C GLU H 652 -52.49 27.26 1.50
N LYS H 653 -51.43 27.84 0.95
CA LYS H 653 -50.67 28.85 1.66
C LYS H 653 -51.27 30.23 1.47
N VAL H 654 -50.86 31.16 2.35
CA VAL H 654 -51.41 32.51 2.31
C VAL H 654 -51.09 33.18 0.97
N THR H 655 -49.84 33.09 0.53
CA THR H 655 -49.34 33.58 -0.75
C THR H 655 -49.31 35.11 -0.80
N GLU H 656 -49.62 35.82 0.28
CA GLU H 656 -49.67 37.27 0.26
C GLU H 656 -48.25 37.84 0.21
N ASP H 657 -47.87 38.41 -0.94
CA ASP H 657 -46.57 39.05 -1.11
C ASP H 657 -46.74 40.22 -2.10
N THR H 658 -46.96 41.41 -1.55
CA THR H 658 -47.19 42.58 -2.38
C THR H 658 -45.87 43.10 -2.94
N SER H 659 -45.79 43.20 -4.26
CA SER H 659 -44.64 43.76 -4.94
C SER H 659 -44.81 45.24 -5.26
N SER H 660 -45.94 45.83 -4.88
CA SER H 660 -46.16 47.25 -5.18
C SER H 660 -45.14 48.14 -4.47
N VAL H 661 -44.82 47.83 -3.22
CA VAL H 661 -43.88 48.64 -2.47
C VAL H 661 -42.45 48.26 -2.84
N LEU H 662 -41.62 49.26 -3.13
CA LEU H 662 -40.22 49.06 -3.46
C LEU H 662 -39.38 49.70 -2.37
N ARG H 663 -38.48 48.91 -1.79
CA ARG H 663 -37.68 49.30 -0.64
C ARG H 663 -36.20 49.14 -0.94
N SER H 664 -35.38 49.78 -0.11
CA SER H 664 -33.93 49.74 -0.32
C SER H 664 -33.37 48.39 0.11
N PRO H 665 -32.60 47.71 -0.75
CA PRO H 665 -32.03 46.42 -0.33
C PRO H 665 -30.82 46.55 0.59
N MET H 666 -29.98 47.56 0.38
CA MET H 666 -28.75 47.70 1.14
C MET H 666 -28.54 49.16 1.49
N PRO H 667 -27.77 49.44 2.53
CA PRO H 667 -27.46 50.83 2.87
C PRO H 667 -26.68 51.52 1.76
N GLY H 668 -26.92 52.81 1.60
CA GLY H 668 -26.24 53.57 0.58
C GLY H 668 -26.82 54.97 0.48
N VAL H 669 -26.42 55.67 -0.59
CA VAL H 669 -26.87 57.03 -0.86
C VAL H 669 -27.62 57.04 -2.18
N VAL H 670 -28.79 57.66 -2.20
CA VAL H 670 -29.61 57.71 -3.40
C VAL H 670 -28.97 58.68 -4.38
N VAL H 671 -28.39 58.14 -5.46
CA VAL H 671 -27.77 58.99 -6.47
C VAL H 671 -28.82 59.80 -7.21
N ALA H 672 -29.89 59.14 -7.64
CA ALA H 672 -30.95 59.81 -8.39
C ALA H 672 -32.23 59.01 -8.31
N VAL H 673 -33.34 59.68 -8.57
CA VAL H 673 -34.67 59.06 -8.62
C VAL H 673 -35.26 59.37 -9.99
N SER H 674 -35.64 58.32 -10.71
CA SER H 674 -36.11 58.46 -12.09
C SER H 674 -37.63 58.51 -12.21
N VAL H 675 -38.37 58.47 -11.11
CA VAL H 675 -39.82 58.47 -11.15
C VAL H 675 -40.37 59.51 -10.19
N LYS H 676 -41.56 60.01 -10.50
CA LYS H 676 -42.30 60.93 -9.66
C LYS H 676 -43.74 60.43 -9.56
N PRO H 677 -44.48 60.88 -8.54
CA PRO H 677 -45.85 60.41 -8.38
C PRO H 677 -46.67 60.68 -9.63
N GLY H 678 -47.47 59.69 -10.02
CA GLY H 678 -48.27 59.77 -11.22
C GLY H 678 -47.57 59.30 -12.49
N ASP H 679 -46.28 58.99 -12.42
CA ASP H 679 -45.56 58.51 -13.59
C ASP H 679 -45.84 57.03 -13.84
N ALA H 680 -45.71 56.63 -15.09
CA ALA H 680 -45.92 55.25 -15.50
C ALA H 680 -44.59 54.51 -15.53
N VAL H 681 -44.54 53.37 -14.87
CA VAL H 681 -43.33 52.56 -14.77
C VAL H 681 -43.64 51.16 -15.29
N ALA H 682 -42.85 50.70 -16.24
CA ALA H 682 -42.97 49.34 -16.73
C ALA H 682 -42.13 48.40 -15.86
N GLU H 683 -42.55 47.13 -15.82
CA GLU H 683 -41.83 46.14 -15.05
C GLU H 683 -40.39 46.06 -15.52
N GLY H 684 -39.45 46.03 -14.57
CA GLY H 684 -38.05 46.05 -14.88
C GLY H 684 -37.49 47.43 -15.17
N GLN H 685 -38.28 48.48 -15.04
CA GLN H 685 -37.82 49.84 -15.28
C GLN H 685 -37.23 50.41 -14.00
N GLU H 686 -36.09 51.08 -14.14
CA GLU H 686 -35.41 51.63 -12.97
C GLU H 686 -36.27 52.70 -12.30
N ILE H 687 -36.36 52.63 -10.98
CA ILE H 687 -37.04 53.63 -10.18
C ILE H 687 -36.06 54.59 -9.51
N CYS H 688 -34.96 54.06 -9.00
CA CYS H 688 -33.92 54.88 -8.37
C CYS H 688 -32.62 54.10 -8.40
N VAL H 689 -31.52 54.82 -8.18
CA VAL H 689 -30.19 54.25 -8.14
C VAL H 689 -29.58 54.55 -6.78
N ILE H 690 -29.00 53.52 -6.16
CA ILE H 690 -28.38 53.64 -4.84
C ILE H 690 -26.91 53.30 -4.97
N GLU H 691 -26.06 54.14 -4.41
CA GLU H 691 -24.60 53.98 -4.47
C GLU H 691 -24.10 53.49 -3.12
N ALA H 692 -23.23 52.48 -3.15
CA ALA H 692 -22.57 51.95 -1.96
C ALA H 692 -21.28 51.28 -2.39
N MET H 693 -20.16 51.76 -1.85
CA MET H 693 -18.84 51.26 -2.22
C MET H 693 -18.56 51.49 -3.70
N LYS H 694 -19.17 52.64 -4.18
CA LYS H 694 -19.03 53.05 -5.57
C LYS H 694 -19.31 51.89 -6.53
N MET H 695 -20.64 51.34 -6.55
CA MET H 695 -21.14 50.29 -7.43
C MET H 695 -22.44 50.67 -8.13
N GLN H 696 -23.00 51.84 -7.84
CA GLN H 696 -24.16 52.36 -8.56
C GLN H 696 -25.26 51.31 -8.68
N ASN H 697 -25.71 50.81 -7.52
CA ASN H 697 -26.76 49.79 -7.52
C ASN H 697 -28.05 50.38 -8.06
N SER H 698 -28.79 49.57 -8.82
CA SER H 698 -30.00 50.00 -9.50
C SER H 698 -31.21 49.29 -8.93
N MET H 699 -32.24 50.05 -8.58
CA MET H 699 -33.51 49.49 -8.14
C MET H 699 -34.50 49.52 -9.28
N THR H 700 -35.20 48.42 -9.49
CA THR H 700 -36.12 48.26 -10.62
C THR H 700 -37.55 48.14 -10.12
N ALA H 701 -38.48 48.63 -10.93
CA ALA H 701 -39.89 48.53 -10.61
C ALA H 701 -40.34 47.06 -10.60
N GLY H 702 -41.10 46.70 -9.58
CA GLY H 702 -41.56 45.31 -9.47
C GLY H 702 -42.52 44.93 -10.58
N LYS H 703 -43.36 45.87 -11.00
CA LYS H 703 -44.38 45.58 -11.99
C LYS H 703 -44.76 46.88 -12.71
N THR H 704 -45.42 46.73 -13.85
CA THR H 704 -45.93 47.90 -14.56
C THR H 704 -47.00 48.59 -13.73
N GLY H 705 -46.94 49.92 -13.70
CA GLY H 705 -47.91 50.67 -12.91
C GLY H 705 -47.51 52.13 -12.83
N THR H 706 -48.06 52.79 -11.81
CA THR H 706 -47.83 54.21 -11.58
C THR H 706 -47.23 54.39 -10.20
N VAL H 707 -46.77 55.62 -9.92
CA VAL H 707 -46.14 55.94 -8.65
C VAL H 707 -47.17 56.58 -7.74
N LYS H 708 -47.69 55.80 -6.78
CA LYS H 708 -48.58 56.37 -5.77
C LYS H 708 -47.86 57.41 -4.94
N SER H 709 -46.61 57.13 -4.56
CA SER H 709 -45.84 58.04 -3.74
C SER H 709 -44.37 57.70 -3.86
N VAL H 710 -43.52 58.73 -3.80
CA VAL H 710 -42.07 58.60 -3.79
C VAL H 710 -41.59 59.03 -2.42
N HIS H 711 -41.00 58.10 -1.67
CA HIS H 711 -40.57 58.36 -0.30
C HIS H 711 -39.07 58.65 -0.20
N CYS H 712 -38.38 58.80 -1.32
CA CYS H 712 -36.94 58.99 -1.32
C CYS H 712 -36.57 60.21 -2.17
N GLN H 713 -35.42 60.79 -1.84
CA GLN H 713 -34.89 61.95 -2.55
C GLN H 713 -33.41 61.73 -2.81
N ALA H 714 -32.91 62.38 -3.86
CA ALA H 714 -31.50 62.25 -4.21
C ALA H 714 -30.62 62.83 -3.09
N GLY H 715 -29.50 62.16 -2.83
CA GLY H 715 -28.59 62.59 -1.80
C GLY H 715 -28.95 62.15 -0.40
N ASP H 716 -29.98 61.34 -0.22
CA ASP H 716 -30.42 60.89 1.09
C ASP H 716 -29.82 59.51 1.38
N THR H 717 -29.29 59.34 2.60
CA THR H 717 -28.66 58.09 3.00
C THR H 717 -29.74 57.12 3.45
N VAL H 718 -30.13 56.20 2.56
CA VAL H 718 -31.15 55.22 2.88
C VAL H 718 -30.51 54.02 3.58
N GLY H 719 -31.37 53.21 4.22
CA GLY H 719 -30.93 52.02 4.89
C GLY H 719 -31.69 50.81 4.38
N GLU H 720 -31.18 49.63 4.74
CA GLU H 720 -31.82 48.40 4.30
C GLU H 720 -33.23 48.30 4.86
N GLY H 721 -34.13 47.72 4.06
CA GLY H 721 -35.51 47.61 4.46
C GLY H 721 -36.21 48.94 4.66
N ASP H 722 -35.85 49.93 3.85
CA ASP H 722 -36.43 51.26 3.92
C ASP H 722 -37.28 51.50 2.68
N LEU H 723 -38.53 51.93 2.89
CA LEU H 723 -39.42 52.18 1.77
C LEU H 723 -38.85 53.26 0.86
N LEU H 724 -38.84 52.97 -0.44
CA LEU H 724 -38.35 53.91 -1.45
C LEU H 724 -39.47 54.46 -2.32
N VAL H 725 -40.39 53.62 -2.76
CA VAL H 725 -41.48 54.05 -3.63
C VAL H 725 -42.67 53.13 -3.46
N GLU H 726 -43.84 53.61 -3.86
CA GLU H 726 -45.05 52.81 -3.85
C GLU H 726 -45.65 52.78 -5.25
N LEU H 727 -46.06 51.59 -5.69
CA LEU H 727 -46.75 51.41 -6.96
C LEU H 727 -48.15 50.87 -6.70
N GLU H 728 -49.09 51.24 -7.55
CA GLU H 728 -50.47 50.78 -7.38
C GLU H 728 -50.56 49.28 -7.61
N THR I 33 -6.15 53.54 -28.02
CA THR I 33 -6.91 52.37 -28.42
C THR I 33 -7.48 51.62 -27.22
N SER I 34 -8.62 50.96 -27.42
CA SER I 34 -9.24 50.21 -26.36
C SER I 34 -8.44 48.94 -26.07
N VAL I 35 -8.77 48.30 -24.94
CA VAL I 35 -8.09 47.07 -24.55
C VAL I 35 -8.32 45.99 -25.59
N ASN I 36 -9.55 45.90 -26.11
CA ASN I 36 -9.85 44.88 -27.11
C ASN I 36 -8.92 45.00 -28.31
N GLU I 37 -8.78 46.21 -28.85
CA GLU I 37 -7.97 46.40 -30.03
C GLU I 37 -6.52 46.01 -29.78
N ARG I 38 -5.99 46.37 -28.61
CA ARG I 38 -4.65 45.93 -28.25
C ARG I 38 -4.58 44.41 -28.19
N ILE I 39 -5.69 43.76 -27.80
CA ILE I 39 -5.72 42.31 -27.79
C ILE I 39 -5.59 41.74 -29.20
N GLU I 40 -6.37 42.29 -30.15
CA GLU I 40 -6.21 41.81 -31.52
C GLU I 40 -4.80 42.08 -32.04
N ASN I 41 -4.25 43.24 -31.70
CA ASN I 41 -2.91 43.56 -32.16
C ASN I 41 -1.90 42.53 -31.64
N LYS I 42 -2.01 42.19 -30.36
CA LYS I 42 -1.10 41.20 -29.79
C LYS I 42 -1.30 39.83 -30.41
N ARG I 43 -2.56 39.43 -30.63
CA ARG I 43 -2.82 38.16 -31.28
C ARG I 43 -2.17 38.10 -32.66
N ARG I 44 -2.38 39.15 -33.45
CA ARG I 44 -1.84 39.19 -34.81
C ARG I 44 -0.32 39.17 -34.79
N THR I 45 0.29 39.94 -33.89
CA THR I 45 1.74 39.94 -33.80
C THR I 45 2.28 38.58 -33.40
N ALA I 46 1.64 37.93 -32.42
CA ALA I 46 2.09 36.62 -31.98
C ALA I 46 1.98 35.59 -33.09
N LEU I 47 0.89 35.64 -33.85
CA LEU I 47 0.71 34.67 -34.93
C LEU I 47 1.81 34.75 -35.97
N LEU I 48 2.50 35.88 -36.09
CA LEU I 48 3.57 36.05 -37.05
C LEU I 48 4.94 35.77 -36.46
N GLY I 49 5.04 35.52 -35.16
CA GLY I 49 6.32 35.23 -34.56
C GLY I 49 7.26 36.41 -34.69
N GLY I 50 8.41 36.18 -35.33
CA GLY I 50 9.45 37.18 -35.47
C GLY I 50 9.32 38.12 -36.64
N GLY I 51 8.22 38.07 -37.38
CA GLY I 51 8.02 38.97 -38.50
C GLY I 51 7.98 38.22 -39.83
N GLN I 52 7.36 38.87 -40.81
CA GLN I 52 7.18 38.23 -42.11
C GLN I 52 8.50 38.00 -42.82
N ARG I 53 9.43 38.95 -42.73
CA ARG I 53 10.73 38.76 -43.36
C ARG I 53 11.48 37.58 -42.75
N ARG I 54 11.40 37.44 -41.43
CA ARG I 54 11.99 36.28 -40.78
C ARG I 54 11.33 34.99 -41.27
N ILE I 55 10.01 35.01 -41.43
CA ILE I 55 9.31 33.82 -41.93
C ILE I 55 9.79 33.47 -43.33
N ASP I 56 9.96 34.48 -44.19
CA ASP I 56 10.45 34.22 -45.54
C ASP I 56 11.86 33.65 -45.50
N ALA I 57 12.72 34.21 -44.66
CA ALA I 57 14.07 33.66 -44.52
C ALA I 57 14.03 32.21 -44.08
N GLN I 58 13.13 31.90 -43.15
CA GLN I 58 12.94 30.51 -42.71
C GLN I 58 12.53 29.63 -43.88
N HIS I 59 11.58 30.09 -44.68
CA HIS I 59 11.08 29.29 -45.78
C HIS I 59 12.14 29.04 -46.85
N LYS I 60 12.94 30.06 -47.18
CA LYS I 60 13.97 29.87 -48.20
C LYS I 60 15.01 28.84 -47.78
N ARG I 61 15.19 28.63 -46.47
CA ARG I 61 16.04 27.55 -46.02
C ARG I 61 15.41 26.18 -46.23
N GLY I 62 14.13 26.13 -46.61
CA GLY I 62 13.43 24.87 -46.74
C GLY I 62 12.79 24.38 -45.46
N LYS I 63 12.53 25.27 -44.51
CA LYS I 63 11.98 24.91 -43.21
C LYS I 63 10.63 25.58 -43.02
N LEU I 64 9.76 24.92 -42.28
CA LEU I 64 8.46 25.47 -41.92
C LEU I 64 8.56 26.25 -40.62
N THR I 65 7.59 27.13 -40.41
CA THR I 65 7.49 27.83 -39.15
C THR I 65 6.92 26.91 -38.07
N ALA I 66 7.05 27.33 -36.81
CA ALA I 66 6.59 26.50 -35.71
C ALA I 66 5.09 26.23 -35.79
N ARG I 67 4.31 27.27 -36.08
CA ARG I 67 2.86 27.11 -36.13
C ARG I 67 2.45 26.23 -37.31
N GLU I 68 3.13 26.35 -38.43
CA GLU I 68 2.85 25.46 -39.56
C GLU I 68 3.15 24.01 -39.19
N ARG I 69 4.26 23.78 -38.49
CA ARG I 69 4.57 22.42 -38.06
C ARG I 69 3.50 21.88 -37.14
N ILE I 70 3.04 22.69 -36.18
CA ILE I 70 1.99 22.24 -35.29
C ILE I 70 0.72 21.92 -36.08
N SER I 71 0.37 22.77 -37.04
CA SER I 71 -0.81 22.52 -37.85
C SER I 71 -0.70 21.20 -38.59
N LEU I 72 0.47 20.91 -39.15
CA LEU I 72 0.66 19.65 -39.86
C LEU I 72 0.59 18.46 -38.92
N LEU I 73 1.11 18.61 -37.69
CA LEU I 73 1.22 17.45 -36.81
C LEU I 73 -0.11 17.04 -36.20
N LEU I 74 -0.93 18.00 -35.80
CA LEU I 74 -2.13 17.72 -35.02
C LEU I 74 -3.34 17.52 -35.92
N ASP I 75 -4.38 16.93 -35.34
CA ASP I 75 -5.65 16.80 -36.04
C ASP I 75 -6.22 18.18 -36.32
N PRO I 76 -6.83 18.40 -37.48
CA PRO I 76 -7.34 19.73 -37.81
C PRO I 76 -8.32 20.22 -36.76
N GLY I 77 -8.16 21.49 -36.36
CA GLY I 77 -9.08 22.11 -35.42
C GLY I 77 -8.98 21.58 -34.00
N SER I 78 -7.93 20.86 -33.65
CA SER I 78 -7.80 20.30 -32.32
C SER I 78 -6.76 21.03 -31.46
N PHE I 79 -5.97 21.91 -32.04
CA PHE I 79 -4.90 22.56 -31.29
C PHE I 79 -5.47 23.62 -30.36
N VAL I 80 -5.19 23.49 -29.07
CA VAL I 80 -5.49 24.50 -28.07
C VAL I 80 -4.16 25.03 -27.56
N GLU I 81 -3.90 26.31 -27.79
CA GLU I 81 -2.64 26.94 -27.44
C GLU I 81 -2.69 27.48 -26.02
N SER I 82 -1.53 27.56 -25.38
CA SER I 82 -1.41 28.06 -24.03
C SER I 82 -0.31 29.10 -23.95
N ASP I 83 -0.58 30.19 -23.23
CA ASP I 83 0.43 31.22 -22.96
C ASP I 83 0.86 31.94 -24.24
N MET I 84 -0.13 32.44 -24.98
CA MET I 84 0.19 33.18 -26.20
C MET I 84 0.88 34.50 -25.87
N PHE I 85 0.45 35.18 -24.81
CA PHE I 85 0.90 36.53 -24.51
C PHE I 85 2.10 36.59 -23.58
N VAL I 86 2.67 35.44 -23.22
CA VAL I 86 3.82 35.44 -22.33
C VAL I 86 5.00 36.10 -23.03
N GLU I 87 5.69 36.99 -22.33
CA GLU I 87 6.85 37.69 -22.86
C GLU I 87 8.01 37.58 -21.89
N HIS I 88 9.22 37.69 -22.42
CA HIS I 88 10.41 37.63 -21.59
C HIS I 88 10.49 38.85 -20.68
N ARG I 89 11.15 38.67 -19.54
CA ARG I 89 11.25 39.72 -18.53
C ARG I 89 12.67 40.26 -18.38
N CYS I 90 13.54 39.98 -19.35
CA CYS I 90 14.90 40.49 -19.29
C CYS I 90 14.92 42.01 -19.40
N ALA I 91 15.81 42.64 -18.64
CA ALA I 91 15.92 44.11 -18.64
C ALA I 91 17.34 44.58 -18.88
N ASP I 92 18.24 43.72 -19.33
CA ASP I 92 19.63 44.07 -19.55
C ASP I 92 19.93 44.19 -21.04
N PHE I 93 20.98 44.96 -21.35
CA PHE I 93 21.45 45.13 -22.72
C PHE I 93 20.32 45.59 -23.64
N GLY I 94 19.50 46.50 -23.15
CA GLY I 94 18.41 47.04 -23.95
C GLY I 94 17.36 46.03 -24.32
N MET I 95 17.25 44.92 -23.59
CA MET I 95 16.25 43.91 -23.89
C MET I 95 14.84 44.35 -23.52
N ALA I 96 14.70 45.44 -22.75
CA ALA I 96 13.39 45.92 -22.35
C ALA I 96 12.76 46.84 -23.39
N ALA I 97 13.46 47.15 -24.48
CA ALA I 97 12.90 47.98 -25.53
C ALA I 97 11.71 47.29 -26.18
N ASP I 98 10.73 48.09 -26.60
CA ASP I 98 9.52 47.52 -27.19
C ASP I 98 9.83 46.67 -28.41
N LYS I 99 10.86 47.04 -29.18
CA LYS I 99 11.24 46.25 -30.34
C LYS I 99 11.84 44.89 -29.98
N ASN I 100 12.17 44.68 -28.71
CA ASN I 100 12.69 43.40 -28.23
C ASN I 100 11.66 42.58 -27.50
N LYS I 101 10.39 42.99 -27.53
CA LYS I 101 9.31 42.28 -26.86
C LYS I 101 8.49 41.54 -27.90
N PHE I 102 8.44 40.21 -27.79
CA PHE I 102 7.66 39.38 -28.69
C PHE I 102 6.66 38.56 -27.88
N PRO I 103 5.36 38.67 -28.13
CA PRO I 103 4.40 37.80 -27.44
C PRO I 103 4.63 36.35 -27.83
N GLY I 104 4.76 35.50 -26.81
CA GLY I 104 5.05 34.10 -27.04
C GLY I 104 6.50 33.75 -26.78
N ASP I 105 7.40 34.62 -27.24
CA ASP I 105 8.83 34.52 -26.96
C ASP I 105 9.42 33.20 -27.44
N SER I 106 9.33 33.00 -28.75
CA SER I 106 10.12 31.98 -29.45
C SER I 106 9.74 30.55 -29.07
N VAL I 107 8.51 30.30 -28.65
CA VAL I 107 8.04 28.94 -28.44
C VAL I 107 6.52 28.94 -28.42
N VAL I 108 5.93 27.96 -29.09
CA VAL I 108 4.49 27.78 -29.14
C VAL I 108 4.16 26.47 -28.45
N THR I 109 3.32 26.53 -27.42
CA THR I 109 3.03 25.36 -26.62
C THR I 109 1.52 25.17 -26.51
N GLY I 110 1.10 23.91 -26.38
CA GLY I 110 -0.31 23.64 -26.21
C GLY I 110 -0.58 22.16 -26.24
N ARG I 111 -1.85 21.82 -26.48
CA ARG I 111 -2.27 20.44 -26.57
C ARG I 111 -3.09 20.24 -27.82
N GLY I 112 -3.25 18.98 -28.21
CA GLY I 112 -4.01 18.64 -29.38
C GLY I 112 -4.33 17.17 -29.38
N ARG I 113 -4.81 16.69 -30.53
CA ARG I 113 -5.15 15.29 -30.69
C ARG I 113 -4.52 14.74 -31.95
N ILE I 114 -4.01 13.52 -31.86
CA ILE I 114 -3.54 12.76 -33.01
C ILE I 114 -4.42 11.54 -33.12
N ASN I 115 -5.16 11.43 -34.21
CA ASN I 115 -6.09 10.33 -34.42
C ASN I 115 -7.03 10.18 -33.23
N GLY I 116 -7.37 11.31 -32.60
CA GLY I 116 -8.31 11.33 -31.51
C GLY I 116 -7.69 11.15 -30.13
N ARG I 117 -6.39 10.90 -30.03
CA ARG I 117 -5.75 10.71 -28.74
C ARG I 117 -5.05 11.99 -28.31
N LEU I 118 -5.16 12.31 -27.03
CA LEU I 118 -4.63 13.55 -26.50
C LEU I 118 -3.10 13.55 -26.51
N VAL I 119 -2.51 14.71 -26.74
CA VAL I 119 -1.06 14.87 -26.74
C VAL I 119 -0.75 16.32 -26.41
N TYR I 120 0.41 16.53 -25.81
CA TYR I 120 0.92 17.86 -25.49
C TYR I 120 2.15 18.14 -26.34
N VAL I 121 2.24 19.34 -26.89
CA VAL I 121 3.25 19.66 -27.88
C VAL I 121 3.85 21.02 -27.59
N PHE I 122 5.15 21.14 -27.84
CA PHE I 122 5.82 22.44 -27.89
C PHE I 122 6.70 22.49 -29.13
N SER I 123 6.73 23.66 -29.77
CA SER I 123 7.50 23.87 -30.98
C SER I 123 8.32 25.14 -30.82
N GLN I 124 9.62 25.05 -31.06
CA GLN I 124 10.49 26.19 -30.88
C GLN I 124 10.48 27.07 -32.13
N ASP I 125 10.40 28.38 -31.93
CA ASP I 125 10.26 29.35 -33.01
C ASP I 125 11.61 29.99 -33.28
N PHE I 126 12.24 29.59 -34.40
CA PHE I 126 13.57 30.08 -34.73
C PHE I 126 13.58 31.55 -35.10
N THR I 127 12.44 32.12 -35.49
CA THR I 127 12.41 33.50 -35.95
C THR I 127 12.43 34.52 -34.83
N VAL I 128 12.34 34.09 -33.58
CA VAL I 128 12.37 34.99 -32.43
C VAL I 128 13.69 34.78 -31.71
N PHE I 129 14.61 35.74 -31.85
CA PHE I 129 15.91 35.67 -31.21
C PHE I 129 16.63 34.35 -31.55
N GLY I 130 16.47 33.93 -32.80
CA GLY I 130 17.07 32.67 -33.22
C GLY I 130 16.57 31.47 -32.46
N GLY I 131 15.41 31.56 -31.83
CA GLY I 131 14.90 30.46 -31.04
C GLY I 131 15.63 30.23 -29.74
N SER I 132 16.38 31.21 -29.27
CA SER I 132 17.15 31.05 -28.05
C SER I 132 16.23 30.84 -26.85
N LEU I 133 16.70 30.05 -25.89
CA LEU I 133 15.91 29.71 -24.73
C LEU I 133 16.07 30.77 -23.65
N SER I 134 14.95 31.32 -23.19
CA SER I 134 14.91 32.33 -22.15
C SER I 134 14.09 31.80 -20.97
N GLY I 135 13.92 32.66 -19.97
CA GLY I 135 13.13 32.26 -18.82
C GLY I 135 11.70 31.93 -19.17
N ALA I 136 11.06 32.77 -19.99
CA ALA I 136 9.68 32.51 -20.37
C ALA I 136 9.57 31.26 -21.24
N HIS I 137 10.55 31.04 -22.12
CA HIS I 137 10.55 29.85 -22.96
C HIS I 137 10.52 28.58 -22.10
N ALA I 138 11.46 28.49 -21.16
CA ALA I 138 11.49 27.34 -20.27
C ALA I 138 10.25 27.27 -19.40
N GLN I 139 9.73 28.41 -18.98
CA GLN I 139 8.52 28.41 -18.17
C GLN I 139 7.35 27.79 -18.92
N LYS I 140 7.17 28.18 -20.18
CA LYS I 140 6.08 27.61 -20.98
C LYS I 140 6.27 26.11 -21.18
N ILE I 141 7.49 25.70 -21.50
CA ILE I 141 7.74 24.27 -21.72
C ILE I 141 7.44 23.49 -20.44
N CYS I 142 7.89 24.02 -19.30
CA CYS I 142 7.65 23.35 -18.02
C CYS I 142 6.17 23.30 -17.70
N LYS I 143 5.43 24.35 -18.02
CA LYS I 143 3.99 24.33 -17.78
C LYS I 143 3.32 23.20 -18.56
N ILE I 144 3.65 23.08 -19.85
CA ILE I 144 3.00 22.01 -20.62
C ILE I 144 3.45 20.64 -20.13
N MET I 145 4.72 20.49 -19.76
CA MET I 145 5.18 19.21 -19.25
C MET I 145 4.46 18.84 -17.96
N ASP I 146 4.29 19.79 -17.06
CA ASP I 146 3.58 19.53 -15.82
C ASP I 146 2.13 19.13 -16.09
N GLN I 147 1.49 19.83 -17.02
CA GLN I 147 0.11 19.47 -17.37
C GLN I 147 0.05 18.04 -17.91
N ALA I 148 0.97 17.69 -18.80
CA ALA I 148 0.97 16.34 -19.38
C ALA I 148 1.20 15.28 -18.32
N ILE I 149 2.13 15.52 -17.39
CA ILE I 149 2.35 14.56 -16.32
C ILE I 149 1.13 14.47 -15.42
N THR I 150 0.44 15.59 -15.20
CA THR I 150 -0.74 15.58 -14.34
C THR I 150 -1.85 14.73 -14.95
N VAL I 151 -2.10 14.86 -16.25
CA VAL I 151 -3.16 14.09 -16.88
C VAL I 151 -2.68 12.75 -17.43
N GLY I 152 -1.38 12.58 -17.65
CA GLY I 152 -0.88 11.34 -18.17
C GLY I 152 -0.98 11.20 -19.67
N ALA I 153 -0.40 12.14 -20.40
CA ALA I 153 -0.39 12.12 -21.85
C ALA I 153 1.03 12.35 -22.36
N PRO I 154 1.33 11.88 -23.56
CA PRO I 154 2.70 12.03 -24.08
C PRO I 154 3.03 13.49 -24.39
N VAL I 155 4.33 13.74 -24.55
CA VAL I 155 4.85 15.06 -24.88
C VAL I 155 5.69 14.95 -26.14
N ILE I 156 5.46 15.87 -27.07
CA ILE I 156 6.22 15.94 -28.31
C ILE I 156 6.86 17.32 -28.40
N GLY I 157 8.16 17.34 -28.65
CA GLY I 157 8.89 18.58 -28.76
C GLY I 157 9.57 18.74 -30.10
N LEU I 158 9.21 19.79 -30.84
CA LEU I 158 9.86 20.12 -32.10
C LEU I 158 10.95 21.15 -31.79
N ASN I 159 12.20 20.74 -31.95
CA ASN I 159 13.34 21.50 -31.49
C ASN I 159 13.97 22.24 -32.65
N ASP I 160 14.06 23.57 -32.53
CA ASP I 160 14.78 24.40 -33.49
C ASP I 160 15.20 25.67 -32.74
N SER I 161 16.45 25.67 -32.25
CA SER I 161 16.89 26.75 -31.39
C SER I 161 18.40 26.87 -31.43
N GLY I 162 18.90 28.10 -31.46
CA GLY I 162 20.34 28.31 -31.44
C GLY I 162 20.98 27.89 -30.14
N GLY I 163 20.32 28.18 -29.01
CA GLY I 163 20.85 27.83 -27.71
C GLY I 163 20.30 28.74 -26.64
N ALA I 164 21.09 28.93 -25.59
CA ALA I 164 20.68 29.78 -24.49
C ALA I 164 20.73 31.25 -24.88
N ARG I 165 19.79 32.02 -24.35
CA ARG I 165 19.76 33.47 -24.58
C ARG I 165 20.80 34.11 -23.67
N ILE I 166 21.93 34.49 -24.25
CA ILE I 166 23.05 35.00 -23.47
C ILE I 166 22.66 36.22 -22.68
N GLN I 167 21.75 37.05 -23.21
CA GLN I 167 21.36 38.27 -22.51
C GLN I 167 20.74 37.99 -21.16
N GLU I 168 20.13 36.83 -20.97
CA GLU I 168 19.52 36.47 -19.69
C GLU I 168 20.49 35.73 -18.77
N GLY I 169 21.72 35.49 -19.23
CA GLY I 169 22.73 34.92 -18.37
C GLY I 169 22.27 33.68 -17.64
N VAL I 170 22.62 33.61 -16.35
CA VAL I 170 22.31 32.43 -15.56
C VAL I 170 20.85 32.05 -15.65
N GLU I 171 19.96 33.03 -15.87
CA GLU I 171 18.54 32.72 -15.95
C GLU I 171 18.30 31.58 -16.94
N SER I 172 18.84 31.72 -18.16
CA SER I 172 18.65 30.68 -19.15
C SER I 172 19.08 29.33 -18.62
N LEU I 173 20.27 29.27 -18.00
CA LEU I 173 20.74 28.01 -17.45
C LEU I 173 19.69 27.40 -16.55
N ALA I 174 19.16 28.19 -15.60
CA ALA I 174 18.15 27.67 -14.70
C ALA I 174 17.02 27.02 -15.48
N GLY I 175 16.50 27.72 -16.48
CA GLY I 175 15.40 27.16 -17.25
C GLY I 175 15.74 25.80 -17.81
N TYR I 176 16.93 25.68 -18.39
CA TYR I 176 17.33 24.39 -18.94
C TYR I 176 17.23 23.31 -17.87
N ALA I 177 17.78 23.58 -16.69
CA ALA I 177 17.71 22.58 -15.62
C ALA I 177 16.27 22.26 -15.29
N ASP I 178 15.42 23.29 -15.21
CA ASP I 178 14.01 23.05 -14.91
C ASP I 178 13.41 22.07 -15.91
N ILE I 179 13.80 22.17 -17.18
CA ILE I 179 13.33 21.19 -18.16
C ILE I 179 13.94 19.82 -17.87
N PHE I 180 15.27 19.79 -17.69
CA PHE I 180 15.96 18.51 -17.53
C PHE I 180 15.31 17.69 -16.41
N LEU I 181 15.17 18.30 -15.23
CA LEU I 181 14.56 17.59 -14.11
C LEU I 181 13.23 16.98 -14.52
N ARG I 182 12.36 17.77 -15.14
CA ARG I 182 11.06 17.26 -15.52
C ARG I 182 11.20 16.05 -16.44
N ASN I 183 12.10 16.13 -17.41
CA ASN I 183 12.35 14.97 -18.27
C ASN I 183 12.65 13.76 -17.41
N VAL I 184 13.59 13.89 -16.49
CA VAL I 184 13.96 12.76 -15.66
C VAL I 184 12.78 12.31 -14.81
N THR I 185 11.95 13.26 -14.35
CA THR I 185 10.79 12.88 -13.57
C THR I 185 9.75 12.18 -14.43
N ALA I 186 9.68 12.52 -15.72
CA ALA I 186 8.69 11.92 -16.60
C ALA I 186 9.16 10.61 -17.22
N SER I 187 10.45 10.29 -17.13
CA SER I 187 10.97 9.08 -17.74
C SER I 187 10.25 7.87 -17.17
N GLY I 188 9.68 7.05 -18.04
CA GLY I 188 8.95 5.88 -17.63
C GLY I 188 7.52 6.13 -17.19
N VAL I 189 7.07 7.38 -17.18
CA VAL I 189 5.71 7.73 -16.80
C VAL I 189 4.86 8.06 -18.02
N ILE I 190 5.35 8.94 -18.88
CA ILE I 190 4.67 9.27 -20.13
C ILE I 190 5.69 9.25 -21.25
N PRO I 191 5.37 8.75 -22.43
CA PRO I 191 6.34 8.78 -23.53
C PRO I 191 6.71 10.20 -23.90
N GLN I 192 7.97 10.40 -24.25
CA GLN I 192 8.48 11.69 -24.67
C GLN I 192 9.18 11.53 -26.01
N ILE I 193 8.83 12.38 -26.96
CA ILE I 193 9.38 12.29 -28.31
C ILE I 193 9.95 13.65 -28.70
N SER I 194 11.14 13.62 -29.30
CA SER I 194 11.82 14.83 -29.77
C SER I 194 12.05 14.74 -31.26
N LEU I 195 11.77 15.82 -31.96
CA LEU I 195 12.02 15.93 -33.39
C LEU I 195 12.91 17.14 -33.62
N ILE I 196 14.16 16.89 -34.00
CA ILE I 196 15.11 17.96 -34.27
C ILE I 196 14.90 18.44 -35.70
N MET I 197 14.45 19.69 -35.84
CA MET I 197 14.08 20.23 -37.15
C MET I 197 14.90 21.46 -37.52
N GLY I 198 15.97 21.74 -36.78
CA GLY I 198 16.82 22.87 -37.08
C GLY I 198 18.10 22.83 -36.27
N PRO I 199 18.80 23.96 -36.22
CA PRO I 199 20.02 24.02 -35.40
C PRO I 199 19.70 23.75 -33.93
N CYS I 200 20.60 23.04 -33.26
CA CYS I 200 20.44 22.73 -31.85
C CYS I 200 21.84 22.51 -31.27
N ALA I 201 22.30 23.47 -30.48
CA ALA I 201 23.66 23.46 -29.98
C ALA I 201 23.67 23.79 -28.48
N GLY I 202 24.74 23.36 -27.82
CA GLY I 202 24.90 23.66 -26.41
C GLY I 202 24.04 22.75 -25.54
N GLY I 203 23.80 23.21 -24.31
CA GLY I 203 23.05 22.42 -23.36
C GLY I 203 21.68 22.01 -23.85
N ALA I 204 21.11 22.77 -24.79
CA ALA I 204 19.81 22.40 -25.32
C ALA I 204 19.80 21.00 -25.92
N VAL I 205 20.95 20.49 -26.36
CA VAL I 205 21.00 19.15 -26.92
C VAL I 205 20.71 18.06 -25.90
N TYR I 206 20.84 18.37 -24.61
CA TYR I 206 20.71 17.32 -23.60
C TYR I 206 19.26 16.92 -23.35
N SER I 207 18.32 17.86 -23.46
CA SER I 207 16.92 17.51 -23.27
C SER I 207 16.47 16.43 -24.24
N PRO I 208 16.72 16.54 -25.54
CA PRO I 208 16.36 15.43 -26.44
C PRO I 208 17.04 14.13 -26.05
N ALA I 209 18.27 14.18 -25.56
CA ALA I 209 18.97 12.96 -25.17
C ALA I 209 18.25 12.23 -24.05
N LEU I 210 17.55 12.97 -23.20
CA LEU I 210 16.83 12.36 -22.08
C LEU I 210 15.46 11.81 -22.49
N THR I 211 14.97 12.15 -23.68
CA THR I 211 13.68 11.64 -24.11
C THR I 211 13.82 10.22 -24.66
N ASP I 212 12.67 9.59 -24.90
CA ASP I 212 12.67 8.19 -25.31
C ASP I 212 13.15 8.01 -26.75
N PHE I 213 12.70 8.87 -27.66
CA PHE I 213 13.06 8.74 -29.06
C PHE I 213 13.39 10.11 -29.64
N THR I 214 14.39 10.14 -30.50
CA THR I 214 14.82 11.35 -31.18
C THR I 214 14.82 11.14 -32.67
N PHE I 215 14.16 12.02 -33.41
CA PHE I 215 14.11 11.97 -34.86
C PHE I 215 14.72 13.25 -35.42
N MET I 216 15.31 13.13 -36.61
CA MET I 216 16.07 14.22 -37.20
C MET I 216 15.63 14.42 -38.65
N VAL I 217 15.70 15.67 -39.10
CA VAL I 217 15.38 16.03 -40.47
C VAL I 217 16.69 16.22 -41.23
N LYS I 218 16.79 15.63 -42.41
CA LYS I 218 18.03 15.65 -43.16
C LYS I 218 18.35 17.04 -43.68
N ASP I 219 19.62 17.43 -43.56
CA ASP I 219 20.17 18.60 -44.24
C ASP I 219 19.76 19.92 -43.62
N THR I 220 18.89 19.91 -42.62
CA THR I 220 18.45 21.15 -41.99
C THR I 220 18.50 21.11 -40.47
N SER I 221 18.91 20.00 -39.87
CA SER I 221 19.00 19.89 -38.43
C SER I 221 20.34 19.28 -38.05
N TYR I 222 20.82 19.64 -36.86
CA TYR I 222 22.07 19.09 -36.37
C TYR I 222 22.13 19.24 -34.86
N LEU I 223 22.98 18.41 -34.25
CA LEU I 223 23.13 18.38 -32.80
C LEU I 223 24.61 18.34 -32.46
N PHE I 224 25.06 19.27 -31.63
CA PHE I 224 26.41 19.23 -31.09
C PHE I 224 26.52 20.19 -29.93
N ILE I 225 27.34 19.82 -28.94
CA ILE I 225 27.54 20.68 -27.78
C ILE I 225 28.35 21.91 -28.17
N THR I 226 29.41 21.72 -28.95
CA THR I 226 30.29 22.80 -29.37
C THR I 226 30.30 22.88 -30.88
N GLY I 227 30.25 24.10 -31.42
CA GLY I 227 30.21 24.31 -32.84
C GLY I 227 31.55 24.08 -33.51
N PRO I 228 31.56 24.07 -34.84
CA PRO I 228 32.81 23.80 -35.57
C PRO I 228 33.91 24.81 -35.29
N ASP I 229 33.56 26.08 -35.05
CA ASP I 229 34.60 27.09 -34.83
C ASP I 229 35.42 26.78 -33.59
N VAL I 230 34.75 26.42 -32.49
CA VAL I 230 35.49 26.07 -31.28
C VAL I 230 36.30 24.81 -31.49
N VAL I 231 35.77 23.85 -32.26
CA VAL I 231 36.54 22.64 -32.55
C VAL I 231 37.82 22.99 -33.28
N LYS I 232 37.74 23.85 -34.29
CA LYS I 232 38.93 24.26 -35.01
C LYS I 232 39.90 24.99 -34.09
N SER I 233 39.38 25.88 -33.27
CA SER I 233 40.25 26.68 -32.40
C SER I 233 40.98 25.81 -31.39
N VAL I 234 40.32 24.79 -30.85
CA VAL I 234 40.91 24.00 -29.76
C VAL I 234 41.70 22.82 -30.28
N THR I 235 41.11 21.99 -31.13
CA THR I 235 41.76 20.77 -31.59
C THR I 235 42.33 20.88 -33.00
N ASN I 236 42.21 22.05 -33.65
CA ASN I 236 42.75 22.24 -34.98
C ASN I 236 42.18 21.24 -35.98
N GLU I 237 40.86 21.06 -35.92
CA GLU I 237 40.15 20.17 -36.83
C GLU I 237 39.22 20.99 -37.71
N ASP I 238 39.18 20.65 -38.99
CA ASP I 238 38.30 21.31 -39.94
C ASP I 238 37.08 20.43 -40.21
N VAL I 239 35.90 20.95 -39.87
CA VAL I 239 34.67 20.20 -40.04
C VAL I 239 33.54 21.20 -40.25
N THR I 240 32.52 20.78 -40.99
CA THR I 240 31.33 21.58 -41.21
C THR I 240 30.24 21.21 -40.21
N GLN I 241 29.18 22.00 -40.19
CA GLN I 241 28.07 21.70 -39.29
C GLN I 241 27.46 20.36 -39.61
N GLU I 242 27.27 20.06 -40.90
CA GLU I 242 26.69 18.77 -41.28
C GLU I 242 27.57 17.62 -40.83
N GLU I 243 28.89 17.73 -41.05
CA GLU I 243 29.79 16.67 -40.61
C GLU I 243 29.80 16.53 -39.11
N LEU I 244 29.79 17.65 -38.38
CA LEU I 244 29.89 17.60 -36.93
C LEU I 244 28.64 17.00 -36.31
N GLY I 245 27.47 17.48 -36.71
CA GLY I 245 26.25 17.05 -36.05
C GLY I 245 25.06 16.83 -36.97
N GLY I 246 25.31 16.52 -38.23
CA GLY I 246 24.25 16.32 -39.18
C GLY I 246 23.42 15.08 -38.85
N ALA I 247 22.28 14.99 -39.53
CA ALA I 247 21.38 13.86 -39.30
C ALA I 247 22.06 12.54 -39.64
N LYS I 248 22.82 12.51 -40.73
CA LYS I 248 23.51 11.28 -41.11
C LYS I 248 24.51 10.87 -40.04
N THR I 249 25.25 11.84 -39.48
CA THR I 249 26.23 11.52 -38.46
C THR I 249 25.58 10.90 -37.23
N HIS I 250 24.45 11.47 -36.79
CA HIS I 250 23.80 11.00 -35.58
C HIS I 250 22.87 9.82 -35.83
N THR I 251 22.66 9.42 -37.08
CA THR I 251 21.87 8.24 -37.39
C THR I 251 22.72 7.07 -37.87
N THR I 252 24.00 7.27 -38.16
CA THR I 252 24.85 6.20 -38.63
C THR I 252 26.13 6.00 -37.81
N MET I 253 26.57 7.01 -37.08
CA MET I 253 27.84 6.93 -36.36
C MET I 253 27.69 7.01 -34.85
N SER I 254 27.06 8.07 -34.34
CA SER I 254 27.01 8.30 -32.91
C SER I 254 25.92 7.51 -32.20
N GLY I 255 24.96 6.96 -32.93
CA GLY I 255 23.85 6.27 -32.28
C GLY I 255 23.05 7.16 -31.36
N VAL I 256 22.89 8.43 -31.71
CA VAL I 256 22.13 9.37 -30.90
C VAL I 256 20.70 9.53 -31.40
N ALA I 257 20.52 9.57 -32.72
CA ALA I 257 19.20 9.71 -33.32
C ALA I 257 18.66 8.35 -33.75
N HIS I 258 17.34 8.24 -33.79
CA HIS I 258 16.70 6.98 -34.13
C HIS I 258 16.24 6.90 -35.58
N ARG I 259 15.92 8.02 -36.19
CA ARG I 259 15.45 8.03 -37.57
C ARG I 259 15.76 9.38 -38.20
N ALA I 260 15.99 9.38 -39.50
CA ALA I 260 16.20 10.59 -40.27
C ALA I 260 15.15 10.65 -41.36
N PHE I 261 14.59 11.84 -41.58
CA PHE I 261 13.52 12.04 -42.54
C PHE I 261 13.93 13.09 -43.56
N GLU I 262 13.27 13.04 -44.73
CA GLU I 262 13.68 13.89 -45.84
C GLU I 262 13.27 15.34 -45.62
N ASN I 263 12.06 15.58 -45.15
CA ASN I 263 11.51 16.92 -45.08
C ASN I 263 10.77 17.11 -43.76
N ASP I 264 10.36 18.35 -43.51
CA ASP I 264 9.48 18.62 -42.38
C ASP I 264 8.14 17.92 -42.56
N VAL I 265 7.59 17.96 -43.77
CA VAL I 265 6.30 17.34 -44.02
C VAL I 265 6.39 15.83 -43.86
N ASP I 266 7.40 15.23 -44.48
CA ASP I 266 7.61 13.79 -44.35
C ASP I 266 7.86 13.40 -42.91
N ALA I 267 8.67 14.18 -42.20
CA ALA I 267 8.96 13.90 -40.81
C ALA I 267 7.70 13.95 -39.97
N LEU I 268 6.84 14.94 -40.20
CA LEU I 268 5.62 15.05 -39.40
C LEU I 268 4.64 13.93 -39.69
N CYS I 269 4.51 13.55 -40.96
CA CYS I 269 3.64 12.42 -41.28
C CYS I 269 4.13 11.15 -40.61
N ASN I 270 5.43 10.88 -40.72
CA ASN I 270 5.98 9.70 -40.05
C ASN I 270 5.85 9.79 -38.55
N LEU I 271 5.93 11.00 -37.99
CA LEU I 271 5.76 11.17 -36.56
C LEU I 271 4.35 10.80 -36.11
N ARG I 272 3.35 11.23 -36.87
CA ARG I 272 1.99 10.80 -36.56
C ARG I 272 1.86 9.28 -36.62
N ASP I 273 2.39 8.69 -37.69
CA ASP I 273 2.34 7.24 -37.83
C ASP I 273 2.98 6.56 -36.62
N PHE I 274 4.16 7.02 -36.23
CA PHE I 274 4.86 6.43 -35.09
C PHE I 274 4.07 6.61 -33.79
N PHE I 275 3.53 7.81 -33.57
CA PHE I 275 2.77 8.07 -32.36
C PHE I 275 1.58 7.13 -32.25
N ASN I 276 1.03 6.70 -33.37
CA ASN I 276 -0.11 5.78 -33.30
C ASN I 276 0.22 4.52 -32.50
N TYR I 277 1.50 4.14 -32.43
CA TYR I 277 1.85 2.88 -31.78
C TYR I 277 1.80 2.96 -30.26
N LEU I 278 2.20 4.09 -29.68
CA LEU I 278 2.52 4.15 -28.27
C LEU I 278 1.26 4.28 -27.41
N PRO I 279 1.33 3.77 -26.17
CA PRO I 279 0.29 4.09 -25.19
C PRO I 279 0.48 5.50 -24.64
N LEU I 280 -0.61 6.03 -24.10
CA LEU I 280 -0.58 7.41 -23.62
C LEU I 280 0.24 7.56 -22.33
N SER I 281 0.29 6.53 -21.50
CA SER I 281 1.06 6.59 -20.26
C SER I 281 1.36 5.16 -19.83
N SER I 282 2.21 5.03 -18.81
CA SER I 282 2.57 3.72 -18.28
C SER I 282 1.43 3.07 -17.50
N GLN I 283 0.35 3.80 -17.24
CA GLN I 283 -0.82 3.20 -16.61
C GLN I 283 -1.72 2.47 -17.59
N ASP I 284 -1.47 2.58 -18.89
CA ASP I 284 -2.31 1.98 -19.89
C ASP I 284 -1.63 0.78 -20.54
N PRO I 285 -2.41 -0.20 -20.99
CA PRO I 285 -1.81 -1.33 -21.71
C PRO I 285 -1.39 -0.92 -23.11
N ALA I 286 -0.75 -1.85 -23.80
CA ALA I 286 -0.35 -1.60 -25.17
C ALA I 286 -1.58 -1.32 -26.03
N PRO I 287 -1.54 -0.30 -26.87
CA PRO I 287 -2.71 0.00 -27.71
C PRO I 287 -3.10 -1.17 -28.58
N VAL I 288 -4.41 -1.38 -28.73
CA VAL I 288 -4.95 -2.41 -29.60
C VAL I 288 -5.96 -1.73 -30.52
N ARG I 289 -5.74 -1.85 -31.83
CA ARG I 289 -6.60 -1.22 -32.81
C ARG I 289 -7.27 -2.29 -33.68
N GLU I 290 -8.19 -1.83 -34.53
CA GLU I 290 -8.91 -2.73 -35.41
C GLU I 290 -7.94 -3.45 -36.35
N CYS I 291 -8.10 -4.75 -36.49
CA CYS I 291 -7.20 -5.59 -37.26
C CYS I 291 -7.98 -6.38 -38.30
N HIS I 292 -7.42 -6.45 -39.52
CA HIS I 292 -8.01 -7.25 -40.59
C HIS I 292 -7.20 -8.49 -40.92
N ASP I 293 -5.91 -8.51 -40.63
CA ASP I 293 -5.07 -9.66 -40.92
C ASP I 293 -5.45 -10.80 -39.99
N PRO I 294 -5.84 -11.96 -40.50
CA PRO I 294 -6.21 -13.07 -39.61
C PRO I 294 -5.04 -13.46 -38.72
N SER I 295 -5.35 -13.76 -37.45
CA SER I 295 -4.30 -14.14 -36.51
C SER I 295 -3.78 -15.55 -36.75
N ASP I 296 -4.49 -16.36 -37.51
CA ASP I 296 -4.08 -17.72 -37.81
C ASP I 296 -3.54 -17.88 -39.22
N ARG I 297 -3.26 -16.77 -39.91
CA ARG I 297 -2.72 -16.85 -41.26
C ARG I 297 -1.42 -17.65 -41.27
N LEU I 298 -1.30 -18.56 -42.23
CA LEU I 298 -0.08 -19.34 -42.37
C LEU I 298 0.96 -18.56 -43.17
N VAL I 299 2.22 -18.91 -42.96
CA VAL I 299 3.32 -18.27 -43.66
C VAL I 299 4.21 -19.35 -44.27
N PRO I 300 3.76 -20.01 -45.34
CA PRO I 300 4.56 -21.10 -45.91
C PRO I 300 5.91 -20.66 -46.43
N GLU I 301 6.07 -19.38 -46.77
CA GLU I 301 7.33 -18.90 -47.32
C GLU I 301 8.49 -19.03 -46.34
N LEU I 302 8.22 -19.22 -45.06
CA LEU I 302 9.28 -19.34 -44.08
C LEU I 302 9.82 -20.76 -43.95
N ASP I 303 9.18 -21.74 -44.58
CA ASP I 303 9.60 -23.13 -44.40
C ASP I 303 10.97 -23.40 -44.99
N THR I 304 11.45 -22.58 -45.90
CA THR I 304 12.75 -22.78 -46.52
C THR I 304 13.61 -21.53 -46.51
N ILE I 305 13.27 -20.54 -45.68
CA ILE I 305 14.01 -19.28 -45.67
C ILE I 305 15.42 -19.49 -45.12
N VAL I 306 15.58 -20.38 -44.14
CA VAL I 306 16.85 -20.58 -43.47
C VAL I 306 17.66 -21.60 -44.28
N PRO I 307 18.82 -21.23 -44.81
CA PRO I 307 19.64 -22.20 -45.54
C PRO I 307 20.15 -23.29 -44.61
N LEU I 308 20.29 -24.50 -45.14
CA LEU I 308 20.79 -25.60 -44.34
C LEU I 308 22.25 -25.39 -43.96
N GLU I 309 23.08 -24.93 -44.89
CA GLU I 309 24.49 -24.71 -44.62
C GLU I 309 24.66 -23.45 -43.77
N SER I 310 25.29 -23.60 -42.60
CA SER I 310 25.44 -22.50 -41.67
C SER I 310 26.38 -21.42 -42.19
N THR I 311 26.94 -21.56 -43.38
CA THR I 311 27.83 -20.57 -43.95
C THR I 311 27.13 -19.58 -44.87
N LYS I 312 25.81 -19.67 -45.02
CA LYS I 312 25.04 -18.76 -45.85
C LYS I 312 24.07 -17.97 -44.98
N ALA I 313 23.95 -16.69 -45.28
CA ALA I 313 23.11 -15.78 -44.51
C ALA I 313 21.76 -15.57 -45.19
N TYR I 314 20.81 -15.08 -44.41
CA TYR I 314 19.50 -14.69 -44.90
C TYR I 314 19.13 -13.36 -44.27
N ASN I 315 17.97 -12.84 -44.65
CA ASN I 315 17.51 -11.55 -44.15
C ASN I 315 16.41 -11.77 -43.12
N MET I 316 16.70 -11.46 -41.86
CA MET I 316 15.69 -11.60 -40.82
C MET I 316 14.53 -10.64 -41.01
N VAL I 317 14.75 -9.52 -41.70
CA VAL I 317 13.67 -8.58 -41.94
C VAL I 317 12.57 -9.23 -42.78
N ASP I 318 12.93 -10.16 -43.67
CA ASP I 318 11.90 -10.88 -44.41
C ASP I 318 11.01 -11.69 -43.49
N ILE I 319 11.61 -12.38 -42.52
CA ILE I 319 10.83 -13.14 -41.54
C ILE I 319 9.93 -12.19 -40.76
N ILE I 320 10.48 -11.06 -40.32
CA ILE I 320 9.69 -10.12 -39.54
C ILE I 320 8.51 -9.61 -40.36
N HIS I 321 8.73 -9.26 -41.62
CA HIS I 321 7.66 -8.79 -42.48
C HIS I 321 6.60 -9.87 -42.65
N SER I 322 7.01 -11.12 -42.84
CA SER I 322 6.05 -12.19 -43.04
C SER I 322 5.20 -12.39 -41.79
N VAL I 323 5.79 -12.30 -40.60
CA VAL I 323 5.06 -12.68 -39.40
C VAL I 323 4.10 -11.60 -38.94
N VAL I 324 4.45 -10.33 -39.08
CA VAL I 324 3.67 -9.25 -38.48
C VAL I 324 2.43 -8.94 -39.30
N ASP I 325 1.50 -8.17 -38.72
CA ASP I 325 0.26 -7.84 -39.40
C ASP I 325 0.54 -6.96 -40.61
N GLU I 326 -0.05 -7.33 -41.74
CA GLU I 326 0.01 -6.54 -42.98
C GLU I 326 1.43 -6.25 -43.41
N ARG I 327 2.41 -6.98 -42.90
CA ARG I 327 3.80 -6.82 -43.30
C ARG I 327 4.31 -5.41 -43.01
N GLU I 328 3.76 -4.76 -41.99
CA GLU I 328 4.11 -3.39 -41.65
C GLU I 328 5.05 -3.39 -40.46
N PHE I 329 6.18 -2.71 -40.60
CA PHE I 329 7.23 -2.72 -39.59
C PHE I 329 7.88 -1.34 -39.53
N PHE I 330 7.83 -0.71 -38.37
CA PHE I 330 8.48 0.59 -38.15
C PHE I 330 9.81 0.33 -37.49
N GLU I 331 10.89 0.42 -38.27
CA GLU I 331 12.22 0.07 -37.78
C GLU I 331 12.85 1.26 -37.05
N ILE I 332 13.63 0.96 -36.02
CA ILE I 332 14.33 1.96 -35.23
C ILE I 332 15.83 1.82 -35.49
N MET I 333 16.50 2.93 -35.73
CA MET I 333 17.91 2.95 -36.07
C MET I 333 18.20 1.99 -37.23
N PRO I 334 17.49 2.13 -38.35
CA PRO I 334 17.69 1.17 -39.46
C PRO I 334 19.10 1.18 -40.01
N ASN I 335 19.81 2.30 -39.93
CA ASN I 335 21.12 2.44 -40.54
C ASN I 335 22.26 2.42 -39.55
N TYR I 336 22.00 2.08 -38.29
CA TYR I 336 23.02 2.07 -37.25
C TYR I 336 23.05 0.69 -36.60
N ALA I 337 24.25 0.13 -36.48
CA ALA I 337 24.43 -1.20 -35.90
C ALA I 337 23.47 -2.21 -36.53
N LYS I 338 23.66 -2.41 -37.83
CA LYS I 338 22.73 -3.21 -38.62
C LYS I 338 22.74 -4.69 -38.29
N ASN I 339 23.70 -5.16 -37.49
CA ASN I 339 23.71 -6.57 -37.12
C ASN I 339 22.57 -6.94 -36.19
N ILE I 340 21.83 -5.98 -35.66
CA ILE I 340 20.64 -6.23 -34.86
C ILE I 340 19.51 -5.37 -35.41
N ILE I 341 18.28 -5.85 -35.23
CA ILE I 341 17.10 -5.18 -35.75
C ILE I 341 16.12 -4.97 -34.60
N VAL I 342 15.62 -3.75 -34.45
CA VAL I 342 14.62 -3.42 -33.45
C VAL I 342 13.56 -2.56 -34.11
N GLY I 343 12.32 -2.73 -33.66
CA GLY I 343 11.25 -1.93 -34.23
C GLY I 343 9.92 -2.21 -33.58
N PHE I 344 8.91 -1.53 -34.11
CA PHE I 344 7.53 -1.67 -33.66
C PHE I 344 6.69 -2.31 -34.76
N ALA I 345 5.76 -3.17 -34.36
CA ALA I 345 4.83 -3.78 -35.30
C ALA I 345 3.53 -4.07 -34.55
N ARG I 346 2.61 -4.76 -35.21
CA ARG I 346 1.36 -5.13 -34.60
C ARG I 346 1.07 -6.60 -34.85
N MET I 347 0.62 -7.29 -33.81
CA MET I 347 0.13 -8.65 -33.92
C MET I 347 -1.33 -8.67 -33.48
N ASN I 348 -2.21 -9.07 -34.39
CA ASN I 348 -3.65 -9.07 -34.11
C ASN I 348 -4.12 -7.70 -33.63
N GLY I 349 -3.48 -6.65 -34.14
CA GLY I 349 -3.84 -5.29 -33.79
C GLY I 349 -3.19 -4.75 -32.55
N ARG I 350 -2.43 -5.56 -31.81
CA ARG I 350 -1.79 -5.13 -30.59
C ARG I 350 -0.35 -4.75 -30.87
N THR I 351 0.07 -3.60 -30.35
CA THR I 351 1.44 -3.15 -30.55
C THR I 351 2.43 -4.11 -29.90
N VAL I 352 3.51 -4.40 -30.62
CA VAL I 352 4.57 -5.27 -30.12
C VAL I 352 5.92 -4.69 -30.54
N GLY I 353 6.94 -5.03 -29.76
CA GLY I 353 8.30 -4.67 -30.07
C GLY I 353 9.06 -5.88 -30.58
N ILE I 354 9.80 -5.69 -31.65
CA ILE I 354 10.52 -6.76 -32.33
C ILE I 354 12.01 -6.53 -32.16
N VAL I 355 12.72 -7.56 -31.69
CA VAL I 355 14.17 -7.57 -31.59
C VAL I 355 14.66 -8.85 -32.26
N GLY I 356 15.63 -8.72 -33.15
CA GLY I 356 16.13 -9.88 -33.86
C GLY I 356 17.57 -9.76 -34.32
N ASN I 357 18.29 -10.88 -34.33
CA ASN I 357 19.63 -10.88 -34.90
C ASN I 357 19.57 -10.81 -36.42
N GLN I 358 20.58 -10.19 -37.01
CA GLN I 358 20.62 -10.04 -38.46
C GLN I 358 21.83 -10.81 -39.02
N PRO I 359 21.65 -12.04 -39.46
CA PRO I 359 22.79 -12.79 -40.01
C PRO I 359 23.39 -12.16 -41.24
N LYS I 360 22.64 -11.31 -41.94
CA LYS I 360 23.11 -10.69 -43.16
C LYS I 360 24.27 -9.73 -42.91
N VAL I 361 24.46 -9.26 -41.68
CA VAL I 361 25.49 -8.29 -41.35
C VAL I 361 26.36 -8.86 -40.24
N ALA I 362 27.66 -8.99 -40.51
CA ALA I 362 28.63 -9.43 -39.52
C ALA I 362 28.21 -10.75 -38.87
N SER I 363 27.62 -11.63 -39.67
CA SER I 363 27.19 -12.95 -39.23
C SER I 363 26.18 -12.90 -38.10
N GLY I 364 25.62 -11.73 -37.79
CA GLY I 364 24.68 -11.63 -36.70
C GLY I 364 25.30 -11.63 -35.33
N CYS I 365 26.61 -11.40 -35.23
CA CYS I 365 27.28 -11.38 -33.94
C CYS I 365 26.96 -10.10 -33.19
N LEU I 366 26.81 -10.23 -31.87
CA LEU I 366 26.58 -9.08 -31.02
C LEU I 366 27.86 -8.28 -30.84
N ASP I 367 27.70 -7.00 -30.52
CA ASP I 367 28.83 -6.12 -30.28
C ASP I 367 28.36 -4.95 -29.41
N ILE I 368 29.18 -3.91 -29.33
CA ILE I 368 28.89 -2.80 -28.43
C ILE I 368 27.66 -2.03 -28.92
N ASN I 369 27.73 -1.49 -30.13
CA ASN I 369 26.66 -0.63 -30.62
C ASN I 369 25.34 -1.38 -30.69
N SER I 370 25.36 -2.60 -31.22
CA SER I 370 24.14 -3.40 -31.29
C SER I 370 23.60 -3.70 -29.89
N SER I 371 24.48 -3.99 -28.95
CA SER I 371 24.04 -4.26 -27.59
C SER I 371 23.30 -3.05 -27.00
N VAL I 372 23.87 -1.86 -27.15
CA VAL I 372 23.24 -0.67 -26.61
C VAL I 372 21.90 -0.41 -27.31
N LYS I 373 21.89 -0.53 -28.64
CA LYS I 373 20.69 -0.27 -29.41
C LYS I 373 19.56 -1.19 -29.00
N GLY I 374 19.85 -2.49 -28.84
CA GLY I 374 18.83 -3.40 -28.38
C GLY I 374 18.41 -3.15 -26.94
N ALA I 375 19.38 -2.85 -26.08
CA ALA I 375 19.08 -2.72 -24.65
C ALA I 375 18.12 -1.58 -24.38
N ARG I 376 18.40 -0.40 -24.96
CA ARG I 376 17.51 0.72 -24.65
C ARG I 376 16.11 0.49 -25.20
N PHE I 377 16.00 -0.08 -26.40
CA PHE I 377 14.69 -0.36 -26.96
C PHE I 377 13.92 -1.34 -26.10
N VAL I 378 14.60 -2.39 -25.63
CA VAL I 378 13.93 -3.37 -24.77
C VAL I 378 13.46 -2.71 -23.48
N ARG I 379 14.30 -1.87 -22.88
CA ARG I 379 13.91 -1.20 -21.65
C ARG I 379 12.71 -0.30 -21.86
N PHE I 380 12.69 0.45 -22.96
CA PHE I 380 11.52 1.29 -23.24
C PHE I 380 10.26 0.44 -23.40
N CYS I 381 10.36 -0.64 -24.17
CA CYS I 381 9.18 -1.47 -24.38
C CYS I 381 8.67 -2.02 -23.06
N ASP I 382 9.57 -2.48 -22.20
CA ASP I 382 9.14 -3.01 -20.91
C ASP I 382 8.50 -1.91 -20.05
N ALA I 383 9.06 -0.70 -20.09
CA ALA I 383 8.56 0.36 -19.23
C ALA I 383 7.10 0.68 -19.51
N PHE I 384 6.67 0.54 -20.77
CA PHE I 384 5.33 0.96 -21.17
C PHE I 384 4.44 -0.22 -21.55
N ASN I 385 4.75 -1.42 -21.06
CA ASN I 385 3.84 -2.57 -21.16
C ASN I 385 3.66 -3.06 -22.59
N ILE I 386 4.70 -3.00 -23.40
CA ILE I 386 4.65 -3.47 -24.78
C ILE I 386 5.30 -4.84 -24.85
N PRO I 387 4.59 -5.87 -25.31
CA PRO I 387 5.19 -7.21 -25.37
C PRO I 387 6.35 -7.26 -26.34
N LEU I 388 7.26 -8.19 -26.09
CA LEU I 388 8.49 -8.33 -26.86
C LEU I 388 8.53 -9.67 -27.58
N ILE I 389 8.93 -9.62 -28.85
CA ILE I 389 9.15 -10.80 -29.67
C ILE I 389 10.59 -10.78 -30.16
N THR I 390 11.30 -11.88 -29.99
CA THR I 390 12.72 -11.97 -30.31
C THR I 390 12.95 -13.10 -31.30
N PHE I 391 13.79 -12.83 -32.29
CA PHE I 391 14.23 -13.83 -33.25
C PHE I 391 15.73 -14.02 -33.07
N VAL I 392 16.14 -15.25 -32.78
CA VAL I 392 17.49 -15.53 -32.32
C VAL I 392 18.24 -16.30 -33.40
N ASP I 393 19.31 -15.69 -33.91
CA ASP I 393 20.31 -16.39 -34.71
C ASP I 393 21.65 -15.67 -34.46
N VAL I 394 22.42 -16.18 -33.51
CA VAL I 394 23.62 -15.48 -33.06
C VAL I 394 24.72 -16.48 -32.77
N PRO I 395 25.88 -16.35 -33.40
CA PRO I 395 26.98 -17.30 -33.13
C PRO I 395 27.81 -16.90 -31.92
N GLY I 396 27.78 -15.63 -31.56
CA GLY I 396 28.55 -15.16 -30.42
C GLY I 396 28.76 -13.66 -30.51
N PHE I 397 29.79 -13.20 -29.81
CA PHE I 397 30.14 -11.78 -29.78
C PHE I 397 31.31 -11.51 -30.71
N LEU I 398 31.34 -10.29 -31.24
CA LEU I 398 32.39 -9.90 -32.16
C LEU I 398 33.73 -9.87 -31.43
N PRO I 399 34.75 -10.56 -31.93
CA PRO I 399 36.05 -10.56 -31.26
C PRO I 399 36.97 -9.45 -31.78
N GLY I 400 38.05 -9.24 -31.05
CA GLY I 400 39.06 -8.27 -31.41
C GLY I 400 39.40 -7.38 -30.23
N THR I 401 40.55 -6.70 -30.34
CA THR I 401 40.97 -5.80 -29.27
C THR I 401 40.13 -4.54 -29.24
N ALA I 402 39.58 -4.13 -30.38
CA ALA I 402 38.73 -2.94 -30.39
C ALA I 402 37.50 -3.13 -29.53
N GLN I 403 36.89 -4.31 -29.59
CA GLN I 403 35.70 -4.57 -28.78
C GLN I 403 36.05 -4.66 -27.29
N GLU I 404 37.17 -5.29 -26.97
CA GLU I 404 37.56 -5.43 -25.56
C GLU I 404 37.92 -4.09 -24.95
N TYR I 405 38.75 -3.31 -25.65
CA TYR I 405 39.15 -2.00 -25.14
C TYR I 405 37.97 -1.04 -25.07
N GLY I 406 36.95 -1.27 -25.88
CA GLY I 406 35.76 -0.45 -25.84
C GLY I 406 34.78 -0.80 -24.74
N GLY I 407 35.06 -1.84 -23.96
CA GLY I 407 34.18 -2.21 -22.88
C GLY I 407 33.02 -3.09 -23.32
N ILE I 408 33.30 -4.05 -24.20
CA ILE I 408 32.24 -4.93 -24.69
C ILE I 408 31.55 -5.64 -23.54
N ILE I 409 32.27 -5.91 -22.46
CA ILE I 409 31.69 -6.67 -21.35
C ILE I 409 30.48 -5.94 -20.77
N ARG I 410 30.66 -4.66 -20.42
CA ARG I 410 29.57 -3.93 -19.80
C ARG I 410 28.45 -3.64 -20.79
N HIS I 411 28.80 -3.35 -22.04
CA HIS I 411 27.78 -3.08 -23.04
C HIS I 411 26.91 -4.30 -23.29
N GLY I 412 27.51 -5.48 -23.39
CA GLY I 412 26.72 -6.70 -23.52
C GLY I 412 25.90 -6.99 -22.28
N ALA I 413 26.49 -6.75 -21.10
CA ALA I 413 25.72 -6.87 -19.87
C ALA I 413 24.51 -5.96 -19.90
N LYS I 414 24.60 -4.83 -20.60
CA LYS I 414 23.44 -3.94 -20.71
C LYS I 414 22.25 -4.68 -21.32
N LEU I 415 22.45 -5.31 -22.48
CA LEU I 415 21.35 -6.01 -23.14
C LEU I 415 20.89 -7.20 -22.30
N LEU I 416 21.84 -7.93 -21.72
CA LEU I 416 21.44 -9.07 -20.88
C LEU I 416 20.56 -8.61 -19.74
N TYR I 417 20.95 -7.54 -19.06
CA TYR I 417 20.15 -6.98 -17.97
C TYR I 417 18.79 -6.50 -18.49
N ALA I 418 18.77 -5.90 -19.67
CA ALA I 418 17.50 -5.41 -20.20
C ALA I 418 16.51 -6.55 -20.37
N PHE I 419 16.95 -7.67 -20.97
CA PHE I 419 16.04 -8.81 -21.06
C PHE I 419 15.69 -9.37 -19.69
N ALA I 420 16.66 -9.52 -18.80
CA ALA I 420 16.38 -10.14 -17.51
C ALA I 420 15.39 -9.32 -16.70
N GLU I 421 15.44 -8.00 -16.81
CA GLU I 421 14.61 -7.13 -16.00
C GLU I 421 13.17 -7.07 -16.48
N ALA I 422 12.94 -7.25 -17.78
CA ALA I 422 11.62 -7.02 -18.35
C ALA I 422 10.59 -7.94 -17.71
N THR I 423 9.38 -7.41 -17.48
CA THR I 423 8.27 -8.17 -16.94
C THR I 423 7.08 -8.23 -17.89
N VAL I 424 7.19 -7.64 -19.08
CA VAL I 424 6.16 -7.75 -20.10
C VAL I 424 6.26 -9.14 -20.71
N PRO I 425 5.22 -9.61 -21.41
CA PRO I 425 5.32 -10.91 -22.06
C PRO I 425 6.49 -10.94 -23.03
N LYS I 426 7.23 -12.04 -23.02
CA LYS I 426 8.39 -12.23 -23.89
C LYS I 426 8.23 -13.52 -24.65
N VAL I 427 8.28 -13.45 -25.97
CA VAL I 427 8.20 -14.62 -26.83
C VAL I 427 9.46 -14.68 -27.67
N THR I 428 10.12 -15.83 -27.67
CA THR I 428 11.39 -16.02 -28.35
C THR I 428 11.28 -17.16 -29.35
N VAL I 429 11.85 -16.96 -30.54
CA VAL I 429 11.90 -17.97 -31.58
C VAL I 429 13.34 -18.11 -32.05
N ILE I 430 13.86 -19.33 -31.99
CA ILE I 430 15.22 -19.62 -32.43
C ILE I 430 15.14 -20.19 -33.83
N THR I 431 15.69 -19.47 -34.80
CA THR I 431 15.71 -19.91 -36.18
C THR I 431 16.94 -20.73 -36.51
N ARG I 432 18.09 -20.38 -35.93
CA ARG I 432 19.34 -21.09 -36.19
C ARG I 432 20.25 -21.02 -34.98
N LYS I 433 21.55 -21.23 -35.21
CA LYS I 433 22.55 -21.33 -34.15
C LYS I 433 22.33 -20.32 -33.05
N ALA I 434 22.56 -20.77 -31.81
CA ALA I 434 22.56 -19.89 -30.63
C ALA I 434 23.64 -20.44 -29.70
N TYR I 435 24.79 -19.78 -29.66
CA TYR I 435 26.00 -20.33 -29.08
C TYR I 435 26.42 -19.55 -27.83
N GLY I 436 26.72 -20.28 -26.76
CA GLY I 436 27.38 -19.69 -25.62
C GLY I 436 26.52 -18.68 -24.88
N GLY I 437 27.19 -17.68 -24.30
CA GLY I 437 26.49 -16.65 -23.54
C GLY I 437 25.56 -15.80 -24.38
N ALA I 438 25.78 -15.74 -25.69
CA ALA I 438 24.85 -15.02 -26.55
C ALA I 438 23.46 -15.63 -26.49
N TYR I 439 23.37 -16.96 -26.39
CA TYR I 439 22.07 -17.60 -26.23
C TYR I 439 21.40 -17.14 -24.94
N ASP I 440 22.17 -17.05 -23.86
CA ASP I 440 21.61 -16.57 -22.60
C ASP I 440 21.11 -15.13 -22.73
N VAL I 441 21.89 -14.29 -23.40
CA VAL I 441 21.56 -12.87 -23.48
C VAL I 441 20.24 -12.67 -24.22
N MET I 442 20.06 -13.39 -25.33
CA MET I 442 18.91 -13.17 -26.21
C MET I 442 17.65 -13.80 -25.60
N SER I 443 17.26 -13.26 -24.45
CA SER I 443 15.98 -13.59 -23.82
C SER I 443 15.77 -15.09 -23.68
N SER I 444 16.81 -15.77 -23.20
CA SER I 444 16.69 -17.20 -22.95
C SER I 444 15.59 -17.44 -21.92
N LYS I 445 15.02 -18.65 -21.96
CA LYS I 445 13.95 -18.98 -21.01
C LYS I 445 14.42 -18.85 -19.57
N HIS I 446 15.73 -18.98 -19.34
CA HIS I 446 16.26 -18.90 -17.98
C HIS I 446 16.21 -17.49 -17.43
N LEU I 447 15.98 -16.48 -18.28
CA LEU I 447 15.75 -15.11 -17.83
C LEU I 447 14.29 -14.86 -17.49
N CYS I 448 13.55 -15.92 -17.16
CA CYS I 448 12.13 -15.82 -16.83
C CYS I 448 11.31 -15.50 -18.08
N GLY I 449 11.75 -16.02 -19.22
CA GLY I 449 10.97 -15.88 -20.44
C GLY I 449 9.68 -16.65 -20.38
N ASP I 450 8.75 -16.29 -21.25
CA ASP I 450 7.42 -16.86 -21.20
C ASP I 450 7.29 -18.09 -22.11
N THR I 451 7.52 -17.92 -23.40
CA THR I 451 7.47 -19.01 -24.35
C THR I 451 8.70 -18.94 -25.26
N ASN I 452 9.35 -20.07 -25.44
CA ASN I 452 10.53 -20.17 -26.29
C ASN I 452 10.32 -21.28 -27.29
N TYR I 453 10.49 -20.95 -28.57
CA TYR I 453 10.25 -21.89 -29.66
C TYR I 453 11.53 -22.06 -30.48
N ALA I 454 11.68 -23.24 -31.06
CA ALA I 454 12.83 -23.56 -31.89
C ALA I 454 12.35 -24.07 -33.24
N TRP I 455 12.90 -23.50 -34.31
CA TRP I 455 12.67 -24.03 -35.64
C TRP I 455 13.50 -25.29 -35.83
N PRO I 456 13.20 -26.08 -36.85
CA PRO I 456 13.96 -27.33 -37.06
C PRO I 456 15.45 -27.10 -37.29
N THR I 457 15.86 -25.89 -37.68
CA THR I 457 17.25 -25.57 -37.91
C THR I 457 17.95 -25.03 -36.67
N ALA I 458 17.27 -25.01 -35.52
CA ALA I 458 17.85 -24.45 -34.32
C ALA I 458 19.04 -25.26 -33.83
N GLU I 459 20.00 -24.57 -33.21
CA GLU I 459 21.20 -25.20 -32.66
C GLU I 459 21.57 -24.49 -31.37
N ILE I 460 21.22 -25.09 -30.24
CA ILE I 460 21.56 -24.56 -28.93
C ILE I 460 22.76 -25.35 -28.40
N ALA I 461 23.89 -24.68 -28.25
CA ALA I 461 25.11 -25.35 -27.83
C ALA I 461 26.03 -24.36 -27.14
N VAL I 462 27.00 -24.90 -26.39
CA VAL I 462 27.98 -24.06 -25.73
C VAL I 462 28.87 -23.35 -26.74
N MET I 463 29.19 -24.03 -27.84
CA MET I 463 30.06 -23.48 -28.87
C MET I 463 29.92 -24.33 -30.12
N GLY I 464 30.73 -24.02 -31.13
CA GLY I 464 30.68 -24.78 -32.36
C GLY I 464 31.06 -26.24 -32.15
N ALA I 465 30.52 -27.09 -33.02
CA ALA I 465 30.74 -28.52 -32.89
C ALA I 465 32.22 -28.87 -33.01
N LYS I 466 32.91 -28.25 -33.97
CA LYS I 466 34.33 -28.56 -34.17
C LYS I 466 35.15 -28.17 -32.95
N GLY I 467 34.92 -26.98 -32.39
CA GLY I 467 35.65 -26.58 -31.21
C GLY I 467 35.33 -27.45 -30.00
N ALA I 468 34.06 -27.81 -29.82
CA ALA I 468 33.69 -28.68 -28.72
C ALA I 468 34.38 -30.04 -28.84
N VAL I 469 34.41 -30.60 -30.05
CA VAL I 469 35.09 -31.87 -30.26
C VAL I 469 36.58 -31.74 -30.00
N GLU I 470 37.18 -30.64 -30.46
CA GLU I 470 38.60 -30.40 -30.21
C GLU I 470 38.90 -30.40 -28.72
N ILE I 471 38.09 -29.67 -27.95
CA ILE I 471 38.35 -29.56 -26.51
C ILE I 471 38.10 -30.90 -25.82
N ILE I 472 36.97 -31.54 -26.13
CA ILE I 472 36.55 -32.70 -25.35
C ILE I 472 37.43 -33.91 -25.64
N PHE I 473 37.69 -34.18 -26.93
CA PHE I 473 38.33 -35.44 -27.32
C PHE I 473 39.80 -35.23 -27.66
N LYS I 474 40.35 -34.07 -27.38
CA LYS I 474 41.74 -33.80 -27.74
C LYS I 474 42.65 -34.70 -26.93
N GLY I 475 43.60 -35.34 -27.61
CA GLY I 475 44.37 -36.41 -27.03
C GLY I 475 43.92 -37.79 -27.40
N HIS I 476 42.93 -37.91 -28.30
CA HIS I 476 42.46 -39.18 -28.82
C HIS I 476 42.59 -39.15 -30.33
N GLU I 477 43.19 -40.19 -30.91
CA GLU I 477 43.46 -40.16 -32.34
C GLU I 477 42.21 -40.40 -33.16
N ASN I 478 41.28 -41.24 -32.69
CA ASN I 478 40.06 -41.54 -33.44
C ASN I 478 39.08 -40.37 -33.36
N VAL I 479 39.55 -39.22 -33.86
CA VAL I 479 38.79 -37.98 -33.77
C VAL I 479 37.54 -38.04 -34.65
N GLU I 480 37.64 -38.68 -35.81
CA GLU I 480 36.56 -38.59 -36.79
C GLU I 480 35.28 -39.25 -36.29
N ALA I 481 35.38 -40.48 -35.77
CA ALA I 481 34.18 -41.16 -35.29
C ALA I 481 33.53 -40.42 -34.14
N ALA I 482 34.35 -39.94 -33.19
CA ALA I 482 33.81 -39.20 -32.06
C ALA I 482 33.14 -37.92 -32.52
N GLN I 483 33.76 -37.22 -33.48
CA GLN I 483 33.16 -36.00 -33.99
C GLN I 483 31.83 -36.27 -34.70
N ALA I 484 31.78 -37.36 -35.47
CA ALA I 484 30.52 -37.71 -36.14
C ALA I 484 29.43 -38.01 -35.12
N GLU I 485 29.76 -38.77 -34.09
CA GLU I 485 28.76 -39.07 -33.05
C GLU I 485 28.32 -37.80 -32.34
N TYR I 486 29.28 -36.92 -32.03
CA TYR I 486 28.95 -35.67 -31.35
C TYR I 486 28.04 -34.79 -32.20
N ILE I 487 28.33 -34.67 -33.50
CA ILE I 487 27.49 -33.87 -34.37
C ILE I 487 26.10 -34.49 -34.49
N GLU I 488 26.04 -35.81 -34.58
CA GLU I 488 24.74 -36.47 -34.69
C GLU I 488 23.90 -36.25 -33.43
N LYS I 489 24.54 -36.24 -32.26
CA LYS I 489 23.79 -36.17 -31.01
C LYS I 489 23.52 -34.75 -30.53
N PHE I 490 24.34 -33.77 -30.93
CA PHE I 490 24.27 -32.45 -30.32
C PHE I 490 24.06 -31.31 -31.31
N ALA I 491 24.41 -31.48 -32.58
CA ALA I 491 24.26 -30.38 -33.54
C ALA I 491 22.81 -30.25 -33.98
N ASN I 492 21.90 -30.07 -33.04
CA ASN I 492 20.48 -29.98 -33.32
C ASN I 492 19.76 -29.39 -32.11
N PRO I 493 18.45 -29.17 -32.18
CA PRO I 493 17.73 -28.59 -31.04
C PRO I 493 17.31 -29.59 -29.98
N PHE I 494 17.60 -30.87 -30.16
CA PHE I 494 17.17 -31.90 -29.23
C PHE I 494 17.74 -31.73 -27.83
N PRO I 495 19.04 -31.40 -27.70
CA PRO I 495 19.59 -31.22 -26.34
C PRO I 495 18.82 -30.21 -25.51
N ALA I 496 18.39 -29.09 -26.12
CA ALA I 496 17.61 -28.11 -25.38
C ALA I 496 16.17 -28.59 -25.18
N ALA I 497 15.58 -29.19 -26.21
CA ALA I 497 14.18 -29.60 -26.12
C ALA I 497 13.96 -30.66 -25.05
N VAL I 498 14.87 -31.62 -24.95
CA VAL I 498 14.71 -32.70 -23.97
C VAL I 498 14.78 -32.18 -22.55
N ARG I 499 15.47 -31.07 -22.32
CA ARG I 499 15.58 -30.48 -20.99
C ARG I 499 14.51 -29.44 -20.72
N GLY I 500 13.67 -29.11 -21.70
CA GLY I 500 12.66 -28.10 -21.53
C GLY I 500 13.10 -26.68 -21.76
N PHE I 501 14.32 -26.47 -22.28
CA PHE I 501 14.77 -25.11 -22.52
C PHE I 501 13.94 -24.42 -23.59
N VAL I 502 13.34 -25.19 -24.48
CA VAL I 502 12.40 -24.66 -25.47
C VAL I 502 11.08 -25.40 -25.32
N ASP I 503 9.99 -24.64 -25.34
CA ASP I 503 8.68 -25.23 -25.11
C ASP I 503 8.30 -26.22 -26.20
N ASP I 504 8.81 -26.05 -27.42
CA ASP I 504 8.43 -26.92 -28.52
C ASP I 504 9.28 -26.60 -29.73
N ILE I 505 9.32 -27.56 -30.66
CA ILE I 505 9.92 -27.36 -31.98
C ILE I 505 8.77 -27.27 -32.97
N ILE I 506 8.67 -26.12 -33.65
CA ILE I 506 7.49 -25.80 -34.44
C ILE I 506 7.87 -25.67 -35.90
N GLN I 507 6.92 -25.98 -36.77
CA GLN I 507 7.08 -25.71 -38.18
C GLN I 507 7.12 -24.20 -38.41
N PRO I 508 8.07 -23.71 -39.21
CA PRO I 508 8.14 -22.25 -39.43
C PRO I 508 6.84 -21.66 -39.94
N SER I 509 6.11 -22.37 -40.79
CA SER I 509 4.92 -21.82 -41.39
C SER I 509 3.86 -21.46 -40.35
N SER I 510 3.88 -22.10 -39.19
CA SER I 510 2.89 -21.81 -38.14
C SER I 510 3.32 -20.68 -37.22
N THR I 511 4.55 -20.17 -37.37
CA THR I 511 5.10 -19.23 -36.41
C THR I 511 4.07 -18.18 -36.01
N ARG I 512 3.60 -17.38 -36.98
CA ARG I 512 2.70 -16.29 -36.64
C ARG I 512 1.56 -16.77 -35.77
N ALA I 513 0.87 -17.82 -36.20
CA ALA I 513 -0.28 -18.30 -35.45
C ALA I 513 0.11 -18.53 -34.00
N ARG I 514 1.17 -19.31 -33.79
CA ARG I 514 1.59 -19.60 -32.43
C ARG I 514 1.76 -18.31 -31.65
N ILE I 515 2.54 -17.38 -32.20
CA ILE I 515 2.82 -16.15 -31.47
C ILE I 515 1.52 -15.47 -31.08
N CYS I 516 0.60 -15.33 -32.03
CA CYS I 516 -0.65 -14.65 -31.72
C CYS I 516 -1.32 -15.30 -30.53
N CYS I 517 -1.45 -16.64 -30.58
CA CYS I 517 -2.10 -17.33 -29.47
C CYS I 517 -1.44 -16.95 -28.15
N ASP I 518 -0.10 -17.02 -28.10
CA ASP I 518 0.58 -16.73 -26.86
C ASP I 518 0.29 -15.32 -26.39
N LEU I 519 0.31 -14.35 -27.30
CA LEU I 519 0.08 -12.98 -26.89
C LEU I 519 -1.30 -12.79 -26.29
N ASP I 520 -2.26 -13.63 -26.65
CA ASP I 520 -3.57 -13.55 -26.03
C ASP I 520 -3.56 -14.11 -24.62
N VAL I 521 -2.81 -15.19 -24.39
CA VAL I 521 -2.76 -15.80 -23.07
C VAL I 521 -1.99 -14.92 -22.09
N LEU I 522 -0.88 -14.34 -22.54
CA LEU I 522 0.04 -13.64 -21.66
C LEU I 522 -0.36 -12.19 -21.41
N ALA I 523 -1.47 -11.73 -21.97
CA ALA I 523 -1.87 -10.34 -21.78
C ALA I 523 -2.08 -9.99 -20.31
N SER I 524 -2.41 -10.97 -19.47
CA SER I 524 -2.65 -10.74 -18.06
C SER I 524 -1.48 -11.16 -17.18
N LYS I 525 -0.29 -11.29 -17.76
CA LYS I 525 0.88 -11.67 -16.98
C LYS I 525 1.16 -10.66 -15.89
N LYS I 526 1.43 -11.12 -14.67
CA LYS I 526 1.78 -10.22 -13.54
C LYS I 526 2.87 -10.91 -12.72
N VAL I 527 3.96 -10.21 -12.40
CA VAL I 527 5.12 -10.84 -11.72
C VAL I 527 5.47 -10.04 -10.47
N GLN I 528 5.97 -10.71 -9.43
CA GLN I 528 6.37 -10.03 -8.16
C GLN I 528 7.88 -9.94 -8.07
N ARG I 529 8.40 -8.78 -7.65
CA ARG I 529 9.82 -8.55 -7.50
C ARG I 529 10.11 -7.94 -6.14
N PRO I 530 11.33 -8.09 -5.64
CA PRO I 530 11.70 -7.42 -4.39
C PRO I 530 11.67 -5.91 -4.54
N TRP I 531 11.35 -5.22 -3.45
CA TRP I 531 11.30 -3.77 -3.48
C TRP I 531 12.69 -3.17 -3.61
N ARG I 532 12.76 -2.01 -4.27
CA ARG I 532 13.99 -1.25 -4.34
C ARG I 532 13.66 0.13 -4.90
N LYS I 533 14.53 1.09 -4.59
CA LYS I 533 14.40 2.40 -5.22
C LYS I 533 14.59 2.29 -6.72
N HIS I 534 15.59 1.52 -7.13
CA HIS I 534 15.84 1.21 -8.54
C HIS I 534 17.02 0.26 -8.58
N ALA I 535 17.27 -0.31 -9.77
CA ALA I 535 18.41 -1.18 -9.96
C ALA I 535 19.64 -0.35 -10.29
N ASN I 536 20.76 -1.03 -10.47
CA ASN I 536 22.02 -0.40 -10.86
C ASN I 536 22.51 -1.08 -12.13
N ILE I 537 21.99 -0.61 -13.26
CA ILE I 537 22.35 -1.21 -14.55
C ILE I 537 23.77 -0.79 -14.92
N PRO I 538 24.55 -1.65 -15.56
CA PRO I 538 25.87 -1.22 -16.04
C PRO I 538 25.72 -0.08 -17.04
N LEU I 539 26.65 0.85 -16.99
CA LEU I 539 26.65 1.97 -17.92
C LEU I 539 27.96 2.05 -18.68
N ASN J 59 -7.69 -50.42 -64.12
CA ASN J 59 -7.87 -51.82 -64.62
C ASN J 59 -6.95 -52.03 -65.82
N GLU J 60 -6.25 -50.98 -66.25
CA GLU J 60 -5.27 -51.12 -67.36
C GLU J 60 -3.88 -51.25 -66.75
N LYS J 61 -3.19 -52.35 -67.04
CA LYS J 61 -1.81 -52.55 -66.52
C LYS J 61 -0.92 -51.47 -67.11
N THR J 62 0.01 -50.95 -66.32
CA THR J 62 0.90 -49.84 -66.77
C THR J 62 2.24 -50.01 -66.04
N PHE J 63 3.25 -49.22 -66.41
CA PHE J 63 4.52 -49.33 -65.65
C PHE J 63 4.21 -49.08 -64.17
N ASP J 64 4.74 -49.92 -63.28
CA ASP J 64 4.48 -49.78 -61.82
C ASP J 64 5.09 -48.47 -61.28
N LYS J 65 6.30 -48.11 -61.74
CA LYS J 65 6.97 -46.88 -61.26
C LYS J 65 7.64 -46.17 -62.45
N ILE J 66 7.62 -44.83 -62.46
CA ILE J 66 8.24 -44.05 -63.58
C ILE J 66 9.18 -42.99 -62.99
N LEU J 67 10.32 -42.75 -63.65
CA LEU J 67 11.23 -41.67 -63.20
C LEU J 67 11.05 -40.48 -64.13
N VAL J 68 10.71 -39.31 -63.58
CA VAL J 68 10.53 -38.09 -64.42
C VAL J 68 11.83 -37.30 -64.34
N ALA J 69 12.57 -37.25 -65.45
CA ALA J 69 13.86 -36.52 -65.47
C ALA J 69 13.64 -35.08 -65.90
N ASN J 70 12.96 -34.28 -65.07
CA ASN J 70 12.79 -32.84 -65.41
C ASN J 70 12.49 -32.04 -64.14
N ARG J 71 12.59 -30.71 -64.22
CA ARG J 71 12.31 -29.82 -63.06
C ARG J 71 11.24 -28.82 -63.49
N GLY J 72 10.59 -28.16 -62.54
CA GLY J 72 9.63 -27.11 -62.94
C GLY J 72 8.22 -27.63 -63.12
N GLU J 73 7.40 -26.88 -63.88
CA GLU J 73 5.98 -27.23 -64.04
C GLU J 73 5.80 -28.59 -64.69
N ILE J 74 6.63 -28.93 -65.68
CA ILE J 74 6.40 -30.20 -66.44
C ILE J 74 6.50 -31.38 -65.49
N ALA J 75 7.45 -31.35 -64.57
CA ALA J 75 7.64 -32.51 -63.68
C ALA J 75 6.37 -32.69 -62.86
N CYS J 76 5.84 -31.58 -62.35
CA CYS J 76 4.61 -31.65 -61.53
C CYS J 76 3.46 -32.16 -62.40
N ARG J 77 3.39 -31.67 -63.65
CA ARG J 77 2.26 -32.04 -64.54
C ARG J 77 2.28 -33.55 -64.76
N VAL J 78 3.45 -34.09 -65.05
CA VAL J 78 3.57 -35.55 -65.33
C VAL J 78 3.20 -36.31 -64.06
N ILE J 79 3.69 -35.85 -62.91
CA ILE J 79 3.47 -36.60 -61.65
C ILE J 79 1.97 -36.66 -61.38
N ARG J 80 1.25 -35.57 -61.66
CA ARG J 80 -0.19 -35.56 -61.35
C ARG J 80 -0.86 -36.68 -62.14
N THR J 81 -0.51 -36.81 -63.42
CA THR J 81 -1.12 -37.87 -64.28
C THR J 81 -0.73 -39.24 -63.74
N CYS J 82 0.53 -39.42 -63.33
CA CYS J 82 0.96 -40.77 -62.89
C CYS J 82 0.15 -41.18 -61.66
N LYS J 83 -0.06 -40.25 -60.73
CA LYS J 83 -0.86 -40.54 -59.52
C LYS J 83 -2.29 -40.86 -59.96
N LYS J 84 -2.76 -40.13 -60.96
CA LYS J 84 -4.14 -40.36 -61.46
C LYS J 84 -4.22 -41.79 -62.00
N MET J 85 -3.17 -42.26 -62.69
CA MET J 85 -3.20 -43.60 -63.32
C MET J 85 -2.71 -44.65 -62.32
N GLY J 86 -2.25 -44.24 -61.14
CA GLY J 86 -1.81 -45.19 -60.10
C GLY J 86 -0.33 -45.55 -60.23
N ILE J 87 0.34 -45.05 -61.26
CA ILE J 87 1.80 -45.30 -61.42
C ILE J 87 2.55 -44.60 -60.28
N LYS J 88 3.49 -45.28 -59.65
CA LYS J 88 4.35 -44.64 -58.60
C LYS J 88 5.33 -43.73 -59.31
N THR J 89 5.85 -42.72 -58.60
CA THR J 89 6.72 -41.76 -59.32
C THR J 89 8.05 -41.55 -58.60
N VAL J 90 9.10 -41.24 -59.37
CA VAL J 90 10.42 -40.91 -58.77
C VAL J 90 10.86 -39.62 -59.46
N ALA J 91 11.56 -38.73 -58.76
CA ALA J 91 11.92 -37.43 -59.36
C ALA J 91 13.41 -37.17 -59.18
N ILE J 92 13.99 -36.35 -60.05
CA ILE J 92 15.43 -36.03 -59.97
C ILE J 92 15.57 -34.53 -59.70
N HIS J 93 16.41 -34.17 -58.73
CA HIS J 93 16.56 -32.75 -58.38
C HIS J 93 18.02 -32.38 -58.26
N SER J 94 18.34 -31.14 -58.58
CA SER J 94 19.73 -30.69 -58.34
C SER J 94 19.86 -30.41 -56.85
N ASP J 95 20.94 -29.77 -56.42
CA ASP J 95 21.00 -29.43 -54.97
C ASP J 95 20.02 -28.31 -54.61
N VAL J 96 19.94 -27.27 -55.42
CA VAL J 96 19.09 -26.08 -55.10
C VAL J 96 17.59 -26.42 -55.13
N ASP J 97 17.19 -27.49 -55.83
CA ASP J 97 15.75 -27.78 -56.01
C ASP J 97 15.30 -28.86 -55.03
N ALA J 98 15.99 -29.01 -53.90
CA ALA J 98 15.69 -30.12 -52.97
C ALA J 98 14.26 -30.04 -52.42
N SER J 99 13.75 -28.84 -52.16
CA SER J 99 12.41 -28.68 -51.54
C SER J 99 11.37 -28.27 -52.58
N SER J 100 11.70 -28.38 -53.87
CA SER J 100 10.78 -27.89 -54.94
C SER J 100 9.52 -28.73 -54.96
N VAL J 101 8.45 -28.19 -55.54
CA VAL J 101 7.13 -28.89 -55.48
C VAL J 101 7.27 -30.28 -56.10
N HIS J 102 8.03 -30.42 -57.19
CA HIS J 102 8.10 -31.76 -57.83
C HIS J 102 8.69 -32.77 -56.85
N VAL J 103 9.74 -32.40 -56.13
CA VAL J 103 10.40 -33.35 -55.19
C VAL J 103 9.39 -33.74 -54.11
N LYS J 104 8.66 -32.75 -53.59
CA LYS J 104 7.64 -33.02 -52.56
C LYS J 104 6.54 -33.87 -53.16
N MET J 105 6.14 -33.56 -54.40
CA MET J 105 5.05 -34.32 -55.07
C MET J 105 5.48 -35.76 -55.33
N ALA J 106 6.74 -36.00 -55.71
CA ALA J 106 7.16 -37.37 -56.08
C ALA J 106 7.07 -38.34 -54.90
N ASP J 107 6.72 -39.60 -55.17
CA ASP J 107 6.70 -40.63 -54.09
C ASP J 107 8.13 -40.81 -53.57
N GLU J 108 9.12 -40.83 -54.46
CA GLU J 108 10.55 -40.93 -54.04
C GLU J 108 11.34 -39.89 -54.82
N ALA J 109 12.47 -39.44 -54.28
CA ALA J 109 13.33 -38.48 -55.03
C ALA J 109 14.81 -38.85 -54.86
N VAL J 110 15.64 -38.54 -55.86
CA VAL J 110 17.10 -38.80 -55.78
C VAL J 110 17.84 -37.54 -56.24
N CYS J 111 18.84 -37.08 -55.49
CA CYS J 111 19.70 -35.98 -55.98
C CYS J 111 20.54 -36.49 -57.15
N VAL J 112 20.71 -35.67 -58.19
CA VAL J 112 21.52 -36.09 -59.37
C VAL J 112 22.71 -35.14 -59.57
N GLY J 113 22.96 -34.24 -58.63
CA GLY J 113 24.19 -33.45 -58.80
C GLY J 113 24.14 -32.00 -58.40
N PRO J 114 25.15 -31.20 -58.78
CA PRO J 114 25.22 -29.78 -58.42
C PRO J 114 24.20 -28.92 -59.15
N ALA J 115 24.05 -27.67 -58.71
CA ALA J 115 23.00 -26.78 -59.26
C ALA J 115 23.13 -26.53 -60.77
N PRO J 116 24.31 -26.28 -61.39
CA PRO J 116 24.31 -25.98 -62.83
C PRO J 116 23.65 -27.12 -63.62
N THR J 117 22.86 -26.79 -64.64
CA THR J 117 22.08 -27.81 -65.39
C THR J 117 22.99 -28.84 -66.06
N SER J 118 24.13 -28.38 -66.59
CA SER J 118 25.06 -29.29 -67.30
C SER J 118 25.50 -30.38 -66.33
N LYS J 119 25.71 -30.01 -65.06
CA LYS J 119 26.22 -30.98 -64.05
C LYS J 119 25.07 -31.75 -63.39
N SER J 120 23.83 -31.47 -63.77
CA SER J 120 22.69 -32.13 -63.07
C SER J 120 21.71 -32.78 -64.05
N TYR J 121 20.88 -31.98 -64.74
CA TYR J 121 19.84 -32.54 -65.64
C TYR J 121 20.51 -33.18 -66.85
N LEU J 122 21.60 -32.58 -67.34
CA LEU J 122 22.29 -33.10 -68.53
C LEU J 122 23.35 -34.14 -68.12
N ASN J 123 23.51 -34.42 -66.83
CA ASN J 123 24.45 -35.49 -66.42
C ASN J 123 23.70 -36.82 -66.47
N MET J 124 23.81 -37.53 -67.59
CA MET J 124 23.06 -38.81 -67.78
C MET J 124 23.55 -39.85 -66.78
N ASP J 125 24.85 -39.88 -66.49
CA ASP J 125 25.40 -40.96 -65.64
C ASP J 125 24.70 -40.93 -64.29
N ALA J 126 24.52 -39.74 -63.73
CA ALA J 126 23.91 -39.64 -62.39
C ALA J 126 22.47 -40.16 -62.47
N ILE J 127 21.77 -39.76 -63.53
CA ILE J 127 20.36 -40.22 -63.73
C ILE J 127 20.35 -41.74 -63.90
N MET J 128 21.31 -42.26 -64.67
CA MET J 128 21.30 -43.72 -64.95
C MET J 128 21.46 -44.48 -63.65
N GLU J 129 22.36 -44.02 -62.79
CA GLU J 129 22.59 -44.71 -61.50
C GLU J 129 21.29 -44.64 -60.71
N ALA J 130 20.61 -43.50 -60.77
CA ALA J 130 19.35 -43.31 -60.04
C ALA J 130 18.30 -44.30 -60.55
N ILE J 131 18.22 -44.49 -61.87
CA ILE J 131 17.21 -45.40 -62.45
C ILE J 131 17.52 -46.81 -61.95
N LYS J 132 18.80 -47.19 -61.94
CA LYS J 132 19.20 -48.54 -61.47
C LYS J 132 18.83 -48.64 -59.99
N LYS J 133 19.11 -47.59 -59.22
CA LYS J 133 18.83 -47.61 -57.77
C LYS J 133 17.32 -47.74 -57.55
N THR J 134 16.51 -47.03 -58.34
CA THR J 134 15.05 -47.03 -58.09
C THR J 134 14.35 -48.19 -58.79
N ARG J 135 15.09 -48.96 -59.61
CA ARG J 135 14.42 -50.03 -60.40
C ARG J 135 13.32 -49.36 -61.23
N ALA J 136 13.58 -48.15 -61.72
CA ALA J 136 12.60 -47.40 -62.54
C ALA J 136 12.23 -48.19 -63.79
N GLN J 137 10.95 -48.52 -63.96
CA GLN J 137 10.49 -49.22 -65.19
C GLN J 137 10.59 -48.32 -66.43
N ALA J 138 10.21 -47.04 -66.32
CA ALA J 138 10.17 -46.15 -67.52
C ALA J 138 10.64 -44.73 -67.21
N VAL J 139 11.06 -43.98 -68.22
CA VAL J 139 11.53 -42.57 -68.02
C VAL J 139 10.73 -41.63 -68.92
N HIS J 140 10.18 -40.54 -68.35
CA HIS J 140 9.50 -39.51 -69.18
C HIS J 140 10.42 -38.29 -69.19
N PRO J 141 10.89 -37.81 -70.35
CA PRO J 141 11.86 -36.72 -70.39
C PRO J 141 11.25 -35.32 -70.42
N GLY J 142 9.92 -35.22 -70.45
CA GLY J 142 9.26 -33.91 -70.55
C GLY J 142 9.70 -33.18 -71.80
N TYR J 143 10.13 -31.93 -71.66
CA TYR J 143 10.59 -31.13 -72.82
C TYR J 143 11.89 -30.41 -72.46
N GLY J 144 12.76 -30.19 -73.43
CA GLY J 144 14.07 -29.58 -73.13
C GLY J 144 15.01 -30.62 -72.56
N PHE J 145 16.22 -30.23 -72.16
CA PHE J 145 17.12 -31.20 -71.49
C PHE J 145 17.33 -32.44 -72.36
N LEU J 146 17.08 -33.63 -71.82
CA LEU J 146 17.37 -34.89 -72.55
C LEU J 146 16.10 -35.51 -73.16
N SER J 147 15.17 -34.73 -73.70
CA SER J 147 14.02 -35.32 -74.41
C SER J 147 14.47 -35.83 -75.78
N GLU J 148 15.36 -35.08 -76.44
CA GLU J 148 15.80 -35.43 -77.82
C GLU J 148 17.22 -36.03 -77.83
N ASN J 149 17.80 -36.38 -76.69
CA ASN J 149 19.21 -36.87 -76.71
C ASN J 149 19.22 -38.37 -77.04
N LYS J 150 19.86 -38.74 -78.15
CA LYS J 150 19.84 -40.16 -78.58
C LYS J 150 20.58 -41.03 -77.56
N GLU J 151 21.68 -40.52 -77.01
CA GLU J 151 22.59 -41.37 -76.21
C GLU J 151 21.83 -41.88 -75.00
N PHE J 152 21.00 -41.03 -74.40
CA PHE J 152 20.26 -41.43 -73.18
C PHE J 152 19.32 -42.59 -73.51
N ALA J 153 18.67 -42.54 -74.68
CA ALA J 153 17.72 -43.60 -75.08
C ALA J 153 18.47 -44.91 -75.21
N ARG J 154 19.69 -44.86 -75.76
CA ARG J 154 20.51 -46.08 -75.93
C ARG J 154 20.81 -46.67 -74.57
N CYS J 155 21.18 -45.83 -73.61
CA CYS J 155 21.51 -46.31 -72.25
C CYS J 155 20.27 -46.93 -71.63
N LEU J 156 19.11 -46.28 -71.84
CA LEU J 156 17.84 -46.83 -71.30
C LEU J 156 17.59 -48.18 -71.95
N ALA J 157 17.81 -48.27 -73.25
CA ALA J 157 17.58 -49.54 -73.97
C ALA J 157 18.52 -50.60 -73.43
N ALA J 158 19.77 -50.21 -73.14
CA ALA J 158 20.75 -51.17 -72.61
C ALA J 158 20.24 -51.71 -71.28
N GLU J 159 19.64 -50.85 -70.46
CA GLU J 159 19.17 -51.28 -69.12
C GLU J 159 17.69 -51.68 -69.20
N ASP J 160 17.15 -51.81 -70.41
CA ASP J 160 15.74 -52.25 -70.61
C ASP J 160 14.79 -51.30 -69.89
N VAL J 161 15.03 -49.99 -70.00
CA VAL J 161 14.11 -48.95 -69.44
C VAL J 161 13.35 -48.31 -70.61
N VAL J 162 12.03 -48.38 -70.58
CA VAL J 162 11.19 -47.79 -71.68
C VAL J 162 11.39 -46.28 -71.70
N PHE J 163 11.53 -45.67 -72.88
CA PHE J 163 11.60 -44.20 -72.96
C PHE J 163 10.26 -43.71 -73.48
N ILE J 164 9.62 -42.78 -72.77
CA ILE J 164 8.26 -42.36 -73.20
C ILE J 164 8.44 -41.24 -74.20
N GLY J 165 8.34 -41.57 -75.49
CA GLY J 165 8.57 -40.57 -76.56
C GLY J 165 8.71 -41.30 -77.87
N PRO J 166 9.16 -40.64 -78.96
CA PRO J 166 9.39 -41.34 -80.23
C PRO J 166 10.76 -42.04 -80.32
N ASP J 167 11.02 -42.79 -81.40
CA ASP J 167 12.30 -43.50 -81.64
C ASP J 167 13.41 -42.50 -82.01
N THR J 168 14.67 -42.89 -81.82
CA THR J 168 15.82 -41.98 -82.09
C THR J 168 15.84 -41.60 -83.57
N HIS J 169 15.53 -42.56 -84.45
CA HIS J 169 15.60 -42.28 -85.91
C HIS J 169 14.58 -41.19 -86.25
N ALA J 170 13.38 -41.27 -85.67
CA ALA J 170 12.34 -40.28 -85.98
C ALA J 170 12.82 -38.91 -85.49
N ILE J 171 13.42 -38.88 -84.30
CA ILE J 171 13.95 -37.59 -83.75
C ILE J 171 15.09 -37.10 -84.63
N GLN J 172 16.01 -37.99 -85.03
CA GLN J 172 17.18 -37.59 -85.84
C GLN J 172 16.72 -37.13 -87.23
N ALA J 173 15.74 -37.81 -87.81
CA ALA J 173 15.33 -37.47 -89.20
C ALA J 173 14.84 -36.03 -89.23
N MET J 174 14.01 -35.66 -88.25
CA MET J 174 13.52 -34.27 -88.15
C MET J 174 14.69 -33.36 -87.74
N GLY J 175 15.66 -33.92 -87.00
CA GLY J 175 16.82 -33.14 -86.55
C GLY J 175 17.61 -32.61 -87.75
N ASP J 176 17.73 -33.40 -88.82
CA ASP J 176 18.41 -32.90 -90.03
C ASP J 176 17.42 -32.07 -90.86
N LYS J 177 17.78 -30.81 -91.12
CA LYS J 177 17.00 -29.89 -91.97
C LYS J 177 16.96 -30.37 -93.42
N ILE J 178 18.10 -30.84 -93.94
CA ILE J 178 18.17 -31.24 -95.37
C ILE J 178 17.27 -32.45 -95.64
N GLU J 179 17.30 -33.46 -94.76
CA GLU J 179 16.52 -34.70 -95.01
C GLU J 179 15.05 -34.42 -94.73
N SER J 180 14.76 -33.78 -93.61
CA SER J 180 13.38 -33.42 -93.23
C SER J 180 12.58 -32.87 -94.42
N LYS J 181 13.18 -32.03 -95.29
CA LYS J 181 12.51 -31.52 -96.49
C LYS J 181 12.26 -32.59 -97.53
N LEU J 182 13.22 -33.49 -97.76
CA LEU J 182 13.04 -34.60 -98.68
C LEU J 182 11.91 -35.53 -98.21
N LEU J 183 11.83 -35.78 -96.89
CA LEU J 183 10.74 -36.54 -96.27
C LEU J 183 9.40 -35.82 -96.39
N ALA J 184 9.37 -34.51 -96.14
CA ALA J 184 8.17 -33.68 -96.32
C ALA J 184 7.67 -33.73 -97.76
N LYS J 185 8.55 -33.57 -98.76
CA LYS J 185 8.20 -33.70 -100.18
C LYS J 185 7.66 -35.09 -100.53
N LYS J 186 8.32 -36.14 -100.05
CA LYS J 186 7.89 -37.53 -100.25
C LYS J 186 6.52 -37.82 -99.59
N ALA J 187 6.24 -37.15 -98.48
CA ALA J 187 4.92 -37.33 -97.83
C ALA J 187 3.93 -36.41 -98.55
N GLU J 188 4.42 -35.64 -99.52
CA GLU J 188 3.56 -34.69 -100.30
C GLU J 188 2.99 -33.60 -99.39
N VAL J 189 3.70 -33.25 -98.31
CA VAL J 189 3.27 -32.11 -97.46
C VAL J 189 3.69 -30.83 -98.19
N ASN J 190 3.06 -29.69 -97.90
CA ASN J 190 3.39 -28.44 -98.64
C ASN J 190 4.90 -28.25 -98.68
N THR J 191 5.44 -28.07 -99.90
CA THR J 191 6.92 -28.04 -100.09
C THR J 191 7.59 -26.85 -99.41
N ILE J 192 8.82 -27.07 -98.92
CA ILE J 192 9.63 -25.96 -98.35
C ILE J 192 11.02 -26.10 -98.99
N PRO J 193 11.19 -25.85 -100.31
CA PRO J 193 12.49 -26.07 -100.98
C PRO J 193 13.61 -25.09 -100.64
N GLY J 194 14.85 -25.57 -100.60
CA GLY J 194 16.01 -24.69 -100.36
C GLY J 194 16.94 -24.71 -101.57
N PHE J 195 17.37 -23.54 -102.05
CA PHE J 195 18.18 -23.48 -103.30
C PHE J 195 19.63 -23.11 -102.98
N ASP J 196 20.54 -24.09 -103.00
CA ASP J 196 21.98 -23.84 -102.75
C ASP J 196 22.61 -23.04 -103.89
N GLY J 197 22.24 -23.32 -105.14
CA GLY J 197 22.86 -22.67 -106.33
C GLY J 197 22.39 -21.26 -106.56
N VAL J 198 22.99 -20.57 -107.54
CA VAL J 198 22.62 -19.15 -107.85
C VAL J 198 21.55 -19.11 -108.96
N VAL J 199 20.73 -18.05 -108.98
CA VAL J 199 19.63 -17.86 -109.98
C VAL J 199 20.27 -17.18 -111.19
N LYS J 200 20.27 -17.82 -112.37
CA LYS J 200 20.98 -17.24 -113.53
C LYS J 200 20.18 -16.17 -114.27
N ASP J 201 18.90 -16.40 -114.48
CA ASP J 201 18.03 -15.53 -115.28
C ASP J 201 16.58 -15.55 -114.79
N ALA J 202 15.75 -14.67 -115.35
CA ALA J 202 14.35 -14.49 -114.96
C ALA J 202 13.48 -15.71 -115.23
N GLU J 203 13.79 -16.55 -116.24
CA GLU J 203 12.99 -17.75 -116.51
C GLU J 203 13.37 -18.89 -115.57
N GLU J 204 14.65 -19.02 -115.23
CA GLU J 204 15.09 -19.91 -114.15
C GLU J 204 14.48 -19.48 -112.81
N ALA J 205 14.36 -18.17 -112.56
CA ALA J 205 13.69 -17.63 -111.38
C ALA J 205 12.22 -18.10 -111.28
N VAL J 206 11.47 -18.02 -112.39
CA VAL J 206 10.07 -18.49 -112.46
C VAL J 206 9.98 -20.00 -112.26
N ARG J 207 10.88 -20.79 -112.87
CA ARG J 207 10.92 -22.25 -112.66
C ARG J 207 11.09 -22.59 -111.19
N ILE J 208 12.09 -21.98 -110.54
CA ILE J 208 12.39 -22.17 -109.12
C ILE J 208 11.22 -21.70 -108.24
N ALA J 209 10.63 -20.54 -108.55
CA ALA J 209 9.51 -20.01 -107.78
C ALA J 209 8.28 -20.93 -107.80
N ARG J 210 7.99 -21.55 -108.94
CA ARG J 210 6.93 -22.57 -109.08
C ARG J 210 7.23 -23.86 -108.31
N GLU J 211 8.50 -24.28 -108.24
CA GLU J 211 8.93 -25.44 -107.45
C GLU J 211 8.81 -25.20 -105.94
N ILE J 212 9.16 -23.99 -105.46
CA ILE J 212 9.04 -23.59 -104.05
C ILE J 212 7.58 -23.34 -103.65
N GLY J 213 6.80 -22.74 -104.56
CA GLY J 213 5.43 -22.27 -104.35
C GLY J 213 5.37 -20.82 -103.87
N TYR J 214 4.45 -20.05 -104.47
CA TYR J 214 4.22 -18.64 -104.14
C TYR J 214 3.56 -18.41 -102.77
N PRO J 215 3.79 -17.24 -102.13
CA PRO J 215 4.74 -16.20 -102.52
C PRO J 215 6.20 -16.58 -102.26
N VAL J 216 7.11 -16.02 -103.07
CA VAL J 216 8.57 -16.17 -102.91
C VAL J 216 9.24 -14.83 -102.63
N MET J 217 10.41 -14.89 -102.00
CA MET J 217 11.29 -13.76 -101.74
C MET J 217 12.56 -13.91 -102.57
N ILE J 218 12.82 -12.91 -103.41
CA ILE J 218 14.05 -12.75 -104.19
C ILE J 218 15.01 -11.92 -103.34
N LYS J 219 16.24 -12.39 -103.13
CA LYS J 219 17.24 -11.72 -102.27
C LYS J 219 18.61 -11.64 -102.96
N ALA J 220 19.27 -10.51 -102.82
CA ALA J 220 20.69 -10.37 -103.17
C ALA J 220 21.59 -11.25 -102.28
N SER J 221 22.57 -11.93 -102.91
CA SER J 221 23.57 -12.76 -102.22
C SER J 221 24.50 -11.90 -101.34
N ALA J 222 24.86 -10.71 -101.82
CA ALA J 222 25.63 -9.72 -101.08
C ALA J 222 24.71 -8.62 -100.51
N GLY J 223 25.19 -7.89 -99.50
CA GLY J 223 24.49 -6.75 -98.91
C GLY J 223 23.53 -7.10 -97.75
N GLY J 224 23.01 -6.07 -97.10
CA GLY J 224 22.13 -6.17 -95.92
C GLY J 224 21.13 -5.01 -95.83
N GLY J 225 20.22 -5.06 -94.85
CA GLY J 225 19.21 -4.01 -94.63
C GLY J 225 18.01 -4.03 -95.59
N GLY J 226 17.88 -5.06 -96.42
CA GLY J 226 16.75 -5.25 -97.33
C GLY J 226 16.84 -4.59 -98.70
N LYS J 227 17.97 -3.96 -99.02
CA LYS J 227 18.32 -3.58 -100.39
C LYS J 227 18.46 -4.84 -101.26
N GLY J 228 17.89 -4.81 -102.47
CA GLY J 228 17.87 -5.95 -103.39
C GLY J 228 16.99 -7.12 -102.91
N MET J 229 15.98 -6.87 -102.07
CA MET J 229 14.96 -7.87 -101.68
C MET J 229 13.58 -7.51 -102.24
N ARG J 230 12.89 -8.48 -102.86
CA ARG J 230 11.53 -8.30 -103.38
C ARG J 230 10.66 -9.53 -103.15
N ILE J 231 9.40 -9.31 -102.81
CA ILE J 231 8.38 -10.36 -102.73
C ILE J 231 7.74 -10.48 -104.11
N ALA J 232 7.55 -11.72 -104.58
CA ALA J 232 6.81 -12.03 -105.79
C ALA J 232 5.66 -13.00 -105.47
N TRP J 233 4.45 -12.64 -105.89
CA TRP J 233 3.22 -13.40 -105.67
C TRP J 233 2.84 -14.28 -106.87
N ASP J 234 3.40 -13.99 -108.04
CA ASP J 234 3.17 -14.73 -109.28
C ASP J 234 4.38 -14.70 -110.22
N ASP J 235 4.22 -15.30 -111.40
CA ASP J 235 5.28 -15.42 -112.40
C ASP J 235 5.73 -14.06 -112.96
N GLU J 236 4.81 -13.12 -113.17
CA GLU J 236 5.13 -11.80 -113.73
C GLU J 236 5.89 -10.94 -112.73
N GLU J 237 5.42 -10.92 -111.48
CA GLU J 237 6.14 -10.27 -110.39
C GLU J 237 7.51 -10.91 -110.14
N THR J 238 7.64 -12.21 -110.42
CA THR J 238 8.97 -12.86 -110.29
C THR J 238 9.90 -12.31 -111.38
N ARG J 239 9.43 -12.24 -112.63
CA ARG J 239 10.30 -11.81 -113.75
C ARG J 239 10.77 -10.36 -113.52
N ASP J 240 9.88 -9.48 -113.07
CA ASP J 240 10.25 -8.07 -112.79
C ASP J 240 11.10 -8.02 -111.51
N GLY J 241 10.65 -8.71 -110.45
CA GLY J 241 11.38 -8.74 -109.20
C GLY J 241 12.83 -9.18 -109.37
N PHE J 242 13.10 -10.21 -110.19
CA PHE J 242 14.45 -10.68 -110.50
C PHE J 242 15.25 -9.61 -111.24
N ARG J 243 14.69 -9.06 -112.32
CA ARG J 243 15.33 -8.01 -113.12
C ARG J 243 15.69 -6.79 -112.29
N LEU J 244 14.74 -6.28 -111.50
CA LEU J 244 14.96 -5.11 -110.65
C LEU J 244 15.96 -5.38 -109.53
N SER J 245 15.85 -6.52 -108.85
CA SER J 245 16.75 -6.86 -107.73
C SER J 245 18.19 -7.09 -108.20
N SER J 246 18.39 -7.66 -109.40
CA SER J 246 19.71 -7.88 -109.98
C SER J 246 20.38 -6.55 -110.33
N GLN J 247 19.64 -5.61 -110.93
CA GLN J 247 20.12 -4.26 -111.22
C GLN J 247 20.46 -3.48 -109.93
N GLU J 248 19.61 -3.58 -108.92
CA GLU J 248 19.83 -2.95 -107.61
C GLU J 248 21.06 -3.54 -106.89
N ALA J 249 21.23 -4.86 -106.93
CA ALA J 249 22.36 -5.55 -106.31
C ALA J 249 23.69 -5.25 -107.04
N ALA J 250 23.68 -5.26 -108.38
CA ALA J 250 24.84 -4.89 -109.19
C ALA J 250 25.27 -3.44 -108.94
N SER J 251 24.32 -2.50 -108.90
CA SER J 251 24.61 -1.08 -108.65
C SER J 251 25.03 -0.79 -107.20
N SER J 252 24.45 -1.48 -106.23
CA SER J 252 24.70 -1.24 -104.80
C SER J 252 25.90 -1.99 -104.24
N PHE J 253 26.19 -3.19 -104.75
CA PHE J 253 27.15 -4.12 -104.15
C PHE J 253 28.20 -4.64 -105.14
N GLY J 254 28.06 -4.38 -106.45
CA GLY J 254 28.93 -4.96 -107.47
C GLY J 254 28.80 -6.49 -107.60
N ASP J 255 27.70 -7.06 -107.09
CA ASP J 255 27.40 -8.49 -107.10
C ASP J 255 25.94 -8.67 -107.52
N ASP J 256 25.73 -9.27 -108.67
CA ASP J 256 24.42 -9.48 -109.29
C ASP J 256 23.78 -10.84 -108.93
N ARG J 257 24.45 -11.65 -108.11
CA ARG J 257 23.97 -12.98 -107.72
C ARG J 257 22.74 -12.88 -106.82
N LEU J 258 21.66 -13.54 -107.24
CA LEU J 258 20.39 -13.59 -106.51
C LEU J 258 20.06 -15.00 -106.02
N LEU J 259 19.30 -15.05 -104.93
CA LEU J 259 18.75 -16.24 -104.27
C LEU J 259 17.22 -16.13 -104.25
N ILE J 260 16.51 -17.26 -104.40
CA ILE J 260 15.02 -17.22 -104.30
C ILE J 260 14.58 -18.13 -103.14
N GLU J 261 13.79 -17.59 -102.21
CA GLU J 261 13.28 -18.37 -101.05
C GLU J 261 11.77 -18.16 -101.00
N LYS J 262 11.02 -19.05 -100.35
CA LYS J 262 9.56 -18.80 -100.20
C LYS J 262 9.34 -17.61 -99.27
N PHE J 263 8.27 -16.84 -99.49
CA PHE J 263 7.92 -15.73 -98.57
C PHE J 263 6.55 -16.03 -97.95
N ILE J 264 6.29 -15.55 -96.74
CA ILE J 264 4.96 -15.76 -96.09
C ILE J 264 4.42 -14.40 -95.67
N ASP J 265 3.31 -13.94 -96.26
CA ASP J 265 2.67 -12.68 -95.79
C ASP J 265 2.18 -12.93 -94.37
N ASN J 266 2.27 -11.92 -93.49
CA ASN J 266 1.78 -12.07 -92.09
C ASN J 266 2.08 -13.51 -91.66
N PRO J 267 3.35 -13.94 -91.43
CA PRO J 267 3.61 -15.36 -91.19
C PRO J 267 3.08 -15.82 -89.84
N ARG J 268 1.77 -16.05 -89.75
CA ARG J 268 1.18 -16.60 -88.51
C ARG J 268 1.80 -17.98 -88.27
N HIS J 269 2.21 -18.25 -87.03
CA HIS J 269 2.80 -19.57 -86.70
C HIS J 269 1.64 -20.46 -86.25
N ILE J 270 1.24 -21.41 -87.09
CA ILE J 270 0.12 -22.32 -86.74
C ILE J 270 0.68 -23.74 -86.73
N GLU J 271 0.41 -24.49 -85.67
CA GLU J 271 1.02 -25.84 -85.54
C GLU J 271 -0.07 -26.88 -85.27
N ILE J 272 0.08 -28.09 -85.79
CA ILE J 272 -0.94 -29.16 -85.58
C ILE J 272 -0.32 -30.20 -84.65
N GLN J 273 -0.99 -30.48 -83.53
CA GLN J 273 -0.50 -31.55 -82.63
C GLN J 273 -0.81 -32.89 -83.29
N VAL J 274 0.08 -33.88 -83.14
CA VAL J 274 -0.20 -35.23 -83.69
C VAL J 274 0.01 -36.27 -82.58
N LEU J 275 -0.76 -37.36 -82.61
CA LEU J 275 -0.57 -38.46 -81.63
C LEU J 275 -0.29 -39.73 -82.41
N GLY J 276 0.76 -40.48 -82.06
CA GLY J 276 1.14 -41.70 -82.81
C GLY J 276 1.24 -42.93 -81.92
N ASP J 277 1.08 -44.12 -82.50
CA ASP J 277 1.14 -45.38 -81.71
C ASP J 277 2.06 -46.37 -82.43
N LYS J 278 2.54 -47.39 -81.72
CA LYS J 278 3.40 -48.42 -82.33
C LYS J 278 2.61 -49.14 -83.44
N HIS J 279 1.31 -49.33 -83.24
CA HIS J 279 0.45 -50.05 -84.22
C HIS J 279 0.41 -49.29 -85.55
N GLY J 280 0.83 -48.03 -85.56
CA GLY J 280 0.88 -47.24 -86.81
C GLY J 280 -0.35 -46.36 -86.96
N ASN J 281 -1.35 -46.52 -86.08
CA ASN J 281 -2.52 -45.61 -86.12
C ASN J 281 -2.05 -44.21 -85.70
N ALA J 282 -2.63 -43.16 -86.29
CA ALA J 282 -2.29 -41.77 -85.87
C ALA J 282 -3.54 -40.89 -85.83
N LEU J 283 -3.59 -39.94 -84.89
CA LEU J 283 -4.73 -39.00 -84.79
C LEU J 283 -4.17 -37.57 -84.83
N TRP J 284 -4.81 -36.66 -85.56
CA TRP J 284 -4.37 -35.24 -85.60
C TRP J 284 -5.13 -34.46 -84.52
N LEU J 285 -4.43 -33.63 -83.76
CA LEU J 285 -5.18 -32.78 -82.80
C LEU J 285 -5.33 -31.43 -83.48
N ASN J 286 -6.29 -30.62 -83.04
CA ASN J 286 -6.60 -29.35 -83.74
C ASN J 286 -5.42 -28.40 -83.65
N GLU J 287 -5.37 -27.40 -84.53
CA GLU J 287 -4.20 -26.49 -84.60
C GLU J 287 -4.06 -25.58 -83.38
N ARG J 288 -2.89 -24.96 -83.22
CA ARG J 288 -2.65 -24.00 -82.10
C ARG J 288 -1.96 -22.78 -82.71
N GLU J 289 -2.41 -21.59 -82.33
CA GLU J 289 -1.75 -20.36 -82.83
C GLU J 289 -0.75 -19.89 -81.77
N CYS J 290 0.52 -19.76 -82.16
CA CYS J 290 1.58 -19.36 -81.21
C CYS J 290 2.29 -18.13 -81.80
N SER J 291 1.54 -17.30 -82.51
CA SER J 291 2.17 -16.15 -83.20
C SER J 291 2.83 -15.17 -82.22
N ILE J 292 2.19 -14.87 -81.08
CA ILE J 292 2.73 -13.81 -80.18
C ILE J 292 4.04 -14.32 -79.57
N GLN J 293 5.14 -13.61 -79.79
CA GLN J 293 6.45 -14.09 -79.30
C GLN J 293 7.37 -12.91 -79.00
N ARG J 294 8.29 -13.09 -78.05
CA ARG J 294 9.28 -12.03 -77.69
C ARG J 294 10.66 -12.70 -77.67
N ARG J 295 11.64 -12.14 -78.36
CA ARG J 295 13.03 -12.69 -78.33
C ARG J 295 12.99 -14.15 -78.79
N ASN J 296 12.13 -14.49 -79.75
CA ASN J 296 12.04 -15.86 -80.32
C ASN J 296 11.46 -16.82 -79.27
N GLN J 297 10.92 -16.28 -78.18
CA GLN J 297 10.29 -17.14 -77.16
C GLN J 297 8.79 -16.82 -77.14
N LYS J 298 7.95 -17.83 -77.24
CA LYS J 298 6.49 -17.57 -77.33
C LYS J 298 5.95 -17.06 -75.99
N VAL J 299 5.03 -16.08 -76.02
CA VAL J 299 4.41 -15.56 -74.77
C VAL J 299 2.95 -15.99 -74.65
N VAL J 300 2.13 -15.78 -75.69
CA VAL J 300 0.68 -16.12 -75.64
C VAL J 300 0.35 -17.14 -76.74
N GLU J 301 -0.39 -18.19 -76.39
CA GLU J 301 -0.77 -19.24 -77.37
C GLU J 301 -2.26 -19.53 -77.23
N GLU J 302 -2.95 -19.84 -78.33
CA GLU J 302 -4.42 -20.08 -78.26
C GLU J 302 -4.82 -21.25 -79.16
N ALA J 303 -5.90 -21.95 -78.80
CA ALA J 303 -6.40 -23.06 -79.65
C ALA J 303 -7.94 -23.05 -79.60
N PRO J 304 -8.68 -23.24 -80.71
CA PRO J 304 -8.13 -23.27 -82.07
C PRO J 304 -7.71 -21.89 -82.59
N SER J 305 -7.03 -21.84 -83.73
CA SER J 305 -6.70 -20.52 -84.33
C SER J 305 -7.99 -19.85 -84.81
N ILE J 306 -8.03 -18.52 -84.76
CA ILE J 306 -9.24 -17.77 -85.24
C ILE J 306 -9.11 -17.59 -86.75
N PHE J 307 -8.03 -18.10 -87.34
CA PHE J 307 -7.82 -17.85 -88.77
C PHE J 307 -8.23 -19.04 -89.65
N LEU J 308 -8.11 -20.27 -89.14
CA LEU J 308 -8.38 -21.48 -89.92
C LEU J 308 -9.88 -21.83 -89.97
N ASP J 309 -10.38 -22.03 -91.19
CA ASP J 309 -11.67 -22.69 -91.43
C ASP J 309 -11.56 -24.22 -91.30
N ALA J 310 -12.71 -24.90 -91.36
CA ALA J 310 -12.79 -26.35 -91.20
C ALA J 310 -12.07 -27.12 -92.32
N GLU J 311 -12.02 -26.57 -93.53
CA GLU J 311 -11.36 -27.19 -94.69
C GLU J 311 -9.84 -27.13 -94.55
N THR J 312 -9.30 -25.92 -94.40
CA THR J 312 -7.82 -25.75 -94.24
C THR J 312 -7.34 -26.57 -93.04
N ARG J 313 -8.00 -26.44 -91.89
CA ARG J 313 -7.57 -27.14 -90.66
C ARG J 313 -7.48 -28.64 -90.92
N ARG J 314 -8.47 -29.20 -91.63
CA ARG J 314 -8.46 -30.66 -91.93
C ARG J 314 -7.29 -30.97 -92.87
N ALA J 315 -7.14 -30.20 -93.95
CA ALA J 315 -6.02 -30.39 -94.86
C ALA J 315 -4.66 -30.38 -94.13
N MET J 316 -4.46 -29.43 -93.20
CA MET J 316 -3.26 -29.39 -92.36
C MET J 316 -3.13 -30.63 -91.48
N GLY J 317 -4.23 -31.06 -90.83
CA GLY J 317 -4.26 -32.26 -89.99
C GLY J 317 -3.93 -33.54 -90.75
N GLU J 318 -4.51 -33.71 -91.94
CA GLU J 318 -4.26 -34.87 -92.81
C GLU J 318 -2.81 -34.92 -93.30
N GLN J 319 -2.25 -33.78 -93.72
CA GLN J 319 -0.84 -33.71 -94.14
C GLN J 319 0.12 -33.96 -92.97
N ALA J 320 -0.17 -33.43 -91.78
CA ALA J 320 0.65 -33.69 -90.58
C ALA J 320 0.64 -35.18 -90.21
N VAL J 321 -0.51 -35.86 -90.31
CA VAL J 321 -0.60 -37.32 -90.09
C VAL J 321 0.07 -38.11 -91.21
N ALA J 322 -0.01 -37.65 -92.47
CA ALA J 322 0.70 -38.28 -93.58
C ALA J 322 2.22 -38.29 -93.33
N LEU J 323 2.78 -37.15 -92.90
CA LEU J 323 4.18 -37.04 -92.50
C LEU J 323 4.54 -37.96 -91.33
N ALA J 324 3.74 -37.93 -90.26
CA ALA J 324 3.93 -38.78 -89.10
C ALA J 324 3.96 -40.28 -89.48
N ARG J 325 3.05 -40.71 -90.37
CA ARG J 325 3.03 -42.09 -90.88
C ARG J 325 4.24 -42.42 -91.76
N ALA J 326 4.67 -41.48 -92.61
CA ALA J 326 5.82 -41.66 -93.49
C ALA J 326 7.12 -41.97 -92.71
N VAL J 327 7.24 -41.39 -91.50
CA VAL J 327 8.45 -41.59 -90.65
C VAL J 327 8.12 -42.55 -89.50
N LYS J 328 6.95 -43.20 -89.52
CA LYS J 328 6.59 -44.20 -88.47
C LYS J 328 6.68 -43.60 -87.06
N TYR J 329 6.11 -42.41 -86.86
CA TYR J 329 6.14 -41.73 -85.53
C TYR J 329 5.33 -42.54 -84.50
N SER J 330 5.78 -42.57 -83.23
CA SER J 330 5.11 -43.40 -82.20
C SER J 330 4.98 -42.67 -80.86
N SER J 331 4.33 -41.49 -80.84
CA SER J 331 4.12 -40.66 -79.62
C SER J 331 3.38 -39.38 -79.96
N ALA J 332 3.09 -38.54 -78.96
CA ALA J 332 2.51 -37.21 -79.24
C ALA J 332 3.62 -36.31 -79.78
N GLY J 333 3.32 -35.51 -80.81
CA GLY J 333 4.32 -34.60 -81.41
C GLY J 333 3.66 -33.38 -82.01
N THR J 334 4.43 -32.50 -82.66
CA THR J 334 3.79 -31.35 -83.30
C THR J 334 4.43 -31.05 -84.64
N VAL J 335 3.58 -30.85 -85.65
CA VAL J 335 3.98 -30.44 -86.99
C VAL J 335 3.70 -28.95 -87.13
N GLU J 336 4.75 -28.15 -87.25
CA GLU J 336 4.67 -26.69 -87.31
C GLU J 336 4.56 -26.19 -88.74
N PHE J 337 3.70 -25.20 -88.98
CA PHE J 337 3.51 -24.56 -90.27
C PHE J 337 3.57 -23.03 -90.19
N LEU J 338 4.08 -22.42 -91.25
CA LEU J 338 3.84 -21.00 -91.55
C LEU J 338 2.60 -20.90 -92.42
N VAL J 339 1.66 -20.03 -92.04
CA VAL J 339 0.41 -19.80 -92.78
C VAL J 339 0.38 -18.35 -93.26
N ASP J 340 0.22 -18.15 -94.56
CA ASP J 340 0.13 -16.82 -95.17
C ASP J 340 -1.28 -16.22 -95.10
N SER J 341 -1.44 -14.97 -95.55
CA SER J 341 -2.72 -14.26 -95.55
C SER J 341 -3.78 -14.88 -96.47
N LYS J 342 -3.38 -15.73 -97.43
CA LYS J 342 -4.27 -16.46 -98.34
C LYS J 342 -4.58 -17.86 -97.83
N LYS J 343 -4.18 -18.21 -96.60
CA LYS J 343 -4.31 -19.54 -95.98
C LYS J 343 -3.52 -20.65 -96.67
N ASN J 344 -2.52 -20.30 -97.49
CA ASN J 344 -1.53 -21.30 -97.87
C ASN J 344 -0.65 -21.57 -96.67
N PHE J 345 -0.39 -22.85 -96.41
CA PHE J 345 0.40 -23.30 -95.27
C PHE J 345 1.60 -24.09 -95.75
N TYR J 346 2.73 -23.92 -95.07
CA TYR J 346 4.02 -24.48 -95.44
C TYR J 346 4.71 -25.07 -94.22
N PHE J 347 5.14 -26.31 -94.32
CA PHE J 347 5.85 -27.06 -93.28
C PHE J 347 7.13 -26.32 -92.88
N LEU J 348 7.28 -26.11 -91.57
CA LEU J 348 8.45 -25.51 -90.96
C LEU J 348 9.36 -26.59 -90.36
N GLU J 349 8.82 -27.33 -89.39
CA GLU J 349 9.52 -28.41 -88.69
C GLU J 349 8.53 -29.35 -87.99
N MET J 350 8.98 -30.54 -87.62
CA MET J 350 8.06 -31.43 -86.88
C MET J 350 8.66 -31.69 -85.50
N ASN J 351 8.14 -31.00 -84.48
CA ASN J 351 8.63 -31.21 -83.10
C ASN J 351 8.36 -32.67 -82.72
N THR J 352 9.32 -33.31 -82.06
CA THR J 352 9.19 -34.73 -81.64
C THR J 352 9.21 -34.83 -80.12
N ARG J 353 8.52 -33.93 -79.41
CA ARG J 353 8.49 -33.94 -77.92
C ARG J 353 7.16 -33.35 -77.46
N LEU J 354 6.73 -33.66 -76.23
CA LEU J 354 5.51 -32.97 -75.73
C LEU J 354 5.87 -31.50 -75.66
N GLN J 355 5.00 -30.61 -76.13
CA GLN J 355 5.42 -29.18 -76.17
C GLN J 355 4.94 -28.45 -74.92
N VAL J 356 5.44 -27.24 -74.71
CA VAL J 356 5.04 -26.42 -73.52
C VAL J 356 3.57 -26.02 -73.69
N GLU J 357 3.13 -25.75 -74.92
CA GLU J 357 1.77 -25.21 -75.16
C GLU J 357 0.75 -26.33 -75.31
N HIS J 358 1.10 -27.54 -74.86
CA HIS J 358 0.19 -28.71 -74.97
C HIS J 358 -1.14 -28.51 -74.25
N PRO J 359 -1.27 -27.84 -73.07
CA PRO J 359 -2.55 -27.76 -72.37
C PRO J 359 -3.70 -27.12 -73.15
N VAL J 360 -3.46 -26.11 -73.98
CA VAL J 360 -4.63 -25.48 -74.67
C VAL J 360 -5.30 -26.55 -75.53
N THR J 361 -4.51 -27.36 -76.22
CA THR J 361 -5.08 -28.47 -77.03
C THR J 361 -5.80 -29.43 -76.09
N GLU J 362 -5.24 -29.69 -74.91
CA GLU J 362 -5.87 -30.70 -74.03
C GLU J 362 -7.27 -30.21 -73.70
N CYS J 363 -7.43 -28.91 -73.45
CA CYS J 363 -8.75 -28.37 -73.05
C CYS J 363 -9.79 -28.53 -74.17
N ILE J 364 -9.46 -28.14 -75.40
CA ILE J 364 -10.49 -28.22 -76.47
C ILE J 364 -10.80 -29.68 -76.78
N THR J 365 -9.77 -30.53 -76.89
CA THR J 365 -9.93 -31.97 -77.19
C THR J 365 -10.58 -32.73 -76.04
N GLY J 366 -10.25 -32.40 -74.80
CA GLY J 366 -10.74 -33.19 -73.65
C GLY J 366 -9.83 -34.38 -73.41
N LEU J 367 -8.61 -34.37 -73.95
CA LEU J 367 -7.70 -35.55 -73.83
C LEU J 367 -6.46 -35.24 -72.99
N ASP J 368 -5.99 -36.20 -72.20
CA ASP J 368 -4.76 -36.03 -71.38
C ASP J 368 -3.59 -36.57 -72.21
N LEU J 369 -2.72 -35.69 -72.71
CA LEU J 369 -1.64 -36.12 -73.63
C LEU J 369 -0.68 -37.02 -72.87
N VAL J 370 -0.39 -36.67 -71.61
CA VAL J 370 0.61 -37.47 -70.83
C VAL J 370 0.06 -38.88 -70.65
N GLN J 371 -1.23 -39.01 -70.35
CA GLN J 371 -1.81 -40.36 -70.14
C GLN J 371 -1.67 -41.14 -71.44
N GLU J 372 -1.95 -40.49 -72.56
CA GLU J 372 -1.87 -41.17 -73.87
C GLU J 372 -0.43 -41.57 -74.16
N MET J 373 0.54 -40.72 -73.81
CA MET J 373 1.96 -41.05 -74.06
C MET J 373 2.32 -42.30 -73.27
N ILE J 374 1.87 -42.38 -72.02
CA ILE J 374 2.16 -43.59 -71.18
C ILE J 374 1.47 -44.82 -71.78
N ARG J 375 0.22 -44.66 -72.24
CA ARG J 375 -0.51 -45.85 -72.75
C ARG J 375 0.23 -46.37 -73.99
N VAL J 376 0.67 -45.45 -74.86
CA VAL J 376 1.39 -45.85 -76.11
C VAL J 376 2.70 -46.53 -75.71
N ALA J 377 3.38 -46.02 -74.68
CA ALA J 377 4.67 -46.60 -74.26
C ALA J 377 4.46 -48.04 -73.77
N LYS J 378 3.37 -48.31 -73.05
CA LYS J 378 3.06 -49.70 -72.63
C LYS J 378 2.76 -50.53 -73.88
N GLY J 379 2.39 -49.87 -74.96
CA GLY J 379 2.05 -50.57 -76.22
C GLY J 379 0.56 -50.78 -76.33
N TYR J 380 -0.21 -50.24 -75.39
CA TYR J 380 -1.68 -50.33 -75.49
C TYR J 380 -2.13 -49.53 -76.74
N PRO J 381 -3.09 -50.06 -77.53
CA PRO J 381 -3.55 -49.36 -78.75
C PRO J 381 -4.39 -48.12 -78.45
N LEU J 382 -4.40 -47.15 -79.38
CA LEU J 382 -5.18 -45.88 -79.16
C LEU J 382 -6.67 -46.20 -79.07
N ARG J 383 -7.39 -45.48 -78.20
CA ARG J 383 -8.86 -45.70 -78.02
C ARG J 383 -9.65 -44.66 -78.81
N HIS J 384 -8.99 -43.87 -79.66
CA HIS J 384 -9.73 -42.77 -80.35
C HIS J 384 -9.47 -42.80 -81.87
N LYS J 385 -10.45 -42.33 -82.65
CA LYS J 385 -10.29 -42.24 -84.13
C LYS J 385 -10.45 -40.75 -84.49
N GLN J 386 -9.78 -40.28 -85.54
CA GLN J 386 -9.83 -38.85 -85.89
C GLN J 386 -11.26 -38.33 -85.75
N ALA J 387 -12.24 -39.11 -86.19
CA ALA J 387 -13.64 -38.69 -86.10
C ALA J 387 -14.12 -38.42 -84.65
N ASP J 388 -13.42 -38.96 -83.64
CA ASP J 388 -13.74 -38.74 -82.23
C ASP J 388 -13.14 -37.42 -81.70
N ILE J 389 -12.12 -36.89 -82.39
CA ILE J 389 -11.42 -35.67 -82.01
C ILE J 389 -12.22 -34.45 -82.47
N ARG J 390 -12.89 -33.79 -81.53
CA ARG J 390 -13.67 -32.57 -81.76
C ARG J 390 -12.93 -31.34 -81.25
N ILE J 391 -13.32 -30.19 -81.77
CA ILE J 391 -12.96 -28.87 -81.21
C ILE J 391 -14.12 -28.46 -80.31
N ASN J 392 -13.89 -28.48 -78.99
CA ASN J 392 -14.87 -28.01 -78.02
C ASN J 392 -14.35 -26.73 -77.39
N GLY J 393 -15.06 -25.62 -77.57
CA GLY J 393 -14.69 -24.34 -76.99
C GLY J 393 -13.39 -23.74 -77.52
N TRP J 394 -12.80 -22.88 -76.72
CA TRP J 394 -11.57 -22.14 -77.03
C TRP J 394 -10.69 -22.06 -75.79
N ALA J 395 -9.39 -22.28 -75.95
CA ALA J 395 -8.41 -22.19 -74.90
C ALA J 395 -7.33 -21.19 -75.26
N VAL J 396 -6.86 -20.43 -74.27
CA VAL J 396 -5.75 -19.48 -74.40
C VAL J 396 -4.79 -19.73 -73.25
N GLU J 397 -3.49 -19.79 -73.55
CA GLU J 397 -2.41 -19.94 -72.60
C GLU J 397 -1.52 -18.70 -72.63
N CYS J 398 -1.12 -18.25 -71.43
CA CYS J 398 -0.19 -17.08 -71.33
C CYS J 398 0.93 -17.45 -70.37
N ARG J 399 2.08 -17.88 -70.89
CA ARG J 399 3.18 -18.33 -70.00
C ARG J 399 3.62 -17.15 -69.13
N VAL J 400 3.78 -17.38 -67.83
CA VAL J 400 4.16 -16.29 -66.89
C VAL J 400 5.66 -16.41 -66.61
N TYR J 401 6.38 -15.28 -66.64
CA TYR J 401 7.83 -15.30 -66.43
C TYR J 401 8.24 -14.31 -65.33
N ALA J 402 9.43 -14.58 -64.81
CA ALA J 402 10.01 -13.62 -63.84
C ALA J 402 10.93 -12.70 -64.62
N GLU J 403 10.36 -11.78 -65.38
CA GLU J 403 11.17 -10.85 -66.19
C GLU J 403 10.57 -9.45 -66.08
N ASP J 404 11.40 -8.43 -66.29
CA ASP J 404 10.83 -7.05 -66.30
C ASP J 404 10.31 -6.82 -67.70
N PRO J 405 8.98 -6.65 -67.91
CA PRO J 405 8.46 -6.38 -69.22
C PRO J 405 9.01 -5.05 -69.75
N TYR J 406 9.18 -4.06 -68.86
CA TYR J 406 9.63 -2.70 -69.28
C TYR J 406 11.05 -2.72 -69.86
N LYS J 407 11.96 -3.51 -69.28
CA LYS J 407 13.32 -3.60 -69.87
C LYS J 407 13.25 -4.47 -71.11
N SER J 408 13.65 -3.93 -72.27
CA SER J 408 13.51 -4.68 -73.55
C SER J 408 12.06 -5.13 -73.63
N PHE J 409 11.82 -6.40 -73.94
CA PHE J 409 10.41 -6.90 -73.85
C PHE J 409 10.39 -7.85 -72.65
N GLY J 410 11.55 -8.40 -72.31
CA GLY J 410 11.67 -9.24 -71.11
C GLY J 410 13.11 -9.26 -70.65
N LEU J 411 13.35 -9.21 -69.34
CA LEU J 411 14.74 -9.31 -68.83
C LEU J 411 14.76 -10.20 -67.59
N PRO J 412 15.63 -11.22 -67.48
CA PRO J 412 15.57 -12.16 -66.35
C PRO J 412 15.70 -11.48 -64.99
N SER J 413 14.84 -11.84 -64.04
CA SER J 413 14.86 -11.24 -62.68
C SER J 413 14.92 -12.36 -61.66
N ILE J 414 15.63 -12.17 -60.55
CA ILE J 414 15.79 -13.31 -59.60
C ILE J 414 15.36 -12.90 -58.20
N GLY J 415 14.89 -13.87 -57.42
CA GLY J 415 14.52 -13.57 -56.03
C GLY J 415 13.59 -14.61 -55.42
N ARG J 416 13.26 -14.37 -54.16
CA ARG J 416 12.41 -15.31 -53.42
C ARG J 416 10.97 -14.86 -53.52
N LEU J 417 10.09 -15.77 -53.85
CA LEU J 417 8.66 -15.48 -53.86
C LEU J 417 8.15 -15.33 -52.42
N SER J 418 8.10 -14.12 -51.89
CA SER J 418 7.64 -13.86 -50.51
C SER J 418 6.15 -14.15 -50.33
N GLN J 419 5.36 -14.02 -51.40
CA GLN J 419 3.95 -14.41 -51.45
C GLN J 419 3.60 -14.79 -52.89
N TYR J 420 2.82 -15.85 -53.03
CA TYR J 420 2.37 -16.38 -54.32
C TYR J 420 0.97 -16.97 -54.15
N GLN J 421 0.00 -16.49 -54.92
CA GLN J 421 -1.37 -16.99 -54.90
C GLN J 421 -1.92 -17.03 -56.34
N GLU J 422 -2.19 -18.24 -56.79
CA GLU J 422 -2.78 -18.52 -58.09
C GLU J 422 -4.28 -18.20 -58.09
N PRO J 423 -4.90 -17.66 -59.19
CA PRO J 423 -6.35 -17.39 -59.19
C PRO J 423 -7.23 -18.58 -59.63
N LEU J 424 -7.05 -19.75 -59.00
CA LEU J 424 -7.82 -20.97 -59.38
C LEU J 424 -9.32 -20.78 -59.13
N HIS J 425 -9.70 -20.13 -58.02
CA HIS J 425 -11.14 -19.97 -57.65
C HIS J 425 -11.96 -19.40 -58.80
N LEU J 426 -11.35 -18.54 -59.64
CA LEU J 426 -12.05 -17.88 -60.77
C LEU J 426 -12.48 -18.90 -61.83
N PRO J 427 -13.59 -18.69 -62.56
CA PRO J 427 -14.09 -19.67 -63.55
C PRO J 427 -13.23 -19.96 -64.78
N GLY J 428 -13.24 -21.21 -65.25
CA GLY J 428 -12.49 -21.60 -66.46
C GLY J 428 -11.00 -21.37 -66.35
N VAL J 429 -10.41 -21.59 -65.17
CA VAL J 429 -8.96 -21.28 -65.00
C VAL J 429 -8.20 -22.54 -64.61
N ARG J 430 -7.12 -22.84 -65.33
CA ARG J 430 -6.25 -23.99 -64.95
C ARG J 430 -4.82 -23.45 -64.90
N VAL J 431 -4.09 -23.76 -63.82
CA VAL J 431 -2.72 -23.19 -63.70
C VAL J 431 -1.70 -24.33 -63.66
N ASP J 432 -0.74 -24.31 -64.58
CA ASP J 432 0.34 -25.30 -64.59
C ASP J 432 1.62 -24.59 -64.10
N SER J 433 1.98 -24.81 -62.84
CA SER J 433 3.15 -24.23 -62.17
C SER J 433 4.05 -25.30 -61.53
N GLY J 434 5.30 -24.92 -61.27
CA GLY J 434 6.31 -25.72 -60.55
C GLY J 434 6.92 -24.98 -59.36
N ILE J 435 6.17 -23.97 -58.89
CA ILE J 435 6.66 -23.09 -57.78
C ILE J 435 5.61 -22.98 -56.67
N GLN J 436 6.00 -22.47 -55.51
CA GLN J 436 5.10 -22.34 -54.32
C GLN J 436 5.56 -21.10 -53.57
N PRO J 437 4.89 -20.64 -52.48
CA PRO J 437 5.42 -19.51 -51.72
C PRO J 437 6.78 -19.91 -51.12
N GLY J 438 7.78 -19.02 -51.21
CA GLY J 438 9.12 -19.33 -50.72
C GLY J 438 10.01 -19.95 -51.78
N SER J 439 9.49 -20.14 -52.99
CA SER J 439 10.32 -20.66 -54.10
C SER J 439 11.36 -19.64 -54.50
N ASP J 440 12.55 -20.10 -54.86
CA ASP J 440 13.63 -19.18 -55.27
C ASP J 440 13.85 -19.24 -56.78
N ILE J 441 13.31 -18.29 -57.53
CA ILE J 441 13.63 -18.21 -58.95
C ILE J 441 15.14 -17.99 -59.06
N SER J 442 15.87 -19.02 -59.50
CA SER J 442 17.33 -19.01 -59.58
C SER J 442 17.87 -18.57 -60.94
N ILE J 443 19.12 -18.10 -61.00
CA ILE J 443 19.82 -17.74 -62.26
C ILE J 443 20.04 -18.93 -63.22
N TYR J 444 20.03 -20.17 -62.72
CA TYR J 444 20.51 -21.35 -63.47
C TYR J 444 19.51 -21.92 -64.48
N TYR J 445 18.23 -21.56 -64.34
CA TYR J 445 17.14 -22.18 -65.09
C TYR J 445 16.23 -21.13 -65.72
N ASP J 446 15.27 -21.62 -66.51
CA ASP J 446 14.27 -20.78 -67.18
C ASP J 446 13.38 -20.01 -66.17
N PRO J 447 12.99 -18.74 -66.45
CA PRO J 447 12.23 -17.90 -65.52
C PRO J 447 10.75 -18.21 -65.44
N MET J 448 10.25 -19.26 -66.12
CA MET J 448 8.82 -19.55 -66.14
C MET J 448 8.32 -19.89 -64.73
N ILE J 449 7.38 -19.06 -64.28
CA ILE J 449 6.66 -19.20 -63.02
C ILE J 449 5.58 -20.27 -63.21
N SER J 450 4.74 -20.10 -64.23
CA SER J 450 3.63 -21.00 -64.52
C SER J 450 3.11 -20.81 -65.93
N LYS J 451 2.33 -21.78 -66.41
CA LYS J 451 1.43 -21.61 -67.53
C LYS J 451 0.04 -21.28 -67.00
N LEU J 452 -0.49 -20.13 -67.37
CA LEU J 452 -1.87 -19.74 -67.04
C LEU J 452 -2.74 -20.02 -68.25
N ILE J 453 -3.73 -20.88 -68.10
CA ILE J 453 -4.62 -21.29 -69.18
C ILE J 453 -6.05 -20.95 -68.82
N THR J 454 -6.79 -20.41 -69.77
CA THR J 454 -8.23 -20.16 -69.64
C THR J 454 -8.99 -20.78 -70.77
N TYR J 455 -10.14 -21.37 -70.45
CA TYR J 455 -11.00 -22.08 -71.38
C TYR J 455 -12.40 -21.44 -71.39
N GLY J 456 -13.02 -21.33 -72.56
CA GLY J 456 -14.37 -20.79 -72.77
C GLY J 456 -15.16 -21.53 -73.85
N SER J 457 -16.48 -21.31 -73.92
CA SER J 457 -17.33 -21.83 -74.99
C SER J 457 -17.01 -21.20 -76.35
N ASP J 458 -16.48 -19.97 -76.31
CA ASP J 458 -16.09 -19.25 -77.54
C ASP J 458 -14.81 -18.45 -77.25
N ARG J 459 -14.22 -17.81 -78.26
CA ARG J 459 -12.94 -17.08 -78.06
C ARG J 459 -13.12 -15.92 -77.08
N THR J 460 -14.22 -15.17 -77.19
CA THR J 460 -14.43 -13.99 -76.31
C THR J 460 -14.40 -14.42 -74.85
N GLU J 461 -15.23 -15.41 -74.48
CA GLU J 461 -15.29 -15.88 -73.10
C GLU J 461 -13.90 -16.29 -72.58
N ALA J 462 -13.12 -17.01 -73.38
CA ALA J 462 -11.75 -17.41 -73.01
C ALA J 462 -10.85 -16.18 -72.75
N LEU J 463 -10.86 -15.18 -73.64
CA LEU J 463 -10.07 -13.96 -73.49
C LEU J 463 -10.50 -13.12 -72.27
N LYS J 464 -11.80 -13.09 -71.99
CA LYS J 464 -12.33 -12.33 -70.83
C LYS J 464 -11.89 -13.01 -69.53
N ARG J 465 -12.07 -14.32 -69.43
CA ARG J 465 -11.68 -15.06 -68.21
C ARG J 465 -10.17 -14.90 -68.01
N MET J 466 -9.39 -14.87 -69.08
CA MET J 466 -7.93 -14.64 -68.97
C MET J 466 -7.67 -13.26 -68.36
N ALA J 467 -8.09 -12.19 -69.04
CA ALA J 467 -7.92 -10.85 -68.47
C ALA J 467 -8.27 -10.82 -66.97
N ASP J 468 -9.40 -11.41 -66.58
CA ASP J 468 -9.82 -11.51 -65.18
C ASP J 468 -8.81 -12.32 -64.33
N ALA J 469 -8.28 -13.42 -64.88
CA ALA J 469 -7.29 -14.27 -64.22
C ALA J 469 -5.96 -13.54 -64.00
N LEU J 470 -5.47 -12.80 -65.00
CA LEU J 470 -4.25 -12.01 -64.91
C LEU J 470 -4.38 -10.89 -63.86
N ASP J 471 -5.55 -10.23 -63.76
CA ASP J 471 -5.81 -9.21 -62.73
C ASP J 471 -5.89 -9.82 -61.30
N ASN J 472 -6.29 -11.10 -61.20
CA ASN J 472 -6.40 -11.85 -59.94
C ASN J 472 -5.13 -12.64 -59.55
N TYR J 473 -4.07 -12.59 -60.36
CA TYR J 473 -2.85 -13.33 -60.10
C TYR J 473 -1.93 -12.53 -59.18
N VAL J 474 -1.61 -13.08 -58.00
CA VAL J 474 -0.69 -12.45 -57.04
C VAL J 474 0.70 -13.07 -57.18
N ILE J 475 1.69 -12.26 -57.53
CA ILE J 475 3.11 -12.64 -57.55
C ILE J 475 3.90 -11.52 -56.88
N ARG J 476 4.60 -11.85 -55.77
CA ARG J 476 5.39 -10.85 -54.97
C ARG J 476 6.82 -11.35 -54.66
N GLY J 477 7.84 -10.49 -54.79
CA GLY J 477 9.26 -10.79 -54.56
C GLY J 477 10.10 -10.88 -55.82
N VAL J 478 9.48 -11.01 -56.99
CA VAL J 478 10.10 -10.88 -58.31
C VAL J 478 9.25 -9.97 -59.19
N THR J 479 9.87 -9.36 -60.21
CA THR J 479 9.15 -8.71 -61.31
C THR J 479 8.63 -9.79 -62.26
N HIS J 480 7.50 -9.53 -62.91
CA HIS J 480 6.83 -10.49 -63.78
C HIS J 480 6.13 -9.84 -64.98
N ASN J 481 5.87 -10.63 -66.02
CA ASN J 481 5.32 -10.15 -67.29
C ASN J 481 3.78 -10.05 -67.38
N ILE J 482 3.04 -10.26 -66.28
CA ILE J 482 1.57 -10.17 -66.27
C ILE J 482 1.04 -8.90 -66.95
N ALA J 483 1.68 -7.74 -66.73
CA ALA J 483 1.26 -6.48 -67.34
C ALA J 483 1.25 -6.56 -68.88
N LEU J 484 2.29 -7.15 -69.48
CA LEU J 484 2.40 -7.35 -70.92
C LEU J 484 1.36 -8.35 -71.40
N LEU J 485 1.25 -9.51 -70.74
CA LEU J 485 0.28 -10.54 -71.09
C LEU J 485 -1.15 -9.98 -71.10
N ARG J 486 -1.49 -9.25 -70.03
CA ARG J 486 -2.82 -8.65 -69.86
C ARG J 486 -3.11 -7.63 -70.96
N GLU J 487 -2.12 -6.84 -71.36
CA GLU J 487 -2.27 -5.86 -72.44
C GLU J 487 -2.41 -6.52 -73.82
N VAL J 488 -1.68 -7.60 -74.09
CA VAL J 488 -1.81 -8.39 -75.34
C VAL J 488 -3.23 -8.93 -75.47
N ILE J 489 -3.75 -9.56 -74.41
CA ILE J 489 -5.06 -10.22 -74.40
C ILE J 489 -6.21 -9.25 -74.71
N ILE J 490 -6.13 -8.00 -74.25
CA ILE J 490 -7.16 -6.99 -74.50
C ILE J 490 -6.89 -6.14 -75.75
N ASN J 491 -5.74 -6.30 -76.39
CA ASN J 491 -5.37 -5.49 -77.53
C ASN J 491 -6.35 -5.73 -78.70
N SER J 492 -6.84 -4.65 -79.31
CA SER J 492 -7.84 -4.75 -80.39
C SER J 492 -7.39 -5.58 -81.59
N ARG J 493 -6.09 -5.59 -81.90
CA ARG J 493 -5.59 -6.47 -83.00
C ARG J 493 -5.71 -7.93 -82.55
N PHE J 494 -5.18 -8.26 -81.37
CA PHE J 494 -5.26 -9.62 -80.83
C PHE J 494 -6.71 -10.13 -80.75
N VAL J 495 -7.63 -9.31 -80.25
CA VAL J 495 -9.07 -9.64 -80.14
C VAL J 495 -9.69 -9.87 -81.53
N LYS J 496 -9.30 -9.10 -82.55
CA LYS J 496 -9.75 -9.31 -83.94
C LYS J 496 -9.03 -10.47 -84.65
N GLY J 497 -7.98 -11.02 -84.04
CA GLY J 497 -7.14 -12.04 -84.65
C GLY J 497 -6.17 -11.51 -85.71
N ASP J 498 -5.94 -10.19 -85.81
CA ASP J 498 -4.93 -9.58 -86.68
C ASP J 498 -3.54 -9.67 -86.01
N ILE J 499 -2.93 -10.85 -86.08
CA ILE J 499 -1.68 -11.18 -85.39
C ILE J 499 -0.70 -11.87 -86.33
N SER J 500 0.58 -11.70 -86.02
CA SER J 500 1.72 -12.33 -86.68
C SER J 500 2.84 -12.51 -85.66
N THR J 501 3.93 -13.18 -86.06
CA THR J 501 5.16 -13.29 -85.28
C THR J 501 5.83 -11.95 -84.94
N LYS J 502 5.47 -10.86 -85.63
CA LYS J 502 5.94 -9.49 -85.36
C LYS J 502 5.02 -8.67 -84.45
N PHE J 503 3.94 -9.27 -83.93
CA PHE J 503 2.90 -8.55 -83.20
C PHE J 503 3.47 -7.64 -82.09
N LEU J 504 4.38 -8.13 -81.26
CA LEU J 504 4.94 -7.35 -80.15
C LEU J 504 5.77 -6.16 -80.63
N SER J 505 6.59 -6.33 -81.67
CA SER J 505 7.36 -5.22 -82.26
C SER J 505 6.48 -4.20 -82.97
N ASP J 506 5.40 -4.64 -83.61
CA ASP J 506 4.48 -3.75 -84.34
C ASP J 506 3.61 -2.93 -83.38
N VAL J 507 3.13 -3.56 -82.30
CA VAL J 507 2.22 -2.92 -81.34
C VAL J 507 2.98 -2.06 -80.33
N TYR J 508 4.24 -2.41 -80.07
CA TYR J 508 5.05 -1.61 -79.11
C TYR J 508 6.40 -1.26 -79.71
N PRO J 509 6.48 -0.41 -80.75
CA PRO J 509 7.76 -0.14 -81.39
C PRO J 509 8.75 0.51 -80.43
N ASP J 510 8.32 1.52 -79.69
CA ASP J 510 9.21 2.24 -78.74
C ASP J 510 9.61 1.30 -77.61
N GLY J 511 8.68 0.48 -77.12
CA GLY J 511 8.95 -0.44 -76.01
C GLY J 511 7.65 -0.67 -75.24
N PHE J 512 7.68 -1.46 -74.18
CA PHE J 512 6.44 -1.61 -73.36
C PHE J 512 6.42 -0.49 -72.32
N LYS J 513 5.38 0.36 -72.35
CA LYS J 513 5.26 1.41 -71.34
C LYS J 513 4.14 1.14 -70.35
N GLY J 514 3.58 -0.06 -70.36
CA GLY J 514 2.44 -0.37 -69.51
C GLY J 514 1.15 0.21 -70.07
N HIS J 515 0.04 -0.21 -69.45
CA HIS J 515 -1.26 0.23 -69.91
C HIS J 515 -1.33 1.74 -69.97
N MET J 516 -2.13 2.25 -70.90
CA MET J 516 -2.34 3.69 -71.06
C MET J 516 -3.79 4.00 -70.68
N LEU J 517 -3.96 4.82 -69.65
CA LEU J 517 -5.32 5.03 -69.11
C LEU J 517 -6.15 6.02 -69.93
N THR J 518 -7.41 5.70 -70.16
CA THR J 518 -8.33 6.64 -70.82
C THR J 518 -8.83 7.58 -69.73
N LYS J 519 -9.37 8.74 -70.10
CA LYS J 519 -9.78 9.71 -69.06
C LYS J 519 -10.63 8.99 -67.99
N SER J 520 -11.57 8.15 -68.41
CA SER J 520 -12.43 7.53 -67.41
C SER J 520 -11.63 6.58 -66.51
N GLU J 521 -10.72 5.82 -67.11
CA GLU J 521 -9.88 4.92 -66.31
C GLU J 521 -9.04 5.69 -65.32
N LYS J 522 -8.48 6.83 -65.74
CA LYS J 522 -7.68 7.64 -64.82
C LYS J 522 -8.52 8.14 -63.67
N ASN J 523 -9.74 8.60 -63.94
CA ASN J 523 -10.61 9.05 -62.86
C ASN J 523 -10.94 7.92 -61.91
N GLN J 524 -11.22 6.73 -62.45
CA GLN J 524 -11.51 5.60 -61.60
C GLN J 524 -10.33 5.25 -60.71
N LEU J 525 -9.12 5.24 -61.28
CA LEU J 525 -7.94 4.94 -60.49
C LEU J 525 -7.72 5.97 -59.40
N LEU J 526 -7.89 7.25 -59.73
CA LEU J 526 -7.71 8.30 -58.72
C LEU J 526 -8.73 8.15 -57.60
N ALA J 527 -9.99 7.87 -57.96
CA ALA J 527 -11.01 7.69 -56.94
C ALA J 527 -10.69 6.51 -56.04
N ILE J 528 -10.24 5.40 -56.63
CA ILE J 528 -9.91 4.23 -55.83
C ILE J 528 -8.76 4.54 -54.88
N ALA J 529 -7.73 5.21 -55.38
CA ALA J 529 -6.59 5.54 -54.54
C ALA J 529 -6.99 6.45 -53.39
N SER J 530 -7.81 7.48 -53.68
CA SER J 530 -8.26 8.38 -52.64
C SER J 530 -9.09 7.65 -51.60
N SER J 531 -9.99 6.78 -52.04
CA SER J 531 -10.81 6.02 -51.10
C SER J 531 -9.94 5.13 -50.22
N LEU J 532 -8.93 4.49 -50.81
CA LEU J 532 -8.04 3.65 -50.02
C LEU J 532 -7.29 4.47 -48.97
N PHE J 533 -6.79 5.64 -49.38
CA PHE J 533 -6.09 6.52 -48.44
C PHE J 533 -7.00 6.91 -47.29
N VAL J 534 -8.23 7.31 -47.60
CA VAL J 534 -9.16 7.73 -46.56
C VAL J 534 -9.52 6.55 -45.66
N ALA J 535 -9.66 5.36 -46.23
CA ALA J 535 -9.98 4.19 -45.41
C ALA J 535 -8.85 3.88 -44.45
N PHE J 536 -7.60 3.96 -44.91
CA PHE J 536 -6.48 3.76 -43.99
C PHE J 536 -6.49 4.80 -42.88
N GLN J 537 -6.69 6.07 -43.24
CA GLN J 537 -6.71 7.11 -42.23
C GLN J 537 -7.81 6.86 -41.21
N LEU J 538 -8.97 6.41 -41.66
CA LEU J 538 -10.09 6.16 -40.76
C LEU J 538 -9.79 4.98 -39.84
N ARG J 539 -9.28 3.88 -40.39
CA ARG J 539 -8.95 2.74 -39.55
C ARG J 539 -7.90 3.11 -38.52
N ALA J 540 -7.05 4.09 -38.83
CA ALA J 540 -6.04 4.51 -37.87
C ALA J 540 -6.65 5.03 -36.57
N GLN J 541 -7.93 5.42 -36.57
CA GLN J 541 -8.56 6.03 -35.42
C GLN J 541 -9.37 5.05 -34.57
N HIS J 542 -9.37 3.77 -34.90
CA HIS J 542 -10.23 2.79 -34.23
C HIS J 542 -9.43 2.04 -33.18
N PHE J 543 -9.20 2.72 -32.05
CA PHE J 543 -8.61 2.09 -30.89
C PHE J 543 -9.68 1.39 -30.07
N GLN J 544 -9.26 0.41 -29.27
CA GLN J 544 -10.22 -0.22 -28.38
C GLN J 544 -10.49 0.70 -27.18
N GLU J 545 -11.49 0.33 -26.41
CA GLU J 545 -11.91 1.17 -25.29
C GLU J 545 -10.77 1.40 -24.32
N ASN J 546 -10.63 2.65 -23.89
CA ASN J 546 -9.68 3.04 -22.85
C ASN J 546 -10.45 3.85 -21.81
N SER J 547 -10.77 3.22 -20.68
CA SER J 547 -11.60 3.87 -19.68
C SER J 547 -10.93 5.13 -19.13
N ARG J 548 -9.62 5.08 -18.92
CA ARG J 548 -8.93 6.23 -18.32
C ARG J 548 -9.03 7.46 -19.21
N MET J 549 -8.83 7.28 -20.52
CA MET J 549 -8.94 8.39 -21.48
C MET J 549 -9.78 7.96 -22.68
N PRO J 550 -11.07 8.27 -22.68
CA PRO J 550 -11.88 8.02 -23.88
C PRO J 550 -11.35 8.81 -25.07
N VAL J 551 -11.44 8.20 -26.24
CA VAL J 551 -10.96 8.83 -27.47
C VAL J 551 -12.05 9.72 -28.03
N ILE J 552 -11.64 10.83 -28.63
CA ILE J 552 -12.55 11.78 -29.26
C ILE J 552 -12.38 11.65 -30.77
N LYS J 553 -13.42 11.19 -31.45
CA LYS J 553 -13.33 10.93 -32.88
C LYS J 553 -13.08 12.24 -33.63
N PRO J 554 -12.07 12.30 -34.49
CA PRO J 554 -11.90 13.49 -35.35
C PRO J 554 -13.06 13.57 -36.34
N ASP J 555 -13.89 14.59 -36.16
CA ASP J 555 -15.10 14.77 -36.96
C ASP J 555 -14.72 15.49 -38.25
N ILE J 556 -14.58 14.72 -39.32
CA ILE J 556 -14.27 15.26 -40.65
C ILE J 556 -15.36 14.82 -41.61
N ALA J 557 -15.90 15.77 -42.36
CA ALA J 557 -16.93 15.48 -43.34
C ALA J 557 -16.38 15.31 -44.75
N ASN J 558 -15.37 16.11 -45.11
CA ASN J 558 -14.77 16.04 -46.43
C ASN J 558 -13.25 16.02 -46.29
N TRP J 559 -12.60 15.19 -47.09
CA TRP J 559 -11.15 15.15 -47.18
C TRP J 559 -10.74 15.79 -48.50
N GLU J 560 -9.96 16.86 -48.41
CA GLU J 560 -9.42 17.55 -49.58
C GLU J 560 -8.00 17.08 -49.78
N LEU J 561 -7.74 16.45 -50.92
CA LEU J 561 -6.46 15.81 -51.19
C LEU J 561 -5.88 16.31 -52.49
N SER J 562 -4.55 16.46 -52.50
CA SER J 562 -3.79 16.65 -53.73
C SER J 562 -3.16 15.30 -54.08
N VAL J 563 -3.50 14.77 -55.24
CA VAL J 563 -3.03 13.47 -55.69
C VAL J 563 -2.13 13.68 -56.90
N LYS J 564 -0.89 13.21 -56.83
CA LYS J 564 0.02 13.32 -57.99
C LYS J 564 0.15 11.96 -58.67
N LEU J 565 -0.32 11.84 -59.92
CA LEU J 565 -0.26 10.54 -60.65
C LEU J 565 0.97 10.47 -61.55
N HIS J 566 1.03 11.26 -62.60
CA HIS J 566 2.17 11.16 -63.54
C HIS J 566 2.68 12.56 -63.80
N ASP J 567 3.24 13.21 -62.78
CA ASP J 567 3.73 14.61 -62.91
C ASP J 567 2.54 15.56 -63.01
N LYS J 568 1.33 15.09 -62.71
CA LYS J 568 0.14 15.97 -62.71
C LYS J 568 -0.50 15.93 -61.33
N VAL J 569 -1.01 17.05 -60.85
CA VAL J 569 -1.57 17.16 -59.51
C VAL J 569 -3.07 17.37 -59.67
N HIS J 570 -3.86 16.48 -59.08
CA HIS J 570 -5.30 16.50 -59.18
C HIS J 570 -5.91 16.82 -57.82
N THR J 571 -6.90 17.72 -57.83
CA THR J 571 -7.64 18.04 -56.63
C THR J 571 -8.78 17.05 -56.45
N VAL J 572 -8.86 16.44 -55.27
CA VAL J 572 -9.85 15.43 -54.98
C VAL J 572 -10.57 15.80 -53.70
N VAL J 573 -11.89 15.60 -53.68
CA VAL J 573 -12.69 15.79 -52.49
C VAL J 573 -13.42 14.49 -52.22
N ALA J 574 -13.11 13.85 -51.10
CA ALA J 574 -13.63 12.53 -50.80
C ALA J 574 -14.45 12.57 -49.51
N SER J 575 -15.65 11.99 -49.56
CA SER J 575 -16.48 11.80 -48.39
C SER J 575 -16.92 10.34 -48.35
N ASN J 576 -17.34 9.89 -47.18
CA ASN J 576 -17.81 8.52 -47.06
C ASN J 576 -19.10 8.45 -46.25
N ASN J 577 -19.86 7.39 -46.52
CA ASN J 577 -21.02 7.02 -45.73
C ASN J 577 -21.02 5.50 -45.69
N GLY J 578 -20.84 4.93 -44.51
CA GLY J 578 -20.70 3.49 -44.42
C GLY J 578 -19.54 3.03 -45.28
N SER J 579 -19.84 2.15 -46.23
CA SER J 579 -18.83 1.60 -47.13
C SER J 579 -18.81 2.28 -48.48
N VAL J 580 -19.53 3.38 -48.66
CA VAL J 580 -19.65 4.06 -49.94
C VAL J 580 -18.87 5.36 -49.88
N PHE J 581 -17.92 5.53 -50.79
CA PHE J 581 -17.11 6.73 -50.87
C PHE J 581 -17.50 7.53 -52.10
N SER J 582 -17.88 8.79 -51.89
CA SER J 582 -18.17 9.72 -52.96
C SER J 582 -16.92 10.57 -53.18
N VAL J 583 -16.37 10.51 -54.39
CA VAL J 583 -15.12 11.18 -54.72
C VAL J 583 -15.36 12.13 -55.89
N GLU J 584 -15.01 13.39 -55.71
CA GLU J 584 -15.02 14.38 -56.78
C GLU J 584 -13.58 14.59 -57.21
N VAL J 585 -13.29 14.23 -58.46
CA VAL J 585 -11.95 14.34 -59.03
C VAL J 585 -12.02 15.37 -60.15
N ASP J 586 -11.38 16.52 -59.94
CA ASP J 586 -11.34 17.59 -60.94
C ASP J 586 -12.73 17.96 -61.45
N GLY J 587 -13.76 17.75 -60.63
CA GLY J 587 -15.11 18.08 -61.02
C GLY J 587 -15.96 16.93 -61.51
N SER J 588 -15.48 15.70 -61.42
CA SER J 588 -16.22 14.52 -61.85
C SER J 588 -16.56 13.68 -60.62
N LYS J 589 -17.82 13.31 -60.48
CA LYS J 589 -18.29 12.60 -59.30
C LYS J 589 -18.32 11.09 -59.55
N LEU J 590 -17.76 10.34 -58.63
CA LEU J 590 -17.73 8.88 -58.70
C LEU J 590 -18.08 8.29 -57.34
N ASN J 591 -18.59 7.07 -57.36
CA ASN J 591 -18.91 6.33 -56.14
C ASN J 591 -18.14 5.03 -56.12
N VAL J 592 -17.49 4.74 -54.99
CA VAL J 592 -16.69 3.54 -54.83
C VAL J 592 -17.24 2.76 -53.65
N THR J 593 -17.52 1.48 -53.86
CA THR J 593 -18.06 0.61 -52.82
C THR J 593 -17.16 -0.61 -52.67
N SER J 594 -17.00 -1.07 -51.44
CA SER J 594 -16.19 -2.25 -51.16
C SER J 594 -16.27 -2.58 -49.68
N THR J 595 -15.79 -3.77 -49.34
CA THR J 595 -15.65 -4.15 -47.94
C THR J 595 -14.48 -3.45 -47.28
N TRP J 596 -13.54 -2.94 -48.06
CA TRP J 596 -12.40 -2.19 -47.55
C TRP J 596 -11.59 -3.02 -46.54
N ASN J 597 -11.41 -4.30 -46.86
CA ASN J 597 -10.49 -5.13 -46.10
C ASN J 597 -9.06 -4.75 -46.48
N LEU J 598 -8.37 -4.07 -45.57
CA LEU J 598 -7.07 -3.49 -45.86
C LEU J 598 -5.93 -4.48 -45.74
N ALA J 599 -6.21 -5.73 -45.37
CA ALA J 599 -5.16 -6.72 -45.21
C ALA J 599 -5.08 -7.70 -46.37
N SER J 600 -6.19 -8.02 -47.01
CA SER J 600 -6.18 -9.00 -48.08
C SER J 600 -5.35 -8.47 -49.26
N PRO J 601 -4.55 -9.34 -49.90
CA PRO J 601 -3.75 -8.87 -51.04
C PRO J 601 -4.57 -8.32 -52.19
N LEU J 602 -5.76 -8.87 -52.43
CA LEU J 602 -6.63 -8.45 -53.52
C LEU J 602 -7.83 -7.70 -52.95
N LEU J 603 -8.10 -6.52 -53.49
CA LEU J 603 -9.25 -5.72 -53.07
C LEU J 603 -10.21 -5.59 -54.24
N SER J 604 -11.47 -5.97 -54.00
CA SER J 604 -12.52 -5.86 -55.00
C SER J 604 -13.37 -4.64 -54.70
N VAL J 605 -13.51 -3.75 -55.68
CA VAL J 605 -14.27 -2.52 -55.51
C VAL J 605 -15.24 -2.38 -56.68
N SER J 606 -16.23 -1.52 -56.48
CA SER J 606 -17.21 -1.19 -57.50
C SER J 606 -17.25 0.33 -57.64
N VAL J 607 -16.82 0.82 -58.80
CA VAL J 607 -16.81 2.25 -59.09
C VAL J 607 -17.92 2.51 -60.10
N ASP J 608 -18.97 3.19 -59.66
CA ASP J 608 -20.13 3.49 -60.50
C ASP J 608 -20.66 2.21 -61.16
N GLY J 609 -20.71 1.14 -60.38
CA GLY J 609 -21.22 -0.13 -60.85
C GLY J 609 -20.24 -0.96 -61.63
N THR J 610 -19.10 -0.41 -62.03
CA THR J 610 -18.07 -1.17 -62.73
C THR J 610 -17.18 -1.86 -61.72
N GLN J 611 -17.04 -3.18 -61.85
CA GLN J 611 -16.27 -3.95 -60.89
C GLN J 611 -14.78 -3.88 -61.27
N ARG J 612 -13.94 -3.67 -60.27
CA ARG J 612 -12.50 -3.61 -60.44
C ARG J 612 -11.82 -4.43 -59.35
N THR J 613 -10.70 -5.03 -59.70
CA THR J 613 -9.84 -5.71 -58.75
C THR J 613 -8.50 -5.01 -58.73
N VAL J 614 -8.09 -4.55 -57.55
CA VAL J 614 -6.90 -3.73 -57.40
C VAL J 614 -6.02 -4.33 -56.31
N GLN J 615 -4.72 -4.08 -56.42
CA GLN J 615 -3.77 -4.54 -55.42
C GLN J 615 -3.01 -3.35 -54.86
N CYS J 616 -2.79 -3.33 -53.55
CA CYS J 616 -2.00 -2.29 -52.90
C CYS J 616 -0.64 -2.88 -52.60
N LEU J 617 0.34 -2.60 -53.47
CA LEU J 617 1.64 -3.23 -53.34
C LEU J 617 2.47 -2.63 -52.21
N SER J 618 2.27 -1.35 -51.90
CA SER J 618 3.01 -0.71 -50.83
C SER J 618 2.46 0.69 -50.60
N ARG J 619 2.69 1.20 -49.40
CA ARG J 619 2.29 2.55 -49.06
C ARG J 619 3.21 3.06 -47.95
N GLU J 620 3.28 4.38 -47.81
CA GLU J 620 4.15 5.01 -46.84
C GLU J 620 3.41 6.15 -46.14
N ALA J 621 3.87 6.45 -44.93
CA ALA J 621 3.29 7.57 -44.20
C ALA J 621 3.46 8.88 -44.96
N GLY J 622 4.50 8.99 -45.78
CA GLY J 622 4.71 10.21 -46.54
C GLY J 622 3.59 10.48 -47.52
N GLY J 623 3.02 9.43 -48.11
CA GLY J 623 1.93 9.60 -49.06
C GLY J 623 2.09 8.78 -50.31
N ASN J 624 3.27 8.19 -50.51
CA ASN J 624 3.50 7.36 -51.68
C ASN J 624 2.66 6.08 -51.60
N MET J 625 2.20 5.63 -52.76
CA MET J 625 1.39 4.43 -52.83
C MET J 625 1.56 3.78 -54.19
N SER J 626 1.79 2.46 -54.20
CA SER J 626 1.89 1.69 -55.42
C SER J 626 0.63 0.84 -55.57
N ILE J 627 -0.09 1.03 -56.67
CA ILE J 627 -1.37 0.36 -56.88
C ILE J 627 -1.31 -0.39 -58.20
N GLN J 628 -1.60 -1.69 -58.14
CA GLN J 628 -1.80 -2.49 -59.34
C GLN J 628 -3.26 -2.37 -59.77
N PHE J 629 -3.46 -1.76 -60.93
CA PHE J 629 -4.76 -1.49 -61.52
C PHE J 629 -4.69 -1.88 -62.98
N LEU J 630 -5.65 -2.69 -63.44
CA LEU J 630 -5.68 -3.18 -64.81
C LEU J 630 -4.34 -3.79 -65.21
N GLY J 631 -3.69 -4.46 -64.24
CA GLY J 631 -2.46 -5.15 -64.49
C GLY J 631 -1.21 -4.30 -64.48
N THR J 632 -1.34 -2.98 -64.33
CA THR J 632 -0.19 -2.09 -64.33
C THR J 632 -0.03 -1.45 -62.96
N VAL J 633 1.23 -1.25 -62.57
CA VAL J 633 1.55 -0.69 -61.25
C VAL J 633 1.80 0.80 -61.41
N TYR J 634 0.94 1.60 -60.80
CA TYR J 634 1.04 3.06 -60.82
C TYR J 634 1.49 3.57 -59.46
N LYS J 635 2.39 4.55 -59.49
CA LYS J 635 2.88 5.20 -58.27
C LYS J 635 2.18 6.54 -58.14
N VAL J 636 1.40 6.69 -57.09
CA VAL J 636 0.70 7.94 -56.80
C VAL J 636 1.25 8.51 -55.50
N ASN J 637 1.12 9.83 -55.34
CA ASN J 637 1.50 10.49 -54.10
C ASN J 637 0.31 11.30 -53.60
N ILE J 638 -0.18 10.96 -52.42
CA ILE J 638 -1.39 11.58 -51.88
C ILE J 638 -1.01 12.43 -50.68
N LEU J 639 -1.43 13.70 -50.70
CA LEU J 639 -1.22 14.60 -49.58
C LEU J 639 -2.53 15.29 -49.26
N THR J 640 -2.67 15.74 -48.02
CA THR J 640 -3.79 16.62 -47.70
C THR J 640 -3.57 17.99 -48.34
N ARG J 641 -4.66 18.74 -48.47
CA ARG J 641 -4.56 20.04 -49.12
C ARG J 641 -3.58 20.95 -48.38
N LEU J 642 -3.68 21.00 -47.06
CA LEU J 642 -2.77 21.83 -46.29
C LEU J 642 -1.33 21.32 -46.41
N ALA J 643 -1.14 20.00 -46.35
CA ALA J 643 0.19 19.45 -46.52
C ALA J 643 0.75 19.76 -47.90
N ALA J 644 -0.10 19.64 -48.93
CA ALA J 644 0.35 19.98 -50.28
C ALA J 644 0.77 21.45 -50.36
N GLU J 645 -0.02 22.35 -49.77
CA GLU J 645 0.33 23.76 -49.79
C GLU J 645 1.66 24.00 -49.09
N LEU J 646 1.85 23.42 -47.91
CA LEU J 646 3.09 23.62 -47.17
C LEU J 646 4.28 22.96 -47.86
N ASN J 647 4.05 21.93 -48.67
CA ASN J 647 5.15 21.27 -49.36
C ASN J 647 5.86 22.18 -50.34
N LYS J 648 5.23 23.28 -50.75
CA LYS J 648 5.85 24.17 -51.73
C LYS J 648 7.11 24.83 -51.20
N PHE J 649 7.27 24.92 -49.89
CA PHE J 649 8.46 25.52 -49.29
C PHE J 649 9.62 24.56 -49.13
N MET J 650 9.42 23.28 -49.45
CA MET J 650 10.47 22.29 -49.32
C MET J 650 11.43 22.36 -50.50
N LEU J 651 12.73 22.29 -50.19
CA LEU J 651 13.75 22.37 -51.22
C LEU J 651 13.96 21.02 -51.88
N GLU J 652 14.06 21.03 -53.20
CA GLU J 652 14.37 19.81 -53.94
C GLU J 652 15.79 19.37 -53.61
N LYS J 653 15.95 18.10 -53.27
CA LYS J 653 17.24 17.58 -52.86
C LYS J 653 18.06 17.14 -54.06
N VAL J 654 19.37 16.98 -53.84
CA VAL J 654 20.28 16.63 -54.91
C VAL J 654 19.89 15.28 -55.50
N THR J 655 19.65 14.29 -54.65
CA THR J 655 19.21 12.94 -54.99
C THR J 655 20.28 12.13 -55.72
N GLU J 656 21.50 12.65 -55.86
CA GLU J 656 22.55 11.94 -56.59
C GLU J 656 23.06 10.77 -55.76
N ASP J 657 22.74 9.54 -56.19
CA ASP J 657 23.23 8.32 -55.53
C ASP J 657 23.38 7.24 -56.61
N THR J 658 24.61 7.13 -57.13
CA THR J 658 24.88 6.17 -58.19
C THR J 658 25.02 4.77 -57.62
N SER J 659 24.20 3.85 -58.12
CA SER J 659 24.26 2.44 -57.75
C SER J 659 25.10 1.61 -58.70
N SER J 660 25.70 2.25 -59.72
CA SER J 660 26.51 1.50 -60.68
C SER J 660 27.72 0.88 -60.01
N VAL J 661 28.38 1.62 -59.12
CA VAL J 661 29.57 1.11 -58.47
C VAL J 661 29.18 0.21 -57.31
N LEU J 662 29.80 -0.97 -57.25
CA LEU J 662 29.58 -1.93 -56.18
C LEU J 662 30.86 -2.08 -55.38
N ARG J 663 30.76 -1.87 -54.06
CA ARG J 663 31.90 -1.83 -53.17
C ARG J 663 31.72 -2.85 -52.05
N SER J 664 32.83 -3.15 -51.38
CA SER J 664 32.80 -4.13 -50.30
C SER J 664 32.16 -3.54 -49.05
N PRO J 665 31.17 -4.21 -48.46
CA PRO J 665 30.56 -3.67 -47.24
C PRO J 665 31.39 -3.88 -45.98
N MET J 666 32.06 -5.03 -45.88
CA MET J 666 32.80 -5.39 -44.68
C MET J 666 34.14 -6.00 -45.06
N PRO J 667 35.11 -5.97 -44.16
CA PRO J 667 36.39 -6.63 -44.44
C PRO J 667 36.21 -8.12 -44.59
N GLY J 668 37.03 -8.73 -45.46
CA GLY J 668 36.95 -10.15 -45.69
C GLY J 668 37.86 -10.55 -46.84
N VAL J 669 37.69 -11.79 -47.28
CA VAL J 669 38.46 -12.35 -48.37
C VAL J 669 37.50 -12.74 -49.49
N VAL J 670 37.83 -12.34 -50.72
CA VAL J 670 36.96 -12.61 -51.87
C VAL J 670 37.08 -14.09 -52.20
N VAL J 671 36.02 -14.85 -51.93
CA VAL J 671 36.02 -16.28 -52.23
C VAL J 671 36.00 -16.50 -53.74
N ALA J 672 35.12 -15.79 -54.44
CA ALA J 672 35.00 -15.95 -55.89
C ALA J 672 34.35 -14.71 -56.48
N VAL J 673 34.56 -14.53 -57.78
CA VAL J 673 33.94 -13.46 -58.55
C VAL J 673 33.18 -14.10 -59.70
N SER J 674 31.89 -13.79 -59.80
CA SER J 674 31.02 -14.44 -60.78
C SER J 674 30.82 -13.62 -62.05
N VAL J 675 31.46 -12.46 -62.18
CA VAL J 675 31.29 -11.61 -63.34
C VAL J 675 32.65 -11.19 -63.88
N LYS J 676 32.68 -10.90 -65.17
CA LYS J 676 33.86 -10.39 -65.86
C LYS J 676 33.43 -9.21 -66.71
N PRO J 677 34.37 -8.34 -67.10
CA PRO J 677 34.00 -7.17 -67.91
C PRO J 677 33.27 -7.60 -69.17
N GLY J 678 32.20 -6.86 -69.49
CA GLY J 678 31.36 -7.16 -70.63
C GLY J 678 30.24 -8.13 -70.37
N ASP J 679 30.18 -8.73 -69.18
CA ASP J 679 29.12 -9.66 -68.85
C ASP J 679 27.84 -8.91 -68.47
N ALA J 680 26.71 -9.57 -68.67
CA ALA J 680 25.40 -9.01 -68.35
C ALA J 680 24.98 -9.47 -66.97
N VAL J 681 24.59 -8.53 -66.12
CA VAL J 681 24.18 -8.80 -64.75
C VAL J 681 22.79 -8.25 -64.54
N ALA J 682 21.88 -9.10 -64.08
CA ALA J 682 20.54 -8.66 -63.72
C ALA J 682 20.52 -8.16 -62.29
N GLU J 683 19.59 -7.25 -62.00
CA GLU J 683 19.45 -6.72 -60.65
C GLU J 683 19.21 -7.85 -59.66
N GLY J 684 19.93 -7.81 -58.54
CA GLY J 684 19.87 -8.87 -57.57
C GLY J 684 20.74 -10.08 -57.88
N GLN J 685 21.52 -10.03 -58.95
CA GLN J 685 22.39 -11.13 -59.34
C GLN J 685 23.73 -10.98 -58.64
N GLU J 686 24.25 -12.08 -58.10
CA GLU J 686 25.50 -12.04 -57.37
C GLU J 686 26.65 -11.63 -58.28
N ILE J 687 27.48 -10.72 -57.79
CA ILE J 687 28.69 -10.30 -58.49
C ILE J 687 29.93 -10.96 -57.91
N CYS J 688 30.00 -11.04 -56.57
CA CYS J 688 31.12 -11.68 -55.89
C CYS J 688 30.66 -12.12 -54.52
N VAL J 689 31.45 -13.00 -53.90
CA VAL J 689 31.18 -13.51 -52.57
C VAL J 689 32.38 -13.17 -51.68
N ILE J 690 32.11 -12.63 -50.50
CA ILE J 690 33.14 -12.25 -49.55
C ILE J 690 32.95 -13.05 -48.28
N GLU J 691 34.03 -13.64 -47.78
CA GLU J 691 34.00 -14.48 -46.59
C GLU J 691 34.61 -13.71 -45.43
N ALA J 692 33.94 -13.75 -44.28
CA ALA J 692 34.42 -13.15 -43.04
C ALA J 692 33.77 -13.88 -41.88
N MET J 693 34.59 -14.46 -41.00
CA MET J 693 34.11 -15.24 -39.86
C MET J 693 33.30 -16.44 -40.34
N LYS J 694 33.76 -16.93 -41.56
CA LYS J 694 33.14 -18.09 -42.20
C LYS J 694 31.61 -17.95 -42.24
N MET J 695 31.06 -16.88 -43.05
CA MET J 695 29.65 -16.60 -43.29
C MET J 695 29.32 -16.44 -44.77
N GLN J 696 30.32 -16.49 -45.65
CA GLN J 696 30.11 -16.49 -47.09
C GLN J 696 29.15 -15.38 -47.51
N ASN J 697 29.52 -14.14 -47.17
CA ASN J 697 28.69 -13.01 -47.52
C ASN J 697 28.61 -12.83 -49.03
N SER J 698 27.44 -12.47 -49.52
CA SER J 698 27.19 -12.37 -50.95
C SER J 698 26.92 -10.93 -51.35
N MET J 699 27.62 -10.46 -52.37
CA MET J 699 27.39 -9.14 -52.94
C MET J 699 26.54 -9.26 -54.19
N THR J 700 25.52 -8.42 -54.30
CA THR J 700 24.56 -8.49 -55.39
C THR J 700 24.66 -7.24 -56.27
N ALA J 701 24.38 -7.43 -57.56
CA ALA J 701 24.39 -6.31 -58.49
C ALA J 701 23.28 -5.33 -58.15
N GLY J 702 23.62 -4.04 -58.18
CA GLY J 702 22.64 -3.02 -57.84
C GLY J 702 21.52 -2.92 -58.86
N LYS J 703 21.83 -3.14 -60.13
CA LYS J 703 20.85 -3.00 -61.20
C LYS J 703 21.28 -3.85 -62.38
N THR J 704 20.35 -4.08 -63.29
CA THR J 704 20.66 -4.79 -64.52
C THR J 704 21.63 -3.97 -65.37
N GLY J 705 22.63 -4.64 -65.92
CA GLY J 705 23.61 -3.94 -66.73
C GLY J 705 24.77 -4.85 -67.07
N THR J 706 25.89 -4.21 -67.42
CA THR J 706 27.10 -4.90 -67.81
C THR J 706 28.24 -4.50 -66.88
N VAL J 707 29.36 -5.21 -66.99
CA VAL J 707 30.51 -4.97 -66.13
C VAL J 707 31.49 -4.08 -66.89
N LYS J 708 31.52 -2.79 -66.55
CA LYS J 708 32.53 -1.90 -67.12
C LYS J 708 33.93 -2.34 -66.71
N SER J 709 34.10 -2.71 -65.44
CA SER J 709 35.40 -3.13 -64.96
C SER J 709 35.21 -3.93 -63.66
N VAL J 710 36.09 -4.92 -63.48
CA VAL J 710 36.14 -5.72 -62.26
C VAL J 710 37.44 -5.38 -61.54
N HIS J 711 37.31 -4.81 -60.34
CA HIS J 711 38.46 -4.35 -59.58
C HIS J 711 38.90 -5.34 -58.50
N CYS J 712 38.31 -6.53 -58.46
CA CYS J 712 38.60 -7.50 -57.43
C CYS J 712 38.95 -8.84 -58.04
N GLN J 713 39.72 -9.63 -57.28
CA GLN J 713 40.12 -10.96 -57.68
C GLN J 713 39.93 -11.92 -56.51
N ALA J 714 39.75 -13.20 -56.85
CA ALA J 714 39.57 -14.21 -55.82
C ALA J 714 40.82 -14.33 -54.95
N GLY J 715 40.62 -14.52 -53.66
CA GLY J 715 41.71 -14.64 -52.72
C GLY J 715 42.31 -13.35 -52.24
N ASP J 716 41.74 -12.20 -52.61
CA ASP J 716 42.25 -10.90 -52.21
C ASP J 716 41.50 -10.41 -50.99
N THR J 717 42.25 -9.89 -50.01
CA THR J 717 41.66 -9.40 -48.76
C THR J 717 41.15 -7.98 -48.98
N VAL J 718 39.84 -7.85 -49.20
CA VAL J 718 39.24 -6.54 -49.41
C VAL J 718 38.90 -5.90 -48.08
N GLY J 719 38.66 -4.59 -48.11
CA GLY J 719 38.28 -3.85 -46.94
C GLY J 719 36.98 -3.10 -47.17
N GLU J 720 36.40 -2.60 -46.07
CA GLU J 720 35.14 -1.88 -46.16
C GLU J 720 35.31 -0.63 -47.01
N GLY J 721 34.26 -0.30 -47.76
CA GLY J 721 34.32 0.86 -48.64
C GLY J 721 35.36 0.73 -49.73
N ASP J 722 35.57 -0.47 -50.24
CA ASP J 722 36.53 -0.74 -51.30
C ASP J 722 35.79 -1.10 -52.58
N LEU J 723 36.13 -0.43 -53.67
CA LEU J 723 35.46 -0.70 -54.95
C LEU J 723 35.69 -2.15 -55.36
N LEU J 724 34.60 -2.83 -55.73
CA LEU J 724 34.66 -4.21 -56.18
C LEU J 724 34.37 -4.36 -57.67
N VAL J 725 33.36 -3.64 -58.18
CA VAL J 725 32.98 -3.74 -59.59
C VAL J 725 32.31 -2.45 -60.02
N GLU J 726 32.27 -2.23 -61.33
CA GLU J 726 31.57 -1.08 -61.91
C GLU J 726 30.55 -1.59 -62.92
N LEU J 727 29.35 -1.02 -62.85
CA LEU J 727 28.29 -1.30 -63.81
C LEU J 727 27.94 -0.02 -64.56
N GLU J 728 27.54 -0.16 -65.82
CA GLU J 728 27.18 1.00 -66.62
C GLU J 728 25.92 1.66 -66.06
N THR K 33 19.60 -40.13 -41.16
CA THR K 33 18.38 -39.35 -41.38
C THR K 33 18.59 -37.89 -41.00
N SER K 34 17.87 -37.00 -41.66
CA SER K 34 17.98 -35.58 -41.37
C SER K 34 17.33 -35.25 -40.03
N VAL K 35 17.59 -34.04 -39.55
CA VAL K 35 17.01 -33.60 -38.27
C VAL K 35 15.50 -33.58 -38.35
N ASN K 36 14.97 -33.10 -39.49
CA ASN K 36 13.52 -33.04 -39.64
C ASN K 36 12.89 -34.41 -39.44
N GLU K 37 13.42 -35.43 -40.12
CA GLU K 37 12.83 -36.77 -40.03
C GLU K 37 12.86 -37.29 -38.60
N ARG K 38 13.97 -37.06 -37.90
CA ARG K 38 14.01 -37.43 -36.49
C ARG K 38 12.95 -36.68 -35.70
N ILE K 39 12.64 -35.46 -36.12
CA ILE K 39 11.58 -34.70 -35.45
C ILE K 39 10.23 -35.39 -35.64
N GLU K 40 9.91 -35.77 -36.88
CA GLU K 40 8.64 -36.48 -37.08
C GLU K 40 8.63 -37.79 -36.29
N ASN K 41 9.77 -38.49 -36.27
CA ASN K 41 9.82 -39.75 -35.54
C ASN K 41 9.52 -39.54 -34.06
N LYS K 42 10.13 -38.50 -33.47
CA LYS K 42 9.88 -38.22 -32.06
C LYS K 42 8.43 -37.79 -31.82
N ARG K 43 7.86 -36.97 -32.72
CA ARG K 43 6.47 -36.59 -32.58
C ARG K 43 5.57 -37.81 -32.59
N ARG K 44 5.77 -38.70 -33.57
CA ARG K 44 4.94 -39.89 -33.69
C ARG K 44 5.09 -40.79 -32.48
N THR K 45 6.33 -40.98 -32.01
CA THR K 45 6.53 -41.82 -30.82
C THR K 45 5.85 -41.21 -29.60
N ALA K 46 5.98 -39.90 -29.42
CA ALA K 46 5.37 -39.26 -28.26
C ALA K 46 3.85 -39.37 -28.30
N LEU K 47 3.26 -39.21 -29.49
CA LEU K 47 1.80 -39.29 -29.59
C LEU K 47 1.27 -40.65 -29.17
N LEU K 48 2.08 -41.69 -29.22
CA LEU K 48 1.66 -43.03 -28.83
C LEU K 48 1.99 -43.36 -27.38
N GLY K 49 2.70 -42.48 -26.69
CA GLY K 49 3.01 -42.75 -25.29
C GLY K 49 3.89 -43.98 -25.15
N GLY K 50 3.40 -44.96 -24.41
CA GLY K 50 4.13 -46.16 -24.10
C GLY K 50 4.01 -47.28 -25.12
N GLY K 51 3.38 -47.05 -26.25
CA GLY K 51 3.25 -48.07 -27.27
C GLY K 51 1.81 -48.50 -27.47
N GLN K 52 1.55 -49.06 -28.66
CA GLN K 52 0.19 -49.44 -29.02
C GLN K 52 -0.33 -50.57 -28.15
N ARG K 53 0.52 -51.55 -27.83
CA ARG K 53 0.08 -52.64 -26.96
C ARG K 53 -0.29 -52.12 -25.58
N ARG K 54 0.50 -51.18 -25.05
CA ARG K 54 0.13 -50.57 -23.78
C ARG K 54 -1.20 -49.84 -23.87
N ILE K 55 -1.44 -49.15 -25.00
CA ILE K 55 -2.71 -48.45 -25.18
C ILE K 55 -3.86 -49.44 -25.20
N ASP K 56 -3.68 -50.57 -25.88
CA ASP K 56 -4.73 -51.58 -25.91
C ASP K 56 -4.99 -52.13 -24.51
N ALA K 57 -3.93 -52.41 -23.76
CA ALA K 57 -4.10 -52.88 -22.39
C ALA K 57 -4.87 -51.85 -21.56
N GLN K 58 -4.56 -50.58 -21.75
CA GLN K 58 -5.29 -49.51 -21.07
C GLN K 58 -6.77 -49.56 -21.43
N HIS K 59 -7.05 -49.70 -22.73
CA HIS K 59 -8.44 -49.68 -23.19
C HIS K 59 -9.23 -50.86 -22.65
N LYS K 60 -8.64 -52.06 -22.63
CA LYS K 60 -9.37 -53.23 -22.13
C LYS K 60 -9.72 -53.08 -20.66
N ARG K 61 -8.98 -52.28 -19.91
CA ARG K 61 -9.38 -51.98 -18.54
C ARG K 61 -10.59 -51.05 -18.49
N GLY K 62 -11.01 -50.49 -19.61
CA GLY K 62 -12.09 -49.53 -19.62
C GLY K 62 -11.65 -48.10 -19.39
N LYS K 63 -10.37 -47.79 -19.64
CA LYS K 63 -9.82 -46.47 -19.39
C LYS K 63 -9.33 -45.86 -20.69
N LEU K 64 -9.40 -44.54 -20.77
CA LEU K 64 -8.89 -43.80 -21.91
C LEU K 64 -7.43 -43.43 -21.70
N THR K 65 -6.74 -43.15 -22.79
CA THR K 65 -5.38 -42.65 -22.70
C THR K 65 -5.38 -41.17 -22.29
N ALA K 66 -4.21 -40.69 -21.89
CA ALA K 66 -4.12 -39.31 -21.42
C ALA K 66 -4.52 -38.32 -22.51
N ARG K 67 -4.02 -38.54 -23.73
CA ARG K 67 -4.32 -37.60 -24.81
C ARG K 67 -5.80 -37.65 -25.19
N GLU K 68 -6.41 -38.83 -25.16
CA GLU K 68 -7.84 -38.92 -25.40
C GLU K 68 -8.63 -38.16 -24.34
N ARG K 69 -8.21 -38.28 -23.08
CA ARG K 69 -8.88 -37.53 -22.02
C ARG K 69 -8.76 -36.04 -22.24
N ILE K 70 -7.57 -35.57 -22.61
CA ILE K 70 -7.40 -34.14 -22.88
C ILE K 70 -8.28 -33.71 -24.03
N SER K 71 -8.34 -34.52 -25.09
CA SER K 71 -9.19 -34.18 -26.23
C SER K 71 -10.65 -34.06 -25.81
N LEU K 72 -11.12 -34.98 -24.97
CA LEU K 72 -12.51 -34.91 -24.51
C LEU K 72 -12.74 -33.69 -23.62
N LEU K 73 -11.77 -33.32 -22.81
CA LEU K 73 -12.00 -32.27 -21.82
C LEU K 73 -12.02 -30.87 -22.44
N LEU K 74 -11.13 -30.60 -23.38
CA LEU K 74 -10.92 -29.25 -23.88
C LEU K 74 -11.78 -28.98 -25.10
N ASP K 75 -11.94 -27.69 -25.41
CA ASP K 75 -12.63 -27.29 -26.63
C ASP K 75 -11.86 -27.79 -27.84
N PRO K 76 -12.55 -28.26 -28.89
CA PRO K 76 -11.84 -28.81 -30.04
C PRO K 76 -10.87 -27.80 -30.63
N GLY K 77 -9.67 -28.28 -30.95
CA GLY K 77 -8.68 -27.44 -31.58
C GLY K 77 -8.09 -26.36 -30.71
N SER K 78 -8.27 -26.43 -29.40
CA SER K 78 -7.77 -25.40 -28.49
C SER K 78 -6.56 -25.85 -27.68
N PHE K 79 -6.22 -27.14 -27.71
CA PHE K 79 -5.13 -27.63 -26.87
C PHE K 79 -3.79 -27.23 -27.46
N VAL K 80 -2.99 -26.53 -26.66
CA VAL K 80 -1.60 -26.23 -26.98
C VAL K 80 -0.74 -26.99 -25.97
N GLU K 81 0.06 -27.91 -26.48
CA GLU K 81 0.89 -28.76 -25.63
C GLU K 81 2.24 -28.12 -25.36
N SER K 82 2.84 -28.47 -24.23
CA SER K 82 4.13 -27.94 -23.85
C SER K 82 5.05 -29.09 -23.44
N ASP K 83 6.31 -29.01 -23.87
CA ASP K 83 7.34 -29.97 -23.45
C ASP K 83 7.05 -31.37 -23.96
N MET K 84 6.81 -31.49 -25.27
CA MET K 84 6.57 -32.80 -25.85
C MET K 84 7.81 -33.67 -25.80
N PHE K 85 8.99 -33.07 -26.04
CA PHE K 85 10.22 -33.83 -26.20
C PHE K 85 11.01 -34.01 -24.92
N VAL K 86 10.48 -33.57 -23.78
CA VAL K 86 11.18 -33.72 -22.52
C VAL K 86 11.30 -35.19 -22.18
N GLU K 87 12.50 -35.61 -21.78
CA GLU K 87 12.76 -36.99 -21.41
C GLU K 87 13.47 -37.05 -20.05
N HIS K 88 13.30 -38.17 -19.37
CA HIS K 88 13.92 -38.34 -18.07
C HIS K 88 15.44 -38.43 -18.23
N ARG K 89 16.15 -38.02 -17.17
CA ARG K 89 17.61 -37.98 -17.19
C ARG K 89 18.23 -39.01 -16.25
N CYS K 90 17.47 -40.01 -15.83
CA CYS K 90 18.02 -41.04 -14.96
C CYS K 90 19.04 -41.88 -15.71
N ALA K 91 20.11 -42.27 -15.02
CA ALA K 91 21.19 -43.04 -15.61
C ALA K 91 21.52 -44.30 -14.82
N ASP K 92 20.66 -44.69 -13.88
CA ASP K 92 20.91 -45.85 -13.02
C ASP K 92 20.02 -47.01 -13.44
N PHE K 93 20.49 -48.22 -13.10
CA PHE K 93 19.72 -49.45 -13.35
C PHE K 93 19.33 -49.56 -14.82
N GLY K 94 20.26 -49.20 -15.71
CA GLY K 94 20.00 -49.31 -17.13
C GLY K 94 18.90 -48.40 -17.63
N MET K 95 18.58 -47.34 -16.90
CA MET K 95 17.54 -46.42 -17.34
C MET K 95 17.97 -45.55 -18.52
N ALA K 96 19.27 -45.52 -18.82
CA ALA K 96 19.76 -44.72 -19.93
C ALA K 96 19.68 -45.43 -21.28
N ALA K 97 19.23 -46.69 -21.29
CA ALA K 97 19.08 -47.41 -22.55
C ALA K 97 18.01 -46.76 -23.41
N ASP K 98 18.22 -46.81 -24.73
CA ASP K 98 17.29 -46.17 -25.64
C ASP K 98 15.87 -46.70 -25.48
N LYS K 99 15.72 -47.98 -25.14
CA LYS K 99 14.39 -48.54 -24.94
C LYS K 99 13.72 -48.00 -23.69
N ASN K 100 14.44 -47.31 -22.82
CA ASN K 100 13.88 -46.72 -21.61
C ASN K 100 13.68 -45.21 -21.76
N LYS K 101 13.84 -44.68 -22.96
CA LYS K 101 13.66 -43.24 -23.21
C LYS K 101 12.33 -43.03 -23.93
N PHE K 102 11.44 -42.27 -23.30
CA PHE K 102 10.14 -41.94 -23.87
C PHE K 102 9.99 -40.43 -23.95
N PRO K 103 9.77 -39.86 -25.13
CA PRO K 103 9.51 -38.42 -25.21
C PRO K 103 8.21 -38.07 -24.49
N GLY K 104 8.29 -37.10 -23.59
CA GLY K 104 7.15 -36.72 -22.79
C GLY K 104 7.19 -37.28 -21.38
N ASP K 105 7.61 -38.54 -21.27
CA ASP K 105 7.88 -39.19 -19.98
C ASP K 105 6.63 -39.18 -19.08
N SER K 106 5.61 -39.86 -19.57
CA SER K 106 4.46 -40.26 -18.76
C SER K 106 3.64 -39.09 -18.23
N VAL K 107 3.62 -37.96 -18.92
CA VAL K 107 2.71 -36.88 -18.56
C VAL K 107 2.58 -35.93 -19.74
N VAL K 108 1.36 -35.51 -20.01
CA VAL K 108 1.06 -34.58 -21.08
C VAL K 108 0.52 -33.31 -20.46
N THR K 109 1.18 -32.18 -20.74
CA THR K 109 0.84 -30.92 -20.10
C THR K 109 0.63 -29.85 -21.16
N GLY K 110 -0.24 -28.90 -20.84
CA GLY K 110 -0.46 -27.80 -21.75
C GLY K 110 -1.60 -26.92 -21.28
N ARG K 111 -2.12 -26.13 -22.22
CA ARG K 111 -3.23 -25.25 -21.94
C ARG K 111 -4.32 -25.43 -22.99
N GLY K 112 -5.50 -24.96 -22.67
CA GLY K 112 -6.62 -25.05 -23.57
C GLY K 112 -7.73 -24.13 -23.13
N ARG K 113 -8.90 -24.32 -23.74
CA ARG K 113 -10.06 -23.52 -23.41
C ARG K 113 -11.27 -24.43 -23.16
N ILE K 114 -12.04 -24.07 -22.14
CA ILE K 114 -13.32 -24.69 -21.87
C ILE K 114 -14.38 -23.62 -22.02
N ASN K 115 -15.27 -23.80 -22.99
CA ASN K 115 -16.31 -22.82 -23.29
C ASN K 115 -15.70 -21.43 -23.49
N GLY K 116 -14.49 -21.40 -24.04
CA GLY K 116 -13.82 -20.16 -24.35
C GLY K 116 -12.96 -19.59 -23.24
N ARG K 117 -12.95 -20.18 -22.06
CA ARG K 117 -12.16 -19.69 -20.95
C ARG K 117 -10.87 -20.48 -20.83
N LEU K 118 -9.77 -19.76 -20.56
CA LEU K 118 -8.46 -20.36 -20.51
C LEU K 118 -8.32 -21.30 -19.32
N VAL K 119 -7.57 -22.38 -19.50
CA VAL K 119 -7.29 -23.33 -18.43
C VAL K 119 -5.99 -24.03 -18.72
N TYR K 120 -5.32 -24.47 -17.67
CA TYR K 120 -4.08 -25.24 -17.78
C TYR K 120 -4.34 -26.65 -17.27
N VAL K 121 -3.82 -27.64 -17.98
CA VAL K 121 -4.16 -29.03 -17.73
C VAL K 121 -2.91 -29.89 -17.79
N PHE K 122 -2.86 -30.90 -16.92
CA PHE K 122 -1.89 -31.97 -17.02
C PHE K 122 -2.59 -33.30 -16.84
N SER K 123 -2.17 -34.29 -17.62
CA SER K 123 -2.77 -35.62 -17.59
C SER K 123 -1.64 -36.64 -17.49
N GLN K 124 -1.74 -37.54 -16.51
CA GLN K 124 -0.70 -38.53 -16.29
C GLN K 124 -0.90 -39.73 -17.20
N ASP K 125 0.19 -40.19 -17.80
CA ASP K 125 0.15 -41.27 -18.81
C ASP K 125 0.56 -42.57 -18.14
N PHE K 126 -0.42 -43.44 -17.91
CA PHE K 126 -0.16 -44.70 -17.22
C PHE K 126 0.67 -45.67 -18.05
N THR K 127 0.72 -45.50 -19.37
CA THR K 127 1.40 -46.45 -20.23
C THR K 127 2.92 -46.27 -20.24
N VAL K 128 3.44 -45.22 -19.62
CA VAL K 128 4.88 -44.97 -19.57
C VAL K 128 5.33 -45.23 -18.14
N PHE K 129 6.03 -46.34 -17.93
CA PHE K 129 6.54 -46.69 -16.61
C PHE K 129 5.41 -46.69 -15.57
N GLY K 130 4.24 -47.16 -15.98
CA GLY K 130 3.10 -47.17 -15.09
C GLY K 130 2.69 -45.81 -14.61
N GLY K 131 3.06 -44.75 -15.32
CA GLY K 131 2.74 -43.40 -14.89
C GLY K 131 3.52 -42.93 -13.69
N SER K 132 4.64 -43.57 -13.38
CA SER K 132 5.42 -43.20 -12.21
C SER K 132 5.98 -41.79 -12.37
N LEU K 133 6.11 -41.10 -11.24
CA LEU K 133 6.56 -39.71 -11.25
C LEU K 133 8.08 -39.67 -11.20
N SER K 134 8.68 -38.98 -12.16
CA SER K 134 10.12 -38.80 -12.24
C SER K 134 10.45 -37.32 -12.17
N GLY K 135 11.74 -37.00 -12.32
CA GLY K 135 12.16 -35.61 -12.30
C GLY K 135 11.52 -34.80 -13.41
N ALA K 136 11.53 -35.34 -14.63
CA ALA K 136 10.93 -34.61 -15.76
C ALA K 136 9.43 -34.46 -15.60
N HIS K 137 8.77 -35.50 -15.07
CA HIS K 137 7.33 -35.42 -14.84
C HIS K 137 6.99 -34.25 -13.92
N ALA K 138 7.64 -34.19 -12.76
CA ALA K 138 7.41 -33.09 -11.84
C ALA K 138 7.81 -31.76 -12.44
N GLN K 139 8.89 -31.75 -13.23
CA GLN K 139 9.31 -30.50 -13.86
C GLN K 139 8.24 -29.95 -14.79
N LYS K 140 7.65 -30.82 -15.61
CA LYS K 140 6.60 -30.38 -16.52
C LYS K 140 5.38 -29.88 -15.75
N ILE K 141 4.97 -30.62 -14.71
CA ILE K 141 3.82 -30.19 -13.93
C ILE K 141 4.09 -28.84 -13.29
N CYS K 142 5.28 -28.65 -12.74
CA CYS K 142 5.62 -27.39 -12.10
C CYS K 142 5.67 -26.26 -13.11
N LYS K 143 6.14 -26.53 -14.33
CA LYS K 143 6.16 -25.49 -15.35
C LYS K 143 4.73 -25.02 -15.65
N ILE K 144 3.81 -25.96 -15.85
CA ILE K 144 2.45 -25.52 -16.17
C ILE K 144 1.82 -24.81 -14.98
N MET K 145 2.09 -25.29 -13.76
CA MET K 145 1.54 -24.62 -12.58
C MET K 145 2.06 -23.19 -12.46
N ASP K 146 3.36 -23.00 -12.69
CA ASP K 146 3.93 -21.65 -12.64
C ASP K 146 3.32 -20.76 -13.70
N GLN K 147 3.13 -21.29 -14.92
CA GLN K 147 2.48 -20.49 -15.96
C GLN K 147 1.08 -20.08 -15.55
N ALA K 148 0.31 -21.02 -15.00
CA ALA K 148 -1.06 -20.73 -14.61
C ALA K 148 -1.09 -19.67 -13.51
N ILE K 149 -0.21 -19.78 -12.52
CA ILE K 149 -0.16 -18.77 -11.47
C ILE K 149 0.26 -17.43 -12.04
N THR K 150 1.17 -17.43 -13.02
CA THR K 150 1.62 -16.16 -13.60
C THR K 150 0.48 -15.45 -14.32
N VAL K 151 -0.32 -16.18 -15.09
CA VAL K 151 -1.42 -15.54 -15.81
C VAL K 151 -2.72 -15.51 -15.02
N GLY K 152 -2.86 -16.36 -14.01
CA GLY K 152 -4.08 -16.37 -13.22
C GLY K 152 -5.20 -17.17 -13.84
N ALA K 153 -4.95 -18.44 -14.10
CA ALA K 153 -5.95 -19.35 -14.66
C ALA K 153 -5.99 -20.64 -13.87
N PRO K 154 -7.11 -21.34 -13.87
CA PRO K 154 -7.22 -22.57 -13.07
C PRO K 154 -6.33 -23.67 -13.61
N VAL K 155 -6.12 -24.69 -12.78
CA VAL K 155 -5.33 -25.85 -13.12
C VAL K 155 -6.18 -27.10 -12.90
N ILE K 156 -6.17 -28.00 -13.88
CA ILE K 156 -6.87 -29.27 -13.81
C ILE K 156 -5.86 -30.40 -13.98
N GLY K 157 -5.89 -31.34 -13.07
CA GLY K 157 -4.98 -32.48 -13.13
C GLY K 157 -5.70 -33.80 -13.19
N LEU K 158 -5.48 -34.56 -14.26
CA LEU K 158 -6.01 -35.91 -14.42
C LEU K 158 -4.96 -36.88 -13.92
N ASN K 159 -5.24 -37.53 -12.79
CA ASN K 159 -4.25 -38.31 -12.07
C ASN K 159 -4.43 -39.79 -12.38
N ASP K 160 -3.38 -40.42 -12.90
CA ASP K 160 -3.35 -41.87 -13.09
C ASP K 160 -1.87 -42.28 -13.05
N SER K 161 -1.42 -42.74 -11.90
CA SER K 161 0.01 -43.00 -11.71
C SER K 161 0.20 -44.01 -10.59
N GLY K 162 1.14 -44.93 -10.79
CA GLY K 162 1.44 -45.89 -9.75
C GLY K 162 2.07 -45.26 -8.52
N GLY K 163 2.97 -44.32 -8.74
CA GLY K 163 3.65 -43.66 -7.63
C GLY K 163 4.99 -43.10 -8.09
N ALA K 164 5.91 -43.02 -7.14
CA ALA K 164 7.24 -42.50 -7.41
C ALA K 164 8.05 -43.51 -8.24
N ARG K 165 8.90 -42.98 -9.13
CA ARG K 165 9.79 -43.82 -9.92
C ARG K 165 10.97 -44.20 -9.04
N ILE K 166 10.97 -45.44 -8.57
CA ILE K 166 11.97 -45.89 -7.60
C ILE K 166 13.37 -45.76 -8.18
N GLN K 167 13.52 -45.95 -9.49
CA GLN K 167 14.84 -45.88 -10.11
C GLN K 167 15.50 -44.52 -9.93
N GLU K 168 14.71 -43.45 -9.79
CA GLU K 168 15.26 -42.11 -9.58
C GLU K 168 15.44 -41.77 -8.12
N GLY K 169 15.07 -42.68 -7.22
CA GLY K 169 15.34 -42.48 -5.80
C GLY K 169 14.87 -41.14 -5.30
N VAL K 170 15.72 -40.52 -4.48
CA VAL K 170 15.37 -39.25 -3.85
C VAL K 170 14.89 -38.23 -4.86
N GLU K 171 15.37 -38.31 -6.10
CA GLU K 171 14.95 -37.34 -7.11
C GLU K 171 13.42 -37.25 -7.15
N SER K 172 12.76 -38.41 -7.27
CA SER K 172 11.31 -38.39 -7.34
C SER K 172 10.72 -37.65 -6.14
N LEU K 173 11.20 -37.97 -4.94
CA LEU K 173 10.70 -37.29 -3.75
C LEU K 173 10.77 -35.78 -3.94
N ALA K 174 11.94 -35.27 -4.35
CA ALA K 174 12.06 -33.83 -4.55
C ALA K 174 10.95 -33.32 -5.45
N GLY K 175 10.73 -33.96 -6.59
CA GLY K 175 9.70 -33.50 -7.49
C GLY K 175 8.36 -33.38 -6.80
N TYR K 176 7.99 -34.41 -6.03
CA TYR K 176 6.72 -34.35 -5.32
C TYR K 176 6.64 -33.10 -4.47
N ALA K 177 7.69 -32.83 -3.69
CA ALA K 177 7.68 -31.63 -2.86
C ALA K 177 7.53 -30.38 -3.72
N ASP K 178 8.25 -30.33 -4.84
CA ASP K 178 8.13 -29.17 -5.72
C ASP K 178 6.69 -28.95 -6.13
N ILE K 179 5.94 -30.02 -6.37
CA ILE K 179 4.52 -29.86 -6.66
C ILE K 179 3.77 -29.38 -5.42
N PHE K 180 4.00 -30.05 -4.29
CA PHE K 180 3.25 -29.73 -3.08
C PHE K 180 3.34 -28.25 -2.76
N LEU K 181 4.56 -27.73 -2.70
CA LEU K 181 4.74 -26.32 -2.39
C LEU K 181 3.88 -25.45 -3.32
N ARG K 182 3.96 -25.71 -4.63
CA ARG K 182 3.20 -24.88 -5.55
C ARG K 182 1.72 -24.96 -5.24
N ASN K 183 1.20 -26.15 -4.96
CA ASN K 183 -0.18 -26.26 -4.55
C ASN K 183 -0.48 -25.31 -3.41
N VAL K 184 0.34 -25.37 -2.35
CA VAL K 184 0.11 -24.52 -1.20
C VAL K 184 0.25 -23.06 -1.59
N THR K 185 1.16 -22.74 -2.51
CA THR K 185 1.28 -21.35 -2.93
C THR K 185 0.10 -20.92 -3.76
N ALA K 186 -0.53 -21.84 -4.49
CA ALA K 186 -1.66 -21.49 -5.33
C ALA K 186 -2.99 -21.52 -4.59
N SER K 187 -3.03 -22.09 -3.39
CA SER K 187 -4.28 -22.18 -2.66
C SER K 187 -4.85 -20.80 -2.42
N GLY K 188 -6.09 -20.58 -2.83
CA GLY K 188 -6.75 -19.30 -2.69
C GLY K 188 -6.40 -18.29 -3.76
N VAL K 189 -5.53 -18.63 -4.70
CA VAL K 189 -5.15 -17.74 -5.79
C VAL K 189 -5.81 -18.14 -7.10
N ILE K 190 -5.71 -19.41 -7.47
CA ILE K 190 -6.38 -19.94 -8.65
C ILE K 190 -7.04 -21.25 -8.28
N PRO K 191 -8.24 -21.54 -8.76
CA PRO K 191 -8.87 -22.82 -8.44
C PRO K 191 -8.04 -23.98 -8.98
N GLN K 192 -8.01 -25.06 -8.20
CA GLN K 192 -7.29 -26.27 -8.58
C GLN K 192 -8.25 -27.45 -8.49
N ILE K 193 -8.31 -28.26 -9.54
CA ILE K 193 -9.23 -29.40 -9.60
C ILE K 193 -8.44 -30.65 -9.94
N SER K 194 -8.75 -31.73 -9.23
CA SER K 194 -8.12 -33.01 -9.44
C SER K 194 -9.17 -34.05 -9.81
N LEU K 195 -8.88 -34.85 -10.83
CA LEU K 195 -9.75 -35.94 -11.25
C LEU K 195 -8.93 -37.23 -11.21
N ILE K 196 -9.25 -38.10 -10.25
CA ILE K 196 -8.54 -39.38 -10.11
C ILE K 196 -9.18 -40.37 -11.08
N MET K 197 -8.41 -40.80 -12.07
CA MET K 197 -8.93 -41.66 -13.12
C MET K 197 -8.21 -42.99 -13.20
N GLY K 198 -7.40 -43.32 -12.20
CA GLY K 198 -6.69 -44.58 -12.19
C GLY K 198 -6.05 -44.84 -10.85
N PRO K 199 -5.12 -45.79 -10.79
CA PRO K 199 -4.40 -46.04 -9.55
C PRO K 199 -3.65 -44.80 -9.09
N CYS K 200 -3.62 -44.59 -7.77
CA CYS K 200 -2.91 -43.46 -7.19
C CYS K 200 -2.54 -43.83 -5.77
N ALA K 201 -1.26 -44.11 -5.54
CA ALA K 201 -0.79 -44.61 -4.26
C ALA K 201 0.46 -43.85 -3.83
N GLY K 202 0.71 -43.88 -2.52
CA GLY K 202 1.88 -43.24 -1.97
C GLY K 202 1.73 -41.73 -1.88
N GLY K 203 2.87 -41.04 -1.80
CA GLY K 203 2.87 -39.61 -1.64
C GLY K 203 2.09 -38.88 -2.72
N ALA K 204 1.95 -39.49 -3.89
CA ALA K 204 1.19 -38.85 -4.97
C ALA K 204 -0.23 -38.52 -4.54
N VAL K 205 -0.78 -39.24 -3.57
CA VAL K 205 -2.15 -38.96 -3.12
C VAL K 205 -2.27 -37.61 -2.43
N TYR K 206 -1.16 -37.04 -1.96
CA TYR K 206 -1.26 -35.82 -1.17
C TYR K 206 -1.52 -34.59 -2.03
N SER K 207 -1.00 -34.55 -3.25
CA SER K 207 -1.27 -33.39 -4.12
C SER K 207 -2.76 -33.20 -4.35
N PRO K 208 -3.54 -34.21 -4.73
CA PRO K 208 -4.99 -34.01 -4.83
C PRO K 208 -5.61 -33.54 -3.54
N ALA K 209 -5.11 -34.00 -2.40
CA ALA K 209 -5.69 -33.59 -1.12
C ALA K 209 -5.52 -32.09 -0.89
N LEU K 210 -4.48 -31.49 -1.46
CA LEU K 210 -4.25 -30.07 -1.30
C LEU K 210 -5.05 -29.22 -2.27
N THR K 211 -5.66 -29.82 -3.29
CA THR K 211 -6.45 -29.06 -4.23
C THR K 211 -7.84 -28.79 -3.67
N ASP K 212 -8.58 -27.92 -4.37
CA ASP K 212 -9.88 -27.49 -3.89
C ASP K 212 -10.93 -28.59 -3.99
N PHE K 213 -10.97 -29.31 -5.10
CA PHE K 213 -11.97 -30.34 -5.32
C PHE K 213 -11.34 -31.57 -5.94
N THR K 214 -11.80 -32.73 -5.51
CA THR K 214 -11.32 -34.01 -6.00
C THR K 214 -12.50 -34.83 -6.49
N PHE K 215 -12.40 -35.32 -7.72
CA PHE K 215 -13.41 -36.18 -8.31
C PHE K 215 -12.80 -37.53 -8.65
N MET K 216 -13.64 -38.57 -8.60
CA MET K 216 -13.17 -39.93 -8.76
C MET K 216 -14.05 -40.66 -9.77
N VAL K 217 -13.43 -41.60 -10.48
CA VAL K 217 -14.13 -42.44 -11.44
C VAL K 217 -14.37 -43.81 -10.79
N LYS K 218 -15.59 -44.31 -10.91
CA LYS K 218 -15.96 -45.53 -10.24
C LYS K 218 -15.26 -46.75 -10.84
N ASP K 219 -14.76 -47.62 -9.98
CA ASP K 219 -14.33 -48.96 -10.36
C ASP K 219 -12.98 -48.99 -11.07
N THR K 220 -12.40 -47.82 -11.36
CA THR K 220 -11.11 -47.78 -12.03
C THR K 220 -10.11 -46.84 -11.38
N SER K 221 -10.47 -46.17 -10.30
CA SER K 221 -9.57 -45.27 -9.59
C SER K 221 -9.63 -45.54 -8.10
N TYR K 222 -8.51 -45.29 -7.43
CA TYR K 222 -8.46 -45.47 -5.98
C TYR K 222 -7.33 -44.64 -5.41
N LEU K 223 -7.44 -44.35 -4.11
CA LEU K 223 -6.46 -43.54 -3.40
C LEU K 223 -6.12 -44.20 -2.09
N PHE K 224 -4.83 -44.42 -1.84
CA PHE K 224 -4.38 -44.89 -0.54
C PHE K 224 -2.87 -44.70 -0.45
N ILE K 225 -2.39 -44.40 0.76
CA ILE K 225 -0.96 -44.22 0.98
C ILE K 225 -0.25 -45.57 0.88
N THR K 226 -0.81 -46.60 1.50
CA THR K 226 -0.21 -47.92 1.50
C THR K 226 -1.18 -48.91 0.88
N GLY K 227 -0.65 -49.82 0.07
CA GLY K 227 -1.46 -50.79 -0.63
C GLY K 227 -1.96 -51.91 0.27
N PRO K 228 -2.86 -52.74 -0.25
CA PRO K 228 -3.43 -53.82 0.58
C PRO K 228 -2.40 -54.81 1.07
N ASP K 229 -1.33 -55.08 0.31
CA ASP K 229 -0.35 -56.06 0.72
C ASP K 229 0.34 -55.64 2.01
N VAL K 230 0.76 -54.38 2.09
CA VAL K 230 1.40 -53.89 3.31
C VAL K 230 0.40 -53.90 4.47
N VAL K 231 -0.86 -53.58 4.20
CA VAL K 231 -1.86 -53.62 5.25
C VAL K 231 -1.97 -55.03 5.82
N LYS K 232 -2.04 -56.04 4.94
CA LYS K 232 -2.12 -57.41 5.40
C LYS K 232 -0.87 -57.80 6.19
N SER K 233 0.30 -57.41 5.69
CA SER K 233 1.54 -57.78 6.34
C SER K 233 1.68 -57.17 7.73
N VAL K 234 1.22 -55.93 7.89
CA VAL K 234 1.44 -55.22 9.16
C VAL K 234 0.30 -55.45 10.15
N THR K 235 -0.94 -55.19 9.73
CA THR K 235 -2.09 -55.27 10.63
C THR K 235 -2.90 -56.55 10.47
N ASN K 236 -2.49 -57.45 9.58
CA ASN K 236 -3.19 -58.72 9.38
C ASN K 236 -4.65 -58.49 9.00
N GLU K 237 -4.87 -57.57 8.07
CA GLU K 237 -6.21 -57.26 7.57
C GLU K 237 -6.30 -57.64 6.11
N ASP K 238 -7.42 -58.26 5.73
CA ASP K 238 -7.66 -58.64 4.34
C ASP K 238 -8.60 -57.63 3.70
N VAL K 239 -8.11 -56.95 2.66
CA VAL K 239 -8.90 -55.94 1.97
C VAL K 239 -8.42 -55.88 0.52
N THR K 240 -9.32 -55.51 -0.37
CA THR K 240 -9.00 -55.33 -1.78
C THR K 240 -8.70 -53.86 -2.06
N GLN K 241 -8.21 -53.60 -3.27
CA GLN K 241 -7.93 -52.21 -3.64
C GLN K 241 -9.21 -51.37 -3.62
N GLU K 242 -10.31 -51.92 -4.13
CA GLU K 242 -11.56 -51.18 -4.13
C GLU K 242 -12.02 -50.86 -2.72
N GLU K 243 -11.95 -51.85 -1.82
CA GLU K 243 -12.35 -51.59 -0.44
C GLU K 243 -11.42 -50.60 0.24
N LEU K 244 -10.12 -50.70 -0.02
CA LEU K 244 -9.16 -49.83 0.67
C LEU K 244 -9.31 -48.38 0.20
N GLY K 245 -9.34 -48.16 -1.11
CA GLY K 245 -9.33 -46.80 -1.61
C GLY K 245 -10.22 -46.54 -2.81
N GLY K 246 -11.28 -47.33 -2.96
CA GLY K 246 -12.18 -47.17 -4.08
C GLY K 246 -12.94 -45.86 -4.02
N ALA K 247 -13.57 -45.53 -5.15
CA ALA K 247 -14.33 -44.29 -5.23
C ALA K 247 -15.46 -44.26 -4.21
N LYS K 248 -16.15 -45.38 -4.03
CA LYS K 248 -17.23 -45.43 -3.04
C LYS K 248 -16.71 -45.17 -1.63
N THR K 249 -15.56 -45.74 -1.29
CA THR K 249 -14.99 -45.55 0.04
C THR K 249 -14.68 -44.09 0.30
N HIS K 250 -14.08 -43.42 -0.68
CA HIS K 250 -13.67 -42.03 -0.51
C HIS K 250 -14.80 -41.04 -0.77
N THR K 251 -15.96 -41.49 -1.25
CA THR K 251 -17.10 -40.63 -1.43
C THR K 251 -18.20 -40.85 -0.40
N THR K 252 -18.12 -41.92 0.40
CA THR K 252 -19.13 -42.19 1.39
C THR K 252 -18.60 -42.36 2.81
N MET K 253 -17.32 -42.68 2.98
CA MET K 253 -16.77 -42.96 4.30
C MET K 253 -15.71 -41.96 4.73
N SER K 254 -14.66 -41.78 3.95
CA SER K 254 -13.52 -40.98 4.37
C SER K 254 -13.72 -39.49 4.16
N GLY K 255 -14.71 -39.09 3.37
CA GLY K 255 -14.89 -37.68 3.08
C GLY K 255 -13.70 -37.05 2.39
N VAL K 256 -13.03 -37.80 1.52
CA VAL K 256 -11.87 -37.30 0.80
C VAL K 256 -12.23 -36.82 -0.60
N ALA K 257 -13.11 -37.55 -1.29
CA ALA K 257 -13.54 -37.19 -2.62
C ALA K 257 -14.88 -36.46 -2.57
N HIS K 258 -15.12 -35.63 -3.57
CA HIS K 258 -16.33 -34.82 -3.62
C HIS K 258 -17.41 -35.41 -4.53
N ARG K 259 -17.04 -36.15 -5.56
CA ARG K 259 -18.00 -36.74 -6.46
C ARG K 259 -17.40 -37.98 -7.11
N ALA K 260 -18.26 -38.92 -7.44
CA ALA K 260 -17.88 -40.14 -8.15
C ALA K 260 -18.68 -40.21 -9.45
N PHE K 261 -18.01 -40.58 -10.53
CA PHE K 261 -18.62 -40.63 -11.84
C PHE K 261 -18.50 -42.03 -12.43
N GLU K 262 -19.39 -42.33 -13.37
CA GLU K 262 -19.49 -43.69 -13.90
C GLU K 262 -18.31 -44.03 -14.81
N ASN K 263 -17.93 -43.11 -15.69
CA ASN K 263 -16.96 -43.40 -16.73
C ASN K 263 -16.02 -42.22 -16.89
N ASP K 264 -14.97 -42.43 -17.69
CA ASP K 264 -14.10 -41.33 -18.06
C ASP K 264 -14.87 -40.28 -18.86
N VAL K 265 -15.70 -40.72 -19.80
CA VAL K 265 -16.45 -39.78 -20.62
C VAL K 265 -17.44 -38.99 -19.77
N ASP K 266 -18.21 -39.70 -18.94
CA ASP K 266 -19.15 -39.03 -18.05
C ASP K 266 -18.42 -38.09 -17.10
N ALA K 267 -17.30 -38.54 -16.55
CA ALA K 267 -16.54 -37.70 -15.63
C ALA K 267 -16.06 -36.43 -16.32
N LEU K 268 -15.57 -36.54 -17.55
CA LEU K 268 -15.06 -35.37 -18.25
C LEU K 268 -16.18 -34.40 -18.60
N CYS K 269 -17.33 -34.92 -19.03
CA CYS K 269 -18.46 -34.04 -19.32
C CYS K 269 -18.88 -33.28 -18.06
N ASN K 270 -19.02 -34.01 -16.95
CA ASN K 270 -19.39 -33.34 -15.71
C ASN K 270 -18.31 -32.38 -15.25
N LEU K 271 -17.05 -32.67 -15.55
CA LEU K 271 -15.97 -31.76 -15.18
C LEU K 271 -16.08 -30.46 -15.94
N ARG K 272 -16.38 -30.52 -17.24
CA ARG K 272 -16.62 -29.29 -17.99
C ARG K 272 -17.77 -28.50 -17.39
N ASP K 273 -18.88 -29.20 -17.12
CA ASP K 273 -20.04 -28.53 -16.53
C ASP K 273 -19.66 -27.83 -15.23
N PHE K 274 -18.94 -28.53 -14.37
CA PHE K 274 -18.54 -27.96 -13.09
C PHE K 274 -17.60 -26.77 -13.28
N PHE K 275 -16.64 -26.90 -14.18
CA PHE K 275 -15.70 -25.81 -14.42
C PHE K 275 -16.42 -24.55 -14.87
N ASN K 276 -17.56 -24.70 -15.55
CA ASN K 276 -18.29 -23.51 -15.98
C ASN K 276 -18.63 -22.60 -14.82
N TYR K 277 -18.74 -23.13 -13.60
CA TYR K 277 -19.19 -22.32 -12.47
C TYR K 277 -18.10 -21.38 -11.95
N LEU K 278 -16.85 -21.82 -11.94
CA LEU K 278 -15.82 -21.17 -11.16
C LEU K 278 -15.27 -19.93 -11.87
N PRO K 279 -14.80 -18.96 -11.08
CA PRO K 279 -14.01 -17.87 -11.67
C PRO K 279 -12.59 -18.33 -11.96
N LEU K 280 -11.94 -17.61 -12.86
CA LEU K 280 -10.60 -18.01 -13.29
C LEU K 280 -9.55 -17.78 -12.20
N SER K 281 -9.73 -16.78 -11.35
CA SER K 281 -8.78 -16.50 -10.28
C SER K 281 -9.50 -15.72 -9.20
N SER K 282 -8.82 -15.53 -8.07
CA SER K 282 -9.38 -14.77 -6.97
C SER K 282 -9.44 -13.28 -7.25
N GLN K 283 -8.84 -12.81 -8.34
CA GLN K 283 -8.97 -11.42 -8.73
C GLN K 283 -10.26 -11.12 -9.48
N ASP K 284 -11.02 -12.14 -9.83
CA ASP K 284 -12.22 -11.94 -10.63
C ASP K 284 -13.47 -12.17 -9.79
N PRO K 285 -14.56 -11.50 -10.11
CA PRO K 285 -15.82 -11.75 -9.40
C PRO K 285 -16.43 -13.09 -9.81
N ALA K 286 -17.51 -13.44 -9.14
CA ALA K 286 -18.22 -14.67 -9.48
C ALA K 286 -18.71 -14.59 -10.92
N PRO K 287 -18.54 -15.64 -11.72
CA PRO K 287 -18.99 -15.60 -13.10
C PRO K 287 -20.48 -15.33 -13.20
N VAL K 288 -20.85 -14.52 -14.19
CA VAL K 288 -22.25 -14.23 -14.48
C VAL K 288 -22.47 -14.52 -15.96
N ARG K 289 -23.42 -15.40 -16.25
CA ARG K 289 -23.71 -15.80 -17.61
C ARG K 289 -25.14 -15.41 -17.98
N GLU K 290 -25.47 -15.62 -19.25
CA GLU K 290 -26.80 -15.27 -19.74
C GLU K 290 -27.86 -16.10 -19.03
N CYS K 291 -28.92 -15.44 -18.58
CA CYS K 291 -29.96 -16.06 -17.78
C CYS K 291 -31.32 -15.85 -18.44
N HIS K 292 -32.15 -16.90 -18.44
CA HIS K 292 -33.51 -16.82 -18.95
C HIS K 292 -34.56 -16.91 -17.86
N ASP K 293 -34.25 -17.50 -16.72
CA ASP K 293 -35.21 -17.61 -15.63
C ASP K 293 -35.44 -16.24 -15.01
N PRO K 294 -36.68 -15.74 -14.99
CA PRO K 294 -36.92 -14.42 -14.40
C PRO K 294 -36.49 -14.39 -12.94
N SER K 295 -35.89 -13.28 -12.54
CA SER K 295 -35.43 -13.13 -11.17
C SER K 295 -36.57 -12.90 -10.19
N ASP K 296 -37.74 -12.54 -10.67
CA ASP K 296 -38.91 -12.30 -9.82
C ASP K 296 -39.92 -13.43 -9.88
N ARG K 297 -39.55 -14.57 -10.45
CA ARG K 297 -40.47 -15.70 -10.53
C ARG K 297 -40.92 -16.11 -9.14
N LEU K 298 -42.23 -16.32 -8.98
CA LEU K 298 -42.77 -16.77 -7.71
C LEU K 298 -42.64 -18.28 -7.58
N VAL K 299 -42.64 -18.74 -6.33
CA VAL K 299 -42.53 -20.17 -6.04
C VAL K 299 -43.64 -20.55 -5.08
N PRO K 300 -44.89 -20.62 -5.54
CA PRO K 300 -45.99 -20.93 -4.62
C PRO K 300 -45.89 -22.29 -3.97
N GLU K 301 -45.16 -23.23 -4.59
CA GLU K 301 -45.06 -24.57 -4.04
C GLU K 301 -44.39 -24.60 -2.67
N LEU K 302 -43.69 -23.55 -2.29
CA LEU K 302 -43.01 -23.52 -1.01
C LEU K 302 -43.90 -23.07 0.14
N ASP K 303 -45.12 -22.59 -0.15
CA ASP K 303 -45.96 -22.04 0.89
C ASP K 303 -46.43 -23.10 1.89
N THR K 304 -46.39 -24.38 1.51
CA THR K 304 -46.84 -25.45 2.39
C THR K 304 -45.83 -26.59 2.48
N ILE K 305 -44.58 -26.34 2.06
CA ILE K 305 -43.58 -27.41 2.07
C ILE K 305 -43.22 -27.82 3.49
N VAL K 306 -43.18 -26.87 4.42
CA VAL K 306 -42.76 -27.13 5.79
C VAL K 306 -43.97 -27.61 6.58
N PRO K 307 -43.95 -28.84 7.11
CA PRO K 307 -45.07 -29.30 7.94
C PRO K 307 -45.18 -28.50 9.21
N LEU K 308 -46.42 -28.32 9.68
CA LEU K 308 -46.63 -27.58 10.92
C LEU K 308 -46.08 -28.33 12.12
N GLU K 309 -46.29 -29.65 12.18
CA GLU K 309 -45.81 -30.44 13.31
C GLU K 309 -44.30 -30.63 13.18
N SER K 310 -43.56 -30.22 14.21
CA SER K 310 -42.11 -30.28 14.18
C SER K 310 -41.57 -31.71 14.20
N THR K 311 -42.43 -32.71 14.24
CA THR K 311 -42.00 -34.10 14.24
C THR K 311 -41.97 -34.73 12.85
N LYS K 312 -42.27 -33.97 11.81
CA LYS K 312 -42.24 -34.48 10.45
C LYS K 312 -41.17 -33.74 9.64
N ALA K 313 -40.45 -34.49 8.83
CA ALA K 313 -39.35 -33.94 8.05
C ALA K 313 -39.78 -33.66 6.62
N TYR K 314 -38.99 -32.82 5.95
CA TYR K 314 -39.17 -32.53 4.53
C TYR K 314 -37.80 -32.58 3.86
N ASN K 315 -37.79 -32.37 2.56
CA ASN K 315 -36.56 -32.41 1.79
C ASN K 315 -36.14 -30.99 1.41
N MET K 316 -35.03 -30.54 2.00
CA MET K 316 -34.52 -29.21 1.69
C MET K 316 -34.07 -29.09 0.25
N VAL K 317 -33.69 -30.21 -0.38
CA VAL K 317 -33.27 -30.17 -1.77
C VAL K 317 -34.42 -29.70 -2.66
N ASP K 318 -35.66 -30.01 -2.29
CA ASP K 318 -36.79 -29.51 -3.06
C ASP K 318 -36.85 -27.98 -3.01
N ILE K 319 -36.64 -27.41 -1.83
CA ILE K 319 -36.61 -25.94 -1.71
C ILE K 319 -35.48 -25.37 -2.55
N ILE K 320 -34.30 -25.99 -2.48
CA ILE K 320 -33.16 -25.49 -3.24
C ILE K 320 -33.46 -25.53 -4.73
N HIS K 321 -34.04 -26.64 -5.21
CA HIS K 321 -34.38 -26.75 -6.62
C HIS K 321 -35.38 -25.68 -7.02
N SER K 322 -36.38 -25.43 -6.18
CA SER K 322 -37.39 -24.44 -6.52
C SER K 322 -36.78 -23.04 -6.60
N VAL K 323 -35.86 -22.72 -5.70
CA VAL K 323 -35.39 -21.34 -5.61
C VAL K 323 -34.39 -20.99 -6.71
N VAL K 324 -33.52 -21.92 -7.09
CA VAL K 324 -32.40 -21.61 -7.97
C VAL K 324 -32.85 -21.51 -9.42
N ASP K 325 -31.99 -20.97 -10.27
CA ASP K 325 -32.32 -20.81 -11.68
C ASP K 325 -32.47 -22.17 -12.36
N GLU K 326 -33.57 -22.33 -13.10
CA GLU K 326 -33.81 -23.51 -13.92
C GLU K 326 -33.76 -24.80 -13.10
N ARG K 327 -33.85 -24.72 -11.78
CA ARG K 327 -33.87 -25.89 -10.92
C ARG K 327 -32.59 -26.72 -11.07
N GLU K 328 -31.48 -26.07 -11.40
CA GLU K 328 -30.22 -26.74 -11.64
C GLU K 328 -29.32 -26.57 -10.42
N PHE K 329 -28.80 -27.69 -9.91
CA PHE K 329 -28.02 -27.69 -8.69
C PHE K 329 -26.92 -28.73 -8.80
N PHE K 330 -25.67 -28.28 -8.68
CA PHE K 330 -24.51 -29.18 -8.69
C PHE K 330 -24.13 -29.46 -7.25
N GLU K 331 -24.48 -30.64 -6.76
CA GLU K 331 -24.27 -30.96 -5.35
C GLU K 331 -22.86 -31.49 -5.13
N ILE K 332 -22.30 -31.17 -3.95
CA ILE K 332 -20.96 -31.60 -3.56
C ILE K 332 -21.10 -32.59 -2.42
N MET K 333 -20.38 -33.70 -2.51
CA MET K 333 -20.46 -34.78 -1.54
C MET K 333 -21.92 -35.20 -1.32
N PRO K 334 -22.65 -35.54 -2.38
CA PRO K 334 -24.07 -35.87 -2.21
C PRO K 334 -24.30 -37.09 -1.32
N ASN K 335 -23.35 -38.01 -1.26
CA ASN K 335 -23.55 -39.27 -0.54
C ASN K 335 -22.77 -39.33 0.77
N TYR K 336 -22.20 -38.22 1.22
CA TYR K 336 -21.41 -38.19 2.44
C TYR K 336 -21.97 -37.12 3.36
N ALA K 337 -22.19 -37.49 4.62
CA ALA K 337 -22.74 -36.58 5.62
C ALA K 337 -24.00 -35.90 5.08
N LYS K 338 -25.01 -36.72 4.83
CA LYS K 338 -26.21 -36.26 4.15
C LYS K 338 -27.07 -35.33 4.99
N ASN K 339 -26.78 -35.18 6.29
CA ASN K 339 -27.56 -34.26 7.10
C ASN K 339 -27.31 -32.80 6.75
N ILE K 340 -26.32 -32.50 5.92
CA ILE K 340 -26.10 -31.16 5.41
C ILE K 340 -25.94 -31.23 3.90
N ILE K 341 -26.28 -30.14 3.23
CA ILE K 341 -26.27 -30.07 1.77
C ILE K 341 -25.44 -28.87 1.36
N VAL K 342 -24.49 -29.08 0.46
CA VAL K 342 -23.67 -28.01 -0.10
C VAL K 342 -23.59 -28.19 -1.60
N GLY K 343 -23.54 -27.08 -2.32
CA GLY K 343 -23.44 -27.19 -3.76
C GLY K 343 -23.34 -25.83 -4.42
N PHE K 344 -23.29 -25.87 -5.75
CA PHE K 344 -23.23 -24.69 -6.60
C PHE K 344 -24.51 -24.56 -7.39
N ALA K 345 -24.97 -23.32 -7.56
CA ALA K 345 -26.14 -23.04 -8.37
C ALA K 345 -25.97 -21.64 -8.97
N ARG K 346 -27.01 -21.15 -9.63
CA ARG K 346 -26.99 -19.82 -10.20
C ARG K 346 -28.26 -19.08 -9.83
N MET K 347 -28.11 -17.82 -9.46
CA MET K 347 -29.23 -16.91 -9.24
C MET K 347 -29.09 -15.75 -10.21
N ASN K 348 -30.08 -15.58 -11.08
CA ASN K 348 -30.03 -14.53 -12.09
C ASN K 348 -28.76 -14.63 -12.92
N GLY K 349 -28.27 -15.85 -13.12
CA GLY K 349 -27.07 -16.09 -13.90
C GLY K 349 -25.77 -15.97 -13.15
N ARG K 350 -25.81 -15.58 -11.89
CA ARG K 350 -24.59 -15.41 -11.09
C ARG K 350 -24.37 -16.65 -10.25
N THR K 351 -23.14 -17.16 -10.25
CA THR K 351 -22.80 -18.33 -9.47
C THR K 351 -22.97 -18.06 -7.98
N VAL K 352 -23.57 -19.02 -7.27
CA VAL K 352 -23.76 -18.92 -5.84
C VAL K 352 -23.50 -20.29 -5.21
N GLY K 353 -23.10 -20.25 -3.94
CA GLY K 353 -22.92 -21.46 -3.16
C GLY K 353 -24.07 -21.63 -2.18
N ILE K 354 -24.58 -22.85 -2.12
CA ILE K 354 -25.76 -23.18 -1.31
C ILE K 354 -25.32 -24.09 -0.18
N VAL K 355 -25.68 -23.71 1.04
CA VAL K 355 -25.49 -24.52 2.24
C VAL K 355 -26.83 -24.61 2.96
N GLY K 356 -27.24 -25.82 3.32
CA GLY K 356 -28.52 -25.99 3.98
C GLY K 356 -28.60 -27.21 4.87
N ASN K 357 -29.36 -27.11 5.96
CA ASN K 357 -29.61 -28.27 6.80
C ASN K 357 -30.59 -29.21 6.11
N GLN K 358 -30.43 -30.51 6.38
CA GLN K 358 -31.30 -31.52 5.78
C GLN K 358 -32.12 -32.19 6.86
N PRO K 359 -33.35 -31.76 7.13
CA PRO K 359 -34.15 -32.42 8.17
C PRO K 359 -34.46 -33.87 7.85
N LYS K 360 -34.38 -34.26 6.58
CA LYS K 360 -34.71 -35.63 6.19
C LYS K 360 -33.72 -36.65 6.74
N VAL K 361 -32.53 -36.22 7.15
CA VAL K 361 -31.51 -37.12 7.65
C VAL K 361 -31.09 -36.69 9.04
N ALA K 362 -31.24 -37.58 10.01
CA ALA K 362 -30.79 -37.33 11.38
C ALA K 362 -31.35 -36.02 11.93
N SER K 363 -32.59 -35.71 11.56
CA SER K 363 -33.31 -34.53 12.02
C SER K 363 -32.61 -33.23 11.65
N GLY K 364 -31.61 -33.29 10.77
CA GLY K 364 -30.87 -32.09 10.42
C GLY K 364 -29.89 -31.61 11.45
N CYS K 365 -29.53 -32.45 12.42
CA CYS K 365 -28.58 -32.07 13.45
C CYS K 365 -27.16 -32.03 12.88
N LEU K 366 -26.39 -31.06 13.34
CA LEU K 366 -24.99 -30.97 12.95
C LEU K 366 -24.16 -32.03 13.67
N ASP K 367 -23.03 -32.37 13.06
CA ASP K 367 -22.11 -33.33 13.64
C ASP K 367 -20.72 -33.09 13.05
N ILE K 368 -19.82 -34.04 13.25
CA ILE K 368 -18.43 -33.86 12.84
C ILE K 368 -18.31 -33.79 11.32
N ASN K 369 -18.73 -34.86 10.64
CA ASN K 369 -18.54 -34.93 9.20
C ASN K 369 -19.27 -33.80 8.48
N SER K 370 -20.51 -33.55 8.87
CA SER K 370 -21.26 -32.46 8.25
C SER K 370 -20.59 -31.12 8.51
N SER K 371 -20.08 -30.92 9.73
CA SER K 371 -19.41 -29.66 10.03
C SER K 371 -18.20 -29.46 9.13
N VAL K 372 -17.37 -30.48 8.95
CA VAL K 372 -16.19 -30.33 8.10
C VAL K 372 -16.61 -30.09 6.66
N LYS K 373 -17.59 -30.86 6.18
CA LYS K 373 -18.05 -30.74 4.80
C LYS K 373 -18.55 -29.33 4.51
N GLY K 374 -19.36 -28.78 5.41
CA GLY K 374 -19.82 -27.42 5.23
C GLY K 374 -18.71 -26.40 5.34
N ALA K 375 -17.81 -26.59 6.30
CA ALA K 375 -16.78 -25.59 6.57
C ALA K 375 -15.86 -25.41 5.38
N ARG K 376 -15.36 -26.50 4.81
CA ARG K 376 -14.42 -26.33 3.72
C ARG K 376 -15.09 -25.71 2.50
N PHE K 377 -16.33 -26.11 2.21
CA PHE K 377 -17.04 -25.52 1.08
C PHE K 377 -17.25 -24.03 1.29
N VAL K 378 -17.63 -23.63 2.49
CA VAL K 378 -17.84 -22.21 2.77
C VAL K 378 -16.53 -21.45 2.60
N ARG K 379 -15.43 -22.00 3.10
CA ARG K 379 -14.15 -21.33 2.97
C ARG K 379 -13.76 -21.17 1.51
N PHE K 380 -13.95 -22.21 0.70
CA PHE K 380 -13.64 -22.09 -0.72
C PHE K 380 -14.48 -21.02 -1.38
N CYS K 381 -15.79 -21.02 -1.10
CA CYS K 381 -16.66 -20.02 -1.71
C CYS K 381 -16.22 -18.61 -1.34
N ASP K 382 -15.88 -18.39 -0.06
CA ASP K 382 -15.43 -17.08 0.35
C ASP K 382 -14.12 -16.70 -0.33
N ALA K 383 -13.20 -17.66 -0.48
CA ALA K 383 -11.90 -17.34 -1.03
C ALA K 383 -11.99 -16.80 -2.45
N PHE K 384 -12.99 -17.24 -3.21
CA PHE K 384 -13.09 -16.88 -4.62
C PHE K 384 -14.29 -16.00 -4.92
N ASN K 385 -14.81 -15.29 -3.92
CA ASN K 385 -15.80 -14.24 -4.13
C ASN K 385 -17.14 -14.77 -4.61
N ILE K 386 -17.55 -15.94 -4.14
CA ILE K 386 -18.83 -16.53 -4.51
C ILE K 386 -19.82 -16.29 -3.37
N PRO K 387 -20.94 -15.64 -3.63
CA PRO K 387 -21.91 -15.38 -2.55
C PRO K 387 -22.49 -16.67 -1.99
N LEU K 388 -22.91 -16.61 -0.74
CA LEU K 388 -23.40 -17.76 -0.01
C LEU K 388 -24.87 -17.57 0.36
N ILE K 389 -25.66 -18.62 0.16
CA ILE K 389 -27.05 -18.69 0.57
C ILE K 389 -27.22 -19.88 1.49
N THR K 390 -27.83 -19.66 2.64
CA THR K 390 -27.98 -20.67 3.67
C THR K 390 -29.45 -20.88 4.00
N PHE K 391 -29.84 -22.14 4.14
CA PHE K 391 -31.18 -22.51 4.58
C PHE K 391 -31.06 -23.21 5.92
N VAL K 392 -31.71 -22.68 6.94
CA VAL K 392 -31.47 -23.07 8.32
C VAL K 392 -32.69 -23.82 8.85
N ASP K 393 -32.49 -25.09 9.21
CA ASP K 393 -33.44 -25.85 10.01
C ASP K 393 -32.62 -26.86 10.81
N VAL K 394 -32.27 -26.48 12.04
CA VAL K 394 -31.34 -27.27 12.84
C VAL K 394 -31.77 -27.27 14.29
N PRO K 395 -31.98 -28.43 14.90
CA PRO K 395 -32.39 -28.47 16.31
C PRO K 395 -31.20 -28.41 17.26
N GLY K 396 -30.02 -28.80 16.78
CA GLY K 396 -28.84 -28.79 17.62
C GLY K 396 -27.79 -29.71 17.04
N PHE K 397 -26.87 -30.14 17.91
CA PHE K 397 -25.78 -31.02 17.53
C PHE K 397 -26.09 -32.45 17.95
N LEU K 398 -25.56 -33.39 17.20
CA LEU K 398 -25.80 -34.80 17.47
C LEU K 398 -25.14 -35.17 18.81
N PRO K 399 -25.89 -35.77 19.74
CA PRO K 399 -25.30 -36.14 21.02
C PRO K 399 -24.76 -37.56 21.03
N GLY K 400 -24.02 -37.87 22.06
CA GLY K 400 -23.44 -39.19 22.26
C GLY K 400 -21.95 -39.11 22.58
N THR K 401 -21.43 -40.20 23.12
CA THR K 401 -20.01 -40.24 23.45
C THR K 401 -19.14 -40.33 22.21
N ALA K 402 -19.67 -40.90 21.12
CA ALA K 402 -18.89 -40.99 19.89
C ALA K 402 -18.56 -39.60 19.36
N GLN K 403 -19.52 -38.69 19.40
CA GLN K 403 -19.29 -37.34 18.91
C GLN K 403 -18.32 -36.58 19.81
N GLU K 404 -18.45 -36.75 21.13
CA GLU K 404 -17.56 -36.04 22.06
C GLU K 404 -16.14 -36.55 21.96
N TYR K 405 -15.96 -37.87 21.96
CA TYR K 405 -14.62 -38.44 21.86
C TYR K 405 -13.99 -38.15 20.52
N GLY K 406 -14.79 -37.92 19.48
CA GLY K 406 -14.29 -37.58 18.18
C GLY K 406 -13.90 -36.13 18.01
N GLY K 407 -14.11 -35.30 19.01
CA GLY K 407 -13.73 -33.91 18.94
C GLY K 407 -14.78 -33.05 18.26
N ILE K 408 -16.05 -33.29 18.58
CA ILE K 408 -17.12 -32.52 17.96
C ILE K 408 -16.95 -31.03 18.22
N ILE K 409 -16.33 -30.66 19.34
CA ILE K 409 -16.21 -29.25 19.68
C ILE K 409 -15.39 -28.51 18.61
N ARG K 410 -14.21 -29.03 18.30
CA ARG K 410 -13.35 -28.34 17.33
C ARG K 410 -13.93 -28.43 15.92
N HIS K 411 -14.52 -29.56 15.57
CA HIS K 411 -15.09 -29.68 14.23
C HIS K 411 -16.25 -28.72 14.03
N GLY K 412 -17.12 -28.56 15.02
CA GLY K 412 -18.18 -27.56 14.92
C GLY K 412 -17.63 -26.14 14.89
N ALA K 413 -16.60 -25.89 15.71
CA ALA K 413 -15.93 -24.60 15.66
C ALA K 413 -15.41 -24.32 14.25
N LYS K 414 -15.04 -25.37 13.52
CA LYS K 414 -14.58 -25.18 12.14
C LYS K 414 -15.65 -24.47 11.31
N LEU K 415 -16.87 -25.01 11.31
CA LEU K 415 -17.94 -24.40 10.51
C LEU K 415 -18.30 -23.01 11.03
N LEU K 416 -18.34 -22.86 12.36
CA LEU K 416 -18.64 -21.54 12.91
C LEU K 416 -17.62 -20.51 12.46
N TYR K 417 -16.34 -20.87 12.52
CA TYR K 417 -15.28 -19.98 12.06
C TYR K 417 -15.41 -19.71 10.57
N ALA K 418 -15.76 -20.73 9.79
CA ALA K 418 -15.90 -20.53 8.36
C ALA K 418 -16.94 -19.47 8.05
N PHE K 419 -18.11 -19.56 8.68
CA PHE K 419 -19.10 -18.50 8.46
C PHE K 419 -18.63 -17.15 8.98
N ALA K 420 -18.03 -17.13 10.19
CA ALA K 420 -17.64 -15.84 10.76
C ALA K 420 -16.59 -15.14 9.92
N GLU K 421 -15.70 -15.89 9.29
CA GLU K 421 -14.59 -15.31 8.54
C GLU K 421 -15.01 -14.77 7.19
N ALA K 422 -16.05 -15.34 6.58
CA ALA K 422 -16.40 -15.01 5.21
C ALA K 422 -16.75 -13.53 5.08
N THR K 423 -16.32 -12.92 3.97
CA THR K 423 -16.61 -11.54 3.67
C THR K 423 -17.42 -11.38 2.38
N VAL K 424 -17.77 -12.48 1.72
CA VAL K 424 -18.65 -12.43 0.55
C VAL K 424 -20.06 -12.18 1.04
N PRO K 425 -20.98 -11.74 0.17
CA PRO K 425 -22.37 -11.58 0.61
C PRO K 425 -22.93 -12.87 1.16
N LYS K 426 -23.65 -12.78 2.27
CA LYS K 426 -24.25 -13.93 2.92
C LYS K 426 -25.74 -13.66 3.11
N VAL K 427 -26.57 -14.55 2.59
CA VAL K 427 -28.01 -14.46 2.74
C VAL K 427 -28.50 -15.72 3.44
N THR K 428 -29.28 -15.55 4.50
CA THR K 428 -29.76 -16.65 5.31
C THR K 428 -31.27 -16.64 5.36
N VAL K 429 -31.87 -17.83 5.25
CA VAL K 429 -33.31 -18.00 5.36
C VAL K 429 -33.59 -19.10 6.37
N ILE K 430 -34.39 -18.78 7.38
CA ILE K 430 -34.76 -19.74 8.41
C ILE K 430 -36.13 -20.29 8.06
N THR K 431 -36.20 -21.58 7.78
CA THR K 431 -37.46 -22.22 7.45
C THR K 431 -38.16 -22.78 8.68
N ARG K 432 -37.41 -23.29 9.64
CA ARG K 432 -37.97 -23.85 10.86
C ARG K 432 -37.02 -23.69 12.04
N LYS K 433 -37.20 -24.51 13.06
CA LYS K 433 -36.47 -24.42 14.31
C LYS K 433 -35.00 -24.09 14.11
N ALA K 434 -34.46 -23.24 14.99
CA ALA K 434 -33.03 -22.94 15.04
C ALA K 434 -32.68 -22.75 16.52
N TYR K 435 -32.07 -23.76 17.12
CA TYR K 435 -31.96 -23.85 18.57
C TYR K 435 -30.50 -23.72 19.02
N GLY K 436 -30.29 -22.87 20.04
CA GLY K 436 -29.02 -22.86 20.73
C GLY K 436 -27.87 -22.38 19.87
N GLY K 437 -26.67 -22.91 20.15
CA GLY K 437 -25.49 -22.52 19.42
C GLY K 437 -25.52 -22.88 17.95
N ALA K 438 -26.34 -23.88 17.57
CA ALA K 438 -26.48 -24.21 16.17
C ALA K 438 -27.02 -23.02 15.38
N TYR K 439 -27.94 -22.25 15.98
CA TYR K 439 -28.43 -21.04 15.31
C TYR K 439 -27.28 -20.06 15.07
N ASP K 440 -26.41 -19.89 16.07
CA ASP K 440 -25.26 -19.00 15.90
C ASP K 440 -24.36 -19.50 14.79
N VAL K 441 -24.11 -20.81 14.73
CA VAL K 441 -23.16 -21.35 13.77
C VAL K 441 -23.65 -21.11 12.35
N MET K 442 -24.93 -21.34 12.10
CA MET K 442 -25.48 -21.29 10.74
C MET K 442 -25.66 -19.84 10.29
N SER K 443 -24.53 -19.15 10.19
CA SER K 443 -24.46 -17.83 9.57
C SER K 443 -25.48 -16.87 10.18
N SER K 444 -25.56 -16.87 11.51
CA SER K 444 -26.44 -15.93 12.17
C SER K 444 -26.03 -14.50 11.84
N LYS K 445 -27.00 -13.57 11.94
CA LYS K 445 -26.71 -12.18 11.63
C LYS K 445 -25.59 -11.63 12.51
N HIS K 446 -25.40 -12.21 13.69
CA HIS K 446 -24.38 -11.74 14.61
C HIS K 446 -22.97 -12.07 14.13
N LEU K 447 -22.83 -12.94 13.14
CA LEU K 447 -21.56 -13.21 12.48
C LEU K 447 -21.29 -12.23 11.35
N CYS K 448 -21.91 -11.05 11.39
CA CYS K 448 -21.75 -10.04 10.36
C CYS K 448 -22.44 -10.48 9.07
N GLY K 449 -23.55 -11.19 9.21
CA GLY K 449 -24.35 -11.55 8.05
C GLY K 449 -25.00 -10.33 7.42
N ASP K 450 -25.41 -10.50 6.16
CA ASP K 450 -25.93 -9.37 5.40
C ASP K 450 -27.45 -9.26 5.53
N THR K 451 -28.17 -10.29 5.11
CA THR K 451 -29.63 -10.31 5.22
C THR K 451 -30.06 -11.64 5.79
N ASN K 452 -30.95 -11.60 6.77
CA ASN K 452 -31.47 -12.80 7.40
C ASN K 452 -32.98 -12.75 7.37
N TYR K 453 -33.59 -13.80 6.84
CA TYR K 453 -35.04 -13.87 6.67
C TYR K 453 -35.59 -15.07 7.43
N ALA K 454 -36.83 -14.95 7.87
CA ALA K 454 -37.51 -16.01 8.60
C ALA K 454 -38.84 -16.31 7.92
N TRP K 455 -39.09 -17.58 7.67
CA TRP K 455 -40.40 -18.01 7.22
C TRP K 455 -41.37 -18.01 8.39
N PRO K 456 -42.68 -18.07 8.13
CA PRO K 456 -43.65 -18.05 9.23
C PRO K 456 -43.49 -19.21 10.19
N THR K 457 -42.83 -20.30 9.79
CA THR K 457 -42.61 -21.45 10.65
C THR K 457 -41.31 -21.36 11.44
N ALA K 458 -40.59 -20.25 11.35
CA ALA K 458 -39.30 -20.13 12.01
C ALA K 458 -39.46 -20.15 13.53
N GLU K 459 -38.45 -20.68 14.21
CA GLU K 459 -38.42 -20.76 15.67
C GLU K 459 -36.98 -20.53 16.13
N ILE K 460 -36.69 -19.32 16.59
CA ILE K 460 -35.39 -18.98 17.13
C ILE K 460 -35.49 -18.98 18.65
N ALA K 461 -34.78 -19.90 19.29
CA ALA K 461 -34.87 -20.05 20.73
C ALA K 461 -33.60 -20.67 21.27
N VAL K 462 -33.39 -20.53 22.58
CA VAL K 462 -32.23 -21.13 23.22
C VAL K 462 -32.32 -22.65 23.18
N MET K 463 -33.52 -23.19 23.32
CA MET K 463 -33.72 -24.63 23.34
C MET K 463 -35.21 -24.90 23.14
N GLY K 464 -35.59 -26.17 23.23
CA GLY K 464 -36.98 -26.53 23.07
C GLY K 464 -37.86 -25.92 24.12
N ALA K 465 -39.12 -25.71 23.77
CA ALA K 465 -40.06 -25.05 24.67
C ALA K 465 -40.25 -25.86 25.95
N LYS K 466 -40.37 -27.18 25.82
CA LYS K 466 -40.60 -28.01 27.00
C LYS K 466 -39.41 -27.95 27.96
N GLY K 467 -38.18 -28.03 27.43
CA GLY K 467 -37.02 -27.95 28.28
C GLY K 467 -36.87 -26.58 28.92
N ALA K 468 -37.13 -25.52 28.15
CA ALA K 468 -37.07 -24.17 28.71
C ALA K 468 -38.07 -24.00 29.84
N VAL K 469 -39.30 -24.50 29.66
CA VAL K 469 -40.30 -24.40 30.71
C VAL K 469 -39.88 -25.22 31.92
N GLU K 470 -39.33 -26.41 31.70
CA GLU K 470 -38.86 -27.24 32.81
C GLU K 470 -37.82 -26.48 33.62
N ILE K 471 -36.84 -25.88 32.95
CA ILE K 471 -35.76 -25.20 33.67
C ILE K 471 -36.29 -23.96 34.38
N ILE K 472 -37.08 -23.14 33.67
CA ILE K 472 -37.45 -21.83 34.20
C ILE K 472 -38.45 -21.95 35.35
N PHE K 473 -39.49 -22.76 35.17
CA PHE K 473 -40.60 -22.80 36.10
C PHE K 473 -40.55 -24.00 37.04
N LYS K 474 -39.45 -24.73 37.03
CA LYS K 474 -39.36 -25.93 37.85
C LYS K 474 -39.38 -25.54 39.33
N GLY K 475 -40.21 -26.22 40.10
CA GLY K 475 -40.52 -25.80 41.44
C GLY K 475 -41.84 -25.06 41.59
N HIS K 476 -42.62 -24.97 40.51
CA HIS K 476 -43.94 -24.38 40.55
C HIS K 476 -44.93 -25.42 40.02
N GLU K 477 -46.02 -25.63 40.76
CA GLU K 477 -46.95 -26.70 40.39
C GLU K 477 -47.80 -26.33 39.20
N ASN K 478 -48.18 -25.06 39.04
CA ASN K 478 -49.02 -24.64 37.93
C ASN K 478 -48.21 -24.57 36.63
N VAL K 479 -47.67 -25.73 36.27
CA VAL K 479 -46.77 -25.82 35.11
C VAL K 479 -47.54 -25.58 33.82
N GLU K 480 -48.78 -26.05 33.73
CA GLU K 480 -49.48 -26.05 32.45
C GLU K 480 -49.76 -24.64 31.95
N ALA K 481 -50.29 -23.77 32.81
CA ALA K 481 -50.59 -22.40 32.39
C ALA K 481 -49.32 -21.66 31.98
N ALA K 482 -48.25 -21.79 32.77
CA ALA K 482 -47.00 -21.13 32.45
C ALA K 482 -46.44 -21.65 31.12
N GLN K 483 -46.51 -22.96 30.91
CA GLN K 483 -46.03 -23.53 29.65
C GLN K 483 -46.85 -23.02 28.46
N ALA K 484 -48.16 -22.93 28.62
CA ALA K 484 -48.99 -22.41 27.54
C ALA K 484 -48.62 -20.98 27.22
N GLU K 485 -48.46 -20.14 28.25
CA GLU K 485 -48.07 -18.75 28.01
C GLU K 485 -46.70 -18.67 27.34
N TYR K 486 -45.75 -19.48 27.80
CA TYR K 486 -44.42 -19.49 27.23
C TYR K 486 -44.45 -19.89 25.76
N ILE K 487 -45.21 -20.93 25.42
CA ILE K 487 -45.29 -21.37 24.04
C ILE K 487 -45.96 -20.30 23.18
N GLU K 488 -46.99 -19.65 23.72
CA GLU K 488 -47.66 -18.61 22.96
C GLU K 488 -46.75 -17.43 22.70
N LYS K 489 -45.89 -17.10 23.66
CA LYS K 489 -45.06 -15.89 23.53
C LYS K 489 -43.73 -16.13 22.84
N PHE K 490 -43.20 -17.35 22.87
CA PHE K 490 -41.83 -17.59 22.43
C PHE K 490 -41.67 -18.64 21.34
N ALA K 491 -42.63 -19.56 21.18
CA ALA K 491 -42.49 -20.61 20.17
C ALA K 491 -42.84 -20.07 18.79
N ASN K 492 -42.15 -19.01 18.38
CA ASN K 492 -42.42 -18.37 17.09
C ASN K 492 -41.24 -17.47 16.73
N PRO K 493 -41.26 -16.83 15.56
CA PRO K 493 -40.14 -15.97 15.16
C PRO K 493 -40.19 -14.55 15.72
N PHE K 494 -41.21 -14.21 16.49
CA PHE K 494 -41.39 -12.86 17.01
C PHE K 494 -40.25 -12.44 17.93
N PRO K 495 -39.80 -13.30 18.84
CA PRO K 495 -38.69 -12.88 19.73
C PRO K 495 -37.47 -12.40 18.98
N ALA K 496 -37.12 -13.06 17.87
CA ALA K 496 -35.98 -12.61 17.08
C ALA K 496 -36.33 -11.39 16.26
N ALA K 497 -37.52 -11.36 15.67
CA ALA K 497 -37.89 -10.25 14.79
C ALA K 497 -37.96 -8.93 15.55
N VAL K 498 -38.52 -8.94 16.77
CA VAL K 498 -38.66 -7.71 17.52
C VAL K 498 -37.31 -7.12 17.89
N ARG K 499 -36.28 -7.94 18.01
CA ARG K 499 -34.94 -7.47 18.34
C ARG K 499 -34.10 -7.17 17.11
N GLY K 500 -34.61 -7.44 15.92
CA GLY K 500 -33.85 -7.20 14.70
C GLY K 500 -32.92 -8.32 14.30
N PHE K 501 -33.00 -9.48 14.94
CA PHE K 501 -32.12 -10.59 14.57
C PHE K 501 -32.43 -11.09 13.17
N VAL K 502 -33.65 -10.90 12.70
CA VAL K 502 -34.02 -11.20 11.32
C VAL K 502 -34.59 -9.95 10.69
N ASP K 503 -34.16 -9.67 9.46
CA ASP K 503 -34.56 -8.44 8.79
C ASP K 503 -36.05 -8.40 8.52
N ASP K 504 -36.70 -9.55 8.37
CA ASP K 504 -38.13 -9.57 8.05
C ASP K 504 -38.63 -11.00 8.09
N ILE K 505 -39.94 -11.14 8.21
CA ILE K 505 -40.63 -12.42 8.06
C ILE K 505 -41.35 -12.39 6.72
N ILE K 506 -40.99 -13.31 5.84
CA ILE K 506 -41.39 -13.25 4.44
C ILE K 506 -42.26 -14.45 4.10
N GLN K 507 -43.16 -14.25 3.15
CA GLN K 507 -43.90 -15.38 2.59
C GLN K 507 -42.94 -16.29 1.84
N PRO K 508 -43.03 -17.60 2.02
CA PRO K 508 -42.11 -18.50 1.32
C PRO K 508 -42.14 -18.32 -0.20
N SER K 509 -43.32 -18.06 -0.77
CA SER K 509 -43.43 -17.97 -2.22
C SER K 509 -42.57 -16.85 -2.81
N SER K 510 -42.25 -15.83 -2.03
CA SER K 510 -41.44 -14.73 -2.53
C SER K 510 -39.95 -14.97 -2.35
N THR K 511 -39.55 -16.06 -1.69
CA THR K 511 -38.15 -16.27 -1.33
C THR K 511 -37.22 -15.90 -2.47
N ARG K 512 -37.33 -16.61 -3.60
CA ARG K 512 -36.40 -16.40 -4.69
C ARG K 512 -36.27 -14.93 -5.03
N ALA K 513 -37.40 -14.26 -5.24
CA ALA K 513 -37.35 -12.86 -5.63
C ALA K 513 -36.50 -12.08 -4.63
N ARG K 514 -36.83 -12.20 -3.35
CA ARG K 514 -36.09 -11.46 -2.34
C ARG K 514 -34.60 -11.72 -2.50
N ILE K 515 -34.21 -13.00 -2.55
CA ILE K 515 -32.79 -13.33 -2.62
C ILE K 515 -32.16 -12.62 -3.81
N CYS K 516 -32.79 -12.73 -4.97
CA CYS K 516 -32.20 -12.12 -6.15
C CYS K 516 -31.94 -10.64 -5.91
N CYS K 517 -32.96 -9.93 -5.41
CA CYS K 517 -32.79 -8.51 -5.14
C CYS K 517 -31.56 -8.28 -4.29
N ASP K 518 -31.44 -9.02 -3.18
CA ASP K 518 -30.32 -8.81 -2.28
C ASP K 518 -29.00 -9.03 -3.00
N LEU K 519 -28.91 -10.09 -3.80
CA LEU K 519 -27.65 -10.37 -4.46
C LEU K 519 -27.24 -9.26 -5.40
N ASP K 520 -28.20 -8.48 -5.90
CA ASP K 520 -27.84 -7.34 -6.73
C ASP K 520 -27.29 -6.19 -5.89
N VAL K 521 -27.86 -5.98 -4.71
CA VAL K 521 -27.41 -4.87 -3.86
C VAL K 521 -26.03 -5.17 -3.28
N LEU K 522 -25.81 -6.41 -2.85
CA LEU K 522 -24.60 -6.77 -2.11
C LEU K 522 -23.42 -7.09 -3.00
N ALA K 523 -23.56 -6.99 -4.33
CA ALA K 523 -22.46 -7.31 -5.22
C ALA K 523 -21.24 -6.44 -4.97
N SER K 524 -21.42 -5.24 -4.43
CA SER K 524 -20.32 -4.32 -4.17
C SER K 524 -19.91 -4.29 -2.70
N LYS K 525 -20.28 -5.30 -1.94
CA LYS K 525 -19.93 -5.33 -0.53
C LYS K 525 -18.42 -5.33 -0.35
N LYS K 526 -17.91 -4.48 0.55
CA LYS K 526 -16.45 -4.43 0.86
C LYS K 526 -16.29 -4.29 2.38
N VAL K 527 -15.42 -5.08 3.00
CA VAL K 527 -15.30 -5.07 4.49
C VAL K 527 -13.84 -4.90 4.90
N GLN K 528 -13.59 -4.17 6.00
CA GLN K 528 -12.21 -3.95 6.51
C GLN K 528 -11.93 -4.86 7.70
N ARG K 529 -10.78 -5.52 7.73
CA ARG K 529 -10.37 -6.41 8.81
C ARG K 529 -8.97 -6.04 9.28
N PRO K 530 -8.62 -6.39 10.51
CA PRO K 530 -7.25 -6.17 10.97
C PRO K 530 -6.25 -6.99 10.18
N TRP K 531 -5.05 -6.46 10.04
CA TRP K 531 -4.01 -7.16 9.30
C TRP K 531 -3.51 -8.39 10.07
N ARG K 532 -3.11 -9.40 9.32
CA ARG K 532 -2.48 -10.59 9.90
C ARG K 532 -1.88 -11.41 8.77
N LYS K 533 -0.88 -12.22 9.12
CA LYS K 533 -0.36 -13.18 8.15
C LYS K 533 -1.45 -14.18 7.76
N HIS K 534 -2.19 -14.66 8.75
CA HIS K 534 -3.34 -15.53 8.53
C HIS K 534 -3.95 -15.81 9.90
N ALA K 535 -5.13 -16.42 9.89
CA ALA K 535 -5.79 -16.80 11.12
C ALA K 535 -5.30 -18.16 11.58
N ASN K 536 -5.81 -18.61 12.71
CA ASN K 536 -5.48 -19.93 13.25
C ASN K 536 -6.79 -20.69 13.44
N ILE K 537 -7.25 -21.30 12.37
CA ILE K 537 -8.53 -22.03 12.43
C ILE K 537 -8.34 -23.33 13.20
N PRO K 538 -9.32 -23.78 13.96
CA PRO K 538 -9.20 -25.09 14.62
C PRO K 538 -9.06 -26.18 13.58
N LEU K 539 -8.25 -27.18 13.89
CA LEU K 539 -8.07 -28.31 12.98
C LEU K 539 -8.39 -29.62 13.69
N THR L 33 -29.89 7.25 52.37
CA THR L 33 -28.44 7.25 52.32
C THR L 33 -27.93 8.10 51.15
N SER L 34 -26.73 8.67 51.32
CA SER L 34 -26.15 9.48 50.27
C SER L 34 -25.67 8.60 49.13
N VAL L 35 -25.35 9.25 48.01
CA VAL L 35 -24.87 8.52 46.84
C VAL L 35 -23.56 7.81 47.15
N ASN L 36 -22.68 8.46 47.90
CA ASN L 36 -21.40 7.84 48.24
C ASN L 36 -21.61 6.52 48.95
N GLU L 37 -22.47 6.52 49.98
CA GLU L 37 -22.69 5.31 50.76
C GLU L 37 -23.24 4.18 49.89
N ARG L 38 -24.17 4.50 49.00
CA ARG L 38 -24.65 3.50 48.06
C ARG L 38 -23.51 2.99 47.19
N ILE L 39 -22.54 3.85 46.89
CA ILE L 39 -21.38 3.42 46.11
C ILE L 39 -20.57 2.39 46.89
N GLU L 40 -20.28 2.67 48.16
CA GLU L 40 -19.56 1.66 48.95
C GLU L 40 -20.36 0.38 49.05
N ASN L 41 -21.67 0.48 49.23
CA ASN L 41 -22.50 -0.71 49.33
C ASN L 41 -22.39 -1.55 48.07
N LYS L 42 -22.47 -0.90 46.90
CA LYS L 42 -22.37 -1.63 45.65
C LYS L 42 -20.98 -2.24 45.47
N ARG L 43 -19.93 -1.50 45.84
CA ARG L 43 -18.58 -2.06 45.76
C ARG L 43 -18.46 -3.31 46.61
N ARG L 44 -18.91 -3.22 47.86
CA ARG L 44 -18.80 -4.36 48.76
C ARG L 44 -19.61 -5.54 48.27
N THR L 45 -20.82 -5.29 47.78
CA THR L 45 -21.64 -6.39 47.26
C THR L 45 -20.98 -7.04 46.04
N ALA L 46 -20.43 -6.22 45.13
CA ALA L 46 -19.79 -6.77 43.95
C ALA L 46 -18.57 -7.60 44.32
N LEU L 47 -17.79 -7.13 45.28
CA LEU L 47 -16.59 -7.88 45.67
C LEU L 47 -16.92 -9.28 46.19
N LEU L 48 -18.13 -9.50 46.67
CA LEU L 48 -18.53 -10.80 47.17
C LEU L 48 -19.24 -11.66 46.13
N GLY L 49 -19.50 -11.11 44.95
CA GLY L 49 -20.15 -11.90 43.92
C GLY L 49 -21.54 -12.33 44.34
N GLY L 50 -21.77 -13.63 44.37
CA GLY L 50 -23.06 -14.21 44.68
C GLY L 50 -23.36 -14.43 46.14
N GLY L 51 -22.51 -13.97 47.04
CA GLY L 51 -22.75 -14.11 48.46
C GLY L 51 -21.73 -15.03 49.12
N GLN L 52 -21.59 -14.86 50.44
CA GLN L 52 -20.58 -15.61 51.18
C GLN L 52 -20.89 -17.10 51.21
N ARG L 53 -22.17 -17.47 51.34
CA ARG L 53 -22.51 -18.89 51.33
C ARG L 53 -22.19 -19.52 49.99
N ARG L 54 -22.44 -18.81 48.89
CA ARG L 54 -22.05 -19.30 47.58
C ARG L 54 -20.53 -19.47 47.49
N ILE L 55 -19.79 -18.51 48.04
CA ILE L 55 -18.34 -18.61 48.03
C ILE L 55 -17.87 -19.84 48.80
N ASP L 56 -18.48 -20.09 49.96
CA ASP L 56 -18.13 -21.28 50.73
C ASP L 56 -18.43 -22.55 49.95
N ALA L 57 -19.60 -22.60 49.31
CA ALA L 57 -19.94 -23.77 48.50
C ALA L 57 -18.91 -23.96 47.39
N GLN L 58 -18.48 -22.87 46.77
CA GLN L 58 -17.44 -22.94 45.75
C GLN L 58 -16.15 -23.53 46.34
N HIS L 59 -15.75 -23.05 47.51
CA HIS L 59 -14.51 -23.49 48.12
C HIS L 59 -14.54 -24.97 48.49
N LYS L 60 -15.67 -25.45 49.03
CA LYS L 60 -15.75 -26.86 49.41
C LYS L 60 -15.63 -27.78 48.20
N ARG L 61 -15.97 -27.30 47.02
CA ARG L 61 -15.73 -28.07 45.81
C ARG L 61 -14.24 -28.13 45.45
N GLY L 62 -13.40 -27.35 46.12
CA GLY L 62 -12.00 -27.28 45.78
C GLY L 62 -11.67 -26.26 44.72
N LYS L 63 -12.53 -25.26 44.53
CA LYS L 63 -12.37 -24.26 43.49
C LYS L 63 -12.23 -22.88 44.11
N LEU L 64 -11.47 -22.01 43.45
CA LEU L 64 -11.32 -20.63 43.87
C LEU L 64 -12.40 -19.76 43.22
N THR L 65 -12.63 -18.61 43.84
CA THR L 65 -13.53 -17.63 43.24
C THR L 65 -12.84 -16.91 42.09
N ALA L 66 -13.63 -16.21 41.28
CA ALA L 66 -13.08 -15.54 40.11
C ALA L 66 -12.04 -14.50 40.51
N ARG L 67 -12.35 -13.69 41.53
CA ARG L 67 -11.43 -12.64 41.94
C ARG L 67 -10.16 -13.22 42.52
N GLU L 68 -10.25 -14.32 43.26
CA GLU L 68 -9.05 -14.97 43.76
C GLU L 68 -8.19 -15.49 42.62
N ARG L 69 -8.82 -16.06 41.60
CA ARG L 69 -8.07 -16.52 40.44
C ARG L 69 -7.36 -15.36 39.76
N ILE L 70 -8.05 -14.23 39.58
CA ILE L 70 -7.41 -13.08 38.97
C ILE L 70 -6.23 -12.61 39.82
N SER L 71 -6.41 -12.57 41.14
CA SER L 71 -5.33 -12.15 42.02
C SER L 71 -4.12 -13.06 41.86
N LEU L 72 -4.35 -14.37 41.79
CA LEU L 72 -3.24 -15.29 41.62
C LEU L 72 -2.56 -15.13 40.27
N LEU L 73 -3.33 -14.84 39.22
CA LEU L 73 -2.77 -14.84 37.87
C LEU L 73 -1.93 -13.59 37.59
N LEU L 74 -2.37 -12.43 38.04
CA LEU L 74 -1.74 -11.18 37.66
C LEU L 74 -0.66 -10.75 38.65
N ASP L 75 0.18 -9.82 38.19
CA ASP L 75 1.17 -9.25 39.08
C ASP L 75 0.48 -8.50 40.21
N PRO L 76 1.01 -8.56 41.43
CA PRO L 76 0.33 -7.90 42.56
C PRO L 76 0.15 -6.42 42.30
N GLY L 77 -1.05 -5.93 42.61
CA GLY L 77 -1.35 -4.52 42.48
C GLY L 77 -1.42 -4.00 41.07
N SER L 78 -1.54 -4.88 40.07
CA SER L 78 -1.58 -4.46 38.67
C SER L 78 -2.98 -4.58 38.06
N PHE L 79 -3.91 -5.23 38.74
CA PHE L 79 -5.23 -5.46 38.15
C PHE L 79 -6.05 -4.18 38.17
N VAL L 80 -6.50 -3.75 36.99
CA VAL L 80 -7.45 -2.66 36.83
C VAL L 80 -8.74 -3.26 36.29
N GLU L 81 -9.81 -3.17 37.08
CA GLU L 81 -11.08 -3.77 36.72
C GLU L 81 -11.93 -2.80 35.91
N SER L 82 -12.81 -3.35 35.09
CA SER L 82 -13.69 -2.56 34.25
C SER L 82 -15.13 -3.05 34.40
N ASP L 83 -16.06 -2.11 34.48
CA ASP L 83 -17.49 -2.43 34.50
C ASP L 83 -17.89 -3.21 35.75
N MET L 84 -17.51 -2.67 36.91
CA MET L 84 -17.89 -3.32 38.17
C MET L 84 -19.39 -3.27 38.40
N PHE L 85 -20.03 -2.15 38.05
CA PHE L 85 -21.42 -1.90 38.39
C PHE L 85 -22.39 -2.33 37.30
N VAL L 86 -21.93 -2.95 36.24
CA VAL L 86 -22.82 -3.39 35.17
C VAL L 86 -23.74 -4.48 35.71
N GLU L 87 -25.03 -4.36 35.41
CA GLU L 87 -26.04 -5.32 35.83
C GLU L 87 -26.88 -5.75 34.64
N HIS L 88 -27.44 -6.95 34.75
CA HIS L 88 -28.30 -7.47 33.68
C HIS L 88 -29.57 -6.65 33.59
N ARG L 89 -30.15 -6.61 32.39
CA ARG L 89 -31.34 -5.82 32.11
C ARG L 89 -32.57 -6.68 31.84
N CYS L 90 -32.52 -7.97 32.18
CA CYS L 90 -33.65 -8.84 31.97
C CYS L 90 -34.82 -8.42 32.86
N ALA L 91 -36.03 -8.51 32.33
CA ALA L 91 -37.23 -8.13 33.06
C ALA L 91 -38.30 -9.22 33.05
N ASP L 92 -37.95 -10.44 32.66
CA ASP L 92 -38.91 -11.54 32.58
C ASP L 92 -38.69 -12.52 33.73
N PHE L 93 -39.76 -13.25 34.04
CA PHE L 93 -39.72 -14.29 35.08
C PHE L 93 -39.19 -13.75 36.40
N GLY L 94 -39.62 -12.54 36.74
CA GLY L 94 -39.21 -11.94 38.00
C GLY L 94 -37.74 -11.64 38.10
N MET L 95 -37.04 -11.53 36.97
CA MET L 95 -35.62 -11.23 36.98
C MET L 95 -35.32 -9.79 37.37
N ALA L 96 -36.34 -8.92 37.38
CA ALA L 96 -36.14 -7.52 37.74
C ALA L 96 -36.20 -7.28 39.25
N ALA L 97 -36.48 -8.31 40.04
CA ALA L 97 -36.50 -8.15 41.48
C ALA L 97 -35.12 -7.81 42.01
N ASP L 98 -35.09 -6.99 43.06
CA ASP L 98 -33.81 -6.54 43.61
C ASP L 98 -32.94 -7.71 44.03
N LYS L 99 -33.52 -8.81 44.50
CA LYS L 99 -32.74 -9.97 44.88
C LYS L 99 -32.11 -10.68 43.69
N ASN L 100 -32.53 -10.33 42.47
CA ASN L 100 -31.95 -10.91 41.26
C ASN L 100 -30.98 -9.97 40.56
N LYS L 101 -30.62 -8.86 41.21
CA LYS L 101 -29.69 -7.90 40.64
C LYS L 101 -28.34 -8.04 41.33
N PHE L 102 -27.31 -8.36 40.55
CA PHE L 102 -25.96 -8.50 41.06
C PHE L 102 -25.03 -7.56 40.31
N PRO L 103 -24.35 -6.63 40.98
CA PRO L 103 -23.37 -5.79 40.27
C PRO L 103 -22.23 -6.65 39.73
N GLY L 104 -21.96 -6.49 38.44
CA GLY L 104 -20.93 -7.27 37.78
C GLY L 104 -21.52 -8.40 36.95
N ASP L 105 -22.54 -9.07 37.49
CA ASP L 105 -23.32 -10.07 36.76
C ASP L 105 -22.44 -11.21 36.25
N SER L 106 -21.84 -11.91 37.20
CA SER L 106 -21.23 -13.22 36.97
C SER L 106 -20.02 -13.18 36.04
N VAL L 107 -19.31 -12.06 35.97
CA VAL L 107 -18.05 -12.04 35.22
C VAL L 107 -17.25 -10.84 35.68
N VAL L 108 -15.95 -11.04 35.88
CA VAL L 108 -15.03 -9.99 36.28
C VAL L 108 -14.04 -9.80 35.14
N THR L 109 -13.96 -8.58 34.63
CA THR L 109 -13.13 -8.29 33.46
C THR L 109 -12.22 -7.12 33.75
N GLY L 110 -11.04 -7.13 33.12
CA GLY L 110 -10.14 -6.01 33.28
C GLY L 110 -8.81 -6.29 32.61
N ARG L 111 -7.80 -5.54 33.02
CA ARG L 111 -6.45 -5.70 32.48
C ARG L 111 -5.46 -5.79 33.63
N GLY L 112 -4.27 -6.27 33.31
CA GLY L 112 -3.23 -6.40 34.30
C GLY L 112 -1.90 -6.64 33.62
N ARG L 113 -0.92 -7.02 34.42
CA ARG L 113 0.42 -7.29 33.91
C ARG L 113 0.90 -8.63 34.42
N ILE L 114 1.56 -9.37 33.54
CA ILE L 114 2.26 -10.59 33.89
C ILE L 114 3.74 -10.36 33.60
N ASN L 115 4.56 -10.39 34.65
CA ASN L 115 5.99 -10.13 34.52
C ASN L 115 6.23 -8.80 33.80
N GLY L 116 5.32 -7.84 34.01
CA GLY L 116 5.47 -6.52 33.45
C GLY L 116 4.84 -6.33 32.08
N ARG L 117 4.32 -7.38 31.46
CA ARG L 117 3.72 -7.28 30.14
C ARG L 117 2.20 -7.17 30.26
N LEU L 118 1.62 -6.29 29.45
CA LEU L 118 0.18 -6.04 29.52
C LEU L 118 -0.62 -7.24 29.05
N VAL L 119 -1.79 -7.44 29.67
CA VAL L 119 -2.68 -8.53 29.29
C VAL L 119 -4.09 -8.14 29.70
N TYR L 120 -5.07 -8.66 28.97
CA TYR L 120 -6.48 -8.46 29.27
C TYR L 120 -7.08 -9.79 29.69
N VAL L 121 -7.91 -9.77 30.74
CA VAL L 121 -8.38 -10.98 31.37
C VAL L 121 -9.87 -10.86 31.67
N PHE L 122 -10.58 -11.97 31.52
CA PHE L 122 -11.94 -12.10 32.04
C PHE L 122 -12.06 -13.43 32.76
N SER L 123 -12.78 -13.42 33.88
CA SER L 123 -12.99 -14.61 34.70
C SER L 123 -14.47 -14.74 34.99
N GLN L 124 -15.02 -15.92 34.73
CA GLN L 124 -16.44 -16.14 34.91
C GLN L 124 -16.74 -16.51 36.36
N ASP L 125 -17.78 -15.91 36.92
CA ASP L 125 -18.13 -16.07 38.34
C ASP L 125 -19.26 -17.06 38.46
N PHE L 126 -18.94 -18.27 38.94
CA PHE L 126 -19.93 -19.33 39.04
C PHE L 126 -20.98 -19.07 40.11
N THR L 127 -20.69 -18.20 41.07
CA THR L 127 -21.61 -17.97 42.17
C THR L 127 -22.78 -17.07 41.82
N VAL L 128 -22.79 -16.46 40.64
CA VAL L 128 -23.87 -15.59 40.21
C VAL L 128 -24.63 -16.32 39.11
N PHE L 129 -25.83 -16.79 39.44
CA PHE L 129 -26.67 -17.50 38.48
C PHE L 129 -25.91 -18.67 37.84
N GLY L 130 -25.10 -19.35 38.65
CA GLY L 130 -24.30 -20.44 38.13
C GLY L 130 -23.34 -20.05 37.04
N GLY L 131 -22.98 -18.77 36.97
CA GLY L 131 -22.09 -18.30 35.92
C GLY L 131 -22.71 -18.26 34.54
N SER L 132 -24.03 -18.28 34.45
CA SER L 132 -24.70 -18.29 33.16
C SER L 132 -24.42 -17.01 32.40
N LEU L 133 -24.36 -17.12 31.08
CA LEU L 133 -24.03 -15.98 30.23
C LEU L 133 -25.29 -15.20 29.90
N SER L 134 -25.26 -13.90 30.18
CA SER L 134 -26.35 -13.00 29.90
C SER L 134 -25.89 -11.90 28.94
N GLY L 135 -26.77 -10.95 28.67
CA GLY L 135 -26.41 -9.85 27.80
C GLY L 135 -25.27 -9.03 28.35
N ALA L 136 -25.33 -8.69 29.64
CA ALA L 136 -24.27 -7.90 30.25
C ALA L 136 -22.96 -8.66 30.30
N HIS L 137 -23.03 -9.97 30.57
CA HIS L 137 -21.83 -10.80 30.59
C HIS L 137 -21.09 -10.73 29.26
N ALA L 138 -21.81 -11.01 28.17
CA ALA L 138 -21.20 -10.94 26.85
C ALA L 138 -20.75 -9.52 26.51
N GLN L 139 -21.51 -8.52 26.95
CA GLN L 139 -21.12 -7.14 26.70
C GLN L 139 -19.78 -6.82 27.33
N LYS L 140 -19.58 -7.22 28.58
CA LYS L 140 -18.30 -6.97 29.25
C LYS L 140 -17.17 -7.71 28.56
N ILE L 141 -17.39 -8.98 28.21
CA ILE L 141 -16.34 -9.74 27.55
C ILE L 141 -15.98 -9.08 26.22
N CYS L 142 -16.99 -8.66 25.46
CA CYS L 142 -16.73 -8.02 24.18
C CYS L 142 -15.99 -6.70 24.35
N LYS L 143 -16.33 -5.94 25.40
CA LYS L 143 -15.61 -4.69 25.65
C LYS L 143 -14.13 -4.95 25.88
N ILE L 144 -13.80 -5.93 26.73
CA ILE L 144 -12.38 -6.18 26.98
C ILE L 144 -11.70 -6.70 25.72
N MET L 145 -12.38 -7.56 24.95
CA MET L 145 -11.78 -8.06 23.73
C MET L 145 -11.50 -6.94 22.73
N ASP L 146 -12.45 -6.01 22.59
CA ASP L 146 -12.25 -4.88 21.69
C ASP L 146 -11.08 -4.02 22.16
N GLN L 147 -10.98 -3.78 23.47
CA GLN L 147 -9.85 -3.01 23.98
C GLN L 147 -8.54 -3.70 23.66
N ALA L 148 -8.47 -5.01 23.89
CA ALA L 148 -7.23 -5.76 23.64
C ALA L 148 -6.86 -5.71 22.16
N ILE L 149 -7.83 -5.87 21.28
CA ILE L 149 -7.54 -5.79 19.85
C ILE L 149 -7.09 -4.38 19.48
N THR L 150 -7.67 -3.37 20.11
CA THR L 150 -7.30 -1.99 19.80
C THR L 150 -5.85 -1.71 20.17
N VAL L 151 -5.41 -2.16 21.35
CA VAL L 151 -4.03 -1.92 21.77
C VAL L 151 -3.07 -3.01 21.35
N GLY L 152 -3.56 -4.20 21.02
CA GLY L 152 -2.70 -5.28 20.60
C GLY L 152 -2.06 -6.03 21.75
N ALA L 153 -2.89 -6.58 22.64
CA ALA L 153 -2.42 -7.36 23.77
C ALA L 153 -3.20 -8.67 23.85
N PRO L 154 -2.62 -9.69 24.46
CA PRO L 154 -3.30 -10.99 24.51
C PRO L 154 -4.51 -10.95 25.41
N VAL L 155 -5.36 -11.97 25.27
CA VAL L 155 -6.57 -12.11 26.06
C VAL L 155 -6.54 -13.49 26.73
N ILE L 156 -6.85 -13.50 28.03
CA ILE L 156 -6.92 -14.73 28.81
C ILE L 156 -8.32 -14.84 29.41
N GLY L 157 -8.95 -15.98 29.19
CA GLY L 157 -10.28 -16.21 29.73
C GLY L 157 -10.36 -17.42 30.64
N LEU L 158 -10.75 -17.18 31.89
CA LEU L 158 -10.97 -18.24 32.86
C LEU L 158 -12.44 -18.60 32.82
N ASN L 159 -12.74 -19.80 32.33
CA ASN L 159 -14.11 -20.20 32.01
C ASN L 159 -14.66 -21.08 33.12
N ASP L 160 -15.77 -20.65 33.70
CA ASP L 160 -16.51 -21.46 34.67
C ASP L 160 -17.96 -20.99 34.61
N SER L 161 -18.79 -21.71 33.85
CA SER L 161 -20.14 -21.24 33.59
C SER L 161 -21.03 -22.42 33.21
N GLY L 162 -22.25 -22.43 33.74
CA GLY L 162 -23.19 -23.48 33.37
C GLY L 162 -23.61 -23.42 31.93
N GLY L 163 -23.84 -22.21 31.41
CA GLY L 163 -24.26 -22.06 30.03
C GLY L 163 -25.01 -20.75 29.84
N ALA L 164 -25.92 -20.76 28.86
CA ALA L 164 -26.72 -19.58 28.58
C ALA L 164 -27.77 -19.36 29.66
N ARG L 165 -28.04 -18.08 29.93
CA ARG L 165 -29.09 -17.72 30.89
C ARG L 165 -30.43 -17.85 30.18
N ILE L 166 -31.15 -18.92 30.50
CA ILE L 166 -32.39 -19.23 29.79
C ILE L 166 -33.40 -18.09 29.94
N GLN L 167 -33.39 -17.40 31.08
CA GLN L 167 -34.35 -16.32 31.30
C GLN L 167 -34.24 -15.20 30.29
N GLU L 168 -33.05 -15.00 29.72
CA GLU L 168 -32.84 -13.97 28.71
C GLU L 168 -33.08 -14.48 27.29
N GLY L 169 -33.39 -15.76 27.13
CA GLY L 169 -33.77 -16.30 25.83
C GLY L 169 -32.78 -15.94 24.76
N VAL L 170 -33.31 -15.56 23.59
CA VAL L 170 -32.47 -15.28 22.43
C VAL L 170 -31.36 -14.30 22.77
N GLU L 171 -31.59 -13.40 23.74
CA GLU L 171 -30.55 -12.44 24.08
C GLU L 171 -29.22 -13.13 24.33
N SER L 172 -29.25 -14.16 25.19
CA SER L 172 -28.01 -14.87 25.49
C SER L 172 -27.35 -15.36 24.20
N LEU L 173 -28.12 -16.00 23.33
CA LEU L 173 -27.57 -16.47 22.07
C LEU L 173 -26.80 -15.36 21.36
N ALA L 174 -27.44 -14.20 21.22
CA ALA L 174 -26.78 -13.09 20.55
C ALA L 174 -25.42 -12.83 21.17
N GLY L 175 -25.37 -12.72 22.49
CA GLY L 175 -24.11 -12.44 23.15
C GLY L 175 -23.04 -13.44 22.76
N TYR L 176 -23.40 -14.73 22.78
CA TYR L 176 -22.43 -15.76 22.39
C TYR L 176 -21.87 -15.46 21.02
N ALA L 177 -22.75 -15.19 20.05
CA ALA L 177 -22.26 -14.88 18.71
C ALA L 177 -21.34 -13.67 18.74
N ASP L 178 -21.72 -12.63 19.48
CA ASP L 178 -20.87 -11.45 19.56
C ASP L 178 -19.47 -11.82 20.03
N ILE L 179 -19.36 -12.77 20.95
CA ILE L 179 -18.03 -13.24 21.34
C ILE L 179 -17.38 -14.01 20.20
N PHE L 180 -18.12 -14.96 19.63
CA PHE L 180 -17.53 -15.82 18.60
C PHE L 180 -16.90 -14.99 17.51
N LEU L 181 -17.66 -14.06 16.94
CA LEU L 181 -17.14 -13.21 15.87
C LEU L 181 -15.82 -12.59 16.28
N ARG L 182 -15.78 -11.98 17.47
CA ARG L 182 -14.55 -11.32 17.89
C ARG L 182 -13.40 -12.31 17.94
N ASN L 183 -13.64 -13.51 18.48
CA ASN L 183 -12.60 -14.52 18.46
C ASN L 183 -12.06 -14.70 17.04
N VAL L 184 -12.97 -14.91 16.08
CA VAL L 184 -12.53 -15.12 14.71
C VAL L 184 -11.83 -13.88 14.19
N THR L 185 -12.26 -12.70 14.59
CA THR L 185 -11.58 -11.49 14.13
C THR L 185 -10.22 -11.36 14.77
N ALA L 186 -10.04 -11.87 15.98
CA ALA L 186 -8.77 -11.76 16.67
C ALA L 186 -7.80 -12.88 16.32
N SER L 187 -8.27 -13.94 15.67
CA SER L 187 -7.39 -15.06 15.35
C SER L 187 -6.25 -14.59 14.48
N GLY L 188 -5.02 -14.87 14.92
CA GLY L 188 -3.84 -14.46 14.21
C GLY L 188 -3.42 -13.02 14.43
N VAL L 189 -4.15 -12.27 15.24
CA VAL L 189 -3.82 -10.88 15.55
C VAL L 189 -3.24 -10.76 16.95
N ILE L 190 -3.92 -11.31 17.94
CA ILE L 190 -3.43 -11.34 19.31
C ILE L 190 -3.62 -12.74 19.86
N PRO L 191 -2.68 -13.28 20.63
CA PRO L 191 -2.87 -14.60 21.20
C PRO L 191 -4.06 -14.63 22.13
N GLN L 192 -4.79 -15.74 22.11
CA GLN L 192 -5.94 -15.95 22.98
C GLN L 192 -5.77 -17.25 23.72
N ILE L 193 -5.94 -17.22 25.04
CA ILE L 193 -5.76 -18.39 25.88
C ILE L 193 -7.00 -18.61 26.72
N SER L 194 -7.42 -19.87 26.81
CA SER L 194 -8.59 -20.25 27.60
C SER L 194 -8.18 -21.26 28.66
N LEU L 195 -8.65 -21.06 29.88
CA LEU L 195 -8.41 -21.99 30.98
C LEU L 195 -9.77 -22.41 31.52
N ILE L 196 -10.13 -23.67 31.30
CA ILE L 196 -11.39 -24.21 31.78
C ILE L 196 -11.21 -24.64 33.22
N MET L 197 -11.90 -23.97 34.14
CA MET L 197 -11.72 -24.19 35.57
C MET L 197 -13.00 -24.65 36.25
N GLY L 198 -14.03 -25.00 35.49
CA GLY L 198 -15.28 -25.46 36.04
C GLY L 198 -16.18 -26.05 34.99
N PRO L 199 -17.47 -26.21 35.32
CA PRO L 199 -18.41 -26.70 34.32
C PRO L 199 -18.49 -25.76 33.13
N CYS L 200 -18.63 -26.35 31.94
CA CYS L 200 -18.74 -25.58 30.71
C CYS L 200 -19.50 -26.43 29.70
N ALA L 201 -20.76 -26.07 29.44
CA ALA L 201 -21.64 -26.87 28.61
C ALA L 201 -22.36 -25.98 27.61
N GLY L 202 -22.81 -26.60 26.53
CA GLY L 202 -23.56 -25.88 25.52
C GLY L 202 -22.67 -25.03 24.63
N GLY L 203 -23.29 -24.04 23.98
CA GLY L 203 -22.56 -23.21 23.04
C GLY L 203 -21.35 -22.53 23.64
N ALA L 204 -21.34 -22.34 24.96
CA ALA L 204 -20.20 -21.72 25.60
C ALA L 204 -18.90 -22.47 25.32
N VAL L 205 -18.98 -23.78 25.04
CA VAL L 205 -17.78 -24.55 24.76
C VAL L 205 -17.10 -24.13 23.47
N TYR L 206 -17.80 -23.45 22.58
CA TYR L 206 -17.23 -23.15 21.27
C TYR L 206 -16.23 -22.01 21.32
N SER L 207 -16.43 -21.03 22.19
CA SER L 207 -15.46 -19.95 22.29
C SER L 207 -14.07 -20.45 22.63
N PRO L 208 -13.88 -21.31 23.64
CA PRO L 208 -12.54 -21.86 23.87
C PRO L 208 -12.00 -22.60 22.66
N ALA L 209 -12.85 -23.29 21.92
CA ALA L 209 -12.38 -24.03 20.76
C ALA L 209 -11.79 -23.10 19.70
N LEU L 210 -12.25 -21.86 19.64
CA LEU L 210 -11.74 -20.90 18.67
C LEU L 210 -10.46 -20.24 19.12
N THR L 211 -10.08 -20.36 20.39
CA THR L 211 -8.85 -19.75 20.86
C THR L 211 -7.65 -20.60 20.51
N ASP L 212 -6.46 -20.03 20.72
CA ASP L 212 -5.23 -20.69 20.31
C ASP L 212 -4.90 -21.89 21.19
N PHE L 213 -5.05 -21.75 22.50
CA PHE L 213 -4.70 -22.82 23.43
C PHE L 213 -5.76 -22.94 24.51
N THR L 214 -6.06 -24.17 24.89
CA THR L 214 -7.03 -24.48 25.93
C THR L 214 -6.38 -25.35 26.99
N PHE L 215 -6.49 -24.92 28.25
CA PHE L 215 -5.98 -25.68 29.38
C PHE L 215 -7.12 -26.04 30.31
N MET L 216 -6.98 -27.17 30.99
CA MET L 216 -8.05 -27.72 31.80
C MET L 216 -7.52 -28.08 33.18
N VAL L 217 -8.39 -27.97 34.17
CA VAL L 217 -8.08 -28.34 35.55
C VAL L 217 -8.69 -29.70 35.83
N LYS L 218 -7.90 -30.60 36.43
CA LYS L 218 -8.35 -31.96 36.63
C LYS L 218 -9.45 -32.04 37.68
N ASP L 219 -10.47 -32.84 37.38
CA ASP L 219 -11.46 -33.26 38.37
C ASP L 219 -12.49 -32.18 38.72
N THR L 220 -12.32 -30.97 38.19
CA THR L 220 -13.25 -29.90 38.49
C THR L 220 -13.73 -29.14 37.26
N SER L 221 -13.27 -29.50 36.08
CA SER L 221 -13.68 -28.84 34.84
C SER L 221 -14.04 -29.89 33.80
N TYR L 222 -14.95 -29.52 32.91
CA TYR L 222 -15.35 -30.42 31.83
C TYR L 222 -15.97 -29.62 30.70
N LEU L 223 -15.96 -30.22 29.52
CA LEU L 223 -16.48 -29.58 28.31
C LEU L 223 -17.33 -30.58 27.55
N PHE L 224 -18.57 -30.20 27.25
CA PHE L 224 -19.42 -30.98 26.39
C PHE L 224 -20.60 -30.13 25.94
N ILE L 225 -21.05 -30.38 24.71
CA ILE L 225 -22.20 -29.65 24.18
C ILE L 225 -23.48 -30.08 24.89
N THR L 226 -23.65 -31.39 25.07
CA THR L 226 -24.84 -31.95 25.70
C THR L 226 -24.44 -32.74 26.93
N GLY L 227 -25.21 -32.60 28.01
CA GLY L 227 -24.90 -33.25 29.26
C GLY L 227 -25.23 -34.72 29.25
N PRO L 228 -24.80 -35.44 30.29
CA PRO L 228 -25.04 -36.90 30.32
C PRO L 228 -26.50 -37.29 30.29
N ASP L 229 -27.39 -36.48 30.88
CA ASP L 229 -28.80 -36.84 30.92
C ASP L 229 -29.39 -36.94 29.52
N VAL L 230 -29.09 -35.95 28.68
CA VAL L 230 -29.59 -35.98 27.30
C VAL L 230 -28.98 -37.15 26.55
N VAL L 231 -27.69 -37.45 26.81
CA VAL L 231 -27.06 -38.59 26.15
C VAL L 231 -27.80 -39.88 26.51
N LYS L 232 -28.10 -40.06 27.79
CA LYS L 232 -28.84 -41.26 28.20
C LYS L 232 -30.22 -41.29 27.56
N SER L 233 -30.91 -40.15 27.55
CA SER L 233 -32.27 -40.12 27.01
C SER L 233 -32.29 -40.43 25.52
N VAL L 234 -31.30 -39.97 24.77
CA VAL L 234 -31.35 -40.10 23.32
C VAL L 234 -30.67 -41.39 22.84
N THR L 235 -29.44 -41.63 23.26
CA THR L 235 -28.68 -42.78 22.77
C THR L 235 -28.64 -43.93 23.76
N ASN L 236 -29.29 -43.81 24.92
CA ASN L 236 -29.31 -44.89 25.91
C ASN L 236 -27.91 -45.28 26.33
N GLU L 237 -27.08 -44.28 26.62
CA GLU L 237 -25.72 -44.48 27.08
C GLU L 237 -25.58 -43.96 28.50
N ASP L 238 -24.89 -44.72 29.35
CA ASP L 238 -24.65 -44.32 30.72
C ASP L 238 -23.22 -43.79 30.84
N VAL L 239 -23.10 -42.52 31.22
CA VAL L 239 -21.80 -41.88 31.35
C VAL L 239 -21.91 -40.79 32.40
N THR L 240 -20.81 -40.51 33.08
CA THR L 240 -20.73 -39.44 34.06
C THR L 240 -20.17 -38.18 33.41
N GLN L 241 -20.23 -37.08 34.15
CA GLN L 241 -19.69 -35.83 33.64
C GLN L 241 -18.19 -35.96 33.37
N GLU L 242 -17.46 -36.59 34.28
CA GLU L 242 -16.03 -36.75 34.09
C GLU L 242 -15.73 -37.58 32.84
N GLU L 243 -16.44 -38.69 32.66
CA GLU L 243 -16.24 -39.50 31.47
C GLU L 243 -16.61 -38.76 30.21
N LEU L 244 -17.71 -38.01 30.23
CA LEU L 244 -18.18 -37.33 29.02
C LEU L 244 -17.24 -36.22 28.61
N GLY L 245 -16.86 -35.36 29.55
CA GLY L 245 -16.07 -34.18 29.19
C GLY L 245 -14.98 -33.81 30.17
N GLY L 246 -14.48 -34.78 30.93
CA GLY L 246 -13.45 -34.50 31.90
C GLY L 246 -12.15 -34.09 31.25
N ALA L 247 -11.24 -33.58 32.09
CA ALA L 247 -9.95 -33.12 31.59
C ALA L 247 -9.17 -34.25 30.95
N LYS L 248 -9.21 -35.44 31.55
CA LYS L 248 -8.50 -36.58 30.97
C LYS L 248 -9.04 -36.92 29.60
N THR L 249 -10.38 -36.90 29.44
CA THR L 249 -10.97 -37.23 28.16
C THR L 249 -10.52 -36.26 27.07
N HIS L 250 -10.51 -34.97 27.38
CA HIS L 250 -10.17 -33.96 26.38
C HIS L 250 -8.66 -33.76 26.25
N THR L 251 -7.85 -34.38 27.09
CA THR L 251 -6.41 -34.31 26.95
C THR L 251 -5.78 -35.60 26.45
N THR L 252 -6.54 -36.70 26.39
CA THR L 252 -6.01 -37.96 25.91
C THR L 252 -6.79 -38.58 24.77
N MET L 253 -8.06 -38.22 24.57
CA MET L 253 -8.89 -38.86 23.57
C MET L 253 -9.34 -37.92 22.47
N SER L 254 -10.00 -36.81 22.82
CA SER L 254 -10.61 -35.93 21.84
C SER L 254 -9.63 -34.96 21.20
N GLY L 255 -8.46 -34.77 21.79
CA GLY L 255 -7.53 -33.78 21.26
C GLY L 255 -8.08 -32.38 21.26
N VAL L 256 -8.87 -32.02 22.26
CA VAL L 256 -9.46 -30.70 22.36
C VAL L 256 -8.66 -29.79 23.29
N ALA L 257 -8.19 -30.33 24.41
CA ALA L 257 -7.40 -29.58 25.36
C ALA L 257 -5.92 -29.83 25.15
N HIS L 258 -5.10 -28.85 25.54
CA HIS L 258 -3.67 -28.93 25.34
C HIS L 258 -2.91 -29.36 26.59
N ARG L 259 -3.43 -29.06 27.77
CA ARG L 259 -2.75 -29.43 29.01
C ARG L 259 -3.78 -29.57 30.12
N ALA L 260 -3.49 -30.44 31.07
CA ALA L 260 -4.31 -30.63 32.25
C ALA L 260 -3.45 -30.36 33.49
N PHE L 261 -4.02 -29.66 34.45
CA PHE L 261 -3.29 -29.26 35.65
C PHE L 261 -4.02 -29.78 36.89
N GLU L 262 -3.26 -29.90 37.98
CA GLU L 262 -3.79 -30.53 39.18
C GLU L 262 -4.79 -29.64 39.90
N ASN L 263 -4.47 -28.35 40.04
CA ASN L 263 -5.26 -27.46 40.87
C ASN L 263 -5.41 -26.12 40.16
N ASP L 264 -6.26 -25.26 40.74
CA ASP L 264 -6.35 -23.89 40.27
C ASP L 264 -5.03 -23.16 40.47
N VAL L 265 -4.39 -23.35 41.62
CA VAL L 265 -3.13 -22.67 41.90
C VAL L 265 -2.04 -23.15 40.94
N ASP L 266 -1.92 -24.46 40.79
CA ASP L 266 -0.94 -25.02 39.87
C ASP L 266 -1.22 -24.57 38.44
N ALA L 267 -2.50 -24.58 38.05
CA ALA L 267 -2.86 -24.16 36.71
C ALA L 267 -2.49 -22.72 36.46
N LEU L 268 -2.74 -21.84 37.45
CA LEU L 268 -2.43 -20.42 37.26
C LEU L 268 -0.93 -20.18 37.20
N CYS L 269 -0.16 -20.86 38.04
CA CYS L 269 1.29 -20.73 37.97
C CYS L 269 1.82 -21.16 36.61
N ASN L 270 1.37 -22.32 36.14
CA ASN L 270 1.79 -22.78 34.82
C ASN L 270 1.31 -21.85 33.73
N LEU L 271 0.15 -21.23 33.90
CA LEU L 271 -0.35 -20.28 32.92
C LEU L 271 0.55 -19.06 32.82
N ARG L 272 1.00 -18.54 33.96
CA ARG L 272 1.97 -17.44 33.92
C ARG L 272 3.24 -17.87 33.20
N ASP L 273 3.76 -19.04 33.56
CA ASP L 273 4.96 -19.54 32.91
C ASP L 273 4.78 -19.62 31.40
N PHE L 274 3.66 -20.19 30.96
CA PHE L 274 3.40 -20.32 29.53
C PHE L 274 3.26 -18.96 28.86
N PHE L 275 2.55 -18.04 29.49
CA PHE L 275 2.36 -16.72 28.91
C PHE L 275 3.71 -16.02 28.70
N ASN L 276 4.70 -16.34 29.54
CA ASN L 276 6.00 -15.69 29.35
C ASN L 276 6.56 -15.94 27.95
N TYR L 277 6.15 -17.02 27.29
CA TYR L 277 6.75 -17.36 25.99
C TYR L 277 6.23 -16.49 24.85
N LEU L 278 4.96 -16.13 24.88
CA LEU L 278 4.29 -15.61 23.70
C LEU L 278 4.59 -14.13 23.47
N PRO L 279 4.57 -13.69 22.22
CA PRO L 279 4.57 -12.25 21.93
C PRO L 279 3.19 -11.66 22.19
N LEU L 280 3.18 -10.34 22.39
CA LEU L 280 1.93 -9.68 22.72
C LEU L 280 0.98 -9.58 21.54
N SER L 281 1.49 -9.51 20.32
CA SER L 281 0.65 -9.45 19.13
C SER L 281 1.47 -9.91 17.94
N SER L 282 0.80 -10.07 16.80
CA SER L 282 1.47 -10.49 15.58
C SER L 282 2.34 -9.40 14.98
N GLN L 283 2.28 -8.18 15.50
CA GLN L 283 3.16 -7.12 15.05
C GLN L 283 4.53 -7.17 15.72
N ASP L 284 4.71 -8.02 16.72
CA ASP L 284 5.95 -8.08 17.46
C ASP L 284 6.72 -9.34 17.13
N PRO L 285 8.05 -9.29 17.21
CA PRO L 285 8.85 -10.50 16.99
C PRO L 285 8.74 -11.45 18.18
N ALA L 286 9.35 -12.61 18.02
CA ALA L 286 9.37 -13.58 19.11
C ALA L 286 10.07 -12.99 20.32
N PRO L 287 9.52 -13.13 21.52
CA PRO L 287 10.17 -12.54 22.70
C PRO L 287 11.57 -13.09 22.89
N VAL L 288 12.48 -12.21 23.31
CA VAL L 288 13.85 -12.57 23.62
C VAL L 288 14.15 -12.06 25.02
N ARG L 289 14.54 -12.95 25.92
CA ARG L 289 14.81 -12.60 27.30
C ARG L 289 16.28 -12.88 27.62
N GLU L 290 16.67 -12.47 28.83
CA GLU L 290 18.05 -12.66 29.26
C GLU L 290 18.38 -14.14 29.33
N CYS L 291 19.54 -14.51 28.78
CA CYS L 291 19.95 -15.91 28.68
C CYS L 291 21.32 -16.10 29.31
N HIS L 292 21.45 -17.20 30.06
CA HIS L 292 22.73 -17.57 30.66
C HIS L 292 23.38 -18.78 30.03
N ASP L 293 22.61 -19.64 29.37
CA ASP L 293 23.16 -20.82 28.73
C ASP L 293 23.96 -20.41 27.51
N PRO L 294 25.24 -20.73 27.42
CA PRO L 294 26.03 -20.34 26.25
C PRO L 294 25.43 -20.91 24.97
N SER L 295 25.42 -20.09 23.91
CA SER L 295 24.88 -20.54 22.64
C SER L 295 25.78 -21.52 21.92
N ASP L 296 27.04 -21.63 22.31
CA ASP L 296 27.98 -22.56 21.69
C ASP L 296 28.26 -23.78 22.56
N ARG L 297 27.45 -24.00 23.60
CA ARG L 297 27.65 -25.17 24.45
C ARG L 297 27.58 -26.45 23.64
N LEU L 298 28.53 -27.35 23.85
CA LEU L 298 28.53 -28.63 23.17
C LEU L 298 27.63 -29.60 23.89
N VAL L 299 27.16 -30.60 23.14
CA VAL L 299 26.28 -31.64 23.68
C VAL L 299 26.85 -33.00 23.31
N PRO L 300 27.94 -33.43 23.95
CA PRO L 300 28.55 -34.71 23.57
C PRO L 300 27.64 -35.90 23.79
N GLU L 301 26.66 -35.79 24.68
CA GLU L 301 25.79 -36.92 24.97
C GLU L 301 24.95 -37.36 23.78
N LEU L 302 24.85 -36.53 22.75
CA LEU L 302 24.07 -36.88 21.57
C LEU L 302 24.85 -37.69 20.55
N ASP L 303 26.16 -37.84 20.74
CA ASP L 303 26.97 -38.51 19.73
C ASP L 303 26.64 -39.99 19.61
N THR L 304 26.01 -40.59 20.62
CA THR L 304 25.67 -42.01 20.58
C THR L 304 24.22 -42.27 20.97
N ILE L 305 23.38 -41.24 20.95
CA ILE L 305 22.00 -41.41 21.37
C ILE L 305 21.23 -42.28 20.39
N VAL L 306 21.52 -42.18 19.09
CA VAL L 306 20.79 -42.89 18.05
C VAL L 306 21.41 -44.27 17.91
N PRO L 307 20.68 -45.35 18.16
CA PRO L 307 21.23 -46.69 17.95
C PRO L 307 21.51 -46.96 16.48
N LEU L 308 22.56 -47.74 16.22
CA LEU L 308 22.90 -48.06 14.84
C LEU L 308 21.83 -48.93 14.19
N GLU L 309 21.32 -49.92 14.91
CA GLU L 309 20.31 -50.82 14.37
C GLU L 309 18.97 -50.10 14.31
N SER L 310 18.39 -50.02 13.11
CA SER L 310 17.14 -49.30 12.92
C SER L 310 15.96 -49.95 13.61
N THR L 311 16.15 -51.07 14.30
CA THR L 311 15.07 -51.75 14.99
C THR L 311 14.96 -51.37 16.46
N LYS L 312 15.78 -50.44 16.93
CA LYS L 312 15.74 -49.98 18.32
C LYS L 312 15.37 -48.51 18.37
N ALA L 313 14.52 -48.15 19.32
CA ALA L 313 14.01 -46.80 19.45
C ALA L 313 14.79 -46.04 20.52
N TYR L 314 14.66 -44.71 20.46
CA TYR L 314 15.22 -43.82 21.47
C TYR L 314 14.17 -42.78 21.80
N ASN L 315 14.50 -41.89 22.74
CA ASN L 315 13.58 -40.86 23.17
C ASN L 315 14.02 -39.52 22.59
N MET L 316 13.22 -38.98 21.67
CA MET L 316 13.54 -37.68 21.09
C MET L 316 13.48 -36.56 22.11
N VAL L 317 12.69 -36.73 23.19
CA VAL L 317 12.61 -35.71 24.21
C VAL L 317 13.96 -35.50 24.87
N ASP L 318 14.78 -36.56 24.97
CA ASP L 318 16.13 -36.38 25.50
C ASP L 318 16.95 -35.45 24.62
N ILE L 319 16.87 -35.64 23.30
CA ILE L 319 17.57 -34.74 22.38
C ILE L 319 17.08 -33.32 22.55
N ILE L 320 15.75 -33.15 22.62
CA ILE L 320 15.19 -31.81 22.76
C ILE L 320 15.69 -31.15 24.04
N HIS L 321 15.68 -31.90 25.15
CA HIS L 321 16.16 -31.35 26.41
C HIS L 321 17.62 -30.96 26.32
N SER L 322 18.43 -31.79 25.67
CA SER L 322 19.85 -31.48 25.56
C SER L 322 20.08 -30.22 24.73
N VAL L 323 19.32 -30.03 23.66
CA VAL L 323 19.63 -28.94 22.73
C VAL L 323 19.15 -27.58 23.26
N VAL L 324 18.01 -27.53 23.94
CA VAL L 324 17.39 -26.25 24.28
C VAL L 324 18.08 -25.61 25.48
N ASP L 325 17.78 -24.33 25.71
CA ASP L 325 18.39 -23.61 26.81
C ASP L 325 17.94 -24.18 28.15
N GLU L 326 18.90 -24.44 29.03
CA GLU L 326 18.64 -24.88 30.40
C GLU L 326 17.79 -26.15 30.46
N ARG L 327 17.67 -26.87 29.35
CA ARG L 327 16.93 -28.13 29.31
C ARG L 327 15.46 -27.92 29.68
N GLU L 328 14.93 -26.74 29.39
CA GLU L 328 13.55 -26.39 29.73
C GLU L 328 12.68 -26.48 28.50
N PHE L 329 11.59 -27.23 28.62
CA PHE L 329 10.71 -27.52 27.49
C PHE L 329 9.27 -27.56 27.98
N PHE L 330 8.43 -26.70 27.40
CA PHE L 330 7.00 -26.67 27.73
C PHE L 330 6.27 -27.45 26.64
N GLU L 331 5.88 -28.68 26.96
CA GLU L 331 5.28 -29.58 25.97
C GLU L 331 3.79 -29.30 25.83
N ILE L 332 3.29 -29.46 24.61
CA ILE L 332 1.87 -29.27 24.30
C ILE L 332 1.28 -30.62 23.96
N MET L 333 0.11 -30.92 24.52
CA MET L 333 -0.55 -32.21 24.36
C MET L 333 0.42 -33.35 24.67
N PRO L 334 1.04 -33.35 25.85
CA PRO L 334 2.03 -34.40 26.15
C PRO L 334 1.44 -35.80 26.16
N ASN L 335 0.15 -35.95 26.46
CA ASN L 335 -0.47 -37.26 26.60
C ASN L 335 -1.37 -37.63 25.45
N TYR L 336 -1.35 -36.88 24.36
CA TYR L 336 -2.21 -37.13 23.22
C TYR L 336 -1.36 -37.25 21.96
N ALA L 337 -1.59 -38.30 21.19
CA ALA L 337 -0.84 -38.57 19.98
C ALA L 337 0.67 -38.48 20.24
N LYS L 338 1.14 -39.39 21.09
CA LYS L 338 2.50 -39.33 21.60
C LYS L 338 3.55 -39.64 20.55
N ASN L 339 3.16 -40.11 19.36
CA ASN L 339 4.15 -40.38 18.32
C ASN L 339 4.76 -39.11 17.74
N ILE L 340 4.22 -37.95 18.08
CA ILE L 340 4.81 -36.67 17.69
C ILE L 340 4.92 -35.79 18.92
N ILE L 341 5.88 -34.88 18.92
CA ILE L 341 6.17 -34.02 20.05
C ILE L 341 6.17 -32.57 19.57
N VAL L 342 5.42 -31.72 20.25
CA VAL L 342 5.39 -30.30 19.95
C VAL L 342 5.49 -29.53 21.26
N GLY L 343 6.14 -28.37 21.21
CA GLY L 343 6.26 -27.59 22.41
C GLY L 343 6.99 -26.28 22.18
N PHE L 344 7.17 -25.55 23.27
CA PHE L 344 7.87 -24.28 23.28
C PHE L 344 9.16 -24.41 24.07
N ALA L 345 10.21 -23.74 23.60
CA ALA L 345 11.48 -23.71 24.30
C ALA L 345 12.16 -22.39 23.97
N ARG L 346 13.40 -22.24 24.42
CA ARG L 346 14.18 -21.05 24.13
C ARG L 346 15.56 -21.43 23.63
N MET L 347 16.02 -20.75 22.59
CA MET L 347 17.39 -20.86 22.11
C MET L 347 18.04 -19.50 22.21
N ASN L 348 19.11 -19.40 23.00
CA ASN L 348 19.79 -18.14 23.23
C ASN L 348 18.82 -17.08 23.72
N GLY L 349 17.82 -17.50 24.49
CA GLY L 349 16.84 -16.60 25.04
C GLY L 349 15.66 -16.27 24.14
N ARG L 350 15.67 -16.74 22.90
CA ARG L 350 14.60 -16.46 21.95
C ARG L 350 13.62 -17.62 21.92
N THR L 351 12.34 -17.30 21.99
CA THR L 351 11.31 -18.33 21.96
C THR L 351 11.34 -19.07 20.64
N VAL L 352 11.21 -20.40 20.70
CA VAL L 352 11.17 -21.24 19.52
C VAL L 352 10.14 -22.33 19.73
N GLY L 353 9.60 -22.83 18.62
CA GLY L 353 8.69 -23.95 18.62
C GLY L 353 9.39 -25.20 18.14
N ILE L 354 9.18 -26.29 18.86
CA ILE L 354 9.84 -27.56 18.60
C ILE L 354 8.80 -28.56 18.11
N VAL L 355 9.10 -29.19 16.98
CA VAL L 355 8.31 -30.29 16.44
C VAL L 355 9.25 -31.44 16.13
N GLY L 356 8.91 -32.63 16.60
CA GLY L 356 9.77 -33.78 16.38
C GLY L 356 9.05 -35.11 16.36
N ASN L 357 9.55 -36.04 15.55
CA ASN L 357 9.01 -37.39 15.57
C ASN L 357 9.47 -38.13 16.82
N GLN L 358 8.63 -39.03 17.30
CA GLN L 358 8.93 -39.80 18.50
C GLN L 358 9.07 -41.27 18.15
N PRO L 359 10.28 -41.77 17.92
CA PRO L 359 10.43 -43.20 17.59
C PRO L 359 9.99 -44.11 18.70
N LYS L 360 9.95 -43.62 19.94
CA LYS L 360 9.59 -44.45 21.08
C LYS L 360 8.13 -44.90 21.04
N VAL L 361 7.29 -44.25 20.25
CA VAL L 361 5.87 -44.58 20.18
C VAL L 361 5.50 -44.85 18.73
N ALA L 362 4.99 -46.06 18.47
CA ALA L 362 4.50 -46.43 17.15
C ALA L 362 5.56 -46.19 16.07
N SER L 363 6.82 -46.42 16.42
CA SER L 363 7.95 -46.29 15.50
C SER L 363 8.11 -44.88 14.96
N GLY L 364 7.39 -43.90 15.51
CA GLY L 364 7.46 -42.55 15.01
C GLY L 364 6.71 -42.31 13.73
N CYS L 365 5.80 -43.21 13.36
CA CYS L 365 5.01 -43.04 12.15
C CYS L 365 3.95 -41.98 12.33
N LEU L 366 3.71 -41.21 11.27
CA LEU L 366 2.67 -40.21 11.28
C LEU L 366 1.29 -40.86 11.16
N ASP L 367 0.28 -40.15 11.64
CA ASP L 367 -1.09 -40.63 11.56
C ASP L 367 -2.02 -39.42 11.65
N ILE L 368 -3.31 -39.68 11.87
CA ILE L 368 -4.31 -38.62 11.85
C ILE L 368 -4.11 -37.67 13.02
N ASN L 369 -4.18 -38.19 14.24
CA ASN L 369 -4.13 -37.33 15.42
C ASN L 369 -2.82 -36.58 15.49
N SER L 370 -1.70 -37.27 15.25
CA SER L 370 -0.40 -36.60 15.28
C SER L 370 -0.32 -35.53 14.20
N SER L 371 -0.86 -35.83 13.01
CA SER L 371 -0.83 -34.83 11.94
C SER L 371 -1.57 -33.57 12.35
N VAL L 372 -2.77 -33.71 12.91
CA VAL L 372 -3.53 -32.52 13.32
C VAL L 372 -2.79 -31.77 14.41
N LYS L 373 -2.28 -32.52 15.41
CA LYS L 373 -1.61 -31.89 16.54
C LYS L 373 -0.40 -31.08 16.07
N GLY L 374 0.40 -31.64 15.17
CA GLY L 374 1.53 -30.91 14.64
C GLY L 374 1.10 -29.73 13.78
N ALA L 375 0.07 -29.93 12.95
CA ALA L 375 -0.30 -28.91 11.99
C ALA L 375 -0.78 -27.64 12.69
N ARG L 376 -1.66 -27.78 13.68
CA ARG L 376 -2.17 -26.57 14.30
C ARG L 376 -1.07 -25.82 15.06
N PHE L 377 -0.19 -26.56 15.73
CA PHE L 377 0.91 -25.92 16.45
C PHE L 377 1.82 -25.17 15.48
N VAL L 378 2.14 -25.79 14.34
CA VAL L 378 2.99 -25.13 13.36
C VAL L 378 2.32 -23.86 12.84
N ARG L 379 1.02 -23.94 12.55
CA ARG L 379 0.32 -22.77 12.06
C ARG L 379 0.32 -21.64 13.08
N PHE L 380 0.09 -21.97 14.35
CA PHE L 380 0.14 -20.92 15.38
C PHE L 380 1.53 -20.30 15.45
N CYS L 381 2.57 -21.13 15.46
CA CYS L 381 3.92 -20.59 15.55
C CYS L 381 4.21 -19.66 14.39
N ASP L 382 3.82 -20.06 13.17
CA ASP L 382 4.06 -19.21 12.01
C ASP L 382 3.27 -17.91 12.12
N ALA L 383 2.04 -17.97 12.63
CA ALA L 383 1.19 -16.78 12.66
C ALA L 383 1.81 -15.68 13.51
N PHE L 384 2.55 -16.06 14.56
CA PHE L 384 3.06 -15.08 15.52
C PHE L 384 4.59 -14.97 15.48
N ASN L 385 5.21 -15.34 14.36
CA ASN L 385 6.61 -15.05 14.11
C ASN L 385 7.55 -15.82 15.04
N ILE L 386 7.20 -17.05 15.38
CA ILE L 386 8.04 -17.89 16.25
C ILE L 386 8.79 -18.88 15.36
N PRO L 387 10.12 -18.90 15.40
CA PRO L 387 10.87 -19.83 14.55
C PRO L 387 10.59 -21.28 14.92
N LEU L 388 10.75 -22.16 13.95
CA LEU L 388 10.45 -23.57 14.10
C LEU L 388 11.70 -24.41 13.94
N ILE L 389 11.85 -25.39 14.84
CA ILE L 389 12.92 -26.38 14.79
C ILE L 389 12.28 -27.76 14.74
N THR L 390 12.71 -28.58 13.78
CA THR L 390 12.12 -29.89 13.55
C THR L 390 13.19 -30.96 13.65
N PHE L 391 12.85 -32.07 14.32
CA PHE L 391 13.70 -33.24 14.42
C PHE L 391 12.99 -34.38 13.69
N VAL L 392 13.64 -34.94 12.68
CA VAL L 392 12.99 -35.85 11.75
C VAL L 392 13.53 -37.26 11.96
N ASP L 393 12.64 -38.17 12.34
CA ASP L 393 12.91 -39.61 12.29
C ASP L 393 11.55 -40.29 12.05
N VAL L 394 11.24 -40.54 10.80
CA VAL L 394 9.91 -41.03 10.43
C VAL L 394 10.02 -42.07 9.32
N PRO L 395 9.49 -43.27 9.53
CA PRO L 395 9.56 -44.29 8.47
C PRO L 395 8.43 -44.18 7.47
N GLY L 396 7.33 -43.54 7.86
CA GLY L 396 6.20 -43.40 6.98
C GLY L 396 4.93 -43.12 7.78
N PHE L 397 3.80 -43.41 7.15
CA PHE L 397 2.49 -43.22 7.76
C PHE L 397 1.94 -44.54 8.27
N LEU L 398 1.14 -44.44 9.32
CA LEU L 398 0.56 -45.64 9.92
C LEU L 398 -0.40 -46.28 8.94
N PRO L 399 -0.26 -47.57 8.65
CA PRO L 399 -1.17 -48.24 7.71
C PRO L 399 -2.36 -48.87 8.41
N GLY L 400 -3.33 -49.28 7.62
CA GLY L 400 -4.53 -49.93 8.10
C GLY L 400 -5.77 -49.29 7.54
N THR L 401 -6.88 -50.04 7.61
CA THR L 401 -8.15 -49.51 7.12
C THR L 401 -8.70 -48.43 8.02
N ALA L 402 -8.37 -48.46 9.32
CA ALA L 402 -8.85 -47.42 10.22
C ALA L 402 -8.31 -46.05 9.82
N GLN L 403 -7.04 -45.99 9.43
CA GLN L 403 -6.46 -44.72 9.03
C GLN L 403 -7.03 -44.23 7.71
N GLU L 404 -7.25 -45.15 6.76
CA GLU L 404 -7.77 -44.74 5.46
C GLU L 404 -9.22 -44.28 5.58
N TYR L 405 -10.05 -45.04 6.29
CA TYR L 405 -11.45 -44.67 6.44
C TYR L 405 -11.60 -43.40 7.27
N GLY L 406 -10.62 -43.09 8.11
CA GLY L 406 -10.64 -41.87 8.88
C GLY L 406 -10.19 -40.64 8.15
N GLY L 407 -9.76 -40.78 6.89
CA GLY L 407 -9.34 -39.63 6.12
C GLY L 407 -7.90 -39.24 6.37
N ILE L 408 -7.02 -40.24 6.46
CA ILE L 408 -5.61 -39.95 6.72
C ILE L 408 -5.03 -39.03 5.65
N ILE L 409 -5.56 -39.10 4.43
CA ILE L 409 -4.99 -38.31 3.34
C ILE L 409 -5.10 -36.83 3.64
N ARG L 410 -6.31 -36.37 3.98
CA ARG L 410 -6.50 -34.94 4.23
C ARG L 410 -5.82 -34.50 5.52
N HIS L 411 -5.84 -35.35 6.55
CA HIS L 411 -5.19 -34.98 7.79
C HIS L 411 -3.68 -34.83 7.62
N GLY L 412 -3.05 -35.74 6.88
CA GLY L 412 -1.63 -35.57 6.59
C GLY L 412 -1.36 -34.36 5.72
N ALA L 413 -2.22 -34.13 4.74
CA ALA L 413 -2.11 -32.91 3.95
C ALA L 413 -2.17 -31.68 4.83
N LYS L 414 -2.88 -31.75 5.95
CA LYS L 414 -2.92 -30.63 6.87
C LYS L 414 -1.52 -30.25 7.34
N LEU L 415 -0.76 -31.23 7.86
CA LEU L 415 0.58 -30.93 8.34
C LEU L 415 1.50 -30.52 7.20
N LEU L 416 1.39 -31.18 6.05
CA LEU L 416 2.22 -30.80 4.92
C LEU L 416 1.98 -29.35 4.53
N TYR L 417 0.71 -28.95 4.46
CA TYR L 417 0.37 -27.58 4.14
C TYR L 417 0.87 -26.62 5.22
N ALA L 418 0.78 -27.04 6.49
CA ALA L 418 1.25 -26.17 7.56
C ALA L 418 2.73 -25.86 7.39
N PHE L 419 3.56 -26.87 7.14
CA PHE L 419 4.96 -26.57 6.90
C PHE L 419 5.17 -25.75 5.63
N ALA L 420 4.47 -26.10 4.54
CA ALA L 420 4.71 -25.39 3.29
C ALA L 420 4.34 -23.92 3.39
N GLU L 421 3.31 -23.59 4.16
CA GLU L 421 2.82 -22.22 4.24
C GLU L 421 3.70 -21.33 5.12
N ALA L 422 4.37 -21.90 6.11
CA ALA L 422 5.08 -21.09 7.09
C ALA L 422 6.16 -20.24 6.43
N THR L 423 6.31 -19.01 6.92
CA THR L 423 7.32 -18.09 6.44
C THR L 423 8.31 -17.70 7.53
N VAL L 424 8.15 -18.21 8.74
CA VAL L 424 9.11 -17.98 9.81
C VAL L 424 10.35 -18.82 9.53
N PRO L 425 11.49 -18.53 10.14
CA PRO L 425 12.66 -19.38 9.94
C PRO L 425 12.37 -20.82 10.33
N LYS L 426 12.83 -21.76 9.50
CA LYS L 426 12.62 -23.17 9.72
C LYS L 426 13.96 -23.87 9.68
N VAL L 427 14.30 -24.59 10.75
CA VAL L 427 15.53 -25.36 10.83
C VAL L 427 15.17 -26.82 11.06
N THR L 428 15.71 -27.70 10.23
CA THR L 428 15.39 -29.12 10.28
C THR L 428 16.67 -29.92 10.51
N VAL L 429 16.61 -30.90 11.40
CA VAL L 429 17.77 -31.82 11.62
C VAL L 429 17.21 -33.22 11.41
N ILE L 430 17.86 -34.02 10.58
CA ILE L 430 17.41 -35.42 10.38
C ILE L 430 18.27 -36.32 11.24
N THR L 431 17.67 -37.01 12.19
CA THR L 431 18.36 -38.00 13.02
C THR L 431 17.76 -39.32 12.52
N ARG L 432 18.53 -40.21 11.95
CA ARG L 432 17.99 -41.47 11.36
C ARG L 432 17.05 -41.34 10.16
N LYS L 433 15.94 -42.06 10.14
CA LYS L 433 15.10 -42.23 8.91
C LYS L 433 14.24 -41.07 8.41
N ALA L 434 14.12 -40.95 7.09
CA ALA L 434 13.21 -39.97 6.46
C ALA L 434 12.77 -40.66 5.16
N TYR L 435 11.65 -41.37 5.17
CA TYR L 435 11.29 -42.19 3.99
C TYR L 435 10.02 -41.74 3.29
N GLY L 436 10.04 -41.67 1.95
CA GLY L 436 8.86 -41.40 1.16
C GLY L 436 8.30 -40.01 1.39
N GLY L 437 6.98 -39.90 1.24
CA GLY L 437 6.31 -38.62 1.41
C GLY L 437 6.41 -38.05 2.81
N ALA L 438 6.64 -38.90 3.81
CA ALA L 438 6.84 -38.40 5.16
C ALA L 438 8.05 -37.48 5.22
N TYR L 439 9.11 -37.78 4.47
CA TYR L 439 10.25 -36.88 4.42
C TYR L 439 9.85 -35.52 3.86
N ASP L 440 9.03 -35.52 2.80
CA ASP L 440 8.55 -34.26 2.25
C ASP L 440 7.73 -33.48 3.26
N VAL L 441 6.86 -34.18 4.00
CA VAL L 441 5.96 -33.50 4.93
C VAL L 441 6.74 -32.79 6.02
N MET L 442 7.75 -33.47 6.58
CA MET L 442 8.47 -32.95 7.74
C MET L 442 9.44 -31.86 7.32
N SER L 443 8.87 -30.77 6.82
CA SER L 443 9.60 -29.54 6.57
C SER L 443 10.85 -29.78 5.71
N SER L 444 10.69 -30.56 4.65
CA SER L 444 11.79 -30.79 3.75
C SER L 444 12.24 -29.45 3.13
N LYS L 445 13.51 -29.41 2.72
CA LYS L 445 14.04 -28.19 2.13
C LYS L 445 13.24 -27.76 0.91
N HIS L 446 12.58 -28.69 0.25
CA HIS L 446 11.80 -28.37 -0.94
C HIS L 446 10.54 -27.59 -0.62
N LEU L 447 10.14 -27.53 0.65
CA LEU L 447 9.05 -26.67 1.11
C LEU L 447 9.52 -25.26 1.42
N CYS L 448 10.65 -24.85 0.84
CA CYS L 448 11.23 -23.53 1.08
C CYS L 448 11.80 -23.45 2.50
N GLY L 449 12.34 -24.57 2.98
CA GLY L 449 13.03 -24.56 4.26
C GLY L 449 14.31 -23.76 4.20
N ASP L 450 14.79 -23.36 5.38
CA ASP L 450 15.94 -22.49 5.45
C ASP L 450 17.26 -23.26 5.56
N THR L 451 17.39 -24.07 6.60
CA THR L 451 18.59 -24.89 6.78
C THR L 451 18.16 -26.30 7.14
N ASN L 452 18.75 -27.29 6.48
CA ASN L 452 18.46 -28.69 6.73
C ASN L 452 19.77 -29.42 7.00
N TYR L 453 19.82 -30.12 8.13
CA TYR L 453 21.02 -30.81 8.56
C TYR L 453 20.73 -32.30 8.71
N ALA L 454 21.76 -33.11 8.50
CA ALA L 454 21.66 -34.55 8.63
C ALA L 454 22.73 -35.06 9.57
N TRP L 455 22.33 -35.87 10.54
CA TRP L 455 23.29 -36.57 11.38
C TRP L 455 23.89 -37.74 10.60
N PRO L 456 25.00 -38.30 11.07
CA PRO L 456 25.62 -39.40 10.34
C PRO L 456 24.73 -40.61 10.18
N THR L 457 23.68 -40.75 10.99
CA THR L 457 22.76 -41.87 10.91
C THR L 457 21.57 -41.57 10.00
N ALA L 458 21.55 -40.44 9.32
CA ALA L 458 20.42 -40.07 8.49
C ALA L 458 20.28 -41.01 7.30
N GLU L 459 19.03 -41.20 6.88
CA GLU L 459 18.71 -42.06 5.74
C GLU L 459 17.55 -41.43 4.98
N ILE L 460 17.84 -40.76 3.87
CA ILE L 460 16.84 -40.16 3.02
C ILE L 460 16.65 -41.07 1.81
N ALA L 461 15.46 -41.66 1.68
CA ALA L 461 15.22 -42.62 0.61
C ALA L 461 13.73 -42.65 0.31
N VAL L 462 13.40 -43.18 -0.87
CA VAL L 462 12.01 -43.33 -1.26
C VAL L 462 11.30 -44.34 -0.36
N MET L 463 12.01 -45.39 0.04
CA MET L 463 11.42 -46.44 0.87
C MET L 463 12.55 -47.27 1.45
N GLY L 464 12.21 -48.34 2.15
CA GLY L 464 13.21 -49.20 2.73
C GLY L 464 14.09 -49.85 1.68
N ALA L 465 15.32 -50.17 2.08
CA ALA L 465 16.28 -50.73 1.14
C ALA L 465 15.80 -52.07 0.59
N LYS L 466 15.24 -52.92 1.46
CA LYS L 466 14.79 -54.24 1.01
C LYS L 466 13.66 -54.11 -0.01
N GLY L 467 12.68 -53.24 0.26
CA GLY L 467 11.60 -53.06 -0.69
C GLY L 467 12.07 -52.46 -2.00
N ALA L 468 12.97 -51.49 -1.93
CA ALA L 468 13.51 -50.89 -3.15
C ALA L 468 14.25 -51.93 -3.98
N VAL L 469 15.05 -52.78 -3.34
CA VAL L 469 15.75 -53.83 -4.07
C VAL L 469 14.77 -54.82 -4.67
N GLU L 470 13.73 -55.18 -3.91
CA GLU L 470 12.72 -56.08 -4.44
C GLU L 470 12.08 -55.52 -5.70
N ILE L 471 11.70 -54.25 -5.66
CA ILE L 471 11.02 -53.66 -6.82
C ILE L 471 11.99 -53.52 -7.99
N ILE L 472 13.19 -53.01 -7.74
CA ILE L 472 14.08 -52.64 -8.83
C ILE L 472 14.65 -53.88 -9.52
N PHE L 473 15.14 -54.85 -8.73
CA PHE L 473 15.89 -55.96 -9.28
C PHE L 473 15.06 -57.24 -9.37
N LYS L 474 13.76 -57.14 -9.15
CA LYS L 474 12.92 -58.33 -9.15
C LYS L 474 12.88 -58.92 -10.56
N GLY L 475 13.09 -60.22 -10.66
CA GLY L 475 13.33 -60.86 -11.94
C GLY L 475 14.78 -61.15 -12.22
N HIS L 476 15.68 -60.89 -11.28
CA HIS L 476 17.09 -61.20 -11.40
C HIS L 476 17.47 -62.10 -10.22
N GLU L 477 18.15 -63.21 -10.51
CA GLU L 477 18.43 -64.18 -9.45
C GLU L 477 19.55 -63.70 -8.53
N ASN L 478 20.55 -62.99 -9.06
CA ASN L 478 21.67 -62.53 -8.25
C ASN L 478 21.24 -61.35 -7.38
N VAL L 479 20.27 -61.61 -6.52
CA VAL L 479 19.67 -60.56 -5.69
C VAL L 479 20.66 -60.07 -4.65
N GLU L 480 21.47 -60.97 -4.10
CA GLU L 480 22.29 -60.61 -2.93
C GLU L 480 23.34 -59.56 -3.27
N ALA L 481 24.08 -59.75 -4.38
CA ALA L 481 25.11 -58.78 -4.74
C ALA L 481 24.51 -57.42 -5.06
N ALA L 482 23.41 -57.41 -5.80
CA ALA L 482 22.75 -56.15 -6.12
C ALA L 482 22.25 -55.46 -4.87
N GLN L 483 21.67 -56.22 -3.94
CA GLN L 483 21.19 -55.63 -2.70
C GLN L 483 22.34 -55.06 -1.88
N ALA L 484 23.47 -55.77 -1.83
CA ALA L 484 24.63 -55.25 -1.09
C ALA L 484 25.12 -53.95 -1.71
N GLU L 485 25.23 -53.90 -3.03
CA GLU L 485 25.66 -52.67 -3.68
C GLU L 485 24.67 -51.54 -3.44
N TYR L 486 23.37 -51.84 -3.52
CA TYR L 486 22.36 -50.82 -3.29
C TYR L 486 22.43 -50.27 -1.86
N ILE L 487 22.59 -51.15 -0.88
CA ILE L 487 22.68 -50.70 0.50
C ILE L 487 23.93 -49.87 0.71
N GLU L 488 25.04 -50.29 0.10
CA GLU L 488 26.29 -49.54 0.25
C GLU L 488 26.17 -48.15 -0.36
N LYS L 489 25.45 -48.03 -1.48
CA LYS L 489 25.41 -46.76 -2.19
C LYS L 489 24.29 -45.83 -1.73
N PHE L 490 23.20 -46.36 -1.17
CA PHE L 490 22.02 -45.57 -0.92
C PHE L 490 21.53 -45.55 0.53
N ALA L 491 21.89 -46.56 1.33
CA ALA L 491 21.41 -46.60 2.71
C ALA L 491 22.23 -45.65 3.59
N ASN L 492 22.27 -44.38 3.22
CA ASN L 492 23.05 -43.38 3.94
C ASN L 492 22.58 -41.99 3.52
N PRO L 493 23.14 -40.92 4.12
CA PRO L 493 22.71 -39.57 3.76
C PRO L 493 23.39 -39.00 2.52
N PHE L 494 24.29 -39.74 1.89
CA PHE L 494 25.04 -39.24 0.75
C PHE L 494 24.15 -38.90 -0.44
N PRO L 495 23.16 -39.73 -0.78
CA PRO L 495 22.31 -39.38 -1.93
C PRO L 495 21.66 -38.02 -1.81
N ALA L 496 21.21 -37.65 -0.60
CA ALA L 496 20.63 -36.33 -0.41
C ALA L 496 21.71 -35.25 -0.37
N ALA L 497 22.82 -35.52 0.30
CA ALA L 497 23.86 -34.50 0.46
C ALA L 497 24.46 -34.11 -0.88
N VAL L 498 24.71 -35.08 -1.76
CA VAL L 498 25.33 -34.79 -3.05
C VAL L 498 24.44 -33.91 -3.92
N ARG L 499 23.13 -33.99 -3.73
CA ARG L 499 22.19 -33.17 -4.49
C ARG L 499 21.85 -31.85 -3.82
N GLY L 500 22.36 -31.61 -2.61
CA GLY L 500 22.06 -30.39 -1.89
C GLY L 500 20.77 -30.41 -1.10
N PHE L 501 20.12 -31.56 -0.96
CA PHE L 501 18.88 -31.62 -0.19
C PHE L 501 19.12 -31.31 1.28
N VAL L 502 20.33 -31.55 1.77
CA VAL L 502 20.73 -31.18 3.11
C VAL L 502 21.97 -30.30 3.02
N ASP L 503 21.96 -29.21 3.79
CA ASP L 503 23.05 -28.25 3.71
C ASP L 503 24.38 -28.84 4.17
N ASP L 504 24.36 -29.84 5.05
CA ASP L 504 25.59 -30.40 5.57
C ASP L 504 25.26 -31.61 6.42
N ILE L 505 26.28 -32.44 6.64
CA ILE L 505 26.22 -33.55 7.60
C ILE L 505 27.07 -33.15 8.79
N ILE L 506 26.44 -33.06 9.95
CA ILE L 506 27.06 -32.45 11.13
C ILE L 506 27.22 -33.48 12.22
N GLN L 507 28.24 -33.29 13.04
CA GLN L 507 28.39 -34.09 14.25
C GLN L 507 27.25 -33.75 15.21
N PRO L 508 26.61 -34.76 15.81
CA PRO L 508 25.50 -34.46 16.73
C PRO L 508 25.89 -33.51 17.85
N SER L 509 27.11 -33.64 18.38
CA SER L 509 27.51 -32.82 19.52
C SER L 509 27.46 -31.33 19.23
N SER L 510 27.58 -30.93 17.95
CA SER L 510 27.56 -29.52 17.60
C SER L 510 26.15 -29.01 17.33
N THR L 511 25.15 -29.88 17.34
CA THR L 511 23.81 -29.49 16.92
C THR L 511 23.41 -28.14 17.47
N ARG L 512 23.34 -28.03 18.80
CA ARG L 512 22.86 -26.79 19.41
C ARG L 512 23.57 -25.58 18.83
N ALA L 513 24.90 -25.62 18.83
CA ALA L 513 25.65 -24.46 18.34
C ALA L 513 25.17 -24.08 16.95
N ARG L 514 25.16 -25.05 16.04
CA ARG L 514 24.73 -24.75 14.68
C ARG L 514 23.38 -24.06 14.70
N ILE L 515 22.40 -24.66 15.38
CA ILE L 515 21.06 -24.10 15.37
C ILE L 515 21.10 -22.65 15.82
N CYS L 516 21.78 -22.39 16.94
CA CYS L 516 21.82 -21.02 17.45
C CYS L 516 22.32 -20.08 16.37
N CYS L 517 23.45 -20.42 15.75
CA CYS L 517 23.99 -19.56 14.71
C CYS L 517 22.93 -19.26 13.67
N ASP L 518 22.26 -20.29 13.18
CA ASP L 518 21.27 -20.08 12.13
C ASP L 518 20.17 -19.15 12.60
N LEU L 519 19.68 -19.34 13.83
CA LEU L 519 18.60 -18.49 14.30
C LEU L 519 19.01 -17.04 14.36
N ASP L 520 20.30 -16.75 14.50
CA ASP L 520 20.73 -15.36 14.47
C ASP L 520 20.71 -14.80 13.05
N VAL L 521 21.10 -15.62 12.07
CA VAL L 521 21.14 -15.16 10.69
C VAL L 521 19.73 -14.96 10.14
N LEU L 522 18.82 -15.88 10.45
CA LEU L 522 17.50 -15.91 9.84
C LEU L 522 16.50 -14.99 10.53
N ALA L 523 16.90 -14.27 11.57
CA ALA L 523 15.96 -13.41 12.28
C ALA L 523 15.35 -12.34 11.38
N SER L 524 16.04 -11.96 10.30
CA SER L 524 15.54 -10.94 9.38
C SER L 524 14.96 -11.54 8.10
N LYS L 525 14.61 -12.82 8.12
CA LYS L 525 14.04 -13.45 6.94
C LYS L 525 12.74 -12.77 6.53
N LYS L 526 12.59 -12.51 5.23
CA LYS L 526 11.33 -11.92 4.68
C LYS L 526 11.02 -12.59 3.34
N VAL L 527 9.78 -13.02 3.13
CA VAL L 527 9.41 -13.78 1.90
C VAL L 527 8.22 -13.13 1.21
N GLN L 528 8.18 -13.12 -0.12
CA GLN L 528 7.05 -12.53 -0.88
C GLN L 528 6.14 -13.63 -1.38
N ARG L 529 4.82 -13.46 -1.25
CA ARG L 529 3.83 -14.43 -1.69
C ARG L 529 2.77 -13.74 -2.53
N PRO L 530 2.08 -14.47 -3.39
CA PRO L 530 0.97 -13.88 -4.13
C PRO L 530 -0.15 -13.45 -3.20
N TRP L 531 -0.87 -12.42 -3.60
CA TRP L 531 -1.97 -11.91 -2.79
C TRP L 531 -3.15 -12.88 -2.81
N ARG L 532 -3.88 -12.91 -1.70
CA ARG L 532 -5.12 -13.67 -1.62
C ARG L 532 -5.85 -13.26 -0.35
N LYS L 533 -7.16 -13.46 -0.36
CA LYS L 533 -7.93 -13.28 0.87
C LYS L 533 -7.47 -14.26 1.94
N HIS L 534 -7.27 -15.52 1.54
CA HIS L 534 -6.71 -16.55 2.41
C HIS L 534 -6.58 -17.80 1.56
N ALA L 535 -5.92 -18.81 2.12
CA ALA L 535 -5.77 -20.08 1.44
C ALA L 535 -6.98 -20.96 1.76
N ASN L 536 -6.98 -22.16 1.18
CA ASN L 536 -8.04 -23.14 1.43
C ASN L 536 -7.36 -24.42 1.92
N ILE L 537 -7.10 -24.46 3.22
CA ILE L 537 -6.42 -25.62 3.81
C ILE L 537 -7.38 -26.79 3.87
N PRO L 538 -6.93 -28.03 3.68
CA PRO L 538 -7.82 -29.17 3.87
C PRO L 538 -8.32 -29.22 5.31
N LEU L 539 -9.57 -29.63 5.47
CA LEU L 539 -10.15 -29.76 6.80
C LEU L 539 -10.69 -31.16 7.02
C11 BTI M . 6.31 -55.52 8.54
O11 BTI M . 5.47 -56.23 9.04
C10 BTI M . 6.42 -55.22 7.09
C9 BTI M . 5.75 -53.89 6.72
C8 BTI M . 6.06 -52.78 7.71
C7 BTI M . 6.06 -51.42 7.01
C2 BTI M . 6.18 -50.24 7.96
S1 BTI M . 4.67 -50.02 8.96
C6 BTI M . 5.25 -48.37 9.41
C5 BTI M . 5.81 -47.75 8.14
N3 BTI M . 4.81 -47.18 7.28
C3 BTI M . 4.69 -47.78 6.07
O3 BTI M . 3.92 -47.49 5.17
N2 BTI M . 5.62 -48.79 6.04
C4 BTI M . 6.40 -48.90 7.25
H11 BTI M . 6.97 -55.12 9.07
H102 BTI M . 7.37 -55.14 6.89
H103 BTI M . 6.07 -55.95 6.56
H92 BTI M . 4.79 -54.03 6.68
H93 BTI M . 6.04 -53.63 5.83
H82 BTI M . 6.91 -52.93 8.13
H83 BTI M . 5.39 -52.77 8.41
H72 BTI M . 5.24 -51.32 6.51
H73 BTI M . 6.79 -51.38 6.36
H2 BTI M . 6.92 -50.38 8.56
H62 BTI M . 5.92 -48.42 10.11
H63 BTI M . 4.51 -47.83 9.74
H5 BTI M . 6.49 -47.10 8.36
HN3 BTI M . 4.31 -46.51 7.51
HN2 BTI M . 5.72 -49.31 5.34
H4 BTI M . 7.34 -48.78 7.07
C11 BTI N . 41.05 27.99 -26.90
O11 BTI N . 41.78 27.49 -27.72
C10 BTI N . 39.73 28.60 -27.21
C9 BTI N . 38.57 27.62 -26.98
C8 BTI N . 38.69 26.83 -25.68
C7 BTI N . 37.32 26.50 -25.12
C2 BTI N . 37.37 25.54 -23.93
S1 BTI N . 37.88 23.87 -24.41
C6 BTI N . 37.29 23.26 -22.82
C5 BTI N . 35.96 23.97 -22.56
N3 BTI N . 34.84 23.35 -23.22
C3 BTI N . 34.24 24.14 -24.16
O3 BTI N . 33.28 23.85 -24.85
N2 BTI N . 34.91 25.32 -24.16
C4 BTI N . 36.01 25.38 -23.23
H11 BTI N . 41.28 28.02 -26.01
H102 BTI N . 39.62 29.35 -26.60
H103 BTI N . 39.71 28.95 -28.12
H92 BTI N . 38.51 27.01 -27.73
H93 BTI N . 37.73 28.12 -26.97
H82 BTI N . 39.21 27.34 -25.05
H83 BTI N . 39.18 26.01 -25.86
H72 BTI N . 36.79 26.09 -25.81
H73 BTI N . 36.86 27.32 -24.86
H2 BTI N . 37.99 25.88 -23.28
H62 BTI N . 37.94 23.44 -22.12
H63 BTI N . 37.15 22.30 -22.86
H5 BTI N . 35.80 24.03 -21.61
HN3 BTI N . 34.56 22.56 -23.06
HN2 BTI N . 34.70 25.99 -24.70
H4 BTI N . 35.89 26.10 -22.59
C11 BTI O . -34.19 28.87 34.52
O11 BTI O . -34.44 30.04 34.39
C10 BTI O . -34.93 27.74 33.90
C9 BTI O . -34.27 27.28 32.59
C8 BTI O . -32.77 27.15 32.69
C7 BTI O . -32.24 26.04 31.79
C2 BTI O . -30.73 25.98 31.69
S1 BTI O . -30.04 27.41 30.80
C6 BTI O . -28.46 26.53 30.65
C5 BTI O . -28.83 25.08 30.29
N3 BTI O . -29.09 24.88 28.89
C3 BTI O . -30.35 24.50 28.61
O3 BTI O . -30.83 24.26 27.52
N2 BTI O . -31.01 24.41 29.81
C4 BTI O . -30.20 24.74 30.95
H11 BTI O . -33.47 28.61 35.05
H102 BTI O . -34.92 27.01 34.53
H103 BTI O . -35.86 27.99 33.75
H92 BTI O . -34.50 27.89 31.88
H93 BTI O . -34.65 26.41 32.34
H82 BTI O . -32.51 26.97 33.61
H83 BTI O . -32.34 27.99 32.44
H72 BTI O . -32.59 26.18 30.89
H73 BTI O . -32.58 25.18 32.09
H2 BTI O . -30.35 25.97 32.59
H62 BTI O . -27.96 26.59 31.48
H63 BTI O . -27.93 26.93 29.95
H5 BTI O . -28.13 24.49 30.61
HN3 BTI O . -28.50 24.99 28.28
HN2 BTI O . -31.87 24.17 29.85
H4 BTI O . -30.14 24.00 31.57
C11 BTI P . -35.49 -37.44 23.13
O11 BTI P . -35.24 -38.61 23.27
C10 BTI P . -35.17 -36.36 24.11
C9 BTI P . -33.86 -35.65 23.78
C8 BTI P . -33.71 -35.32 22.30
C7 BTI P . -32.89 -34.05 22.11
C2 BTI P . -32.54 -33.76 20.66
S1 BTI P . -31.34 -34.96 19.98
C6 BTI P . -31.05 -33.84 18.59
C5 BTI P . -30.98 -32.43 19.19
N3 BTI P . -29.69 -32.11 19.74
C3 BTI P . -29.70 -31.88 21.07
O3 BTI P . -28.75 -31.59 21.77
N2 BTI P . -30.98 -32.03 21.49
C4 BTI P . -31.91 -32.38 20.44
H11 BTI P . -35.92 -37.14 22.37
H102 BTI P . -35.90 -35.71 24.07
H103 BTI P . -35.16 -36.72 25.02
H92 BTI P . -33.12 -36.21 24.06
H93 BTI P . -33.80 -34.83 24.30
H82 BTI P . -34.58 -35.22 21.90
H83 BTI P . -33.27 -36.05 21.85
H72 BTI P . -32.06 -34.13 22.60
H73 BTI P . -33.37 -33.29 22.49
H2 BTI P . -33.34 -33.80 20.11
H62 BTI P . -31.76 -33.93 17.94
H63 BTI P . -30.20 -34.06 18.16
H5 BTI P . -31.25 -31.79 18.52
HN3 BTI P . -28.97 -32.06 19.26
HN2 BTI P . -31.22 -31.93 22.35
H4 BTI P . -32.60 -31.71 20.35
C11 BTI Q . -15.23 54.43 -1.17
O11 BTI Q . -15.96 54.94 -0.36
C10 BTI Q . -13.75 54.32 -1.04
C9 BTI Q . -13.33 52.96 -0.47
C8 BTI Q . -14.06 51.79 -1.09
C7 BTI Q . -13.18 50.54 -1.13
C2 BTI Q . -13.92 49.29 -1.55
S1 BTI Q . -15.13 48.73 -0.31
C6 BTI Q . -15.23 47.13 -1.16
C5 BTI Q . -13.79 46.77 -1.53
N3 BTI Q . -13.05 46.17 -0.45
C3 BTI Q . -11.99 46.89 -0.04
O3 BTI Q . -11.21 46.60 0.86
N2 BTI Q . -11.95 48.00 -0.81
C4 BTI Q . -13.00 48.08 -1.79
H11 BTI Q . -15.57 54.07 -1.95
H102 BTI Q . -13.37 54.41 -1.93
H103 BTI Q . -13.40 55.05 -0.49
H92 BTI Q . -13.46 52.96 0.50
H93 BTI Q . -12.36 52.84 -0.60
H82 BTI Q . -14.35 52.02 -1.98
H83 BTI Q . -14.87 51.60 -0.58
H72 BTI Q . -12.83 50.39 -0.24
H73 BTI Q . -12.42 50.69 -1.70
H2 BTI Q . -14.40 49.46 -2.38
H62 BTI Q . -15.81 47.21 -1.94
H63 BTI Q . -15.60 46.47 -0.56
H5 BTI Q . -13.80 46.19 -2.31
HN3 BTI Q . -13.27 45.42 -0.09
HN2 BTI Q . -11.31 48.63 -0.71
H4 BTI Q . -12.64 48.12 -2.69
C11 BTI R . 37.49 -18.35 -38.10
O11 BTI R . 38.33 -17.65 -38.60
C10 BTI R . 37.64 -19.11 -36.82
C9 BTI R . 37.07 -18.35 -35.62
C8 BTI R . 35.72 -17.70 -35.90
C7 BTI R . 34.87 -17.64 -34.65
C2 BTI R . 33.60 -16.84 -34.79
S1 BTI R . 33.91 -15.05 -35.00
C6 BTI R . 32.16 -14.73 -34.65
C5 BTI R . 31.78 -15.67 -33.50
N3 BTI R . 32.14 -15.14 -32.21
C3 BTI R . 33.05 -15.89 -31.54
O3 BTI R . 33.53 -15.66 -30.44
N2 BTI R . 33.34 -16.95 -32.34
C4 BTI R . 32.65 -16.95 -33.60
H11 BTI R . 36.66 -18.45 -38.50
H102 BTI R . 37.14 -19.94 -36.93
H103 BTI R . 38.57 -19.34 -36.68
H92 BTI R . 37.71 -17.65 -35.35
H93 BTI R . 36.99 -18.95 -34.87
H82 BTI R . 35.26 -18.21 -36.60
H83 BTI R . 35.85 -16.80 -36.25
H72 BTI R . 35.40 -17.23 -33.93
H73 BTI R . 34.67 -18.54 -34.34
H2 BTI R . 33.12 -17.15 -35.58
H62 BTI R . 31.63 -14.90 -35.45
H63 BTI R . 32.05 -13.80 -34.41
H5 BTI R . 30.83 -15.85 -33.55
HN3 BTI R . 31.81 -14.41 -31.88
HN2 BTI R . 33.94 -17.57 -32.10
H4 BTI R . 32.10 -17.75 -33.69
#